data_7ALB
#
_entry.id   7ALB
#
_cell.length_a   160.656
_cell.length_b   116.137
_cell.length_c   177.316
_cell.angle_alpha   90.000
_cell.angle_beta   94.940
_cell.angle_gamma   90.000
#
_symmetry.space_group_name_H-M   'P 1 21 1'
#
loop_
_entity.id
_entity.type
_entity.pdbx_description
1 polymer 'GTP cyclohydrolase 1'
2 polymer 'GTP cyclohydrolase 1 feedback regulatory protein'
3 non-polymer 'ZINC ION'
4 non-polymer 7-deaza-GTP
5 non-polymer PHENYLALANINE
6 water water
#
loop_
_entity_poly.entity_id
_entity_poly.type
_entity_poly.pdbx_seq_one_letter_code
_entity_poly.pdbx_strand_id
1 'polypeptide(L)'
;PEAKSAQPADGWKGERPRSEEDNELNLPNLAAAYSSILSSLGENPQRQGLLKTPWRAASAMQFFTKGYQETISDVLNDAI
FDEDHDEMVIVKDIDMFSMCEHHLVPFVGKVHIGYLPNKQVLGLSKLARIVEIYSRRLQVQERLTKQIAVAITEALRPAG
VGVVVEATHMCMVMRGVQKMNSKTVTSTMLGVFREDPKTREEFLTLIRS
;
A,B,C,D,E,F,G,H,I,J,K,L,M,N,O,P,Q,R,S,T
2 'polypeptide(L)'
;GSHMPYLLISTQIRMEVGPTMVGDEQSDPELMQHLGASKRRALGNNFYEYYVDDPPRIVLDKLERRGFRVLSMTGVGQTL
VWCLHKE
;
a,b,c,d,e,f,g,h,i,j,k,l,m,n,o,p,q,r,s,t
#
loop_
_chem_comp.id
_chem_comp.type
_chem_comp.name
_chem_comp.formula
QBQ non-polymer 7-deaza-GTP 'C11 H17 N4 O14 P3'
ZN non-polymer 'ZINC ION' 'Zn 2'
#
# COMPACT_ATOMS: atom_id res chain seq x y z
N PRO A 17 -10.15 -46.71 -61.44
CA PRO A 17 -8.91 -46.25 -60.80
C PRO A 17 -7.82 -47.30 -60.87
N ARG A 18 -6.57 -46.84 -61.07
CA ARG A 18 -5.40 -47.72 -61.14
C ARG A 18 -5.21 -48.43 -59.81
N SER A 19 -4.88 -49.72 -59.87
CA SER A 19 -4.76 -50.54 -58.66
C SER A 19 -3.31 -50.91 -58.37
N GLU A 20 -3.04 -51.45 -57.16
CA GLU A 20 -1.71 -51.91 -56.80
C GLU A 20 -1.34 -53.18 -57.61
N GLU A 21 -2.34 -53.97 -58.05
CA GLU A 21 -2.13 -55.15 -58.88
C GLU A 21 -1.69 -54.69 -60.28
N ASP A 22 -2.33 -53.61 -60.82
CA ASP A 22 -1.96 -53.02 -62.11
C ASP A 22 -0.51 -52.55 -62.06
N ASN A 23 -0.10 -51.95 -60.93
CA ASN A 23 1.26 -51.46 -60.73
C ASN A 23 2.26 -52.60 -60.83
N GLU A 24 1.98 -53.73 -60.16
CA GLU A 24 2.87 -54.88 -60.16
C GLU A 24 2.99 -55.49 -61.56
N LEU A 25 1.87 -55.58 -62.27
CA LEU A 25 1.81 -56.14 -63.61
C LEU A 25 2.51 -55.27 -64.66
N ASN A 26 2.39 -53.94 -64.51
CA ASN A 26 2.98 -53.02 -65.48
C ASN A 26 4.42 -52.61 -65.17
N LEU A 27 4.92 -52.88 -63.95
CA LEU A 27 6.28 -52.54 -63.57
C LEU A 27 7.33 -53.11 -64.53
N PRO A 28 7.28 -54.41 -64.94
CA PRO A 28 8.29 -54.90 -65.89
C PRO A 28 8.24 -54.22 -67.25
N ASN A 29 7.05 -53.82 -67.72
CA ASN A 29 6.90 -53.12 -68.99
C ASN A 29 7.51 -51.72 -68.92
N LEU A 30 7.32 -51.04 -67.77
CA LEU A 30 7.88 -49.72 -67.55
C LEU A 30 9.41 -49.83 -67.47
N ALA A 31 9.94 -50.84 -66.73
CA ALA A 31 11.38 -51.04 -66.62
C ALA A 31 12.02 -51.38 -67.97
N ALA A 32 11.34 -52.14 -68.82
CA ALA A 32 11.86 -52.44 -70.16
C ALA A 32 11.93 -51.18 -71.00
N ALA A 33 10.90 -50.31 -70.91
CA ALA A 33 10.87 -49.05 -71.64
C ALA A 33 11.98 -48.10 -71.15
N TYR A 34 12.23 -48.03 -69.82
CA TYR A 34 13.28 -47.17 -69.29
C TYR A 34 14.67 -47.67 -69.67
N SER A 35 14.85 -49.01 -69.73
CA SER A 35 16.12 -49.60 -70.13
C SER A 35 16.39 -49.28 -71.60
N SER A 36 15.36 -49.35 -72.43
CA SER A 36 15.44 -49.01 -73.85
C SER A 36 15.84 -47.53 -74.03
N ILE A 37 15.27 -46.61 -73.19
CA ILE A 37 15.58 -45.18 -73.22
C ILE A 37 17.07 -44.97 -72.90
N LEU A 38 17.62 -45.69 -71.90
CA LEU A 38 19.02 -45.59 -71.53
C LEU A 38 19.93 -45.92 -72.73
N SER A 39 19.61 -47.01 -73.47
CA SER A 39 20.37 -47.42 -74.65
C SER A 39 20.23 -46.39 -75.78
N SER A 40 19.01 -45.90 -76.00
CA SER A 40 18.73 -44.92 -77.06
C SER A 40 19.36 -43.55 -76.81
N LEU A 41 19.73 -43.25 -75.56
CA LEU A 41 20.41 -41.98 -75.24
C LEU A 41 21.94 -42.09 -75.40
N GLY A 42 22.46 -43.28 -75.72
CA GLY A 42 23.89 -43.52 -75.85
C GLY A 42 24.52 -44.05 -74.57
N GLU A 43 23.70 -44.26 -73.51
CA GLU A 43 24.22 -44.74 -72.25
C GLU A 43 24.40 -46.27 -72.20
N ASN A 44 25.08 -46.76 -71.17
CA ASN A 44 25.32 -48.17 -71.00
C ASN A 44 24.47 -48.65 -69.84
N PRO A 45 23.36 -49.35 -70.11
CA PRO A 45 22.51 -49.87 -69.01
C PRO A 45 23.19 -50.87 -68.09
N GLN A 46 24.36 -51.39 -68.48
CA GLN A 46 25.09 -52.36 -67.68
C GLN A 46 26.06 -51.74 -66.68
N ARG A 47 26.38 -50.42 -66.80
CA ARG A 47 27.29 -49.80 -65.83
C ARG A 47 26.66 -49.74 -64.44
N GLN A 48 27.48 -49.82 -63.38
CA GLN A 48 27.02 -49.87 -61.99
C GLN A 48 25.91 -48.89 -61.63
N GLY A 49 26.07 -47.63 -62.00
CA GLY A 49 25.11 -46.59 -61.68
C GLY A 49 23.76 -46.71 -62.36
N LEU A 50 23.68 -47.49 -63.44
CA LEU A 50 22.44 -47.65 -64.19
C LEU A 50 21.76 -49.01 -64.08
N LEU A 51 22.39 -49.99 -63.42
CA LEU A 51 21.83 -51.36 -63.33
C LEU A 51 20.39 -51.43 -62.80
N LYS A 52 20.10 -50.71 -61.72
CA LYS A 52 18.77 -50.73 -61.13
C LYS A 52 17.84 -49.58 -61.58
N THR A 53 18.34 -48.71 -62.43
CA THR A 53 17.62 -47.55 -62.95
C THR A 53 16.31 -47.90 -63.66
N PRO A 54 16.25 -48.90 -64.59
CA PRO A 54 14.95 -49.20 -65.24
C PRO A 54 13.79 -49.39 -64.25
N TRP A 55 14.07 -50.04 -63.09
CA TRP A 55 13.13 -50.32 -62.01
C TRP A 55 12.87 -49.15 -61.09
N ARG A 56 13.90 -48.38 -60.79
CA ARG A 56 13.78 -47.23 -59.91
C ARG A 56 13.04 -46.07 -60.58
N ALA A 57 13.32 -45.86 -61.87
CA ALA A 57 12.65 -44.85 -62.67
C ALA A 57 11.19 -45.24 -62.84
N ALA A 58 10.91 -46.55 -63.07
CA ALA A 58 9.54 -47.04 -63.22
C ALA A 58 8.74 -46.81 -61.93
N SER A 59 9.33 -47.14 -60.75
CA SER A 59 8.67 -46.94 -59.45
C SER A 59 8.42 -45.48 -59.17
N ALA A 60 9.42 -44.61 -59.48
CA ALA A 60 9.28 -43.16 -59.27
C ALA A 60 8.11 -42.63 -60.11
N MET A 61 8.01 -43.04 -61.39
CA MET A 61 6.96 -42.61 -62.28
C MET A 61 5.57 -43.07 -61.81
N GLN A 62 5.49 -44.29 -61.22
CA GLN A 62 4.22 -44.79 -60.68
C GLN A 62 3.84 -43.96 -59.46
N PHE A 63 4.82 -43.57 -58.62
CA PHE A 63 4.55 -42.72 -57.45
C PHE A 63 4.10 -41.31 -57.91
N PHE A 64 4.75 -40.75 -58.93
CA PHE A 64 4.37 -39.43 -59.46
C PHE A 64 2.96 -39.43 -60.05
N THR A 65 2.44 -40.58 -60.48
CA THR A 65 1.10 -40.70 -61.04
C THR A 65 0.15 -41.51 -60.15
N LYS A 66 0.43 -41.61 -58.84
CA LYS A 66 -0.40 -42.36 -57.90
C LYS A 66 -1.81 -41.78 -57.70
N GLY A 67 -2.06 -40.55 -58.17
CA GLY A 67 -3.37 -39.91 -58.08
C GLY A 67 -4.42 -40.63 -58.89
N TYR A 68 -4.01 -41.38 -59.93
CA TYR A 68 -4.94 -42.18 -60.73
C TYR A 68 -5.50 -43.35 -59.90
N GLN A 69 -4.80 -43.76 -58.82
CA GLN A 69 -5.24 -44.83 -57.92
C GLN A 69 -6.28 -44.36 -56.87
N GLU A 70 -6.55 -43.05 -56.79
CA GLU A 70 -7.43 -42.49 -55.76
C GLU A 70 -8.76 -41.97 -56.24
N THR A 71 -9.72 -41.91 -55.31
CA THR A 71 -11.06 -41.37 -55.52
C THR A 71 -11.29 -40.20 -54.56
N ILE A 72 -12.10 -39.17 -54.92
CA ILE A 72 -12.44 -38.08 -53.99
C ILE A 72 -13.10 -38.63 -52.73
N SER A 73 -14.03 -39.57 -52.88
CA SER A 73 -14.73 -40.20 -51.76
C SER A 73 -13.78 -40.85 -50.75
N ASP A 74 -12.80 -41.63 -51.20
CA ASP A 74 -11.85 -42.29 -50.30
C ASP A 74 -10.95 -41.25 -49.61
N VAL A 75 -10.52 -40.25 -50.37
CA VAL A 75 -9.67 -39.19 -49.87
C VAL A 75 -10.37 -38.34 -48.81
N LEU A 76 -11.65 -38.02 -49.00
CA LEU A 76 -12.41 -37.23 -48.02
C LEU A 76 -12.58 -37.96 -46.71
N ASN A 77 -12.78 -39.26 -46.82
CA ASN A 77 -12.94 -40.18 -45.70
C ASN A 77 -13.92 -39.70 -44.65
N ASP A 78 -15.07 -39.15 -45.09
CA ASP A 78 -16.15 -38.64 -44.23
C ASP A 78 -15.71 -37.51 -43.27
N ALA A 79 -14.66 -36.76 -43.59
CA ALA A 79 -14.15 -35.71 -42.72
C ALA A 79 -14.85 -34.41 -43.03
N ILE A 80 -16.15 -34.45 -42.89
CA ILE A 80 -17.01 -33.29 -43.13
C ILE A 80 -17.77 -33.07 -41.82
N PHE A 81 -17.55 -31.92 -41.21
CA PHE A 81 -18.14 -31.61 -39.94
C PHE A 81 -19.22 -30.57 -40.08
N ASP A 82 -20.13 -30.54 -39.12
CA ASP A 82 -21.21 -29.55 -39.17
C ASP A 82 -20.91 -28.38 -38.27
N GLU A 83 -21.36 -27.20 -38.68
CA GLU A 83 -21.12 -26.01 -37.88
C GLU A 83 -21.96 -24.82 -38.30
N ASP A 84 -22.26 -23.96 -37.33
CA ASP A 84 -22.90 -22.68 -37.61
C ASP A 84 -21.72 -21.74 -38.01
N HIS A 85 -20.80 -22.23 -38.88
CA HIS A 85 -19.63 -21.50 -39.32
C HIS A 85 -19.81 -20.96 -40.72
N ASP A 86 -19.82 -19.63 -40.80
CA ASP A 86 -19.98 -18.87 -42.03
C ASP A 86 -18.80 -17.89 -42.15
N GLU A 87 -17.58 -18.35 -41.84
CA GLU A 87 -16.37 -17.53 -41.92
C GLU A 87 -15.31 -18.12 -42.87
N MET A 88 -14.37 -17.31 -43.36
CA MET A 88 -13.41 -17.77 -44.35
C MET A 88 -12.38 -18.75 -43.81
N VAL A 89 -12.17 -19.86 -44.53
CA VAL A 89 -11.19 -20.87 -44.15
C VAL A 89 -10.19 -20.98 -45.27
N ILE A 90 -8.90 -20.87 -44.95
CA ILE A 90 -7.84 -20.95 -45.94
C ILE A 90 -6.79 -21.96 -45.50
N VAL A 91 -6.29 -22.78 -46.44
CA VAL A 91 -5.12 -23.60 -46.23
C VAL A 91 -4.17 -23.16 -47.34
N LYS A 92 -3.10 -22.47 -46.97
CA LYS A 92 -2.15 -21.94 -47.94
C LYS A 92 -0.79 -22.61 -47.84
N ASP A 93 0.06 -22.36 -48.85
CA ASP A 93 1.42 -22.91 -48.95
C ASP A 93 1.46 -24.41 -48.93
N ILE A 94 0.50 -25.03 -49.62
CA ILE A 94 0.50 -26.48 -49.75
C ILE A 94 1.48 -26.84 -50.83
N ASP A 95 2.60 -27.52 -50.49
CA ASP A 95 3.59 -27.94 -51.49
C ASP A 95 2.97 -28.88 -52.47
N MET A 96 3.18 -28.60 -53.75
CA MET A 96 2.56 -29.35 -54.83
C MET A 96 3.64 -29.83 -55.79
N PHE A 97 3.56 -31.10 -56.19
CA PHE A 97 4.52 -31.68 -57.15
C PHE A 97 3.75 -32.40 -58.23
N SER A 98 3.86 -31.93 -59.47
CA SER A 98 3.12 -32.53 -60.57
C SER A 98 4.02 -32.85 -61.77
N MET A 99 3.45 -33.48 -62.81
CA MET A 99 4.16 -33.88 -64.01
C MET A 99 3.50 -33.26 -65.24
N CYS A 100 4.26 -32.51 -66.01
CA CYS A 100 3.75 -31.91 -67.23
C CYS A 100 3.40 -33.03 -68.22
N GLU A 101 2.20 -33.02 -68.77
CA GLU A 101 1.81 -34.13 -69.67
C GLU A 101 2.40 -34.02 -71.09
N HIS A 102 2.90 -32.84 -71.44
CA HIS A 102 3.48 -32.59 -72.73
C HIS A 102 4.92 -33.07 -72.83
N HIS A 103 5.66 -32.94 -71.74
CA HIS A 103 7.06 -33.31 -71.74
C HIS A 103 7.48 -34.39 -70.74
N LEU A 104 6.58 -34.79 -69.84
CA LEU A 104 6.88 -35.79 -68.79
C LEU A 104 8.04 -35.33 -67.91
N VAL A 105 8.00 -34.05 -67.52
CA VAL A 105 8.99 -33.38 -66.70
C VAL A 105 8.22 -32.67 -65.55
N PRO A 106 8.76 -32.66 -64.32
CA PRO A 106 8.01 -32.03 -63.21
C PRO A 106 7.71 -30.53 -63.31
N PHE A 107 6.62 -30.14 -62.70
CA PHE A 107 6.27 -28.74 -62.44
C PHE A 107 5.91 -28.70 -60.96
N VAL A 108 6.55 -27.81 -60.22
CA VAL A 108 6.44 -27.81 -58.76
C VAL A 108 6.11 -26.45 -58.21
N GLY A 109 5.39 -26.41 -57.09
CA GLY A 109 5.08 -25.14 -56.46
C GLY A 109 4.22 -25.23 -55.23
N LYS A 110 3.27 -24.31 -55.12
CA LYS A 110 2.39 -24.18 -53.97
C LYS A 110 0.95 -23.97 -54.42
N VAL A 111 0.02 -24.44 -53.60
CA VAL A 111 -1.42 -24.28 -53.81
C VAL A 111 -1.98 -23.56 -52.59
N HIS A 112 -2.84 -22.54 -52.81
CA HIS A 112 -3.47 -21.78 -51.75
C HIS A 112 -4.97 -21.92 -51.98
N ILE A 113 -5.69 -22.45 -50.99
CA ILE A 113 -7.11 -22.71 -51.13
C ILE A 113 -7.88 -21.92 -50.09
N GLY A 114 -8.98 -21.32 -50.52
CA GLY A 114 -9.87 -20.62 -49.63
C GLY A 114 -11.29 -21.03 -49.91
N TYR A 115 -12.15 -21.03 -48.88
CA TYR A 115 -13.57 -21.31 -49.11
C TYR A 115 -14.42 -20.68 -48.01
N LEU A 116 -15.65 -20.44 -48.32
CA LEU A 116 -16.63 -19.87 -47.40
C LEU A 116 -17.66 -20.99 -47.17
N PRO A 117 -17.65 -21.62 -45.98
CA PRO A 117 -18.58 -22.75 -45.73
C PRO A 117 -20.04 -22.37 -45.77
N ASN A 118 -20.88 -23.37 -45.99
CA ASN A 118 -22.33 -23.26 -45.99
C ASN A 118 -22.82 -24.37 -45.07
N LYS A 119 -22.56 -24.21 -43.76
CA LYS A 119 -22.92 -25.20 -42.73
C LYS A 119 -22.07 -26.53 -42.74
N GLN A 120 -21.35 -26.83 -43.84
CA GLN A 120 -20.45 -28.00 -43.87
C GLN A 120 -18.99 -27.52 -43.95
N VAL A 121 -18.14 -28.07 -43.10
CA VAL A 121 -16.74 -27.72 -43.05
C VAL A 121 -15.85 -28.91 -43.32
N LEU A 122 -14.96 -28.78 -44.30
CA LEU A 122 -14.05 -29.86 -44.64
C LEU A 122 -12.89 -29.96 -43.66
N GLY A 123 -12.41 -31.18 -43.46
CA GLY A 123 -11.27 -31.39 -42.61
C GLY A 123 -10.07 -30.73 -43.25
N LEU A 124 -9.33 -29.94 -42.49
CA LEU A 124 -8.17 -29.20 -42.99
C LEU A 124 -7.21 -29.97 -43.89
N SER A 125 -6.82 -31.16 -43.45
CA SER A 125 -5.90 -31.99 -44.22
C SER A 125 -6.48 -32.46 -45.55
N LYS A 126 -7.80 -32.65 -45.63
CA LYS A 126 -8.41 -33.09 -46.87
C LYS A 126 -8.17 -32.11 -48.02
N LEU A 127 -8.06 -30.81 -47.72
CA LEU A 127 -7.80 -29.83 -48.77
C LEU A 127 -6.44 -30.15 -49.42
N ALA A 128 -5.43 -30.50 -48.60
CA ALA A 128 -4.11 -30.91 -49.12
C ALA A 128 -4.20 -32.30 -49.81
N ARG A 129 -5.09 -33.18 -49.32
CA ARG A 129 -5.26 -34.51 -49.93
C ARG A 129 -5.90 -34.38 -51.32
N ILE A 130 -6.80 -33.42 -51.49
CA ILE A 130 -7.44 -33.15 -52.78
C ILE A 130 -6.34 -32.65 -53.76
N VAL A 131 -5.38 -31.83 -53.27
CA VAL A 131 -4.26 -31.36 -54.09
C VAL A 131 -3.46 -32.59 -54.58
N GLU A 132 -3.25 -33.58 -53.69
CA GLU A 132 -2.52 -34.81 -54.01
C GLU A 132 -3.20 -35.70 -55.06
N ILE A 133 -4.54 -35.86 -55.01
CA ILE A 133 -5.26 -36.69 -56.02
C ILE A 133 -4.97 -36.20 -57.43
N TYR A 134 -5.10 -34.90 -57.65
CA TYR A 134 -4.98 -34.33 -58.97
C TYR A 134 -3.57 -34.01 -59.38
N SER A 135 -2.71 -33.57 -58.44
CA SER A 135 -1.35 -33.21 -58.82
C SER A 135 -0.52 -34.41 -59.16
N ARG A 136 -0.80 -35.58 -58.56
CA ARG A 136 -0.01 -36.77 -58.83
C ARG A 136 -0.59 -37.45 -60.07
N ARG A 137 -0.56 -36.73 -61.20
CA ARG A 137 -1.09 -37.21 -62.50
C ARG A 137 -0.29 -36.52 -63.61
N LEU A 138 -0.56 -36.86 -64.87
CA LEU A 138 0.03 -36.18 -66.02
C LEU A 138 -0.97 -35.02 -66.21
N GLN A 139 -0.47 -33.80 -66.03
CA GLN A 139 -1.33 -32.64 -66.03
C GLN A 139 -0.90 -31.41 -66.79
N VAL A 140 -1.77 -30.42 -66.69
CA VAL A 140 -1.58 -29.05 -67.15
C VAL A 140 -2.07 -28.22 -65.97
N GLN A 141 -1.40 -27.11 -65.69
CA GLN A 141 -1.76 -26.29 -64.52
C GLN A 141 -3.21 -25.88 -64.45
N GLU A 142 -3.74 -25.39 -65.56
CA GLU A 142 -5.14 -24.98 -65.61
C GLU A 142 -6.11 -26.09 -65.20
N ARG A 143 -5.92 -27.30 -65.73
CA ARG A 143 -6.81 -28.40 -65.39
C ARG A 143 -6.72 -28.73 -63.90
N LEU A 144 -5.49 -28.80 -63.37
CA LEU A 144 -5.22 -29.08 -61.96
C LEU A 144 -5.94 -28.08 -61.05
N THR A 145 -5.78 -26.80 -61.35
CA THR A 145 -6.41 -25.70 -60.61
C THR A 145 -7.95 -25.83 -60.56
N LYS A 146 -8.61 -26.08 -61.71
CA LYS A 146 -10.10 -26.23 -61.70
C LYS A 146 -10.53 -27.53 -60.99
N GLN A 147 -9.77 -28.62 -61.16
CA GLN A 147 -10.13 -29.89 -60.53
C GLN A 147 -10.17 -29.78 -59.00
N ILE A 148 -9.19 -29.10 -58.40
CA ILE A 148 -9.17 -28.89 -56.95
C ILE A 148 -10.41 -28.06 -56.52
N ALA A 149 -10.67 -26.93 -57.21
CA ALA A 149 -11.83 -26.08 -56.89
C ALA A 149 -13.16 -26.81 -57.08
N VAL A 150 -13.31 -27.58 -58.16
CA VAL A 150 -14.55 -28.31 -58.45
C VAL A 150 -14.77 -29.43 -57.41
N ALA A 151 -13.71 -30.15 -57.03
CA ALA A 151 -13.82 -31.21 -56.03
C ALA A 151 -14.32 -30.67 -54.68
N ILE A 152 -13.80 -29.52 -54.23
CA ILE A 152 -14.23 -28.88 -52.99
C ILE A 152 -15.67 -28.41 -53.09
N THR A 153 -16.01 -27.81 -54.23
CA THR A 153 -17.37 -27.31 -54.47
C THR A 153 -18.39 -28.46 -54.40
N GLU A 154 -18.11 -29.58 -55.06
CA GLU A 154 -19.02 -30.73 -55.09
C GLU A 154 -19.08 -31.49 -53.77
N ALA A 155 -17.98 -31.55 -53.03
CA ALA A 155 -17.94 -32.25 -51.75
C ALA A 155 -18.63 -31.50 -50.64
N LEU A 156 -18.52 -30.17 -50.62
CA LEU A 156 -19.03 -29.38 -49.52
C LEU A 156 -20.26 -28.55 -49.81
N ARG A 157 -20.49 -28.25 -51.08
CA ARG A 157 -21.54 -27.31 -51.50
C ARG A 157 -21.42 -25.96 -50.73
N PRO A 158 -20.24 -25.32 -50.77
CA PRO A 158 -20.06 -24.12 -49.96
C PRO A 158 -20.60 -22.88 -50.67
N ALA A 159 -20.52 -21.70 -50.03
CA ALA A 159 -20.91 -20.47 -50.70
C ALA A 159 -19.93 -20.17 -51.87
N GLY A 160 -18.67 -20.56 -51.74
CA GLY A 160 -17.66 -20.33 -52.76
C GLY A 160 -16.31 -20.93 -52.44
N VAL A 161 -15.44 -21.04 -53.46
CA VAL A 161 -14.10 -21.59 -53.37
C VAL A 161 -13.15 -20.76 -54.23
N GLY A 162 -11.94 -20.56 -53.75
CA GLY A 162 -10.89 -19.88 -54.50
C GLY A 162 -9.64 -20.74 -54.44
N VAL A 163 -8.97 -20.95 -55.58
CA VAL A 163 -7.76 -21.77 -55.64
C VAL A 163 -6.72 -20.99 -56.44
N VAL A 164 -5.51 -20.85 -55.88
CA VAL A 164 -4.41 -20.21 -56.56
C VAL A 164 -3.25 -21.21 -56.60
N VAL A 165 -2.73 -21.52 -57.80
CA VAL A 165 -1.58 -22.42 -57.95
C VAL A 165 -0.45 -21.60 -58.51
N GLU A 166 0.73 -21.62 -57.87
CA GLU A 166 1.93 -20.96 -58.38
C GLU A 166 2.95 -22.08 -58.56
N ALA A 167 3.54 -22.19 -59.75
CA ALA A 167 4.46 -23.27 -60.02
C ALA A 167 5.56 -22.89 -60.95
N THR A 168 6.70 -23.56 -60.77
CA THR A 168 7.84 -23.46 -61.64
C THR A 168 7.73 -24.66 -62.56
N HIS A 169 7.76 -24.42 -63.84
CA HIS A 169 7.72 -25.51 -64.76
C HIS A 169 9.17 -25.75 -65.13
N MET A 170 9.70 -26.96 -64.88
CA MET A 170 11.07 -27.29 -65.24
C MET A 170 11.29 -27.30 -66.76
N CYS A 171 10.24 -27.54 -67.57
CA CYS A 171 10.31 -27.45 -69.01
C CYS A 171 10.57 -26.01 -69.53
N MET A 172 10.33 -24.98 -68.71
CA MET A 172 10.65 -23.61 -69.08
C MET A 172 11.96 -23.12 -68.47
N VAL A 173 12.58 -23.89 -67.56
CA VAL A 173 13.80 -23.47 -66.89
C VAL A 173 15.02 -24.31 -67.34
N MET A 174 14.92 -25.65 -67.34
CA MET A 174 16.00 -26.59 -67.72
C MET A 174 16.15 -26.76 -69.24
N ARG A 175 15.18 -26.28 -70.00
CA ARG A 175 15.16 -26.44 -71.44
C ARG A 175 14.21 -25.44 -72.11
N GLY A 176 14.04 -25.57 -73.41
CA GLY A 176 13.19 -24.70 -74.18
C GLY A 176 13.59 -23.24 -74.06
N VAL A 177 12.67 -22.42 -73.59
CA VAL A 177 12.93 -20.99 -73.41
C VAL A 177 13.99 -20.68 -72.39
N GLN A 178 14.20 -21.58 -71.42
CA GLN A 178 15.22 -21.44 -70.36
C GLN A 178 15.16 -20.09 -69.64
N LYS A 179 13.96 -19.73 -69.16
CA LYS A 179 13.73 -18.50 -68.40
C LYS A 179 13.74 -18.93 -66.93
N MET A 180 14.94 -18.89 -66.29
CA MET A 180 15.27 -19.34 -64.92
C MET A 180 14.25 -18.92 -63.83
N ASN A 181 13.77 -17.69 -63.88
CA ASN A 181 12.87 -17.14 -62.87
C ASN A 181 11.40 -17.27 -63.19
N SER A 182 11.02 -17.73 -64.40
CA SER A 182 9.61 -17.76 -64.79
C SER A 182 8.74 -18.63 -63.86
N LYS A 183 7.52 -18.16 -63.59
CA LYS A 183 6.58 -18.86 -62.73
C LYS A 183 5.20 -18.75 -63.35
N THR A 184 4.40 -19.81 -63.29
CA THR A 184 3.04 -19.77 -63.79
C THR A 184 2.09 -19.65 -62.61
N VAL A 185 1.15 -18.69 -62.66
CA VAL A 185 0.17 -18.53 -61.63
C VAL A 185 -1.21 -18.74 -62.26
N THR A 186 -2.00 -19.67 -61.74
CA THR A 186 -3.36 -19.93 -62.22
C THR A 186 -4.31 -19.74 -61.06
N SER A 187 -5.47 -19.19 -61.36
CA SER A 187 -6.46 -18.85 -60.35
C SER A 187 -7.83 -19.34 -60.75
N THR A 188 -8.60 -19.91 -59.83
CA THR A 188 -9.98 -20.32 -60.13
C THR A 188 -10.83 -19.79 -58.97
N MET A 189 -11.87 -19.02 -59.28
CA MET A 189 -12.77 -18.44 -58.28
C MET A 189 -14.18 -18.89 -58.61
N LEU A 190 -14.82 -19.64 -57.71
CA LEU A 190 -16.19 -20.15 -57.91
C LEU A 190 -17.15 -19.62 -56.85
N GLY A 191 -18.45 -19.60 -57.16
CA GLY A 191 -19.47 -19.13 -56.23
C GLY A 191 -19.23 -17.70 -55.79
N VAL A 192 -19.33 -17.41 -54.46
CA VAL A 192 -19.08 -16.04 -53.97
C VAL A 192 -17.67 -15.53 -54.22
N PHE A 193 -16.67 -16.42 -54.40
CA PHE A 193 -15.30 -15.95 -54.66
C PHE A 193 -15.24 -15.27 -56.07
N ARG A 194 -16.15 -15.65 -57.01
CA ARG A 194 -16.25 -15.02 -58.31
C ARG A 194 -17.24 -13.83 -58.25
N GLU A 195 -18.45 -14.06 -57.69
CA GLU A 195 -19.51 -13.04 -57.67
C GLU A 195 -19.25 -11.86 -56.76
N ASP A 196 -18.61 -12.09 -55.61
CA ASP A 196 -18.34 -11.02 -54.66
C ASP A 196 -16.84 -10.67 -54.68
N PRO A 197 -16.46 -9.53 -55.27
CA PRO A 197 -15.05 -9.14 -55.29
C PRO A 197 -14.49 -8.94 -53.87
N LYS A 198 -15.34 -8.57 -52.88
CA LYS A 198 -14.87 -8.38 -51.50
C LYS A 198 -14.41 -9.67 -50.84
N THR A 199 -15.06 -10.78 -51.17
CA THR A 199 -14.67 -12.09 -50.66
C THR A 199 -13.35 -12.50 -51.32
N ARG A 200 -13.23 -12.31 -52.63
CA ARG A 200 -12.01 -12.65 -53.36
C ARG A 200 -10.82 -11.81 -52.84
N GLU A 201 -11.06 -10.51 -52.55
CA GLU A 201 -10.00 -9.63 -52.05
C GLU A 201 -9.54 -10.01 -50.66
N GLU A 202 -10.46 -10.47 -49.79
CA GLU A 202 -10.07 -10.92 -48.46
C GLU A 202 -9.18 -12.18 -48.58
N PHE A 203 -9.59 -13.11 -49.46
CA PHE A 203 -8.81 -14.31 -49.74
C PHE A 203 -7.39 -13.97 -50.23
N LEU A 204 -7.27 -13.12 -51.26
CA LEU A 204 -5.96 -12.75 -51.81
C LEU A 204 -5.09 -12.00 -50.82
N THR A 205 -5.70 -11.20 -49.92
CA THR A 205 -4.95 -10.48 -48.89
C THR A 205 -4.39 -11.48 -47.86
N LEU A 206 -5.22 -12.45 -47.45
CA LEU A 206 -4.82 -13.40 -46.42
C LEU A 206 -3.83 -14.47 -46.88
N ILE A 207 -3.70 -14.71 -48.21
CA ILE A 207 -2.73 -15.71 -48.66
C ILE A 207 -1.33 -15.15 -48.90
N ARG A 208 -1.12 -13.83 -48.73
CA ARG A 208 0.21 -13.23 -48.93
C ARG A 208 1.22 -13.70 -47.89
N ASP B 22 20.90 -13.68 -94.68
CA ASP B 22 21.12 -12.27 -94.39
C ASP B 22 22.18 -12.11 -93.31
N ASN B 23 22.13 -12.96 -92.27
CA ASN B 23 23.10 -12.90 -91.17
C ASN B 23 24.50 -13.19 -91.65
N GLU B 24 24.65 -14.23 -92.47
CA GLU B 24 25.95 -14.61 -93.01
C GLU B 24 26.51 -13.52 -93.91
N LEU B 25 25.67 -12.92 -94.76
CA LEU B 25 26.08 -11.87 -95.68
C LEU B 25 26.44 -10.58 -94.98
N ASN B 26 25.73 -10.23 -93.92
CA ASN B 26 25.97 -8.98 -93.20
C ASN B 26 27.03 -9.06 -92.12
N LEU B 27 27.43 -10.27 -91.71
CA LEU B 27 28.45 -10.44 -90.67
C LEU B 27 29.76 -9.69 -91.00
N PRO B 28 30.34 -9.79 -92.22
CA PRO B 28 31.58 -9.03 -92.50
C PRO B 28 31.39 -7.51 -92.46
N ASN B 29 30.21 -7.00 -92.85
CA ASN B 29 29.92 -5.57 -92.80
C ASN B 29 29.83 -5.08 -91.36
N LEU B 30 29.22 -5.89 -90.47
CA LEU B 30 29.13 -5.57 -89.06
C LEU B 30 30.54 -5.58 -88.45
N ALA B 31 31.34 -6.61 -88.76
CA ALA B 31 32.70 -6.71 -88.25
C ALA B 31 33.58 -5.54 -88.72
N ALA B 32 33.40 -5.09 -89.98
CA ALA B 32 34.16 -3.94 -90.49
C ALA B 32 33.78 -2.68 -89.71
N ALA B 33 32.49 -2.51 -89.42
CA ALA B 33 32.02 -1.36 -88.65
C ALA B 33 32.54 -1.40 -87.22
N TYR B 34 32.56 -2.57 -86.56
CA TYR B 34 33.09 -2.69 -85.19
C TYR B 34 34.61 -2.47 -85.15
N SER B 35 35.33 -2.91 -86.17
CA SER B 35 36.76 -2.69 -86.26
C SER B 35 37.06 -1.19 -86.39
N SER B 36 36.26 -0.50 -87.22
CA SER B 36 36.35 0.94 -87.41
C SER B 36 36.08 1.70 -86.08
N ILE B 37 35.10 1.23 -85.29
CA ILE B 37 34.76 1.81 -83.98
C ILE B 37 35.95 1.68 -83.03
N LEU B 38 36.62 0.51 -82.99
CA LEU B 38 37.80 0.28 -82.16
C LEU B 38 38.90 1.30 -82.48
N SER B 39 39.17 1.56 -83.78
CA SER B 39 40.16 2.54 -84.21
C SER B 39 39.72 3.95 -83.85
N SER B 40 38.44 4.29 -84.06
CA SER B 40 37.93 5.63 -83.77
C SER B 40 37.91 5.96 -82.27
N LEU B 41 37.91 4.95 -81.40
CA LEU B 41 37.95 5.17 -79.95
C LEU B 41 39.40 5.36 -79.43
N GLY B 42 40.40 5.19 -80.29
CA GLY B 42 41.80 5.29 -79.90
C GLY B 42 42.42 3.94 -79.58
N GLU B 43 41.66 2.85 -79.73
CA GLU B 43 42.17 1.52 -79.45
C GLU B 43 42.97 0.92 -80.61
N ASN B 44 43.69 -0.17 -80.32
CA ASN B 44 44.48 -0.87 -81.31
C ASN B 44 43.77 -2.18 -81.67
N PRO B 45 43.11 -2.23 -82.83
CA PRO B 45 42.42 -3.50 -83.22
C PRO B 45 43.35 -4.68 -83.44
N GLN B 46 44.67 -4.45 -83.52
CA GLN B 46 45.65 -5.52 -83.71
C GLN B 46 46.15 -6.16 -82.43
N ARG B 47 45.88 -5.56 -81.27
CA ARG B 47 46.27 -6.08 -79.97
C ARG B 47 45.55 -7.42 -79.69
N GLN B 48 46.22 -8.36 -79.02
CA GLN B 48 45.70 -9.71 -78.74
C GLN B 48 44.24 -9.76 -78.28
N GLY B 49 43.89 -8.96 -77.29
CA GLY B 49 42.55 -8.93 -76.71
C GLY B 49 41.46 -8.43 -77.64
N LEU B 50 41.85 -7.72 -78.73
CA LEU B 50 40.88 -7.13 -79.66
C LEU B 50 40.81 -7.79 -81.03
N LEU B 51 41.73 -8.72 -81.36
CA LEU B 51 41.80 -9.33 -82.69
C LEU B 51 40.48 -9.93 -83.19
N LYS B 52 39.79 -10.68 -82.35
CA LYS B 52 38.53 -11.28 -82.76
C LYS B 52 37.28 -10.46 -82.42
N THR B 53 37.45 -9.37 -81.68
CA THR B 53 36.38 -8.49 -81.22
C THR B 53 35.42 -8.03 -82.33
N PRO B 54 35.87 -7.55 -83.51
CA PRO B 54 34.89 -7.16 -84.55
C PRO B 54 33.89 -8.27 -84.88
N TRP B 55 34.33 -9.54 -84.91
CA TRP B 55 33.47 -10.68 -85.22
C TRP B 55 32.59 -11.09 -84.06
N ARG B 56 33.14 -11.10 -82.86
CA ARG B 56 32.38 -11.46 -81.67
C ARG B 56 31.32 -10.40 -81.34
N ALA B 57 31.65 -9.13 -81.50
CA ALA B 57 30.71 -8.05 -81.26
C ALA B 57 29.59 -8.11 -82.30
N ALA B 58 29.94 -8.38 -83.58
CA ALA B 58 28.96 -8.52 -84.65
C ALA B 58 27.99 -9.71 -84.38
N SER B 59 28.52 -10.88 -83.98
CA SER B 59 27.68 -12.03 -83.67
C SER B 59 26.78 -11.75 -82.49
N ALA B 60 27.30 -11.10 -81.44
CA ALA B 60 26.52 -10.76 -80.24
C ALA B 60 25.36 -9.84 -80.63
N MET B 61 25.63 -8.81 -81.46
CA MET B 61 24.61 -7.89 -81.93
C MET B 61 23.53 -8.57 -82.77
N GLN B 62 23.90 -9.57 -83.57
CA GLN B 62 22.94 -10.34 -84.35
C GLN B 62 22.07 -11.18 -83.43
N PHE B 63 22.68 -11.75 -82.37
CA PHE B 63 21.89 -12.53 -81.40
C PHE B 63 20.93 -11.62 -80.64
N PHE B 64 21.39 -10.42 -80.22
CA PHE B 64 20.53 -9.46 -79.51
C PHE B 64 19.36 -8.99 -80.39
N THR B 65 19.48 -9.06 -81.71
CA THR B 65 18.42 -8.65 -82.65
C THR B 65 17.83 -9.82 -83.43
N LYS B 66 17.92 -11.05 -82.90
CA LYS B 66 17.38 -12.25 -83.54
C LYS B 66 15.84 -12.29 -83.65
N GLY B 67 15.14 -11.41 -82.94
CA GLY B 67 13.68 -11.34 -83.00
C GLY B 67 13.16 -10.89 -84.36
N TYR B 68 14.00 -10.17 -85.13
CA TYR B 68 13.62 -9.76 -86.48
C TYR B 68 13.53 -11.01 -87.42
N GLN B 69 14.19 -12.12 -87.06
CA GLN B 69 14.17 -13.37 -87.82
C GLN B 69 12.89 -14.20 -87.57
N GLU B 70 12.04 -13.81 -86.61
CA GLU B 70 10.90 -14.62 -86.22
C GLU B 70 9.55 -14.05 -86.57
N THR B 71 8.56 -14.95 -86.73
CA THR B 71 7.17 -14.60 -86.95
C THR B 71 6.34 -15.24 -85.83
N ILE B 72 5.23 -14.60 -85.44
CA ILE B 72 4.35 -15.11 -84.40
C ILE B 72 3.87 -16.53 -84.69
N SER B 73 3.45 -16.80 -85.93
CA SER B 73 2.96 -18.12 -86.31
C SER B 73 3.97 -19.23 -86.06
N ASP B 74 5.24 -19.03 -86.43
CA ASP B 74 6.26 -20.06 -86.23
C ASP B 74 6.51 -20.26 -84.73
N VAL B 75 6.57 -19.17 -83.98
CA VAL B 75 6.82 -19.19 -82.56
C VAL B 75 5.69 -19.89 -81.78
N LEU B 76 4.42 -19.67 -82.17
CA LEU B 76 3.27 -20.29 -81.53
C LEU B 76 3.25 -21.79 -81.72
N ASN B 77 3.69 -22.22 -82.90
CA ASN B 77 3.78 -23.62 -83.31
C ASN B 77 2.53 -24.46 -83.04
N ASP B 78 1.35 -23.85 -83.26
CA ASP B 78 0.03 -24.44 -83.05
C ASP B 78 -0.24 -24.90 -81.61
N ALA B 79 0.41 -24.29 -80.62
CA ALA B 79 0.27 -24.64 -79.23
C ALA B 79 -0.84 -23.82 -78.61
N ILE B 80 -2.05 -24.10 -79.08
CA ILE B 80 -3.27 -23.47 -78.62
C ILE B 80 -4.20 -24.64 -78.31
N PHE B 81 -4.66 -24.71 -77.06
CA PHE B 81 -5.49 -25.81 -76.63
C PHE B 81 -6.81 -25.36 -76.03
N ASP B 82 -7.83 -26.23 -76.03
CA ASP B 82 -9.11 -25.88 -75.44
C ASP B 82 -9.14 -25.99 -73.92
N GLU B 83 -9.66 -24.94 -73.27
CA GLU B 83 -9.84 -24.85 -71.82
C GLU B 83 -11.15 -24.12 -71.62
N ASP B 84 -12.24 -24.87 -71.39
CA ASP B 84 -13.58 -24.32 -71.21
C ASP B 84 -13.75 -23.44 -70.00
N HIS B 85 -13.03 -23.73 -68.89
CA HIS B 85 -13.22 -22.92 -67.69
C HIS B 85 -12.31 -21.69 -67.75
N ASP B 86 -12.93 -20.56 -67.46
CA ASP B 86 -12.34 -19.24 -67.58
C ASP B 86 -11.74 -18.82 -66.27
N GLU B 87 -10.45 -19.01 -66.17
CA GLU B 87 -9.61 -18.71 -65.02
C GLU B 87 -8.48 -17.81 -65.49
N MET B 88 -7.94 -16.99 -64.59
CA MET B 88 -6.82 -16.12 -64.98
C MET B 88 -5.55 -16.93 -65.09
N VAL B 89 -4.79 -16.74 -66.18
CA VAL B 89 -3.52 -17.43 -66.37
C VAL B 89 -2.43 -16.38 -66.42
N ILE B 90 -1.37 -16.58 -65.62
CA ILE B 90 -0.27 -15.65 -65.56
C ILE B 90 1.06 -16.38 -65.73
N VAL B 91 1.98 -15.77 -66.49
CA VAL B 91 3.36 -16.23 -66.54
C VAL B 91 4.14 -14.98 -66.14
N LYS B 92 4.73 -15.00 -64.97
CA LYS B 92 5.45 -13.85 -64.44
C LYS B 92 6.94 -14.12 -64.30
N ASP B 93 7.72 -13.04 -64.07
CA ASP B 93 9.16 -13.09 -63.88
C ASP B 93 9.90 -13.67 -65.09
N ILE B 94 9.43 -13.33 -66.28
CA ILE B 94 10.09 -13.77 -67.51
C ILE B 94 11.26 -12.83 -67.72
N ASP B 95 12.49 -13.34 -67.63
CA ASP B 95 13.68 -12.54 -67.87
C ASP B 95 13.69 -12.00 -69.29
N MET B 96 13.94 -10.71 -69.40
CA MET B 96 13.86 -10.01 -70.67
C MET B 96 15.16 -9.23 -70.88
N PHE B 97 15.73 -9.31 -72.08
CA PHE B 97 16.96 -8.61 -72.43
C PHE B 97 16.73 -7.95 -73.78
N SER B 98 16.71 -6.62 -73.80
CA SER B 98 16.44 -5.89 -75.03
C SER B 98 17.58 -4.89 -75.31
N MET B 99 17.45 -4.13 -76.42
CA MET B 99 18.45 -3.14 -76.84
C MET B 99 17.75 -1.80 -77.02
N CYS B 100 18.26 -0.77 -76.37
CA CYS B 100 17.68 0.53 -76.57
C CYS B 100 17.97 1.01 -77.99
N GLU B 101 16.95 1.44 -78.73
CA GLU B 101 17.17 1.87 -80.11
C GLU B 101 17.82 3.25 -80.24
N HIS B 102 17.83 4.02 -79.17
CA HIS B 102 18.41 5.34 -79.18
C HIS B 102 19.92 5.35 -78.93
N HIS B 103 20.40 4.41 -78.14
CA HIS B 103 21.80 4.37 -77.80
C HIS B 103 22.55 3.09 -78.13
N LEU B 104 21.82 2.04 -78.50
CA LEU B 104 22.34 0.69 -78.77
C LEU B 104 23.06 0.11 -77.55
N VAL B 105 22.42 0.25 -76.40
CA VAL B 105 22.90 -0.20 -75.09
C VAL B 105 21.75 -1.04 -74.48
N PRO B 106 22.06 -2.18 -73.80
CA PRO B 106 20.97 -3.01 -73.26
C PRO B 106 20.07 -2.38 -72.23
N PHE B 107 18.79 -2.82 -72.22
CA PHE B 107 17.83 -2.58 -71.16
C PHE B 107 17.26 -3.94 -70.81
N VAL B 108 17.34 -4.30 -69.55
CA VAL B 108 17.04 -5.65 -69.09
C VAL B 108 16.10 -5.65 -67.88
N GLY B 109 15.31 -6.71 -67.76
CA GLY B 109 14.41 -6.82 -66.64
C GLY B 109 13.50 -8.02 -66.72
N LYS B 110 12.24 -7.84 -66.34
CA LYS B 110 11.26 -8.90 -66.27
C LYS B 110 9.96 -8.49 -66.93
N VAL B 111 9.23 -9.47 -67.47
CA VAL B 111 7.91 -9.28 -68.08
C VAL B 111 6.93 -10.17 -67.31
N HIS B 112 5.76 -9.63 -66.99
CA HIS B 112 4.70 -10.35 -66.28
C HIS B 112 3.47 -10.27 -67.17
N ILE B 113 2.95 -11.42 -67.58
CA ILE B 113 1.83 -11.48 -68.50
C ILE B 113 0.64 -12.17 -67.86
N GLY B 114 -0.53 -11.63 -68.06
CA GLY B 114 -1.75 -12.23 -67.57
C GLY B 114 -2.81 -12.17 -68.65
N TYR B 115 -3.68 -13.16 -68.68
CA TYR B 115 -4.77 -13.14 -69.65
C TYR B 115 -5.96 -13.93 -69.13
N LEU B 116 -7.15 -13.63 -69.64
CA LEU B 116 -8.36 -14.35 -69.27
C LEU B 116 -8.83 -15.01 -70.56
N PRO B 117 -8.73 -16.35 -70.64
CA PRO B 117 -9.06 -17.04 -71.89
C PRO B 117 -10.52 -16.96 -72.28
N ASN B 118 -10.76 -17.21 -73.55
CA ASN B 118 -12.09 -17.25 -74.11
C ASN B 118 -12.11 -18.58 -74.84
N LYS B 119 -12.16 -19.67 -74.06
CA LYS B 119 -12.16 -21.05 -74.55
C LYS B 119 -10.81 -21.54 -75.18
N GLN B 120 -9.86 -20.64 -75.52
CA GLN B 120 -8.56 -21.04 -76.04
C GLN B 120 -7.46 -20.63 -75.04
N VAL B 121 -6.56 -21.55 -74.74
CA VAL B 121 -5.46 -21.29 -73.84
C VAL B 121 -4.14 -21.50 -74.56
N LEU B 122 -3.20 -20.59 -74.39
CA LEU B 122 -1.91 -20.68 -75.04
C LEU B 122 -0.93 -21.56 -74.27
N GLY B 123 0.01 -22.14 -74.99
CA GLY B 123 1.02 -22.96 -74.36
C GLY B 123 1.85 -22.04 -73.50
N LEU B 124 2.09 -22.43 -72.26
CA LEU B 124 2.82 -21.61 -71.29
C LEU B 124 4.12 -20.99 -71.80
N SER B 125 4.97 -21.82 -72.39
CA SER B 125 6.25 -21.36 -72.91
C SER B 125 6.14 -20.32 -74.04
N LYS B 126 5.08 -20.41 -74.83
CA LYS B 126 4.85 -19.47 -75.90
C LYS B 126 4.71 -18.04 -75.39
N LEU B 127 4.22 -17.84 -74.17
CA LEU B 127 4.14 -16.47 -73.65
C LEU B 127 5.58 -15.90 -73.50
N ALA B 128 6.53 -16.72 -73.06
CA ALA B 128 7.93 -16.31 -72.97
C ALA B 128 8.57 -16.19 -74.37
N ARG B 129 8.18 -17.05 -75.31
CA ARG B 129 8.69 -16.96 -76.67
C ARG B 129 8.22 -15.69 -77.35
N ILE B 130 7.01 -15.25 -77.04
CA ILE B 130 6.47 -14.00 -77.59
C ILE B 130 7.30 -12.83 -77.06
N VAL B 131 7.69 -12.86 -75.78
CA VAL B 131 8.58 -11.86 -75.19
C VAL B 131 9.90 -11.82 -75.99
N GLU B 132 10.46 -13.00 -76.33
CA GLU B 132 11.68 -13.12 -77.12
C GLU B 132 11.59 -12.53 -78.53
N ILE B 133 10.48 -12.71 -79.25
CA ILE B 133 10.31 -12.11 -80.60
C ILE B 133 10.55 -10.58 -80.58
N TYR B 134 9.89 -9.87 -79.64
CA TYR B 134 9.95 -8.41 -79.62
C TYR B 134 11.07 -7.84 -78.82
N SER B 135 11.48 -8.51 -77.74
CA SER B 135 12.56 -8.00 -76.90
C SER B 135 13.89 -8.04 -77.64
N ARG B 136 14.13 -9.10 -78.47
CA ARG B 136 15.37 -9.24 -79.19
C ARG B 136 15.34 -8.40 -80.47
N ARG B 137 15.25 -7.07 -80.31
CA ARG B 137 15.16 -6.08 -81.37
C ARG B 137 15.67 -4.75 -80.82
N LEU B 138 15.81 -3.73 -81.68
CA LEU B 138 16.15 -2.37 -81.22
C LEU B 138 14.78 -1.81 -80.83
N GLN B 139 14.65 -1.43 -79.57
CA GLN B 139 13.35 -1.03 -79.06
C GLN B 139 13.26 0.14 -78.13
N VAL B 140 12.02 0.40 -77.75
CA VAL B 140 11.64 1.37 -76.73
C VAL B 140 10.67 0.55 -75.88
N GLN B 141 10.80 0.64 -74.57
CA GLN B 141 9.99 -0.15 -73.64
C GLN B 141 8.50 -0.14 -73.93
N GLU B 142 7.93 1.03 -74.19
CA GLU B 142 6.52 1.18 -74.49
C GLU B 142 6.06 0.34 -75.68
N ARG B 143 6.80 0.39 -76.78
CA ARG B 143 6.44 -0.39 -77.98
C ARG B 143 6.55 -1.89 -77.67
N LEU B 144 7.63 -2.30 -77.01
CA LEU B 144 7.83 -3.69 -76.62
C LEU B 144 6.62 -4.23 -75.80
N THR B 145 6.18 -3.48 -74.79
CA THR B 145 5.06 -3.84 -73.90
C THR B 145 3.76 -4.03 -74.71
N LYS B 146 3.48 -3.08 -75.62
CA LYS B 146 2.29 -3.13 -76.44
C LYS B 146 2.32 -4.30 -77.41
N GLN B 147 3.48 -4.58 -78.01
CA GLN B 147 3.60 -5.66 -78.99
C GLN B 147 3.31 -7.01 -78.39
N ILE B 148 3.80 -7.25 -77.17
CA ILE B 148 3.55 -8.53 -76.49
C ILE B 148 2.03 -8.72 -76.24
N ALA B 149 1.37 -7.67 -75.73
CA ALA B 149 -0.07 -7.71 -75.47
C ALA B 149 -0.90 -7.89 -76.75
N VAL B 150 -0.53 -7.18 -77.82
CA VAL B 150 -1.26 -7.30 -79.10
C VAL B 150 -1.07 -8.69 -79.73
N ALA B 151 0.14 -9.24 -79.69
CA ALA B 151 0.40 -10.58 -80.23
C ALA B 151 -0.46 -11.65 -79.53
N ILE B 152 -0.57 -11.59 -78.20
CA ILE B 152 -1.38 -12.56 -77.45
C ILE B 152 -2.86 -12.37 -77.78
N THR B 153 -3.30 -11.10 -77.87
CA THR B 153 -4.70 -10.78 -78.19
C THR B 153 -5.08 -11.36 -79.55
N GLU B 154 -4.23 -11.16 -80.57
CA GLU B 154 -4.51 -11.64 -81.92
C GLU B 154 -4.41 -13.15 -82.07
N ALA B 155 -3.50 -13.79 -81.33
CA ALA B 155 -3.32 -15.23 -81.41
C ALA B 155 -4.42 -16.02 -80.72
N LEU B 156 -4.88 -15.55 -79.55
CA LEU B 156 -5.86 -16.28 -78.76
C LEU B 156 -7.27 -15.78 -78.80
N ARG B 157 -7.46 -14.49 -79.15
CA ARG B 157 -8.75 -13.79 -79.04
C ARG B 157 -9.35 -13.96 -77.63
N PRO B 158 -8.59 -13.63 -76.57
CA PRO B 158 -9.10 -13.84 -75.22
C PRO B 158 -10.02 -12.70 -74.78
N ALA B 159 -10.60 -12.82 -73.58
CA ALA B 159 -11.42 -11.76 -73.03
C ALA B 159 -10.53 -10.49 -72.77
N GLY B 160 -9.25 -10.71 -72.43
CA GLY B 160 -8.34 -9.61 -72.15
C GLY B 160 -6.93 -10.09 -71.86
N VAL B 161 -5.97 -9.15 -71.93
CA VAL B 161 -4.56 -9.38 -71.68
C VAL B 161 -3.98 -8.19 -70.90
N GLY B 162 -3.08 -8.48 -69.97
CA GLY B 162 -2.35 -7.48 -69.21
C GLY B 162 -0.87 -7.81 -69.31
N VAL B 163 -0.04 -6.79 -69.58
CA VAL B 163 1.40 -6.98 -69.67
C VAL B 163 2.08 -5.89 -68.85
N VAL B 164 3.01 -6.26 -67.97
CA VAL B 164 3.78 -5.32 -67.18
C VAL B 164 5.25 -5.63 -67.46
N VAL B 165 6.02 -4.60 -67.85
CA VAL B 165 7.46 -4.77 -68.09
C VAL B 165 8.19 -3.88 -67.09
N GLU B 166 9.14 -4.44 -66.37
CA GLU B 166 9.98 -3.64 -65.47
C GLU B 166 11.41 -3.84 -65.92
N ALA B 167 12.14 -2.75 -66.16
CA ALA B 167 13.49 -2.87 -66.68
C ALA B 167 14.44 -1.80 -66.19
N THR B 168 15.72 -2.16 -66.15
CA THR B 168 16.80 -1.26 -65.85
C THR B 168 17.37 -0.89 -67.21
N HIS B 169 17.37 0.38 -67.51
CA HIS B 169 17.97 0.81 -68.72
C HIS B 169 19.39 1.18 -68.33
N MET B 170 20.39 0.52 -68.91
CA MET B 170 21.80 0.81 -68.67
C MET B 170 22.19 2.25 -69.15
N CYS B 171 21.47 2.83 -70.10
CA CYS B 171 21.68 4.19 -70.53
C CYS B 171 21.38 5.25 -69.44
N MET B 172 20.58 4.88 -68.42
CA MET B 172 20.30 5.74 -67.31
C MET B 172 21.15 5.43 -66.08
N VAL B 173 21.93 4.32 -66.08
CA VAL B 173 22.73 3.98 -64.91
C VAL B 173 24.25 4.13 -65.20
N MET B 174 24.75 3.60 -66.34
CA MET B 174 26.16 3.65 -66.75
C MET B 174 26.58 4.98 -67.36
N ARG B 175 25.61 5.84 -67.66
CA ARG B 175 25.85 7.12 -68.32
C ARG B 175 24.64 8.03 -68.19
N GLY B 176 24.71 9.19 -68.84
CA GLY B 176 23.64 10.16 -68.82
C GLY B 176 23.34 10.65 -67.43
N VAL B 177 22.10 10.47 -67.00
CA VAL B 177 21.65 10.87 -65.67
C VAL B 177 22.33 10.10 -64.55
N GLN B 178 22.80 8.88 -64.83
CA GLN B 178 23.49 8.03 -63.86
C GLN B 178 22.71 7.85 -62.55
N LYS B 179 21.44 7.47 -62.66
CA LYS B 179 20.58 7.22 -61.51
C LYS B 179 20.61 5.69 -61.30
N MET B 180 21.55 5.24 -60.46
CA MET B 180 21.89 3.85 -60.13
C MET B 180 20.68 2.91 -59.89
N ASN B 181 19.69 3.37 -59.15
CA ASN B 181 18.53 2.54 -58.82
C ASN B 181 17.32 2.71 -59.73
N SER B 182 17.36 3.65 -60.69
CA SER B 182 16.18 3.91 -61.54
C SER B 182 15.69 2.68 -62.31
N LYS B 183 14.37 2.56 -62.43
CA LYS B 183 13.73 1.44 -63.13
C LYS B 183 12.53 1.99 -63.89
N THR B 184 12.30 1.48 -65.11
CA THR B 184 11.15 1.89 -65.88
C THR B 184 10.11 0.78 -65.82
N VAL B 185 8.85 1.15 -65.52
CA VAL B 185 7.77 0.19 -65.49
C VAL B 185 6.71 0.64 -66.51
N THR B 186 6.38 -0.23 -67.45
CA THR B 186 5.36 0.06 -68.44
C THR B 186 4.27 -1.01 -68.32
N SER B 187 3.06 -0.59 -68.60
CA SER B 187 1.90 -1.44 -68.45
C SER B 187 0.99 -1.32 -69.67
N THR B 188 0.42 -2.43 -70.14
CA THR B 188 -0.56 -2.41 -71.22
C THR B 188 -1.70 -3.31 -70.78
N MET B 189 -2.94 -2.77 -70.77
CA MET B 189 -4.10 -3.53 -70.35
C MET B 189 -5.10 -3.50 -71.51
N LEU B 190 -5.46 -4.66 -72.07
CA LEU B 190 -6.40 -4.73 -73.20
C LEU B 190 -7.65 -5.55 -72.82
N GLY B 191 -8.75 -5.32 -73.51
CA GLY B 191 -9.99 -6.05 -73.28
C GLY B 191 -10.48 -5.90 -71.85
N VAL B 192 -10.88 -7.01 -71.19
CA VAL B 192 -11.35 -6.92 -69.79
C VAL B 192 -10.30 -6.42 -68.82
N PHE B 193 -8.99 -6.54 -69.15
CA PHE B 193 -7.95 -6.01 -68.24
C PHE B 193 -8.01 -4.46 -68.18
N ARG B 194 -8.52 -3.80 -69.23
CA ARG B 194 -8.70 -2.37 -69.22
C ARG B 194 -10.10 -2.02 -68.70
N GLU B 195 -11.14 -2.68 -69.23
CA GLU B 195 -12.53 -2.36 -68.89
C GLU B 195 -12.97 -2.75 -67.50
N ASP B 196 -12.46 -3.89 -66.96
CA ASP B 196 -12.82 -4.31 -65.63
C ASP B 196 -11.65 -4.09 -64.65
N PRO B 197 -11.78 -3.10 -63.75
CA PRO B 197 -10.70 -2.87 -62.77
C PRO B 197 -10.47 -4.06 -61.85
N LYS B 198 -11.52 -4.88 -61.57
CA LYS B 198 -11.40 -6.06 -60.72
C LYS B 198 -10.48 -7.12 -61.32
N THR B 199 -10.52 -7.28 -62.64
CA THR B 199 -9.65 -8.23 -63.33
C THR B 199 -8.21 -7.71 -63.26
N ARG B 200 -8.02 -6.42 -63.53
CA ARG B 200 -6.68 -5.82 -63.49
C ARG B 200 -6.08 -5.90 -62.07
N GLU B 201 -6.90 -5.67 -61.02
CA GLU B 201 -6.44 -5.73 -59.63
C GLU B 201 -6.02 -7.15 -59.26
N GLU B 202 -6.77 -8.17 -59.71
CA GLU B 202 -6.42 -9.56 -59.43
C GLU B 202 -5.06 -9.88 -60.06
N PHE B 203 -4.86 -9.44 -61.32
CA PHE B 203 -3.60 -9.62 -62.03
C PHE B 203 -2.43 -8.97 -61.26
N LEU B 204 -2.56 -7.69 -60.89
CA LEU B 204 -1.49 -6.97 -60.18
C LEU B 204 -1.21 -7.56 -58.81
N THR B 205 -2.23 -8.09 -58.13
CA THR B 205 -2.04 -8.74 -56.82
C THR B 205 -1.27 -10.05 -56.97
N LEU B 206 -1.61 -10.83 -57.99
CA LEU B 206 -0.98 -12.14 -58.21
C LEU B 206 0.45 -12.08 -58.79
N ILE B 207 0.86 -10.95 -59.38
CA ILE B 207 2.23 -10.87 -59.89
C ILE B 207 3.24 -10.36 -58.87
N ARG B 208 2.81 -10.02 -57.63
CA ARG B 208 3.72 -9.57 -56.58
C ARG B 208 4.63 -10.71 -56.09
N SER C 19 23.86 31.60 -64.27
CA SER C 19 24.80 31.32 -65.36
C SER C 19 26.17 30.84 -64.86
N GLU C 20 27.00 30.30 -65.76
CA GLU C 20 28.35 29.87 -65.40
C GLU C 20 29.25 31.09 -65.08
N GLU C 21 28.94 32.28 -65.65
CA GLU C 21 29.65 33.51 -65.37
C GLU C 21 29.34 33.95 -63.93
N ASP C 22 28.06 33.83 -63.50
CA ASP C 22 27.61 34.14 -62.16
C ASP C 22 28.35 33.25 -61.17
N ASN C 23 28.52 31.96 -61.50
CA ASN C 23 29.23 30.98 -60.67
C ASN C 23 30.66 31.40 -60.42
N GLU C 24 31.37 31.82 -61.49
CA GLU C 24 32.76 32.21 -61.40
C GLU C 24 32.89 33.48 -60.55
N LEU C 25 32.00 34.45 -60.77
CA LEU C 25 32.02 35.72 -60.05
C LEU C 25 31.68 35.57 -58.58
N ASN C 26 30.76 34.67 -58.25
CA ASN C 26 30.33 34.48 -56.86
C ASN C 26 31.16 33.49 -56.06
N LEU C 27 32.00 32.68 -56.72
CA LEU C 27 32.85 31.73 -56.02
C LEU C 27 33.72 32.37 -54.92
N PRO C 28 34.44 33.50 -55.17
CA PRO C 28 35.24 34.11 -54.09
C PRO C 28 34.39 34.60 -52.91
N ASN C 29 33.18 35.09 -53.18
CA ASN C 29 32.29 35.58 -52.12
C ASN C 29 31.82 34.44 -51.25
N LEU C 30 31.52 33.28 -51.87
CA LEU C 30 31.10 32.07 -51.15
C LEU C 30 32.27 31.58 -50.32
N ALA C 31 33.49 31.53 -50.88
CA ALA C 31 34.68 31.08 -50.16
C ALA C 31 34.98 31.98 -48.96
N ALA C 32 34.79 33.30 -49.11
CA ALA C 32 35.02 34.23 -48.00
C ALA C 32 34.01 33.96 -46.89
N ALA C 33 32.73 33.69 -47.25
CA ALA C 33 31.70 33.39 -46.27
C ALA C 33 32.00 32.08 -45.55
N TYR C 34 32.46 31.03 -46.28
CA TYR C 34 32.81 29.76 -45.65
C TYR C 34 34.03 29.87 -44.74
N SER C 35 35.01 30.70 -45.13
CA SER C 35 36.20 30.94 -44.32
C SER C 35 35.79 31.63 -43.01
N SER C 36 34.89 32.61 -43.09
CA SER C 36 34.37 33.34 -41.95
C SER C 36 33.60 32.38 -41.00
N ILE C 37 32.81 31.42 -41.55
CA ILE C 37 32.10 30.42 -40.78
C ILE C 37 33.09 29.55 -40.00
N LEU C 38 34.20 29.13 -40.64
CA LEU C 38 35.23 28.32 -39.98
C LEU C 38 35.81 29.06 -38.75
N SER C 39 36.11 30.36 -38.88
CA SER C 39 36.62 31.18 -37.78
C SER C 39 35.56 31.36 -36.69
N SER C 40 34.31 31.62 -37.07
CA SER C 40 33.23 31.84 -36.12
C SER C 40 32.85 30.56 -35.34
N LEU C 41 33.19 29.37 -35.87
CA LEU C 41 32.94 28.11 -35.17
C LEU C 41 34.07 27.76 -34.17
N GLY C 42 35.15 28.56 -34.13
CA GLY C 42 36.29 28.29 -33.27
C GLY C 42 37.40 27.54 -33.96
N GLU C 43 37.24 27.23 -35.26
CA GLU C 43 38.25 26.49 -35.99
C GLU C 43 39.36 27.37 -36.54
N ASN C 44 40.43 26.74 -37.02
CA ASN C 44 41.57 27.46 -37.56
C ASN C 44 41.58 27.26 -39.07
N PRO C 45 41.16 28.27 -39.86
CA PRO C 45 41.16 28.12 -41.33
C PRO C 45 42.54 27.91 -41.94
N GLN C 46 43.61 28.13 -41.17
CA GLN C 46 44.98 27.96 -41.65
C GLN C 46 45.55 26.57 -41.46
N ARG C 47 44.88 25.70 -40.67
CA ARG C 47 45.38 24.33 -40.50
C ARG C 47 45.25 23.54 -41.80
N GLN C 48 46.16 22.59 -42.04
CA GLN C 48 46.23 21.80 -43.29
C GLN C 48 44.87 21.31 -43.80
N GLY C 49 44.09 20.67 -42.92
CA GLY C 49 42.81 20.09 -43.29
C GLY C 49 41.75 21.09 -43.73
N LEU C 50 41.93 22.36 -43.36
CA LEU C 50 40.96 23.40 -43.68
C LEU C 50 41.41 24.46 -44.73
N LEU C 51 42.65 24.40 -45.24
CA LEU C 51 43.15 25.42 -46.19
C LEU C 51 42.32 25.58 -47.46
N LYS C 52 41.92 24.48 -48.08
CA LYS C 52 41.11 24.53 -49.28
C LYS C 52 39.59 24.45 -49.04
N THR C 53 39.18 24.23 -47.80
CA THR C 53 37.76 24.08 -47.43
C THR C 53 36.86 25.24 -47.88
N PRO C 54 37.22 26.55 -47.71
CA PRO C 54 36.33 27.61 -48.21
C PRO C 54 35.97 27.44 -49.69
N TRP C 55 36.93 27.01 -50.53
CA TRP C 55 36.74 26.82 -51.96
C TRP C 55 35.96 25.55 -52.29
N ARG C 56 36.27 24.46 -51.61
CA ARG C 56 35.60 23.19 -51.83
C ARG C 56 34.14 23.21 -51.37
N ALA C 57 33.89 23.87 -50.24
CA ALA C 57 32.54 24.00 -49.71
C ALA C 57 31.74 24.90 -50.65
N ALA C 58 32.36 25.98 -51.16
CA ALA C 58 31.70 26.89 -52.09
C ALA C 58 31.33 26.16 -53.39
N SER C 59 32.25 25.36 -53.98
CA SER C 59 32.00 24.60 -55.20
C SER C 59 30.94 23.56 -54.98
N ALA C 60 30.96 22.86 -53.83
CA ALA C 60 29.95 21.84 -53.51
C ALA C 60 28.57 22.50 -53.44
N MET C 61 28.44 23.65 -52.78
CA MET C 61 27.18 24.37 -52.66
C MET C 61 26.66 24.86 -54.02
N GLN C 62 27.56 25.24 -54.93
CA GLN C 62 27.18 25.62 -56.30
C GLN C 62 26.66 24.42 -57.04
N PHE C 63 27.30 23.26 -56.88
CA PHE C 63 26.85 22.02 -57.53
C PHE C 63 25.48 21.59 -56.96
N PHE C 64 25.28 21.69 -55.63
CA PHE C 64 24.01 21.35 -55.00
C PHE C 64 22.87 22.26 -55.46
N THR C 65 23.19 23.47 -55.95
CA THR C 65 22.16 24.40 -56.42
C THR C 65 22.24 24.64 -57.91
N LYS C 66 22.81 23.69 -58.70
CA LYS C 66 22.97 23.84 -60.16
C LYS C 66 21.64 23.83 -60.95
N GLY C 67 20.56 23.42 -60.31
CA GLY C 67 19.25 23.39 -60.97
C GLY C 67 18.75 24.77 -61.31
N TYR C 68 19.18 25.82 -60.55
CA TYR C 68 18.83 27.20 -60.86
C TYR C 68 19.37 27.62 -62.24
N GLN C 69 20.43 26.98 -62.73
CA GLN C 69 21.05 27.26 -64.03
C GLN C 69 20.29 26.58 -65.20
N GLU C 70 19.29 25.73 -64.94
CA GLU C 70 18.63 24.96 -65.99
C GLU C 70 17.23 25.38 -66.31
N THR C 71 16.84 25.15 -67.56
CA THR C 71 15.49 25.41 -68.03
C THR C 71 14.89 24.11 -68.56
N ILE C 72 13.56 23.97 -68.48
CA ILE C 72 12.88 22.77 -68.94
C ILE C 72 13.15 22.51 -70.43
N SER C 73 13.11 23.54 -71.28
CA SER C 73 13.37 23.39 -72.71
C SER C 73 14.74 22.78 -73.01
N ASP C 74 15.80 23.26 -72.36
CA ASP C 74 17.14 22.72 -72.61
C ASP C 74 17.25 21.28 -72.15
N VAL C 75 16.67 20.99 -70.99
CA VAL C 75 16.68 19.67 -70.38
C VAL C 75 15.93 18.64 -71.23
N LEU C 76 14.79 19.04 -71.82
CA LEU C 76 14.00 18.16 -72.65
C LEU C 76 14.72 17.76 -73.92
N ASN C 77 15.48 18.70 -74.47
CA ASN C 77 16.28 18.53 -75.67
C ASN C 77 15.55 17.85 -76.81
N ASP C 78 14.27 18.23 -77.05
CA ASP C 78 13.41 17.69 -78.09
C ASP C 78 13.16 16.18 -78.00
N ALA C 79 13.30 15.56 -76.82
CA ALA C 79 13.13 14.13 -76.68
C ALA C 79 11.69 13.79 -76.41
N ILE C 80 10.83 14.20 -77.32
CA ILE C 80 9.39 13.95 -77.25
C ILE C 80 9.07 13.18 -78.52
N PHE C 81 8.57 11.96 -78.36
CA PHE C 81 8.30 11.10 -79.47
C PHE C 81 6.84 10.81 -79.70
N ASP C 82 6.55 10.29 -80.88
CA ASP C 82 5.19 9.93 -81.20
C ASP C 82 5.05 8.41 -81.30
N GLU C 83 4.49 7.84 -80.25
CA GLU C 83 4.14 6.44 -80.14
C GLU C 83 2.61 6.45 -79.90
N ASP C 84 1.87 5.50 -80.51
CA ASP C 84 0.40 5.45 -80.31
C ASP C 84 0.08 4.87 -78.91
N HIS C 85 0.91 5.24 -77.92
CA HIS C 85 0.82 4.81 -76.54
C HIS C 85 -0.24 5.59 -75.76
N ASP C 86 -1.17 4.84 -75.20
CA ASP C 86 -2.22 5.33 -74.31
C ASP C 86 -2.22 4.42 -73.05
N GLU C 87 -0.99 4.02 -72.60
CA GLU C 87 -0.73 3.13 -71.47
C GLU C 87 0.19 3.78 -70.42
N MET C 88 0.18 3.25 -69.18
CA MET C 88 0.95 3.87 -68.10
C MET C 88 2.46 3.71 -68.21
N VAL C 89 3.19 4.84 -68.04
CA VAL C 89 4.64 4.82 -68.09
C VAL C 89 5.16 5.31 -66.73
N ILE C 90 6.08 4.56 -66.13
CA ILE C 90 6.61 4.90 -64.82
C ILE C 90 8.14 4.86 -64.83
N VAL C 91 8.78 5.84 -64.19
CA VAL C 91 10.21 5.79 -63.92
C VAL C 91 10.27 5.92 -62.40
N LYS C 92 10.64 4.84 -61.72
CA LYS C 92 10.68 4.81 -60.26
C LYS C 92 12.12 4.67 -59.72
N ASP C 93 12.30 4.89 -58.42
CA ASP C 93 13.57 4.77 -57.70
C ASP C 93 14.62 5.71 -58.24
N ILE C 94 14.21 6.92 -58.61
CA ILE C 94 15.14 7.92 -59.10
C ILE C 94 15.78 8.53 -57.86
N ASP C 95 17.09 8.32 -57.68
CA ASP C 95 17.82 8.91 -56.54
C ASP C 95 17.76 10.42 -56.62
N MET C 96 17.42 11.03 -55.50
CA MET C 96 17.19 12.46 -55.40
C MET C 96 18.02 13.00 -54.24
N PHE C 97 18.71 14.11 -54.46
CA PHE C 97 19.51 14.78 -53.44
C PHE C 97 19.19 16.27 -53.49
N SER C 98 18.57 16.76 -52.43
CA SER C 98 18.19 18.18 -52.38
C SER C 98 18.78 18.86 -51.12
N MET C 99 18.49 20.15 -50.95
CA MET C 99 19.00 20.91 -49.83
C MET C 99 17.83 21.59 -49.12
N CYS C 100 17.74 21.40 -47.82
CA CYS C 100 16.69 22.05 -47.08
C CYS C 100 16.95 23.56 -47.07
N GLU C 101 15.96 24.35 -47.44
CA GLU C 101 16.12 25.80 -47.50
C GLU C 101 16.08 26.46 -46.11
N HIS C 102 15.60 25.75 -45.10
CA HIS C 102 15.55 26.31 -43.77
C HIS C 102 16.88 26.17 -43.01
N HIS C 103 17.57 25.04 -43.20
CA HIS C 103 18.81 24.80 -42.49
C HIS C 103 20.07 24.63 -43.32
N LEU C 104 19.93 24.59 -44.65
CA LEU C 104 21.03 24.37 -45.59
C LEU C 104 21.74 23.05 -45.29
N VAL C 105 20.94 22.00 -45.06
CA VAL C 105 21.40 20.65 -44.79
C VAL C 105 20.67 19.72 -45.79
N PRO C 106 21.32 18.67 -46.33
CA PRO C 106 20.65 17.81 -47.33
C PRO C 106 19.42 17.06 -46.87
N PHE C 107 18.55 16.78 -47.84
CA PHE C 107 17.43 15.87 -47.73
C PHE C 107 17.48 14.99 -48.97
N VAL C 108 17.53 13.67 -48.74
CA VAL C 108 17.83 12.73 -49.82
C VAL C 108 16.84 11.57 -49.82
N GLY C 109 16.59 11.06 -51.01
CA GLY C 109 15.67 9.94 -51.15
C GLY C 109 15.46 9.51 -52.57
N LYS C 110 14.20 9.17 -52.88
CA LYS C 110 13.78 8.60 -54.15
C LYS C 110 12.56 9.32 -54.67
N VAL C 111 12.46 9.44 -56.01
CA VAL C 111 11.30 10.02 -56.70
C VAL C 111 10.71 8.93 -57.61
N HIS C 112 9.39 8.76 -57.60
CA HIS C 112 8.70 7.80 -58.43
C HIS C 112 7.69 8.59 -59.26
N ILE C 113 7.81 8.50 -60.58
CA ILE C 113 6.97 9.27 -61.47
C ILE C 113 6.17 8.37 -62.39
N GLY C 114 4.90 8.69 -62.55
CA GLY C 114 4.03 7.97 -63.46
C GLY C 114 3.25 8.95 -64.30
N TYR C 115 2.95 8.57 -65.55
CA TYR C 115 2.11 9.42 -66.38
C TYR C 115 1.35 8.59 -67.43
N LEU C 116 0.25 9.15 -67.92
CA LEU C 116 -0.56 8.53 -68.95
C LEU C 116 -0.41 9.41 -70.18
N PRO C 117 0.36 8.98 -71.19
CA PRO C 117 0.58 9.85 -72.35
C PRO C 117 -0.67 10.18 -73.14
N ASN C 118 -0.59 11.28 -73.87
CA ASN C 118 -1.67 11.73 -74.73
C ASN C 118 -1.02 11.92 -76.07
N LYS C 119 -0.58 10.79 -76.64
CA LYS C 119 0.12 10.67 -77.94
C LYS C 119 1.55 11.27 -77.97
N GLN C 120 1.94 12.10 -76.98
CA GLN C 120 3.33 12.55 -76.87
C GLN C 120 3.98 11.78 -75.71
N VAL C 121 5.05 11.06 -76.03
CA VAL C 121 5.79 10.27 -75.07
C VAL C 121 7.16 10.91 -74.82
N LEU C 122 7.49 11.11 -73.56
CA LEU C 122 8.74 11.73 -73.19
C LEU C 122 9.86 10.71 -73.08
N GLY C 123 11.07 11.16 -73.36
CA GLY C 123 12.23 10.31 -73.23
C GLY C 123 12.39 9.95 -71.76
N LEU C 124 12.55 8.66 -71.49
CA LEU C 124 12.68 8.14 -70.14
C LEU C 124 13.63 8.91 -69.23
N SER C 125 14.84 9.19 -69.70
CA SER C 125 15.82 9.92 -68.92
C SER C 125 15.42 11.34 -68.57
N LYS C 126 14.62 11.98 -69.43
CA LYS C 126 14.16 13.34 -69.21
C LYS C 126 13.31 13.47 -67.94
N LEU C 127 12.64 12.41 -67.52
CA LEU C 127 11.89 12.43 -66.28
C LEU C 127 12.86 12.58 -65.11
N ALA C 128 14.02 11.88 -65.15
CA ALA C 128 15.04 12.00 -64.12
C ALA C 128 15.76 13.36 -64.23
N ARG C 129 15.90 13.90 -65.43
CA ARG C 129 16.53 15.20 -65.60
C ARG C 129 15.64 16.29 -65.02
N ILE C 130 14.33 16.12 -65.15
CA ILE C 130 13.37 17.08 -64.57
C ILE C 130 13.52 17.07 -63.04
N VAL C 131 13.71 15.88 -62.45
CA VAL C 131 13.96 15.74 -60.99
C VAL C 131 15.22 16.56 -60.63
N GLU C 132 16.29 16.44 -61.43
CA GLU C 132 17.54 17.18 -61.21
C GLU C 132 17.38 18.70 -61.27
N ILE C 133 16.56 19.25 -62.19
CA ILE C 133 16.35 20.70 -62.25
C ILE C 133 15.86 21.27 -60.91
N TYR C 134 14.82 20.66 -60.35
CA TYR C 134 14.20 21.15 -59.14
C TYR C 134 14.85 20.68 -57.87
N SER C 135 15.40 19.46 -57.82
CA SER C 135 16.01 18.99 -56.58
C SER C 135 17.33 19.67 -56.28
N ARG C 136 18.07 20.09 -57.30
CA ARG C 136 19.34 20.77 -57.10
C ARG C 136 19.08 22.24 -56.86
N ARG C 137 18.37 22.55 -55.76
CA ARG C 137 18.01 23.91 -55.36
C ARG C 137 17.78 23.92 -53.83
N LEU C 138 17.58 25.11 -53.26
CA LEU C 138 17.20 25.22 -51.84
C LEU C 138 15.71 24.97 -51.88
N GLN C 139 15.24 23.97 -51.16
CA GLN C 139 13.84 23.57 -51.28
C GLN C 139 13.12 23.11 -50.04
N VAL C 140 11.87 22.74 -50.29
CA VAL C 140 10.98 22.09 -49.35
C VAL C 140 10.40 20.95 -50.17
N GLN C 141 10.25 19.78 -49.56
CA GLN C 141 9.75 18.62 -50.27
C GLN C 141 8.44 18.82 -51.03
N GLU C 142 7.50 19.51 -50.42
CA GLU C 142 6.21 19.77 -51.06
C GLU C 142 6.35 20.54 -52.36
N ARG C 143 7.19 21.57 -52.39
CA ARG C 143 7.36 22.39 -53.58
C ARG C 143 8.04 21.57 -54.67
N LEU C 144 9.14 20.87 -54.32
CA LEU C 144 9.89 20.01 -55.21
C LEU C 144 8.95 18.98 -55.92
N THR C 145 8.10 18.27 -55.13
CA THR C 145 7.13 17.27 -55.63
C THR C 145 6.19 17.89 -56.65
N LYS C 146 5.62 19.07 -56.33
CA LYS C 146 4.66 19.75 -57.20
C LYS C 146 5.30 20.25 -58.49
N GLN C 147 6.52 20.83 -58.40
CA GLN C 147 7.23 21.35 -59.57
C GLN C 147 7.53 20.24 -60.59
N ILE C 148 7.92 19.04 -60.14
CA ILE C 148 8.20 17.92 -61.04
C ILE C 148 6.91 17.55 -61.81
N ALA C 149 5.79 17.42 -61.09
CA ALA C 149 4.52 17.08 -61.71
C ALA C 149 4.03 18.15 -62.70
N VAL C 150 4.15 19.44 -62.33
CA VAL C 150 3.72 20.54 -63.18
C VAL C 150 4.62 20.63 -64.44
N ALA C 151 5.95 20.42 -64.29
CA ALA C 151 6.85 20.49 -65.45
C ALA C 151 6.50 19.41 -66.48
N ILE C 152 6.22 18.18 -66.03
CA ILE C 152 5.85 17.09 -66.94
C ILE C 152 4.50 17.39 -67.61
N THR C 153 3.54 17.90 -66.82
CA THR C 153 2.23 18.27 -67.34
C THR C 153 2.34 19.32 -68.44
N GLU C 154 3.12 20.37 -68.22
CA GLU C 154 3.26 21.44 -69.21
C GLU C 154 4.08 21.05 -70.43
N ALA C 155 5.06 20.17 -70.26
CA ALA C 155 5.91 19.73 -71.37
C ALA C 155 5.19 18.75 -72.30
N LEU C 156 4.39 17.85 -71.74
CA LEU C 156 3.77 16.78 -72.53
C LEU C 156 2.31 16.93 -72.79
N ARG C 157 1.59 17.69 -71.94
CA ARG C 157 0.13 17.78 -71.96
C ARG C 157 -0.51 16.36 -71.92
N PRO C 158 -0.14 15.55 -70.91
CA PRO C 158 -0.64 14.18 -70.88
C PRO C 158 -2.02 14.08 -70.27
N ALA C 159 -2.61 12.87 -70.22
CA ALA C 159 -3.90 12.68 -69.56
C ALA C 159 -3.75 12.94 -68.02
N GLY C 160 -2.58 12.62 -67.47
CA GLY C 160 -2.31 12.83 -66.05
C GLY C 160 -0.89 12.48 -65.65
N VAL C 161 -0.48 12.95 -64.46
CA VAL C 161 0.86 12.72 -63.91
C VAL C 161 0.72 12.45 -62.40
N GLY C 162 1.51 11.52 -61.89
CA GLY C 162 1.60 11.24 -60.46
C GLY C 162 3.06 11.27 -60.06
N VAL C 163 3.38 11.90 -58.93
CA VAL C 163 4.74 11.98 -58.43
C VAL C 163 4.74 11.66 -56.93
N VAL C 164 5.62 10.77 -56.49
CA VAL C 164 5.78 10.44 -55.10
C VAL C 164 7.23 10.65 -54.74
N VAL C 165 7.51 11.44 -53.69
CA VAL C 165 8.87 11.66 -53.23
C VAL C 165 8.98 11.10 -51.81
N GLU C 166 9.96 10.26 -51.55
CA GLU C 166 10.21 9.76 -50.21
C GLU C 166 11.63 10.19 -49.85
N ALA C 167 11.81 10.85 -48.71
CA ALA C 167 13.12 11.37 -48.35
C ALA C 167 13.39 11.36 -46.87
N THR C 168 14.67 11.23 -46.53
CA THR C 168 15.15 11.37 -45.19
C THR C 168 15.67 12.80 -45.12
N HIS C 169 15.20 13.51 -44.12
CA HIS C 169 15.69 14.83 -43.93
C HIS C 169 16.75 14.72 -42.85
N MET C 170 17.99 15.09 -43.16
CA MET C 170 19.09 15.06 -42.18
C MET C 170 18.87 16.04 -41.02
N CYS C 171 18.12 17.12 -41.21
CA CYS C 171 17.77 18.01 -40.14
C CYS C 171 16.87 17.37 -39.08
N MET C 172 16.18 16.27 -39.41
CA MET C 172 15.38 15.54 -38.43
C MET C 172 16.10 14.33 -37.84
N VAL C 173 17.29 13.96 -38.36
CA VAL C 173 17.99 12.78 -37.86
C VAL C 173 19.31 13.15 -37.15
N MET C 174 20.13 14.06 -37.74
CA MET C 174 21.42 14.51 -37.20
C MET C 174 21.27 15.56 -36.11
N ARG C 175 20.09 16.15 -35.99
CA ARG C 175 19.84 17.24 -35.07
C ARG C 175 18.34 17.43 -34.84
N GLY C 176 17.98 18.49 -34.12
CA GLY C 176 16.60 18.80 -33.81
C GLY C 176 15.93 17.68 -33.05
N VAL C 177 14.84 17.16 -33.61
CA VAL C 177 14.08 16.07 -33.03
C VAL C 177 14.84 14.77 -32.96
N GLN C 178 15.85 14.59 -33.85
CA GLN C 178 16.69 13.38 -33.86
C GLN C 178 15.87 12.07 -33.89
N LYS C 179 14.91 11.97 -34.82
CA LYS C 179 14.10 10.78 -35.03
C LYS C 179 14.78 10.02 -36.19
N MET C 180 15.72 9.10 -35.82
CA MET C 180 16.61 8.34 -36.72
C MET C 180 15.91 7.66 -37.91
N ASN C 181 14.73 7.10 -37.69
CA ASN C 181 14.00 6.40 -38.74
C ASN C 181 13.01 7.24 -39.54
N SER C 182 12.76 8.51 -39.13
CA SER C 182 11.71 9.30 -39.78
C SER C 182 11.95 9.52 -41.29
N LYS C 183 10.85 9.48 -42.06
CA LYS C 183 10.91 9.68 -43.50
C LYS C 183 9.72 10.54 -43.90
N THR C 184 9.89 11.46 -44.83
CA THR C 184 8.80 12.26 -45.31
C THR C 184 8.37 11.73 -46.68
N VAL C 185 7.06 11.53 -46.87
CA VAL C 185 6.53 11.09 -48.14
C VAL C 185 5.55 12.15 -48.63
N THR C 186 5.79 12.68 -49.84
CA THR C 186 4.91 13.67 -50.44
C THR C 186 4.41 13.12 -51.76
N SER C 187 3.19 13.47 -52.10
CA SER C 187 2.52 12.95 -53.28
C SER C 187 1.85 14.08 -54.05
N THR C 188 1.89 14.07 -55.37
CA THR C 188 1.16 15.03 -56.20
C THR C 188 0.50 14.25 -57.32
N MET C 189 -0.81 14.38 -57.48
CA MET C 189 -1.57 13.68 -58.50
C MET C 189 -2.32 14.70 -59.35
N LEU C 190 -2.02 14.78 -60.64
CA LEU C 190 -2.68 15.74 -61.55
C LEU C 190 -3.45 15.04 -62.68
N GLY C 191 -4.43 15.72 -63.26
CA GLY C 191 -5.25 15.16 -64.35
C GLY C 191 -5.93 13.88 -63.94
N VAL C 192 -5.87 12.82 -64.78
CA VAL C 192 -6.51 11.53 -64.45
C VAL C 192 -5.94 10.87 -63.21
N PHE C 193 -4.69 11.21 -62.81
CA PHE C 193 -4.13 10.62 -61.57
C PHE C 193 -4.89 11.12 -60.32
N ARG C 194 -5.49 12.32 -60.41
CA ARG C 194 -6.31 12.84 -59.31
C ARG C 194 -7.77 12.41 -59.51
N GLU C 195 -8.31 12.58 -60.73
CA GLU C 195 -9.74 12.33 -61.01
C GLU C 195 -10.13 10.87 -61.01
N ASP C 196 -9.25 9.99 -61.50
CA ASP C 196 -9.55 8.58 -61.55
C ASP C 196 -8.75 7.83 -60.47
N PRO C 197 -9.42 7.38 -59.41
CA PRO C 197 -8.71 6.61 -58.37
C PRO C 197 -8.10 5.32 -58.89
N LYS C 198 -8.65 4.72 -59.95
CA LYS C 198 -8.13 3.47 -60.53
C LYS C 198 -6.76 3.65 -61.17
N THR C 199 -6.51 4.78 -61.82
CA THR C 199 -5.22 5.11 -62.43
C THR C 199 -4.21 5.36 -61.28
N ARG C 200 -4.61 6.12 -60.24
CA ARG C 200 -3.73 6.37 -59.10
C ARG C 200 -3.36 5.05 -58.38
N GLU C 201 -4.34 4.14 -58.21
CA GLU C 201 -4.10 2.85 -57.56
C GLU C 201 -3.16 1.97 -58.37
N GLU C 202 -3.30 1.96 -59.71
CA GLU C 202 -2.39 1.18 -60.55
C GLU C 202 -0.95 1.71 -60.41
N PHE C 203 -0.79 3.04 -60.41
CA PHE C 203 0.49 3.71 -60.24
C PHE C 203 1.11 3.32 -58.87
N LEU C 204 0.36 3.45 -57.77
CA LEU C 204 0.89 3.12 -56.43
C LEU C 204 1.23 1.68 -56.27
N THR C 205 0.49 0.78 -56.94
CA THR C 205 0.77 -0.65 -56.88
C THR C 205 2.08 -0.95 -57.64
N LEU C 206 2.26 -0.33 -58.82
CA LEU C 206 3.42 -0.59 -59.66
C LEU C 206 4.74 0.04 -59.16
N ILE C 207 4.67 1.04 -58.24
CA ILE C 207 5.91 1.62 -57.72
C ILE C 207 6.42 0.90 -56.46
N ARG C 208 5.73 -0.14 -55.96
CA ARG C 208 6.19 -0.87 -54.78
C ARG C 208 7.43 -1.73 -55.08
N PRO D 17 1.31 24.24 -17.04
CA PRO D 17 2.38 23.34 -17.48
C PRO D 17 3.50 23.22 -16.45
N ARG D 18 4.05 22.00 -16.30
CA ARG D 18 5.15 21.75 -15.36
C ARG D 18 6.38 22.60 -15.73
N SER D 19 7.03 23.20 -14.75
CA SER D 19 8.17 24.09 -15.02
C SER D 19 9.51 23.47 -14.60
N GLU D 20 10.63 24.08 -15.03
CA GLU D 20 11.95 23.62 -14.62
C GLU D 20 12.20 23.88 -13.13
N GLU D 21 11.51 24.88 -12.52
CA GLU D 21 11.61 25.17 -11.10
C GLU D 21 10.88 24.05 -10.32
N ASP D 22 9.73 23.58 -10.83
CA ASP D 22 8.97 22.47 -10.25
C ASP D 22 9.83 21.21 -10.27
N ASN D 23 10.59 20.98 -11.36
CA ASN D 23 11.47 19.84 -11.50
C ASN D 23 12.57 19.86 -10.44
N GLU D 24 13.18 21.03 -10.20
CA GLU D 24 14.24 21.15 -9.20
C GLU D 24 13.70 20.91 -7.80
N LEU D 25 12.51 21.46 -7.50
CA LEU D 25 11.88 21.31 -6.20
C LEU D 25 11.41 19.88 -5.92
N ASN D 26 10.93 19.18 -6.95
CA ASN D 26 10.42 17.82 -6.79
C ASN D 26 11.47 16.72 -6.94
N LEU D 27 12.66 17.04 -7.48
CA LEU D 27 13.72 16.05 -7.65
C LEU D 27 14.08 15.33 -6.34
N PRO D 28 14.31 16.03 -5.19
CA PRO D 28 14.62 15.29 -3.95
C PRO D 28 13.49 14.38 -3.47
N ASN D 29 12.24 14.75 -3.71
CA ASN D 29 11.08 13.93 -3.32
C ASN D 29 11.03 12.66 -4.17
N LEU D 30 11.30 12.78 -5.48
CA LEU D 30 11.35 11.65 -6.38
C LEU D 30 12.49 10.72 -5.98
N ALA D 31 13.67 11.29 -5.68
CA ALA D 31 14.83 10.50 -5.26
C ALA D 31 14.56 9.75 -3.95
N ALA D 32 13.83 10.38 -3.00
CA ALA D 32 13.49 9.72 -1.74
C ALA D 32 12.55 8.52 -2.01
N ALA D 33 11.60 8.68 -2.93
CA ALA D 33 10.70 7.60 -3.29
C ALA D 33 11.44 6.44 -3.98
N TYR D 34 12.38 6.76 -4.89
CA TYR D 34 13.16 5.72 -5.56
C TYR D 34 14.11 4.99 -4.60
N SER D 35 14.66 5.70 -3.61
CA SER D 35 15.53 5.09 -2.59
C SER D 35 14.70 4.11 -1.74
N SER D 36 13.47 4.50 -1.39
CA SER D 36 12.54 3.68 -0.64
C SER D 36 12.20 2.39 -1.43
N ILE D 37 12.00 2.52 -2.76
CA ILE D 37 11.72 1.38 -3.64
C ILE D 37 12.89 0.38 -3.62
N LEU D 38 14.14 0.88 -3.67
CA LEU D 38 15.33 0.02 -3.59
C LEU D 38 15.35 -0.83 -2.31
N SER D 39 15.02 -0.22 -1.17
CA SER D 39 14.95 -0.92 0.11
C SER D 39 13.78 -1.91 0.13
N SER D 40 12.61 -1.50 -0.37
CA SER D 40 11.42 -2.35 -0.40
C SER D 40 11.53 -3.55 -1.34
N LEU D 41 12.48 -3.51 -2.29
CA LEU D 41 12.70 -4.65 -3.18
C LEU D 41 13.66 -5.68 -2.56
N GLY D 42 14.25 -5.38 -1.41
CA GLY D 42 15.23 -6.24 -0.77
C GLY D 42 16.65 -5.88 -1.16
N GLU D 43 16.84 -4.79 -1.93
CA GLU D 43 18.16 -4.37 -2.35
C GLU D 43 18.86 -3.51 -1.30
N ASN D 44 20.17 -3.31 -1.49
CA ASN D 44 20.96 -2.51 -0.58
C ASN D 44 21.25 -1.18 -1.26
N PRO D 45 20.55 -0.08 -0.88
CA PRO D 45 20.81 1.23 -1.52
C PRO D 45 22.22 1.75 -1.32
N GLN D 46 23.01 1.14 -0.41
CA GLN D 46 24.37 1.58 -0.12
C GLN D 46 25.42 0.91 -1.01
N ARG D 47 25.08 -0.17 -1.73
CA ARG D 47 26.05 -0.81 -2.62
C ARG D 47 26.39 0.14 -3.78
N GLN D 48 27.64 0.09 -4.25
CA GLN D 48 28.18 0.97 -5.26
C GLN D 48 27.28 1.22 -6.48
N GLY D 49 26.71 0.15 -7.04
CA GLY D 49 25.86 0.27 -8.21
C GLY D 49 24.54 0.98 -7.98
N LEU D 50 24.11 1.13 -6.71
CA LEU D 50 22.84 1.76 -6.39
C LEU D 50 22.92 3.14 -5.74
N LEU D 51 24.12 3.59 -5.34
CA LEU D 51 24.30 4.86 -4.63
C LEU D 51 23.64 6.10 -5.31
N LYS D 52 23.80 6.23 -6.62
CA LYS D 52 23.24 7.36 -7.33
C LYS D 52 21.89 7.10 -8.00
N THR D 53 21.45 5.84 -7.99
CA THR D 53 20.21 5.41 -8.61
C THR D 53 18.97 6.25 -8.21
N PRO D 54 18.72 6.61 -6.93
CA PRO D 54 17.54 7.45 -6.65
C PRO D 54 17.48 8.74 -7.48
N TRP D 55 18.63 9.37 -7.72
CA TRP D 55 18.72 10.62 -8.50
C TRP D 55 18.62 10.39 -10.00
N ARG D 56 19.28 9.36 -10.50
CA ARG D 56 19.23 9.10 -11.92
C ARG D 56 17.86 8.56 -12.36
N ALA D 57 17.25 7.73 -11.53
CA ALA D 57 15.91 7.23 -11.83
C ALA D 57 14.92 8.40 -11.83
N ALA D 58 15.07 9.32 -10.85
CA ALA D 58 14.19 10.49 -10.74
C ALA D 58 14.34 11.39 -11.98
N SER D 59 15.58 11.66 -12.43
CA SER D 59 15.82 12.50 -13.62
C SER D 59 15.27 11.81 -14.88
N ALA D 60 15.47 10.48 -15.01
CA ALA D 60 14.96 9.74 -16.17
C ALA D 60 13.43 9.83 -16.22
N MET D 61 12.74 9.67 -15.08
CA MET D 61 11.29 9.77 -15.00
C MET D 61 10.78 11.19 -15.34
N GLN D 62 11.52 12.24 -14.95
CA GLN D 62 11.16 13.61 -15.31
C GLN D 62 11.33 13.81 -16.83
N PHE D 63 12.35 13.20 -17.43
CA PHE D 63 12.55 13.28 -18.88
C PHE D 63 11.43 12.52 -19.61
N PHE D 64 11.06 11.32 -19.12
CA PHE D 64 9.97 10.54 -19.72
C PHE D 64 8.63 11.29 -19.64
N THR D 65 8.46 12.21 -18.68
CA THR D 65 7.22 12.98 -18.56
C THR D 65 7.40 14.48 -18.86
N LYS D 66 8.44 14.86 -19.64
CA LYS D 66 8.71 16.25 -19.99
C LYS D 66 7.63 16.90 -20.89
N GLY D 67 6.73 16.10 -21.47
CA GLY D 67 5.64 16.62 -22.29
C GLY D 67 4.65 17.47 -21.52
N TYR D 68 4.56 17.26 -20.19
CA TYR D 68 3.70 18.08 -19.33
C TYR D 68 4.24 19.53 -19.25
N GLN D 69 5.53 19.74 -19.51
CA GLN D 69 6.16 21.07 -19.49
C GLN D 69 5.91 21.87 -20.80
N GLU D 70 5.31 21.25 -21.84
CA GLU D 70 5.21 21.90 -23.14
C GLU D 70 3.81 22.30 -23.54
N THR D 71 3.71 23.33 -24.40
CA THR D 71 2.44 23.76 -25.00
C THR D 71 2.57 23.66 -26.52
N ILE D 72 1.47 23.38 -27.23
CA ILE D 72 1.49 23.27 -28.69
C ILE D 72 2.05 24.53 -29.35
N SER D 73 1.64 25.71 -28.90
CA SER D 73 2.12 26.97 -29.48
C SER D 73 3.63 27.15 -29.40
N ASP D 74 4.25 26.85 -28.25
CA ASP D 74 5.70 26.97 -28.12
C ASP D 74 6.41 25.95 -29.01
N VAL D 75 5.88 24.73 -29.03
CA VAL D 75 6.43 23.64 -29.82
C VAL D 75 6.40 23.93 -31.33
N LEU D 76 5.30 24.52 -31.82
CA LEU D 76 5.13 24.85 -33.23
C LEU D 76 6.10 25.90 -33.69
N ASN D 77 6.38 26.82 -32.77
CA ASN D 77 7.30 27.91 -32.96
C ASN D 77 7.12 28.66 -34.25
N ASP D 78 5.86 28.97 -34.65
CA ASP D 78 5.48 29.71 -35.85
C ASP D 78 5.90 29.00 -37.15
N ALA D 79 6.15 27.70 -37.15
CA ALA D 79 6.60 26.99 -38.33
C ALA D 79 5.42 26.50 -39.14
N ILE D 80 4.61 27.45 -39.55
CA ILE D 80 3.44 27.22 -40.38
C ILE D 80 3.68 28.06 -41.61
N PHE D 81 3.81 27.37 -42.74
CA PHE D 81 4.10 28.01 -43.99
C PHE D 81 2.82 28.22 -44.78
N ASP D 82 2.76 29.36 -45.45
CA ASP D 82 1.59 29.73 -46.23
C ASP D 82 1.86 29.67 -47.70
N GLU D 83 2.53 28.60 -48.11
CA GLU D 83 2.86 28.34 -49.49
C GLU D 83 1.96 27.19 -49.83
N ASP D 84 0.94 27.45 -50.66
CA ASP D 84 -0.09 26.49 -51.03
C ASP D 84 0.45 25.14 -51.45
N HIS D 85 -0.28 24.11 -51.08
CA HIS D 85 0.01 22.73 -51.41
C HIS D 85 -1.31 22.02 -51.16
N ASP D 86 -1.86 21.42 -52.19
CA ASP D 86 -3.15 20.73 -52.09
C ASP D 86 -2.96 19.22 -52.28
N GLU D 87 -1.84 18.69 -51.76
CA GLU D 87 -1.45 17.30 -51.89
C GLU D 87 -1.07 16.64 -50.55
N MET D 88 -1.07 15.31 -50.49
CA MET D 88 -0.81 14.59 -49.25
C MET D 88 0.63 14.66 -48.73
N VAL D 89 0.76 14.97 -47.42
CA VAL D 89 2.04 15.07 -46.76
C VAL D 89 2.07 14.03 -45.66
N ILE D 90 3.15 13.23 -45.61
CA ILE D 90 3.29 12.22 -44.60
C ILE D 90 4.65 12.31 -43.93
N VAL D 91 4.70 12.13 -42.61
CA VAL D 91 5.96 11.93 -41.90
C VAL D 91 5.74 10.59 -41.21
N LYS D 92 6.45 9.56 -41.65
CA LYS D 92 6.29 8.22 -41.12
C LYS D 92 7.53 7.74 -40.37
N ASP D 93 7.38 6.62 -39.62
CA ASP D 93 8.47 6.01 -38.85
C ASP D 93 9.05 6.94 -37.81
N ILE D 94 8.20 7.75 -37.19
CA ILE D 94 8.66 8.63 -36.11
C ILE D 94 8.79 7.76 -34.87
N ASP D 95 10.04 7.57 -34.37
CA ASP D 95 10.29 6.81 -33.15
C ASP D 95 9.54 7.40 -31.98
N MET D 96 8.88 6.53 -31.23
CA MET D 96 8.00 6.99 -30.17
C MET D 96 8.27 6.22 -28.90
N PHE D 97 8.41 6.94 -27.78
CA PHE D 97 8.67 6.32 -26.49
C PHE D 97 7.71 6.94 -25.48
N SER D 98 6.83 6.12 -24.93
CA SER D 98 5.85 6.59 -23.96
C SER D 98 5.88 5.72 -22.71
N MET D 99 5.03 6.05 -21.75
CA MET D 99 4.96 5.32 -20.51
C MET D 99 3.51 4.93 -20.24
N CYS D 100 3.26 3.66 -19.97
CA CYS D 100 1.92 3.21 -19.64
C CYS D 100 1.51 3.81 -18.30
N GLU D 101 0.35 4.46 -18.25
CA GLU D 101 -0.08 5.09 -17.00
C GLU D 101 -0.57 4.08 -15.98
N HIS D 102 -0.97 2.89 -16.41
CA HIS D 102 -1.45 1.88 -15.49
C HIS D 102 -0.35 1.08 -14.78
N HIS D 103 0.81 0.94 -15.41
CA HIS D 103 1.89 0.16 -14.80
C HIS D 103 3.20 0.91 -14.60
N LEU D 104 3.33 2.09 -15.19
CA LEU D 104 4.55 2.91 -15.20
C LEU D 104 5.70 2.14 -15.80
N VAL D 105 5.43 1.52 -16.95
CA VAL D 105 6.38 0.74 -17.70
C VAL D 105 6.34 1.26 -19.15
N PRO D 106 7.49 1.41 -19.84
CA PRO D 106 7.44 1.95 -21.22
C PRO D 106 6.65 1.16 -22.26
N PHE D 107 6.12 1.89 -23.24
CA PHE D 107 5.56 1.32 -24.45
C PHE D 107 6.19 2.11 -25.58
N VAL D 108 6.79 1.42 -26.54
CA VAL D 108 7.59 2.07 -27.55
C VAL D 108 7.27 1.58 -28.94
N GLY D 109 7.44 2.46 -29.92
CA GLY D 109 7.19 2.08 -31.30
C GLY D 109 7.36 3.21 -32.29
N LYS D 110 6.40 3.34 -33.21
CA LYS D 110 6.44 4.32 -34.27
C LYS D 110 5.08 4.96 -34.46
N VAL D 111 5.11 6.21 -34.95
CA VAL D 111 3.94 6.99 -35.31
C VAL D 111 4.09 7.34 -36.79
N HIS D 112 2.99 7.25 -37.53
CA HIS D 112 2.95 7.60 -38.94
C HIS D 112 1.83 8.62 -39.06
N ILE D 113 2.16 9.81 -39.56
CA ILE D 113 1.20 10.90 -39.66
C ILE D 113 1.01 11.32 -41.11
N GLY D 114 -0.23 11.53 -41.50
CA GLY D 114 -0.54 12.01 -42.83
C GLY D 114 -1.57 13.13 -42.71
N TYR D 115 -1.52 14.09 -43.63
CA TYR D 115 -2.52 15.14 -43.65
C TYR D 115 -2.64 15.75 -45.04
N LEU D 116 -3.79 16.35 -45.30
CA LEU D 116 -4.07 17.03 -46.54
C LEU D 116 -4.18 18.51 -46.16
N PRO D 117 -3.20 19.34 -46.56
CA PRO D 117 -3.25 20.75 -46.19
C PRO D 117 -4.41 21.51 -46.82
N ASN D 118 -4.71 22.64 -46.19
CA ASN D 118 -5.74 23.56 -46.64
C ASN D 118 -5.06 24.93 -46.61
N LYS D 119 -4.15 25.15 -47.57
CA LYS D 119 -3.34 26.38 -47.72
C LYS D 119 -2.28 26.62 -46.60
N GLN D 120 -2.28 25.85 -45.49
CA GLN D 120 -1.25 25.99 -44.46
C GLN D 120 -0.51 24.65 -44.34
N VAL D 121 0.81 24.73 -44.47
CA VAL D 121 1.66 23.58 -44.37
C VAL D 121 2.54 23.70 -43.13
N LEU D 122 2.54 22.66 -42.31
CA LEU D 122 3.34 22.64 -41.10
C LEU D 122 4.79 22.20 -41.32
N GLY D 123 5.68 22.72 -40.50
CA GLY D 123 7.06 22.34 -40.56
C GLY D 123 7.16 20.86 -40.25
N LEU D 124 7.86 20.13 -41.11
CA LEU D 124 8.02 18.69 -40.98
C LEU D 124 8.41 18.21 -39.59
N SER D 125 9.44 18.84 -39.01
CA SER D 125 9.89 18.49 -37.68
C SER D 125 8.82 18.68 -36.59
N LYS D 126 7.96 19.69 -36.75
CA LYS D 126 6.89 19.94 -35.79
C LYS D 126 5.93 18.75 -35.66
N LEU D 127 5.74 17.96 -36.71
CA LEU D 127 4.85 16.79 -36.58
C LEU D 127 5.47 15.81 -35.57
N ALA D 128 6.81 15.62 -35.62
CA ALA D 128 7.52 14.78 -34.65
C ALA D 128 7.53 15.45 -33.26
N ARG D 129 7.62 16.78 -33.20
CA ARG D 129 7.57 17.49 -31.93
C ARG D 129 6.19 17.33 -31.27
N ILE D 130 5.13 17.28 -32.09
CA ILE D 130 3.78 17.06 -31.58
C ILE D 130 3.73 15.65 -30.96
N VAL D 131 4.35 14.65 -31.60
CA VAL D 131 4.42 13.29 -31.04
C VAL D 131 5.11 13.33 -29.65
N GLU D 132 6.22 14.09 -29.53
CA GLU D 132 6.94 14.27 -28.26
C GLU D 132 6.10 14.91 -27.15
N ILE D 133 5.29 15.96 -27.43
CA ILE D 133 4.46 16.61 -26.40
C ILE D 133 3.58 15.57 -25.68
N TYR D 134 2.89 14.71 -26.46
CA TYR D 134 1.94 13.81 -25.86
C TYR D 134 2.52 12.48 -25.43
N SER D 135 3.54 11.98 -26.11
CA SER D 135 4.11 10.69 -25.77
C SER D 135 4.99 10.76 -24.54
N ARG D 136 5.60 11.94 -24.25
CA ARG D 136 6.41 12.05 -23.06
C ARG D 136 5.49 12.43 -21.88
N ARG D 137 4.57 11.54 -21.56
CA ARG D 137 3.59 11.68 -20.49
C ARG D 137 3.20 10.23 -20.09
N LEU D 138 2.43 10.10 -19.00
CA LEU D 138 1.83 8.82 -18.61
C LEU D 138 0.60 8.72 -19.52
N GLN D 139 0.52 7.63 -20.27
CA GLN D 139 -0.51 7.52 -21.27
C GLN D 139 -1.19 6.20 -21.48
N VAL D 140 -2.11 6.24 -22.44
CA VAL D 140 -2.82 5.10 -22.97
C VAL D 140 -2.70 5.31 -24.47
N GLN D 141 -2.42 4.24 -25.19
CA GLN D 141 -2.23 4.36 -26.63
C GLN D 141 -3.35 5.05 -27.39
N GLU D 142 -4.60 4.75 -27.03
CA GLU D 142 -5.76 5.36 -27.68
C GLU D 142 -5.83 6.88 -27.52
N ARG D 143 -5.54 7.35 -26.32
CA ARG D 143 -5.57 8.79 -26.06
C ARG D 143 -4.40 9.46 -26.79
N LEU D 144 -3.22 8.86 -26.76
CA LEU D 144 -2.03 9.42 -27.41
C LEU D 144 -2.26 9.64 -28.93
N THR D 145 -2.86 8.63 -29.59
CA THR D 145 -3.17 8.64 -30.99
C THR D 145 -4.11 9.78 -31.34
N LYS D 146 -5.17 9.93 -30.53
CA LYS D 146 -6.18 10.96 -30.72
C LYS D 146 -5.60 12.37 -30.50
N GLN D 147 -4.80 12.56 -29.41
CA GLN D 147 -4.19 13.87 -29.11
C GLN D 147 -3.30 14.38 -30.25
N ILE D 148 -2.48 13.52 -30.84
CA ILE D 148 -1.63 13.92 -31.98
C ILE D 148 -2.52 14.41 -33.16
N ALA D 149 -3.56 13.64 -33.52
CA ALA D 149 -4.46 14.03 -34.61
C ALA D 149 -5.24 15.33 -34.34
N VAL D 150 -5.74 15.49 -33.10
CA VAL D 150 -6.47 16.68 -32.72
C VAL D 150 -5.55 17.93 -32.71
N ALA D 151 -4.32 17.78 -32.18
CA ALA D 151 -3.38 18.90 -32.14
C ALA D 151 -3.06 19.41 -33.56
N ILE D 152 -2.84 18.51 -34.51
CA ILE D 152 -2.55 18.89 -35.91
C ILE D 152 -3.78 19.54 -36.53
N THR D 153 -4.95 18.98 -36.28
CA THR D 153 -6.21 19.52 -36.81
C THR D 153 -6.43 20.97 -36.34
N GLU D 154 -6.24 21.22 -35.04
CA GLU D 154 -6.46 22.54 -34.48
C GLU D 154 -5.38 23.55 -34.88
N ALA D 155 -4.14 23.11 -35.05
CA ALA D 155 -3.05 24.01 -35.41
C ALA D 155 -3.10 24.44 -36.89
N LEU D 156 -3.45 23.50 -37.78
CA LEU D 156 -3.40 23.75 -39.21
C LEU D 156 -4.71 23.95 -39.89
N ARG D 157 -5.82 23.47 -39.29
CA ARG D 157 -7.14 23.46 -39.92
C ARG D 157 -7.09 22.82 -41.31
N PRO D 158 -6.54 21.59 -41.44
CA PRO D 158 -6.39 20.99 -42.76
C PRO D 158 -7.68 20.32 -43.23
N ALA D 159 -7.70 19.80 -44.47
CA ALA D 159 -8.86 19.06 -44.96
C ALA D 159 -9.05 17.75 -44.14
N GLY D 160 -7.95 17.17 -43.62
CA GLY D 160 -8.00 15.97 -42.80
C GLY D 160 -6.64 15.53 -42.28
N VAL D 161 -6.65 14.66 -41.26
CA VAL D 161 -5.45 14.12 -40.64
C VAL D 161 -5.65 12.62 -40.36
N GLY D 162 -4.59 11.83 -40.54
CA GLY D 162 -4.58 10.42 -40.22
C GLY D 162 -3.36 10.15 -39.35
N VAL D 163 -3.54 9.40 -38.26
CA VAL D 163 -2.44 9.07 -37.36
C VAL D 163 -2.50 7.56 -37.06
N VAL D 164 -1.38 6.85 -37.24
CA VAL D 164 -1.31 5.44 -36.92
C VAL D 164 -0.15 5.27 -35.93
N VAL D 165 -0.42 4.63 -34.77
CA VAL D 165 0.63 4.36 -33.78
C VAL D 165 0.78 2.85 -33.67
N GLU D 166 2.01 2.35 -33.82
CA GLU D 166 2.28 0.92 -33.61
C GLU D 166 3.28 0.84 -32.47
N ALA D 167 2.98 0.06 -31.44
CA ALA D 167 3.85 -0.01 -30.29
C ALA D 167 3.89 -1.37 -29.63
N THR D 168 5.02 -1.68 -29.03
CA THR D 168 5.22 -2.86 -28.21
C THR D 168 5.02 -2.34 -26.78
N HIS D 169 4.12 -2.97 -26.05
CA HIS D 169 3.93 -2.59 -24.68
C HIS D 169 4.75 -3.57 -23.87
N MET D 170 5.72 -3.08 -23.09
CA MET D 170 6.55 -3.93 -22.25
C MET D 170 5.74 -4.63 -21.14
N CYS D 171 4.61 -4.07 -20.71
CA CYS D 171 3.69 -4.71 -19.79
C CYS D 171 3.05 -6.00 -20.36
N MET D 172 3.03 -6.16 -21.70
CA MET D 172 2.54 -7.38 -22.32
C MET D 172 3.66 -8.34 -22.72
N VAL D 173 4.95 -7.93 -22.64
CA VAL D 173 6.03 -8.82 -23.07
C VAL D 173 6.90 -9.27 -21.86
N MET D 174 7.32 -8.34 -20.96
CA MET D 174 8.15 -8.61 -19.79
C MET D 174 7.38 -9.15 -18.59
N ARG D 175 6.06 -9.14 -18.66
CA ARG D 175 5.20 -9.58 -17.56
C ARG D 175 3.78 -9.82 -18.08
N GLY D 176 2.86 -10.03 -17.15
CA GLY D 176 1.47 -10.27 -17.48
C GLY D 176 1.31 -11.44 -18.43
N VAL D 177 0.68 -11.18 -19.57
CA VAL D 177 0.46 -12.21 -20.59
C VAL D 177 1.72 -12.75 -21.21
N GLN D 178 2.81 -11.96 -21.20
CA GLN D 178 4.12 -12.34 -21.75
C GLN D 178 4.03 -12.88 -23.20
N LYS D 179 3.40 -12.10 -24.09
CA LYS D 179 3.28 -12.42 -25.51
C LYS D 179 4.38 -11.56 -26.20
N MET D 180 5.58 -12.12 -26.34
N MET D 180 5.56 -12.17 -26.39
CA MET D 180 6.79 -11.44 -26.84
CA MET D 180 6.80 -11.65 -26.95
C MET D 180 6.64 -10.75 -28.22
C MET D 180 6.64 -10.83 -28.23
N ASN D 181 5.80 -11.28 -29.14
CA ASN D 181 5.62 -10.62 -30.42
C ASN D 181 4.45 -9.65 -30.50
N SER D 182 3.61 -9.55 -29.45
CA SER D 182 2.41 -8.71 -29.52
C SER D 182 2.72 -7.24 -29.82
N LYS D 183 1.86 -6.62 -30.65
CA LYS D 183 1.99 -5.22 -30.99
C LYS D 183 0.62 -4.61 -30.99
N THR D 184 0.50 -3.38 -30.50
CA THR D 184 -0.78 -2.68 -30.54
C THR D 184 -0.72 -1.65 -31.65
N VAL D 185 -1.73 -1.65 -32.52
CA VAL D 185 -1.86 -0.67 -33.57
C VAL D 185 -3.13 0.14 -33.36
N THR D 186 -3.02 1.47 -33.21
CA THR D 186 -4.19 2.33 -33.04
C THR D 186 -4.21 3.33 -34.20
N SER D 187 -5.40 3.70 -34.62
CA SER D 187 -5.57 4.55 -35.78
C SER D 187 -6.59 5.65 -35.50
N THR D 188 -6.33 6.89 -35.92
CA THR D 188 -7.27 7.98 -35.81
C THR D 188 -7.35 8.66 -37.17
N MET D 189 -8.55 8.77 -37.75
CA MET D 189 -8.76 9.38 -39.06
C MET D 189 -9.78 10.51 -38.89
N LEU D 190 -9.39 11.76 -39.17
CA LEU D 190 -10.27 12.93 -39.01
C LEU D 190 -10.46 13.65 -40.35
N GLY D 191 -11.56 14.40 -40.48
CA GLY D 191 -11.86 15.15 -41.70
C GLY D 191 -11.94 14.25 -42.92
N VAL D 192 -11.28 14.63 -44.04
CA VAL D 192 -11.31 13.79 -45.26
C VAL D 192 -10.67 12.42 -45.08
N PHE D 193 -9.79 12.22 -44.07
CA PHE D 193 -9.20 10.90 -43.86
C PHE D 193 -10.27 9.90 -43.35
N ARG D 194 -11.33 10.39 -42.69
CA ARG D 194 -12.42 9.55 -42.26
C ARG D 194 -13.49 9.51 -43.37
N GLU D 195 -13.89 10.67 -43.91
CA GLU D 195 -14.98 10.75 -44.88
C GLU D 195 -14.66 10.21 -46.27
N ASP D 196 -13.42 10.34 -46.74
CA ASP D 196 -13.04 9.86 -48.04
C ASP D 196 -12.15 8.62 -47.90
N PRO D 197 -12.69 7.43 -48.21
CA PRO D 197 -11.87 6.22 -48.13
C PRO D 197 -10.68 6.24 -49.07
N LYS D 198 -10.75 6.98 -50.21
CA LYS D 198 -9.66 7.07 -51.17
C LYS D 198 -8.46 7.80 -50.61
N THR D 199 -8.70 8.83 -49.79
CA THR D 199 -7.62 9.57 -49.12
C THR D 199 -6.97 8.66 -48.08
N ARG D 200 -7.80 7.97 -47.27
CA ARG D 200 -7.27 7.06 -46.26
C ARG D 200 -6.46 5.91 -46.87
N GLU D 201 -6.92 5.37 -48.00
CA GLU D 201 -6.22 4.28 -48.69
C GLU D 201 -4.88 4.74 -49.24
N GLU D 202 -4.81 5.99 -49.76
CA GLU D 202 -3.53 6.51 -50.25
C GLU D 202 -2.54 6.62 -49.09
N PHE D 203 -3.01 7.15 -47.95
CA PHE D 203 -2.21 7.27 -46.74
C PHE D 203 -1.67 5.90 -46.29
N LEU D 204 -2.55 4.88 -46.17
CA LEU D 204 -2.10 3.56 -45.70
C LEU D 204 -1.18 2.86 -46.72
N THR D 205 -1.36 3.11 -48.02
CA THR D 205 -0.46 2.54 -49.03
C THR D 205 0.94 3.19 -48.91
N LEU D 206 0.98 4.53 -48.70
CA LEU D 206 2.24 5.25 -48.64
C LEU D 206 3.02 5.05 -47.34
N ILE D 207 2.37 4.54 -46.25
CA ILE D 207 3.11 4.31 -45.01
C ILE D 207 3.74 2.92 -44.95
N ARG D 208 3.55 2.05 -45.96
CA ARG D 208 4.15 0.70 -45.96
C ARG D 208 5.67 0.73 -46.21
N PRO E 17 -16.42 -24.94 -14.44
CA PRO E 17 -15.02 -24.79 -14.87
C PRO E 17 -14.09 -25.70 -14.10
N ARG E 18 -13.07 -26.25 -14.77
CA ARG E 18 -12.11 -27.14 -14.12
C ARG E 18 -11.36 -26.40 -13.00
N SER E 19 -11.18 -27.05 -11.84
CA SER E 19 -10.57 -26.40 -10.68
C SER E 19 -9.17 -26.95 -10.40
N GLU E 20 -8.40 -26.27 -9.53
CA GLU E 20 -7.08 -26.74 -9.12
C GLU E 20 -7.19 -28.03 -8.28
N GLU E 21 -8.33 -28.24 -7.59
CA GLU E 21 -8.59 -29.45 -6.81
C GLU E 21 -8.82 -30.62 -7.77
N ASP E 22 -9.56 -30.39 -8.87
CA ASP E 22 -9.78 -31.38 -9.93
C ASP E 22 -8.44 -31.79 -10.54
N ASN E 23 -7.53 -30.82 -10.75
CA ASN E 23 -6.22 -31.08 -11.30
C ASN E 23 -5.42 -32.01 -10.40
N GLU E 24 -5.41 -31.75 -9.08
CA GLU E 24 -4.67 -32.58 -8.12
C GLU E 24 -5.24 -33.99 -8.07
N LEU E 25 -6.57 -34.12 -8.09
CA LEU E 25 -7.25 -35.41 -8.04
C LEU E 25 -7.06 -36.25 -9.30
N ASN E 26 -7.03 -35.59 -10.47
CA ASN E 26 -6.89 -36.29 -11.73
C ASN E 26 -5.45 -36.50 -12.19
N LEU E 27 -4.47 -35.81 -11.57
CA LEU E 27 -3.07 -35.96 -11.92
C LEU E 27 -2.60 -37.43 -11.86
N PRO E 28 -2.89 -38.22 -10.80
CA PRO E 28 -2.45 -39.63 -10.80
C PRO E 28 -3.08 -40.47 -11.92
N ASN E 29 -4.34 -40.20 -12.29
CA ASN E 29 -5.02 -40.90 -13.37
C ASN E 29 -4.38 -40.58 -14.72
N LEU E 30 -4.00 -39.32 -14.93
CA LEU E 30 -3.33 -38.90 -16.14
C LEU E 30 -1.94 -39.57 -16.19
N ALA E 31 -1.20 -39.54 -15.09
CA ALA E 31 0.12 -40.17 -15.03
C ALA E 31 0.05 -41.69 -15.30
N ALA E 32 -0.99 -42.38 -14.78
CA ALA E 32 -1.18 -43.81 -15.03
C ALA E 32 -1.42 -44.06 -16.53
N ALA E 33 -2.21 -43.20 -17.18
CA ALA E 33 -2.47 -43.31 -18.61
C ALA E 33 -1.18 -43.05 -19.44
N TYR E 34 -0.37 -42.04 -19.06
CA TYR E 34 0.88 -41.77 -19.76
C TYR E 34 1.93 -42.87 -19.56
N SER E 35 1.95 -43.50 -18.38
CA SER E 35 2.84 -44.62 -18.08
C SER E 35 2.45 -45.82 -18.96
N SER E 36 1.15 -46.05 -19.11
CA SER E 36 0.60 -47.10 -19.97
C SER E 36 1.02 -46.85 -21.45
N ILE E 37 0.98 -45.59 -21.91
CA ILE E 37 1.39 -45.21 -23.26
C ILE E 37 2.87 -45.55 -23.50
N LEU E 38 3.74 -45.25 -22.53
CA LEU E 38 5.16 -45.61 -22.61
C LEU E 38 5.37 -47.11 -22.83
N SER E 39 4.65 -47.95 -22.07
CA SER E 39 4.73 -49.40 -22.19
C SER E 39 4.17 -49.86 -23.54
N SER E 40 3.03 -49.30 -23.97
CA SER E 40 2.40 -49.67 -25.23
C SER E 40 3.20 -49.26 -26.46
N LEU E 41 4.11 -48.30 -26.34
CA LEU E 41 4.98 -47.91 -27.45
C LEU E 41 6.23 -48.82 -27.57
N GLY E 42 6.42 -49.75 -26.63
CA GLY E 42 7.60 -50.60 -26.59
C GLY E 42 8.72 -50.02 -25.74
N GLU E 43 8.49 -48.88 -25.08
CA GLU E 43 9.50 -48.26 -24.25
C GLU E 43 9.56 -48.85 -22.85
N ASN E 44 10.63 -48.52 -22.12
CA ASN E 44 10.83 -48.98 -20.77
C ASN E 44 10.56 -47.81 -19.82
N PRO E 45 9.38 -47.79 -19.14
CA PRO E 45 9.10 -46.69 -18.19
C PRO E 45 10.06 -46.60 -17.02
N GLN E 46 10.89 -47.63 -16.81
CA GLN E 46 11.85 -47.63 -15.70
C GLN E 46 13.20 -47.00 -16.04
N ARG E 47 13.50 -46.77 -17.34
CA ARG E 47 14.78 -46.14 -17.69
C ARG E 47 14.84 -44.68 -17.19
N GLN E 48 16.03 -44.20 -16.84
CA GLN E 48 16.23 -42.88 -16.23
C GLN E 48 15.49 -41.73 -16.92
N GLY E 49 15.58 -41.66 -18.24
CA GLY E 49 14.93 -40.59 -19.00
C GLY E 49 13.40 -40.61 -18.96
N LEU E 50 12.79 -41.75 -18.60
CA LEU E 50 11.34 -41.89 -18.59
C LEU E 50 10.69 -41.99 -17.19
N LEU E 51 11.49 -42.09 -16.11
CA LEU E 51 10.95 -42.27 -14.75
C LEU E 51 9.89 -41.22 -14.35
N LYS E 52 10.14 -39.97 -14.61
CA LYS E 52 9.20 -38.92 -14.25
C LYS E 52 8.25 -38.49 -15.36
N THR E 53 8.42 -39.04 -16.55
CA THR E 53 7.63 -38.69 -17.73
C THR E 53 6.11 -38.81 -17.51
N PRO E 54 5.54 -39.87 -16.88
CA PRO E 54 4.09 -39.90 -16.67
C PRO E 54 3.55 -38.64 -15.97
N TRP E 55 4.29 -38.12 -14.97
CA TRP E 55 3.91 -36.94 -14.21
C TRP E 55 4.14 -35.64 -14.98
N ARG E 56 5.27 -35.52 -15.67
CA ARG E 56 5.57 -34.32 -16.43
C ARG E 56 4.64 -34.18 -17.65
N ALA E 57 4.38 -35.28 -18.33
CA ALA E 57 3.47 -35.27 -19.49
C ALA E 57 2.05 -34.94 -18.99
N ALA E 58 1.64 -35.45 -17.83
CA ALA E 58 0.32 -35.15 -17.25
C ALA E 58 0.18 -33.65 -16.92
N SER E 59 1.21 -33.06 -16.25
CA SER E 59 1.24 -31.63 -15.91
C SER E 59 1.22 -30.76 -17.16
N ALA E 60 2.00 -31.14 -18.19
CA ALA E 60 2.03 -30.40 -19.46
C ALA E 60 0.66 -30.40 -20.10
N MET E 61 -0.02 -31.54 -20.15
CA MET E 61 -1.36 -31.64 -20.74
C MET E 61 -2.41 -30.81 -19.96
N GLN E 62 -2.27 -30.73 -18.63
CA GLN E 62 -3.16 -29.90 -17.82
C GLN E 62 -2.89 -28.43 -18.13
N PHE E 63 -1.62 -28.03 -18.32
CA PHE E 63 -1.29 -26.66 -18.66
C PHE E 63 -1.83 -26.32 -20.06
N PHE E 64 -1.69 -27.24 -21.04
CA PHE E 64 -2.18 -27.01 -22.41
C PHE E 64 -3.70 -26.87 -22.44
N THR E 65 -4.43 -27.41 -21.45
CA THR E 65 -5.88 -27.31 -21.39
C THR E 65 -6.37 -26.47 -20.19
N LYS E 66 -5.52 -25.56 -19.68
CA LYS E 66 -5.88 -24.70 -18.53
C LYS E 66 -7.01 -23.70 -18.82
N GLY E 67 -7.36 -23.50 -20.09
CA GLY E 67 -8.44 -22.62 -20.49
C GLY E 67 -9.80 -23.09 -20.00
N TYR E 68 -9.94 -24.40 -19.74
CA TYR E 68 -11.18 -24.94 -19.17
C TYR E 68 -11.39 -24.46 -17.71
N GLN E 69 -10.32 -24.05 -17.03
CA GLN E 69 -10.37 -23.53 -15.66
C GLN E 69 -10.80 -22.03 -15.61
N GLU E 70 -10.91 -21.35 -16.76
CA GLU E 70 -11.18 -19.92 -16.79
C GLU E 70 -12.55 -19.53 -17.30
N THR E 71 -13.03 -18.35 -16.89
CA THR E 71 -14.26 -17.76 -17.36
C THR E 71 -13.93 -16.36 -17.91
N ILE E 72 -14.69 -15.87 -18.91
CA ILE E 72 -14.48 -14.55 -19.50
C ILE E 72 -14.50 -13.44 -18.45
N SER E 73 -15.48 -13.47 -17.53
CA SER E 73 -15.58 -12.44 -16.50
C SER E 73 -14.34 -12.32 -15.63
N ASP E 74 -13.77 -13.44 -15.17
CA ASP E 74 -12.57 -13.40 -14.35
C ASP E 74 -11.37 -12.86 -15.16
N VAL E 75 -11.25 -13.30 -16.39
CA VAL E 75 -10.18 -12.90 -17.29
C VAL E 75 -10.23 -11.41 -17.60
N LEU E 76 -11.43 -10.85 -17.82
CA LEU E 76 -11.59 -9.43 -18.12
C LEU E 76 -11.15 -8.56 -16.95
N ASN E 77 -11.45 -9.05 -15.75
CA ASN E 77 -11.13 -8.42 -14.48
C ASN E 77 -11.50 -6.95 -14.41
N ASP E 78 -12.67 -6.60 -14.95
CA ASP E 78 -13.23 -5.24 -14.98
C ASP E 78 -12.35 -4.22 -15.71
N ALA E 79 -11.53 -4.67 -16.67
CA ALA E 79 -10.64 -3.82 -17.43
C ALA E 79 -11.37 -3.29 -18.64
N ILE E 80 -12.44 -2.58 -18.35
CA ILE E 80 -13.25 -1.96 -19.39
C ILE E 80 -13.31 -0.47 -19.04
N PHE E 81 -12.72 0.35 -19.89
CA PHE E 81 -12.66 1.79 -19.69
C PHE E 81 -13.72 2.50 -20.52
N ASP E 82 -14.34 3.53 -19.95
CA ASP E 82 -15.41 4.27 -20.62
C ASP E 82 -14.91 5.48 -21.41
N GLU E 83 -13.67 5.43 -21.93
CA GLU E 83 -13.15 6.54 -22.73
C GLU E 83 -13.85 6.44 -24.11
N ASP E 84 -14.62 7.48 -24.53
CA ASP E 84 -15.28 7.41 -25.82
C ASP E 84 -14.31 7.63 -26.98
N HIS E 85 -13.67 6.54 -27.42
CA HIS E 85 -12.73 6.52 -28.53
C HIS E 85 -13.52 5.94 -29.70
N ASP E 86 -13.54 6.64 -30.85
CA ASP E 86 -14.25 6.11 -32.01
C ASP E 86 -13.27 5.74 -33.10
N GLU E 87 -12.17 5.10 -32.72
CA GLU E 87 -11.12 4.73 -33.65
C GLU E 87 -10.67 3.26 -33.53
N MET E 88 -10.06 2.72 -34.58
CA MET E 88 -9.67 1.32 -34.62
C MET E 88 -8.55 0.92 -33.65
N VAL E 89 -8.77 -0.15 -32.89
CA VAL E 89 -7.81 -0.69 -31.95
C VAL E 89 -7.45 -2.09 -32.40
N ILE E 90 -6.14 -2.38 -32.52
CA ILE E 90 -5.69 -3.68 -32.93
C ILE E 90 -4.61 -4.20 -31.99
N VAL E 91 -4.68 -5.48 -31.64
CA VAL E 91 -3.58 -6.15 -30.96
C VAL E 91 -3.24 -7.32 -31.92
N LYS E 92 -2.07 -7.26 -32.54
CA LYS E 92 -1.67 -8.26 -33.51
C LYS E 92 -0.42 -9.05 -33.03
N ASP E 93 -0.13 -10.15 -33.73
CA ASP E 93 1.01 -11.02 -33.45
C ASP E 93 0.97 -11.62 -32.07
N ILE E 94 -0.24 -11.98 -31.61
CA ILE E 94 -0.39 -12.61 -30.32
C ILE E 94 -0.04 -14.07 -30.52
N ASP E 95 1.04 -14.54 -29.91
CA ASP E 95 1.44 -15.94 -30.01
C ASP E 95 0.35 -16.84 -29.45
N MET E 96 0.01 -17.86 -30.19
CA MET E 96 -1.09 -18.74 -29.86
C MET E 96 -0.61 -20.19 -29.90
N PHE E 97 -0.92 -20.96 -28.87
CA PHE E 97 -0.56 -22.37 -28.78
C PHE E 97 -1.79 -23.12 -28.37
N SER E 98 -2.30 -23.96 -29.26
CA SER E 98 -3.52 -24.72 -28.99
C SER E 98 -3.26 -26.22 -29.20
N MET E 99 -4.31 -27.04 -29.06
CA MET E 99 -4.22 -28.48 -29.19
C MET E 99 -5.33 -28.97 -30.10
N CYS E 100 -5.00 -29.72 -31.12
CA CYS E 100 -6.00 -30.24 -32.00
C CYS E 100 -6.85 -31.29 -31.29
N GLU E 101 -8.17 -31.12 -31.31
CA GLU E 101 -9.04 -32.09 -30.64
C GLU E 101 -9.08 -33.43 -31.34
N HIS E 102 -8.83 -33.47 -32.63
CA HIS E 102 -8.91 -34.72 -33.36
C HIS E 102 -7.68 -35.65 -33.20
N HIS E 103 -6.51 -35.07 -32.99
CA HIS E 103 -5.31 -35.88 -32.86
C HIS E 103 -4.52 -35.69 -31.57
N LEU E 104 -4.87 -34.69 -30.76
CA LEU E 104 -4.16 -34.35 -29.52
C LEU E 104 -2.71 -33.99 -29.79
N VAL E 105 -2.50 -33.19 -30.84
CA VAL E 105 -1.21 -32.72 -31.27
C VAL E 105 -1.30 -31.19 -31.39
N PRO E 106 -0.27 -30.43 -30.99
CA PRO E 106 -0.37 -28.96 -31.06
C PRO E 106 -0.59 -28.34 -32.43
N PHE E 107 -1.25 -27.19 -32.44
CA PHE E 107 -1.33 -26.29 -33.57
C PHE E 107 -0.97 -24.92 -33.01
N VAL E 108 -0.03 -24.26 -33.64
CA VAL E 108 0.55 -23.03 -33.10
C VAL E 108 0.65 -21.95 -34.15
N GLY E 109 0.55 -20.71 -33.71
CA GLY E 109 0.65 -19.57 -34.62
C GLY E 109 0.41 -18.24 -33.95
N LYS E 110 -0.38 -17.40 -34.64
CA LYS E 110 -0.63 -16.02 -34.22
C LYS E 110 -2.08 -15.62 -34.38
N VAL E 111 -2.52 -14.74 -33.52
CA VAL E 111 -3.87 -14.20 -33.57
C VAL E 111 -3.73 -12.70 -33.73
N HIS E 112 -4.54 -12.10 -34.63
CA HIS E 112 -4.56 -10.66 -34.88
C HIS E 112 -6.02 -10.22 -34.65
N ILE E 113 -6.22 -9.32 -33.71
CA ILE E 113 -7.56 -8.86 -33.34
C ILE E 113 -7.71 -7.37 -33.57
N GLY E 114 -8.84 -6.99 -34.13
CA GLY E 114 -9.17 -5.60 -34.34
C GLY E 114 -10.59 -5.35 -33.92
N TYR E 115 -10.86 -4.14 -33.39
CA TYR E 115 -12.23 -3.79 -33.05
C TYR E 115 -12.44 -2.27 -33.13
N LEU E 116 -13.70 -1.88 -33.27
CA LEU E 116 -14.07 -0.48 -33.30
C LEU E 116 -14.93 -0.28 -32.05
N PRO E 117 -14.40 0.38 -31.00
CA PRO E 117 -15.21 0.54 -29.79
C PRO E 117 -16.46 1.38 -30.01
N ASN E 118 -17.47 1.13 -29.19
CA ASN E 118 -18.69 1.90 -29.23
C ASN E 118 -18.55 2.86 -28.04
N LYS E 119 -18.97 2.46 -26.85
CA LYS E 119 -18.82 3.29 -25.65
C LYS E 119 -17.79 2.70 -24.65
N GLN E 120 -17.27 1.49 -24.94
CA GLN E 120 -16.38 0.81 -24.04
C GLN E 120 -15.12 0.33 -24.75
N VAL E 121 -14.00 0.55 -24.09
CA VAL E 121 -12.70 0.18 -24.59
C VAL E 121 -12.11 -0.89 -23.68
N LEU E 122 -11.68 -1.98 -24.25
CA LEU E 122 -11.10 -3.07 -23.48
C LEU E 122 -9.63 -2.87 -23.20
N GLY E 123 -9.18 -3.38 -22.06
CA GLY E 123 -7.79 -3.33 -21.70
C GLY E 123 -6.99 -4.15 -22.69
N LEU E 124 -5.90 -3.58 -23.20
CA LEU E 124 -5.06 -4.21 -24.21
C LEU E 124 -4.71 -5.67 -23.95
N SER E 125 -4.18 -5.96 -22.78
CA SER E 125 -3.80 -7.32 -22.42
C SER E 125 -4.95 -8.33 -22.40
N LYS E 126 -6.15 -7.89 -22.09
CA LYS E 126 -7.29 -8.78 -22.05
C LYS E 126 -7.60 -9.41 -23.41
N LEU E 127 -7.25 -8.73 -24.50
CA LEU E 127 -7.47 -9.32 -25.82
C LEU E 127 -6.58 -10.56 -25.95
N ALA E 128 -5.33 -10.51 -25.45
CA ALA E 128 -4.44 -11.66 -25.43
C ALA E 128 -4.91 -12.71 -24.41
N ARG E 129 -5.46 -12.29 -23.26
CA ARG E 129 -5.98 -13.25 -22.28
C ARG E 129 -7.20 -14.00 -22.83
N ILE E 130 -8.01 -13.32 -23.63
CA ILE E 130 -9.16 -13.96 -24.29
C ILE E 130 -8.63 -15.04 -25.23
N VAL E 131 -7.53 -14.78 -25.95
CA VAL E 131 -6.90 -15.77 -26.81
C VAL E 131 -6.49 -17.01 -25.95
N GLU E 132 -5.90 -16.77 -24.76
CA GLU E 132 -5.50 -17.82 -23.84
C GLU E 132 -6.65 -18.68 -23.31
N ILE E 133 -7.82 -18.10 -23.00
CA ILE E 133 -8.95 -18.89 -22.51
C ILE E 133 -9.34 -19.99 -23.52
N TYR E 134 -9.47 -19.60 -24.78
CA TYR E 134 -9.98 -20.50 -25.79
C TYR E 134 -8.92 -21.36 -26.44
N SER E 135 -7.70 -20.84 -26.58
CA SER E 135 -6.64 -21.61 -27.22
C SER E 135 -6.12 -22.73 -26.33
N ARG E 136 -6.14 -22.53 -25.00
CA ARG E 136 -5.66 -23.54 -24.08
C ARG E 136 -6.76 -24.55 -23.82
N ARG E 137 -7.23 -25.20 -24.88
CA ARG E 137 -8.31 -26.21 -24.84
C ARG E 137 -8.08 -27.17 -26.03
N LEU E 138 -8.87 -28.23 -26.09
CA LEU E 138 -8.86 -29.14 -27.24
C LEU E 138 -9.76 -28.40 -28.23
N GLN E 139 -9.20 -28.05 -29.37
CA GLN E 139 -9.89 -27.22 -30.33
C GLN E 139 -9.82 -27.57 -31.79
N VAL E 140 -10.53 -26.75 -32.54
CA VAL E 140 -10.55 -26.73 -33.98
C VAL E 140 -10.39 -25.23 -34.27
N GLN E 141 -9.54 -24.90 -35.22
CA GLN E 141 -9.26 -23.51 -35.55
C GLN E 141 -10.48 -22.62 -35.74
N GLU E 142 -11.43 -23.10 -36.55
CA GLU E 142 -12.65 -22.36 -36.82
C GLU E 142 -13.40 -21.95 -35.57
N ARG E 143 -13.58 -22.88 -34.63
CA ARG E 143 -14.30 -22.61 -33.39
C ARG E 143 -13.52 -21.59 -32.56
N LEU E 144 -12.18 -21.79 -32.41
CA LEU E 144 -11.33 -20.89 -31.65
C LEU E 144 -11.44 -19.44 -32.16
N THR E 145 -11.40 -19.25 -33.48
CA THR E 145 -11.47 -17.95 -34.13
C THR E 145 -12.80 -17.26 -33.78
N LYS E 146 -13.90 -18.01 -33.91
CA LYS E 146 -15.24 -17.50 -33.61
C LYS E 146 -15.40 -17.17 -32.12
N GLN E 147 -14.88 -18.02 -31.23
CA GLN E 147 -15.02 -17.80 -29.80
C GLN E 147 -14.34 -16.52 -29.33
N ILE E 148 -13.14 -16.22 -29.85
CA ILE E 148 -12.42 -14.98 -29.52
C ILE E 148 -13.27 -13.77 -29.96
N ALA E 149 -13.79 -13.79 -31.19
CA ALA E 149 -14.60 -12.69 -31.71
C ALA E 149 -15.91 -12.51 -30.94
N VAL E 150 -16.61 -13.60 -30.60
CA VAL E 150 -17.85 -13.53 -29.87
C VAL E 150 -17.62 -13.03 -28.42
N ALA E 151 -16.55 -13.49 -27.77
CA ALA E 151 -16.23 -13.03 -26.40
C ALA E 151 -16.00 -11.51 -26.36
N ILE E 152 -15.26 -10.95 -27.31
CA ILE E 152 -15.02 -9.50 -27.38
C ILE E 152 -16.31 -8.74 -27.68
N THR E 153 -17.12 -9.28 -28.60
CA THR E 153 -18.39 -8.67 -28.95
C THR E 153 -19.33 -8.60 -27.75
N GLU E 154 -19.45 -9.69 -26.98
CA GLU E 154 -20.33 -9.72 -25.82
C GLU E 154 -19.80 -8.90 -24.63
N ALA E 155 -18.49 -8.85 -24.46
CA ALA E 155 -17.89 -8.10 -23.35
C ALA E 155 -17.96 -6.58 -23.54
N LEU E 156 -17.76 -6.07 -24.78
CA LEU E 156 -17.74 -4.63 -24.99
C LEU E 156 -18.88 -4.05 -25.75
N ARG E 157 -19.66 -4.88 -26.48
CA ARG E 157 -20.71 -4.42 -27.38
C ARG E 157 -20.17 -3.32 -28.34
N PRO E 158 -19.10 -3.62 -29.10
CA PRO E 158 -18.52 -2.59 -29.96
C PRO E 158 -19.28 -2.48 -31.28
N ALA E 159 -18.85 -1.53 -32.13
CA ALA E 159 -19.41 -1.43 -33.46
C ALA E 159 -19.06 -2.72 -34.28
N GLY E 160 -17.91 -3.34 -34.02
CA GLY E 160 -17.52 -4.56 -34.71
C GLY E 160 -16.19 -5.12 -34.26
N VAL E 161 -15.93 -6.39 -34.62
CA VAL E 161 -14.71 -7.11 -34.27
C VAL E 161 -14.24 -7.92 -35.47
N GLY E 162 -12.93 -7.99 -35.66
CA GLY E 162 -12.30 -8.82 -36.68
C GLY E 162 -11.23 -9.65 -36.00
N VAL E 163 -11.18 -10.95 -36.32
CA VAL E 163 -10.17 -11.85 -35.75
C VAL E 163 -9.57 -12.70 -36.87
N VAL E 164 -8.26 -12.73 -36.97
CA VAL E 164 -7.57 -13.55 -37.94
C VAL E 164 -6.62 -14.48 -37.16
N VAL E 165 -6.71 -15.79 -37.40
CA VAL E 165 -5.79 -16.74 -36.77
C VAL E 165 -4.98 -17.40 -37.89
N GLU E 166 -3.67 -17.44 -37.75
CA GLU E 166 -2.81 -18.16 -38.69
C GLU E 166 -2.07 -19.17 -37.89
N ALA E 167 -2.10 -20.43 -38.30
CA ALA E 167 -1.47 -21.48 -37.52
C ALA E 167 -0.91 -22.60 -38.37
N THR E 168 0.15 -23.23 -37.87
CA THR E 168 0.71 -24.41 -38.43
C THR E 168 0.11 -25.54 -37.59
N HIS E 169 -0.44 -26.52 -38.27
CA HIS E 169 -0.95 -27.66 -37.59
C HIS E 169 0.11 -28.75 -37.70
N MET E 170 0.66 -29.20 -36.57
CA MET E 170 1.66 -30.26 -36.57
C MET E 170 1.12 -31.59 -37.13
N CYS E 171 -0.20 -31.85 -37.06
CA CYS E 171 -0.84 -33.00 -37.69
C CYS E 171 -0.74 -32.98 -39.22
N MET E 172 -0.53 -31.81 -39.84
CA MET E 172 -0.32 -31.73 -41.28
C MET E 172 1.16 -31.64 -41.68
N VAL E 173 2.09 -31.51 -40.71
CA VAL E 173 3.51 -31.40 -41.06
C VAL E 173 4.33 -32.63 -40.61
N MET E 174 4.15 -33.08 -39.35
CA MET E 174 4.84 -34.23 -38.75
C MET E 174 4.25 -35.58 -39.16
N ARG E 175 3.09 -35.56 -39.79
CA ARG E 175 2.37 -36.77 -40.15
C ARG E 175 1.30 -36.47 -41.18
N GLY E 176 0.51 -37.49 -41.49
CA GLY E 176 -0.56 -37.38 -42.46
C GLY E 176 -0.04 -36.92 -43.81
N VAL E 177 -0.59 -35.82 -44.30
CA VAL E 177 -0.21 -35.25 -45.58
C VAL E 177 1.22 -34.80 -45.64
N GLN E 178 1.83 -34.46 -44.48
CA GLN E 178 3.22 -34.02 -44.39
C GLN E 178 3.57 -32.89 -45.36
N LYS E 179 2.78 -31.81 -45.34
CA LYS E 179 3.00 -30.63 -46.15
C LYS E 179 3.69 -29.62 -45.21
N MET E 180 5.05 -29.63 -45.21
CA MET E 180 5.94 -28.86 -44.36
C MET E 180 5.62 -27.37 -44.25
N ASN E 181 5.20 -26.73 -45.35
CA ASN E 181 4.91 -25.29 -45.34
C ASN E 181 3.46 -24.92 -45.13
N SER E 182 2.54 -25.89 -45.11
CA SER E 182 1.10 -25.57 -45.02
C SER E 182 0.73 -24.76 -43.77
N LYS E 183 -0.19 -23.80 -43.93
CA LYS E 183 -0.69 -22.95 -42.87
C LYS E 183 -2.16 -22.77 -43.03
N THR E 184 -2.89 -22.77 -41.92
CA THR E 184 -4.31 -22.53 -41.95
C THR E 184 -4.56 -21.10 -41.50
N VAL E 185 -5.34 -20.36 -42.28
CA VAL E 185 -5.74 -19.02 -41.91
C VAL E 185 -7.26 -19.00 -41.78
N THR E 186 -7.77 -18.60 -40.62
CA THR E 186 -9.20 -18.48 -40.40
C THR E 186 -9.51 -17.03 -40.04
N SER E 187 -10.67 -16.56 -40.47
CA SER E 187 -11.06 -15.19 -40.28
C SER E 187 -12.49 -15.11 -39.75
N THR E 188 -12.78 -14.21 -38.81
CA THR E 188 -14.14 -13.97 -38.36
C THR E 188 -14.32 -12.47 -38.35
N MET E 189 -15.33 -11.96 -39.05
CA MET E 189 -15.62 -10.53 -39.13
C MET E 189 -17.05 -10.33 -38.67
N LEU E 190 -17.24 -9.60 -37.54
CA LEU E 190 -18.59 -9.35 -36.99
C LEU E 190 -18.91 -7.85 -36.97
N GLY E 191 -20.19 -7.51 -36.92
CA GLY E 191 -20.61 -6.12 -36.86
C GLY E 191 -20.14 -5.32 -38.06
N VAL E 192 -19.60 -4.11 -37.83
CA VAL E 192 -19.07 -3.29 -38.94
C VAL E 192 -17.91 -3.93 -39.68
N PHE E 193 -17.20 -4.89 -39.06
CA PHE E 193 -16.08 -5.56 -39.77
C PHE E 193 -16.62 -6.45 -40.91
N ARG E 194 -17.87 -6.93 -40.79
CA ARG E 194 -18.52 -7.68 -41.85
C ARG E 194 -19.28 -6.71 -42.77
N GLU E 195 -20.10 -5.80 -42.20
CA GLU E 195 -20.99 -4.91 -42.98
C GLU E 195 -20.28 -3.81 -43.75
N ASP E 196 -19.19 -3.27 -43.21
CA ASP E 196 -18.43 -2.24 -43.90
C ASP E 196 -17.10 -2.79 -44.41
N PRO E 197 -16.99 -2.99 -45.74
CA PRO E 197 -15.70 -3.49 -46.28
C PRO E 197 -14.54 -2.54 -46.02
N LYS E 198 -14.79 -1.23 -45.89
CA LYS E 198 -13.72 -0.23 -45.65
C LYS E 198 -13.08 -0.41 -44.29
N THR E 199 -13.89 -0.79 -43.27
CA THR E 199 -13.37 -1.06 -41.94
C THR E 199 -12.52 -2.34 -42.01
N ARG E 200 -13.01 -3.38 -42.68
CA ARG E 200 -12.29 -4.65 -42.79
C ARG E 200 -10.96 -4.47 -43.55
N GLU E 201 -10.97 -3.62 -44.58
CA GLU E 201 -9.75 -3.36 -45.37
C GLU E 201 -8.72 -2.64 -44.56
N GLU E 202 -9.16 -1.69 -43.71
CA GLU E 202 -8.21 -0.95 -42.87
C GLU E 202 -7.55 -1.93 -41.86
N PHE E 203 -8.38 -2.81 -41.26
CA PHE E 203 -7.92 -3.83 -40.35
C PHE E 203 -6.86 -4.76 -41.02
N LEU E 204 -7.19 -5.34 -42.20
CA LEU E 204 -6.28 -6.24 -42.90
C LEU E 204 -5.02 -5.55 -43.36
N THR E 205 -5.08 -4.26 -43.69
CA THR E 205 -3.88 -3.51 -44.09
C THR E 205 -2.98 -3.30 -42.87
N LEU E 206 -3.59 -2.95 -41.71
CA LEU E 206 -2.82 -2.64 -40.52
C LEU E 206 -2.23 -3.86 -39.81
N ILE E 207 -2.73 -5.08 -40.11
CA ILE E 207 -2.13 -6.27 -39.47
C ILE E 207 -0.97 -6.88 -40.27
N ARG E 208 -0.62 -6.33 -41.43
CA ARG E 208 0.51 -6.85 -42.22
C ARG E 208 1.86 -6.60 -41.55
N PRO F 17 13.28 -55.03 -32.54
CA PRO F 17 12.58 -53.87 -33.14
C PRO F 17 11.08 -54.06 -33.12
N ARG F 18 10.32 -52.96 -32.91
CA ARG F 18 8.85 -52.99 -32.87
C ARG F 18 8.32 -53.49 -34.22
N SER F 19 7.35 -54.40 -34.19
CA SER F 19 6.81 -54.98 -35.43
C SER F 19 5.39 -54.50 -35.74
N GLU F 20 4.88 -54.81 -36.94
CA GLU F 20 3.52 -54.46 -37.32
C GLU F 20 2.49 -55.28 -36.51
N GLU F 21 2.86 -56.49 -36.03
CA GLU F 21 2.00 -57.31 -35.17
C GLU F 21 1.90 -56.64 -33.80
N ASP F 22 3.05 -56.13 -33.28
CA ASP F 22 3.10 -55.40 -32.01
C ASP F 22 2.23 -54.14 -32.10
N ASN F 23 2.25 -53.45 -33.27
CA ASN F 23 1.44 -52.27 -33.50
C ASN F 23 -0.05 -52.57 -33.43
N GLU F 24 -0.48 -53.69 -34.03
CA GLU F 24 -1.89 -54.08 -34.01
C GLU F 24 -2.33 -54.45 -32.59
N LEU F 25 -1.46 -55.12 -31.83
CA LEU F 25 -1.75 -55.52 -30.46
C LEU F 25 -1.75 -54.34 -29.48
N ASN F 26 -0.85 -53.35 -29.68
CA ASN F 26 -0.72 -52.19 -28.79
C ASN F 26 -1.54 -50.97 -29.15
N LEU F 27 -2.02 -50.87 -30.38
CA LEU F 27 -2.85 -49.73 -30.80
C LEU F 27 -4.12 -49.58 -29.90
N PRO F 28 -4.89 -50.65 -29.53
CA PRO F 28 -6.04 -50.43 -28.63
C PRO F 28 -5.61 -49.88 -27.28
N ASN F 29 -4.45 -50.32 -26.71
CA ASN F 29 -3.96 -49.83 -25.42
C ASN F 29 -3.69 -48.35 -25.44
N LEU F 30 -3.06 -47.85 -26.52
CA LEU F 30 -2.81 -46.43 -26.69
C LEU F 30 -4.13 -45.66 -26.73
N ALA F 31 -5.10 -46.15 -27.50
CA ALA F 31 -6.39 -45.51 -27.66
C ALA F 31 -7.15 -45.45 -26.33
N ALA F 32 -7.13 -46.55 -25.56
CA ALA F 32 -7.79 -46.61 -24.25
C ALA F 32 -7.16 -45.61 -23.27
N ALA F 33 -5.82 -45.45 -23.35
CA ALA F 33 -5.14 -44.49 -22.50
C ALA F 33 -5.50 -43.07 -22.89
N TYR F 34 -5.67 -42.78 -24.20
CA TYR F 34 -6.04 -41.43 -24.64
C TYR F 34 -7.49 -41.10 -24.32
N SER F 35 -8.35 -42.11 -24.31
CA SER F 35 -9.75 -41.94 -23.92
C SER F 35 -9.79 -41.57 -22.42
N SER F 36 -9.00 -42.26 -21.61
CA SER F 36 -8.89 -42.00 -20.19
C SER F 36 -8.33 -40.58 -19.93
N ILE F 37 -7.32 -40.13 -20.73
CA ILE F 37 -6.75 -38.80 -20.60
C ILE F 37 -7.83 -37.75 -20.89
N LEU F 38 -8.66 -37.96 -21.93
CA LEU F 38 -9.74 -37.05 -22.28
C LEU F 38 -10.69 -36.85 -21.09
N SER F 39 -11.10 -37.95 -20.40
CA SER F 39 -11.96 -37.91 -19.24
C SER F 39 -11.27 -37.23 -18.06
N SER F 40 -10.00 -37.57 -17.80
CA SER F 40 -9.26 -36.99 -16.69
C SER F 40 -8.98 -35.50 -16.85
N LEU F 41 -9.04 -34.97 -18.08
CA LEU F 41 -8.88 -33.52 -18.30
C LEU F 41 -10.20 -32.74 -18.15
N GLY F 42 -11.30 -33.42 -17.92
CA GLY F 42 -12.60 -32.77 -17.83
C GLY F 42 -13.40 -32.80 -19.11
N GLU F 43 -12.84 -33.37 -20.18
CA GLU F 43 -13.53 -33.42 -21.47
C GLU F 43 -14.51 -34.58 -21.59
N ASN F 44 -15.34 -34.57 -22.62
CA ASN F 44 -16.32 -35.62 -22.83
C ASN F 44 -15.89 -36.44 -24.05
N PRO F 45 -15.36 -37.65 -23.84
CA PRO F 45 -14.95 -38.49 -24.98
C PRO F 45 -16.08 -38.93 -25.91
N GLN F 46 -17.34 -38.75 -25.48
CA GLN F 46 -18.50 -39.11 -26.27
C GLN F 46 -18.99 -38.01 -27.18
N ARG F 47 -18.54 -36.74 -27.00
CA ARG F 47 -18.96 -35.65 -27.88
C ARG F 47 -18.46 -35.87 -29.29
N GLN F 48 -19.22 -35.44 -30.30
CA GLN F 48 -18.92 -35.66 -31.71
C GLN F 48 -17.46 -35.40 -32.12
N GLY F 49 -16.89 -34.28 -31.68
CA GLY F 49 -15.53 -33.93 -32.03
C GLY F 49 -14.44 -34.80 -31.42
N LEU F 50 -14.78 -35.59 -30.39
CA LEU F 50 -13.82 -36.45 -29.70
C LEU F 50 -13.99 -37.95 -29.91
N LEU F 51 -15.08 -38.38 -30.56
CA LEU F 51 -15.37 -39.81 -30.76
C LEU F 51 -14.22 -40.62 -31.39
N LYS F 52 -13.59 -40.07 -32.42
CA LYS F 52 -12.50 -40.74 -33.11
C LYS F 52 -11.10 -40.42 -32.59
N THR F 53 -11.01 -39.46 -31.69
CA THR F 53 -9.77 -38.96 -31.09
C THR F 53 -8.94 -40.06 -30.40
N PRO F 54 -9.48 -40.94 -29.52
CA PRO F 54 -8.65 -42.01 -28.97
C PRO F 54 -7.91 -42.83 -30.03
N TRP F 55 -8.56 -43.20 -31.16
CA TRP F 55 -7.88 -43.95 -32.22
C TRP F 55 -6.89 -43.10 -33.04
N ARG F 56 -7.25 -41.85 -33.31
CA ARG F 56 -6.42 -40.97 -34.09
C ARG F 56 -5.16 -40.57 -33.33
N ALA F 57 -5.32 -40.30 -32.04
CA ALA F 57 -4.20 -39.93 -31.17
C ALA F 57 -3.27 -41.13 -31.05
N ALA F 58 -3.82 -42.36 -30.89
CA ALA F 58 -3.04 -43.58 -30.83
C ALA F 58 -2.23 -43.78 -32.13
N SER F 59 -2.86 -43.66 -33.31
CA SER F 59 -2.17 -43.85 -34.59
C SER F 59 -1.10 -42.81 -34.77
N ALA F 60 -1.38 -41.54 -34.39
CA ALA F 60 -0.39 -40.45 -34.49
C ALA F 60 0.83 -40.78 -33.64
N MET F 61 0.60 -41.26 -32.39
CA MET F 61 1.72 -41.63 -31.51
C MET F 61 2.56 -42.79 -32.05
N GLN F 62 1.92 -43.78 -32.71
CA GLN F 62 2.66 -44.87 -33.32
C GLN F 62 3.50 -44.35 -34.48
N PHE F 63 2.95 -43.41 -35.27
CA PHE F 63 3.67 -42.84 -36.39
C PHE F 63 4.86 -42.02 -35.88
N PHE F 64 4.66 -41.22 -34.81
CA PHE F 64 5.75 -40.43 -34.22
C PHE F 64 6.87 -41.30 -33.66
N THR F 65 6.59 -42.57 -33.31
CA THR F 65 7.59 -43.45 -32.75
C THR F 65 7.85 -44.70 -33.65
N LYS F 66 7.57 -44.57 -34.97
CA LYS F 66 7.78 -45.64 -35.96
C LYS F 66 9.28 -46.00 -36.16
N GLY F 67 10.18 -45.14 -35.68
CA GLY F 67 11.63 -45.34 -35.78
C GLY F 67 12.14 -46.53 -35.00
N TYR F 68 11.40 -46.95 -33.93
CA TYR F 68 11.73 -48.16 -33.17
C TYR F 68 11.53 -49.44 -34.02
N GLN F 69 10.68 -49.39 -35.06
CA GLN F 69 10.44 -50.52 -35.98
C GLN F 69 11.56 -50.69 -37.01
N GLU F 70 12.53 -49.74 -37.08
CA GLU F 70 13.55 -49.72 -38.11
C GLU F 70 14.96 -50.00 -37.65
N THR F 71 15.71 -50.67 -38.52
CA THR F 71 17.11 -50.98 -38.29
C THR F 71 17.96 -50.30 -39.38
N ILE F 72 19.22 -49.98 -39.05
CA ILE F 72 20.14 -49.34 -39.98
C ILE F 72 20.32 -50.17 -41.25
N SER F 73 20.49 -51.50 -41.11
CA SER F 73 20.68 -52.38 -42.26
C SER F 73 19.53 -52.32 -43.28
N ASP F 74 18.28 -52.33 -42.82
CA ASP F 74 17.15 -52.24 -43.75
C ASP F 74 17.13 -50.89 -44.48
N VAL F 75 17.43 -49.82 -43.76
CA VAL F 75 17.51 -48.48 -44.29
C VAL F 75 18.65 -48.32 -45.30
N LEU F 76 19.79 -48.98 -45.07
CA LEU F 76 20.95 -48.89 -45.97
C LEU F 76 20.70 -49.46 -47.35
N ASN F 77 19.73 -50.36 -47.49
CA ASN F 77 19.30 -51.00 -48.75
C ASN F 77 20.40 -51.25 -49.78
N ASP F 78 20.22 -50.75 -51.00
CA ASP F 78 21.17 -50.87 -52.09
C ASP F 78 21.83 -49.52 -52.23
N ALA F 79 22.21 -48.91 -51.12
CA ALA F 79 22.76 -47.57 -51.24
C ALA F 79 24.17 -47.29 -50.76
N ILE F 80 25.08 -48.23 -50.98
CA ILE F 80 26.48 -47.96 -50.65
C ILE F 80 27.25 -48.12 -51.96
N PHE F 81 28.11 -47.16 -52.28
CA PHE F 81 28.84 -47.19 -53.55
C PHE F 81 30.36 -47.12 -53.34
N ASP F 82 31.13 -47.67 -54.28
CA ASP F 82 32.59 -47.70 -54.12
C ASP F 82 33.35 -46.68 -54.98
N ASP F 86 36.91 -38.95 -52.24
CA ASP F 86 37.52 -38.34 -51.04
C ASP F 86 37.39 -36.81 -51.04
N GLU F 87 36.12 -36.34 -51.15
CA GLU F 87 35.65 -34.95 -51.19
C GLU F 87 34.49 -34.82 -50.16
N MET F 88 34.26 -33.61 -49.63
CA MET F 88 33.20 -33.42 -48.65
C MET F 88 31.78 -33.57 -49.23
N VAL F 89 30.94 -34.37 -48.56
CA VAL F 89 29.56 -34.54 -48.98
C VAL F 89 28.68 -34.09 -47.85
N ILE F 90 27.68 -33.26 -48.15
CA ILE F 90 26.77 -32.70 -47.16
C ILE F 90 25.32 -32.80 -47.61
N VAL F 91 24.43 -33.20 -46.70
CA VAL F 91 23.00 -33.13 -46.92
C VAL F 91 22.51 -32.24 -45.77
N LYS F 92 22.05 -31.04 -46.10
CA LYS F 92 21.64 -30.08 -45.08
C LYS F 92 20.17 -29.76 -45.17
N ASP F 93 19.63 -29.09 -44.15
CA ASP F 93 18.23 -28.69 -44.06
C ASP F 93 17.28 -29.87 -44.15
N ILE F 94 17.67 -30.96 -43.48
CA ILE F 94 16.78 -32.12 -43.43
C ILE F 94 15.75 -31.85 -42.35
N ASP F 95 14.48 -31.70 -42.71
CA ASP F 95 13.40 -31.47 -41.74
C ASP F 95 13.31 -32.64 -40.79
N MET F 96 13.25 -32.32 -39.49
CA MET F 96 13.29 -33.34 -38.46
C MET F 96 12.16 -33.09 -37.49
N PHE F 97 11.42 -34.14 -37.14
CA PHE F 97 10.30 -34.08 -36.20
C PHE F 97 10.48 -35.20 -35.17
N SER F 98 10.71 -34.83 -33.93
CA SER F 98 10.92 -35.80 -32.86
C SER F 98 9.98 -35.58 -31.67
N MET F 99 10.11 -36.40 -30.63
CA MET F 99 9.22 -36.32 -29.48
C MET F 99 10.08 -36.25 -28.24
N CYS F 100 9.84 -35.27 -27.41
CA CYS F 100 10.59 -35.15 -26.19
C CYS F 100 10.17 -36.29 -25.27
N GLU F 101 11.14 -37.01 -24.75
CA GLU F 101 10.87 -38.14 -23.88
C GLU F 101 10.49 -37.70 -22.45
N HIS F 102 10.74 -36.46 -22.08
CA HIS F 102 10.41 -35.99 -20.76
C HIS F 102 8.98 -35.49 -20.62
N HIS F 103 8.41 -34.97 -21.70
CA HIS F 103 7.07 -34.42 -21.68
C HIS F 103 6.09 -34.99 -22.71
N LEU F 104 6.58 -35.81 -23.64
CA LEU F 104 5.79 -36.39 -24.74
C LEU F 104 5.16 -35.30 -25.61
N VAL F 105 5.96 -34.29 -25.93
CA VAL F 105 5.58 -33.13 -26.73
C VAL F 105 6.65 -33.02 -27.86
N PRO F 106 6.26 -32.65 -29.10
CA PRO F 106 7.25 -32.56 -30.17
C PRO F 106 8.37 -31.53 -30.01
N PHE F 107 9.53 -31.86 -30.59
CA PHE F 107 10.63 -30.93 -30.81
C PHE F 107 10.96 -31.10 -32.29
N VAL F 108 11.01 -29.98 -33.01
CA VAL F 108 11.14 -30.03 -34.47
C VAL F 108 12.21 -29.06 -34.96
N GLY F 109 12.82 -29.39 -36.08
CA GLY F 109 13.81 -28.51 -36.67
C GLY F 109 14.48 -29.07 -37.90
N LYS F 110 15.81 -28.90 -37.99
CA LYS F 110 16.61 -29.31 -39.12
C LYS F 110 17.87 -30.06 -38.67
N VAL F 111 18.34 -30.97 -39.52
CA VAL F 111 19.57 -31.72 -39.32
C VAL F 111 20.48 -31.43 -40.51
N HIS F 112 21.77 -31.16 -40.24
CA HIS F 112 22.75 -30.91 -41.29
C HIS F 112 23.85 -31.94 -41.08
N ILE F 113 24.11 -32.75 -42.11
CA ILE F 113 25.08 -33.83 -42.01
C ILE F 113 26.18 -33.63 -43.02
N GLY F 114 27.41 -33.84 -42.60
CA GLY F 114 28.56 -33.77 -43.49
C GLY F 114 29.47 -34.95 -43.20
N TYR F 115 30.07 -35.52 -44.25
CA TYR F 115 31.04 -36.59 -44.05
C TYR F 115 32.12 -36.53 -45.11
N LEU F 116 33.24 -37.19 -44.86
CA LEU F 116 34.34 -37.29 -45.79
C LEU F 116 34.48 -38.77 -46.07
N PRO F 117 34.10 -39.22 -47.27
CA PRO F 117 34.17 -40.67 -47.57
C PRO F 117 35.56 -41.26 -47.52
N ASN F 118 35.62 -42.58 -47.34
CA ASN F 118 36.82 -43.39 -47.34
C ASN F 118 36.47 -44.62 -48.19
N LYS F 119 36.49 -44.47 -49.52
CA LYS F 119 36.19 -45.60 -50.41
C LYS F 119 34.74 -46.11 -50.37
N GLN F 120 33.85 -45.54 -49.55
CA GLN F 120 32.43 -45.89 -49.56
C GLN F 120 31.58 -44.62 -49.47
N VAL F 121 30.66 -44.48 -50.41
CA VAL F 121 29.81 -43.31 -50.44
C VAL F 121 28.38 -43.80 -50.24
N LEU F 122 27.62 -43.08 -49.43
CA LEU F 122 26.25 -43.45 -49.15
C LEU F 122 25.25 -42.77 -50.07
N GLY F 123 24.14 -43.45 -50.32
CA GLY F 123 23.10 -42.86 -51.13
C GLY F 123 22.58 -41.63 -50.41
N LEU F 124 22.50 -40.49 -51.10
CA LEU F 124 22.07 -39.23 -50.50
C LEU F 124 20.82 -39.31 -49.63
N SER F 125 19.80 -39.95 -50.16
CA SER F 125 18.55 -40.13 -49.45
C SER F 125 18.68 -40.88 -48.13
N LYS F 126 19.58 -41.85 -48.06
CA LYS F 126 19.75 -42.63 -46.86
C LYS F 126 20.20 -41.82 -45.65
N LEU F 127 20.94 -40.73 -45.89
CA LEU F 127 21.31 -39.84 -44.78
C LEU F 127 20.02 -39.30 -44.08
N ALA F 128 18.99 -38.95 -44.89
CA ALA F 128 17.68 -38.51 -44.40
C ALA F 128 16.89 -39.68 -43.76
N ARG F 129 17.03 -40.87 -44.32
CA ARG F 129 16.36 -42.01 -43.73
C ARG F 129 16.96 -42.32 -42.36
N ILE F 130 18.29 -42.16 -42.22
CA ILE F 130 18.96 -42.38 -40.93
C ILE F 130 18.40 -41.39 -39.89
N VAL F 131 18.20 -40.12 -40.28
CA VAL F 131 17.57 -39.11 -39.41
C VAL F 131 16.16 -39.60 -38.97
N GLU F 132 15.38 -40.17 -39.89
CA GLU F 132 14.05 -40.71 -39.60
C GLU F 132 14.05 -41.87 -38.59
N ILE F 133 15.04 -42.80 -38.64
CA ILE F 133 15.08 -43.91 -37.69
C ILE F 133 15.16 -43.40 -36.24
N TYR F 134 16.08 -42.46 -35.98
CA TYR F 134 16.31 -42.00 -34.62
C TYR F 134 15.39 -40.88 -34.18
N SER F 135 14.95 -40.01 -35.11
CA SER F 135 14.08 -38.90 -34.71
C SER F 135 12.66 -39.39 -34.40
N ARG F 136 12.21 -40.47 -35.06
CA ARG F 136 10.86 -40.97 -34.83
C ARG F 136 10.86 -41.90 -33.63
N ARG F 137 11.18 -41.35 -32.46
CA ARG F 137 11.31 -42.08 -31.19
C ARG F 137 11.12 -41.07 -30.06
N LEU F 138 11.07 -41.56 -28.80
CA LEU F 138 11.06 -40.66 -27.65
C LEU F 138 12.56 -40.33 -27.43
N GLN F 139 12.90 -39.06 -27.41
CA GLN F 139 14.28 -38.67 -27.34
C GLN F 139 14.65 -37.45 -26.54
N VAL F 140 15.96 -37.20 -26.58
CA VAL F 140 16.62 -36.01 -26.06
C VAL F 140 17.52 -35.61 -27.23
N GLN F 141 17.59 -34.32 -27.52
CA GLN F 141 18.38 -33.84 -28.64
C GLN F 141 19.81 -34.36 -28.72
N GLU F 142 20.53 -34.33 -27.61
CA GLU F 142 21.89 -34.82 -27.56
C GLU F 142 22.06 -36.26 -28.02
N ARG F 143 21.18 -37.15 -27.56
CA ARG F 143 21.27 -38.56 -27.94
C ARG F 143 20.96 -38.73 -29.43
N LEU F 144 19.93 -38.04 -29.92
CA LEU F 144 19.53 -38.08 -31.31
C LEU F 144 20.70 -37.70 -32.24
N THR F 145 21.37 -36.57 -31.93
CA THR F 145 22.51 -36.07 -32.69
C THR F 145 23.63 -37.10 -32.75
N LYS F 146 23.96 -37.72 -31.60
CA LYS F 146 25.02 -38.71 -31.50
C LYS F 146 24.68 -39.98 -32.27
N GLN F 147 23.42 -40.46 -32.16
CA GLN F 147 22.99 -41.68 -32.83
C GLN F 147 23.10 -41.57 -34.36
N ILE F 148 22.76 -40.40 -34.94
CA ILE F 148 22.88 -40.19 -36.39
C ILE F 148 24.38 -40.26 -36.81
N ALA F 149 25.26 -39.57 -36.09
CA ALA F 149 26.71 -39.56 -36.40
C ALA F 149 27.32 -40.97 -36.25
N VAL F 150 26.97 -41.70 -35.18
CA VAL F 150 27.46 -43.05 -34.97
C VAL F 150 26.95 -44.02 -36.06
N ALA F 151 25.68 -43.93 -36.45
CA ALA F 151 25.13 -44.80 -37.48
C ALA F 151 25.86 -44.61 -38.81
N ILE F 152 26.13 -43.38 -39.21
CA ILE F 152 26.86 -43.09 -40.46
C ILE F 152 28.31 -43.59 -40.36
N THR F 153 28.93 -43.37 -39.21
CA THR F 153 30.30 -43.83 -38.98
C THR F 153 30.42 -45.35 -39.10
N GLU F 154 29.50 -46.10 -38.49
CA GLU F 154 29.55 -47.55 -38.52
C GLU F 154 29.15 -48.12 -39.87
N ALA F 155 28.22 -47.47 -40.58
CA ALA F 155 27.79 -47.95 -41.88
C ALA F 155 28.82 -47.75 -42.97
N LEU F 156 29.52 -46.62 -42.97
CA LEU F 156 30.43 -46.27 -44.04
C LEU F 156 31.88 -46.36 -43.71
N ARG F 157 32.26 -46.32 -42.43
CA ARG F 157 33.66 -46.24 -41.96
C ARG F 157 34.39 -45.07 -42.68
N PRO F 158 33.83 -43.84 -42.65
CA PRO F 158 34.46 -42.75 -43.40
C PRO F 158 35.62 -42.13 -42.65
N ALA F 159 36.25 -41.09 -43.22
CA ALA F 159 37.31 -40.39 -42.53
C ALA F 159 36.70 -39.66 -41.31
N GLY F 160 35.49 -39.15 -41.46
CA GLY F 160 34.83 -38.44 -40.38
C GLY F 160 33.43 -38.05 -40.72
N VAL F 161 32.65 -37.72 -39.67
CA VAL F 161 31.26 -37.31 -39.79
C VAL F 161 31.01 -36.10 -38.87
N GLY F 162 30.21 -35.16 -39.35
CA GLY F 162 29.75 -34.04 -38.56
C GLY F 162 28.24 -33.96 -38.64
N VAL F 163 27.56 -33.80 -37.48
CA VAL F 163 26.09 -33.69 -37.44
C VAL F 163 25.71 -32.49 -36.61
N VAL F 164 24.87 -31.60 -37.15
CA VAL F 164 24.37 -30.45 -36.41
C VAL F 164 22.85 -30.52 -36.42
N VAL F 165 22.23 -30.45 -35.23
CA VAL F 165 20.79 -30.45 -35.07
C VAL F 165 20.33 -29.09 -34.50
N GLU F 166 19.38 -28.42 -35.16
CA GLU F 166 18.80 -27.18 -34.63
C GLU F 166 17.32 -27.47 -34.47
N ALA F 167 16.77 -27.26 -33.28
CA ALA F 167 15.38 -27.57 -33.04
C ALA F 167 14.70 -26.63 -32.06
N THR F 168 13.40 -26.45 -32.26
CA THR F 168 12.52 -25.72 -31.36
C THR F 168 11.87 -26.78 -30.51
N HIS F 169 11.98 -26.65 -29.22
CA HIS F 169 11.33 -27.58 -28.34
C HIS F 169 10.03 -26.91 -27.94
N MET F 170 8.88 -27.52 -28.24
CA MET F 170 7.56 -26.98 -27.87
C MET F 170 7.37 -26.90 -26.35
N CYS F 171 8.04 -27.74 -25.57
CA CYS F 171 8.05 -27.70 -24.12
C CYS F 171 8.72 -26.43 -23.55
N MET F 172 9.51 -25.72 -24.34
CA MET F 172 10.09 -24.46 -23.92
C MET F 172 9.36 -23.26 -24.47
N VAL F 173 8.42 -23.44 -25.43
CA VAL F 173 7.76 -22.29 -26.04
C VAL F 173 6.29 -22.24 -25.66
N MET F 174 5.52 -23.39 -25.68
CA MET F 174 4.08 -23.48 -25.33
C MET F 174 3.82 -23.58 -23.83
N ARG F 175 4.88 -23.78 -23.05
CA ARG F 175 4.78 -23.97 -21.61
C ARG F 175 6.13 -23.84 -20.93
N GLY F 176 6.14 -24.03 -19.62
CA GLY F 176 7.34 -23.94 -18.83
C GLY F 176 7.92 -22.54 -18.89
N VAL F 177 9.17 -22.45 -19.32
CA VAL F 177 9.84 -21.15 -19.42
C VAL F 177 9.20 -20.20 -20.41
N GLN F 178 8.48 -20.74 -21.42
CA GLN F 178 7.79 -19.99 -22.45
C GLN F 178 8.68 -18.94 -23.12
N LYS F 179 9.85 -19.38 -23.62
CA LYS F 179 10.79 -18.54 -24.33
C LYS F 179 10.52 -18.82 -25.80
N MET F 180 9.61 -18.03 -26.40
N MET F 180 9.67 -17.96 -26.38
CA MET F 180 9.13 -18.27 -27.77
CA MET F 180 9.16 -17.98 -27.75
C MET F 180 10.23 -18.33 -28.86
C MET F 180 10.21 -18.24 -28.84
N ASN F 181 11.37 -17.63 -28.70
CA ASN F 181 12.43 -17.72 -29.72
C ASN F 181 13.50 -18.76 -29.45
N SER F 182 13.50 -19.39 -28.28
CA SER F 182 14.58 -20.31 -27.93
C SER F 182 14.76 -21.47 -28.91
N LYS F 183 16.01 -21.82 -29.18
CA LYS F 183 16.35 -22.92 -30.09
C LYS F 183 17.50 -23.69 -29.48
N THR F 184 17.46 -25.01 -29.58
CA THR F 184 18.56 -25.84 -29.12
C THR F 184 19.39 -26.27 -30.32
N VAL F 185 20.70 -26.06 -30.26
CA VAL F 185 21.62 -26.50 -31.29
C VAL F 185 22.58 -27.51 -30.66
N THR F 186 22.64 -28.71 -31.22
CA THR F 186 23.57 -29.74 -30.74
C THR F 186 24.49 -30.11 -31.92
N SER F 187 25.69 -30.50 -31.60
CA SER F 187 26.70 -30.81 -32.56
C SER F 187 27.43 -32.08 -32.18
N THR F 188 27.75 -32.94 -33.14
CA THR F 188 28.58 -34.12 -32.89
C THR F 188 29.60 -34.16 -34.03
N MET F 189 30.92 -34.21 -33.70
CA MET F 189 32.01 -34.25 -34.67
C MET F 189 32.87 -35.50 -34.37
N LEU F 190 32.95 -36.44 -35.32
CA LEU F 190 33.69 -37.69 -35.13
C LEU F 190 34.79 -37.83 -36.18
N GLY F 191 35.85 -38.60 -35.88
CA GLY F 191 36.94 -38.79 -36.84
C GLY F 191 37.59 -37.46 -37.18
N VAL F 192 37.84 -37.21 -38.49
CA VAL F 192 38.49 -35.97 -38.94
C VAL F 192 37.67 -34.74 -38.67
N PHE F 193 36.30 -34.87 -38.51
CA PHE F 193 35.49 -33.69 -38.17
C PHE F 193 35.86 -33.20 -36.74
N ARG F 194 36.27 -34.10 -35.84
CA ARG F 194 36.74 -33.73 -34.52
C ARG F 194 38.25 -33.34 -34.57
N GLU F 195 39.11 -34.22 -35.14
CA GLU F 195 40.57 -34.05 -35.14
C GLU F 195 41.08 -32.92 -35.98
N ASP F 196 40.42 -32.64 -37.11
CA ASP F 196 40.88 -31.60 -38.00
C ASP F 196 39.93 -30.40 -38.01
N PRO F 197 40.35 -29.30 -37.37
CA PRO F 197 39.51 -28.11 -37.35
C PRO F 197 39.20 -27.54 -38.73
N LYS F 198 40.11 -27.71 -39.74
CA LYS F 198 39.90 -27.23 -41.11
C LYS F 198 38.76 -27.97 -41.79
N THR F 199 38.56 -29.27 -41.49
CA THR F 199 37.45 -30.03 -42.05
C THR F 199 36.14 -29.55 -41.41
N ARG F 200 36.14 -29.39 -40.09
CA ARG F 200 34.96 -28.93 -39.37
C ARG F 200 34.56 -27.52 -39.80
N GLU F 201 35.55 -26.63 -40.03
CA GLU F 201 35.27 -25.25 -40.47
C GLU F 201 34.68 -25.21 -41.87
N GLU F 202 35.17 -26.07 -42.76
CA GLU F 202 34.60 -26.14 -44.12
C GLU F 202 33.13 -26.61 -44.04
N PHE F 203 32.86 -27.61 -43.19
CA PHE F 203 31.50 -28.12 -42.95
C PHE F 203 30.57 -27.00 -42.44
N LEU F 204 30.98 -26.29 -41.37
CA LEU F 204 30.15 -25.24 -40.79
C LEU F 204 29.94 -24.08 -41.74
N THR F 205 30.92 -23.77 -42.60
CA THR F 205 30.76 -22.70 -43.58
C THR F 205 29.76 -23.11 -44.68
N LEU F 206 29.85 -24.37 -45.15
CA LEU F 206 29.00 -24.85 -46.23
C LEU F 206 27.54 -25.13 -45.81
N ILE F 207 27.24 -25.26 -44.50
CA ILE F 207 25.85 -25.49 -44.08
C ILE F 207 25.08 -24.20 -43.80
N ARG F 208 25.71 -23.02 -43.94
CA ARG F 208 25.01 -21.75 -43.71
C ARG F 208 23.99 -21.46 -44.81
N PRO G 17 17.45 -15.17 0.49
CA PRO G 17 16.54 -14.97 -0.64
C PRO G 17 15.23 -14.32 -0.22
N ARG G 18 14.65 -13.51 -1.11
CA ARG G 18 13.39 -12.77 -0.93
C ARG G 18 12.23 -13.76 -0.78
N SER G 19 11.45 -13.65 0.29
CA SER G 19 10.34 -14.59 0.51
C SER G 19 8.99 -14.02 0.07
N GLU G 20 7.96 -14.86 -0.01
CA GLU G 20 6.62 -14.39 -0.34
C GLU G 20 6.01 -13.55 0.81
N GLU G 21 6.48 -13.75 2.06
CA GLU G 21 6.06 -12.95 3.20
C GLU G 21 6.65 -11.54 3.06
N ASP G 22 7.93 -11.44 2.63
CA ASP G 22 8.62 -10.17 2.38
C ASP G 22 7.86 -9.41 1.29
N ASN G 23 7.40 -10.11 0.23
CA ASN G 23 6.62 -9.51 -0.85
C ASN G 23 5.34 -8.86 -0.32
N GLU G 24 4.57 -9.58 0.53
CA GLU G 24 3.32 -9.08 1.10
C GLU G 24 3.55 -7.87 2.00
N LEU G 25 4.64 -7.89 2.78
CA LEU G 25 4.98 -6.81 3.69
C LEU G 25 5.52 -5.57 2.95
N ASN G 26 6.30 -5.79 1.87
CA ASN G 26 6.96 -4.73 1.07
C ASN G 26 6.18 -4.17 -0.12
N LEU G 27 5.14 -4.88 -0.59
CA LEU G 27 4.28 -4.39 -1.66
C LEU G 27 3.65 -3.03 -1.28
N PRO G 28 3.07 -2.88 -0.05
CA PRO G 28 2.53 -1.58 0.36
C PRO G 28 3.52 -0.43 0.25
N ASN G 29 4.76 -0.62 0.74
CA ASN G 29 5.80 0.41 0.70
C ASN G 29 6.06 0.88 -0.74
N LEU G 30 6.19 -0.08 -1.71
CA LEU G 30 6.43 0.21 -3.11
C LEU G 30 5.25 1.01 -3.66
N ALA G 31 4.02 0.62 -3.34
CA ALA G 31 2.83 1.32 -3.84
C ALA G 31 2.77 2.78 -3.33
N ALA G 32 3.03 3.00 -2.03
CA ALA G 32 3.09 4.36 -1.45
C ALA G 32 4.20 5.21 -2.15
N ALA G 33 5.36 4.59 -2.48
CA ALA G 33 6.42 5.30 -3.17
C ALA G 33 5.99 5.66 -4.58
N TYR G 34 5.27 4.79 -5.29
CA TYR G 34 4.79 5.09 -6.64
C TYR G 34 3.70 6.14 -6.65
N SER G 35 2.87 6.17 -5.60
CA SER G 35 1.86 7.21 -5.47
C SER G 35 2.57 8.58 -5.28
N SER G 36 3.58 8.60 -4.43
CA SER G 36 4.35 9.81 -4.18
C SER G 36 5.04 10.27 -5.48
N ILE G 37 5.58 9.32 -6.28
CA ILE G 37 6.22 9.61 -7.57
C ILE G 37 5.19 10.26 -8.52
N LEU G 38 3.97 9.71 -8.60
CA LEU G 38 2.91 10.28 -9.44
C LEU G 38 2.64 11.75 -9.08
N SER G 39 2.54 12.07 -7.77
CA SER G 39 2.32 13.45 -7.30
C SER G 39 3.53 14.33 -7.60
N SER G 40 4.73 13.83 -7.36
CA SER G 40 5.96 14.61 -7.61
C SER G 40 6.22 14.90 -9.10
N LEU G 41 5.61 14.13 -10.00
CA LEU G 41 5.73 14.38 -11.44
C LEU G 41 4.69 15.41 -11.93
N GLY G 42 3.79 15.88 -11.06
CA GLY G 42 2.74 16.81 -11.46
C GLY G 42 1.43 16.12 -11.78
N GLU G 43 1.39 14.78 -11.69
CA GLU G 43 0.16 14.04 -11.99
C GLU G 43 -0.81 13.98 -10.81
N ASN G 44 -2.02 13.47 -11.01
CA ASN G 44 -2.99 13.36 -9.94
C ASN G 44 -3.22 11.89 -9.67
N PRO G 45 -2.65 11.29 -8.61
CA PRO G 45 -2.89 9.86 -8.36
C PRO G 45 -4.33 9.50 -7.96
N GLN G 46 -5.24 10.51 -7.78
CA GLN G 46 -6.68 10.32 -7.48
C GLN G 46 -7.49 10.18 -8.79
N ARG G 47 -6.97 10.62 -9.98
CA ARG G 47 -7.74 10.53 -11.22
C ARG G 47 -8.00 9.08 -11.61
N GLN G 48 -9.15 8.80 -12.24
CA GLN G 48 -9.57 7.44 -12.63
C GLN G 48 -8.48 6.55 -13.23
N GLY G 49 -7.71 7.10 -14.18
CA GLY G 49 -6.67 6.35 -14.87
C GLY G 49 -5.42 6.06 -14.07
N LEU G 50 -5.31 6.62 -12.87
CA LEU G 50 -4.14 6.38 -12.01
C LEU G 50 -4.47 5.74 -10.68
N LEU G 51 -5.77 5.53 -10.35
CA LEU G 51 -6.17 4.98 -9.04
C LEU G 51 -5.51 3.68 -8.68
N LYS G 52 -5.44 2.75 -9.63
CA LYS G 52 -4.83 1.45 -9.38
C LYS G 52 -3.33 1.36 -9.72
N THR G 53 -2.78 2.43 -10.28
CA THR G 53 -1.38 2.51 -10.70
C THR G 53 -0.37 2.25 -9.57
N PRO G 54 -0.43 2.90 -8.37
CA PRO G 54 0.55 2.54 -7.31
C PRO G 54 0.64 1.02 -7.05
N TRP G 55 -0.50 0.31 -6.94
CA TRP G 55 -0.51 -1.13 -6.72
C TRP G 55 0.01 -1.93 -7.91
N ARG G 56 -0.38 -1.55 -9.12
CA ARG G 56 0.04 -2.23 -10.33
C ARG G 56 1.55 -2.05 -10.61
N ALA G 57 2.04 -0.83 -10.42
CA ALA G 57 3.45 -0.52 -10.62
C ALA G 57 4.30 -1.28 -9.59
N ALA G 58 3.80 -1.35 -8.33
CA ALA G 58 4.47 -2.09 -7.25
C ALA G 58 4.56 -3.59 -7.59
N SER G 59 3.45 -4.19 -8.06
CA SER G 59 3.41 -5.61 -8.44
C SER G 59 4.34 -5.89 -9.62
N ALA G 60 4.33 -5.02 -10.65
CA ALA G 60 5.20 -5.15 -11.82
C ALA G 60 6.67 -5.13 -11.36
N MET G 61 7.06 -4.20 -10.47
CA MET G 61 8.42 -4.13 -9.96
C MET G 61 8.83 -5.37 -9.16
N GLN G 62 7.89 -5.97 -8.42
CA GLN G 62 8.16 -7.21 -7.70
C GLN G 62 8.38 -8.35 -8.70
N PHE G 63 7.57 -8.40 -9.76
CA PHE G 63 7.74 -9.42 -10.80
C PHE G 63 9.09 -9.24 -11.50
N PHE G 64 9.44 -8.01 -11.86
CA PHE G 64 10.73 -7.73 -12.52
C PHE G 64 11.93 -8.11 -11.63
N THR G 65 11.74 -8.22 -10.31
CA THR G 65 12.82 -8.56 -9.39
C THR G 65 12.58 -9.89 -8.63
N LYS G 66 11.71 -10.77 -9.17
CA LYS G 66 11.43 -12.08 -8.56
C LYS G 66 12.65 -13.02 -8.49
N GLY G 67 13.72 -12.71 -9.22
CA GLY G 67 14.94 -13.49 -9.24
C GLY G 67 15.70 -13.52 -7.93
N TYR G 68 15.58 -12.47 -7.10
CA TYR G 68 16.19 -12.47 -5.76
C TYR G 68 15.60 -13.60 -4.89
N GLN G 69 14.34 -14.01 -5.14
CA GLN G 69 13.67 -15.09 -4.39
C GLN G 69 14.23 -16.49 -4.75
N GLU G 70 14.90 -16.64 -5.90
CA GLU G 70 15.29 -17.97 -6.39
C GLU G 70 16.69 -18.44 -6.11
N THR G 71 16.80 -19.73 -5.79
CA THR G 71 18.10 -20.36 -5.57
C THR G 71 18.37 -21.31 -6.74
N ILE G 72 19.64 -21.47 -7.12
CA ILE G 72 20.03 -22.36 -8.21
C ILE G 72 19.53 -23.79 -8.01
N SER G 73 19.67 -24.32 -6.77
CA SER G 73 19.24 -25.68 -6.48
C SER G 73 17.75 -25.92 -6.75
N ASP G 74 16.88 -25.00 -6.33
CA ASP G 74 15.44 -25.16 -6.57
C ASP G 74 15.11 -25.08 -8.07
N VAL G 75 15.77 -24.15 -8.76
CA VAL G 75 15.57 -23.94 -10.18
C VAL G 75 16.02 -25.16 -11.00
N LEU G 76 17.13 -25.79 -10.61
CA LEU G 76 17.64 -26.97 -11.31
C LEU G 76 16.69 -28.15 -11.22
N ASN G 77 16.06 -28.28 -10.05
CA ASN G 77 15.08 -29.33 -9.76
C ASN G 77 15.55 -30.74 -10.09
N ASP G 78 16.85 -31.01 -9.85
CA ASP G 78 17.51 -32.30 -10.11
C ASP G 78 17.49 -32.73 -11.57
N ALA G 79 17.41 -31.78 -12.50
CA ALA G 79 17.34 -32.07 -13.92
C ALA G 79 18.73 -32.17 -14.50
N ILE G 80 19.46 -33.15 -13.99
CA ILE G 80 20.82 -33.41 -14.43
C ILE G 80 20.86 -34.88 -14.86
N PHE G 81 21.13 -35.11 -16.14
CA PHE G 81 21.11 -36.46 -16.72
C PHE G 81 22.47 -36.98 -17.14
N ASP G 82 22.64 -38.30 -17.14
CA ASP G 82 23.92 -38.91 -17.48
C ASP G 82 24.06 -39.15 -18.99
N ASP G 86 29.78 -35.75 -24.51
CA ASP G 86 31.01 -34.98 -24.72
C ASP G 86 30.98 -34.14 -26.02
N GLU G 87 29.80 -33.64 -26.40
CA GLU G 87 29.62 -32.81 -27.58
C GLU G 87 28.96 -31.46 -27.21
N MET G 88 29.07 -30.44 -28.09
CA MET G 88 28.54 -29.12 -27.78
C MET G 88 27.02 -28.99 -27.73
N VAL G 89 26.51 -28.38 -26.63
CA VAL G 89 25.09 -28.15 -26.44
C VAL G 89 24.85 -26.65 -26.36
N ILE G 90 23.91 -26.15 -27.16
CA ILE G 90 23.61 -24.73 -27.18
C ILE G 90 22.11 -24.48 -27.04
N VAL G 91 21.74 -23.48 -26.24
CA VAL G 91 20.37 -23.01 -26.18
C VAL G 91 20.52 -21.52 -26.51
N LYS G 92 20.07 -21.13 -27.68
CA LYS G 92 20.22 -19.76 -28.14
C LYS G 92 18.88 -19.03 -28.27
N ASP G 93 18.93 -17.70 -28.45
CA ASP G 93 17.75 -16.85 -28.60
C ASP G 93 16.83 -16.91 -27.42
N ILE G 94 17.38 -16.98 -26.22
CA ILE G 94 16.56 -16.99 -25.01
C ILE G 94 16.18 -15.55 -24.76
N ASP G 95 14.88 -15.21 -24.89
CA ASP G 95 14.42 -13.84 -24.60
C ASP G 95 14.72 -13.49 -23.15
N MET G 96 15.31 -12.32 -22.96
CA MET G 96 15.78 -11.87 -21.66
C MET G 96 15.23 -10.47 -21.40
N PHE G 97 14.71 -10.25 -20.20
CA PHE G 97 14.16 -8.97 -19.80
C PHE G 97 14.73 -8.62 -18.44
N SER G 98 15.58 -7.60 -18.38
CA SER G 98 16.20 -7.22 -17.12
C SER G 98 15.94 -5.74 -16.79
N MET G 99 16.46 -5.26 -15.66
CA MET G 99 16.26 -3.89 -15.22
C MET G 99 17.62 -3.25 -14.98
N CYS G 100 17.85 -2.11 -15.57
CA CYS G 100 19.10 -1.41 -15.35
C CYS G 100 19.11 -0.90 -13.90
N GLU G 101 20.16 -1.20 -13.16
CA GLU G 101 20.23 -0.80 -11.77
C GLU G 101 20.56 0.68 -11.60
N HIS G 102 21.10 1.32 -12.63
CA HIS G 102 21.43 2.72 -12.54
C HIS G 102 20.25 3.66 -12.79
N HIS G 103 19.29 3.25 -13.61
CA HIS G 103 18.13 4.09 -13.92
C HIS G 103 16.75 3.49 -13.65
N LEU G 104 16.70 2.21 -13.28
CA LEU G 104 15.46 1.46 -13.01
C LEU G 104 14.57 1.45 -14.25
N VAL G 105 15.18 1.21 -15.41
CA VAL G 105 14.51 1.16 -16.70
C VAL G 105 14.92 -0.18 -17.37
N PRO G 106 14.01 -0.86 -18.10
CA PRO G 106 14.39 -2.15 -18.71
C PRO G 106 15.52 -2.13 -19.75
N PHE G 107 16.25 -3.25 -19.81
CA PHE G 107 17.17 -3.57 -20.88
C PHE G 107 16.76 -4.99 -21.30
N VAL G 108 16.53 -5.17 -22.58
CA VAL G 108 15.95 -6.41 -23.08
C VAL G 108 16.71 -6.93 -24.26
N GLY G 109 16.73 -8.25 -24.40
CA GLY G 109 17.40 -8.85 -25.55
C GLY G 109 17.35 -10.35 -25.55
N LYS G 110 18.48 -10.97 -25.90
CA LYS G 110 18.62 -12.40 -26.04
C LYS G 110 19.89 -12.88 -25.37
N VAL G 111 19.83 -14.13 -24.86
CA VAL G 111 20.97 -14.80 -24.25
C VAL G 111 21.23 -16.07 -25.06
N HIS G 112 22.50 -16.31 -25.40
CA HIS G 112 22.90 -17.51 -26.13
C HIS G 112 23.89 -18.24 -25.23
N ILE G 113 23.60 -19.49 -24.89
CA ILE G 113 24.43 -20.26 -23.99
C ILE G 113 24.94 -21.52 -24.65
N GLY G 114 26.21 -21.79 -24.48
CA GLY G 114 26.81 -23.01 -25.01
C GLY G 114 27.65 -23.66 -23.92
N TYR G 115 27.73 -24.98 -23.93
CA TYR G 115 28.58 -25.67 -22.98
C TYR G 115 29.02 -27.03 -23.51
N LEU G 116 30.13 -27.53 -22.98
CA LEU G 116 30.67 -28.83 -23.34
C LEU G 116 30.53 -29.69 -22.11
N PRO G 117 29.64 -30.68 -22.12
CA PRO G 117 29.42 -31.48 -20.91
C PRO G 117 30.58 -32.37 -20.54
N ASN G 118 30.71 -32.65 -19.25
CA ASN G 118 31.72 -33.58 -18.79
C ASN G 118 30.91 -34.92 -18.72
N LYS G 119 30.39 -35.33 -17.55
CA LYS G 119 29.56 -36.55 -17.49
C LYS G 119 28.07 -36.25 -17.31
N GLN G 120 27.75 -35.03 -16.84
CA GLN G 120 26.40 -34.61 -16.62
C GLN G 120 25.92 -33.62 -17.73
N VAL G 121 24.66 -33.77 -18.10
CA VAL G 121 24.00 -32.92 -19.07
C VAL G 121 22.80 -32.29 -18.36
N LEU G 122 22.69 -30.98 -18.41
CA LEU G 122 21.61 -30.28 -17.76
C LEU G 122 20.36 -30.28 -18.62
N GLY G 123 19.22 -30.12 -17.98
CA GLY G 123 17.98 -30.05 -18.70
C GLY G 123 17.91 -28.76 -19.47
N LEU G 124 17.61 -28.84 -20.76
CA LEU G 124 17.55 -27.68 -21.65
C LEU G 124 16.87 -26.44 -21.09
N SER G 125 15.70 -26.62 -20.50
CA SER G 125 14.94 -25.51 -19.92
C SER G 125 15.63 -24.86 -18.72
N LYS G 126 16.42 -25.62 -17.98
CA LYS G 126 17.12 -25.09 -16.83
C LYS G 126 18.13 -23.99 -17.23
N LEU G 127 18.64 -24.05 -18.44
CA LEU G 127 19.56 -23.02 -18.92
C LEU G 127 18.81 -21.69 -19.03
N ALA G 128 17.55 -21.73 -19.53
CA ALA G 128 16.68 -20.55 -19.60
C ALA G 128 16.19 -20.14 -18.18
N ARG G 129 15.96 -21.11 -17.30
CA ARG G 129 15.54 -20.81 -15.93
C ARG G 129 16.67 -20.12 -15.15
N ILE G 130 17.93 -20.46 -15.45
CA ILE G 130 19.10 -19.82 -14.85
C ILE G 130 19.16 -18.37 -15.34
N VAL G 131 18.84 -18.11 -16.63
CA VAL G 131 18.77 -16.74 -17.16
C VAL G 131 17.73 -15.92 -16.34
N GLU G 132 16.57 -16.51 -16.05
CA GLU G 132 15.52 -15.87 -15.26
C GLU G 132 15.94 -15.53 -13.83
N ILE G 133 16.77 -16.35 -13.18
CA ILE G 133 17.24 -16.06 -11.81
C ILE G 133 17.98 -14.71 -11.75
N TYR G 134 18.94 -14.51 -12.68
CA TYR G 134 19.78 -13.34 -12.64
C TYR G 134 19.23 -12.15 -13.41
N SER G 135 18.44 -12.37 -14.47
CA SER G 135 17.88 -11.26 -15.25
C SER G 135 16.75 -10.56 -14.53
N ARG G 136 16.00 -11.29 -13.69
CA ARG G 136 14.91 -10.70 -12.92
C ARG G 136 15.44 -10.09 -11.62
N ARG G 137 16.34 -9.11 -11.77
CA ARG G 137 17.01 -8.41 -10.68
C ARG G 137 17.39 -7.01 -11.21
N LEU G 138 17.92 -6.14 -10.34
CA LEU G 138 18.48 -4.86 -10.79
C LEU G 138 19.92 -5.26 -11.22
N GLN G 139 20.27 -4.97 -12.46
CA GLN G 139 21.53 -5.42 -13.00
C GLN G 139 22.32 -4.48 -13.88
N VAL G 140 23.48 -4.99 -14.26
CA VAL G 140 24.38 -4.42 -15.25
C VAL G 140 24.65 -5.62 -16.15
N GLN G 141 24.64 -5.41 -17.45
CA GLN G 141 24.82 -6.49 -18.40
C GLN G 141 26.03 -7.38 -18.15
N GLU G 142 27.17 -6.78 -17.84
CA GLU G 142 28.39 -7.53 -17.58
C GLU G 142 28.22 -8.55 -16.47
N ARG G 143 27.66 -8.12 -15.35
CA ARG G 143 27.45 -9.00 -14.19
C ARG G 143 26.46 -10.12 -14.53
N LEU G 144 25.31 -9.77 -15.15
CA LEU G 144 24.32 -10.75 -15.54
C LEU G 144 24.94 -11.87 -16.43
N THR G 145 25.75 -11.47 -17.44
CA THR G 145 26.44 -12.43 -18.32
C THR G 145 27.33 -13.39 -17.52
N LYS G 146 28.15 -12.87 -16.59
CA LYS G 146 29.07 -13.67 -15.78
C LYS G 146 28.32 -14.61 -14.83
N GLN G 147 27.25 -14.11 -14.19
CA GLN G 147 26.49 -14.91 -13.25
C GLN G 147 25.84 -16.11 -13.95
N ILE G 148 25.38 -15.97 -15.20
CA ILE G 148 24.78 -17.11 -15.91
C ILE G 148 25.89 -18.16 -16.17
N ALA G 149 27.07 -17.77 -16.67
CA ALA G 149 28.18 -18.70 -16.89
C ALA G 149 28.68 -19.39 -15.60
N VAL G 150 28.81 -18.64 -14.49
CA VAL G 150 29.29 -19.22 -13.23
C VAL G 150 28.26 -20.22 -12.67
N ALA G 151 26.96 -19.90 -12.77
CA ALA G 151 25.93 -20.81 -12.25
C ALA G 151 25.94 -22.15 -12.98
N ILE G 152 26.11 -22.13 -14.32
CA ILE G 152 26.17 -23.36 -15.11
C ILE G 152 27.41 -24.16 -14.77
N THR G 153 28.55 -23.46 -14.65
CA THR G 153 29.83 -24.07 -14.31
C THR G 153 29.75 -24.79 -12.96
N GLU G 154 29.18 -24.14 -11.95
CA GLU G 154 29.09 -24.72 -10.61
C GLU G 154 28.08 -25.85 -10.51
N ALA G 155 26.99 -25.77 -11.27
CA ALA G 155 25.96 -26.80 -11.24
C ALA G 155 26.36 -28.09 -11.94
N LEU G 156 27.05 -27.99 -13.10
CA LEU G 156 27.37 -29.18 -13.90
C LEU G 156 28.80 -29.62 -13.83
N ARG G 157 29.72 -28.71 -13.47
CA ARG G 157 31.18 -28.93 -13.59
C ARG G 157 31.53 -29.43 -15.00
N PRO G 158 31.08 -28.70 -16.05
CA PRO G 158 31.36 -29.16 -17.42
C PRO G 158 32.79 -28.81 -17.83
N ALA G 159 33.21 -29.18 -19.07
CA ALA G 159 34.54 -28.81 -19.55
C ALA G 159 34.64 -27.27 -19.80
N GLY G 160 33.52 -26.62 -20.14
CA GLY G 160 33.50 -25.19 -20.38
C GLY G 160 32.11 -24.66 -20.67
N VAL G 161 31.93 -23.32 -20.55
CA VAL G 161 30.67 -22.63 -20.78
C VAL G 161 30.95 -21.32 -21.51
N GLY G 162 30.08 -20.96 -22.44
CA GLY G 162 30.15 -19.70 -23.14
C GLY G 162 28.79 -19.05 -23.07
N VAL G 163 28.74 -17.74 -22.76
CA VAL G 163 27.48 -17.01 -22.65
C VAL G 163 27.62 -15.70 -23.42
N VAL G 164 26.68 -15.41 -24.31
CA VAL G 164 26.66 -14.16 -25.05
C VAL G 164 25.30 -13.49 -24.77
N VAL G 165 25.31 -12.24 -24.31
CA VAL G 165 24.08 -11.48 -24.09
C VAL G 165 24.06 -10.31 -25.07
N GLU G 166 22.98 -10.14 -25.84
CA GLU G 166 22.82 -8.98 -26.72
C GLU G 166 21.56 -8.27 -26.24
N ALA G 167 21.66 -6.97 -25.92
CA ALA G 167 20.51 -6.26 -25.38
C ALA G 167 20.44 -4.81 -25.81
N THR G 168 19.22 -4.33 -25.92
CA THR G 168 18.89 -2.94 -26.18
C THR G 168 18.63 -2.35 -24.79
N HIS G 169 19.34 -1.29 -24.46
CA HIS G 169 19.13 -0.64 -23.21
C HIS G 169 18.22 0.53 -23.51
N MET G 170 17.03 0.55 -22.90
CA MET G 170 16.07 1.65 -23.11
C MET G 170 16.61 2.99 -22.59
N CYS G 171 17.50 2.99 -21.60
CA CYS G 171 18.12 4.19 -21.09
C CYS G 171 19.03 4.86 -22.10
N MET G 172 19.37 4.15 -23.18
CA MET G 172 20.21 4.67 -24.25
C MET G 172 19.41 5.02 -25.51
N VAL G 173 18.15 4.57 -25.58
CA VAL G 173 17.33 4.84 -26.76
C VAL G 173 16.21 5.86 -26.45
N MET G 174 15.48 5.72 -25.31
CA MET G 174 14.37 6.63 -24.92
C MET G 174 14.85 7.91 -24.24
N ARG G 175 16.13 7.97 -23.89
CA ARG G 175 16.71 9.11 -23.18
C ARG G 175 18.23 9.11 -23.28
N GLY G 176 18.86 10.06 -22.60
CA GLY G 176 20.30 10.20 -22.59
C GLY G 176 20.86 10.43 -23.98
N VAL G 177 21.73 9.53 -24.42
CA VAL G 177 22.37 9.63 -25.74
C VAL G 177 21.38 9.46 -26.88
N GLN G 178 20.25 8.75 -26.64
CA GLN G 178 19.20 8.54 -27.65
C GLN G 178 19.75 8.00 -28.96
N LYS G 179 20.52 6.92 -28.89
CA LYS G 179 21.08 6.23 -30.05
C LYS G 179 20.16 5.05 -30.33
N MET G 180 19.13 5.28 -31.17
CA MET G 180 18.03 4.36 -31.49
C MET G 180 18.44 2.95 -31.84
N ASN G 181 19.54 2.75 -32.57
CA ASN G 181 19.96 1.41 -32.98
C ASN G 181 20.98 0.75 -32.07
N SER G 182 21.47 1.45 -31.03
CA SER G 182 22.56 0.91 -30.22
C SER G 182 22.21 -0.41 -29.54
N LYS G 183 23.19 -1.33 -29.47
CA LYS G 183 23.02 -2.64 -28.84
C LYS G 183 24.29 -2.93 -28.04
N THR G 184 24.13 -3.53 -26.86
CA THR G 184 25.29 -3.93 -26.08
C THR G 184 25.43 -5.44 -26.19
N VAL G 185 26.62 -5.91 -26.51
CA VAL G 185 26.91 -7.33 -26.59
C VAL G 185 28.00 -7.65 -25.59
N THR G 186 27.73 -8.58 -24.67
CA THR G 186 28.70 -8.98 -23.66
C THR G 186 28.91 -10.49 -23.77
N SER G 187 30.09 -10.93 -23.41
CA SER G 187 30.50 -12.29 -23.62
C SER G 187 31.25 -12.80 -22.40
N THR G 188 31.04 -14.06 -22.01
CA THR G 188 31.81 -14.68 -20.93
C THR G 188 32.16 -16.07 -21.43
N MET G 189 33.44 -16.42 -21.42
CA MET G 189 33.92 -17.72 -21.87
C MET G 189 34.72 -18.34 -20.72
N LEU G 190 34.29 -19.48 -20.20
CA LEU G 190 34.96 -20.15 -19.08
C LEU G 190 35.43 -21.56 -19.49
N GLY G 191 36.44 -22.08 -18.80
CA GLY G 191 36.96 -23.41 -19.08
C GLY G 191 37.45 -23.53 -20.50
N VAL G 192 37.10 -24.63 -21.20
CA VAL G 192 37.55 -24.81 -22.60
C VAL G 192 37.04 -23.73 -23.53
N PHE G 193 35.93 -23.02 -23.21
CA PHE G 193 35.47 -21.92 -24.09
C PHE G 193 36.46 -20.73 -24.09
N ARG G 194 37.17 -20.53 -22.98
CA ARG G 194 38.20 -19.52 -22.89
C ARG G 194 39.53 -20.08 -23.41
N GLU G 195 39.93 -21.30 -22.94
CA GLU G 195 41.25 -21.87 -23.27
C GLU G 195 41.40 -22.37 -24.69
N ASP G 196 40.32 -22.95 -25.25
CA ASP G 196 40.39 -23.46 -26.62
C ASP G 196 39.62 -22.54 -27.59
N PRO G 197 40.37 -21.83 -28.47
CA PRO G 197 39.73 -20.93 -29.43
C PRO G 197 38.86 -21.63 -30.45
N LYS G 198 39.14 -22.90 -30.76
CA LYS G 198 38.35 -23.71 -31.69
C LYS G 198 36.96 -24.00 -31.12
N THR G 199 36.88 -24.21 -29.79
CA THR G 199 35.59 -24.46 -29.13
C THR G 199 34.77 -23.18 -29.17
N ARG G 200 35.39 -22.04 -28.83
CA ARG G 200 34.70 -20.76 -28.84
C ARG G 200 34.21 -20.39 -30.26
N GLU G 201 35.02 -20.67 -31.30
CA GLU G 201 34.66 -20.39 -32.69
C GLU G 201 33.49 -21.26 -33.13
N GLU G 202 33.45 -22.54 -32.70
CA GLU G 202 32.33 -23.41 -33.03
C GLU G 202 31.03 -22.87 -32.41
N PHE G 203 31.13 -22.39 -31.17
CA PHE G 203 30.01 -21.81 -30.45
C PHE G 203 29.50 -20.55 -31.16
N LEU G 204 30.41 -19.58 -31.46
CA LEU G 204 30.02 -18.35 -32.12
C LEU G 204 29.46 -18.55 -33.52
N THR G 205 29.94 -19.55 -34.26
CA THR G 205 29.41 -19.86 -35.59
C THR G 205 27.98 -20.46 -35.46
N LEU G 206 27.79 -21.36 -34.50
CA LEU G 206 26.49 -22.02 -34.33
C LEU G 206 25.38 -21.15 -33.73
N ILE G 207 25.73 -20.00 -33.10
CA ILE G 207 24.68 -19.12 -32.55
C ILE G 207 24.20 -18.06 -33.53
N ARG G 208 24.78 -17.99 -34.75
CA ARG G 208 24.33 -17.01 -35.75
C ARG G 208 22.95 -17.34 -36.29
N PRO H 17 38.31 24.85 -24.71
CA PRO H 17 37.06 24.32 -25.31
C PRO H 17 36.05 25.44 -25.57
N ARG H 18 35.31 25.33 -26.69
CA ARG H 18 34.32 26.34 -27.09
C ARG H 18 33.24 26.46 -26.03
N SER H 19 32.82 27.67 -25.71
CA SER H 19 31.84 27.89 -24.65
C SER H 19 30.48 28.34 -25.19
N GLU H 20 29.44 28.33 -24.33
CA GLU H 20 28.14 28.82 -24.72
C GLU H 20 28.14 30.36 -24.91
N GLU H 21 29.08 31.09 -24.25
CA GLU H 21 29.25 32.53 -24.42
C GLU H 21 29.83 32.79 -25.82
N ASP H 22 30.82 31.97 -26.25
CA ASP H 22 31.42 32.04 -27.58
C ASP H 22 30.33 31.84 -28.65
N ASN H 23 29.42 30.88 -28.41
CA ASN H 23 28.32 30.59 -29.32
C ASN H 23 27.39 31.78 -29.48
N GLU H 24 27.02 32.46 -28.38
CA GLU H 24 26.13 33.62 -28.43
C GLU H 24 26.80 34.77 -29.18
N LEU H 25 28.10 35.00 -28.92
CA LEU H 25 28.86 36.06 -29.55
C LEU H 25 29.09 35.84 -31.04
N ASN H 26 29.31 34.59 -31.44
CA ASN H 26 29.60 34.27 -32.84
C ASN H 26 28.37 33.99 -33.69
N LEU H 27 27.20 33.78 -33.06
CA LEU H 27 25.96 33.52 -33.80
C LEU H 27 25.64 34.60 -34.85
N PRO H 28 25.71 35.92 -34.54
CA PRO H 28 25.43 36.92 -35.59
C PRO H 28 26.43 36.90 -36.75
N ASN H 29 27.70 36.57 -36.47
CA ASN H 29 28.73 36.48 -37.52
C ASN H 29 28.47 35.30 -38.45
N LEU H 30 28.02 34.17 -37.87
CA LEU H 30 27.67 32.99 -38.65
C LEU H 30 26.45 33.30 -39.51
N ALA H 31 25.42 33.95 -38.93
CA ALA H 31 24.21 34.33 -39.66
C ALA H 31 24.52 35.30 -40.80
N ALA H 32 25.44 36.24 -40.60
CA ALA H 32 25.81 37.19 -41.66
C ALA H 32 26.49 36.44 -42.82
N ALA H 33 27.34 35.46 -42.49
CA ALA H 33 28.01 34.64 -43.49
C ALA H 33 27.01 33.76 -44.25
N TYR H 34 26.03 33.16 -43.56
CA TYR H 34 25.01 32.36 -44.23
C TYR H 34 24.07 33.21 -45.12
N SER H 35 23.75 34.44 -44.70
CA SER H 35 22.92 35.34 -45.53
C SER H 35 23.69 35.67 -46.82
N SER H 36 25.00 35.97 -46.68
CA SER H 36 25.88 36.27 -47.79
C SER H 36 25.92 35.08 -48.78
N ILE H 37 25.98 33.84 -48.27
CA ILE H 37 25.97 32.63 -49.10
C ILE H 37 24.64 32.55 -49.90
N LEU H 38 23.51 32.84 -49.25
CA LEU H 38 22.21 32.85 -49.93
C LEU H 38 22.19 33.81 -51.13
N SER H 39 22.73 35.02 -50.96
CA SER H 39 22.82 36.02 -52.02
C SER H 39 23.79 35.58 -53.10
N SER H 40 24.96 35.05 -52.71
CA SER H 40 25.98 34.60 -53.68
C SER H 40 25.54 33.37 -54.49
N LEU H 41 24.56 32.61 -54.01
CA LEU H 41 24.03 31.48 -54.77
C LEU H 41 22.96 31.90 -55.82
N GLY H 42 22.56 33.16 -55.81
CA GLY H 42 21.53 33.68 -56.71
C GLY H 42 20.15 33.70 -56.07
N GLU H 43 20.03 33.27 -54.80
CA GLU H 43 18.74 33.24 -54.13
C GLU H 43 18.28 34.61 -53.61
N ASN H 44 17.04 34.66 -53.14
CA ASN H 44 16.41 35.86 -52.62
C ASN H 44 16.33 35.66 -51.10
N PRO H 45 17.24 36.30 -50.34
CA PRO H 45 17.21 36.13 -48.88
C PRO H 45 15.99 36.73 -48.20
N GLN H 46 15.22 37.59 -48.89
CA GLN H 46 14.01 38.21 -48.35
C GLN H 46 12.73 37.36 -48.56
N ARG H 47 12.81 36.27 -49.35
CA ARG H 47 11.63 35.43 -49.54
C ARG H 47 11.34 34.65 -48.25
N GLN H 48 10.05 34.42 -48.00
CA GLN H 48 9.50 33.75 -46.82
C GLN H 48 10.29 32.51 -46.36
N GLY H 49 10.62 31.61 -47.29
CA GLY H 49 11.30 30.37 -46.96
C GLY H 49 12.74 30.55 -46.49
N LEU H 50 13.34 31.73 -46.76
CA LEU H 50 14.74 32.03 -46.42
C LEU H 50 14.94 33.05 -45.33
N LEU H 51 13.91 33.80 -44.93
CA LEU H 51 14.01 34.84 -43.89
C LEU H 51 14.79 34.44 -42.62
N LYS H 52 14.51 33.28 -42.05
CA LYS H 52 15.21 32.84 -40.84
C LYS H 52 16.40 31.92 -41.07
N THR H 53 16.64 31.54 -42.31
CA THR H 53 17.69 30.60 -42.70
C THR H 53 19.09 31.01 -42.19
N PRO H 54 19.55 32.28 -42.29
CA PRO H 54 20.89 32.60 -41.74
C PRO H 54 21.08 32.18 -40.27
N TRP H 55 20.04 32.34 -39.44
CA TRP H 55 20.06 31.99 -38.03
C TRP H 55 19.90 30.50 -37.78
N ARG H 56 19.02 29.85 -38.53
CA ARG H 56 18.79 28.42 -38.39
C ARG H 56 19.98 27.60 -38.88
N ALA H 57 20.57 28.02 -39.99
CA ALA H 57 21.75 27.34 -40.53
C ALA H 57 22.92 27.54 -39.55
N ALA H 58 23.06 28.74 -38.97
CA ALA H 58 24.12 29.04 -37.99
C ALA H 58 23.97 28.15 -36.75
N SER H 59 22.74 28.03 -36.21
CA SER H 59 22.46 27.17 -35.03
C SER H 59 22.73 25.71 -35.34
N ALA H 60 22.30 25.21 -36.54
CA ALA H 60 22.53 23.83 -36.95
C ALA H 60 24.05 23.57 -37.01
N MET H 61 24.83 24.47 -37.60
CA MET H 61 26.27 24.30 -37.69
C MET H 61 26.97 24.32 -36.31
N GLN H 62 26.46 25.13 -35.37
CA GLN H 62 27.01 25.14 -34.01
C GLN H 62 26.69 23.79 -33.33
N PHE H 63 25.48 23.23 -33.56
CA PHE H 63 25.12 21.93 -33.01
C PHE H 63 26.00 20.83 -33.62
N PHE H 64 26.21 20.86 -34.95
CA PHE H 64 27.06 19.86 -35.63
C PHE H 64 28.50 19.93 -35.12
N THR H 65 28.94 21.07 -34.57
CA THR H 65 30.31 21.22 -34.05
C THR H 65 30.33 21.37 -32.53
N LYS H 66 29.30 20.91 -31.81
CA LYS H 66 29.25 21.02 -30.34
C LYS H 66 30.30 20.20 -29.60
N GLY H 67 30.93 19.25 -30.29
CA GLY H 67 32.00 18.43 -29.72
C GLY H 67 33.23 19.22 -29.34
N TYR H 68 33.43 20.41 -29.92
CA TYR H 68 34.54 21.29 -29.51
C TYR H 68 34.30 21.88 -28.09
N GLN H 69 33.04 21.92 -27.62
CA GLN H 69 32.68 22.42 -26.31
C GLN H 69 32.88 21.37 -25.19
N GLU H 70 33.26 20.13 -25.53
CA GLU H 70 33.34 19.05 -24.56
C GLU H 70 34.73 18.52 -24.27
N THR H 71 34.89 17.98 -23.07
CA THR H 71 36.11 17.32 -22.62
C THR H 71 35.74 15.89 -22.18
N ILE H 72 36.68 14.95 -22.31
CA ILE H 72 36.46 13.57 -21.91
C ILE H 72 36.05 13.45 -20.44
N SER H 73 36.70 14.20 -19.54
CA SER H 73 36.38 14.15 -18.11
C SER H 73 34.90 14.49 -17.79
N ASP H 74 34.37 15.54 -18.42
CA ASP H 74 32.97 15.92 -18.19
C ASP H 74 32.03 14.86 -18.73
N VAL H 75 32.34 14.34 -19.92
CA VAL H 75 31.55 13.35 -20.59
C VAL H 75 31.51 12.02 -19.81
N LEU H 76 32.66 11.60 -19.22
CA LEU H 76 32.73 10.37 -18.45
C LEU H 76 31.86 10.41 -17.21
N ASN H 77 31.81 11.58 -16.58
CA ASN H 77 31.01 11.85 -15.38
C ASN H 77 31.17 10.82 -14.28
N ASP H 78 32.40 10.32 -14.08
CA ASP H 78 32.78 9.33 -13.06
C ASP H 78 32.07 7.99 -13.23
N ALA H 79 31.56 7.64 -14.40
CA ALA H 79 30.82 6.41 -14.61
C ALA H 79 31.76 5.29 -14.97
N ILE H 80 32.60 4.96 -14.01
CA ILE H 80 33.56 3.87 -14.12
C ILE H 80 33.27 2.95 -12.94
N PHE H 81 32.88 1.71 -13.23
CA PHE H 81 32.49 0.72 -12.22
C PHE H 81 33.43 -0.49 -12.11
N ASP H 82 33.40 -1.20 -10.97
CA ASP H 82 34.27 -2.36 -10.82
C ASP H 82 33.64 -3.66 -11.33
N HIS H 85 35.46 -8.48 -13.59
CA HIS H 85 35.09 -8.55 -15.02
C HIS H 85 36.29 -8.30 -15.93
N ASP H 86 36.66 -9.32 -16.71
CA ASP H 86 37.77 -9.29 -17.66
C ASP H 86 37.36 -9.81 -19.07
N GLU H 87 36.02 -9.87 -19.34
CA GLU H 87 35.36 -10.38 -20.55
C GLU H 87 35.00 -9.27 -21.56
N MET H 88 34.75 -9.61 -22.82
CA MET H 88 34.51 -8.62 -23.86
C MET H 88 33.20 -7.84 -23.74
N VAL H 89 33.29 -6.51 -23.85
CA VAL H 89 32.13 -5.62 -23.81
C VAL H 89 32.08 -4.86 -25.13
N ILE H 90 30.92 -4.89 -25.79
CA ILE H 90 30.74 -4.22 -27.07
C ILE H 90 29.50 -3.34 -27.05
N VAL H 91 29.59 -2.14 -27.62
CA VAL H 91 28.43 -1.30 -27.87
C VAL H 91 28.51 -1.07 -29.38
N LYS H 92 27.58 -1.65 -30.11
CA LYS H 92 27.58 -1.59 -31.56
C LYS H 92 26.37 -0.81 -32.10
N ASP H 93 26.41 -0.50 -33.40
CA ASP H 93 25.34 0.23 -34.10
C ASP H 93 25.06 1.59 -33.49
N ILE H 94 26.12 2.28 -33.02
CA ILE H 94 25.92 3.62 -32.45
C ILE H 94 25.81 4.56 -33.63
N ASP H 95 24.64 5.20 -33.79
CA ASP H 95 24.42 6.15 -34.86
C ASP H 95 25.40 7.31 -34.75
N MET H 96 26.07 7.62 -35.86
CA MET H 96 27.13 8.63 -35.87
C MET H 96 26.86 9.63 -36.98
N PHE H 97 26.96 10.92 -36.67
CA PHE H 97 26.74 12.01 -37.62
C PHE H 97 27.90 12.97 -37.51
N SER H 98 28.70 13.08 -38.55
CA SER H 98 29.85 13.98 -38.54
C SER H 98 29.82 14.94 -39.73
N MET H 99 30.83 15.78 -39.85
CA MET H 99 30.91 16.77 -40.91
C MET H 99 32.28 16.65 -41.57
N CYS H 100 32.29 16.52 -42.88
CA CYS H 100 33.54 16.45 -43.59
C CYS H 100 34.23 17.82 -43.51
N GLU H 101 35.48 17.82 -43.10
CA GLU H 101 36.22 19.08 -42.96
C GLU H 101 36.68 19.63 -44.32
N HIS H 102 36.67 18.83 -45.37
CA HIS H 102 37.07 19.31 -46.68
C HIS H 102 35.96 20.00 -47.46
N HIS H 103 34.72 19.55 -47.30
CA HIS H 103 33.59 20.12 -48.03
C HIS H 103 32.46 20.70 -47.19
N LEU H 104 32.52 20.52 -45.87
CA LEU H 104 31.48 20.96 -44.92
C LEU H 104 30.14 20.34 -45.27
N VAL H 105 30.16 19.04 -45.56
CA VAL H 105 28.99 18.25 -45.92
C VAL H 105 28.98 17.02 -44.96
N PRO H 106 27.79 16.58 -44.47
CA PRO H 106 27.77 15.44 -43.53
C PRO H 106 28.31 14.12 -44.06
N PHE H 107 28.86 13.32 -43.14
CA PHE H 107 29.18 11.92 -43.36
C PHE H 107 28.56 11.20 -42.17
N VAL H 108 27.74 10.22 -42.45
CA VAL H 108 26.92 9.58 -41.41
C VAL H 108 26.98 8.07 -41.50
N GLY H 109 26.80 7.41 -40.36
CA GLY H 109 26.79 5.96 -40.35
C GLY H 109 26.72 5.40 -38.95
N LYS H 110 27.60 4.43 -38.69
CA LYS H 110 27.61 3.69 -37.43
C LYS H 110 28.98 3.44 -36.85
N VAL H 111 29.07 3.42 -35.50
CA VAL H 111 30.32 3.11 -34.81
C VAL H 111 30.10 1.83 -33.97
N HIS H 112 31.06 0.89 -34.00
CA HIS H 112 30.98 -0.33 -33.21
C HIS H 112 32.26 -0.32 -32.37
N ILE H 113 32.09 -0.35 -31.06
CA ILE H 113 33.20 -0.31 -30.12
C ILE H 113 33.26 -1.57 -29.29
N GLY H 114 34.44 -2.11 -29.12
CA GLY H 114 34.66 -3.27 -28.30
C GLY H 114 35.87 -3.05 -27.41
N TYR H 115 35.84 -3.60 -26.21
CA TYR H 115 37.00 -3.49 -25.32
C TYR H 115 37.06 -4.64 -24.34
N LEU H 116 38.26 -4.93 -23.85
CA LEU H 116 38.47 -5.94 -22.85
C LEU H 116 38.83 -5.19 -21.60
N PRO H 117 37.93 -5.16 -20.62
CA PRO H 117 38.22 -4.39 -19.41
C PRO H 117 39.37 -4.96 -18.59
N ASN H 118 39.97 -4.09 -17.80
CA ASN H 118 41.03 -4.44 -16.89
C ASN H 118 40.53 -4.00 -15.50
N LYS H 119 39.54 -4.73 -14.96
CA LYS H 119 38.92 -4.46 -13.66
C LYS H 119 38.10 -3.11 -13.57
N GLN H 120 38.13 -2.24 -14.60
CA GLN H 120 37.34 -1.01 -14.66
C GLN H 120 36.42 -1.12 -15.90
N VAL H 121 35.11 -1.06 -15.69
CA VAL H 121 34.16 -1.08 -16.79
C VAL H 121 33.52 0.30 -16.94
N LEU H 122 33.55 0.82 -18.16
CA LEU H 122 32.97 2.10 -18.44
C LEU H 122 31.46 2.01 -18.56
N GLY H 123 30.78 3.10 -18.21
CA GLY H 123 29.36 3.16 -18.36
C GLY H 123 29.00 3.04 -19.83
N LEU H 124 28.12 2.11 -20.17
CA LEU H 124 27.71 1.84 -21.55
C LEU H 124 27.42 3.07 -22.40
N SER H 125 26.65 4.00 -21.85
CA SER H 125 26.29 5.23 -22.55
C SER H 125 27.49 6.15 -22.84
N LYS H 126 28.50 6.10 -21.99
CA LYS H 126 29.68 6.93 -22.17
C LYS H 126 30.48 6.57 -23.42
N LEU H 127 30.40 5.32 -23.87
CA LEU H 127 31.04 4.91 -25.11
C LEU H 127 30.37 5.69 -26.28
N ALA H 128 29.03 5.83 -26.26
CA ALA H 128 28.31 6.62 -27.25
C ALA H 128 28.59 8.13 -27.06
N ARG H 129 28.75 8.57 -25.82
CA ARG H 129 29.06 9.97 -25.55
C ARG H 129 30.45 10.34 -26.08
N ILE H 130 31.38 9.38 -26.01
CA ILE H 130 32.75 9.57 -26.55
C ILE H 130 32.65 9.71 -28.07
N VAL H 131 31.78 8.91 -28.74
CA VAL H 131 31.54 9.04 -30.17
C VAL H 131 31.07 10.47 -30.49
N GLU H 132 30.15 11.02 -29.67
CA GLU H 132 29.62 12.36 -29.81
C GLU H 132 30.67 13.47 -29.69
N ILE H 133 31.62 13.40 -28.76
CA ILE H 133 32.67 14.43 -28.60
C ILE H 133 33.43 14.64 -29.94
N TYR H 134 33.87 13.53 -30.54
CA TYR H 134 34.70 13.59 -31.71
C TYR H 134 33.93 13.68 -33.01
N SER H 135 32.75 13.08 -33.11
CA SER H 135 32.00 13.14 -34.36
C SER H 135 31.37 14.53 -34.58
N ARG H 136 31.04 15.23 -33.49
CA ARG H 136 30.42 16.56 -33.63
C ARG H 136 31.50 17.60 -33.81
N ARG H 137 32.28 17.47 -34.88
CA ARG H 137 33.40 18.34 -35.20
C ARG H 137 33.60 18.28 -36.73
N LEU H 138 34.50 19.10 -37.26
CA LEU H 138 34.87 19.03 -38.66
C LEU H 138 35.94 17.94 -38.65
N GLN H 139 35.72 16.87 -39.41
CA GLN H 139 36.58 15.71 -39.35
C GLN H 139 36.93 14.98 -40.62
N VAL H 140 37.72 13.94 -40.43
CA VAL H 140 38.09 12.97 -41.44
C VAL H 140 37.86 11.63 -40.72
N GLN H 141 37.27 10.68 -41.43
CA GLN H 141 36.95 9.39 -40.82
C GLN H 141 38.09 8.70 -40.06
N GLU H 142 39.29 8.70 -40.63
CA GLU H 142 40.43 8.08 -39.98
C GLU H 142 40.77 8.70 -38.64
N ARG H 143 40.76 10.03 -38.55
CA ARG H 143 41.07 10.70 -37.29
C ARG H 143 39.98 10.39 -36.24
N LEU H 144 38.73 10.49 -36.65
CA LEU H 144 37.57 10.21 -35.80
C LEU H 144 37.68 8.81 -35.17
N THR H 145 37.99 7.78 -35.98
CA THR H 145 38.12 6.39 -35.55
C THR H 145 39.22 6.24 -34.49
N LYS H 146 40.40 6.87 -34.75
CA LYS H 146 41.52 6.82 -33.83
C LYS H 146 41.23 7.53 -32.51
N GLN H 147 40.61 8.72 -32.57
CA GLN H 147 40.30 9.50 -31.38
C GLN H 147 39.36 8.78 -30.43
N ILE H 148 38.36 8.07 -30.94
CA ILE H 148 37.44 7.29 -30.10
C ILE H 148 38.22 6.18 -29.36
N ALA H 149 39.05 5.42 -30.10
CA ALA H 149 39.85 4.34 -29.52
C ALA H 149 40.84 4.85 -28.46
N VAL H 150 41.54 5.95 -28.76
CA VAL H 150 42.49 6.55 -27.84
C VAL H 150 41.78 7.08 -26.57
N ALA H 151 40.61 7.74 -26.72
CA ALA H 151 39.90 8.26 -25.55
C ALA H 151 39.49 7.14 -24.58
N ILE H 152 38.98 6.01 -25.11
CA ILE H 152 38.61 4.86 -24.27
C ILE H 152 39.82 4.24 -23.60
N THR H 153 40.93 4.13 -24.35
CA THR H 153 42.19 3.58 -23.83
C THR H 153 42.69 4.42 -22.66
N GLU H 154 42.71 5.74 -22.81
CA GLU H 154 43.22 6.64 -21.78
C GLU H 154 42.30 6.75 -20.56
N ALA H 155 40.99 6.67 -20.77
CA ALA H 155 40.05 6.78 -19.67
C ALA H 155 39.97 5.53 -18.79
N LEU H 156 40.06 4.34 -19.41
CA LEU H 156 39.87 3.08 -18.68
C LEU H 156 41.11 2.28 -18.42
N ARG H 157 42.16 2.49 -19.23
CA ARG H 157 43.37 1.67 -19.24
C ARG H 157 43.01 0.17 -19.36
N PRO H 158 42.22 -0.20 -20.40
CA PRO H 158 41.81 -1.61 -20.52
C PRO H 158 42.90 -2.47 -21.16
N ALA H 159 42.67 -3.77 -21.31
CA ALA H 159 43.65 -4.63 -21.97
C ALA H 159 43.73 -4.28 -23.51
N GLY H 160 42.64 -3.77 -24.08
CA GLY H 160 42.59 -3.40 -25.48
C GLY H 160 41.26 -2.80 -25.89
N VAL H 161 41.25 -2.11 -27.05
CA VAL H 161 40.07 -1.48 -27.61
C VAL H 161 40.05 -1.71 -29.15
N GLY H 162 38.87 -1.91 -29.70
CA GLY H 162 38.65 -2.02 -31.12
C GLY H 162 37.53 -1.08 -31.50
N VAL H 163 37.72 -0.28 -32.56
CA VAL H 163 36.70 0.65 -33.06
C VAL H 163 36.55 0.47 -34.56
N VAL H 164 35.31 0.31 -35.04
CA VAL H 164 35.01 0.19 -36.46
C VAL H 164 33.98 1.29 -36.77
N VAL H 165 34.26 2.13 -37.76
CA VAL H 165 33.31 3.16 -38.17
C VAL H 165 32.92 2.85 -39.62
N GLU H 166 31.62 2.76 -39.92
CA GLU H 166 31.16 2.61 -41.30
C GLU H 166 30.34 3.85 -41.60
N ALA H 167 30.63 4.53 -42.72
CA ALA H 167 29.90 5.75 -43.02
C ALA H 167 29.72 5.99 -44.48
N THR H 168 28.62 6.67 -44.81
CA THR H 168 28.32 7.14 -46.15
C THR H 168 28.75 8.60 -46.14
N HIS H 169 29.62 8.95 -47.06
CA HIS H 169 30.04 10.31 -47.18
C HIS H 169 29.16 10.91 -48.25
N MET H 170 28.38 11.95 -47.90
CA MET H 170 27.51 12.63 -48.86
C MET H 170 28.30 13.32 -49.99
N CYS H 171 29.56 13.71 -49.75
CA CYS H 171 30.43 14.25 -50.78
C CYS H 171 30.77 13.21 -51.88
N MET H 172 30.60 11.91 -51.62
CA MET H 172 30.81 10.86 -52.61
C MET H 172 29.49 10.36 -53.23
N VAL H 173 28.33 10.80 -52.72
CA VAL H 173 27.04 10.33 -53.19
C VAL H 173 26.28 11.44 -53.97
N MET H 174 26.14 12.63 -53.36
CA MET H 174 25.41 13.81 -53.87
C MET H 174 26.22 14.65 -54.85
N ARG H 175 27.51 14.36 -55.00
CA ARG H 175 28.42 15.13 -55.86
C ARG H 175 29.72 14.37 -56.10
N GLY H 176 30.64 15.01 -56.82
CA GLY H 176 31.92 14.40 -57.13
C GLY H 176 31.76 13.14 -57.95
N VAL H 177 32.31 12.04 -57.45
CA VAL H 177 32.24 10.75 -58.12
C VAL H 177 30.82 10.19 -58.24
N GLN H 178 29.90 10.64 -57.35
CA GLN H 178 28.51 10.21 -57.34
C GLN H 178 28.34 8.67 -57.39
N LYS H 179 28.99 7.99 -56.45
CA LYS H 179 28.89 6.54 -56.29
C LYS H 179 27.88 6.33 -55.16
N MET H 180 26.61 6.18 -55.53
CA MET H 180 25.43 6.07 -54.63
C MET H 180 25.58 5.06 -53.50
N ASN H 181 26.19 3.89 -53.77
CA ASN H 181 26.31 2.85 -52.76
C ASN H 181 27.61 2.87 -51.97
N SER H 182 28.57 3.75 -52.31
CA SER H 182 29.89 3.70 -51.67
C SER H 182 29.84 3.92 -50.16
N LYS H 183 30.68 3.15 -49.43
CA LYS H 183 30.75 3.27 -47.96
C LYS H 183 32.20 3.21 -47.54
N THR H 184 32.59 4.03 -46.58
CA THR H 184 33.94 3.97 -46.04
C THR H 184 33.93 3.24 -44.71
N VAL H 185 34.83 2.28 -44.57
CA VAL H 185 34.96 1.53 -43.33
C VAL H 185 36.37 1.76 -42.81
N THR H 186 36.49 2.25 -41.58
CA THR H 186 37.81 2.45 -40.95
C THR H 186 37.81 1.63 -39.66
N SER H 187 38.98 1.17 -39.30
CA SER H 187 39.16 0.29 -38.17
C SER H 187 40.38 0.71 -37.37
N THR H 188 40.29 0.71 -36.04
CA THR H 188 41.46 0.95 -35.17
C THR H 188 41.46 -0.14 -34.10
N MET H 189 42.59 -0.86 -33.96
CA MET H 189 42.71 -1.92 -33.00
C MET H 189 43.91 -1.60 -32.11
N LEU H 190 43.69 -1.47 -30.80
CA LEU H 190 44.76 -1.14 -29.85
C LEU H 190 44.91 -2.21 -28.78
N GLY H 191 46.08 -2.30 -28.15
CA GLY H 191 46.33 -3.27 -27.09
C GLY H 191 46.11 -4.70 -27.57
N VAL H 192 45.38 -5.53 -26.77
CA VAL H 192 45.13 -6.91 -27.17
C VAL H 192 44.31 -7.03 -28.44
N PHE H 193 43.53 -6.00 -28.83
CA PHE H 193 42.77 -6.08 -30.09
C PHE H 193 43.71 -6.08 -31.32
N ARG H 194 44.92 -5.50 -31.19
CA ARG H 194 45.93 -5.56 -32.24
C ARG H 194 46.79 -6.81 -32.06
N GLU H 195 47.29 -7.05 -30.82
CA GLU H 195 48.25 -8.13 -30.55
C GLU H 195 47.67 -9.52 -30.61
N ASP H 196 46.42 -9.69 -30.19
CA ASP H 196 45.79 -11.00 -30.20
C ASP H 196 44.73 -11.06 -31.29
N PRO H 197 44.99 -11.80 -32.38
CA PRO H 197 43.99 -11.94 -33.46
C PRO H 197 42.71 -12.61 -33.00
N LYS H 198 42.76 -13.47 -31.97
CA LYS H 198 41.58 -14.16 -31.45
C LYS H 198 40.62 -13.19 -30.80
N THR H 199 41.14 -12.15 -30.12
CA THR H 199 40.29 -11.12 -29.49
C THR H 199 39.64 -10.30 -30.62
N ARG H 200 40.44 -9.89 -31.62
CA ARG H 200 39.91 -9.12 -32.73
C ARG H 200 38.84 -9.90 -33.52
N GLU H 201 39.05 -11.20 -33.74
CA GLU H 201 38.11 -12.06 -34.46
C GLU H 201 36.80 -12.19 -33.68
N GLU H 202 36.88 -12.31 -32.33
CA GLU H 202 35.65 -12.41 -31.54
C GLU H 202 34.85 -11.12 -31.65
N PHE H 203 35.54 -9.98 -31.58
CA PHE H 203 34.95 -8.65 -31.75
C PHE H 203 34.25 -8.52 -33.12
N LEU H 204 34.97 -8.83 -34.23
CA LEU H 204 34.39 -8.70 -35.57
C LEU H 204 33.24 -9.66 -35.82
N THR H 205 33.27 -10.85 -35.20
CA THR H 205 32.17 -11.80 -35.34
C THR H 205 30.93 -11.27 -34.58
N LEU H 206 31.13 -10.73 -33.36
CA LEU H 206 30.02 -10.27 -32.53
C LEU H 206 29.39 -8.95 -32.99
N ILE H 207 30.07 -8.17 -33.84
CA ILE H 207 29.46 -6.92 -34.33
C ILE H 207 28.66 -7.10 -35.63
N ARG H 208 28.60 -8.30 -36.20
CA ARG H 208 27.82 -8.53 -37.43
C ARG H 208 26.32 -8.44 -37.16
N SER I 19 42.04 12.64 -76.10
CA SER I 19 41.70 14.04 -75.82
C SER I 19 40.28 14.39 -76.28
N GLU I 20 39.76 15.55 -75.83
CA GLU I 20 38.44 16.01 -76.27
C GLU I 20 38.44 16.40 -77.74
N GLU I 21 39.62 16.80 -78.29
CA GLU I 21 39.78 17.14 -79.71
C GLU I 21 39.67 15.85 -80.53
N ASP I 22 40.30 14.74 -80.05
CA ASP I 22 40.22 13.42 -80.67
C ASP I 22 38.76 12.97 -80.74
N ASN I 23 37.99 13.21 -79.66
CA ASN I 23 36.59 12.85 -79.59
C ASN I 23 35.77 13.56 -80.65
N GLU I 24 35.99 14.88 -80.82
CA GLU I 24 35.27 15.67 -81.81
C GLU I 24 35.60 15.23 -83.23
N LEU I 25 36.89 14.94 -83.50
CA LEU I 25 37.34 14.51 -84.80
C LEU I 25 36.83 13.12 -85.18
N ASN I 26 36.78 12.20 -84.20
CA ASN I 26 36.35 10.84 -84.46
C ASN I 26 34.86 10.60 -84.36
N LEU I 27 34.10 11.55 -83.79
CA LEU I 27 32.64 11.40 -83.65
C LEU I 27 31.94 11.10 -85.00
N PRO I 28 32.22 11.84 -86.11
CA PRO I 28 31.56 11.49 -87.38
C PRO I 28 31.89 10.09 -87.91
N ASN I 29 33.13 9.62 -87.67
CA ASN I 29 33.53 8.28 -88.10
C ASN I 29 32.81 7.20 -87.30
N LEU I 30 32.62 7.43 -85.99
CA LEU I 30 31.90 6.52 -85.11
C LEU I 30 30.45 6.48 -85.54
N ALA I 31 29.84 7.67 -85.80
CA ALA I 31 28.45 7.76 -86.25
C ALA I 31 28.23 7.04 -87.58
N ALA I 32 29.19 7.14 -88.51
CA ALA I 32 29.07 6.45 -89.80
C ALA I 32 29.10 4.94 -89.60
N ALA I 33 29.94 4.45 -88.68
CA ALA I 33 30.03 3.04 -88.39
C ALA I 33 28.74 2.53 -87.70
N TYR I 34 28.16 3.31 -86.78
CA TYR I 34 26.91 2.92 -86.12
C TYR I 34 25.72 2.94 -87.07
N SER I 35 25.70 3.90 -88.04
CA SER I 35 24.65 3.97 -89.07
C SER I 35 24.73 2.72 -89.95
N SER I 36 25.95 2.31 -90.31
CA SER I 36 26.22 1.13 -91.11
C SER I 36 25.75 -0.15 -90.36
N ILE I 37 25.96 -0.20 -89.04
CA ILE I 37 25.52 -1.33 -88.20
C ILE I 37 23.98 -1.43 -88.24
N LEU I 38 23.26 -0.29 -88.15
CA LEU I 38 21.79 -0.27 -88.23
C LEU I 38 21.29 -0.88 -89.55
N SER I 39 21.94 -0.52 -90.67
CA SER I 39 21.57 -1.06 -91.98
C SER I 39 21.90 -2.55 -92.06
N SER I 40 23.10 -2.95 -91.59
CA SER I 40 23.53 -4.35 -91.64
C SER I 40 22.69 -5.28 -90.75
N LEU I 41 21.99 -4.72 -89.75
CA LEU I 41 21.11 -5.54 -88.90
C LEU I 41 19.70 -5.72 -89.52
N GLY I 42 19.43 -5.07 -90.64
CA GLY I 42 18.13 -5.14 -91.29
C GLY I 42 17.22 -3.97 -90.92
N GLU I 43 17.71 -3.04 -90.09
CA GLU I 43 16.92 -1.90 -89.64
C GLU I 43 16.91 -0.74 -90.65
N ASN I 44 16.00 0.22 -90.43
CA ASN I 44 15.87 1.38 -91.27
C ASN I 44 16.43 2.58 -90.54
N PRO I 45 17.64 3.05 -90.89
CA PRO I 45 18.20 4.24 -90.21
C PRO I 45 17.40 5.53 -90.39
N GLN I 46 16.42 5.53 -91.31
CA GLN I 46 15.59 6.70 -91.56
C GLN I 46 14.34 6.78 -90.68
N ARG I 47 13.95 5.69 -90.01
CA ARG I 47 12.78 5.74 -89.14
C ARG I 47 13.02 6.66 -87.93
N GLN I 48 11.97 7.32 -87.43
CA GLN I 48 12.07 8.30 -86.34
C GLN I 48 12.94 7.88 -85.16
N GLY I 49 12.74 6.66 -84.66
CA GLY I 49 13.47 6.17 -83.51
C GLY I 49 14.96 5.99 -83.70
N LEU I 50 15.44 5.96 -84.96
CA LEU I 50 16.83 5.73 -85.31
C LEU I 50 17.59 6.91 -85.90
N LEU I 51 16.89 7.98 -86.25
CA LEU I 51 17.52 9.12 -86.90
C LEU I 51 18.77 9.67 -86.17
N LYS I 52 18.72 9.83 -84.86
CA LYS I 52 19.87 10.33 -84.13
C LYS I 52 20.76 9.25 -83.49
N THR I 53 20.35 8.00 -83.61
CA THR I 53 21.06 6.86 -83.03
C THR I 53 22.56 6.78 -83.39
N PRO I 54 23.00 6.96 -84.65
CA PRO I 54 24.44 6.90 -84.92
C PRO I 54 25.27 7.86 -84.04
N TRP I 55 24.75 9.07 -83.78
CA TRP I 55 25.41 10.07 -82.96
C TRP I 55 25.31 9.79 -81.46
N ARG I 56 24.16 9.33 -81.02
CA ARG I 56 23.92 9.01 -79.62
C ARG I 56 24.72 7.78 -79.18
N ALA I 57 24.76 6.77 -80.04
CA ALA I 57 25.51 5.54 -79.77
C ALA I 57 27.01 5.87 -79.75
N ALA I 58 27.47 6.72 -80.69
CA ALA I 58 28.86 7.15 -80.75
C ALA I 58 29.27 7.88 -79.46
N SER I 59 28.43 8.84 -78.97
CA SER I 59 28.68 9.60 -77.74
C SER I 59 28.67 8.68 -76.52
N ALA I 60 27.70 7.73 -76.45
CA ALA I 60 27.64 6.77 -75.34
C ALA I 60 28.93 5.93 -75.29
N MET I 61 29.42 5.44 -76.44
CA MET I 61 30.64 4.63 -76.50
C MET I 61 31.88 5.42 -76.09
N GLN I 62 31.94 6.72 -76.44
CA GLN I 62 33.03 7.57 -76.03
C GLN I 62 32.96 7.78 -74.51
N PHE I 63 31.76 7.93 -73.93
CA PHE I 63 31.61 8.10 -72.49
C PHE I 63 32.04 6.80 -71.77
N PHE I 64 31.62 5.62 -72.28
CA PHE I 64 32.00 4.33 -71.71
C PHE I 64 33.53 4.11 -71.75
N THR I 65 34.26 4.78 -72.64
CA THR I 65 35.69 4.61 -72.77
C THR I 65 36.46 5.91 -72.43
N LYS I 66 35.87 6.80 -71.59
CA LYS I 66 36.51 8.07 -71.19
C LYS I 66 37.74 7.89 -70.28
N GLY I 67 37.97 6.67 -69.78
CA GLY I 67 39.14 6.39 -68.97
C GLY I 67 40.44 6.52 -69.74
N TYR I 68 40.37 6.38 -71.07
CA TYR I 68 41.55 6.56 -71.92
C TYR I 68 41.97 8.05 -71.95
N GLN I 69 41.07 8.98 -71.59
CA GLN I 69 41.38 10.41 -71.53
C GLN I 69 42.05 10.83 -70.19
N GLU I 70 42.19 9.90 -69.23
CA GLU I 70 42.71 10.23 -67.91
C GLU I 70 44.07 9.62 -67.58
N THR I 71 44.76 10.24 -66.63
CA THR I 71 46.04 9.78 -66.10
C THR I 71 45.90 9.71 -64.57
N ILE I 72 46.61 8.79 -63.89
CA ILE I 72 46.56 8.67 -62.43
C ILE I 72 46.90 9.98 -61.73
N SER I 73 47.93 10.69 -62.20
CA SER I 73 48.34 11.95 -61.60
C SER I 73 47.23 13.02 -61.57
N ASP I 74 46.50 13.19 -62.66
CA ASP I 74 45.40 14.17 -62.71
C ASP I 74 44.25 13.74 -61.80
N VAL I 75 43.94 12.45 -61.80
CA VAL I 75 42.89 11.88 -60.99
C VAL I 75 43.17 12.01 -59.47
N LEU I 76 44.43 11.81 -59.06
CA LEU I 76 44.83 11.92 -57.68
C LEU I 76 44.69 13.35 -57.17
N ASN I 77 44.97 14.32 -58.04
CA ASN I 77 44.88 15.76 -57.76
C ASN I 77 45.56 16.19 -56.48
N ASP I 78 46.71 15.56 -56.15
CA ASP I 78 47.49 15.82 -54.93
C ASP I 78 46.73 15.59 -53.63
N ALA I 79 45.72 14.71 -53.63
CA ALA I 79 44.91 14.44 -52.47
C ALA I 79 45.52 13.30 -51.69
N ILE I 80 46.73 13.54 -51.26
CA ILE I 80 47.50 12.62 -50.45
C ILE I 80 47.83 13.39 -49.18
N PHE I 81 47.29 12.95 -48.05
CA PHE I 81 47.50 13.61 -46.78
C PHE I 81 48.51 12.88 -45.88
N ASP I 82 49.23 13.62 -45.06
CA ASP I 82 50.19 13.02 -44.14
C ASP I 82 49.49 12.80 -42.82
N GLU I 83 49.43 11.54 -42.39
CA GLU I 83 48.76 11.21 -41.15
C GLU I 83 49.53 10.18 -40.33
N ASP I 84 49.28 10.18 -39.02
CA ASP I 84 49.83 9.17 -38.13
C ASP I 84 48.87 7.94 -38.16
N HIS I 85 48.20 7.68 -39.31
CA HIS I 85 47.23 6.60 -39.43
C HIS I 85 47.91 5.36 -39.95
N ASP I 86 47.95 4.33 -39.12
CA ASP I 86 48.48 3.03 -39.52
C ASP I 86 47.43 1.99 -39.14
N GLU I 87 46.19 2.24 -39.60
CA GLU I 87 44.99 1.41 -39.43
C GLU I 87 44.29 1.18 -40.79
N MET I 88 43.42 0.15 -40.87
CA MET I 88 42.80 -0.22 -42.12
C MET I 88 41.77 0.77 -42.65
N VAL I 89 41.89 1.11 -43.96
CA VAL I 89 40.94 2.02 -44.60
C VAL I 89 40.29 1.26 -45.74
N ILE I 90 38.96 1.28 -45.82
CA ILE I 90 38.24 0.58 -46.87
C ILE I 90 37.21 1.48 -47.52
N VAL I 91 37.10 1.44 -48.85
CA VAL I 91 36.00 2.08 -49.54
C VAL I 91 35.34 0.91 -50.31
N LYS I 92 34.14 0.51 -49.89
CA LYS I 92 33.46 -0.63 -50.47
C LYS I 92 32.18 -0.22 -51.21
N ASP I 93 31.63 -1.17 -51.99
CA ASP I 93 30.41 -0.99 -52.76
C ASP I 93 30.51 0.15 -53.76
N ILE I 94 31.67 0.28 -54.38
CA ILE I 94 31.86 1.30 -55.42
C ILE I 94 31.26 0.75 -56.69
N ASP I 95 30.15 1.35 -57.16
CA ASP I 95 29.51 0.92 -58.39
C ASP I 95 30.48 1.04 -59.56
N MET I 96 30.55 -0.02 -60.35
CA MET I 96 31.52 -0.11 -61.44
C MET I 96 30.80 -0.49 -62.70
N PHE I 97 31.10 0.20 -63.80
CA PHE I 97 30.50 -0.09 -65.10
C PHE I 97 31.62 -0.15 -66.11
N SER I 98 31.87 -1.32 -66.67
CA SER I 98 32.94 -1.49 -67.65
C SER I 98 32.44 -2.09 -68.97
N MET I 99 33.31 -2.34 -69.91
CA MET I 99 32.95 -2.87 -71.22
C MET I 99 33.84 -4.05 -71.50
N CYS I 100 33.25 -5.18 -71.83
CA CYS I 100 34.03 -6.34 -72.19
C CYS I 100 34.74 -6.05 -73.52
N GLU I 101 36.04 -6.28 -73.56
CA GLU I 101 36.80 -6.04 -74.77
C GLU I 101 36.59 -7.13 -75.83
N HIS I 102 36.05 -8.28 -75.46
CA HIS I 102 35.82 -9.34 -76.40
C HIS I 102 34.51 -9.22 -77.17
N HIS I 103 33.47 -8.71 -76.53
CA HIS I 103 32.16 -8.58 -77.17
C HIS I 103 31.60 -7.17 -77.27
N LEU I 104 32.27 -6.19 -76.67
CA LEU I 104 31.81 -4.79 -76.63
C LEU I 104 30.44 -4.69 -75.99
N VAL I 105 30.25 -5.45 -74.90
CA VAL I 105 29.01 -5.51 -74.14
C VAL I 105 29.38 -5.19 -72.67
N PRO I 106 28.55 -4.42 -71.95
CA PRO I 106 28.91 -4.08 -70.56
C PRO I 106 29.05 -5.25 -69.57
N PHE I 107 29.93 -5.05 -68.59
CA PHE I 107 30.02 -5.88 -67.40
C PHE I 107 29.98 -4.90 -66.22
N VAL I 108 29.08 -5.13 -65.28
CA VAL I 108 28.81 -4.16 -64.21
C VAL I 108 28.79 -4.81 -62.86
N GLY I 109 29.17 -4.06 -61.84
CA GLY I 109 29.13 -4.58 -60.48
C GLY I 109 29.68 -3.62 -59.46
N LYS I 110 30.49 -4.13 -58.52
CA LYS I 110 31.00 -3.37 -57.39
C LYS I 110 32.48 -3.66 -57.19
N VAL I 111 33.19 -2.68 -56.65
CA VAL I 111 34.60 -2.79 -56.31
C VAL I 111 34.74 -2.46 -54.83
N HIS I 112 35.50 -3.27 -54.11
CA HIS I 112 35.75 -3.10 -52.68
C HIS I 112 37.26 -2.97 -52.55
N ILE I 113 37.72 -1.84 -52.00
CA ILE I 113 39.16 -1.59 -51.87
C ILE I 113 39.52 -1.42 -50.41
N GLY I 114 40.64 -2.02 -50.01
CA GLY I 114 41.17 -1.86 -48.67
C GLY I 114 42.65 -1.59 -48.73
N TYR I 115 43.18 -0.80 -47.80
CA TYR I 115 44.62 -0.60 -47.74
C TYR I 115 45.09 -0.25 -46.32
N LEU I 116 46.33 -0.53 -46.05
CA LEU I 116 46.96 -0.19 -44.79
C LEU I 116 47.98 0.92 -45.11
N PRO I 117 47.68 2.17 -44.76
CA PRO I 117 48.64 3.25 -45.08
C PRO I 117 49.95 3.12 -44.34
N ASN I 118 51.04 3.56 -44.95
CA ASN I 118 52.30 3.64 -44.24
C ASN I 118 52.29 5.09 -43.70
N LYS I 119 52.82 6.07 -44.45
CA LYS I 119 52.82 7.47 -43.97
C LYS I 119 51.81 8.36 -44.70
N GLN I 120 51.31 7.88 -45.84
CA GLN I 120 50.43 8.65 -46.68
C GLN I 120 49.03 8.05 -46.77
N VAL I 121 48.02 8.89 -46.65
CA VAL I 121 46.65 8.42 -46.77
C VAL I 121 46.00 9.13 -47.95
N LEU I 122 45.38 8.33 -48.80
CA LEU I 122 44.74 8.86 -49.99
C LEU I 122 43.35 9.40 -49.72
N GLY I 123 42.99 10.43 -50.48
CA GLY I 123 41.67 10.99 -50.37
C GLY I 123 40.62 9.95 -50.73
N LEU I 124 39.64 9.74 -49.84
CA LEU I 124 38.60 8.72 -50.03
C LEU I 124 37.99 8.60 -51.41
N SER I 125 37.63 9.73 -52.01
CA SER I 125 37.02 9.73 -53.34
C SER I 125 37.96 9.31 -54.46
N LYS I 126 39.27 9.48 -54.26
CA LYS I 126 40.25 9.10 -55.26
C LYS I 126 40.28 7.59 -55.49
N LEU I 127 39.92 6.81 -54.48
CA LEU I 127 39.86 5.36 -54.62
C LEU I 127 38.74 5.01 -55.64
N ALA I 128 37.61 5.72 -55.60
CA ALA I 128 36.53 5.55 -56.58
C ALA I 128 36.92 6.14 -57.95
N ARG I 129 37.67 7.24 -57.97
CA ARG I 129 38.14 7.82 -59.22
C ARG I 129 39.14 6.89 -59.91
N ILE I 130 39.94 6.17 -59.12
CA ILE I 130 40.89 5.21 -59.68
C ILE I 130 40.08 4.07 -60.35
N VAL I 131 38.98 3.61 -59.72
CA VAL I 131 38.09 2.62 -60.32
C VAL I 131 37.58 3.13 -61.67
N GLU I 132 37.19 4.42 -61.75
CA GLU I 132 36.72 5.05 -62.99
C GLU I 132 37.76 5.14 -64.09
N ILE I 133 39.06 5.46 -63.79
CA ILE I 133 40.10 5.53 -64.85
C ILE I 133 40.16 4.20 -65.62
N TYR I 134 40.20 3.06 -64.89
CA TYR I 134 40.40 1.76 -65.51
C TYR I 134 39.12 1.08 -65.97
N SER I 135 38.00 1.30 -65.28
CA SER I 135 36.76 0.64 -65.67
C SER I 135 36.18 1.24 -66.95
N ARG I 136 36.40 2.54 -67.20
CA ARG I 136 35.85 3.19 -68.39
C ARG I 136 36.76 2.94 -69.58
N ARG I 137 37.00 1.67 -69.89
CA ARG I 137 37.88 1.23 -70.97
C ARG I 137 37.35 -0.12 -71.48
N LEU I 138 37.91 -0.61 -72.59
CA LEU I 138 37.61 -1.96 -73.07
C LEU I 138 38.50 -2.84 -72.20
N GLN I 139 37.88 -3.74 -71.43
CA GLN I 139 38.63 -4.51 -70.47
C GLN I 139 38.31 -5.99 -70.30
N VAL I 140 39.09 -6.58 -69.41
CA VAL I 140 38.94 -7.94 -68.94
C VAL I 140 38.99 -7.75 -67.42
N GLN I 141 38.07 -8.37 -66.71
CA GLN I 141 37.98 -8.19 -65.27
C GLN I 141 39.26 -8.36 -64.47
N GLU I 142 40.06 -9.35 -64.82
CA GLU I 142 41.32 -9.60 -64.14
C GLU I 142 42.28 -8.42 -64.25
N ARG I 143 42.41 -7.86 -65.44
CA ARG I 143 43.32 -6.73 -65.66
C ARG I 143 42.84 -5.52 -64.87
N LEU I 144 41.54 -5.21 -64.95
CA LEU I 144 40.89 -4.12 -64.23
C LEU I 144 41.23 -4.15 -62.72
N THR I 145 41.06 -5.33 -62.11
CA THR I 145 41.32 -5.62 -60.70
C THR I 145 42.76 -5.31 -60.32
N LYS I 146 43.71 -5.77 -61.14
CA LYS I 146 45.13 -5.59 -60.92
C LYS I 146 45.55 -4.10 -61.10
N GLN I 147 45.01 -3.39 -62.13
CA GLN I 147 45.33 -1.99 -62.39
C GLN I 147 44.92 -1.08 -61.19
N ILE I 148 43.78 -1.35 -60.59
CA ILE I 148 43.32 -0.59 -59.43
C ILE I 148 44.31 -0.78 -58.25
N ALA I 149 44.66 -2.05 -57.94
CA ALA I 149 45.57 -2.35 -56.84
C ALA I 149 46.97 -1.77 -57.08
N VAL I 150 47.50 -1.90 -58.30
CA VAL I 150 48.82 -1.38 -58.64
C VAL I 150 48.84 0.15 -58.58
N ALA I 151 47.80 0.83 -59.09
CA ALA I 151 47.74 2.29 -59.04
C ALA I 151 47.79 2.81 -57.59
N ILE I 152 47.05 2.18 -56.67
CA ILE I 152 47.07 2.59 -55.26
C ILE I 152 48.44 2.32 -54.63
N THR I 153 49.02 1.15 -54.93
CA THR I 153 50.32 0.77 -54.42
C THR I 153 51.41 1.75 -54.86
N GLU I 154 51.42 2.14 -56.15
CA GLU I 154 52.44 3.05 -56.66
C GLU I 154 52.25 4.49 -56.21
N ALA I 155 50.98 4.92 -56.04
CA ALA I 155 50.70 6.29 -55.63
C ALA I 155 50.98 6.53 -54.17
N LEU I 156 50.67 5.56 -53.30
CA LEU I 156 50.80 5.73 -51.86
C LEU I 156 51.95 5.03 -51.20
N ARG I 157 52.52 3.97 -51.83
CA ARG I 157 53.54 3.10 -51.21
C ARG I 157 53.06 2.61 -49.82
N PRO I 158 51.86 1.99 -49.74
CA PRO I 158 51.34 1.60 -48.43
C PRO I 158 51.91 0.26 -47.98
N ALA I 159 51.54 -0.19 -46.78
CA ALA I 159 51.99 -1.50 -46.32
C ALA I 159 51.34 -2.61 -47.18
N GLY I 160 50.14 -2.37 -47.71
CA GLY I 160 49.43 -3.33 -48.55
C GLY I 160 48.13 -2.81 -49.09
N VAL I 161 47.61 -3.47 -50.16
CA VAL I 161 46.32 -3.14 -50.79
C VAL I 161 45.57 -4.44 -51.11
N GLY I 162 44.25 -4.44 -50.93
CA GLY I 162 43.39 -5.53 -51.32
C GLY I 162 42.26 -4.97 -52.18
N VAL I 163 41.93 -5.64 -53.29
CA VAL I 163 40.87 -5.16 -54.20
C VAL I 163 40.02 -6.36 -54.59
N VAL I 164 38.72 -6.26 -54.44
CA VAL I 164 37.81 -7.33 -54.80
C VAL I 164 36.80 -6.71 -55.78
N VAL I 165 36.62 -7.32 -56.96
CA VAL I 165 35.67 -6.84 -57.97
C VAL I 165 34.66 -7.97 -58.18
N GLU I 166 33.38 -7.64 -58.04
CA GLU I 166 32.30 -8.59 -58.28
C GLU I 166 31.46 -8.00 -59.42
N ALA I 167 31.26 -8.77 -60.50
CA ALA I 167 30.52 -8.23 -61.63
C ALA I 167 29.66 -9.26 -62.34
N THR I 168 28.58 -8.77 -62.92
CA THR I 168 27.72 -9.52 -63.81
C THR I 168 28.19 -9.18 -65.23
N HIS I 169 28.51 -10.19 -65.99
CA HIS I 169 28.88 -9.96 -67.35
C HIS I 169 27.62 -10.19 -68.16
N MET I 170 27.16 -9.18 -68.90
CA MET I 170 25.99 -9.32 -69.77
C MET I 170 26.24 -10.32 -70.91
N CYS I 171 27.47 -10.54 -71.34
CA CYS I 171 27.82 -11.57 -72.31
C CYS I 171 27.55 -13.01 -71.82
N MET I 172 27.45 -13.23 -70.50
CA MET I 172 27.10 -14.52 -69.96
C MET I 172 25.64 -14.60 -69.56
N VAL I 173 24.87 -13.48 -69.64
CA VAL I 173 23.49 -13.42 -69.20
C VAL I 173 22.52 -13.30 -70.38
N MET I 174 22.75 -12.30 -71.27
CA MET I 174 21.93 -11.96 -72.43
C MET I 174 22.21 -12.83 -73.64
N ARG I 175 23.28 -13.61 -73.58
CA ARG I 175 23.71 -14.44 -74.68
C ARG I 175 24.70 -15.50 -74.22
N GLY I 176 25.23 -16.26 -75.17
CA GLY I 176 26.18 -17.31 -74.90
C GLY I 176 25.62 -18.38 -74.00
N VAL I 177 26.27 -18.59 -72.87
CA VAL I 177 25.81 -19.58 -71.88
C VAL I 177 24.47 -19.22 -71.24
N GLN I 178 24.11 -17.94 -71.20
CA GLN I 178 22.85 -17.47 -70.66
C GLN I 178 22.57 -17.99 -69.23
N LYS I 179 23.55 -17.81 -68.33
CA LYS I 179 23.43 -18.19 -66.93
C LYS I 179 23.09 -16.89 -66.21
N MET I 180 21.76 -16.64 -66.04
CA MET I 180 21.15 -15.42 -65.48
C MET I 180 21.75 -14.95 -64.15
N ASN I 181 22.08 -15.87 -63.26
CA ASN I 181 22.62 -15.52 -61.96
C ASN I 181 24.13 -15.48 -61.85
N SER I 182 24.87 -15.91 -62.89
CA SER I 182 26.33 -15.99 -62.79
C SER I 182 27.01 -14.67 -62.46
N LYS I 183 28.06 -14.72 -61.64
CA LYS I 183 28.80 -13.53 -61.22
C LYS I 183 30.27 -13.88 -61.20
N THR I 184 31.12 -12.97 -61.65
CA THR I 184 32.56 -13.19 -61.60
C THR I 184 33.12 -12.38 -60.43
N VAL I 185 33.90 -13.02 -59.58
CA VAL I 185 34.59 -12.37 -58.49
C VAL I 185 36.10 -12.53 -58.71
N THR I 186 36.83 -11.43 -58.81
CA THR I 186 38.28 -11.46 -58.91
C THR I 186 38.84 -10.77 -57.68
N SER I 187 40.04 -11.17 -57.31
CA SER I 187 40.66 -10.70 -56.10
C SER I 187 42.12 -10.45 -56.28
N THR I 188 42.62 -9.27 -55.90
CA THR I 188 44.07 -9.00 -55.91
C THR I 188 44.48 -8.60 -54.51
N MET I 189 45.52 -9.28 -53.92
CA MET I 189 46.03 -8.98 -52.59
C MET I 189 47.52 -8.72 -52.70
N LEU I 190 47.97 -7.50 -52.36
CA LEU I 190 49.36 -7.06 -52.48
C LEU I 190 49.95 -6.62 -51.12
N GLY I 191 51.29 -6.71 -50.99
CA GLY I 191 51.96 -6.32 -49.74
C GLY I 191 51.48 -7.13 -48.56
N VAL I 192 51.18 -6.47 -47.42
CA VAL I 192 50.67 -7.18 -46.23
C VAL I 192 49.34 -7.87 -46.46
N PHE I 193 48.56 -7.49 -47.50
CA PHE I 193 47.29 -8.17 -47.75
C PHE I 193 47.53 -9.59 -48.29
N ARG I 194 48.67 -9.83 -48.96
CA ARG I 194 49.06 -11.16 -49.35
C ARG I 194 49.84 -11.85 -48.22
N GLU I 195 50.85 -11.17 -47.69
CA GLU I 195 51.77 -11.80 -46.72
C GLU I 195 51.15 -12.10 -45.38
N ASP I 196 50.25 -11.23 -44.89
CA ASP I 196 49.60 -11.44 -43.60
C ASP I 196 48.14 -11.87 -43.79
N PRO I 197 47.84 -13.17 -43.56
CA PRO I 197 46.45 -13.63 -43.69
C PRO I 197 45.49 -12.92 -42.72
N LYS I 198 45.97 -12.44 -41.58
CA LYS I 198 45.14 -11.74 -40.60
C LYS I 198 44.66 -10.40 -41.13
N THR I 199 45.49 -9.71 -41.91
CA THR I 199 45.11 -8.43 -42.52
C THR I 199 44.06 -8.71 -43.62
N ARG I 200 44.31 -9.70 -44.48
CA ARG I 200 43.35 -10.06 -45.54
C ARG I 200 42.00 -10.53 -44.95
N GLU I 201 42.02 -11.28 -43.85
CA GLU I 201 40.78 -11.74 -43.20
C GLU I 201 39.98 -10.57 -42.62
N GLU I 202 40.67 -9.58 -42.03
CA GLU I 202 39.97 -8.41 -41.49
C GLU I 202 39.30 -7.64 -42.65
N PHE I 203 40.02 -7.47 -43.76
CA PHE I 203 39.49 -6.82 -44.97
C PHE I 203 38.22 -7.55 -45.49
N LEU I 204 38.29 -8.87 -45.69
CA LEU I 204 37.16 -9.65 -46.21
C LEU I 204 35.98 -9.68 -45.26
N THR I 205 36.22 -9.63 -43.96
CA THR I 205 35.14 -9.60 -42.97
C THR I 205 34.44 -8.23 -42.99
N LEU I 206 35.23 -7.14 -43.10
CA LEU I 206 34.70 -5.78 -43.10
C LEU I 206 34.01 -5.36 -44.40
N ILE I 207 34.22 -6.07 -45.52
CA ILE I 207 33.52 -5.72 -46.77
C ILE I 207 32.18 -6.45 -46.94
N ARG I 208 31.79 -7.34 -46.02
CA ARG I 208 30.51 -8.03 -46.11
C ARG I 208 29.32 -7.08 -45.90
N PRO J 17 31.62 -39.61 -79.05
CA PRO J 17 30.59 -38.67 -78.58
C PRO J 17 29.34 -38.75 -79.44
N ARG J 18 28.18 -38.59 -78.82
CA ARG J 18 26.87 -38.64 -79.48
C ARG J 18 26.74 -37.53 -80.51
N SER J 19 26.07 -37.79 -81.63
CA SER J 19 25.91 -36.76 -82.67
C SER J 19 24.46 -36.52 -83.04
N GLU J 20 24.18 -35.42 -83.76
CA GLU J 20 22.83 -35.09 -84.24
C GLU J 20 22.27 -36.19 -85.17
N GLU J 21 23.14 -36.99 -85.80
CA GLU J 21 22.74 -38.12 -86.66
C GLU J 21 22.24 -39.24 -85.75
N ASP J 22 22.98 -39.55 -84.66
CA ASP J 22 22.58 -40.55 -83.67
C ASP J 22 21.27 -40.12 -83.02
N ASN J 23 21.12 -38.81 -82.73
CA ASN J 23 19.93 -38.23 -82.15
C ASN J 23 18.73 -38.48 -83.03
N GLU J 24 18.83 -38.17 -84.33
CA GLU J 24 17.71 -38.33 -85.27
C GLU J 24 17.38 -39.81 -85.50
N LEU J 25 18.40 -40.68 -85.46
CA LEU J 25 18.19 -42.13 -85.62
C LEU J 25 17.52 -42.75 -84.39
N ASN J 26 17.86 -42.27 -83.19
CA ASN J 26 17.30 -42.81 -81.95
C ASN J 26 16.01 -42.15 -81.50
N LEU J 27 15.63 -41.00 -82.09
CA LEU J 27 14.41 -40.30 -81.71
C LEU J 27 13.15 -41.19 -81.83
N PRO J 28 12.92 -41.95 -82.95
CA PRO J 28 11.73 -42.81 -83.00
C PRO J 28 11.73 -43.92 -81.93
N ASN J 29 12.90 -44.45 -81.58
CA ASN J 29 13.00 -45.49 -80.54
C ASN J 29 12.66 -44.92 -79.17
N LEU J 30 13.10 -43.67 -78.90
CA LEU J 30 12.81 -42.99 -77.64
C LEU J 30 11.32 -42.72 -77.58
N ALA J 31 10.72 -42.21 -78.68
CA ALA J 31 9.29 -41.92 -78.74
C ALA J 31 8.44 -43.18 -78.54
N ALA J 32 8.89 -44.33 -79.09
CA ALA J 32 8.16 -45.59 -78.91
C ALA J 32 8.19 -46.00 -77.44
N ALA J 33 9.36 -45.84 -76.79
CA ALA J 33 9.50 -46.15 -75.37
C ALA J 33 8.62 -45.21 -74.48
N TYR J 34 8.55 -43.91 -74.82
CA TYR J 34 7.71 -42.98 -74.05
C TYR J 34 6.23 -43.25 -74.26
N SER J 35 5.83 -43.68 -75.47
CA SER J 35 4.43 -44.04 -75.77
C SER J 35 4.04 -45.28 -74.95
N SER J 36 4.94 -46.25 -74.88
CA SER J 36 4.77 -47.47 -74.09
C SER J 36 4.62 -47.13 -72.58
N ILE J 37 5.41 -46.16 -72.07
CA ILE J 37 5.33 -45.70 -70.68
C ILE J 37 3.95 -45.11 -70.39
N LEU J 38 3.42 -44.29 -71.31
CA LEU J 38 2.10 -43.71 -71.16
C LEU J 38 1.01 -44.79 -71.00
N SER J 39 1.06 -45.85 -71.84
CA SER J 39 0.12 -46.97 -71.76
C SER J 39 0.31 -47.77 -70.48
N SER J 40 1.56 -48.05 -70.09
CA SER J 40 1.86 -48.81 -68.87
C SER J 40 1.49 -48.08 -67.59
N LEU J 41 1.37 -46.73 -67.63
CA LEU J 41 0.93 -45.98 -66.45
C LEU J 41 -0.61 -45.93 -66.31
N GLY J 42 -1.34 -46.47 -67.27
CA GLY J 42 -2.80 -46.41 -67.28
C GLY J 42 -3.35 -45.25 -68.07
N GLU J 43 -2.49 -44.46 -68.71
CA GLU J 43 -2.93 -43.31 -69.50
C GLU J 43 -3.36 -43.69 -70.93
N ASN J 44 -4.00 -42.74 -71.62
CA ASN J 44 -4.46 -42.94 -72.97
C ASN J 44 -3.57 -42.12 -73.90
N PRO J 45 -2.62 -42.77 -74.61
CA PRO J 45 -1.76 -42.00 -75.53
C PRO J 45 -2.50 -41.32 -76.68
N GLN J 46 -3.77 -41.68 -76.91
CA GLN J 46 -4.55 -41.09 -77.99
C GLN J 46 -5.29 -39.82 -77.59
N ARG J 47 -5.39 -39.50 -76.28
CA ARG J 47 -6.06 -38.27 -75.88
C ARG J 47 -5.27 -37.05 -76.34
N GLN J 48 -5.98 -35.96 -76.67
CA GLN J 48 -5.41 -34.74 -77.22
C GLN J 48 -4.12 -34.24 -76.54
N GLY J 49 -4.12 -34.20 -75.21
CA GLY J 49 -2.97 -33.73 -74.44
C GLY J 49 -1.74 -34.61 -74.49
N LEU J 50 -1.89 -35.88 -74.91
CA LEU J 50 -0.77 -36.83 -74.96
C LEU J 50 -0.29 -37.21 -76.37
N LEU J 51 -1.00 -36.78 -77.42
CA LEU J 51 -0.65 -37.18 -78.79
C LEU J 51 0.81 -36.93 -79.20
N LYS J 52 1.35 -35.75 -78.90
CA LYS J 52 2.74 -35.43 -79.24
C LYS J 52 3.76 -35.70 -78.14
N THR J 53 3.30 -36.11 -76.97
CA THR J 53 4.13 -36.37 -75.79
C THR J 53 5.29 -37.35 -76.05
N PRO J 54 5.12 -38.52 -76.70
CA PRO J 54 6.28 -39.40 -76.95
C PRO J 54 7.45 -38.68 -77.62
N TRP J 55 7.17 -37.77 -78.57
CA TRP J 55 8.20 -37.02 -79.28
C TRP J 55 8.79 -35.87 -78.47
N ARG J 56 7.95 -35.16 -77.73
CA ARG J 56 8.39 -34.02 -76.93
C ARG J 56 9.19 -34.46 -75.71
N ALA J 57 8.80 -35.58 -75.12
CA ALA J 57 9.51 -36.16 -73.98
C ALA J 57 10.87 -36.68 -74.47
N ALA J 58 10.91 -37.33 -75.66
CA ALA J 58 12.13 -37.85 -76.24
C ALA J 58 13.12 -36.71 -76.53
N SER J 59 12.65 -35.60 -77.14
CA SER J 59 13.51 -34.45 -77.44
C SER J 59 14.03 -33.81 -76.16
N ALA J 60 13.16 -33.66 -75.13
CA ALA J 60 13.56 -33.07 -73.85
C ALA J 60 14.67 -33.92 -73.22
N MET J 61 14.51 -35.26 -73.21
CA MET J 61 15.51 -36.15 -72.64
C MET J 61 16.85 -36.10 -73.36
N GLN J 62 16.86 -35.96 -74.71
CA GLN J 62 18.14 -35.86 -75.40
C GLN J 62 18.75 -34.46 -75.21
N PHE J 63 17.94 -33.41 -74.91
CA PHE J 63 18.50 -32.09 -74.58
C PHE J 63 19.13 -32.18 -73.15
N PHE J 64 18.45 -32.84 -72.20
CA PHE J 64 18.97 -33.01 -70.84
C PHE J 64 20.29 -33.78 -70.81
N THR J 65 20.57 -34.60 -71.83
CA THR J 65 21.77 -35.41 -71.92
C THR J 65 22.66 -35.00 -73.10
N LYS J 66 22.52 -33.75 -73.57
CA LYS J 66 23.30 -33.18 -74.67
C LYS J 66 24.81 -33.09 -74.35
N GLY J 67 25.19 -33.29 -73.07
CA GLY J 67 26.59 -33.28 -72.63
C GLY J 67 27.41 -34.41 -73.23
N TYR J 68 26.76 -35.54 -73.57
CA TYR J 68 27.46 -36.66 -74.21
C TYR J 68 27.89 -36.31 -75.66
N GLN J 69 27.27 -35.31 -76.28
CA GLN J 69 27.65 -34.85 -77.61
C GLN J 69 28.90 -33.94 -77.58
N GLU J 70 29.40 -33.55 -76.39
CA GLU J 70 30.48 -32.59 -76.27
C GLU J 70 31.79 -33.14 -75.75
N THR J 71 32.87 -32.44 -76.08
CA THR J 71 34.21 -32.72 -75.58
C THR J 71 34.79 -31.43 -74.98
N ILE J 72 35.69 -31.55 -73.99
CA ILE J 72 36.32 -30.40 -73.36
C ILE J 72 37.01 -29.48 -74.37
N SER J 73 37.75 -30.07 -75.32
CA SER J 73 38.47 -29.31 -76.34
C SER J 73 37.56 -28.39 -77.17
N ASP J 74 36.43 -28.91 -77.64
CA ASP J 74 35.50 -28.10 -78.44
C ASP J 74 34.88 -27.00 -77.60
N VAL J 75 34.52 -27.32 -76.36
CA VAL J 75 33.90 -26.38 -75.44
C VAL J 75 34.84 -25.22 -75.07
N LEU J 76 36.13 -25.53 -74.84
CA LEU J 76 37.12 -24.53 -74.49
C LEU J 76 37.32 -23.52 -75.61
N ASN J 77 37.23 -24.00 -76.84
CA ASN J 77 37.36 -23.22 -78.06
C ASN J 77 38.58 -22.31 -78.10
N ASP J 78 39.70 -22.77 -77.55
CA ASP J 78 40.98 -22.05 -77.48
C ASP J 78 40.92 -20.73 -76.71
N ALA J 79 39.96 -20.57 -75.79
CA ALA J 79 39.80 -19.34 -75.03
C ALA J 79 40.65 -19.38 -73.79
N ILE J 80 41.95 -19.52 -74.00
CA ILE J 80 42.94 -19.54 -72.94
C ILE J 80 43.88 -18.37 -73.23
N PHE J 81 43.91 -17.39 -72.33
CA PHE J 81 44.73 -16.20 -72.50
C PHE J 81 45.93 -16.14 -71.54
N ASP J 82 46.98 -15.39 -71.90
CA ASP J 82 48.16 -15.27 -71.04
C ASP J 82 48.08 -14.07 -70.09
N HIS J 85 48.32 -14.93 -64.38
CA HIS J 85 47.91 -13.81 -63.50
C HIS J 85 48.08 -14.19 -62.01
N ASP J 86 48.22 -13.21 -61.12
CA ASP J 86 48.40 -13.48 -59.70
C ASP J 86 47.16 -13.16 -58.85
N GLU J 87 46.03 -13.75 -59.20
CA GLU J 87 44.81 -13.47 -58.49
C GLU J 87 43.84 -14.60 -58.49
N MET J 88 42.99 -14.66 -57.47
CA MET J 88 41.94 -15.65 -57.45
C MET J 88 40.84 -15.23 -58.42
N VAL J 89 40.38 -16.18 -59.25
CA VAL J 89 39.29 -15.93 -60.20
C VAL J 89 38.14 -16.85 -59.83
N ILE J 90 36.94 -16.30 -59.70
CA ILE J 90 35.77 -17.08 -59.31
C ILE J 90 34.61 -16.77 -60.23
N VAL J 91 33.86 -17.79 -60.64
CA VAL J 91 32.61 -17.62 -61.34
C VAL J 91 31.62 -18.39 -60.46
N LYS J 92 30.75 -17.68 -59.79
CA LYS J 92 29.80 -18.28 -58.86
C LYS J 92 28.35 -18.13 -59.34
N ASP J 93 27.42 -18.86 -58.70
CA ASP J 93 26.01 -18.86 -58.98
C ASP J 93 25.71 -19.28 -60.39
N ILE J 94 26.43 -20.28 -60.89
CA ILE J 94 26.17 -20.80 -62.22
C ILE J 94 25.00 -21.76 -62.08
N ASP J 95 23.86 -21.44 -62.69
CA ASP J 95 22.68 -22.31 -62.65
C ASP J 95 23.00 -23.65 -63.29
N MET J 96 22.66 -24.72 -62.58
CA MET J 96 23.01 -26.07 -63.00
C MET J 96 21.74 -26.92 -63.01
N PHE J 97 21.53 -27.69 -64.06
CA PHE J 97 20.39 -28.58 -64.20
C PHE J 97 20.91 -29.93 -64.65
N SER J 98 20.77 -30.94 -63.81
CA SER J 98 21.27 -32.27 -64.14
C SER J 98 20.17 -33.34 -63.97
N MET J 99 20.50 -34.61 -64.24
CA MET J 99 19.57 -35.70 -64.14
C MET J 99 20.15 -36.71 -63.23
N CYS J 100 19.40 -37.17 -62.24
CA CYS J 100 19.89 -38.21 -61.38
C CYS J 100 19.91 -39.51 -62.19
N GLU J 101 21.03 -40.23 -62.17
CA GLU J 101 21.14 -41.48 -62.93
C GLU J 101 20.37 -42.62 -62.30
N HIS J 102 20.17 -42.58 -61.00
CA HIS J 102 19.47 -43.63 -60.32
C HIS J 102 17.96 -43.62 -60.53
N HIS J 103 17.36 -42.43 -60.66
CA HIS J 103 15.92 -42.32 -60.83
C HIS J 103 15.42 -41.63 -62.08
N LEU J 104 16.32 -40.99 -62.85
CA LEU J 104 16.01 -40.23 -64.07
C LEU J 104 15.05 -39.09 -63.74
N VAL J 105 15.40 -38.35 -62.70
CA VAL J 105 14.62 -37.22 -62.20
C VAL J 105 15.63 -36.06 -62.03
N PRO J 106 15.24 -34.82 -62.38
CA PRO J 106 16.19 -33.71 -62.24
C PRO J 106 16.72 -33.43 -60.83
N PHE J 107 17.97 -32.98 -60.78
CA PHE J 107 18.58 -32.37 -59.60
C PHE J 107 19.13 -31.06 -60.09
N VAL J 108 18.77 -29.97 -59.42
CA VAL J 108 19.08 -28.62 -59.91
C VAL J 108 19.64 -27.77 -58.81
N GLY J 109 20.49 -26.82 -59.19
CA GLY J 109 21.07 -25.91 -58.22
C GLY J 109 22.06 -24.95 -58.82
N LYS J 110 23.18 -24.74 -58.10
CA LYS J 110 24.21 -23.77 -58.46
C LYS J 110 25.59 -24.38 -58.32
N VAL J 111 26.52 -23.91 -59.13
CA VAL J 111 27.92 -24.30 -59.09
C VAL J 111 28.76 -23.04 -58.86
N HIS J 112 29.75 -23.12 -57.96
CA HIS J 112 30.64 -22.01 -57.67
C HIS J 112 32.04 -22.53 -57.93
N ILE J 113 32.77 -21.89 -58.83
CA ILE J 113 34.11 -22.32 -59.20
C ILE J 113 35.14 -21.26 -58.89
N GLY J 114 36.27 -21.67 -58.34
CA GLY J 114 37.37 -20.76 -58.06
C GLY J 114 38.67 -21.41 -58.51
N TYR J 115 39.62 -20.60 -58.95
CA TYR J 115 40.93 -21.12 -59.31
C TYR J 115 42.02 -20.06 -59.20
N LEU J 116 43.24 -20.51 -59.03
CA LEU J 116 44.42 -19.66 -58.97
C LEU J 116 45.21 -19.96 -60.22
N PRO J 117 45.22 -19.04 -61.21
CA PRO J 117 45.95 -19.32 -62.45
C PRO J 117 47.46 -19.38 -62.27
N ASN J 118 48.09 -20.06 -63.21
CA ASN J 118 49.51 -20.26 -63.30
C ASN J 118 49.91 -19.90 -64.74
N LYS J 119 49.98 -18.61 -65.07
CA LYS J 119 50.36 -18.15 -66.42
C LYS J 119 49.25 -18.32 -67.49
N GLN J 120 48.21 -19.16 -67.23
CA GLN J 120 47.12 -19.31 -68.20
C GLN J 120 45.76 -19.02 -67.51
N VAL J 121 45.01 -18.13 -68.13
CA VAL J 121 43.72 -17.72 -67.64
C VAL J 121 42.66 -18.18 -68.62
N LEU J 122 41.63 -18.80 -68.09
CA LEU J 122 40.54 -19.31 -68.90
C LEU J 122 39.45 -18.29 -69.16
N GLY J 123 38.84 -18.38 -70.33
CA GLY J 123 37.73 -17.52 -70.66
C GLY J 123 36.62 -17.75 -69.66
N LEU J 124 36.09 -16.66 -69.09
CA LEU J 124 35.06 -16.72 -68.06
C LEU J 124 33.85 -17.61 -68.36
N SER J 125 33.30 -17.48 -69.55
CA SER J 125 32.15 -18.26 -69.95
C SER J 125 32.45 -19.77 -70.05
N LYS J 126 33.68 -20.14 -70.36
CA LYS J 126 34.05 -21.54 -70.47
C LYS J 126 33.91 -22.29 -69.14
N LEU J 127 34.07 -21.61 -68.01
CA LEU J 127 33.88 -22.26 -66.72
C LEU J 127 32.41 -22.74 -66.62
N ALA J 128 31.44 -21.90 -67.10
CA ALA J 128 30.03 -22.26 -67.14
C ALA J 128 29.76 -23.32 -68.24
N ARG J 129 30.51 -23.24 -69.35
CA ARG J 129 30.38 -24.23 -70.43
C ARG J 129 30.87 -25.61 -69.95
N ILE J 130 31.88 -25.63 -69.08
CA ILE J 130 32.41 -26.88 -68.49
C ILE J 130 31.33 -27.45 -67.57
N VAL J 131 30.62 -26.62 -66.83
CA VAL J 131 29.49 -27.07 -65.99
C VAL J 131 28.43 -27.76 -66.88
N GLU J 132 28.15 -27.18 -68.06
CA GLU J 132 27.19 -27.73 -69.02
C GLU J 132 27.57 -29.09 -69.58
N ILE J 133 28.84 -29.34 -69.92
CA ILE J 133 29.25 -30.65 -70.47
C ILE J 133 28.88 -31.81 -69.53
N TYR J 134 29.23 -31.67 -68.25
CA TYR J 134 29.06 -32.73 -67.27
C TYR J 134 27.68 -32.78 -66.65
N SER J 135 27.03 -31.63 -66.43
CA SER J 135 25.69 -31.63 -65.82
C SER J 135 24.63 -32.15 -66.78
N ARG J 136 24.82 -31.95 -68.11
CA ARG J 136 23.83 -32.44 -69.07
C ARG J 136 24.06 -33.94 -69.38
N ARG J 137 23.95 -34.78 -68.35
CA ARG J 137 24.19 -36.23 -68.42
C ARG J 137 23.40 -36.93 -67.29
N LEU J 138 23.40 -38.25 -67.27
CA LEU J 138 22.84 -39.00 -66.13
C LEU J 138 24.00 -38.99 -65.14
N GLN J 139 23.76 -38.48 -63.94
CA GLN J 139 24.82 -38.28 -63.00
C GLN J 139 24.54 -38.51 -61.54
N VAL J 140 25.62 -38.41 -60.78
CA VAL J 140 25.60 -38.42 -59.33
C VAL J 140 26.35 -37.13 -59.00
N GLN J 141 25.85 -36.39 -58.03
CA GLN J 141 26.45 -35.10 -57.67
C GLN J 141 27.95 -35.12 -57.43
N GLU J 142 28.44 -36.13 -56.73
CA GLU J 142 29.85 -36.24 -56.44
C GLU J 142 30.70 -36.34 -57.68
N ARG J 143 30.25 -37.11 -58.65
CA ARG J 143 31.02 -37.27 -59.90
C ARG J 143 31.10 -35.94 -60.67
N LEU J 144 29.92 -35.26 -60.81
CA LEU J 144 29.76 -33.99 -61.51
C LEU J 144 30.71 -32.95 -60.93
N THR J 145 30.78 -32.86 -59.58
CA THR J 145 31.66 -31.91 -58.88
C THR J 145 33.14 -32.18 -59.21
N LYS J 146 33.55 -33.44 -59.16
CA LYS J 146 34.92 -33.84 -59.41
C LYS J 146 35.29 -33.63 -60.88
N GLN J 147 34.36 -33.91 -61.82
CA GLN J 147 34.62 -33.78 -63.25
C GLN J 147 34.89 -32.35 -63.65
N ILE J 148 34.15 -31.40 -63.07
CA ILE J 148 34.33 -29.98 -63.35
C ILE J 148 35.74 -29.56 -62.88
N ALA J 149 36.12 -29.92 -61.65
CA ALA J 149 37.44 -29.56 -61.09
C ALA J 149 38.59 -30.20 -61.89
N VAL J 150 38.45 -31.48 -62.26
CA VAL J 150 39.48 -32.16 -63.04
C VAL J 150 39.62 -31.54 -64.45
N ALA J 151 38.50 -31.22 -65.11
CA ALA J 151 38.55 -30.61 -66.44
C ALA J 151 39.29 -29.29 -66.44
N ILE J 152 39.03 -28.43 -65.43
CA ILE J 152 39.73 -27.14 -65.31
C ILE J 152 41.21 -27.34 -65.02
N THR J 153 41.52 -28.30 -64.16
CA THR J 153 42.89 -28.63 -63.76
C THR J 153 43.71 -29.06 -64.98
N GLU J 154 43.14 -29.94 -65.81
CA GLU J 154 43.84 -30.46 -66.97
C GLU J 154 43.94 -29.46 -68.12
N ALA J 155 42.93 -28.59 -68.28
CA ALA J 155 42.95 -27.59 -69.35
C ALA J 155 43.89 -26.44 -69.08
N LEU J 156 44.00 -26.01 -67.82
CA LEU J 156 44.78 -24.82 -67.47
C LEU J 156 46.05 -25.06 -66.76
N ARG J 157 46.20 -26.20 -66.10
CA ARG J 157 47.35 -26.49 -65.22
C ARG J 157 47.56 -25.36 -64.20
N PRO J 158 46.50 -24.98 -63.44
CA PRO J 158 46.65 -23.86 -62.51
C PRO J 158 47.31 -24.28 -61.20
N ALA J 159 47.52 -23.34 -60.27
CA ALA J 159 48.07 -23.68 -58.95
C ALA J 159 47.00 -24.51 -58.15
N GLY J 160 45.72 -24.28 -58.41
CA GLY J 160 44.64 -25.02 -57.75
C GLY J 160 43.27 -24.66 -58.25
N VAL J 161 42.27 -25.52 -57.93
CA VAL J 161 40.87 -25.32 -58.30
C VAL J 161 39.97 -25.74 -57.13
N GLY J 162 38.89 -25.03 -56.93
CA GLY J 162 37.88 -25.34 -55.94
C GLY J 162 36.52 -25.30 -56.61
N VAL J 163 35.68 -26.31 -56.36
CA VAL J 163 34.33 -26.39 -56.94
C VAL J 163 33.35 -26.72 -55.83
N VAL J 164 32.27 -25.95 -55.73
CA VAL J 164 31.21 -26.23 -54.77
C VAL J 164 29.90 -26.35 -55.55
N VAL J 165 29.17 -27.46 -55.39
CA VAL J 165 27.88 -27.64 -56.05
C VAL J 165 26.82 -27.73 -54.94
N GLU J 166 25.74 -26.97 -55.07
CA GLU J 166 24.62 -27.05 -54.13
C GLU J 166 23.40 -27.36 -54.98
N ALA J 167 22.67 -28.42 -54.63
CA ALA J 167 21.54 -28.82 -55.45
C ALA J 167 20.40 -29.41 -54.64
N THR J 168 19.20 -29.22 -55.15
CA THR J 168 18.00 -29.82 -54.64
C THR J 168 17.80 -31.04 -55.53
N HIS J 169 17.67 -32.18 -54.91
CA HIS J 169 17.39 -33.37 -55.67
C HIS J 169 15.88 -33.53 -55.59
N MET J 170 15.19 -33.56 -56.75
CA MET J 170 13.74 -33.77 -56.78
C MET J 170 13.33 -35.18 -56.28
N CYS J 171 14.23 -36.16 -56.35
CA CYS J 171 14.08 -37.50 -55.82
C CYS J 171 13.97 -37.52 -54.28
N MET J 172 14.39 -36.46 -53.60
CA MET J 172 14.29 -36.36 -52.16
C MET J 172 13.18 -35.44 -51.72
N VAL J 173 12.55 -34.69 -52.63
CA VAL J 173 11.50 -33.72 -52.32
C VAL J 173 10.13 -34.21 -52.81
N MET J 174 10.02 -34.61 -54.10
CA MET J 174 8.77 -35.08 -54.74
C MET J 174 8.41 -36.53 -54.41
N ARG J 175 9.33 -37.25 -53.81
CA ARG J 175 9.16 -38.67 -53.51
C ARG J 175 10.17 -39.13 -52.48
N GLY J 176 10.16 -40.43 -52.21
CA GLY J 176 11.05 -41.03 -51.24
C GLY J 176 10.88 -40.46 -49.85
N VAL J 177 11.97 -39.91 -49.32
CA VAL J 177 11.97 -39.29 -47.98
C VAL J 177 11.10 -38.04 -47.90
N GLN J 178 10.90 -37.35 -49.03
CA GLN J 178 10.06 -36.15 -49.11
C GLN J 178 10.48 -35.08 -48.08
N LYS J 179 11.76 -34.73 -48.06
CA LYS J 179 12.29 -33.70 -47.19
C LYS J 179 12.39 -32.43 -48.07
N MET J 180 11.32 -31.61 -48.02
CA MET J 180 11.11 -30.42 -48.87
C MET J 180 12.29 -29.45 -48.95
N ASN J 181 12.97 -29.21 -47.83
CA ASN J 181 14.06 -28.25 -47.78
C ASN J 181 15.44 -28.84 -47.95
N SER J 182 15.58 -30.18 -48.02
CA SER J 182 16.90 -30.80 -48.12
C SER J 182 17.74 -30.32 -49.31
N LYS J 183 19.04 -30.14 -49.10
CA LYS J 183 19.95 -29.71 -50.16
C LYS J 183 21.23 -30.50 -50.03
N THR J 184 21.80 -30.92 -51.17
CA THR J 184 23.07 -31.60 -51.16
C THR J 184 24.15 -30.60 -51.53
N VAL J 185 25.22 -30.52 -50.73
CA VAL J 185 26.36 -29.66 -51.04
C VAL J 185 27.59 -30.56 -51.17
N THR J 186 28.27 -30.50 -52.31
CA THR J 186 29.47 -31.28 -52.54
C THR J 186 30.61 -30.29 -52.86
N SER J 187 31.79 -30.64 -52.47
CA SER J 187 32.95 -29.79 -52.59
C SER J 187 34.13 -30.58 -53.15
N THR J 188 34.94 -29.99 -54.04
CA THR J 188 36.17 -30.62 -54.50
C THR J 188 37.24 -29.53 -54.46
N MET J 189 38.36 -29.79 -53.74
CA MET J 189 39.44 -28.84 -53.64
C MET J 189 40.72 -29.52 -54.15
N LEU J 190 41.36 -29.00 -55.22
CA LEU J 190 42.56 -29.58 -55.80
C LEU J 190 43.73 -28.59 -55.74
N GLY J 191 44.96 -29.09 -55.77
CA GLY J 191 46.16 -28.25 -55.76
C GLY J 191 46.22 -27.37 -54.52
N VAL J 192 46.53 -26.07 -54.67
CA VAL J 192 46.58 -25.16 -53.51
C VAL J 192 45.27 -25.01 -52.79
N PHE J 193 44.12 -25.29 -53.44
CA PHE J 193 42.82 -25.19 -52.74
C PHE J 193 42.70 -26.31 -51.67
N ARG J 194 43.40 -27.43 -51.84
CA ARG J 194 43.43 -28.49 -50.86
C ARG J 194 44.58 -28.25 -49.88
N GLU J 195 45.80 -27.98 -50.38
CA GLU J 195 47.01 -27.85 -49.56
C GLU J 195 47.07 -26.60 -48.72
N ASP J 196 46.55 -25.47 -49.21
CA ASP J 196 46.59 -24.22 -48.46
C ASP J 196 45.21 -23.87 -47.98
N PRO J 197 44.97 -24.01 -46.66
CA PRO J 197 43.64 -23.65 -46.11
C PRO J 197 43.31 -22.17 -46.29
N LYS J 198 44.31 -21.28 -46.36
CA LYS J 198 44.08 -19.84 -46.56
C LYS J 198 43.48 -19.54 -47.91
N THR J 199 43.91 -20.27 -48.95
CA THR J 199 43.36 -20.10 -50.30
C THR J 199 41.91 -20.62 -50.31
N ARG J 200 41.66 -21.80 -49.71
CA ARG J 200 40.31 -22.35 -49.63
C ARG J 200 39.35 -21.43 -48.84
N GLU J 201 39.83 -20.83 -47.73
CA GLU J 201 39.03 -19.91 -46.91
C GLU J 201 38.68 -18.65 -47.68
N GLU J 202 39.63 -18.12 -48.48
CA GLU J 202 39.33 -16.93 -49.27
C GLU J 202 38.23 -17.24 -50.29
N PHE J 203 38.35 -18.40 -50.96
CA PHE J 203 37.36 -18.87 -51.92
C PHE J 203 35.97 -18.99 -51.26
N LEU J 204 35.87 -19.70 -50.12
CA LEU J 204 34.58 -19.89 -49.44
C LEU J 204 33.97 -18.60 -48.93
N THR J 205 34.80 -17.64 -48.52
CA THR J 205 34.30 -16.33 -48.09
C THR J 205 33.76 -15.55 -49.28
N LEU J 206 34.47 -15.59 -50.43
CA LEU J 206 34.05 -14.83 -51.60
C LEU J 206 32.86 -15.41 -52.36
N ILE J 207 32.51 -16.69 -52.14
CA ILE J 207 31.34 -17.25 -52.82
C ILE J 207 30.02 -17.06 -52.04
N ARG J 208 30.05 -16.48 -50.83
CA ARG J 208 28.83 -16.25 -50.05
C ARG J 208 27.95 -15.18 -50.70
N PRO K 17 -2.60 -23.99 15.91
CA PRO K 17 -3.55 -22.95 16.31
C PRO K 17 -4.86 -23.07 15.56
N ARG K 18 -5.97 -22.79 16.26
CA ARG K 18 -7.32 -22.86 15.71
C ARG K 18 -7.45 -21.87 14.55
N SER K 19 -8.10 -22.28 13.47
CA SER K 19 -8.23 -21.44 12.28
C SER K 19 -9.67 -20.96 12.06
N GLU K 20 -9.85 -19.99 11.14
CA GLU K 20 -11.17 -19.51 10.79
C GLU K 20 -11.98 -20.58 10.04
N GLU K 21 -11.30 -21.52 9.36
CA GLU K 21 -11.95 -22.63 8.68
C GLU K 21 -12.50 -23.61 9.73
N ASP K 22 -11.70 -23.88 10.80
CA ASP K 22 -12.11 -24.73 11.93
C ASP K 22 -13.37 -24.14 12.58
N ASN K 23 -13.41 -22.80 12.73
CA ASN K 23 -14.56 -22.10 13.30
C ASN K 23 -15.82 -22.31 12.48
N GLU K 24 -15.74 -22.19 11.15
CA GLU K 24 -16.88 -22.38 10.26
C GLU K 24 -17.37 -23.83 10.29
N LEU K 25 -16.45 -24.79 10.33
CA LEU K 25 -16.78 -26.21 10.35
C LEU K 25 -17.38 -26.66 11.67
N ASN K 26 -16.92 -26.09 12.79
CA ASN K 26 -17.42 -26.46 14.10
C ASN K 26 -18.62 -25.66 14.59
N LEU K 27 -18.95 -24.54 13.92
CA LEU K 27 -20.09 -23.71 14.31
C LEU K 27 -21.42 -24.50 14.37
N PRO K 28 -21.78 -25.35 13.36
CA PRO K 28 -23.04 -26.11 13.48
C PRO K 28 -23.06 -27.10 14.65
N ASN K 29 -21.89 -27.69 14.99
CA ASN K 29 -21.79 -28.62 16.10
C ASN K 29 -21.98 -27.89 17.44
N LEU K 30 -21.41 -26.68 17.55
CA LEU K 30 -21.57 -25.85 18.75
C LEU K 30 -23.04 -25.44 18.88
N ALA K 31 -23.67 -25.00 17.78
CA ALA K 31 -25.07 -24.60 17.80
C ALA K 31 -25.99 -25.76 18.19
N ALA K 32 -25.69 -26.99 17.73
CA ALA K 32 -26.48 -28.16 18.10
C ALA K 32 -26.36 -28.43 19.61
N ALA K 33 -25.16 -28.26 20.16
CA ALA K 33 -24.93 -28.47 21.58
C ALA K 33 -25.65 -27.39 22.43
N TYR K 34 -25.64 -26.13 21.98
CA TYR K 34 -26.34 -25.06 22.69
C TYR K 34 -27.87 -25.20 22.59
N SER K 35 -28.39 -25.70 21.45
CA SER K 35 -29.82 -25.94 21.27
C SER K 35 -30.26 -27.05 22.24
N SER K 36 -29.43 -28.09 22.37
CA SER K 36 -29.68 -29.19 23.28
C SER K 36 -29.70 -28.71 24.74
N ILE K 37 -28.78 -27.79 25.11
CA ILE K 37 -28.73 -27.21 26.45
C ILE K 37 -30.05 -26.45 26.74
N LEU K 38 -30.56 -25.68 25.77
CA LEU K 38 -31.82 -24.95 25.94
C LEU K 38 -32.98 -25.90 26.28
N SER K 39 -33.08 -27.03 25.56
CA SER K 39 -34.10 -28.03 25.79
C SER K 39 -33.90 -28.72 27.14
N SER K 40 -32.66 -29.07 27.48
CA SER K 40 -32.34 -29.75 28.74
C SER K 40 -32.56 -28.89 29.96
N LEU K 41 -32.57 -27.56 29.82
CA LEU K 41 -32.85 -26.66 30.94
C LEU K 41 -34.37 -26.45 31.17
N GLY K 42 -35.21 -27.01 30.30
CA GLY K 42 -36.65 -26.85 30.38
C GLY K 42 -37.17 -25.71 29.53
N GLU K 43 -36.27 -25.04 28.76
CA GLU K 43 -36.65 -23.93 27.92
C GLU K 43 -37.22 -24.37 26.57
N ASN K 44 -37.84 -23.43 25.85
CA ASN K 44 -38.44 -23.66 24.54
C ASN K 44 -37.54 -23.02 23.49
N PRO K 45 -36.74 -23.81 22.75
CA PRO K 45 -35.87 -23.23 21.71
C PRO K 45 -36.64 -22.53 20.57
N GLN K 46 -37.98 -22.72 20.48
CA GLN K 46 -38.79 -22.11 19.44
C GLN K 46 -39.33 -20.72 19.80
N ARG K 47 -39.24 -20.30 21.09
CA ARG K 47 -39.73 -18.96 21.45
C ARG K 47 -38.85 -17.87 20.83
N GLN K 48 -39.44 -16.70 20.52
CA GLN K 48 -38.76 -15.60 19.84
C GLN K 48 -37.37 -15.29 20.37
N GLY K 49 -37.23 -15.13 21.68
CA GLY K 49 -35.97 -14.79 22.30
C GLY K 49 -34.87 -15.84 22.18
N LEU K 50 -35.23 -17.09 21.87
CA LEU K 50 -34.26 -18.18 21.79
C LEU K 50 -33.98 -18.72 20.39
N LEU K 51 -34.74 -18.30 19.36
CA LEU K 51 -34.61 -18.83 17.99
C LEU K 51 -33.17 -18.86 17.44
N LYS K 52 -32.45 -17.76 17.56
CA LYS K 52 -31.07 -17.68 17.05
C LYS K 52 -30.00 -17.93 18.10
N THR K 53 -30.40 -18.17 19.37
CA THR K 53 -29.49 -18.40 20.49
C THR K 53 -28.46 -19.53 20.24
N PRO K 54 -28.79 -20.73 19.70
CA PRO K 54 -27.74 -21.73 19.47
C PRO K 54 -26.54 -21.20 18.69
N TRP K 55 -26.80 -20.32 17.67
CA TRP K 55 -25.76 -19.73 16.85
C TRP K 55 -25.03 -18.58 17.53
N ARG K 56 -25.79 -17.71 18.19
CA ARG K 56 -25.24 -16.55 18.87
C ARG K 56 -24.38 -16.96 20.08
N ALA K 57 -24.80 -17.98 20.79
CA ALA K 57 -24.04 -18.49 21.93
C ALA K 57 -22.77 -19.16 21.42
N ALA K 58 -22.87 -19.92 20.30
CA ALA K 58 -21.71 -20.59 19.68
C ALA K 58 -20.67 -19.57 19.23
N SER K 59 -21.10 -18.49 18.55
CA SER K 59 -20.20 -17.43 18.09
C SER K 59 -19.55 -16.71 19.26
N ALA K 60 -20.33 -16.40 20.32
CA ALA K 60 -19.78 -15.73 21.53
C ALA K 60 -18.68 -16.61 22.15
N MET K 61 -18.93 -17.93 22.29
CA MET K 61 -17.95 -18.84 22.85
C MET K 61 -16.67 -18.96 22.00
N GLN K 62 -16.81 -18.88 20.65
CA GLN K 62 -15.65 -18.89 19.77
C GLN K 62 -14.85 -17.59 19.96
N PHE K 63 -15.54 -16.45 20.13
CA PHE K 63 -14.87 -15.17 20.39
C PHE K 63 -14.16 -15.20 21.75
N PHE K 64 -14.80 -15.76 22.79
CA PHE K 64 -14.20 -15.86 24.11
C PHE K 64 -12.94 -16.74 24.12
N THR K 65 -12.82 -17.68 23.16
CA THR K 65 -11.68 -18.58 23.06
C THR K 65 -10.83 -18.31 21.81
N LYS K 66 -10.91 -17.08 21.24
CA LYS K 66 -10.13 -16.72 20.05
C LYS K 66 -8.61 -16.70 20.25
N GLY K 67 -8.14 -16.73 21.51
CA GLY K 67 -6.71 -16.75 21.82
C GLY K 67 -6.02 -18.02 21.33
N TYR K 68 -6.78 -19.12 21.18
CA TYR K 68 -6.26 -20.38 20.62
C TYR K 68 -5.90 -20.19 19.12
N GLN K 69 -6.48 -19.20 18.44
CA GLN K 69 -6.18 -18.91 17.05
C GLN K 69 -4.88 -18.07 16.88
N GLU K 70 -4.26 -17.60 17.98
CA GLU K 70 -3.13 -16.70 17.90
C GLU K 70 -1.80 -17.29 18.36
N THR K 71 -0.71 -16.67 17.86
CA THR K 71 0.69 -17.02 18.14
C THR K 71 1.38 -15.77 18.74
N ILE K 72 2.30 -15.93 19.75
CA ILE K 72 3.06 -14.78 20.29
C ILE K 72 3.78 -14.01 19.17
N SER K 73 4.44 -14.72 18.26
CA SER K 73 5.12 -14.11 17.11
C SER K 73 4.17 -13.23 16.28
N ASP K 74 3.00 -13.76 15.89
CA ASP K 74 2.05 -12.98 15.09
C ASP K 74 1.55 -11.74 15.84
N VAL K 75 1.25 -11.92 17.13
CA VAL K 75 0.80 -10.85 18.00
C VAL K 75 1.85 -9.75 18.19
N LEU K 76 3.13 -10.12 18.34
CA LEU K 76 4.20 -9.15 18.52
C LEU K 76 4.39 -8.28 17.28
N ASN K 77 4.23 -8.92 16.13
CA ASN K 77 4.31 -8.29 14.83
C ASN K 77 5.54 -7.42 14.63
N ASP K 78 6.71 -7.86 15.15
CA ASP K 78 7.99 -7.19 15.03
C ASP K 78 8.01 -5.79 15.67
N ALA K 79 7.15 -5.52 16.65
CA ALA K 79 7.05 -4.22 17.28
C ALA K 79 7.99 -4.17 18.45
N ILE K 80 9.25 -4.34 18.14
CA ILE K 80 10.33 -4.31 19.11
C ILE K 80 11.29 -3.22 18.63
N PHE K 81 11.45 -2.19 19.44
CA PHE K 81 12.26 -1.05 19.10
C PHE K 81 13.55 -0.96 19.90
N ASP K 82 14.58 -0.41 19.27
CA ASP K 82 15.88 -0.27 19.92
C ASP K 82 16.02 1.11 20.51
N GLU K 83 16.38 1.14 21.78
CA GLU K 83 16.62 2.36 22.50
C GLU K 83 17.51 2.03 23.69
N ASP K 84 18.42 2.95 24.03
CA ASP K 84 19.24 2.76 25.22
C ASP K 84 18.37 3.31 26.36
N HIS K 85 17.23 2.63 26.56
CA HIS K 85 16.26 2.94 27.59
C HIS K 85 16.40 1.86 28.66
N ASP K 86 16.77 2.29 29.85
CA ASP K 86 16.91 1.40 30.98
C ASP K 86 15.99 1.87 32.13
N GLU K 87 14.81 2.44 31.78
CA GLU K 87 13.87 2.97 32.74
C GLU K 87 12.55 2.18 32.75
N MET K 88 11.79 2.25 33.85
CA MET K 88 10.59 1.46 34.00
C MET K 88 9.43 1.83 33.08
N VAL K 89 8.84 0.82 32.44
CA VAL K 89 7.69 1.01 31.55
C VAL K 89 6.54 0.19 32.12
N ILE K 90 5.39 0.82 32.29
CA ILE K 90 4.20 0.17 32.81
C ILE K 90 3.00 0.44 31.94
N VAL K 91 2.16 -0.59 31.70
CA VAL K 91 0.87 -0.45 31.07
C VAL K 91 -0.09 -1.04 32.10
N LYS K 92 -0.90 -0.19 32.70
CA LYS K 92 -1.82 -0.63 33.75
C LYS K 92 -3.29 -0.48 33.36
N ASP K 93 -4.18 -1.08 34.14
CA ASP K 93 -5.63 -1.03 33.94
C ASP K 93 -6.05 -1.58 32.60
N ILE K 94 -5.37 -2.66 32.16
CA ILE K 94 -5.75 -3.30 30.91
C ILE K 94 -6.95 -4.18 31.22
N ASP K 95 -8.12 -3.85 30.66
CA ASP K 95 -9.33 -4.65 30.86
C ASP K 95 -9.11 -6.08 30.35
N MET K 96 -9.47 -7.04 31.18
CA MET K 96 -9.21 -8.43 30.88
C MET K 96 -10.51 -9.20 31.06
N PHE K 97 -10.82 -10.07 30.10
CA PHE K 97 -12.02 -10.91 30.14
C PHE K 97 -11.60 -12.34 29.81
N SER K 98 -11.75 -13.23 30.78
CA SER K 98 -11.37 -14.62 30.58
C SER K 98 -12.52 -15.58 30.93
N MET K 99 -12.29 -16.88 30.78
CA MET K 99 -13.31 -17.89 31.05
C MET K 99 -12.72 -18.91 31.99
N CYS K 100 -13.41 -19.23 33.07
CA CYS K 100 -12.92 -20.26 33.96
C CYS K 100 -13.05 -21.61 33.26
N GLU K 101 -11.98 -22.39 33.27
CA GLU K 101 -12.01 -23.69 32.61
C GLU K 101 -12.78 -24.77 33.42
N HIS K 102 -13.02 -24.51 34.69
CA HIS K 102 -13.72 -25.46 35.51
C HIS K 102 -15.24 -25.32 35.42
N HIS K 103 -15.73 -24.10 35.31
CA HIS K 103 -17.17 -23.88 35.22
C HIS K 103 -17.70 -23.28 33.90
N LEU K 104 -16.80 -22.86 33.01
CA LEU K 104 -17.15 -22.18 31.75
C LEU K 104 -17.99 -20.93 32.02
N VAL K 105 -17.57 -20.15 33.00
CA VAL K 105 -18.21 -18.92 33.42
C VAL K 105 -17.11 -17.82 33.43
N PRO K 106 -17.43 -16.58 32.99
CA PRO K 106 -16.39 -15.55 32.95
C PRO K 106 -15.75 -15.14 34.26
N PHE K 107 -14.49 -14.73 34.17
CA PHE K 107 -13.77 -14.05 35.23
C PHE K 107 -13.19 -12.82 34.55
N VAL K 108 -13.45 -11.66 35.13
CA VAL K 108 -13.08 -10.40 34.47
C VAL K 108 -12.39 -9.47 35.42
N GLY K 109 -11.52 -8.63 34.89
CA GLY K 109 -10.84 -7.64 35.73
C GLY K 109 -9.83 -6.83 34.97
N LYS K 110 -8.67 -6.60 35.60
CA LYS K 110 -7.61 -5.76 35.07
C LYS K 110 -6.28 -6.43 35.19
N VAL K 111 -5.36 -6.09 34.27
CA VAL K 111 -3.99 -6.57 34.28
C VAL K 111 -3.08 -5.34 34.32
N HIS K 112 -2.07 -5.37 35.17
CA HIS K 112 -1.09 -4.29 35.29
C HIS K 112 0.28 -4.93 35.01
N ILE K 113 0.98 -4.42 33.99
CA ILE K 113 2.25 -4.97 33.59
C ILE K 113 3.36 -3.93 33.71
N GLY K 114 4.49 -4.34 34.24
CA GLY K 114 5.66 -3.48 34.32
C GLY K 114 6.89 -4.23 33.86
N TYR K 115 7.85 -3.53 33.27
CA TYR K 115 9.10 -4.17 32.89
C TYR K 115 10.25 -3.16 32.83
N LEU K 116 11.46 -3.67 32.94
CA LEU K 116 12.66 -2.87 32.84
C LEU K 116 13.35 -3.34 31.57
N PRO K 117 13.37 -2.49 30.53
CA PRO K 117 14.00 -2.90 29.26
C PRO K 117 15.49 -3.17 29.40
N ASN K 118 16.01 -3.94 28.45
CA ASN K 118 17.41 -4.29 28.31
C ASN K 118 17.74 -4.01 26.84
N LYS K 119 17.68 -2.72 26.46
CA LYS K 119 17.93 -2.22 25.09
C LYS K 119 16.85 -2.61 24.05
N GLN K 120 15.91 -3.49 24.39
CA GLN K 120 14.78 -3.77 23.51
C GLN K 120 13.49 -3.34 24.22
N VAL K 121 12.72 -2.48 23.56
CA VAL K 121 11.47 -1.99 24.08
C VAL K 121 10.34 -2.52 23.23
N LEU K 122 9.33 -3.11 23.86
CA LEU K 122 8.20 -3.66 23.14
C LEU K 122 7.13 -2.62 22.89
N GLY K 123 6.47 -2.73 21.75
CA GLY K 123 5.39 -1.83 21.43
C GLY K 123 4.34 -1.85 22.53
N LEU K 124 3.97 -0.68 23.02
CA LEU K 124 3.02 -0.53 24.12
C LEU K 124 1.75 -1.38 23.98
N SER K 125 1.10 -1.34 22.84
CA SER K 125 -0.11 -2.12 22.59
C SER K 125 0.08 -3.64 22.63
N LYS K 126 1.28 -4.12 22.32
CA LYS K 126 1.57 -5.54 22.35
C LYS K 126 1.44 -6.11 23.76
N LEU K 127 1.70 -5.31 24.78
CA LEU K 127 1.54 -5.78 26.15
C LEU K 127 0.07 -6.17 26.37
N ALA K 128 -0.88 -5.34 25.86
CA ALA K 128 -2.31 -5.61 25.94
C ALA K 128 -2.68 -6.77 24.99
N ARG K 129 -1.99 -6.88 23.84
CA ARG K 129 -2.25 -7.98 22.89
C ARG K 129 -1.83 -9.32 23.47
N ILE K 130 -0.77 -9.33 24.28
CA ILE K 130 -0.31 -10.54 24.95
C ILE K 130 -1.38 -10.94 26.00
N VAL K 131 -1.98 -9.95 26.70
CA VAL K 131 -3.07 -10.23 27.65
C VAL K 131 -4.22 -10.93 26.90
N GLU K 132 -4.53 -10.47 25.68
CA GLU K 132 -5.57 -11.04 24.82
C GLU K 132 -5.34 -12.48 24.36
N ILE K 133 -4.12 -12.86 23.95
CA ILE K 133 -3.86 -14.25 23.52
C ILE K 133 -4.20 -15.23 24.66
N TYR K 134 -3.75 -14.92 25.89
CA TYR K 134 -3.89 -15.83 26.98
C TYR K 134 -5.22 -15.74 27.69
N SER K 135 -5.81 -14.55 27.78
CA SER K 135 -7.08 -14.41 28.49
C SER K 135 -8.25 -14.98 27.69
N ARG K 136 -8.16 -14.93 26.34
CA ARG K 136 -9.25 -15.43 25.51
C ARG K 136 -9.09 -16.93 25.29
N ARG K 137 -9.08 -17.65 26.39
CA ARG K 137 -8.94 -19.09 26.42
C ARG K 137 -9.68 -19.60 27.68
N LEU K 138 -9.80 -20.92 27.83
CA LEU K 138 -10.34 -21.51 29.05
C LEU K 138 -9.13 -21.51 29.96
N GLN K 139 -9.25 -20.82 31.07
CA GLN K 139 -8.11 -20.60 31.96
C GLN K 139 -8.31 -20.67 33.46
N VAL K 140 -7.19 -20.48 34.15
CA VAL K 140 -7.12 -20.37 35.59
C VAL K 140 -6.26 -19.12 35.81
N GLN K 141 -6.60 -18.31 36.80
CA GLN K 141 -5.88 -17.05 37.01
C GLN K 141 -4.39 -17.17 37.13
N GLU K 142 -3.93 -18.11 37.93
CA GLU K 142 -2.50 -18.30 38.14
C GLU K 142 -1.78 -18.62 36.84
N ARG K 143 -2.35 -19.51 36.04
CA ARG K 143 -1.71 -19.85 34.77
C ARG K 143 -1.66 -18.62 33.84
N LEU K 144 -2.78 -17.88 33.74
CA LEU K 144 -2.88 -16.66 32.91
C LEU K 144 -1.79 -15.64 33.29
N THR K 145 -1.65 -15.36 34.59
CA THR K 145 -0.66 -14.41 35.12
C THR K 145 0.76 -14.81 34.70
N LYS K 146 1.09 -16.12 34.82
CA LYS K 146 2.45 -16.63 34.49
C LYS K 146 2.76 -16.52 32.98
N GLN K 147 1.80 -16.90 32.14
CA GLN K 147 1.91 -16.87 30.67
C GLN K 147 2.18 -15.47 30.13
N ILE K 148 1.50 -14.43 30.68
CA ILE K 148 1.75 -13.05 30.27
C ILE K 148 3.21 -12.65 30.62
N ALA K 149 3.63 -12.88 31.88
CA ALA K 149 4.99 -12.55 32.32
C ALA K 149 6.08 -13.31 31.53
N VAL K 150 5.86 -14.61 31.28
CA VAL K 150 6.80 -15.45 30.55
C VAL K 150 6.88 -15.03 29.06
N ALA K 151 5.74 -14.71 28.43
CA ALA K 151 5.75 -14.26 27.05
C ALA K 151 6.57 -12.96 26.86
N ILE K 152 6.41 -11.99 27.78
CA ILE K 152 7.17 -10.73 27.72
C ILE K 152 8.66 -10.99 27.96
N THR K 153 8.97 -11.86 28.93
CA THR K 153 10.35 -12.21 29.24
C THR K 153 11.05 -12.86 28.03
N GLU K 154 10.38 -13.81 27.38
CA GLU K 154 10.97 -14.51 26.24
C GLU K 154 11.05 -13.65 24.97
N ALA K 155 10.10 -12.74 24.78
CA ALA K 155 10.10 -11.88 23.61
C ALA K 155 11.13 -10.76 23.67
N LEU K 156 11.32 -10.19 24.85
CA LEU K 156 12.19 -9.02 24.99
C LEU K 156 13.50 -9.27 25.65
N ARG K 157 13.62 -10.36 26.42
CA ARG K 157 14.79 -10.61 27.27
C ARG K 157 15.13 -9.37 28.13
N PRO K 158 14.13 -8.85 28.89
CA PRO K 158 14.37 -7.63 29.66
C PRO K 158 15.08 -7.93 30.97
N ALA K 159 15.43 -6.88 31.74
CA ALA K 159 16.06 -7.10 33.06
C ALA K 159 15.03 -7.75 34.03
N GLY K 160 13.74 -7.48 33.84
CA GLY K 160 12.70 -8.07 34.66
C GLY K 160 11.31 -7.68 34.23
N VAL K 161 10.30 -8.45 34.68
CA VAL K 161 8.90 -8.21 34.39
C VAL K 161 8.07 -8.41 35.68
N GLY K 162 7.03 -7.62 35.85
CA GLY K 162 6.08 -7.77 36.94
C GLY K 162 4.69 -7.76 36.34
N VAL K 163 3.84 -8.69 36.77
CA VAL K 163 2.45 -8.79 36.27
C VAL K 163 1.51 -8.95 37.46
N VAL K 164 0.47 -8.12 37.53
CA VAL K 164 -0.53 -8.21 38.58
C VAL K 164 -1.90 -8.35 37.87
N VAL K 165 -2.66 -9.40 38.20
CA VAL K 165 -4.00 -9.58 37.65
C VAL K 165 -4.99 -9.48 38.81
N GLU K 166 -6.01 -8.63 38.69
CA GLU K 166 -7.09 -8.54 39.67
C GLU K 166 -8.35 -8.90 38.94
N ALA K 167 -9.13 -9.85 39.46
CA ALA K 167 -10.33 -10.27 38.76
C ALA K 167 -11.45 -10.69 39.68
N THR K 168 -12.66 -10.50 39.22
CA THR K 168 -13.87 -10.95 39.88
C THR K 168 -14.23 -12.24 39.17
N HIS K 169 -14.39 -13.30 39.93
CA HIS K 169 -14.78 -14.54 39.35
C HIS K 169 -16.27 -14.63 39.53
N MET K 170 -17.03 -14.75 38.43
CA MET K 170 -18.49 -14.87 38.51
C MET K 170 -18.92 -16.20 39.15
N CYS K 171 -18.07 -17.23 39.13
CA CYS K 171 -18.32 -18.48 39.83
C CYS K 171 -18.32 -18.30 41.37
N MET K 172 -17.69 -17.25 41.90
CA MET K 172 -17.71 -16.94 43.33
C MET K 172 -18.75 -15.87 43.70
N VAL K 173 -19.36 -15.21 42.72
CA VAL K 173 -20.32 -14.13 42.91
C VAL K 173 -21.76 -14.59 42.66
N MET K 174 -22.04 -15.18 41.49
CA MET K 174 -23.38 -15.61 41.00
C MET K 174 -23.80 -17.00 41.45
N ARG K 175 -22.88 -17.73 42.06
CA ARG K 175 -23.08 -19.09 42.51
C ARG K 175 -22.03 -19.47 43.56
N GLY K 176 -22.06 -20.72 43.99
CA GLY K 176 -21.13 -21.23 44.98
C GLY K 176 -21.18 -20.45 46.28
N VAL K 177 -20.03 -19.95 46.71
CA VAL K 177 -19.91 -19.16 47.95
C VAL K 177 -20.70 -17.85 47.92
N GLN K 178 -20.98 -17.31 46.72
CA GLN K 178 -21.77 -16.07 46.54
C GLN K 178 -21.24 -14.91 47.39
N LYS K 179 -19.94 -14.62 47.27
CA LYS K 179 -19.29 -13.53 47.96
C LYS K 179 -19.19 -12.37 46.94
N MET K 180 -20.22 -11.49 46.94
CA MET K 180 -20.43 -10.36 46.03
C MET K 180 -19.19 -9.51 45.77
N ASN K 181 -18.42 -9.17 46.81
CA ASN K 181 -17.28 -8.27 46.68
C ASN K 181 -15.94 -8.96 46.52
N SER K 182 -15.88 -10.30 46.59
CA SER K 182 -14.61 -11.01 46.52
C SER K 182 -13.83 -10.74 45.22
N LYS K 183 -12.51 -10.61 45.34
CA LYS K 183 -11.64 -10.36 44.18
C LYS K 183 -10.40 -11.23 44.33
N THR K 184 -9.91 -11.82 43.25
CA THR K 184 -8.68 -12.59 43.28
C THR K 184 -7.56 -11.73 42.71
N VAL K 185 -6.44 -11.60 43.44
CA VAL K 185 -5.28 -10.87 42.96
C VAL K 185 -4.12 -11.86 42.85
N THR K 186 -3.52 -11.98 41.66
CA THR K 186 -2.36 -12.85 41.45
C THR K 186 -1.21 -11.97 40.96
N SER K 187 0.00 -12.34 41.36
CA SER K 187 1.16 -11.51 41.12
C SER K 187 2.31 -12.37 40.68
N THR K 188 3.04 -11.97 39.65
CA THR K 188 4.22 -12.69 39.21
C THR K 188 5.34 -11.67 39.03
N MET K 189 6.50 -11.91 39.65
CA MET K 189 7.65 -11.03 39.57
C MET K 189 8.84 -11.84 39.08
N LEU K 190 9.40 -11.50 37.90
CA LEU K 190 10.53 -12.21 37.31
C LEU K 190 11.75 -11.30 37.16
N GLY K 191 12.96 -11.88 37.09
CA GLY K 191 14.19 -11.11 36.94
C GLY K 191 14.38 -10.11 38.06
N VAL K 192 14.77 -8.85 37.73
CA VAL K 192 14.94 -7.82 38.75
C VAL K 192 13.69 -7.49 39.52
N PHE K 193 12.50 -7.79 39.01
CA PHE K 193 11.26 -7.53 39.76
C PHE K 193 11.15 -8.47 40.98
N ARG K 194 11.77 -9.66 40.91
CA ARG K 194 11.81 -10.59 42.02
C ARG K 194 13.06 -10.29 42.87
N GLU K 195 14.25 -10.17 42.24
CA GLU K 195 15.52 -10.02 42.95
C GLU K 195 15.71 -8.68 43.64
N ASP K 196 15.23 -7.59 43.02
CA ASP K 196 15.38 -6.27 43.60
C ASP K 196 14.03 -5.79 44.15
N PRO K 197 13.89 -5.75 45.50
CA PRO K 197 12.65 -5.24 46.09
C PRO K 197 12.37 -3.79 45.74
N LYS K 198 13.40 -2.98 45.47
CA LYS K 198 13.24 -1.56 45.11
C LYS K 198 12.56 -1.37 43.77
N THR K 199 12.86 -2.26 42.82
CA THR K 199 12.23 -2.21 41.50
C THR K 199 10.75 -2.64 41.64
N ARG K 200 10.50 -3.71 42.41
CA ARG K 200 9.14 -4.18 42.64
C ARG K 200 8.28 -3.11 43.38
N GLU K 201 8.89 -2.41 44.35
CA GLU K 201 8.19 -1.35 45.11
C GLU K 201 7.82 -0.18 44.22
N GLU K 202 8.73 0.20 43.30
CA GLU K 202 8.42 1.29 42.39
C GLU K 202 7.24 0.90 41.47
N PHE K 203 7.27 -0.34 40.97
CA PHE K 203 6.18 -0.87 40.14
C PHE K 203 4.84 -0.84 40.90
N LEU K 204 4.79 -1.39 42.12
CA LEU K 204 3.54 -1.42 42.90
C LEU K 204 3.05 -0.04 43.29
N THR K 205 3.96 0.92 43.50
CA THR K 205 3.58 2.29 43.81
C THR K 205 2.97 2.97 42.57
N LEU K 206 3.58 2.75 41.39
CA LEU K 206 3.13 3.38 40.16
C LEU K 206 1.84 2.80 39.58
N ILE K 207 1.43 1.57 39.99
CA ILE K 207 0.17 1.00 39.48
C ILE K 207 -1.05 1.36 40.34
N ARG K 208 -0.89 2.14 41.42
CA ARG K 208 -2.02 2.53 42.25
C ARG K 208 -2.94 3.53 41.53
N ASP L 22 -30.04 -33.33 64.51
CA ASP L 22 -29.33 -32.62 65.59
C ASP L 22 -29.83 -31.16 65.66
N ASN L 23 -29.87 -30.46 64.52
CA ASN L 23 -30.42 -29.11 64.47
C ASN L 23 -31.94 -29.21 64.72
N GLU L 24 -32.60 -30.21 64.10
CA GLU L 24 -34.03 -30.45 64.23
C GLU L 24 -34.40 -30.77 65.68
N LEU L 25 -33.55 -31.52 66.36
CA LEU L 25 -33.77 -31.92 67.75
C LEU L 25 -33.64 -30.74 68.72
N ASN L 26 -32.72 -29.81 68.43
CA ASN L 26 -32.47 -28.67 69.30
C ASN L 26 -33.30 -27.43 69.01
N LEU L 27 -33.93 -27.38 67.84
CA LEU L 27 -34.74 -26.25 67.43
C LEU L 27 -35.87 -25.93 68.44
N PRO L 28 -36.64 -26.92 68.96
CA PRO L 28 -37.66 -26.60 69.97
C PRO L 28 -37.10 -26.01 71.26
N ASN L 29 -35.90 -26.44 71.70
CA ASN L 29 -35.25 -25.91 72.90
C ASN L 29 -34.87 -24.43 72.69
N LEU L 30 -34.37 -24.11 71.50
CA LEU L 30 -33.98 -22.75 71.16
C LEU L 30 -35.25 -21.89 71.12
N ALA L 31 -36.32 -22.38 70.48
CA ALA L 31 -37.57 -21.64 70.40
C ALA L 31 -38.17 -21.38 71.81
N ALA L 32 -38.06 -22.36 72.73
CA ALA L 32 -38.56 -22.18 74.10
C ALA L 32 -37.75 -21.09 74.81
N ALA L 33 -36.44 -21.07 74.60
CA ALA L 33 -35.57 -20.05 75.21
C ALA L 33 -35.86 -18.66 74.62
N TYR L 34 -36.08 -18.55 73.31
CA TYR L 34 -36.41 -17.26 72.70
C TYR L 34 -37.77 -16.75 73.14
N SER L 35 -38.74 -17.65 73.33
CA SER L 35 -40.08 -17.29 73.80
C SER L 35 -39.99 -16.73 75.24
N SER L 36 -39.17 -17.39 76.07
CA SER L 36 -38.91 -16.95 77.44
C SER L 36 -38.25 -15.55 77.47
N ILE L 37 -37.31 -15.29 76.54
CA ILE L 37 -36.64 -14.00 76.41
C ILE L 37 -37.66 -12.90 76.06
N LEU L 38 -38.59 -13.18 75.13
CA LEU L 38 -39.64 -12.23 74.76
C LEU L 38 -40.47 -11.82 75.98
N SER L 39 -40.86 -12.79 76.83
CA SER L 39 -41.63 -12.52 78.05
C SER L 39 -40.77 -11.72 79.06
N SER L 40 -39.51 -12.12 79.25
CA SER L 40 -38.63 -11.46 80.20
C SER L 40 -38.27 -10.02 79.81
N LEU L 41 -38.41 -9.67 78.52
CA LEU L 41 -38.17 -8.29 78.06
C LEU L 41 -39.41 -7.39 78.23
N GLY L 42 -40.54 -7.94 78.67
CA GLY L 42 -41.78 -7.19 78.82
C GLY L 42 -42.69 -7.29 77.62
N GLU L 43 -42.29 -8.08 76.60
CA GLU L 43 -43.08 -8.22 75.38
C GLU L 43 -44.17 -9.27 75.50
N ASN L 44 -45.08 -9.29 74.53
CA ASN L 44 -46.18 -10.25 74.52
C ASN L 44 -45.91 -11.26 73.41
N PRO L 45 -45.45 -12.48 73.76
CA PRO L 45 -45.19 -13.48 72.72
C PRO L 45 -46.41 -13.93 71.93
N GLN L 46 -47.62 -13.59 72.41
CA GLN L 46 -48.86 -13.96 71.73
C GLN L 46 -49.29 -12.94 70.67
N ARG L 47 -48.60 -11.76 70.57
CA ARG L 47 -48.81 -10.70 69.55
C ARG L 47 -48.73 -11.34 68.18
N GLN L 48 -49.49 -10.86 67.17
CA GLN L 48 -49.34 -11.38 65.80
C GLN L 48 -47.89 -11.29 65.30
N GLY L 49 -47.23 -10.16 65.54
CA GLY L 49 -45.86 -9.94 65.10
C GLY L 49 -44.81 -10.80 65.77
N LEU L 50 -45.13 -11.39 66.92
CA LEU L 50 -44.17 -12.22 67.67
C LEU L 50 -44.48 -13.71 67.70
N LEU L 51 -45.63 -14.16 67.19
CA LEU L 51 -46.04 -15.57 67.26
C LEU L 51 -44.99 -16.56 66.71
N LYS L 52 -44.41 -16.26 65.53
CA LYS L 52 -43.41 -17.13 64.92
C LYS L 52 -41.96 -16.75 65.27
N THR L 53 -41.75 -15.66 66.01
CA THR L 53 -40.42 -15.17 66.37
C THR L 53 -39.54 -16.19 67.12
N PRO L 54 -40.03 -16.95 68.15
CA PRO L 54 -39.15 -17.97 68.77
C PRO L 54 -38.53 -18.93 67.76
N TRP L 55 -39.30 -19.36 66.73
CA TRP L 55 -38.81 -20.28 65.71
C TRP L 55 -37.89 -19.62 64.69
N ARG L 56 -38.21 -18.41 64.25
CA ARG L 56 -37.40 -17.71 63.29
C ARG L 56 -36.07 -17.28 63.88
N ALA L 57 -36.09 -16.83 65.13
CA ALA L 57 -34.87 -16.41 65.83
C ALA L 57 -33.98 -17.65 66.05
N ALA L 58 -34.61 -18.80 66.41
CA ALA L 58 -33.88 -20.04 66.62
C ALA L 58 -33.21 -20.50 65.31
N SER L 59 -33.92 -20.47 64.17
CA SER L 59 -33.38 -20.86 62.87
C SER L 59 -32.26 -19.94 62.45
N ALA L 60 -32.44 -18.62 62.65
CA ALA L 60 -31.40 -17.63 62.29
C ALA L 60 -30.13 -17.92 63.09
N MET L 61 -30.25 -18.16 64.40
CA MET L 61 -29.10 -18.46 65.26
C MET L 61 -28.39 -19.77 64.85
N GLN L 62 -29.13 -20.79 64.41
CA GLN L 62 -28.53 -22.02 63.91
C GLN L 62 -27.78 -21.75 62.62
N PHE L 63 -28.33 -20.90 61.73
CA PHE L 63 -27.65 -20.55 60.48
C PHE L 63 -26.35 -19.75 60.80
N PHE L 64 -26.42 -18.80 61.76
CA PHE L 64 -25.25 -18.01 62.15
C PHE L 64 -24.15 -18.88 62.75
N THR L 65 -24.48 -20.03 63.32
CA THR L 65 -23.51 -20.95 63.91
C THR L 65 -23.39 -22.26 63.11
N LYS L 66 -23.71 -22.25 61.81
CA LYS L 66 -23.63 -23.44 60.94
C LYS L 66 -22.19 -23.95 60.71
N GLY L 67 -21.17 -23.15 61.04
CA GLY L 67 -19.79 -23.56 60.89
C GLY L 67 -19.40 -24.71 61.81
N TYR L 68 -20.13 -24.88 62.93
CA TYR L 68 -19.91 -26.01 63.83
C TYR L 68 -20.28 -27.34 63.13
N GLN L 69 -21.18 -27.30 62.12
CA GLN L 69 -21.57 -28.46 61.31
C GLN L 69 -20.52 -28.83 60.22
N GLU L 70 -19.43 -28.02 60.08
CA GLU L 70 -18.47 -28.28 59.01
C GLU L 70 -17.09 -28.67 59.48
N THR L 71 -16.40 -29.44 58.66
CA THR L 71 -15.00 -29.83 58.88
C THR L 71 -14.17 -29.28 57.70
N ILE L 72 -12.89 -28.97 57.92
CA ILE L 72 -12.02 -28.46 56.86
C ILE L 72 -11.96 -29.39 55.66
N SER L 73 -11.83 -30.72 55.90
CA SER L 73 -11.74 -31.71 54.84
C SER L 73 -12.94 -31.68 53.91
N ASP L 74 -14.17 -31.60 54.44
CA ASP L 74 -15.37 -31.56 53.61
C ASP L 74 -15.43 -30.28 52.79
N VAL L 75 -15.10 -29.16 53.44
CA VAL L 75 -15.12 -27.85 52.83
C VAL L 75 -14.11 -27.74 51.69
N LEU L 76 -12.91 -28.28 51.90
CA LEU L 76 -11.87 -28.26 50.90
C LEU L 76 -12.30 -29.05 49.68
N ASN L 77 -12.99 -30.16 49.92
CA ASN L 77 -13.49 -31.04 48.86
C ASN L 77 -12.47 -31.46 47.81
N ASP L 78 -11.24 -31.72 48.24
CA ASP L 78 -10.09 -32.16 47.44
C ASP L 78 -9.64 -31.13 46.39
N ALA L 79 -9.98 -29.85 46.57
CA ALA L 79 -9.64 -28.80 45.63
C ALA L 79 -8.26 -28.24 45.88
N ILE L 80 -7.27 -29.12 45.84
CA ILE L 80 -5.88 -28.76 46.02
C ILE L 80 -5.15 -29.28 44.79
N PHE L 81 -4.69 -28.39 43.91
CA PHE L 81 -4.05 -28.75 42.65
C PHE L 81 -2.55 -28.50 42.57
N ASP L 82 -1.90 -28.95 41.49
CA ASP L 82 -0.46 -28.70 41.35
C ASP L 82 -0.22 -27.56 40.34
N GLU L 83 0.39 -26.48 40.81
CA GLU L 83 0.79 -25.33 40.01
C GLU L 83 2.20 -25.10 40.52
N ASP L 84 3.20 -25.53 39.74
CA ASP L 84 4.59 -25.49 40.15
C ASP L 84 5.20 -24.09 40.21
N HIS L 85 4.65 -23.11 39.48
CA HIS L 85 5.20 -21.74 39.57
C HIS L 85 4.72 -21.05 40.86
N ASP L 86 5.65 -20.45 41.59
CA ASP L 86 5.33 -19.79 42.84
C ASP L 86 5.21 -18.27 42.69
N GLU L 87 3.97 -17.81 42.72
CA GLU L 87 3.53 -16.43 42.68
C GLU L 87 2.62 -16.18 43.90
N MET L 88 2.42 -14.91 44.31
CA MET L 88 1.51 -14.61 45.41
C MET L 88 0.04 -14.72 44.95
N VAL L 89 -0.78 -15.40 45.73
CA VAL L 89 -2.21 -15.57 45.43
C VAL L 89 -2.99 -14.92 46.55
N ILE L 90 -3.94 -14.05 46.21
CA ILE L 90 -4.74 -13.33 47.18
C ILE L 90 -6.21 -13.43 46.84
N VAL L 91 -7.06 -13.63 47.85
CA VAL L 91 -8.50 -13.53 47.68
C VAL L 91 -8.87 -12.49 48.73
N LYS L 92 -9.27 -11.31 48.29
CA LYS L 92 -9.57 -10.20 49.19
C LYS L 92 -11.04 -9.81 49.13
N ASP L 93 -11.46 -8.96 50.07
CA ASP L 93 -12.82 -8.45 50.20
C ASP L 93 -13.84 -9.55 50.34
N ILE L 94 -13.49 -10.57 51.12
CA ILE L 94 -14.43 -11.65 51.37
C ILE L 94 -15.35 -11.18 52.47
N ASP L 95 -16.64 -10.98 52.17
CA ASP L 95 -17.64 -10.59 53.16
C ASP L 95 -17.73 -11.62 54.28
N MET L 96 -17.68 -11.15 55.51
CA MET L 96 -17.64 -12.02 56.67
C MET L 96 -18.71 -11.59 57.65
N PHE L 97 -19.46 -12.55 58.19
CA PHE L 97 -20.52 -12.28 59.17
C PHE L 97 -20.32 -13.26 60.32
N SER L 98 -19.95 -12.77 61.49
CA SER L 98 -19.71 -13.62 62.64
C SER L 98 -20.56 -13.19 63.86
N MET L 99 -20.42 -13.92 64.98
CA MET L 99 -21.20 -13.63 66.18
C MET L 99 -20.24 -13.46 67.32
N CYS L 100 -20.38 -12.37 68.05
CA CYS L 100 -19.53 -12.16 69.20
C CYS L 100 -19.92 -13.17 70.27
N GLU L 101 -18.96 -13.90 70.79
CA GLU L 101 -19.26 -14.90 71.83
C GLU L 101 -19.54 -14.29 73.20
N HIS L 102 -19.18 -13.04 73.41
CA HIS L 102 -19.39 -12.42 74.70
C HIS L 102 -20.76 -11.79 74.86
N HIS L 103 -21.37 -11.37 73.75
CA HIS L 103 -22.67 -10.72 73.80
C HIS L 103 -23.76 -11.33 72.92
N LEU L 104 -23.39 -12.26 72.03
CA LEU L 104 -24.28 -12.90 71.05
C LEU L 104 -24.92 -11.88 70.12
N VAL L 105 -24.09 -10.96 69.64
CA VAL L 105 -24.46 -9.87 68.74
C VAL L 105 -23.47 -9.93 67.54
N PRO L 106 -23.94 -9.73 66.29
CA PRO L 106 -23.03 -9.83 65.14
C PRO L 106 -21.83 -8.87 65.10
N PHE L 107 -20.74 -9.35 64.48
CA PHE L 107 -19.61 -8.52 64.09
C PHE L 107 -19.37 -8.89 62.62
N VAL L 108 -19.33 -7.86 61.76
CA VAL L 108 -19.33 -8.09 60.32
C VAL L 108 -18.25 -7.27 59.64
N GLY L 109 -17.73 -7.80 58.54
CA GLY L 109 -16.69 -7.09 57.82
C GLY L 109 -16.13 -7.85 56.64
N LYS L 110 -14.82 -7.76 56.44
CA LYS L 110 -14.13 -8.35 55.30
C LYS L 110 -12.90 -9.08 55.75
N VAL L 111 -12.54 -10.15 55.00
CA VAL L 111 -11.33 -10.95 55.22
C VAL L 111 -10.49 -10.89 53.95
N HIS L 112 -9.19 -10.67 54.10
CA HIS L 112 -8.26 -10.60 52.99
C HIS L 112 -7.20 -11.67 53.26
N ILE L 113 -7.05 -12.62 52.35
CA ILE L 113 -6.14 -13.73 52.51
C ILE L 113 -5.10 -13.75 51.41
N GLY L 114 -3.85 -13.97 51.79
CA GLY L 114 -2.77 -14.08 50.85
C GLY L 114 -1.91 -15.26 51.20
N TYR L 115 -1.33 -15.92 50.19
CA TYR L 115 -0.42 -17.01 50.45
C TYR L 115 0.58 -17.19 49.32
N LEU L 116 1.72 -17.80 49.66
CA LEU L 116 2.74 -18.10 48.68
C LEU L 116 2.76 -19.60 48.58
N PRO L 117 2.31 -20.17 47.45
CA PRO L 117 2.29 -21.64 47.34
C PRO L 117 3.68 -22.25 47.35
N ASN L 118 3.75 -23.48 47.83
CA ASN L 118 4.99 -24.23 47.80
C ASN L 118 4.82 -25.19 46.59
N LYS L 119 4.29 -26.41 46.80
CA LYS L 119 4.04 -27.30 45.67
C LYS L 119 2.53 -27.49 45.41
N GLN L 120 1.64 -26.74 46.11
CA GLN L 120 0.19 -26.94 46.02
C GLN L 120 -0.59 -25.63 46.04
N VAL L 121 -1.65 -25.60 45.26
CA VAL L 121 -2.48 -24.42 45.14
C VAL L 121 -3.92 -24.76 45.47
N LEU L 122 -4.54 -23.94 46.31
CA LEU L 122 -5.91 -24.16 46.70
C LEU L 122 -6.94 -23.56 45.74
N GLY L 123 -8.11 -24.17 45.70
CA GLY L 123 -9.18 -23.67 44.89
C GLY L 123 -9.61 -22.32 45.44
N LEU L 124 -9.68 -21.31 44.57
CA LEU L 124 -10.02 -19.95 44.96
C LEU L 124 -11.19 -19.80 45.92
N SER L 125 -12.29 -20.45 45.58
CA SER L 125 -13.52 -20.40 46.39
C SER L 125 -13.39 -21.03 47.77
N LYS L 126 -12.48 -21.98 47.93
CA LYS L 126 -12.26 -22.64 49.20
C LYS L 126 -11.69 -21.70 50.25
N LEU L 127 -10.96 -20.68 49.81
CA LEU L 127 -10.43 -19.68 50.72
C LEU L 127 -11.61 -18.92 51.37
N ALA L 128 -12.70 -18.66 50.59
CA ALA L 128 -13.93 -18.05 51.13
C ALA L 128 -14.74 -19.08 51.95
N ARG L 129 -14.71 -20.36 51.58
CA ARG L 129 -15.38 -21.40 52.34
C ARG L 129 -14.71 -21.60 53.70
N ILE L 130 -13.39 -21.43 53.73
CA ILE L 130 -12.63 -21.53 54.98
C ILE L 130 -13.09 -20.39 55.91
N VAL L 131 -13.25 -19.16 55.37
CA VAL L 131 -13.79 -18.04 56.13
C VAL L 131 -15.17 -18.39 56.72
N GLU L 132 -16.04 -19.01 55.92
CA GLU L 132 -17.37 -19.45 56.37
C GLU L 132 -17.35 -20.49 57.51
N ILE L 133 -16.43 -21.49 57.49
CA ILE L 133 -16.40 -22.49 58.57
C ILE L 133 -16.21 -21.81 59.93
N TYR L 134 -15.20 -20.90 60.00
CA TYR L 134 -14.85 -20.31 61.27
C TYR L 134 -15.64 -19.09 61.66
N SER L 135 -16.10 -18.29 60.69
CA SER L 135 -16.87 -17.11 61.02
C SER L 135 -18.26 -17.45 61.48
N ARG L 136 -18.87 -18.55 60.96
CA ARG L 136 -20.23 -18.92 61.34
C ARG L 136 -20.19 -19.70 62.64
N ARG L 137 -19.74 -19.04 63.68
CA ARG L 137 -19.55 -19.63 65.01
C ARG L 137 -19.61 -18.49 66.05
N LEU L 138 -19.60 -18.84 67.34
CA LEU L 138 -19.48 -17.84 68.40
C LEU L 138 -17.96 -17.59 68.48
N GLN L 139 -17.57 -16.35 68.24
CA GLN L 139 -16.17 -16.03 68.16
C GLN L 139 -15.69 -14.75 68.79
N VAL L 140 -14.38 -14.61 68.67
CA VAL L 140 -13.61 -13.43 69.02
C VAL L 140 -12.76 -13.23 67.76
N GLN L 141 -12.63 -11.99 67.32
CA GLN L 141 -11.89 -11.71 66.08
C GLN L 141 -10.52 -12.34 65.97
N GLU L 142 -9.74 -12.26 67.04
CA GLU L 142 -8.40 -12.82 67.05
C GLU L 142 -8.36 -14.30 66.75
N ARG L 143 -9.25 -15.07 67.37
CA ARG L 143 -9.28 -16.52 67.15
C ARG L 143 -9.67 -16.81 65.70
N LEU L 144 -10.69 -16.11 65.20
CA LEU L 144 -11.18 -16.27 63.84
C LEU L 144 -10.05 -16.05 62.80
N THR L 145 -9.29 -14.97 62.96
CA THR L 145 -8.17 -14.63 62.10
C THR L 145 -7.12 -15.74 62.10
N LYS L 146 -6.75 -16.24 63.28
CA LYS L 146 -5.76 -17.30 63.43
C LYS L 146 -6.24 -18.64 62.84
N GLN L 147 -7.51 -19.00 63.04
CA GLN L 147 -8.05 -20.27 62.53
C GLN L 147 -8.05 -20.34 61.02
N ILE L 148 -8.35 -19.22 60.35
CA ILE L 148 -8.31 -19.18 58.89
C ILE L 148 -6.87 -19.39 58.41
N ALA L 149 -5.89 -18.69 59.00
CA ALA L 149 -4.48 -18.83 58.62
C ALA L 149 -3.93 -20.23 58.91
N VAL L 150 -4.26 -20.81 60.06
CA VAL L 150 -3.80 -22.16 60.41
C VAL L 150 -4.43 -23.22 59.48
N ALA L 151 -5.74 -23.08 59.14
CA ALA L 151 -6.38 -24.03 58.24
C ALA L 151 -5.71 -24.06 56.87
N ILE L 152 -5.36 -22.89 56.32
CA ILE L 152 -4.69 -22.80 55.03
C ILE L 152 -3.28 -23.38 55.11
N THR L 153 -2.57 -23.07 56.21
CA THR L 153 -1.21 -23.57 56.41
C THR L 153 -1.19 -25.09 56.46
N GLU L 154 -2.12 -25.70 57.21
CA GLU L 154 -2.17 -27.15 57.35
C GLU L 154 -2.66 -27.86 56.09
N ALA L 155 -3.57 -27.23 55.34
CA ALA L 155 -4.10 -27.85 54.13
C ALA L 155 -3.13 -27.83 52.97
N LEU L 156 -2.36 -26.75 52.83
CA LEU L 156 -1.47 -26.58 51.69
C LEU L 156 -0.02 -26.71 51.95
N ARG L 157 0.42 -26.53 53.20
CA ARG L 157 1.85 -26.48 53.57
C ARG L 157 2.61 -25.46 52.70
N PRO L 158 2.12 -24.20 52.63
CA PRO L 158 2.75 -23.23 51.72
C PRO L 158 3.97 -22.58 52.33
N ALA L 159 4.66 -21.72 51.57
CA ALA L 159 5.79 -21.00 52.12
C ALA L 159 5.32 -20.04 53.24
N GLY L 160 4.08 -19.51 53.11
CA GLY L 160 3.50 -18.62 54.10
C GLY L 160 2.08 -18.23 53.81
N VAL L 161 1.40 -17.69 54.85
CA VAL L 161 0.02 -17.22 54.75
C VAL L 161 -0.11 -15.91 55.52
N GLY L 162 -0.92 -15.01 55.00
CA GLY L 162 -1.26 -13.76 55.66
C GLY L 162 -2.76 -13.62 55.66
N VAL L 163 -3.34 -13.25 56.80
CA VAL L 163 -4.78 -13.05 56.92
C VAL L 163 -5.04 -11.74 57.63
N VAL L 164 -5.89 -10.88 57.04
CA VAL L 164 -6.27 -9.61 57.67
C VAL L 164 -7.80 -9.62 57.76
N VAL L 165 -8.33 -9.36 58.96
CA VAL L 165 -9.78 -9.26 59.14
C VAL L 165 -10.09 -7.84 59.60
N GLU L 166 -11.02 -7.17 58.94
CA GLU L 166 -11.48 -5.85 59.36
C GLU L 166 -12.97 -6.00 59.64
N ALA L 167 -13.43 -5.59 60.83
CA ALA L 167 -14.83 -5.77 61.16
C ALA L 167 -15.38 -4.68 62.05
N THR L 168 -16.67 -4.43 61.90
CA THR L 168 -17.44 -3.55 62.76
C THR L 168 -18.10 -4.45 63.80
N HIS L 169 -17.86 -4.19 65.06
CA HIS L 169 -18.49 -4.96 66.08
C HIS L 169 -19.72 -4.16 66.48
N MET L 170 -20.92 -4.73 66.32
CA MET L 170 -22.17 -4.04 66.70
C MET L 170 -22.26 -3.79 68.22
N CYS L 171 -21.61 -4.61 69.04
CA CYS L 171 -21.53 -4.40 70.46
C CYS L 171 -20.82 -3.08 70.85
N MET L 172 -20.00 -2.52 69.96
CA MET L 172 -19.33 -1.25 70.24
C MET L 172 -20.01 -0.09 69.53
N VAL L 173 -21.02 -0.31 68.66
CA VAL L 173 -21.68 0.78 67.96
C VAL L 173 -23.13 0.96 68.46
N MET L 174 -23.93 -0.12 68.58
CA MET L 174 -25.32 -0.09 69.03
C MET L 174 -25.48 -0.01 70.55
N ARG L 175 -24.40 -0.20 71.29
CA ARG L 175 -24.42 -0.20 72.74
C ARG L 175 -23.01 -0.04 73.30
N GLY L 176 -22.89 -0.14 74.61
CA GLY L 176 -21.60 -0.02 75.28
C GLY L 176 -20.97 1.33 75.05
N VAL L 177 -19.77 1.31 74.47
CA VAL L 177 -19.03 2.52 74.18
C VAL L 177 -19.70 3.40 73.15
N GLN L 178 -20.52 2.81 72.24
CA GLN L 178 -21.24 3.53 71.18
C GLN L 178 -20.33 4.44 70.35
N LYS L 179 -19.28 3.86 69.77
CA LYS L 179 -18.34 4.58 68.91
C LYS L 179 -18.70 4.18 67.49
N MET L 180 -19.60 4.95 66.87
CA MET L 180 -20.22 4.68 65.57
C MET L 180 -19.25 4.25 64.46
N ASN L 181 -18.07 4.86 64.41
CA ASN L 181 -17.10 4.56 63.36
C ASN L 181 -16.04 3.54 63.72
N SER L 182 -16.00 3.04 64.96
CA SER L 182 -14.93 2.11 65.37
C SER L 182 -14.85 0.82 64.53
N LYS L 183 -13.63 0.37 64.25
CA LYS L 183 -13.41 -0.84 63.46
C LYS L 183 -12.26 -1.60 64.08
N THR L 184 -12.35 -2.93 64.10
CA THR L 184 -11.27 -3.76 64.62
C THR L 184 -10.54 -4.40 63.45
N VAL L 185 -9.22 -4.28 63.43
CA VAL L 185 -8.39 -4.88 62.40
C VAL L 185 -7.44 -5.87 63.09
N THR L 186 -7.48 -7.14 62.68
CA THR L 186 -6.62 -8.17 63.22
C THR L 186 -5.82 -8.77 62.07
N SER L 187 -4.61 -9.17 62.36
CA SER L 187 -3.68 -9.64 61.36
C SER L 187 -2.98 -10.90 61.84
N THR L 188 -2.80 -11.89 60.99
CA THR L 188 -2.01 -13.09 61.31
C THR L 188 -1.06 -13.32 60.13
N MET L 189 0.24 -13.41 60.41
CA MET L 189 1.25 -13.62 59.37
C MET L 189 2.05 -14.86 59.75
N LEU L 190 2.02 -15.91 58.94
CA LEU L 190 2.73 -17.16 59.22
C LEU L 190 3.74 -17.45 58.12
N GLY L 191 4.76 -18.27 58.45
CA GLY L 191 5.80 -18.64 57.49
C GLY L 191 6.53 -17.43 56.94
N VAL L 192 6.73 -17.36 55.59
CA VAL L 192 7.40 -16.21 54.97
C VAL L 192 6.67 -14.90 55.16
N PHE L 193 5.35 -14.92 55.42
CA PHE L 193 4.62 -13.67 55.65
C PHE L 193 5.07 -13.01 56.97
N ARG L 194 5.57 -13.81 57.94
CA ARG L 194 6.10 -13.28 59.18
C ARG L 194 7.60 -13.01 59.04
N GLU L 195 8.36 -14.00 58.51
CA GLU L 195 9.81 -13.92 58.42
C GLU L 195 10.35 -12.94 57.41
N ASP L 196 9.66 -12.81 56.26
CA ASP L 196 10.09 -11.88 55.22
C ASP L 196 9.19 -10.64 55.17
N PRO L 197 9.68 -9.50 55.65
CA PRO L 197 8.87 -8.27 55.57
C PRO L 197 8.50 -7.87 54.14
N LYS L 198 9.35 -8.18 53.15
CA LYS L 198 9.05 -7.87 51.76
C LYS L 198 7.80 -8.60 51.24
N THR L 199 7.62 -9.87 51.64
CA THR L 199 6.44 -10.64 51.24
C THR L 199 5.20 -10.02 51.89
N ARG L 200 5.29 -9.70 53.19
CA ARG L 200 4.17 -9.10 53.90
C ARG L 200 3.79 -7.72 53.31
N GLU L 201 4.81 -6.91 52.91
CA GLU L 201 4.58 -5.59 52.32
C GLU L 201 3.88 -5.70 50.98
N GLU L 202 4.26 -6.70 50.17
CA GLU L 202 3.61 -6.90 48.87
C GLU L 202 2.14 -7.27 49.08
N PHE L 203 1.87 -8.16 50.05
CA PHE L 203 0.51 -8.57 50.40
C PHE L 203 -0.34 -7.35 50.85
N LEU L 204 0.16 -6.55 51.81
CA LEU L 204 -0.58 -5.38 52.31
C LEU L 204 -0.79 -4.33 51.24
N THR L 205 0.14 -4.19 50.29
CA THR L 205 -0.02 -3.24 49.18
C THR L 205 -1.10 -3.73 48.21
N LEU L 206 -1.11 -5.03 47.91
CA LEU L 206 -2.06 -5.61 46.95
C LEU L 206 -3.50 -5.75 47.49
N ILE L 207 -3.70 -5.72 48.82
CA ILE L 207 -5.08 -5.80 49.34
C ILE L 207 -5.77 -4.43 49.48
N ARG L 208 -5.10 -3.32 49.14
CA ARG L 208 -5.70 -2.00 49.22
C ARG L 208 -6.82 -1.81 48.19
N SER M 19 -16.12 12.32 92.32
CA SER M 19 -17.27 11.46 92.65
C SER M 19 -18.60 12.09 92.21
N GLU M 20 -19.69 11.30 92.21
CA GLU M 20 -21.00 11.81 91.88
C GLU M 20 -21.54 12.78 92.97
N GLU M 21 -21.04 12.63 94.22
CA GLU M 21 -21.39 13.53 95.33
C GLU M 21 -20.71 14.88 95.09
N ASP M 22 -19.45 14.87 94.62
CA ASP M 22 -18.71 16.09 94.28
C ASP M 22 -19.44 16.83 93.16
N ASN M 23 -19.98 16.10 92.18
CA ASN M 23 -20.73 16.67 91.07
C ASN M 23 -21.97 17.40 91.56
N GLU M 24 -22.74 16.80 92.49
CA GLU M 24 -23.94 17.41 93.04
C GLU M 24 -23.62 18.67 93.83
N LEU M 25 -22.54 18.61 94.63
CA LEU M 25 -22.10 19.73 95.46
C LEU M 25 -21.55 20.90 94.65
N ASN M 26 -20.85 20.61 93.54
CA ASN M 26 -20.25 21.66 92.72
C ASN M 26 -21.15 22.21 91.62
N LEU M 27 -22.24 21.51 91.30
CA LEU M 27 -23.17 21.96 90.26
C LEU M 27 -23.68 23.42 90.49
N PRO M 28 -24.15 23.80 91.72
CA PRO M 28 -24.59 25.18 91.91
C PRO M 28 -23.49 26.23 91.73
N ASN M 29 -22.23 25.89 92.10
CA ASN M 29 -21.09 26.79 91.93
C ASN M 29 -20.80 27.02 90.46
N LEU M 30 -20.90 25.95 89.65
CA LEU M 30 -20.66 26.03 88.22
C LEU M 30 -21.77 26.89 87.59
N ALA M 31 -23.03 26.64 87.98
CA ALA M 31 -24.16 27.41 87.45
C ALA M 31 -24.03 28.91 87.78
N ALA M 32 -23.58 29.25 89.02
CA ALA M 32 -23.38 30.65 89.42
C ALA M 32 -22.31 31.31 88.54
N ALA M 33 -21.23 30.56 88.24
CA ALA M 33 -20.15 31.07 87.40
C ALA M 33 -20.63 31.27 85.95
N TYR M 34 -21.43 30.33 85.42
CA TYR M 34 -21.96 30.46 84.05
C TYR M 34 -22.95 31.61 83.93
N SER M 35 -23.76 31.84 84.98
CA SER M 35 -24.71 32.95 85.01
C SER M 35 -23.96 34.29 85.00
N SER M 36 -22.87 34.37 85.77
CA SER M 36 -22.00 35.53 85.82
C SER M 36 -21.36 35.82 84.43
N ILE M 37 -20.94 34.76 83.72
CA ILE M 37 -20.36 34.86 82.38
C ILE M 37 -21.41 35.46 81.41
N LEU M 38 -22.66 35.01 81.48
CA LEU M 38 -23.74 35.54 80.64
C LEU M 38 -23.90 37.06 80.83
N SER M 39 -23.88 37.53 82.09
CA SER M 39 -23.99 38.96 82.40
C SER M 39 -22.75 39.71 81.90
N SER M 40 -21.55 39.15 82.13
CA SER M 40 -20.29 39.79 81.71
C SER M 40 -20.13 39.87 80.19
N LEU M 41 -20.85 39.03 79.43
CA LEU M 41 -20.80 39.10 77.97
C LEU M 41 -21.81 40.13 77.39
N GLY M 42 -22.62 40.74 78.24
CA GLY M 42 -23.63 41.70 77.79
C GLY M 42 -24.99 41.07 77.59
N GLU M 43 -25.13 39.76 77.87
CA GLU M 43 -26.40 39.08 77.70
C GLU M 43 -27.34 39.25 78.89
N ASN M 44 -28.61 38.86 78.71
CA ASN M 44 -29.61 38.95 79.75
C ASN M 44 -29.90 37.54 80.24
N PRO M 45 -29.37 37.14 81.41
CA PRO M 45 -29.64 35.79 81.93
C PRO M 45 -31.11 35.49 82.22
N GLN M 46 -31.96 36.53 82.26
CA GLN M 46 -33.38 36.37 82.55
C GLN M 46 -34.23 36.09 81.30
N ARG M 47 -33.69 36.30 80.09
CA ARG M 47 -34.47 36.03 78.88
C ARG M 47 -34.76 34.52 78.74
N GLN M 48 -35.93 34.16 78.17
CA GLN M 48 -36.39 32.78 78.02
C GLN M 48 -35.31 31.77 77.62
N GLY M 49 -34.57 32.08 76.57
CA GLY M 49 -33.56 31.19 76.03
C GLY M 49 -32.35 30.97 76.92
N LEU M 50 -32.13 31.83 77.93
CA LEU M 50 -30.98 31.72 78.81
C LEU M 50 -31.29 31.28 80.25
N LEU M 51 -32.57 31.19 80.64
CA LEU M 51 -32.95 30.86 82.01
C LEU M 51 -32.31 29.59 82.57
N LYS M 52 -32.33 28.50 81.80
CA LYS M 52 -31.75 27.24 82.24
C LYS M 52 -30.30 27.02 81.82
N THR M 53 -29.73 27.94 81.02
CA THR M 53 -28.36 27.85 80.50
C THR M 53 -27.27 27.67 81.58
N PRO M 54 -27.25 28.45 82.71
CA PRO M 54 -26.22 28.19 83.72
C PRO M 54 -26.16 26.74 84.19
N TRP M 55 -27.33 26.07 84.31
CA TRP M 55 -27.41 24.67 84.74
C TRP M 55 -27.05 23.68 83.65
N ARG M 56 -27.52 23.93 82.43
CA ARG M 56 -27.22 23.05 81.32
C ARG M 56 -25.75 23.13 80.91
N ALA M 57 -25.17 24.34 80.93
CA ALA M 57 -23.75 24.52 80.60
C ALA M 57 -22.91 23.84 81.70
N ALA M 58 -23.33 23.97 82.98
CA ALA M 58 -22.63 23.33 84.09
C ALA M 58 -22.67 21.81 83.96
N SER M 59 -23.85 21.22 83.64
CA SER M 59 -23.99 19.76 83.46
C SER M 59 -23.18 19.26 82.28
N ALA M 60 -23.19 20.01 81.17
CA ALA M 60 -22.42 19.66 79.98
C ALA M 60 -20.92 19.65 80.32
N MET M 61 -20.42 20.66 81.03
CA MET M 61 -19.02 20.72 81.43
C MET M 61 -18.62 19.58 82.38
N GLN M 62 -19.56 19.18 83.29
CA GLN M 62 -19.34 18.03 84.16
C GLN M 62 -19.23 16.73 83.33
N PHE M 63 -20.08 16.57 82.29
CA PHE M 63 -20.05 15.42 81.41
C PHE M 63 -18.74 15.40 80.57
N PHE M 64 -18.34 16.57 80.04
CA PHE M 64 -17.11 16.67 79.25
C PHE M 64 -15.87 16.32 80.08
N THR M 65 -15.94 16.47 81.42
CA THR M 65 -14.81 16.15 82.30
C THR M 65 -15.08 14.92 83.19
N LYS M 66 -15.98 14.03 82.77
CA LYS M 66 -16.32 12.83 83.56
C LYS M 66 -15.17 11.80 83.69
N GLY M 67 -14.12 11.94 82.90
CA GLY M 67 -12.96 11.06 82.96
C GLY M 67 -12.19 11.16 84.25
N TYR M 68 -12.30 12.30 84.95
CA TYR M 68 -11.65 12.47 86.25
C TYR M 68 -12.28 11.53 87.31
N GLN M 69 -13.55 11.13 87.12
CA GLN M 69 -14.32 10.24 87.98
C GLN M 69 -13.93 8.75 87.78
N GLU M 70 -13.11 8.42 86.75
CA GLU M 70 -12.82 7.03 86.43
C GLU M 70 -11.41 6.57 86.76
N THR M 71 -11.29 5.28 87.01
CA THR M 71 -10.02 4.62 87.26
C THR M 71 -9.85 3.52 86.22
N ILE M 72 -8.60 3.24 85.82
CA ILE M 72 -8.29 2.22 84.83
C ILE M 72 -8.84 0.85 85.25
N SER M 73 -8.69 0.47 86.54
CA SER M 73 -9.17 -0.81 87.04
C SER M 73 -10.66 -1.00 86.85
N ASP M 74 -11.48 0.00 87.19
CA ASP M 74 -12.94 -0.13 87.04
C ASP M 74 -13.32 -0.23 85.57
N VAL M 75 -12.67 0.57 84.73
CA VAL M 75 -12.93 0.62 83.30
C VAL M 75 -12.58 -0.72 82.63
N LEU M 76 -11.47 -1.36 83.03
CA LEU M 76 -11.05 -2.62 82.48
C LEU M 76 -12.03 -3.73 82.79
N ASN M 77 -12.61 -3.68 83.98
CA ASN M 77 -13.62 -4.64 84.45
C ASN M 77 -13.22 -6.10 84.28
N ASP M 78 -11.94 -6.41 84.51
CA ASP M 78 -11.35 -7.75 84.38
C ASP M 78 -11.49 -8.34 82.97
N ALA M 79 -11.53 -7.51 81.94
CA ALA M 79 -11.74 -7.99 80.58
C ALA M 79 -10.44 -8.34 79.88
N ILE M 80 -9.62 -9.10 80.57
CA ILE M 80 -8.35 -9.57 80.04
C ILE M 80 -8.50 -11.06 79.79
N PHE M 81 -8.23 -11.46 78.56
CA PHE M 81 -8.40 -12.85 78.18
C PHE M 81 -7.10 -13.55 77.86
N ASP M 82 -7.10 -14.84 78.11
CA ASP M 82 -5.93 -15.65 77.85
C ASP M 82 -6.12 -16.47 76.59
N GLU M 83 -5.89 -15.83 75.44
CA GLU M 83 -5.89 -16.44 74.13
C GLU M 83 -4.39 -16.53 73.75
N ASP M 84 -3.95 -17.66 73.19
CA ASP M 84 -2.53 -17.84 72.84
C ASP M 84 -2.16 -17.13 71.50
N HIS M 85 -2.67 -15.89 71.33
CA HIS M 85 -2.51 -15.03 70.16
C HIS M 85 -1.34 -14.06 70.32
N ASP M 86 -0.42 -14.06 69.35
CA ASP M 86 0.70 -13.14 69.37
C ASP M 86 0.82 -12.46 68.01
N GLU M 87 -0.33 -11.91 67.55
CA GLU M 87 -0.52 -11.18 66.31
C GLU M 87 -1.11 -9.77 66.59
N MET M 88 -0.99 -8.85 65.62
CA MET M 88 -1.41 -7.46 65.82
C MET M 88 -2.91 -7.25 65.94
N VAL M 89 -3.31 -6.47 66.96
CA VAL M 89 -4.70 -6.13 67.20
C VAL M 89 -4.84 -4.63 67.13
N ILE M 90 -5.80 -4.15 66.34
CA ILE M 90 -6.02 -2.73 66.16
C ILE M 90 -7.48 -2.37 66.35
N VAL M 91 -7.76 -1.27 67.04
CA VAL M 91 -9.09 -0.69 67.10
C VAL M 91 -8.88 0.73 66.57
N LYS M 92 -9.41 1.01 65.40
CA LYS M 92 -9.22 2.30 64.75
C LYS M 92 -10.55 3.07 64.63
N ASP M 93 -10.47 4.36 64.27
CA ASP M 93 -11.60 5.25 64.08
C ASP M 93 -12.45 5.36 65.34
N ILE M 94 -11.81 5.41 66.50
CA ILE M 94 -12.55 5.60 67.75
C ILE M 94 -12.83 7.08 67.87
N ASP M 95 -14.09 7.50 67.75
CA ASP M 95 -14.47 8.92 67.90
C ASP M 95 -14.05 9.44 69.27
N MET M 96 -13.40 10.59 69.27
CA MET M 96 -12.83 11.17 70.47
C MET M 96 -13.29 12.62 70.60
N PHE M 97 -13.73 13.01 71.80
CA PHE M 97 -14.18 14.37 72.07
C PHE M 97 -13.52 14.83 73.34
N SER M 98 -12.63 15.80 73.24
CA SER M 98 -11.91 16.30 74.40
C SER M 98 -12.10 17.82 74.57
N MET M 99 -11.46 18.40 75.58
CA MET M 99 -11.55 19.81 75.87
C MET M 99 -10.14 20.40 75.98
N CYS M 100 -9.86 21.47 75.27
CA CYS M 100 -8.57 22.10 75.36
C CYS M 100 -8.45 22.77 76.73
N GLU M 101 -7.39 22.47 77.46
CA GLU M 101 -7.22 23.04 78.78
C GLU M 101 -6.80 24.51 78.73
N HIS M 102 -6.31 25.02 77.60
CA HIS M 102 -5.92 26.41 77.51
C HIS M 102 -7.09 27.35 77.23
N HIS M 103 -8.08 26.91 76.46
CA HIS M 103 -9.21 27.77 76.12
C HIS M 103 -10.59 27.29 76.54
N LEU M 104 -10.67 26.05 77.04
CA LEU M 104 -11.94 25.40 77.46
C LEU M 104 -12.91 25.33 76.27
N VAL M 105 -12.37 24.93 75.12
CA VAL M 105 -13.09 24.79 73.87
C VAL M 105 -12.79 23.35 73.35
N PRO M 106 -13.79 22.65 72.75
CA PRO M 106 -13.53 21.27 72.31
C PRO M 106 -12.47 21.08 71.24
N PHE M 107 -11.84 19.91 71.29
CA PHE M 107 -11.00 19.39 70.21
C PHE M 107 -11.50 17.96 69.97
N VAL M 108 -11.85 17.65 68.72
CA VAL M 108 -12.52 16.40 68.41
C VAL M 108 -11.88 15.70 67.23
N GLY M 109 -11.92 14.39 67.24
CA GLY M 109 -11.36 13.61 66.15
C GLY M 109 -11.44 12.11 66.36
N LYS M 110 -10.37 11.42 65.99
CA LYS M 110 -10.35 9.97 66.06
C LYS M 110 -9.06 9.47 66.68
N VAL M 111 -9.13 8.30 67.34
CA VAL M 111 -7.98 7.63 67.94
C VAL M 111 -7.83 6.26 67.28
N HIS M 112 -6.61 5.89 66.92
CA HIS M 112 -6.30 4.60 66.30
C HIS M 112 -5.29 3.93 67.22
N ILE M 113 -5.63 2.77 67.74
CA ILE M 113 -4.77 2.05 68.67
C ILE M 113 -4.37 0.69 68.13
N GLY M 114 -3.11 0.35 68.28
CA GLY M 114 -2.61 -0.95 67.89
C GLY M 114 -1.74 -1.50 69.00
N TYR M 115 -1.72 -2.82 69.14
CA TYR M 115 -0.84 -3.45 70.11
C TYR M 115 -0.51 -4.88 69.71
N LEU M 116 0.61 -5.39 70.23
CA LEU M 116 1.05 -6.75 70.02
C LEU M 116 0.94 -7.41 71.36
N PRO M 117 -0.04 -8.33 71.53
CA PRO M 117 -0.20 -8.97 72.84
C PRO M 117 0.96 -9.85 73.24
N ASN M 118 1.07 -10.07 74.56
CA ASN M 118 2.08 -10.93 75.16
C ASN M 118 1.31 -11.88 76.06
N LYS M 119 0.56 -12.79 75.44
CA LYS M 119 -0.29 -13.81 76.06
C LYS M 119 -1.56 -13.25 76.77
N GLN M 120 -1.63 -11.92 77.01
CA GLN M 120 -2.86 -11.31 77.55
C GLN M 120 -3.49 -10.40 76.47
N VAL M 121 -4.74 -10.67 76.15
CA VAL M 121 -5.47 -9.88 75.17
C VAL M 121 -6.56 -9.11 75.87
N LEU M 122 -6.61 -7.82 75.62
CA LEU M 122 -7.61 -6.96 76.21
C LEU M 122 -8.88 -6.99 75.41
N GLY M 123 -9.99 -6.76 76.10
CA GLY M 123 -11.27 -6.69 75.47
C GLY M 123 -11.33 -5.48 74.57
N LEU M 124 -11.76 -5.71 73.32
CA LEU M 124 -11.83 -4.68 72.30
C LEU M 124 -12.41 -3.34 72.73
N SER M 125 -13.56 -3.38 73.40
CA SER M 125 -14.22 -2.16 73.86
C SER M 125 -13.45 -1.38 74.93
N LYS M 126 -12.63 -2.07 75.71
CA LYS M 126 -11.86 -1.43 76.76
C LYS M 126 -10.83 -0.44 76.18
N LEU M 127 -10.35 -0.71 74.97
CA LEU M 127 -9.42 0.21 74.32
C LEU M 127 -10.12 1.56 74.10
N ALA M 128 -11.41 1.53 73.67
CA ALA M 128 -12.22 2.73 73.51
C ALA M 128 -12.59 3.35 74.88
N ARG M 129 -12.79 2.51 75.90
CA ARG M 129 -13.11 3.02 77.23
C ARG M 129 -11.90 3.75 77.82
N ILE M 130 -10.70 3.26 77.53
CA ILE M 130 -9.45 3.88 77.95
C ILE M 130 -9.34 5.28 77.29
N VAL M 131 -9.74 5.40 76.00
CA VAL M 131 -9.78 6.69 75.31
C VAL M 131 -10.73 7.65 76.07
N GLU M 132 -11.90 7.14 76.50
CA GLU M 132 -12.88 7.93 77.26
C GLU M 132 -12.35 8.44 78.59
N ILE M 133 -11.58 7.63 79.33
CA ILE M 133 -11.02 8.08 80.62
C ILE M 133 -10.20 9.37 80.48
N TYR M 134 -9.27 9.40 79.51
CA TYR M 134 -8.37 10.53 79.38
C TYR M 134 -8.92 11.64 78.49
N SER M 135 -9.75 11.32 77.47
CA SER M 135 -10.28 12.38 76.60
C SER M 135 -11.34 13.23 77.30
N ARG M 136 -12.07 12.65 78.26
CA ARG M 136 -13.10 13.41 78.96
C ARG M 136 -12.49 14.14 80.11
N ARG M 137 -11.58 15.06 79.79
CA ARG M 137 -10.81 15.85 80.74
C ARG M 137 -10.37 17.16 80.05
N LEU M 138 -9.77 18.07 80.84
CA LEU M 138 -9.15 19.26 80.28
C LEU M 138 -7.78 18.75 79.87
N GLN M 139 -7.44 18.89 78.60
CA GLN M 139 -6.23 18.31 78.06
C GLN M 139 -5.44 19.07 77.00
N VAL M 140 -4.35 18.44 76.62
CA VAL M 140 -3.50 18.82 75.50
C VAL M 140 -3.35 17.50 74.73
N GLN M 141 -3.43 17.56 73.42
CA GLN M 141 -3.35 16.36 72.60
C GLN M 141 -2.19 15.44 72.89
N GLU M 142 -1.01 16.00 73.06
CA GLU M 142 0.19 15.22 73.35
C GLU M 142 0.08 14.39 74.61
N ARG M 143 -0.48 14.96 75.66
CA ARG M 143 -0.63 14.23 76.93
C ARG M 143 -1.66 13.12 76.80
N LEU M 144 -2.81 13.43 76.19
CA LEU M 144 -3.88 12.47 75.91
C LEU M 144 -3.35 11.25 75.15
N THR M 145 -2.49 11.48 74.13
CA THR M 145 -1.93 10.41 73.30
C THR M 145 -1.05 9.48 74.14
N LYS M 146 -0.17 10.07 74.93
CA LYS M 146 0.74 9.34 75.78
C LYS M 146 0.02 8.56 76.88
N GLN M 147 -1.00 9.18 77.50
CA GLN M 147 -1.77 8.52 78.58
C GLN M 147 -2.43 7.25 78.10
N ILE M 148 -3.04 7.27 76.91
CA ILE M 148 -3.72 6.10 76.35
C ILE M 148 -2.70 4.95 76.16
N ALA M 149 -1.56 5.25 75.55
CA ALA M 149 -0.52 4.27 75.30
C ALA M 149 0.05 3.69 76.60
N VAL M 150 0.33 4.55 77.61
CA VAL M 150 0.85 4.11 78.90
C VAL M 150 -0.19 3.23 79.65
N ALA M 151 -1.48 3.62 79.64
CA ALA M 151 -2.52 2.82 80.29
C ALA M 151 -2.60 1.40 79.72
N ILE M 152 -2.56 1.26 78.38
CA ILE M 152 -2.60 -0.07 77.75
C ILE M 152 -1.34 -0.86 78.08
N THR M 153 -0.18 -0.20 78.05
CA THR M 153 1.10 -0.84 78.38
C THR M 153 1.07 -1.40 79.82
N GLU M 154 0.61 -0.60 80.78
CA GLU M 154 0.58 -1.01 82.18
C GLU M 154 -0.48 -2.05 82.48
N ALA M 155 -1.62 -2.01 81.79
CA ALA M 155 -2.70 -2.96 82.03
C ALA M 155 -2.40 -4.35 81.45
N LEU M 156 -1.80 -4.40 80.25
CA LEU M 156 -1.58 -5.65 79.56
C LEU M 156 -0.20 -6.19 79.55
N ARG M 157 0.81 -5.32 79.76
CA ARG M 157 2.23 -5.67 79.61
C ARG M 157 2.48 -6.35 78.24
N PRO M 158 2.10 -5.68 77.14
CA PRO M 158 2.24 -6.33 75.82
C PRO M 158 3.66 -6.16 75.26
N ALA M 159 3.94 -6.70 74.07
CA ALA M 159 5.24 -6.49 73.44
C ALA M 159 5.38 -5.00 73.01
N GLY M 160 4.28 -4.34 72.68
CA GLY M 160 4.28 -2.94 72.29
C GLY M 160 2.90 -2.38 72.04
N VAL M 161 2.80 -1.03 72.02
CA VAL M 161 1.57 -0.28 71.77
C VAL M 161 1.87 0.92 70.86
N GLY M 162 0.95 1.21 69.95
CA GLY M 162 1.02 2.38 69.09
C GLY M 162 -0.30 3.11 69.17
N VAL M 163 -0.25 4.44 69.32
CA VAL M 163 -1.47 5.27 69.41
C VAL M 163 -1.32 6.46 68.48
N VAL M 164 -2.34 6.71 67.64
CA VAL M 164 -2.34 7.86 66.76
C VAL M 164 -3.65 8.63 67.03
N VAL M 165 -3.55 9.93 67.30
CA VAL M 165 -4.73 10.76 67.53
C VAL M 165 -4.75 11.81 66.42
N GLU M 166 -5.88 11.96 65.73
CA GLU M 166 -6.03 13.03 64.73
C GLU M 166 -7.21 13.86 65.20
N ALA M 167 -7.02 15.18 65.35
CA ALA M 167 -8.10 16.01 65.88
C ALA M 167 -8.12 17.39 65.29
N THR M 168 -9.32 17.95 65.22
CA THR M 168 -9.57 19.31 64.81
C THR M 168 -9.70 20.06 66.11
N HIS M 169 -8.89 21.09 66.28
CA HIS M 169 -9.02 21.90 67.46
C HIS M 169 -9.86 23.07 67.04
N MET M 170 -11.01 23.27 67.69
CA MET M 170 -11.90 24.40 67.42
C MET M 170 -11.24 25.76 67.73
N CYS M 171 -10.27 25.84 68.63
CA CYS M 171 -9.51 27.05 68.88
C CYS M 171 -8.64 27.47 67.69
N MET M 172 -8.40 26.59 66.73
CA MET M 172 -7.66 26.96 65.54
C MET M 172 -8.56 27.21 64.34
N VAL M 173 -9.89 26.96 64.42
CA VAL M 173 -10.75 27.13 63.27
C VAL M 173 -11.79 28.23 63.54
N MET M 174 -12.45 28.19 64.71
CA MET M 174 -13.48 29.16 65.11
C MET M 174 -12.91 30.50 65.57
N ARG M 175 -11.61 30.54 65.86
CA ARG M 175 -10.95 31.74 66.38
C ARG M 175 -9.44 31.61 66.18
N GLY M 176 -8.70 32.57 66.73
CA GLY M 176 -7.26 32.58 66.62
C GLY M 176 -6.78 32.69 65.18
N VAL M 177 -6.00 31.70 64.76
CA VAL M 177 -5.46 31.64 63.40
C VAL M 177 -6.53 31.39 62.34
N GLN M 178 -7.65 30.79 62.75
CA GLN M 178 -8.76 30.51 61.85
C GLN M 178 -8.34 29.78 60.57
N LYS M 179 -7.62 28.66 60.74
CA LYS M 179 -7.19 27.81 59.63
C LYS M 179 -8.22 26.66 59.57
N MET M 180 -9.26 26.82 58.74
CA MET M 180 -10.43 25.94 58.58
C MET M 180 -10.13 24.44 58.46
N ASN M 181 -9.11 24.08 57.71
CA ASN M 181 -8.76 22.69 57.47
C ASN M 181 -7.71 22.11 58.39
N SER M 182 -7.08 22.92 59.24
CA SER M 182 -5.97 22.43 60.06
C SER M 182 -6.34 21.25 60.97
N LYS M 183 -5.45 20.30 61.10
CA LYS M 183 -5.62 19.09 61.90
C LYS M 183 -4.33 18.79 62.63
N THR M 184 -4.42 18.37 63.89
CA THR M 184 -3.25 17.98 64.64
C THR M 184 -3.20 16.46 64.69
N VAL M 185 -2.03 15.88 64.36
CA VAL M 185 -1.85 14.45 64.42
C VAL M 185 -0.71 14.18 65.42
N THR M 186 -0.99 13.39 66.46
CA THR M 186 0.02 13.05 67.44
C THR M 186 0.16 11.53 67.43
N SER M 187 1.35 11.07 67.74
CA SER M 187 1.69 9.67 67.69
C SER M 187 2.48 9.26 68.91
N THR M 188 2.23 8.07 69.47
CA THR M 188 3.04 7.53 70.55
C THR M 188 3.31 6.07 70.22
N MET M 189 4.58 5.68 70.19
CA MET M 189 4.97 4.30 69.88
C MET M 189 5.81 3.77 71.03
N LEU M 190 5.35 2.73 71.72
CA LEU M 190 6.06 2.14 72.87
C LEU M 190 6.44 0.69 72.61
N GLY M 191 7.46 0.18 73.30
CA GLY M 191 7.91 -1.21 73.15
C GLY M 191 8.31 -1.51 71.72
N VAL M 192 7.85 -2.67 71.16
CA VAL M 192 8.21 -3.02 69.77
C VAL M 192 7.69 -2.05 68.74
N PHE M 193 6.64 -1.25 69.06
CA PHE M 193 6.15 -0.25 68.10
C PHE M 193 7.19 0.87 67.88
N ARG M 194 8.05 1.13 68.87
CA ARG M 194 9.13 2.09 68.74
C ARG M 194 10.38 1.38 68.21
N GLU M 195 10.76 0.24 68.82
CA GLU M 195 12.02 -0.45 68.49
C GLU M 195 12.04 -1.13 67.13
N ASP M 196 10.91 -1.68 66.70
CA ASP M 196 10.84 -2.36 65.41
C ASP M 196 10.06 -1.54 64.40
N PRO M 197 10.75 -0.93 63.43
CA PRO M 197 10.05 -0.14 62.40
C PRO M 197 9.07 -0.97 61.58
N LYS M 198 9.31 -2.27 61.41
CA LYS M 198 8.41 -3.16 60.65
C LYS M 198 7.06 -3.32 61.32
N THR M 199 7.04 -3.36 62.67
CA THR M 199 5.78 -3.46 63.43
C THR M 199 5.02 -2.14 63.29
N ARG M 200 5.74 -1.01 63.45
CA ARG M 200 5.12 0.32 63.30
C ARG M 200 4.55 0.55 61.89
N GLU M 201 5.26 0.08 60.87
CA GLU M 201 4.81 0.22 59.48
C GLU M 201 3.57 -0.62 59.21
N GLU M 202 3.50 -1.85 59.78
CA GLU M 202 2.31 -2.66 59.59
C GLU M 202 1.08 -1.95 60.23
N PHE M 203 1.28 -1.40 61.45
CA PHE M 203 0.24 -0.65 62.15
C PHE M 203 -0.25 0.57 61.29
N LEU M 204 0.67 1.42 60.82
CA LEU M 204 0.31 2.59 60.03
C LEU M 204 -0.33 2.24 58.71
N THR M 205 0.05 1.12 58.09
CA THR M 205 -0.59 0.66 56.86
C THR M 205 -2.03 0.19 57.13
N LEU M 206 -2.24 -0.55 58.24
CA LEU M 206 -3.55 -1.10 58.55
C LEU M 206 -4.56 -0.09 59.08
N ILE M 207 -4.11 1.10 59.54
CA ILE M 207 -5.06 2.11 60.01
C ILE M 207 -5.53 3.08 58.92
N ARG M 208 -5.04 2.93 57.67
CA ARG M 208 -5.47 3.81 56.59
C ARG M 208 -6.93 3.57 56.19
N PRO N 17 11.22 45.88 61.47
CA PRO N 17 9.93 45.36 60.99
C PRO N 17 8.97 46.48 60.62
N ARG N 18 8.17 46.28 59.55
CA ARG N 18 7.20 47.27 59.09
C ARG N 18 6.18 47.58 60.21
N SER N 19 5.87 48.84 60.40
CA SER N 19 4.96 49.27 61.47
C SER N 19 3.61 49.74 60.93
N GLU N 20 2.62 49.92 61.81
CA GLU N 20 1.31 50.44 61.40
C GLU N 20 1.42 51.93 60.98
N GLU N 21 2.43 52.66 61.51
CA GLU N 21 2.68 54.05 61.14
C GLU N 21 3.24 54.08 59.71
N ASP N 22 4.14 53.14 59.36
CA ASP N 22 4.70 52.99 58.02
C ASP N 22 3.57 52.72 57.03
N ASN N 23 2.60 51.87 57.41
CA ASN N 23 1.46 51.54 56.58
C ASN N 23 0.64 52.77 56.27
N GLU N 24 0.35 53.62 57.29
CA GLU N 24 -0.43 54.85 57.10
C GLU N 24 0.30 55.84 56.20
N LEU N 25 1.62 55.97 56.38
CA LEU N 25 2.43 56.90 55.60
C LEU N 25 2.59 56.46 54.14
N ASN N 26 2.69 55.16 53.90
CA ASN N 26 2.86 54.63 52.56
C ASN N 26 1.57 54.35 51.81
N LEU N 27 0.43 54.32 52.49
CA LEU N 27 -0.86 54.06 51.85
C LEU N 27 -1.16 55.01 50.69
N PRO N 28 -0.98 56.36 50.82
CA PRO N 28 -1.24 57.24 49.68
C PRO N 28 -0.31 56.99 48.49
N ASN N 29 0.94 56.59 48.74
CA ASN N 29 1.90 56.28 47.68
C ASN N 29 1.51 55.03 46.93
N LEU N 30 1.01 54.02 47.66
CA LEU N 30 0.55 52.78 47.06
C LEU N 30 -0.71 53.07 46.23
N ALA N 31 -1.64 53.86 46.77
CA ALA N 31 -2.87 54.23 46.06
C ALA N 31 -2.56 55.00 44.78
N ALA N 32 -1.56 55.90 44.81
CA ALA N 32 -1.18 56.65 43.62
C ALA N 32 -0.61 55.70 42.55
N ALA N 33 0.19 54.71 42.98
CA ALA N 33 0.74 53.73 42.05
C ALA N 33 -0.37 52.85 41.44
N TYR N 34 -1.36 52.42 42.24
CA TYR N 34 -2.47 51.61 41.72
C TYR N 34 -3.37 52.40 40.78
N SER N 35 -3.57 53.70 41.05
CA SER N 35 -4.37 54.57 40.19
C SER N 35 -3.65 54.72 38.83
N SER N 36 -2.31 54.86 38.85
CA SER N 36 -1.49 54.96 37.66
C SER N 36 -1.61 53.66 36.83
N ILE N 37 -1.62 52.49 37.50
CA ILE N 37 -1.75 51.18 36.84
C ILE N 37 -3.09 51.11 36.10
N LEU N 38 -4.18 51.57 36.73
CA LEU N 38 -5.51 51.59 36.13
C LEU N 38 -5.50 52.39 34.81
N SER N 39 -4.87 53.57 34.80
CA SER N 39 -4.76 54.42 33.61
C SER N 39 -3.89 53.75 32.56
N SER N 40 -2.74 53.18 32.96
CA SER N 40 -1.82 52.54 32.02
C SER N 40 -2.40 51.27 31.36
N LEU N 41 -3.42 50.64 31.99
CA LEU N 41 -4.06 49.48 31.41
C LEU N 41 -5.18 49.86 30.40
N GLY N 42 -5.48 51.15 30.25
CA GLY N 42 -6.54 51.62 29.39
C GLY N 42 -7.86 51.81 30.11
N GLU N 43 -7.88 51.61 31.45
CA GLU N 43 -9.11 51.77 32.22
C GLU N 43 -9.36 53.22 32.62
N ASN N 44 -10.58 53.49 33.09
CA ASN N 44 -10.96 54.81 33.52
C ASN N 44 -11.03 54.80 35.05
N PRO N 45 -10.03 55.38 35.74
CA PRO N 45 -10.09 55.41 37.22
C PRO N 45 -11.26 56.20 37.80
N GLN N 46 -11.96 57.00 36.97
CA GLN N 46 -13.08 57.79 37.43
C GLN N 46 -14.42 57.07 37.36
N ARG N 47 -14.51 55.91 36.67
CA ARG N 47 -15.78 55.18 36.62
C ARG N 47 -16.13 54.64 38.02
N GLN N 48 -17.44 54.54 38.33
CA GLN N 48 -17.96 54.15 39.62
C GLN N 48 -17.27 52.92 40.25
N GLY N 49 -17.10 51.86 39.49
CA GLY N 49 -16.48 50.64 40.00
C GLY N 49 -15.00 50.74 40.35
N LEU N 50 -14.32 51.78 39.86
CA LEU N 50 -12.89 51.94 40.10
C LEU N 50 -12.50 53.07 41.04
N LEU N 51 -13.45 53.94 41.44
CA LEU N 51 -13.14 55.10 42.28
C LEU N 51 -12.35 54.80 43.57
N LYS N 52 -12.75 53.78 44.30
CA LYS N 52 -12.07 53.41 45.56
C LYS N 52 -10.96 52.36 45.39
N THR N 53 -10.82 51.77 44.19
CA THR N 53 -9.86 50.70 43.91
C THR N 53 -8.41 51.04 44.27
N PRO N 54 -7.84 52.21 43.93
CA PRO N 54 -6.44 52.48 44.35
C PRO N 54 -6.20 52.26 45.85
N TRP N 55 -7.18 52.62 46.70
CA TRP N 55 -7.10 52.47 48.16
C TRP N 55 -7.36 51.03 48.62
N ARG N 56 -8.33 50.37 48.02
CA ARG N 56 -8.61 48.99 48.37
C ARG N 56 -7.47 48.06 47.93
N ALA N 57 -6.96 48.25 46.72
CA ALA N 57 -5.85 47.44 46.22
C ALA N 57 -4.62 47.66 47.12
N ALA N 58 -4.37 48.92 47.52
CA ALA N 58 -3.24 49.25 48.39
C ALA N 58 -3.39 48.56 49.74
N SER N 59 -4.59 48.61 50.36
CA SER N 59 -4.85 47.95 51.66
C SER N 59 -4.72 46.44 51.54
N ALA N 60 -5.26 45.83 50.46
CA ALA N 60 -5.18 44.39 50.23
C ALA N 60 -3.72 43.98 50.14
N MET N 61 -2.89 44.72 49.36
CA MET N 61 -1.46 44.41 49.23
C MET N 61 -0.70 44.54 50.56
N GLN N 62 -1.05 45.51 51.41
CA GLN N 62 -0.45 45.64 52.73
C GLN N 62 -0.84 44.44 53.60
N PHE N 63 -2.09 43.97 53.51
CA PHE N 63 -2.53 42.81 54.26
C PHE N 63 -1.79 41.54 53.77
N PHE N 64 -1.65 41.37 52.44
CA PHE N 64 -0.95 40.23 51.88
C PHE N 64 0.53 40.21 52.29
N THR N 65 1.13 41.36 52.64
CA THR N 65 2.52 41.44 53.03
C THR N 65 2.68 41.84 54.51
N LYS N 66 1.66 41.58 55.36
CA LYS N 66 1.69 41.90 56.79
C LYS N 66 2.73 41.12 57.60
N GLY N 67 3.29 40.04 57.06
CA GLY N 67 4.32 39.27 57.72
C GLY N 67 5.62 40.04 57.90
N TYR N 68 5.82 41.13 57.12
CA TYR N 68 7.00 41.99 57.32
C TYR N 68 6.88 42.78 58.65
N GLN N 69 5.65 42.94 59.17
CA GLN N 69 5.38 43.62 60.44
C GLN N 69 5.61 42.70 61.66
N GLU N 70 5.87 41.41 61.46
CA GLU N 70 5.99 40.45 62.56
C GLU N 70 7.39 39.91 62.81
N THR N 71 7.64 39.51 64.04
CA THR N 71 8.88 38.86 64.44
C THR N 71 8.49 37.51 65.09
N ILE N 72 9.36 36.49 64.99
CA ILE N 72 9.08 35.18 65.58
C ILE N 72 8.74 35.27 67.08
N SER N 73 9.53 36.05 67.85
CA SER N 73 9.30 36.19 69.29
C SER N 73 7.92 36.70 69.65
N ASP N 74 7.42 37.73 68.94
CA ASP N 74 6.09 38.26 69.23
C ASP N 74 5.00 37.26 68.87
N VAL N 75 5.15 36.60 67.74
CA VAL N 75 4.19 35.64 67.24
C VAL N 75 4.13 34.37 68.09
N LEU N 76 5.26 33.96 68.68
CA LEU N 76 5.31 32.82 69.57
C LEU N 76 4.51 33.09 70.83
N ASN N 77 4.63 34.31 71.35
CA ASN N 77 3.96 34.79 72.55
C ASN N 77 4.20 33.92 73.78
N ASP N 78 5.43 33.39 73.94
CA ASP N 78 5.86 32.51 75.04
C ASP N 78 5.07 31.22 75.15
N ALA N 79 4.51 30.73 74.04
CA ALA N 79 3.71 29.53 74.07
C ALA N 79 4.56 28.31 73.86
N ILE N 80 5.52 28.13 74.74
CA ILE N 80 6.40 26.98 74.73
C ILE N 80 6.16 26.25 76.05
N PHE N 81 5.67 25.02 75.94
CA PHE N 81 5.33 24.19 77.10
C PHE N 81 6.38 23.12 77.42
N ASP N 82 6.15 22.30 78.46
CA ASP N 82 7.12 21.27 78.85
C ASP N 82 6.62 19.82 78.93
N GLU N 83 7.43 18.86 78.40
CA GLU N 83 7.15 17.42 78.48
C GLU N 83 8.38 16.60 78.95
N ASP N 86 8.64 12.06 74.39
CA ASP N 86 9.20 12.56 73.13
C ASP N 86 8.59 11.79 71.97
N GLU N 87 7.45 12.28 71.43
CA GLU N 87 6.72 11.67 70.34
C GLU N 87 6.43 12.65 69.19
N MET N 88 6.06 12.16 68.00
CA MET N 88 5.83 13.02 66.85
C MET N 88 4.59 13.91 66.93
N VAL N 89 4.76 15.19 66.64
CA VAL N 89 3.66 16.15 66.64
C VAL N 89 3.53 16.72 65.24
N ILE N 90 2.31 16.70 64.68
CA ILE N 90 2.06 17.19 63.34
C ILE N 90 0.88 18.14 63.33
N VAL N 91 0.99 19.26 62.58
CA VAL N 91 -0.15 20.12 62.32
C VAL N 91 -0.17 20.15 60.78
N LYS N 92 -1.19 19.53 60.20
CA LYS N 92 -1.27 19.44 58.74
C LYS N 92 -2.47 20.25 58.19
N ASP N 93 -2.50 20.43 56.85
CA ASP N 93 -3.58 21.12 56.15
C ASP N 93 -3.76 22.55 56.61
N ILE N 94 -2.63 23.24 56.86
CA ILE N 94 -2.68 24.63 57.24
C ILE N 94 -2.83 25.44 55.97
N ASP N 95 -3.97 26.10 55.78
CA ASP N 95 -4.20 26.94 54.60
C ASP N 95 -3.19 28.04 54.53
N MET N 96 -2.59 28.21 53.36
CA MET N 96 -1.50 29.14 53.17
C MET N 96 -1.79 29.98 51.95
N PHE N 97 -1.59 31.29 52.06
CA PHE N 97 -1.83 32.24 51.00
C PHE N 97 -0.61 33.14 50.95
N SER N 98 0.15 33.02 49.88
CA SER N 98 1.38 33.81 49.70
C SER N 98 1.34 34.59 48.40
N MET N 99 2.38 35.34 48.13
CA MET N 99 2.46 36.19 46.94
C MET N 99 3.74 35.88 46.24
N CYS N 100 3.65 35.62 44.94
CA CYS N 100 4.83 35.35 44.14
C CYS N 100 5.67 36.66 44.05
N GLU N 101 6.93 36.64 44.45
CA GLU N 101 7.74 37.86 44.35
C GLU N 101 8.11 38.20 42.89
N HIS N 102 8.02 37.23 41.96
CA HIS N 102 8.37 37.46 40.56
C HIS N 102 7.26 38.14 39.77
N HIS N 103 5.96 37.85 40.06
CA HIS N 103 4.87 38.47 39.31
C HIS N 103 3.90 39.28 40.16
N LEU N 104 3.99 39.17 41.50
CA LEU N 104 3.07 39.81 42.44
C LEU N 104 1.65 39.25 42.22
N VAL N 105 1.56 37.93 42.10
CA VAL N 105 0.34 37.19 41.90
C VAL N 105 0.29 36.09 42.99
N PRO N 106 -0.87 35.81 43.60
CA PRO N 106 -0.89 34.78 44.67
C PRO N 106 -0.48 33.35 44.31
N PHE N 107 0.05 32.65 45.30
CA PHE N 107 0.26 31.21 45.25
C PHE N 107 -0.34 30.70 46.56
N VAL N 108 -1.22 29.73 46.46
CA VAL N 108 -2.02 29.29 47.62
C VAL N 108 -2.05 27.77 47.72
N GLY N 109 -2.19 27.29 48.94
CA GLY N 109 -2.25 25.85 49.16
C GLY N 109 -2.23 25.50 50.63
N LYS N 110 -1.44 24.46 50.95
CA LYS N 110 -1.36 23.86 52.27
C LYS N 110 0.06 23.66 52.76
N VAL N 111 0.25 23.78 54.07
CA VAL N 111 1.51 23.51 54.72
C VAL N 111 1.27 22.40 55.76
N HIS N 112 2.14 21.38 55.77
CA HIS N 112 2.07 20.26 56.69
C HIS N 112 3.40 20.27 57.48
N ILE N 113 3.32 20.39 58.79
CA ILE N 113 4.50 20.49 59.64
C ILE N 113 4.57 19.36 60.62
N GLY N 114 5.74 18.79 60.79
CA GLY N 114 5.96 17.74 61.77
C GLY N 114 7.24 18.00 62.51
N TYR N 115 7.30 17.60 63.77
CA TYR N 115 8.53 17.74 64.56
C TYR N 115 8.58 16.72 65.68
N LEU N 116 9.80 16.43 66.13
CA LEU N 116 10.06 15.54 67.24
C LEU N 116 10.60 16.43 68.35
N PRO N 117 9.81 16.66 69.41
CA PRO N 117 10.31 17.54 70.48
C PRO N 117 11.53 17.00 71.20
N ASN N 118 12.35 17.88 71.70
CA ASN N 118 13.54 17.50 72.47
C ASN N 118 13.31 18.07 73.87
N LYS N 119 12.15 17.69 74.46
CA LYS N 119 11.57 18.15 75.72
C LYS N 119 10.54 19.30 75.50
N GLN N 120 10.94 20.47 74.91
CA GLN N 120 10.06 21.64 74.68
C GLN N 120 9.02 21.42 73.57
N VAL N 121 7.79 21.77 73.86
CA VAL N 121 6.72 21.61 72.92
C VAL N 121 6.13 22.96 72.57
N LEU N 122 5.96 23.23 71.29
CA LEU N 122 5.40 24.51 70.89
C LEU N 122 3.88 24.45 70.87
N GLY N 123 3.25 25.58 71.10
CA GLY N 123 1.81 25.64 71.06
C GLY N 123 1.34 25.35 69.65
N LEU N 124 0.31 24.52 69.52
CA LEU N 124 -0.22 24.10 68.24
C LEU N 124 -0.47 25.24 67.27
N SER N 125 -1.20 26.26 67.71
CA SER N 125 -1.53 27.42 66.89
C SER N 125 -0.32 28.19 66.36
N LYS N 126 0.74 28.25 67.15
CA LYS N 126 1.96 28.94 66.76
C LYS N 126 2.57 28.36 65.49
N LEU N 127 2.44 27.05 65.27
CA LEU N 127 2.96 26.46 64.04
C LEU N 127 2.25 27.10 62.84
N ALA N 128 0.91 27.32 62.94
CA ALA N 128 0.15 28.04 61.90
C ALA N 128 0.52 29.55 61.88
N ARG N 129 0.82 30.13 63.03
CA ARG N 129 1.22 31.53 63.11
C ARG N 129 2.60 31.74 62.45
N ILE N 130 3.48 30.76 62.56
CA ILE N 130 4.80 30.78 61.92
C ILE N 130 4.59 30.72 60.39
N VAL N 131 3.64 29.91 59.92
CA VAL N 131 3.30 29.87 58.49
C VAL N 131 2.88 31.29 58.01
N GLU N 132 2.04 31.99 58.82
CA GLU N 132 1.58 33.35 58.52
C GLU N 132 2.69 34.38 58.44
N ILE N 133 3.70 34.32 59.33
CA ILE N 133 4.81 35.28 59.27
C ILE N 133 5.51 35.28 57.91
N TYR N 134 5.86 34.09 57.41
CA TYR N 134 6.62 33.98 56.19
C TYR N 134 5.78 33.97 54.94
N SER N 135 4.55 33.44 55.00
CA SER N 135 3.71 33.38 53.80
C SER N 135 3.15 34.74 53.43
N ARG N 136 2.89 35.62 54.41
CA ARG N 136 2.35 36.94 54.12
C ARG N 136 3.49 37.88 53.75
N ARG N 137 4.16 37.57 52.66
CA ARG N 137 5.34 38.30 52.15
C ARG N 137 5.47 37.99 50.64
N LEU N 138 6.41 38.67 49.98
CA LEU N 138 6.71 38.41 48.57
C LEU N 138 7.69 37.26 48.69
N GLN N 139 7.33 36.11 48.10
CA GLN N 139 8.07 34.89 48.34
C GLN N 139 8.40 34.04 47.13
N VAL N 140 9.24 33.03 47.36
CA VAL N 140 9.47 31.89 46.52
C VAL N 140 9.11 30.68 47.43
N GLN N 141 8.46 29.66 46.87
CA GLN N 141 8.02 28.49 47.65
C GLN N 141 9.14 27.83 48.42
N GLU N 142 10.33 27.70 47.79
CA GLU N 142 11.51 27.10 48.42
C GLU N 142 11.99 27.86 49.66
N ARG N 143 12.03 29.21 49.59
CA ARG N 143 12.47 30.00 50.75
C ARG N 143 11.45 29.93 51.87
N LEU N 144 10.16 30.01 51.54
CA LEU N 144 9.06 29.96 52.51
C LEU N 144 9.10 28.65 53.29
N THR N 145 9.28 27.52 52.58
CA THR N 145 9.36 26.17 53.17
C THR N 145 10.54 26.09 54.18
N LYS N 146 11.71 26.62 53.79
CA LYS N 146 12.92 26.62 54.60
C LYS N 146 12.78 27.53 55.82
N GLN N 147 12.19 28.72 55.66
CA GLN N 147 12.00 29.67 56.76
C GLN N 147 11.10 29.13 57.85
N ILE N 148 10.04 28.39 57.49
CA ILE N 148 9.15 27.78 58.48
C ILE N 148 9.93 26.73 59.27
N ALA N 149 10.68 25.84 58.60
CA ALA N 149 11.46 24.80 59.26
C ALA N 149 12.57 25.37 60.15
N VAL N 150 13.30 26.40 59.67
CA VAL N 150 14.36 27.02 60.46
C VAL N 150 13.78 27.75 61.69
N ALA N 151 12.66 28.47 61.53
CA ALA N 151 12.04 29.17 62.67
C ALA N 151 11.65 28.19 63.79
N ILE N 152 11.07 27.03 63.43
CA ILE N 152 10.69 26.02 64.43
C ILE N 152 11.94 25.42 65.08
N THR N 153 12.97 25.13 64.27
CA THR N 153 14.23 24.58 64.77
C THR N 153 14.87 25.52 65.79
N GLU N 154 14.95 26.82 65.47
CA GLU N 154 15.58 27.79 66.36
C GLU N 154 14.76 28.07 67.61
N ALA N 155 13.43 28.06 67.51
CA ALA N 155 12.58 28.35 68.65
C ALA N 155 12.52 27.23 69.65
N LEU N 156 12.51 25.98 69.19
CA LEU N 156 12.31 24.83 70.07
C LEU N 156 13.52 23.97 70.32
N ARG N 157 14.53 24.04 69.43
CA ARG N 157 15.71 23.15 69.45
C ARG N 157 15.28 21.67 69.52
N PRO N 158 14.41 21.23 68.58
CA PRO N 158 13.91 19.85 68.67
C PRO N 158 14.89 18.84 68.07
N ALA N 159 14.57 17.56 68.13
CA ALA N 159 15.40 16.54 67.49
C ALA N 159 15.34 16.71 65.94
N GLY N 160 14.25 17.22 65.41
CA GLY N 160 14.09 17.43 63.97
C GLY N 160 12.77 18.06 63.60
N VAL N 161 12.71 18.60 62.38
CA VAL N 161 11.52 19.24 61.83
C VAL N 161 11.38 18.83 60.34
N GLY N 162 10.14 18.62 59.92
CA GLY N 162 9.82 18.37 58.52
C GLY N 162 8.72 19.32 58.11
N VAL N 163 8.85 19.95 56.94
CA VAL N 163 7.84 20.87 56.42
C VAL N 163 7.56 20.53 54.95
N VAL N 164 6.29 20.37 54.58
CA VAL N 164 5.89 20.13 53.21
C VAL N 164 4.91 21.24 52.81
N VAL N 165 5.20 21.93 51.70
CA VAL N 165 4.29 22.93 51.21
C VAL N 165 3.76 22.47 49.84
N GLU N 166 2.43 22.46 49.65
CA GLU N 166 1.85 22.13 48.34
C GLU N 166 1.04 23.34 47.94
N ALA N 167 1.30 23.91 46.77
CA ALA N 167 0.63 25.12 46.36
C ALA N 167 0.36 25.18 44.87
N THR N 168 -0.71 25.87 44.52
CA THR N 168 -1.05 26.18 43.15
C THR N 168 -0.53 27.59 42.95
N HIS N 169 0.28 27.78 41.93
CA HIS N 169 0.79 29.08 41.57
C HIS N 169 -0.12 29.60 40.46
N MET N 170 -0.90 30.65 40.74
CA MET N 170 -1.78 31.26 39.74
C MET N 170 -1.00 31.76 38.51
N CYS N 171 0.31 32.07 38.66
CA CYS N 171 1.20 32.43 37.54
C CYS N 171 1.36 31.31 36.53
N MET N 172 1.13 30.07 36.94
CA MET N 172 1.21 28.93 36.07
C MET N 172 -0.17 28.45 35.58
N VAL N 173 -1.29 29.00 36.12
CA VAL N 173 -2.61 28.53 35.69
C VAL N 173 -3.36 29.65 34.92
N MET N 174 -3.42 30.90 35.45
CA MET N 174 -4.11 32.07 34.85
C MET N 174 -3.31 32.71 33.70
N ARG N 175 -2.02 32.34 33.54
CA ARG N 175 -1.15 32.97 32.53
C ARG N 175 0.09 32.07 32.28
N GLY N 176 1.00 32.51 31.42
CA GLY N 176 2.25 31.80 31.15
C GLY N 176 2.03 30.44 30.54
N VAL N 177 2.47 29.37 31.22
CA VAL N 177 2.30 28.00 30.72
C VAL N 177 0.87 27.53 30.67
N GLN N 178 0.01 28.10 31.54
CA GLN N 178 -1.42 27.80 31.65
C GLN N 178 -1.69 26.32 31.79
N LYS N 179 -1.05 25.69 32.78
CA LYS N 179 -1.23 24.28 33.12
C LYS N 179 -2.17 24.26 34.35
N MET N 180 -3.49 24.13 34.08
CA MET N 180 -4.61 24.20 35.02
C MET N 180 -4.44 23.37 36.29
N ASN N 181 -3.91 22.15 36.15
CA ASN N 181 -3.77 21.26 37.30
C ASN N 181 -2.42 21.28 37.98
N SER N 182 -1.43 22.05 37.47
CA SER N 182 -0.08 22.00 38.03
C SER N 182 -0.02 22.42 39.49
N LYS N 183 0.84 21.74 40.27
CA LYS N 183 0.99 22.04 41.70
C LYS N 183 2.48 21.93 42.02
N THR N 184 2.98 22.82 42.89
CA THR N 184 4.36 22.75 43.32
C THR N 184 4.41 22.20 44.72
N VAL N 185 5.24 21.17 44.94
CA VAL N 185 5.42 20.58 46.25
C VAL N 185 6.88 20.77 46.67
N THR N 186 7.12 21.45 47.79
CA THR N 186 8.47 21.67 48.31
C THR N 186 8.55 21.00 49.68
N SER N 187 9.72 20.50 49.99
CA SER N 187 9.93 19.77 51.21
C SER N 187 11.21 20.22 51.89
N THR N 188 11.22 20.35 53.23
CA THR N 188 12.45 20.64 53.96
C THR N 188 12.46 19.69 55.14
N MET N 189 13.55 18.93 55.29
CA MET N 189 13.72 17.98 56.39
C MET N 189 15.00 18.33 57.15
N LEU N 190 14.90 18.67 58.43
CA LEU N 190 16.05 19.05 59.25
C LEU N 190 16.24 18.13 60.44
N GLY N 191 17.46 18.04 60.98
CA GLY N 191 17.73 17.18 62.13
C GLY N 191 17.43 15.72 61.86
N VAL N 192 16.72 15.02 62.77
CA VAL N 192 16.35 13.62 62.57
C VAL N 192 15.44 13.40 61.39
N PHE N 193 14.69 14.42 60.92
CA PHE N 193 13.82 14.23 59.76
C PHE N 193 14.66 14.04 58.48
N ARG N 194 15.90 14.57 58.45
CA ARG N 194 16.81 14.37 57.34
C ARG N 194 17.63 13.09 57.59
N GLU N 195 18.24 12.96 58.79
CA GLU N 195 19.16 11.86 59.12
C GLU N 195 18.50 10.51 59.30
N ASP N 196 17.28 10.45 59.83
CA ASP N 196 16.60 9.18 60.03
C ASP N 196 15.44 9.05 59.05
N PRO N 197 15.60 8.18 58.02
CA PRO N 197 14.50 7.97 57.07
C PRO N 197 13.23 7.44 57.70
N LYS N 198 13.32 6.68 58.81
CA LYS N 198 12.15 6.14 59.52
C LYS N 198 11.27 7.22 60.11
N THR N 199 11.88 8.30 60.61
CA THR N 199 11.14 9.43 61.16
C THR N 199 10.44 10.16 60.00
N ARG N 200 11.17 10.40 58.91
CA ARG N 200 10.60 11.08 57.74
C ARG N 200 9.43 10.26 57.14
N GLU N 201 9.56 8.94 57.10
CA GLU N 201 8.50 8.05 56.56
C GLU N 201 7.25 8.07 57.43
N GLU N 202 7.43 8.13 58.76
CA GLU N 202 6.27 8.21 59.65
C GLU N 202 5.54 9.54 59.43
N PHE N 203 6.29 10.63 59.29
CA PHE N 203 5.74 11.95 59.01
C PHE N 203 4.95 11.94 57.69
N LEU N 204 5.58 11.46 56.60
CA LEU N 204 4.92 11.43 55.29
C LEU N 204 3.71 10.52 55.25
N THR N 205 3.69 9.45 56.05
CA THR N 205 2.53 8.56 56.12
C THR N 205 1.38 9.24 56.88
N LEU N 206 1.69 9.95 57.98
CA LEU N 206 0.68 10.59 58.81
C LEU N 206 0.07 11.85 58.22
N ILE N 207 0.73 12.50 57.22
CA ILE N 207 0.13 13.71 56.62
C ILE N 207 -0.82 13.39 55.45
N ARG N 208 -0.88 12.13 54.99
CA ARG N 208 -1.79 11.75 53.89
C ARG N 208 -3.27 11.89 54.26
N PRO O 17 16.37 24.32 14.22
CA PRO O 17 15.01 24.35 14.76
C PRO O 17 14.02 24.93 13.77
N ARG O 18 12.81 24.37 13.69
CA ARG O 18 11.78 24.82 12.75
C ARG O 18 11.42 26.28 13.01
N SER O 19 11.30 27.08 11.96
CA SER O 19 11.04 28.51 12.09
C SER O 19 9.63 28.89 11.68
N GLU O 20 9.21 30.13 11.99
CA GLU O 20 7.91 30.63 11.58
C GLU O 20 7.84 30.81 10.03
N GLU O 21 9.01 31.04 9.39
CA GLU O 21 9.10 31.16 7.94
C GLU O 21 8.88 29.78 7.31
N ASP O 22 9.45 28.72 7.91
CA ASP O 22 9.27 27.33 7.48
C ASP O 22 7.78 26.97 7.56
N ASN O 23 7.10 27.41 8.64
CA ASN O 23 5.68 27.16 8.83
C ASN O 23 4.84 27.77 7.72
N GLU O 24 5.14 29.04 7.34
CA GLU O 24 4.41 29.72 6.26
C GLU O 24 4.64 29.04 4.92
N LEU O 25 5.87 28.63 4.66
CA LEU O 25 6.24 27.97 3.41
C LEU O 25 5.66 26.57 3.27
N ASN O 26 5.59 25.83 4.38
CA ASN O 26 5.08 24.46 4.36
C ASN O 26 3.58 24.34 4.56
N LEU O 27 2.90 25.41 5.01
CA LEU O 27 1.45 25.37 5.22
C LEU O 27 0.67 24.94 3.96
N PRO O 28 0.95 25.48 2.74
CA PRO O 28 0.20 24.99 1.56
C PRO O 28 0.44 23.52 1.23
N ASN O 29 1.66 23.00 1.50
CA ASN O 29 1.97 21.60 1.25
C ASN O 29 1.21 20.70 2.22
N LEU O 30 1.10 21.11 3.48
CA LEU O 30 0.35 20.38 4.49
C LEU O 30 -1.14 20.39 4.10
N ALA O 31 -1.68 21.55 3.70
CA ALA O 31 -3.08 21.67 3.31
C ALA O 31 -3.38 20.81 2.09
N ALA O 32 -2.45 20.72 1.13
CA ALA O 32 -2.66 19.87 -0.07
C ALA O 32 -2.72 18.41 0.35
N ALA O 33 -1.84 17.99 1.28
CA ALA O 33 -1.83 16.63 1.76
C ALA O 33 -3.14 16.30 2.53
N TYR O 34 -3.64 17.24 3.37
CA TYR O 34 -4.88 17.00 4.10
C TYR O 34 -6.10 16.97 3.19
N SER O 35 -6.10 17.78 2.12
CA SER O 35 -7.18 17.78 1.12
C SER O 35 -7.20 16.44 0.39
N SER O 36 -6.02 15.91 0.06
CA SER O 36 -5.85 14.61 -0.59
C SER O 36 -6.38 13.47 0.33
N ILE O 37 -6.10 13.55 1.64
CA ILE O 37 -6.57 12.59 2.63
C ILE O 37 -8.11 12.58 2.67
N LEU O 38 -8.75 13.77 2.63
CA LEU O 38 -10.22 13.86 2.62
C LEU O 38 -10.82 13.13 1.42
N SER O 39 -10.23 13.31 0.21
CA SER O 39 -10.68 12.63 -1.00
C SER O 39 -10.46 11.13 -0.91
N SER O 40 -9.27 10.71 -0.44
CA SER O 40 -8.93 9.31 -0.33
C SER O 40 -9.80 8.55 0.68
N LEU O 41 -10.38 9.27 1.68
CA LEU O 41 -11.25 8.63 2.67
C LEU O 41 -12.71 8.48 2.16
N GLY O 42 -13.02 8.97 0.98
CA GLY O 42 -14.36 8.92 0.43
C GLY O 42 -15.17 10.18 0.71
N GLU O 43 -14.55 11.19 1.35
CA GLU O 43 -15.25 12.43 1.65
C GLU O 43 -15.24 13.43 0.50
N ASN O 44 -16.04 14.47 0.61
CA ASN O 44 -16.14 15.50 -0.41
C ASN O 44 -15.48 16.77 0.14
N PRO O 45 -14.25 17.09 -0.31
CA PRO O 45 -13.59 18.31 0.19
C PRO O 45 -14.32 19.62 -0.16
N GLN O 46 -15.29 19.57 -1.07
CA GLN O 46 -16.04 20.75 -1.48
C GLN O 46 -17.27 21.02 -0.62
N ARG O 47 -17.72 20.06 0.23
CA ARG O 47 -18.88 20.33 1.08
C ARG O 47 -18.55 21.39 2.12
N GLN O 48 -19.55 22.20 2.51
CA GLN O 48 -19.39 23.34 3.43
C GLN O 48 -18.53 23.05 4.67
N GLY O 49 -18.81 21.95 5.35
CA GLY O 49 -18.08 21.58 6.57
C GLY O 49 -16.61 21.24 6.37
N LEU O 50 -16.18 20.94 5.13
CA LEU O 50 -14.80 20.54 4.85
C LEU O 50 -13.98 21.56 4.06
N LEU O 51 -14.59 22.65 3.57
CA LEU O 51 -13.89 23.64 2.74
C LEU O 51 -12.60 24.20 3.36
N LYS O 52 -12.62 24.56 4.63
CA LYS O 52 -11.45 25.09 5.30
C LYS O 52 -10.60 24.06 6.06
N THR O 53 -11.07 22.81 6.12
CA THR O 53 -10.41 21.71 6.83
C THR O 53 -8.93 21.48 6.46
N PRO O 54 -8.53 21.43 5.17
CA PRO O 54 -7.10 21.26 4.85
C PRO O 54 -6.19 22.27 5.56
N TRP O 55 -6.63 23.53 5.67
CA TRP O 55 -5.86 24.60 6.33
C TRP O 55 -5.90 24.52 7.83
N ARG O 56 -7.06 24.22 8.40
CA ARG O 56 -7.20 24.12 9.84
C ARG O 56 -6.47 22.90 10.40
N ALA O 57 -6.56 21.78 9.70
CA ALA O 57 -5.87 20.56 10.11
C ALA O 57 -4.34 20.79 10.01
N ALA O 58 -3.90 21.48 8.95
CA ALA O 58 -2.48 21.80 8.79
C ALA O 58 -1.97 22.69 9.93
N SER O 59 -2.73 23.74 10.31
CA SER O 59 -2.36 24.65 11.41
C SER O 59 -2.34 23.91 12.73
N ALA O 60 -3.34 23.04 12.99
CA ALA O 60 -3.40 22.25 14.21
C ALA O 60 -2.16 21.38 14.33
N MET O 61 -1.79 20.67 13.24
CA MET O 61 -0.62 19.80 13.23
C MET O 61 0.70 20.56 13.46
N GLN O 62 0.80 21.79 12.94
CA GLN O 62 1.96 22.63 13.20
C GLN O 62 2.00 23.04 14.68
N PHE O 63 0.85 23.36 15.27
CA PHE O 63 0.79 23.70 16.70
C PHE O 63 1.16 22.48 17.55
N PHE O 64 0.64 21.28 17.21
CA PHE O 64 0.95 20.05 17.95
C PHE O 64 2.45 19.71 17.88
N THR O 65 3.17 20.17 16.85
CA THR O 65 4.60 19.91 16.70
C THR O 65 5.44 21.19 16.83
N LYS O 66 4.94 22.20 17.55
CA LYS O 66 5.66 23.48 17.76
C LYS O 66 6.93 23.34 18.62
N GLY O 67 7.11 22.21 19.30
CA GLY O 67 8.29 21.95 20.10
C GLY O 67 9.57 21.85 19.27
N TYR O 68 9.44 21.51 17.97
CA TYR O 68 10.59 21.48 17.05
C TYR O 68 11.12 22.92 16.81
N GLN O 69 10.30 23.95 17.03
CA GLN O 69 10.69 25.35 16.89
C GLN O 69 11.45 25.90 18.12
N GLU O 70 11.57 25.13 19.21
CA GLU O 70 12.14 25.63 20.46
C GLU O 70 13.48 25.02 20.84
N THR O 71 14.27 25.76 21.62
CA THR O 71 15.54 25.30 22.17
C THR O 71 15.48 25.45 23.71
N ILE O 72 16.19 24.58 24.45
CA ILE O 72 16.22 24.64 25.91
C ILE O 72 16.66 26.00 26.43
N SER O 73 17.72 26.58 25.85
CA SER O 73 18.22 27.87 26.28
C SER O 73 17.21 28.99 26.20
N ASP O 74 16.45 29.07 25.10
CA ASP O 74 15.44 30.11 24.97
C ASP O 74 14.31 29.89 25.98
N VAL O 75 13.89 28.64 26.15
CA VAL O 75 12.81 28.29 27.06
C VAL O 75 13.20 28.57 28.52
N LEU O 76 14.45 28.31 28.91
CA LEU O 76 14.91 28.58 30.28
C LEU O 76 14.88 30.06 30.61
N ASN O 77 15.17 30.93 29.62
CA ASN O 77 15.12 32.38 29.74
C ASN O 77 15.91 32.93 30.93
N ASP O 78 17.05 32.30 31.25
CA ASP O 78 17.93 32.70 32.36
C ASP O 78 17.23 32.66 33.72
N ALA O 79 16.15 31.86 33.86
CA ALA O 79 15.40 31.77 35.13
C ALA O 79 16.03 30.73 36.02
N ILE O 80 17.28 30.98 36.38
CA ILE O 80 18.04 30.11 37.26
C ILE O 80 18.46 30.98 38.43
N PHE O 81 18.00 30.60 39.63
CA PHE O 81 18.22 31.39 40.82
C PHE O 81 19.20 30.74 41.79
N ASP O 82 19.97 31.58 42.50
CA ASP O 82 20.93 31.10 43.47
C ASP O 82 20.27 30.95 44.81
N GLU O 83 20.28 29.73 45.30
CA GLU O 83 19.70 29.44 46.57
C GLU O 83 20.55 28.43 47.33
N ASP O 84 20.64 28.63 48.64
CA ASP O 84 21.30 27.66 49.49
C ASP O 84 20.17 26.69 49.86
N HIS O 85 19.60 26.05 48.81
CA HIS O 85 18.50 25.10 48.93
C HIS O 85 19.00 23.70 48.57
N ASP O 86 18.97 22.81 49.55
CA ASP O 86 19.34 21.40 49.39
C ASP O 86 18.08 20.58 49.74
N GLU O 87 16.90 21.01 49.27
CA GLU O 87 15.65 20.34 49.57
C GLU O 87 14.86 20.00 48.30
N MET O 88 13.93 19.03 48.39
CA MET O 88 13.22 18.54 47.22
C MET O 88 12.21 19.51 46.63
N VAL O 89 12.26 19.69 45.31
CA VAL O 89 11.33 20.56 44.61
C VAL O 89 10.57 19.70 43.62
N ILE O 90 9.24 19.78 43.64
CA ILE O 90 8.41 19.03 42.73
C ILE O 90 7.40 19.92 42.04
N VAL O 91 7.17 19.69 40.74
CA VAL O 91 6.07 20.32 40.03
C VAL O 91 5.30 19.11 39.47
N LYS O 92 4.11 18.86 39.99
CA LYS O 92 3.33 17.71 39.60
C LYS O 92 2.03 18.10 38.88
N ASP O 93 1.37 17.10 38.27
CA ASP O 93 0.12 17.27 37.55
C ASP O 93 0.22 18.24 36.41
N ILE O 94 1.35 18.21 35.70
CA ILE O 94 1.52 19.10 34.55
C ILE O 94 0.81 18.45 33.40
N ASP O 95 -0.29 19.06 32.91
CA ASP O 95 -1.02 18.55 31.75
C ASP O 95 -0.11 18.46 30.53
N MET O 96 -0.12 17.31 29.89
CA MET O 96 0.76 17.01 28.79
C MET O 96 -0.07 16.51 27.62
N PHE O 97 0.20 17.01 26.42
CA PHE O 97 -0.47 16.61 25.20
C PHE O 97 0.60 16.35 24.14
N SER O 98 0.76 15.10 23.75
CA SER O 98 1.75 14.74 22.75
C SER O 98 1.11 14.02 21.55
N MET O 99 1.91 13.64 20.58
CA MET O 99 1.43 13.00 19.38
C MET O 99 2.21 11.71 19.22
N CYS O 100 1.54 10.59 19.09
CA CYS O 100 2.24 9.33 18.88
C CYS O 100 2.90 9.36 17.49
N GLU O 101 4.19 9.04 17.42
CA GLU O 101 4.89 9.07 16.15
C GLU O 101 4.57 7.86 15.25
N HIS O 102 4.02 6.81 15.83
CA HIS O 102 3.68 5.63 15.09
C HIS O 102 2.33 5.73 14.38
N HIS O 103 1.39 6.47 14.95
CA HIS O 103 0.07 6.58 14.35
C HIS O 103 -0.44 8.00 14.05
N LEU O 104 0.30 9.01 14.51
CA LEU O 104 -0.05 10.43 14.38
C LEU O 104 -1.39 10.72 15.05
N VAL O 105 -1.57 10.17 16.24
CA VAL O 105 -2.77 10.30 17.05
C VAL O 105 -2.31 10.76 18.46
N PRO O 106 -3.05 11.68 19.12
CA PRO O 106 -2.61 12.13 20.46
C PRO O 106 -2.50 11.09 21.56
N PHE O 107 -1.56 11.35 22.48
CA PHE O 107 -1.43 10.65 23.75
C PHE O 107 -1.33 11.76 24.78
N VAL O 108 -2.19 11.70 25.79
CA VAL O 108 -2.34 12.79 26.72
C VAL O 108 -2.32 12.32 28.16
N GLY O 109 -1.84 13.17 29.03
CA GLY O 109 -1.81 12.84 30.44
C GLY O 109 -1.14 13.91 31.29
N LYS O 110 -0.30 13.47 32.22
CA LYS O 110 0.33 14.32 33.20
C LYS O 110 1.78 13.95 33.36
N VAL O 111 2.59 14.95 33.71
CA VAL O 111 4.00 14.78 33.99
C VAL O 111 4.23 15.27 35.44
N HIS O 112 5.02 14.50 36.20
CA HIS O 112 5.36 14.84 37.57
C HIS O 112 6.88 14.89 37.60
N ILE O 113 7.43 16.05 37.98
CA ILE O 113 8.88 16.23 37.99
C ILE O 113 9.36 16.55 39.37
N GLY O 114 10.44 15.92 39.78
CA GLY O 114 11.07 16.20 41.06
C GLY O 114 12.56 16.34 40.86
N TYR O 115 13.19 17.18 41.69
CA TYR O 115 14.65 17.32 41.63
C TYR O 115 15.21 17.80 42.95
N LEU O 116 16.50 17.56 43.16
CA LEU O 116 17.22 17.96 44.35
C LEU O 116 18.23 18.98 43.88
N PRO O 117 18.02 20.28 44.11
CA PRO O 117 18.99 21.26 43.62
C PRO O 117 20.37 21.09 44.21
N ASN O 118 21.35 21.57 43.48
CA ASN O 118 22.71 21.53 43.95
C ASN O 118 23.05 22.98 44.33
N LYS O 119 23.44 23.83 43.38
CA LYS O 119 23.66 25.24 43.66
C LYS O 119 22.59 26.13 43.00
N GLN O 120 22.00 25.66 41.90
CA GLN O 120 21.03 26.40 41.14
C GLN O 120 19.61 25.83 41.26
N VAL O 121 18.63 26.73 41.37
CA VAL O 121 17.22 26.36 41.40
C VAL O 121 16.56 26.90 40.13
N LEU O 122 15.76 26.07 39.44
CA LEU O 122 15.07 26.49 38.23
C LEU O 122 13.76 27.20 38.56
N GLY O 123 13.36 28.18 37.74
CA GLY O 123 12.06 28.82 37.87
C GLY O 123 10.99 27.76 37.62
N LEU O 124 10.02 27.66 38.54
CA LEU O 124 9.00 26.61 38.51
C LEU O 124 8.33 26.40 37.18
N SER O 125 7.91 27.47 36.49
CA SER O 125 7.23 27.33 35.20
C SER O 125 8.11 26.74 34.11
N LYS O 126 9.45 26.91 34.23
CA LYS O 126 10.36 26.37 33.23
C LYS O 126 10.35 24.84 33.20
N LEU O 127 9.98 24.19 34.31
CA LEU O 127 9.85 22.74 34.35
C LEU O 127 8.68 22.32 33.43
N ALA O 128 7.56 23.09 33.47
CA ALA O 128 6.41 22.86 32.59
C ALA O 128 6.76 23.26 31.13
N ARG O 129 7.55 24.34 30.92
CA ARG O 129 7.96 24.74 29.57
C ARG O 129 8.90 23.69 28.94
N ILE O 130 9.69 22.95 29.76
CA ILE O 130 10.54 21.86 29.29
C ILE O 130 9.64 20.69 28.83
N VAL O 131 8.55 20.43 29.56
CA VAL O 131 7.54 19.43 29.15
C VAL O 131 6.98 19.81 27.76
N GLU O 132 6.66 21.10 27.55
CA GLU O 132 6.14 21.59 26.27
C GLU O 132 7.11 21.44 25.09
N ILE O 133 8.42 21.67 25.29
CA ILE O 133 9.38 21.52 24.19
C ILE O 133 9.33 20.10 23.59
N TYR O 134 9.36 19.10 24.45
CA TYR O 134 9.47 17.72 24.02
C TYR O 134 8.15 17.07 23.72
N SER O 135 7.07 17.45 24.45
CA SER O 135 5.78 16.82 24.21
C SER O 135 5.15 17.30 22.90
N ARG O 136 5.40 18.55 22.49
CA ARG O 136 4.84 19.08 21.27
C ARG O 136 5.69 18.67 20.09
N ARG O 137 5.81 17.37 19.91
CA ARG O 137 6.59 16.73 18.88
C ARG O 137 5.93 15.37 18.57
N LEU O 138 6.43 14.66 17.55
CA LEU O 138 6.02 13.29 17.28
C LEU O 138 6.89 12.47 18.25
N GLN O 139 6.27 11.67 19.09
CA GLN O 139 7.01 10.97 20.11
C GLN O 139 6.62 9.56 20.48
N VAL O 140 7.43 9.04 21.40
CA VAL O 140 7.20 7.78 22.07
C VAL O 140 7.36 8.18 23.54
N GLN O 141 6.47 7.68 24.38
CA GLN O 141 6.48 8.04 25.80
C GLN O 141 7.82 7.91 26.49
N GLU O 142 8.54 6.82 26.25
CA GLU O 142 9.84 6.59 26.88
C GLU O 142 10.85 7.67 26.55
N ARG O 143 10.93 8.05 25.29
CA ARG O 143 11.87 9.09 24.86
C ARG O 143 11.50 10.43 25.52
N LEU O 144 10.19 10.77 25.53
CA LEU O 144 9.68 12.01 26.08
C LEU O 144 10.07 12.15 27.55
N THR O 145 9.86 11.08 28.33
CA THR O 145 10.21 11.01 29.76
C THR O 145 11.72 11.26 29.97
N LYS O 146 12.57 10.61 29.17
CA LYS O 146 14.01 10.73 29.28
C LYS O 146 14.49 12.13 28.89
N GLN O 147 13.90 12.71 27.83
CA GLN O 147 14.31 14.02 27.36
C GLN O 147 14.05 15.11 28.40
N ILE O 148 12.93 15.04 29.11
CA ILE O 148 12.62 16.00 30.16
C ILE O 148 13.67 15.89 31.29
N ALA O 149 13.96 14.66 31.75
CA ALA O 149 14.93 14.44 32.82
C ALA O 149 16.34 14.89 32.45
N VAL O 150 16.78 14.59 31.21
CA VAL O 150 18.10 14.97 30.74
C VAL O 150 18.22 16.48 30.59
N ALA O 151 17.17 17.15 30.07
CA ALA O 151 17.20 18.62 29.91
C ALA O 151 17.36 19.32 31.27
N ILE O 152 16.66 18.85 32.31
CA ILE O 152 16.76 19.44 33.65
C ILE O 152 18.15 19.17 34.23
N THR O 153 18.65 17.94 34.05
CA THR O 153 19.98 17.58 34.54
C THR O 153 21.07 18.47 33.92
N GLU O 154 21.01 18.69 32.61
CA GLU O 154 22.03 19.48 31.91
C GLU O 154 21.91 20.98 32.19
N ALA O 155 20.71 21.48 32.37
CA ALA O 155 20.50 22.90 32.66
C ALA O 155 20.90 23.31 34.08
N LEU O 156 20.61 22.45 35.08
CA LEU O 156 20.87 22.82 36.48
C LEU O 156 22.05 22.17 37.12
N ARG O 157 22.48 21.00 36.60
CA ARG O 157 23.49 20.14 37.24
C ARG O 157 23.10 19.87 38.70
N PRO O 158 21.88 19.33 38.94
CA PRO O 158 21.44 19.11 40.31
C PRO O 158 22.01 17.81 40.85
N ALA O 159 21.64 17.44 42.10
CA ALA O 159 22.06 16.17 42.64
C ALA O 159 21.28 14.99 41.95
N GLY O 160 20.07 15.25 41.46
CA GLY O 160 19.27 14.24 40.80
C GLY O 160 17.94 14.76 40.32
N VAL O 161 17.30 14.00 39.42
CA VAL O 161 16.02 14.33 38.81
C VAL O 161 15.19 13.07 38.68
N GLY O 162 13.89 13.18 38.93
CA GLY O 162 12.94 12.10 38.74
C GLY O 162 11.80 12.63 37.88
N VAL O 163 11.40 11.87 36.87
CA VAL O 163 10.29 12.26 36.00
C VAL O 163 9.34 11.05 35.86
N VAL O 164 8.05 11.27 36.06
CA VAL O 164 7.04 10.24 35.89
C VAL O 164 6.01 10.81 34.89
N VAL O 165 5.72 10.05 33.82
CA VAL O 165 4.71 10.46 32.87
C VAL O 165 3.60 9.40 32.91
N GLU O 166 2.35 9.81 33.06
CA GLU O 166 1.20 8.90 32.98
C GLU O 166 0.35 9.42 31.85
N ALA O 167 0.00 8.54 30.88
CA ALA O 167 -0.74 8.99 29.72
C ALA O 167 -1.68 7.94 29.19
N THR O 168 -2.75 8.42 28.56
CA THR O 168 -3.70 7.58 27.84
C THR O 168 -3.31 7.73 26.39
N HIS O 169 -3.13 6.61 25.73
CA HIS O 169 -2.81 6.65 24.33
C HIS O 169 -4.11 6.41 23.60
N MET O 170 -4.52 7.36 22.77
CA MET O 170 -5.76 7.22 21.99
C MET O 170 -5.68 6.07 20.99
N CYS O 171 -4.49 5.71 20.50
CA CYS O 171 -4.25 4.55 19.66
C CYS O 171 -4.56 3.20 20.37
N MET O 172 -4.62 3.16 21.70
CA MET O 172 -5.00 1.96 22.43
C MET O 172 -6.44 2.01 22.90
N VAL O 173 -7.20 3.14 22.72
CA VAL O 173 -8.57 3.18 23.24
C VAL O 173 -9.57 3.37 22.09
N MET O 174 -9.31 4.30 21.13
CA MET O 174 -10.17 4.57 19.96
C MET O 174 -10.04 3.53 18.85
N ARG O 175 -9.02 2.69 18.93
CA ARG O 175 -8.72 1.71 17.90
C ARG O 175 -7.75 0.65 18.41
N GLY O 176 -7.38 -0.27 17.54
CA GLY O 176 -6.46 -1.34 17.87
C GLY O 176 -7.02 -2.25 18.95
N VAL O 177 -6.27 -2.38 20.05
CA VAL O 177 -6.67 -3.19 21.20
C VAL O 177 -7.92 -2.70 21.89
N GLN O 178 -8.22 -1.40 21.78
CA GLN O 178 -9.41 -0.79 22.37
C GLN O 178 -9.59 -1.14 23.86
N LYS O 179 -8.54 -0.91 24.66
CA LYS O 179 -8.57 -1.11 26.09
C LYS O 179 -8.85 0.28 26.70
N MET O 180 -10.15 0.60 26.90
CA MET O 180 -10.69 1.89 27.36
C MET O 180 -10.01 2.48 28.59
N ASN O 181 -9.64 1.66 29.58
CA ASN O 181 -9.02 2.16 30.80
C ASN O 181 -7.51 2.14 30.81
N SER O 182 -6.85 1.57 29.80
CA SER O 182 -5.38 1.40 29.82
C SER O 182 -4.63 2.72 29.96
N LYS O 183 -3.54 2.71 30.72
CA LYS O 183 -2.70 3.89 30.93
C LYS O 183 -1.25 3.46 30.89
N THR O 184 -0.39 4.25 30.26
CA THR O 184 1.03 3.97 30.25
C THR O 184 1.72 4.85 31.27
N VAL O 185 2.52 4.26 32.14
CA VAL O 185 3.30 5.00 33.12
C VAL O 185 4.79 4.77 32.85
N THR O 186 5.54 5.83 32.61
CA THR O 186 6.98 5.73 32.38
C THR O 186 7.70 6.54 33.44
N SER O 187 8.87 6.08 33.81
CA SER O 187 9.64 6.69 34.88
C SER O 187 11.09 6.85 34.47
N THR O 188 11.74 7.97 34.81
CA THR O 188 13.16 8.14 34.61
C THR O 188 13.72 8.70 35.91
N MET O 189 14.71 8.02 36.50
CA MET O 189 15.33 8.45 37.74
C MET O 189 16.82 8.61 37.48
N LEU O 190 17.34 9.84 37.61
CA LEU O 190 18.78 10.13 37.37
C LEU O 190 19.45 10.65 38.64
N GLY O 191 20.78 10.50 38.72
CA GLY O 191 21.55 10.97 39.86
C GLY O 191 21.08 10.36 41.16
N VAL O 192 20.90 11.17 42.23
CA VAL O 192 20.43 10.63 43.52
C VAL O 192 19.06 9.99 43.46
N PHE O 193 18.22 10.35 42.46
CA PHE O 193 16.90 9.71 42.34
C PHE O 193 17.02 8.22 41.96
N ARG O 194 18.12 7.84 41.27
CA ARG O 194 18.39 6.44 40.97
C ARG O 194 19.21 5.82 42.11
N GLU O 195 20.30 6.48 42.54
CA GLU O 195 21.24 5.93 43.52
C GLU O 195 20.71 5.84 44.94
N ASP O 196 19.90 6.80 45.38
CA ASP O 196 19.34 6.79 46.72
C ASP O 196 17.86 6.43 46.68
N PRO O 197 17.51 5.22 47.09
CA PRO O 197 16.08 4.83 47.07
C PRO O 197 15.22 5.69 48.00
N LYS O 198 15.81 6.28 49.06
CA LYS O 198 15.08 7.15 50.00
C LYS O 198 14.63 8.44 49.35
N THR O 199 15.45 8.99 48.44
CA THR O 199 15.08 10.20 47.70
C THR O 199 13.96 9.87 46.71
N ARG O 200 14.10 8.74 45.99
CA ARG O 200 13.07 8.31 45.05
C ARG O 200 11.72 8.03 45.76
N GLU O 201 11.77 7.41 46.95
CA GLU O 201 10.57 7.11 47.73
C GLU O 201 9.87 8.37 48.24
N GLU O 202 10.65 9.39 48.64
CA GLU O 202 10.05 10.66 49.07
C GLU O 202 9.33 11.32 47.87
N PHE O 203 9.98 11.30 46.70
CA PHE O 203 9.39 11.82 45.47
C PHE O 203 8.08 11.12 45.12
N LEU O 204 8.09 9.76 45.05
CA LEU O 204 6.88 9.01 44.70
C LEU O 204 5.77 9.16 45.73
N THR O 205 6.10 9.37 47.01
CA THR O 205 5.09 9.61 48.04
C THR O 205 4.46 10.99 47.85
N LEU O 206 5.29 12.01 47.56
CA LEU O 206 4.82 13.38 47.43
C LEU O 206 4.05 13.66 46.13
N ILE O 207 4.17 12.82 45.09
CA ILE O 207 3.41 13.05 43.87
C ILE O 207 2.03 12.39 43.85
N ARG O 208 1.66 11.63 44.90
CA ARG O 208 0.35 10.98 44.96
C ARG O 208 -0.79 12.01 45.12
N PRO P 17 -21.93 3.31 -0.10
CA PRO P 17 -21.10 3.14 1.11
C PRO P 17 -19.70 2.72 0.77
N ARG P 18 -18.71 3.25 1.51
CA ARG P 18 -17.30 2.95 1.33
C ARG P 18 -17.05 1.44 1.51
N SER P 19 -16.26 0.85 0.62
CA SER P 19 -16.00 -0.58 0.66
C SER P 19 -14.58 -0.91 1.12
N GLU P 20 -14.32 -2.19 1.40
CA GLU P 20 -13.00 -2.64 1.79
C GLU P 20 -12.03 -2.57 0.59
N GLU P 21 -12.56 -2.67 -0.67
CA GLU P 21 -11.79 -2.54 -1.91
C GLU P 21 -11.32 -1.08 -2.03
N ASP P 22 -12.23 -0.12 -1.74
CA ASP P 22 -11.91 1.32 -1.75
C ASP P 22 -10.75 1.62 -0.79
N ASN P 23 -10.80 0.97 0.40
CA ASN P 23 -9.77 1.13 1.42
C ASN P 23 -8.43 0.66 0.93
N GLU P 24 -8.37 -0.50 0.27
CA GLU P 24 -7.11 -1.05 -0.24
C GLU P 24 -6.54 -0.18 -1.35
N LEU P 25 -7.41 0.29 -2.27
CA LEU P 25 -7.02 1.11 -3.41
C LEU P 25 -6.49 2.50 -3.01
N ASN P 26 -7.10 3.10 -1.99
CA ASN P 26 -6.70 4.42 -1.55
C ASN P 26 -5.57 4.44 -0.51
N LEU P 27 -5.26 3.30 0.07
CA LEU P 27 -4.22 3.18 1.09
C LEU P 27 -2.82 3.72 0.63
N PRO P 28 -2.31 3.38 -0.58
CA PRO P 28 -1.01 3.96 -1.00
C PRO P 28 -1.06 5.49 -1.09
N ASN P 29 -2.21 6.06 -1.54
CA ASN P 29 -2.38 7.50 -1.65
C ASN P 29 -2.41 8.16 -0.29
N LEU P 30 -3.06 7.51 0.69
CA LEU P 30 -3.14 8.02 2.06
C LEU P 30 -1.73 7.97 2.67
N ALA P 31 -1.02 6.86 2.52
CA ALA P 31 0.34 6.73 3.03
C ALA P 31 1.29 7.78 2.43
N ALA P 32 1.15 8.06 1.12
CA ALA P 32 2.00 9.07 0.47
C ALA P 32 1.69 10.46 1.05
N ALA P 33 0.41 10.75 1.32
CA ALA P 33 0.01 12.03 1.90
C ALA P 33 0.52 12.17 3.32
N TYR P 34 0.48 11.09 4.13
CA TYR P 34 1.01 11.14 5.51
C TYR P 34 2.53 11.28 5.54
N SER P 35 3.23 10.65 4.57
CA SER P 35 4.69 10.78 4.44
C SER P 35 5.05 12.23 4.08
N SER P 36 4.26 12.86 3.20
CA SER P 36 4.44 14.25 2.81
C SER P 36 4.24 15.18 4.01
N ILE P 37 3.24 14.89 4.87
CA ILE P 37 2.98 15.66 6.09
C ILE P 37 4.19 15.58 7.03
N LEU P 38 4.78 14.39 7.21
CA LEU P 38 5.97 14.21 8.04
C LEU P 38 7.12 15.12 7.56
N SER P 39 7.37 15.19 6.23
CA SER P 39 8.41 16.05 5.67
C SER P 39 8.05 17.53 5.86
N SER P 40 6.79 17.91 5.61
CA SER P 40 6.36 19.30 5.74
C SER P 40 6.37 19.81 7.19
N LEU P 41 6.37 18.92 8.18
CA LEU P 41 6.47 19.31 9.59
C LEU P 41 7.93 19.46 10.05
N GLY P 42 8.90 19.15 9.20
CA GLY P 42 10.30 19.23 9.55
C GLY P 42 10.89 17.91 10.00
N GLU P 43 10.08 16.83 10.00
CA GLU P 43 10.54 15.53 10.43
C GLU P 43 11.24 14.73 9.32
N ASN P 44 11.90 13.64 9.71
CA ASN P 44 12.62 12.77 8.79
C ASN P 44 11.84 11.48 8.63
N PRO P 45 11.13 11.30 7.51
CA PRO P 45 10.37 10.06 7.30
C PRO P 45 11.20 8.77 7.24
N GLN P 46 12.53 8.92 7.10
CA GLN P 46 13.42 7.78 7.02
C GLN P 46 13.95 7.29 8.37
N ARG P 47 13.77 8.07 9.46
CA ARG P 47 14.22 7.62 10.77
C ARG P 47 13.41 6.41 11.22
N GLN P 48 14.04 5.50 11.98
CA GLN P 48 13.45 4.25 12.44
C GLN P 48 12.00 4.36 12.96
N GLY P 49 11.74 5.32 13.84
CA GLY P 49 10.44 5.51 14.44
C GLY P 49 9.34 5.94 13.49
N LEU P 50 9.70 6.50 12.31
CA LEU P 50 8.73 6.98 11.34
C LEU P 50 8.57 6.15 10.08
N LEU P 51 9.41 5.12 9.87
CA LEU P 51 9.36 4.31 8.65
C LEU P 51 7.98 3.71 8.33
N LYS P 52 7.31 3.17 9.32
CA LYS P 52 5.98 2.57 9.12
C LYS P 52 4.79 3.49 9.45
N THR P 53 5.06 4.73 9.82
CA THR P 53 4.06 5.73 10.20
C THR P 53 3.08 6.11 9.06
N PRO P 54 3.54 6.41 7.81
CA PRO P 54 2.56 6.69 6.74
C PRO P 54 1.48 5.62 6.58
N TRP P 55 1.84 4.34 6.76
CA TRP P 55 0.87 3.26 6.59
C TRP P 55 -0.03 3.04 7.83
N ARG P 56 0.56 3.16 9.01
CA ARG P 56 -0.17 3.01 10.27
C ARG P 56 -1.15 4.18 10.47
N ALA P 57 -0.73 5.39 10.14
CA ALA P 57 -1.57 6.55 10.28
C ALA P 57 -2.73 6.48 9.25
N ALA P 58 -2.45 5.99 8.02
CA ALA P 58 -3.46 5.80 6.97
C ALA P 58 -4.50 4.79 7.40
N SER P 59 -4.07 3.62 7.95
CA SER P 59 -4.98 2.60 8.42
C SER P 59 -5.78 3.11 9.61
N ALA P 60 -5.14 3.87 10.51
CA ALA P 60 -5.82 4.40 11.71
C ALA P 60 -6.95 5.35 11.26
N MET P 61 -6.67 6.21 10.30
CA MET P 61 -7.65 7.15 9.77
C MET P 61 -8.81 6.44 9.07
N GLN P 62 -8.53 5.28 8.44
CA GLN P 62 -9.57 4.48 7.81
C GLN P 62 -10.44 3.81 8.84
N PHE P 63 -9.85 3.38 9.95
CA PHE P 63 -10.59 2.80 11.05
C PHE P 63 -11.46 3.88 11.73
N PHE P 64 -10.91 5.09 11.94
CA PHE P 64 -11.67 6.19 12.55
C PHE P 64 -12.85 6.59 11.70
N THR P 65 -12.81 6.36 10.38
CA THR P 65 -13.90 6.74 9.48
C THR P 65 -14.61 5.50 8.90
N LYS P 66 -14.55 4.33 9.58
CA LYS P 66 -15.19 3.10 9.11
C LYS P 66 -16.73 3.15 9.07
N GLY P 67 -17.34 4.17 9.69
CA GLY P 67 -18.78 4.35 9.68
C GLY P 67 -19.32 4.66 8.29
N TYR P 68 -18.46 5.17 7.39
CA TYR P 68 -18.85 5.41 6.01
C TYR P 68 -19.05 4.05 5.27
N GLN P 69 -18.53 2.93 5.80
CA GLN P 69 -18.67 1.59 5.24
C GLN P 69 -19.99 0.89 5.66
N GLU P 70 -20.76 1.53 6.58
CA GLU P 70 -21.94 0.96 7.19
C GLU P 70 -23.26 1.67 6.93
N THR P 71 -24.34 0.87 6.91
CA THR P 71 -25.70 1.37 6.75
C THR P 71 -26.54 0.93 7.97
N ILE P 72 -27.59 1.69 8.30
CA ILE P 72 -28.48 1.33 9.41
C ILE P 72 -29.11 -0.06 9.18
N SER P 73 -29.50 -0.35 7.95
CA SER P 73 -30.08 -1.62 7.57
C SER P 73 -29.15 -2.81 7.89
N ASP P 74 -27.81 -2.68 7.77
CA ASP P 74 -26.89 -3.77 8.12
C ASP P 74 -26.97 -4.11 9.62
N VAL P 75 -27.05 -3.06 10.42
CA VAL P 75 -27.14 -3.12 11.87
C VAL P 75 -28.47 -3.71 12.30
N LEU P 76 -29.56 -3.43 11.57
CA LEU P 76 -30.87 -3.92 11.91
C LEU P 76 -31.15 -5.39 11.55
N ASN P 77 -30.14 -6.19 11.26
CA ASN P 77 -30.36 -7.60 10.98
C ASN P 77 -30.49 -8.34 12.29
N ASP P 78 -31.58 -9.08 12.46
CA ASP P 78 -31.89 -9.82 13.67
C ASP P 78 -31.74 -8.93 14.89
N ALA P 79 -32.15 -7.68 14.75
CA ALA P 79 -32.01 -6.70 15.81
C ALA P 79 -33.28 -6.31 16.50
N ILE P 80 -34.44 -6.64 15.94
CA ILE P 80 -35.71 -6.23 16.51
C ILE P 80 -36.51 -7.39 17.11
N PHE P 81 -36.92 -7.16 18.34
CA PHE P 81 -37.71 -8.08 19.13
C PHE P 81 -39.02 -7.40 19.50
N ASP P 82 -40.00 -8.16 19.94
CA ASP P 82 -41.31 -7.62 20.25
C ASP P 82 -41.64 -7.76 21.73
N GLU P 83 -42.52 -6.88 22.20
CA GLU P 83 -43.00 -6.94 23.56
C GLU P 83 -44.45 -6.51 23.60
N ASP P 84 -45.23 -7.13 24.49
CA ASP P 84 -46.66 -6.84 24.59
C ASP P 84 -46.89 -5.54 25.36
N HIS P 85 -46.02 -5.23 26.34
CA HIS P 85 -46.12 -4.03 27.18
C HIS P 85 -44.82 -3.23 27.12
N ASP P 86 -44.93 -1.91 27.08
CA ASP P 86 -43.78 -1.03 26.94
C ASP P 86 -43.40 -0.28 28.20
N GLU P 87 -42.09 -0.17 28.41
CA GLU P 87 -41.40 0.47 29.54
C GLU P 87 -40.23 1.33 29.00
N MET P 88 -39.68 2.23 29.82
CA MET P 88 -38.52 3.01 29.40
C MET P 88 -37.28 2.11 29.31
N VAL P 89 -36.48 2.26 28.24
CA VAL P 89 -35.25 1.50 28.02
C VAL P 89 -34.11 2.50 27.82
N ILE P 90 -33.04 2.36 28.58
CA ILE P 90 -31.90 3.25 28.49
C ILE P 90 -30.61 2.45 28.37
N VAL P 91 -29.74 2.88 27.50
CA VAL P 91 -28.38 2.35 27.43
C VAL P 91 -27.52 3.60 27.62
N LYS P 92 -26.82 3.69 28.75
CA LYS P 92 -26.03 4.85 29.08
C LYS P 92 -24.54 4.54 29.14
N ASP P 93 -23.71 5.59 29.09
CA ASP P 93 -22.27 5.42 29.18
C ASP P 93 -21.68 4.65 28.01
N ILE P 94 -22.21 4.88 26.81
CA ILE P 94 -21.69 4.22 25.63
C ILE P 94 -20.48 5.04 25.22
N ASP P 95 -19.28 4.46 25.29
CA ASP P 95 -18.04 5.13 24.89
C ASP P 95 -18.11 5.50 23.44
N MET P 96 -17.77 6.74 23.14
CA MET P 96 -17.91 7.29 21.80
C MET P 96 -16.56 7.94 21.41
N PHE P 97 -16.08 7.65 20.21
CA PHE P 97 -14.85 8.22 19.69
C PHE P 97 -15.14 8.72 18.28
N SER P 98 -15.09 10.03 18.09
CA SER P 98 -15.37 10.61 16.78
C SER P 98 -14.22 11.51 16.32
N MET P 99 -14.35 12.14 15.15
CA MET P 99 -13.33 12.99 14.59
C MET P 99 -13.97 14.30 14.20
N CYS P 100 -13.39 15.40 14.63
CA CYS P 100 -13.90 16.70 14.25
C CYS P 100 -13.61 16.91 12.76
N GLU P 101 -14.63 17.31 12.01
CA GLU P 101 -14.47 17.51 10.57
C GLU P 101 -13.76 18.80 10.24
N HIS P 102 -13.67 19.73 11.17
CA HIS P 102 -13.02 20.99 10.91
C HIS P 102 -11.50 20.94 11.12
N HIS P 103 -11.04 20.11 12.04
CA HIS P 103 -9.63 20.03 12.36
C HIS P 103 -8.97 18.67 12.20
N LEU P 104 -9.78 17.63 12.00
CA LEU P 104 -9.32 16.23 11.88
C LEU P 104 -8.59 15.80 13.14
N VAL P 105 -9.18 16.14 14.28
CA VAL P 105 -8.66 15.84 15.60
C VAL P 105 -9.83 15.14 16.37
N PRO P 106 -9.54 14.10 17.16
CA PRO P 106 -10.64 13.41 17.86
C PRO P 106 -11.44 14.22 18.88
N PHE P 107 -12.72 13.83 19.02
CA PHE P 107 -13.58 14.28 20.11
C PHE P 107 -14.18 12.99 20.69
N VAL P 108 -14.06 12.82 22.00
CA VAL P 108 -14.38 11.56 22.64
C VAL P 108 -15.23 11.79 23.88
N GLY P 109 -16.04 10.81 24.20
CA GLY P 109 -16.89 10.90 25.37
C GLY P 109 -17.88 9.76 25.48
N LYS P 110 -19.13 10.10 25.84
CA LYS P 110 -20.17 9.14 26.12
C LYS P 110 -21.47 9.52 25.47
N VAL P 111 -22.27 8.52 25.12
CA VAL P 111 -23.60 8.70 24.57
C VAL P 111 -24.57 8.01 25.53
N HIS P 112 -25.67 8.67 25.82
CA HIS P 112 -26.71 8.14 26.67
C HIS P 112 -27.98 8.14 25.84
N ILE P 113 -28.58 6.95 25.65
CA ILE P 113 -29.78 6.84 24.86
C ILE P 113 -30.94 6.31 25.66
N GLY P 114 -32.11 6.90 25.47
CA GLY P 114 -33.33 6.43 26.09
C GLY P 114 -34.43 6.39 25.08
N TYR P 115 -35.34 5.43 25.18
CA TYR P 115 -36.48 5.37 24.29
C TYR P 115 -37.65 4.69 24.93
N LEU P 116 -38.86 5.05 24.49
CA LEU P 116 -40.06 4.41 24.96
C LEU P 116 -40.59 3.66 23.77
N PRO P 117 -40.43 2.33 23.73
CA PRO P 117 -40.92 1.55 22.58
C PRO P 117 -42.43 1.57 22.37
N ASN P 118 -42.84 1.24 21.15
CA ASN P 118 -44.23 1.03 20.79
C ASN P 118 -44.23 -0.40 20.20
N LYS P 119 -44.18 -1.39 21.09
CA LYS P 119 -44.15 -2.83 20.82
C LYS P 119 -42.81 -3.34 20.30
N GLN P 120 -42.07 -2.57 19.50
CA GLN P 120 -40.79 -3.04 18.95
C GLN P 120 -39.61 -2.55 19.81
N VAL P 121 -38.72 -3.47 20.13
CA VAL P 121 -37.58 -3.19 20.96
C VAL P 121 -36.33 -3.62 20.23
N LEU P 122 -35.37 -2.72 20.16
CA LEU P 122 -34.12 -3.00 19.49
C LEU P 122 -33.19 -3.75 20.41
N GLY P 123 -32.29 -4.50 19.83
CA GLY P 123 -31.31 -5.21 20.61
C GLY P 123 -30.38 -4.24 21.33
N LEU P 124 -30.11 -4.48 22.60
CA LEU P 124 -29.26 -3.58 23.40
C LEU P 124 -27.96 -3.15 22.74
N SER P 125 -27.23 -4.10 22.18
CA SER P 125 -25.99 -3.78 21.52
C SER P 125 -26.15 -2.99 20.22
N LYS P 126 -27.30 -3.12 19.58
CA LYS P 126 -27.58 -2.38 18.36
C LYS P 126 -27.65 -0.87 18.63
N LEU P 127 -28.04 -0.45 19.82
CA LEU P 127 -28.04 0.97 20.16
C LEU P 127 -26.58 1.50 20.13
N ALA P 128 -25.63 0.69 20.63
CA ALA P 128 -24.21 1.05 20.60
C ALA P 128 -23.68 0.95 19.16
N ARG P 129 -24.17 -0.01 18.39
CA ARG P 129 -23.75 -0.15 17.00
C ARG P 129 -24.22 1.05 16.16
N ILE P 130 -25.40 1.61 16.49
CA ILE P 130 -25.90 2.82 15.83
C ILE P 130 -24.97 4.00 16.15
N VAL P 131 -24.49 4.10 17.40
CA VAL P 131 -23.53 5.13 17.79
C VAL P 131 -22.24 4.99 16.93
N GLU P 132 -21.76 3.75 16.73
CA GLU P 132 -20.57 3.47 15.94
C GLU P 132 -20.70 3.86 14.47
N ILE P 133 -21.89 3.66 13.85
CA ILE P 133 -22.06 4.02 12.44
C ILE P 133 -21.81 5.53 12.21
N TYR P 134 -22.40 6.38 13.08
CA TYR P 134 -22.27 7.80 12.90
C TYR P 134 -21.05 8.43 13.54
N SER P 135 -20.54 7.89 14.64
CA SER P 135 -19.38 8.48 15.31
C SER P 135 -18.08 8.22 14.55
N ARG P 136 -17.99 7.07 13.86
CA ARG P 136 -16.78 6.75 13.11
C ARG P 136 -16.83 7.44 11.74
N ARG P 137 -16.89 8.77 11.76
CA ARG P 137 -17.00 9.61 10.59
C ARG P 137 -16.37 10.96 10.92
N LEU P 138 -16.18 11.84 9.91
CA LEU P 138 -15.77 13.22 10.17
C LEU P 138 -17.08 13.92 10.56
N GLN P 139 -17.12 14.46 11.76
CA GLN P 139 -18.33 15.01 12.31
C GLN P 139 -18.30 16.34 13.05
N VAL P 140 -19.51 16.72 13.45
CA VAL P 140 -19.80 17.85 14.30
C VAL P 140 -20.73 17.23 15.35
N GLN P 141 -20.53 17.55 16.61
CA GLN P 141 -21.34 16.94 17.68
C GLN P 141 -22.84 17.01 17.49
N GLU P 142 -23.36 18.15 17.05
CA GLU P 142 -24.80 18.34 16.83
C GLU P 142 -25.39 17.38 15.81
N ARG P 143 -24.68 17.16 14.70
CA ARG P 143 -25.16 16.27 13.64
C ARG P 143 -25.16 14.85 14.15
N LEU P 144 -24.06 14.43 14.80
CA LEU P 144 -23.97 13.08 15.34
C LEU P 144 -25.12 12.75 16.32
N THR P 145 -25.45 13.69 17.23
CA THR P 145 -26.53 13.54 18.23
C THR P 145 -27.87 13.31 17.53
N LYS P 146 -28.15 14.12 16.51
CA LYS P 146 -29.40 14.05 15.77
C LYS P 146 -29.47 12.74 14.94
N GLN P 147 -28.36 12.35 14.30
CA GLN P 147 -28.31 11.13 13.48
C GLN P 147 -28.64 9.85 14.30
N ILE P 148 -28.13 9.75 15.52
CA ILE P 148 -28.42 8.61 16.40
C ILE P 148 -29.93 8.59 16.74
N ALA P 149 -30.48 9.73 17.16
CA ALA P 149 -31.91 9.81 17.52
C ALA P 149 -32.84 9.51 16.33
N VAL P 150 -32.53 10.06 15.15
CA VAL P 150 -33.34 9.83 13.96
C VAL P 150 -33.26 8.36 13.50
N ALA P 151 -32.06 7.74 13.56
CA ALA P 151 -31.90 6.35 13.16
C ALA P 151 -32.77 5.42 14.03
N ILE P 152 -32.79 5.65 15.36
CA ILE P 152 -33.60 4.85 16.28
C ILE P 152 -35.09 5.08 16.01
N THR P 153 -35.47 6.33 15.78
CA THR P 153 -36.85 6.68 15.49
C THR P 153 -37.35 5.98 14.22
N GLU P 154 -36.57 6.00 13.16
CA GLU P 154 -36.97 5.39 11.89
C GLU P 154 -36.90 3.85 11.92
N ALA P 155 -35.96 3.27 12.67
CA ALA P 155 -35.86 1.82 12.74
C ALA P 155 -36.95 1.20 13.60
N LEU P 156 -37.31 1.86 14.72
CA LEU P 156 -38.24 1.27 15.67
C LEU P 156 -39.62 1.85 15.70
N ARG P 157 -39.80 3.05 15.15
CA ARG P 157 -41.07 3.81 15.24
C ARG P 157 -41.60 3.83 16.71
N PRO P 158 -40.74 4.28 17.65
CA PRO P 158 -41.16 4.25 19.06
C PRO P 158 -42.06 5.43 19.43
N ALA P 159 -42.49 5.53 20.70
CA ALA P 159 -43.26 6.68 21.15
C ALA P 159 -42.31 7.92 21.23
N GLY P 160 -41.02 7.69 21.53
CA GLY P 160 -40.05 8.76 21.59
C GLY P 160 -38.64 8.25 21.85
N VAL P 161 -37.66 9.11 21.61
CA VAL P 161 -36.23 8.86 21.78
C VAL P 161 -35.57 10.11 22.36
N GLY P 162 -34.64 9.91 23.26
CA GLY P 162 -33.82 10.96 23.81
C GLY P 162 -32.38 10.53 23.64
N VAL P 163 -31.50 11.45 23.20
CA VAL P 163 -30.07 11.19 22.99
C VAL P 163 -29.22 12.33 23.61
N VAL P 164 -28.31 11.97 24.53
CA VAL P 164 -27.43 12.95 25.14
C VAL P 164 -26.00 12.54 24.83
N VAL P 165 -25.18 13.45 24.30
CA VAL P 165 -23.78 13.16 24.00
C VAL P 165 -22.95 14.12 24.83
N GLU P 166 -21.98 13.60 25.60
CA GLU P 166 -21.06 14.46 26.36
C GLU P 166 -19.65 14.13 25.83
N ALA P 167 -18.91 15.12 25.36
CA ALA P 167 -17.60 14.88 24.77
C ALA P 167 -16.61 15.95 25.05
N THR P 168 -15.34 15.54 25.16
CA THR P 168 -14.19 16.41 25.26
C THR P 168 -13.70 16.57 23.82
N HIS P 169 -13.56 17.79 23.38
CA HIS P 169 -13.04 17.99 22.07
C HIS P 169 -11.57 18.32 22.28
N MET P 170 -10.67 17.53 21.69
CA MET P 170 -9.22 17.77 21.79
C MET P 170 -8.81 19.08 21.07
N CYS P 171 -9.59 19.57 20.11
CA CYS P 171 -9.37 20.85 19.50
C CYS P 171 -9.55 22.03 20.48
N MET P 172 -10.23 21.83 21.62
CA MET P 172 -10.39 22.85 22.64
C MET P 172 -9.49 22.65 23.84
N VAL P 173 -8.78 21.50 23.96
CA VAL P 173 -7.93 21.31 25.13
C VAL P 173 -6.43 21.27 24.73
N MET P 174 -6.05 20.62 23.60
CA MET P 174 -4.64 20.54 23.14
C MET P 174 -4.18 21.75 22.33
N ARG P 175 -5.11 22.61 21.95
CA ARG P 175 -4.84 23.76 21.12
C ARG P 175 -6.00 24.75 21.20
N GLY P 176 -5.93 25.80 20.41
CA GLY P 176 -6.96 26.83 20.39
C GLY P 176 -7.12 27.50 21.72
N VAL P 177 -8.33 27.44 22.27
CA VAL P 177 -8.65 28.04 23.58
C VAL P 177 -7.95 27.39 24.72
N GLN P 178 -7.57 26.11 24.60
CA GLN P 178 -6.86 25.35 25.62
C GLN P 178 -7.58 25.38 26.98
N LYS P 179 -8.86 25.07 26.97
CA LYS P 179 -9.66 24.97 28.19
C LYS P 179 -9.70 23.47 28.54
N MET P 180 -8.73 23.03 29.33
CA MET P 180 -8.46 21.67 29.80
C MET P 180 -9.70 20.87 30.28
N ASN P 181 -10.62 21.53 31.01
CA ASN P 181 -11.78 20.86 31.56
C ASN P 181 -13.03 20.99 30.72
N SER P 182 -13.04 21.78 29.64
CA SER P 182 -14.26 22.02 28.87
C SER P 182 -14.88 20.76 28.31
N LYS P 183 -16.23 20.71 28.30
CA LYS P 183 -16.95 19.56 27.77
C LYS P 183 -18.15 20.08 26.99
N THR P 184 -18.46 19.44 25.85
CA THR P 184 -19.62 19.78 25.08
C THR P 184 -20.71 18.76 25.35
N VAL P 185 -21.93 19.23 25.67
CA VAL P 185 -23.07 18.37 25.89
C VAL P 185 -24.14 18.72 24.86
N THR P 186 -24.58 17.75 24.06
CA THR P 186 -25.64 17.98 23.09
C THR P 186 -26.80 17.05 23.42
N SER P 187 -28.01 17.51 23.19
CA SER P 187 -29.21 16.76 23.54
C SER P 187 -30.21 16.79 22.41
N THR P 188 -30.86 15.67 22.10
CA THR P 188 -31.92 15.63 21.08
C THR P 188 -33.05 14.84 21.72
N MET P 189 -34.26 15.42 21.74
CA MET P 189 -35.44 14.79 22.33
C MET P 189 -36.50 14.72 21.26
N LEU P 190 -36.88 13.52 20.83
CA LEU P 190 -37.88 13.34 19.79
C LEU P 190 -39.15 12.67 20.33
N GLY P 191 -40.28 12.86 19.64
CA GLY P 191 -41.56 12.25 20.03
C GLY P 191 -41.95 12.61 21.44
N VAL P 192 -42.40 11.60 22.28
CA VAL P 192 -42.79 11.87 23.69
C VAL P 192 -41.65 12.42 24.55
N PHE P 193 -40.38 12.20 24.16
CA PHE P 193 -39.26 12.77 24.93
C PHE P 193 -39.24 14.30 24.80
N ARG P 194 -39.77 14.85 23.68
CA ARG P 194 -39.89 16.29 23.50
C ARG P 194 -41.25 16.76 24.08
N GLU P 195 -42.36 16.10 23.71
CA GLU P 195 -43.70 16.54 24.07
C GLU P 195 -44.08 16.35 25.53
N ASP P 196 -43.57 15.28 26.16
CA ASP P 196 -43.88 15.02 27.57
C ASP P 196 -42.66 15.31 28.43
N PRO P 197 -42.67 16.42 29.18
CA PRO P 197 -41.53 16.71 30.06
C PRO P 197 -41.33 15.64 31.13
N LYS P 198 -42.39 14.94 31.57
CA LYS P 198 -42.28 13.88 32.57
C LYS P 198 -41.47 12.68 32.08
N THR P 199 -41.57 12.35 30.79
CA THR P 199 -40.81 11.25 30.20
C THR P 199 -39.35 11.69 30.11
N ARG P 200 -39.09 12.93 29.65
CA ARG P 200 -37.74 13.45 29.56
C ARG P 200 -37.07 13.52 30.94
N GLU P 201 -37.81 13.97 31.95
CA GLU P 201 -37.28 14.03 33.31
C GLU P 201 -36.92 12.65 33.84
N GLU P 202 -37.79 11.63 33.62
CA GLU P 202 -37.44 10.27 34.08
C GLU P 202 -36.11 9.79 33.42
N PHE P 203 -35.95 10.01 32.10
CA PHE P 203 -34.75 9.64 31.38
C PHE P 203 -33.53 10.40 31.96
N LEU P 204 -33.62 11.72 32.11
CA LEU P 204 -32.50 12.51 32.65
C LEU P 204 -32.15 12.19 34.07
N THR P 205 -33.14 11.75 34.86
CA THR P 205 -32.87 11.32 36.24
C THR P 205 -32.12 9.96 36.21
N LEU P 206 -32.59 9.04 35.35
CA LEU P 206 -32.03 7.69 35.30
C LEU P 206 -30.62 7.61 34.71
N ILE P 207 -30.16 8.66 33.99
CA ILE P 207 -28.79 8.64 33.46
C ILE P 207 -27.76 9.27 34.41
N ARG P 208 -28.14 9.71 35.64
CA ARG P 208 -27.17 10.23 36.61
C ARG P 208 -26.18 9.13 37.05
N PRO Q 17 -10.64 49.79 21.29
CA PRO Q 17 -9.98 48.60 21.88
C PRO Q 17 -8.48 48.82 22.08
N ARG Q 18 -7.96 48.36 23.23
CA ARG Q 18 -6.55 48.49 23.58
C ARG Q 18 -5.70 47.76 22.54
N SER Q 19 -4.59 48.37 22.14
CA SER Q 19 -3.74 47.79 21.10
C SER Q 19 -2.41 47.30 21.67
N GLU Q 20 -1.65 46.54 20.87
CA GLU Q 20 -0.33 46.08 21.27
C GLU Q 20 0.65 47.24 21.37
N GLU Q 21 0.42 48.34 20.60
CA GLU Q 21 1.24 49.54 20.65
C GLU Q 21 1.00 50.26 21.99
N ASP Q 22 -0.28 50.33 22.44
CA ASP Q 22 -0.65 50.91 23.74
C ASP Q 22 0.06 50.13 24.86
N ASN Q 23 0.10 48.80 24.74
CA ASN Q 23 0.74 47.94 25.72
C ASN Q 23 2.21 48.24 25.82
N GLU Q 24 2.89 48.34 24.68
CA GLU Q 24 4.31 48.63 24.68
C GLU Q 24 4.59 50.01 25.27
N LEU Q 25 3.84 51.05 24.87
CA LEU Q 25 3.99 52.43 25.35
C LEU Q 25 3.74 52.59 26.85
N ASN Q 26 2.76 51.84 27.36
CA ASN Q 26 2.43 51.93 28.78
C ASN Q 26 3.25 50.99 29.67
N LEU Q 27 3.97 50.03 29.09
CA LEU Q 27 4.75 49.08 29.85
C LEU Q 27 5.80 49.75 30.76
N PRO Q 28 6.57 50.81 30.35
CA PRO Q 28 7.49 51.46 31.30
C PRO Q 28 6.77 52.15 32.47
N ASN Q 29 5.59 52.72 32.22
CA ASN Q 29 4.81 53.37 33.27
C ASN Q 29 4.30 52.35 34.27
N LEU Q 30 3.89 51.15 33.78
CA LEU Q 30 3.41 50.08 34.65
C LEU Q 30 4.57 49.58 35.49
N ALA Q 31 5.74 49.36 34.88
CA ALA Q 31 6.91 48.87 35.59
C ALA Q 31 7.36 49.87 36.69
N ALA Q 32 7.31 51.20 36.38
CA ALA Q 32 7.68 52.23 37.36
C ALA Q 32 6.71 52.18 38.55
N ALA Q 33 5.41 52.00 38.27
CA ALA Q 33 4.40 51.90 39.33
C ALA Q 33 4.60 50.66 40.18
N TYR Q 34 4.93 49.50 39.58
CA TYR Q 34 5.17 48.27 40.34
C TYR Q 34 6.44 48.35 41.18
N SER Q 35 7.48 49.03 40.66
CA SER Q 35 8.72 49.24 41.40
C SER Q 35 8.44 50.12 42.63
N SER Q 36 7.61 51.17 42.46
CA SER Q 36 7.21 52.06 43.52
C SER Q 36 6.40 51.28 44.61
N ILE Q 37 5.52 50.34 44.20
CA ILE Q 37 4.75 49.50 45.12
C ILE Q 37 5.70 48.65 45.97
N LEU Q 38 6.73 48.06 45.36
CA LEU Q 38 7.73 47.26 46.08
C LEU Q 38 8.42 48.09 47.18
N SER Q 39 8.81 49.34 46.88
CA SER Q 39 9.42 50.24 47.85
C SER Q 39 8.44 50.63 48.94
N SER Q 40 7.19 50.95 48.56
CA SER Q 40 6.17 51.37 49.53
C SER Q 40 5.74 50.24 50.48
N LEU Q 41 5.95 48.98 50.09
CA LEU Q 41 5.62 47.85 50.98
C LEU Q 41 6.78 47.54 51.97
N GLY Q 42 7.92 48.24 51.85
CA GLY Q 42 9.08 48.00 52.70
C GLY Q 42 10.07 47.04 52.09
N GLU Q 43 9.83 46.60 50.83
CA GLU Q 43 10.75 45.69 50.16
C GLU Q 43 11.93 46.42 49.49
N ASN Q 44 12.93 45.65 49.06
CA ASN Q 44 14.10 46.18 48.40
C ASN Q 44 14.03 45.79 46.92
N PRO Q 45 13.65 46.74 46.04
CA PRO Q 45 13.57 46.42 44.59
C PRO Q 45 14.90 46.02 43.95
N GLN Q 46 16.03 46.24 44.66
CA GLN Q 46 17.35 45.91 44.15
C GLN Q 46 17.77 44.48 44.44
N ARG Q 47 17.10 43.78 45.37
CA ARG Q 47 17.48 42.40 45.66
C ARG Q 47 17.22 41.48 44.46
N GLN Q 48 18.04 40.45 44.28
CA GLN Q 48 17.99 39.54 43.13
C GLN Q 48 16.58 39.05 42.75
N GLY Q 49 15.80 38.62 43.74
CA GLY Q 49 14.46 38.11 43.48
C GLY Q 49 13.45 39.14 43.00
N LEU Q 50 13.76 40.44 43.16
CA LEU Q 50 12.85 41.51 42.76
C LEU Q 50 13.28 42.34 41.54
N LEU Q 51 14.50 42.13 41.03
CA LEU Q 51 15.04 42.96 39.94
C LEU Q 51 14.15 43.00 38.69
N LYS Q 52 13.64 41.85 38.24
CA LYS Q 52 12.78 41.79 37.07
C LYS Q 52 11.28 41.91 37.35
N THR Q 53 10.89 41.93 38.64
CA THR Q 53 9.49 41.97 39.08
C THR Q 53 8.67 43.15 38.50
N PRO Q 54 9.14 44.41 38.47
CA PRO Q 54 8.32 45.49 37.87
C PRO Q 54 7.86 45.18 36.44
N TRP Q 55 8.71 44.51 35.65
CA TRP Q 55 8.37 44.15 34.28
C TRP Q 55 7.48 42.94 34.16
N ARG Q 56 7.78 41.91 34.93
CA ARG Q 56 6.99 40.69 34.92
C ARG Q 56 5.58 40.93 35.47
N ALA Q 57 5.45 41.78 36.51
CA ALA Q 57 4.15 42.12 37.08
C ALA Q 57 3.35 42.95 36.07
N ALA Q 58 4.03 43.89 35.38
CA ALA Q 58 3.39 44.72 34.39
C ALA Q 58 2.84 43.87 33.23
N SER Q 59 3.66 42.93 32.69
CA SER Q 59 3.25 42.04 31.59
C SER Q 59 2.11 41.13 32.02
N ALA Q 60 2.18 40.58 33.25
CA ALA Q 60 1.12 39.70 33.78
C ALA Q 60 -0.20 40.47 33.85
N MET Q 61 -0.19 41.71 34.36
CA MET Q 61 -1.39 42.51 34.47
C MET Q 61 -2.00 42.86 33.09
N GLN Q 62 -1.13 43.03 32.08
CA GLN Q 62 -1.60 43.28 30.73
C GLN Q 62 -2.24 42.01 30.17
N PHE Q 63 -1.66 40.84 30.45
CA PHE Q 63 -2.23 39.58 29.99
C PHE Q 63 -3.60 39.35 30.68
N PHE Q 64 -3.69 39.63 32.00
CA PHE Q 64 -4.95 39.47 32.73
C PHE Q 64 -6.05 40.39 32.19
N THR Q 65 -5.69 41.51 31.56
CA THR Q 65 -6.68 42.44 31.03
C THR Q 65 -6.69 42.49 29.48
N LYS Q 66 -6.18 41.43 28.82
CA LYS Q 66 -6.11 41.38 27.35
C LYS Q 66 -7.48 41.38 26.65
N GLY Q 67 -8.57 41.18 27.38
CA GLY Q 67 -9.93 41.22 26.83
C GLY Q 67 -10.33 42.60 26.32
N TYR Q 68 -9.68 43.65 26.83
CA TYR Q 68 -9.90 45.00 26.34
C TYR Q 68 -9.33 45.16 24.90
N GLN Q 69 -8.41 44.28 24.48
CA GLN Q 69 -7.82 44.31 23.13
C GLN Q 69 -8.73 43.63 22.07
N GLU Q 70 -9.82 42.96 22.49
CA GLU Q 70 -10.63 42.16 21.60
C GLU Q 70 -12.03 42.69 21.35
N THR Q 71 -12.62 42.32 20.21
CA THR Q 71 -14.01 42.66 19.87
C THR Q 71 -14.77 41.34 19.58
N ILE Q 72 -16.09 41.29 19.84
CA ILE Q 72 -16.90 40.09 19.57
C ILE Q 72 -16.77 39.61 18.14
N SER Q 73 -16.84 40.54 17.15
CA SER Q 73 -16.74 40.16 15.74
C SER Q 73 -15.45 39.45 15.39
N ASP Q 74 -14.30 39.92 15.88
CA ASP Q 74 -13.02 39.26 15.59
C ASP Q 74 -12.95 37.89 16.25
N VAL Q 75 -13.45 37.79 17.47
CA VAL Q 75 -13.45 36.56 18.23
C VAL Q 75 -14.33 35.49 17.59
N LEU Q 76 -15.49 35.89 17.06
CA LEU Q 76 -16.41 34.96 16.40
C LEU Q 76 -15.81 34.36 15.15
N ASN Q 77 -15.06 35.20 14.44
CA ASN Q 77 -14.35 34.84 13.23
C ASN Q 77 -15.20 34.14 12.19
N ASP Q 78 -16.46 34.56 12.05
CA ASP Q 78 -17.44 33.99 11.12
C ASP Q 78 -17.73 32.50 11.32
N ALA Q 79 -17.56 31.99 12.55
CA ALA Q 79 -17.77 30.59 12.87
C ALA Q 79 -19.22 30.38 13.25
N ILE Q 80 -20.09 30.71 12.32
CA ILE Q 80 -21.53 30.57 12.49
C ILE Q 80 -22.00 29.66 11.33
N PHE Q 81 -22.54 28.50 11.66
CA PHE Q 81 -22.99 27.53 10.67
C PHE Q 81 -24.52 27.44 10.60
N ASP Q 82 -25.04 26.70 9.61
CA ASP Q 82 -26.50 26.58 9.50
C ASP Q 82 -27.09 25.30 10.11
N GLU Q 83 -28.29 25.47 10.70
CA GLU Q 83 -28.95 24.41 11.43
C GLU Q 83 -30.42 24.18 11.14
N ASP Q 84 -30.74 22.92 10.81
CA ASP Q 84 -32.08 22.41 10.59
C ASP Q 84 -32.53 21.50 11.79
N HIS Q 85 -31.68 21.34 12.85
CA HIS Q 85 -32.01 20.53 14.02
C HIS Q 85 -32.30 21.35 15.31
N ASP Q 86 -33.20 20.81 16.14
CA ASP Q 86 -33.63 21.44 17.39
C ASP Q 86 -32.99 20.70 18.57
N GLU Q 87 -31.86 21.21 19.04
CA GLU Q 87 -31.18 20.59 20.14
C GLU Q 87 -30.54 21.58 21.09
N MET Q 88 -30.48 21.24 22.37
CA MET Q 88 -29.78 22.07 23.31
C MET Q 88 -28.26 21.84 23.15
N VAL Q 89 -27.48 22.94 23.12
CA VAL Q 89 -26.04 22.85 23.03
C VAL Q 89 -25.46 23.46 24.29
N ILE Q 90 -24.55 22.75 24.96
CA ILE Q 90 -23.91 23.21 26.15
C ILE Q 90 -22.39 23.07 26.05
N VAL Q 91 -21.64 24.08 26.50
CA VAL Q 91 -20.21 23.96 26.69
C VAL Q 91 -20.04 24.28 28.18
N LYS Q 92 -19.68 23.28 28.97
CA LYS Q 92 -19.57 23.43 30.41
C LYS Q 92 -18.13 23.27 30.89
N ASP Q 93 -17.88 23.64 32.17
CA ASP Q 93 -16.56 23.55 32.81
C ASP Q 93 -15.50 24.34 32.07
N ILE Q 94 -15.88 25.52 31.57
CA ILE Q 94 -14.91 26.38 30.91
C ILE Q 94 -14.15 27.10 32.03
N ASP Q 95 -12.86 26.84 32.16
CA ASP Q 95 -12.03 27.50 33.17
C ASP Q 95 -12.00 28.99 32.93
N MET Q 96 -12.25 29.75 33.99
CA MET Q 96 -12.36 31.19 33.91
C MET Q 96 -11.43 31.84 34.93
N PHE Q 97 -10.71 32.83 34.51
CA PHE Q 97 -9.78 33.57 35.37
C PHE Q 97 -10.03 35.04 35.15
N SER Q 98 -10.50 35.74 36.18
CA SER Q 98 -10.80 37.17 36.06
C SER Q 98 -10.11 37.97 37.18
N MET Q 99 -10.30 39.28 37.18
CA MET Q 99 -9.70 40.15 38.17
C MET Q 99 -10.81 40.99 38.80
N CYS Q 100 -10.87 41.02 40.12
CA CYS Q 100 -11.86 41.83 40.77
C CYS Q 100 -11.51 43.30 40.59
N GLU Q 101 -12.44 44.10 40.10
CA GLU Q 101 -12.17 45.51 39.86
C GLU Q 101 -12.09 46.35 41.16
N HIS Q 102 -12.57 45.84 42.27
CA HIS Q 102 -12.49 46.56 43.52
C HIS Q 102 -11.15 46.39 44.25
N HIS Q 103 -10.56 45.22 44.17
CA HIS Q 103 -9.31 44.97 44.88
C HIS Q 103 -8.09 44.61 44.02
N LEU Q 104 -8.30 44.42 42.71
CA LEU Q 104 -7.27 43.99 41.76
C LEU Q 104 -6.63 42.67 42.21
N VAL Q 105 -7.46 41.73 42.60
CA VAL Q 105 -7.07 40.40 43.07
C VAL Q 105 -7.90 39.38 42.25
N PRO Q 106 -7.32 38.26 41.80
CA PRO Q 106 -8.09 37.30 40.99
C PRO Q 106 -9.32 36.68 41.61
N PHE Q 107 -10.29 36.37 40.75
CA PHE Q 107 -11.45 35.54 41.06
C PHE Q 107 -11.48 34.52 39.94
N VAL Q 108 -11.53 33.23 40.31
CA VAL Q 108 -11.36 32.15 39.35
C VAL Q 108 -12.39 31.09 39.55
N GLY Q 109 -12.77 30.44 38.47
CA GLY Q 109 -13.74 29.35 38.54
C GLY Q 109 -14.08 28.75 37.19
N LYS Q 110 -15.37 28.50 36.98
CA LYS Q 110 -15.88 27.84 35.78
C LYS Q 110 -17.09 28.54 35.25
N VAL Q 111 -17.29 28.48 33.92
CA VAL Q 111 -18.46 29.02 33.24
C VAL Q 111 -19.15 27.86 32.51
N HIS Q 112 -20.48 27.76 32.63
CA HIS Q 112 -21.26 26.74 31.97
C HIS Q 112 -22.26 27.50 31.10
N ILE Q 113 -22.25 27.24 29.79
CA ILE Q 113 -23.10 27.95 28.86
C ILE Q 113 -23.99 26.99 28.12
N GLY Q 114 -25.24 27.36 27.96
CA GLY Q 114 -26.20 26.58 27.21
C GLY Q 114 -27.01 27.47 26.32
N TYR Q 115 -27.43 26.97 25.14
CA TYR Q 115 -28.28 27.73 24.25
C TYR Q 115 -29.11 26.82 23.37
N LEU Q 116 -30.18 27.38 22.79
CA LEU Q 116 -31.05 26.69 21.86
C LEU Q 116 -30.99 27.50 20.59
N PRO Q 117 -30.45 26.92 19.51
CA PRO Q 117 -30.33 27.70 18.26
C PRO Q 117 -31.65 27.93 17.57
N ASN Q 118 -31.66 28.95 16.72
CA ASN Q 118 -32.77 29.38 15.90
C ASN Q 118 -32.16 29.51 14.49
N LYS Q 119 -31.82 28.37 13.86
CA LYS Q 119 -31.23 28.32 12.51
C LYS Q 119 -29.79 28.88 12.39
N GLN Q 120 -29.07 29.07 13.51
CA GLN Q 120 -27.66 29.52 13.51
C GLN Q 120 -26.97 28.85 14.68
N VAL Q 121 -25.93 28.10 14.38
CA VAL Q 121 -25.16 27.38 15.36
C VAL Q 121 -23.76 27.95 15.41
N LEU Q 122 -23.31 28.28 16.61
CA LEU Q 122 -22.00 28.84 16.81
C LEU Q 122 -20.94 27.77 16.95
N GLY Q 123 -19.71 28.11 16.57
CA GLY Q 123 -18.62 27.20 16.71
C GLY Q 123 -18.38 27.01 18.19
N LEU Q 124 -18.33 25.77 18.63
CA LEU Q 124 -18.15 25.41 20.04
C LEU Q 124 -17.08 26.20 20.78
N SER Q 125 -15.91 26.31 20.18
CA SER Q 125 -14.80 27.03 20.79
C SER Q 125 -15.07 28.53 21.02
N LYS Q 126 -15.88 29.15 20.16
CA LYS Q 126 -16.19 30.55 20.31
C LYS Q 126 -16.93 30.88 21.61
N LEU Q 127 -17.65 29.91 22.17
CA LEU Q 127 -18.34 30.11 23.44
C LEU Q 127 -17.28 30.33 24.54
N ALA Q 128 -16.16 29.54 24.49
CA ALA Q 128 -15.03 29.73 25.40
C ALA Q 128 -14.26 31.03 25.11
N ARG Q 129 -14.12 31.43 23.84
CA ARG Q 129 -13.45 32.68 23.51
C ARG Q 129 -14.25 33.89 24.00
N ILE Q 130 -15.58 33.77 23.94
CA ILE Q 130 -16.46 34.83 24.43
C ILE Q 130 -16.20 34.99 25.95
N VAL Q 131 -16.05 33.85 26.68
CA VAL Q 131 -15.70 33.88 28.10
C VAL Q 131 -14.38 34.66 28.30
N GLU Q 132 -13.37 34.40 27.43
CA GLU Q 132 -12.08 35.08 27.47
C GLU Q 132 -12.15 36.60 27.25
N ILE Q 133 -13.00 37.08 26.31
CA ILE Q 133 -13.10 38.54 26.08
C ILE Q 133 -13.50 39.30 27.34
N TYR Q 134 -14.51 38.77 28.06
CA TYR Q 134 -15.04 39.48 29.20
C TYR Q 134 -14.35 39.16 30.49
N SER Q 135 -13.85 37.94 30.67
CA SER Q 135 -13.18 37.58 31.92
C SER Q 135 -11.81 38.20 32.04
N ARG Q 136 -11.12 38.42 30.92
CA ARG Q 136 -9.80 39.03 30.96
C ARG Q 136 -9.94 40.55 30.98
N ARG Q 137 -10.57 41.07 32.02
CA ARG Q 137 -10.85 42.48 32.25
C ARG Q 137 -10.97 42.69 33.77
N LEU Q 138 -11.06 43.94 34.21
CA LEU Q 138 -11.34 44.22 35.60
C LEU Q 138 -12.87 44.10 35.69
N GLN Q 139 -13.35 43.20 36.53
CA GLN Q 139 -14.76 42.90 36.57
C GLN Q 139 -15.40 42.70 37.93
N VAL Q 140 -16.71 42.48 37.84
CA VAL Q 140 -17.57 42.07 38.94
C VAL Q 140 -18.27 40.84 38.34
N GLN Q 141 -18.44 39.80 39.14
CA GLN Q 141 -19.03 38.57 38.63
C GLN Q 141 -20.37 38.72 37.90
N GLU Q 142 -21.25 39.55 38.42
CA GLU Q 142 -22.56 39.76 37.81
C GLU Q 142 -22.49 40.31 36.40
N ARG Q 143 -21.62 41.29 36.18
CA ARG Q 143 -21.46 41.91 34.88
C ARG Q 143 -20.91 40.90 33.89
N LEU Q 144 -19.87 40.13 34.30
CA LEU Q 144 -19.23 39.12 33.45
C LEU Q 144 -20.26 38.10 32.99
N THR Q 145 -21.09 37.58 33.90
CA THR Q 145 -22.15 36.62 33.58
C THR Q 145 -23.11 37.17 32.52
N LYS Q 146 -23.55 38.41 32.68
CA LYS Q 146 -24.50 39.06 31.79
C LYS Q 146 -23.88 39.35 30.41
N GLN Q 147 -22.62 39.83 30.36
CA GLN Q 147 -21.97 40.13 29.09
C GLN Q 147 -21.80 38.88 28.22
N ILE Q 148 -21.50 37.74 28.83
CA ILE Q 148 -21.35 36.47 28.11
C ILE Q 148 -22.70 36.07 27.51
N ALA Q 149 -23.82 36.18 28.24
CA ALA Q 149 -25.15 35.82 27.70
C ALA Q 149 -25.64 36.79 26.65
N VAL Q 150 -25.40 38.09 26.84
CA VAL Q 150 -25.80 39.10 25.87
C VAL Q 150 -25.03 38.96 24.56
N ALA Q 151 -23.71 38.69 24.63
CA ALA Q 151 -22.88 38.51 23.43
C ALA Q 151 -23.38 37.34 22.58
N ILE Q 152 -23.72 36.20 23.20
CA ILE Q 152 -24.23 35.03 22.47
C ILE Q 152 -25.60 35.33 21.87
N THR Q 153 -26.46 36.01 22.64
CA THR Q 153 -27.79 36.38 22.19
C THR Q 153 -27.72 37.29 20.95
N GLU Q 154 -26.85 38.31 20.98
CA GLU Q 154 -26.74 39.25 19.87
C GLU Q 154 -26.05 38.66 18.66
N ALA Q 155 -25.10 37.74 18.85
CA ALA Q 155 -24.39 37.13 17.73
C ALA Q 155 -25.22 36.11 16.99
N LEU Q 156 -26.00 35.30 17.73
CA LEU Q 156 -26.73 34.21 17.10
C LEU Q 156 -28.21 34.40 16.96
N ARG Q 157 -28.81 35.31 17.74
CA ARG Q 157 -30.27 35.48 17.83
C ARG Q 157 -30.98 34.13 18.10
N PRO Q 158 -30.54 33.38 19.14
CA PRO Q 158 -31.12 32.06 19.37
C PRO Q 158 -32.45 32.15 20.11
N ALA Q 159 -33.12 31.00 20.33
CA ALA Q 159 -34.33 30.98 21.10
C ALA Q 159 -34.06 31.43 22.56
N GLY Q 160 -32.86 31.15 23.08
CA GLY Q 160 -32.47 31.53 24.43
C GLY Q 160 -31.05 31.12 24.78
N VAL Q 161 -30.52 31.69 25.87
CA VAL Q 161 -29.18 31.40 26.37
C VAL Q 161 -29.22 31.33 27.90
N GLY Q 162 -28.44 30.45 28.47
CA GLY Q 162 -28.28 30.33 29.90
C GLY Q 162 -26.80 30.33 30.21
N VAL Q 163 -26.37 31.09 31.23
CA VAL Q 163 -24.96 31.16 31.64
C VAL Q 163 -24.88 31.02 33.16
N VAL Q 164 -24.05 30.11 33.66
CA VAL Q 164 -23.82 29.96 35.08
C VAL Q 164 -22.31 30.15 35.33
N VAL Q 165 -21.92 31.05 36.24
CA VAL Q 165 -20.53 31.25 36.60
C VAL Q 165 -20.38 30.87 38.08
N GLU Q 166 -19.41 29.99 38.40
CA GLU Q 166 -19.12 29.64 39.79
C GLU Q 166 -17.66 30.05 40.00
N ALA Q 167 -17.40 30.87 41.02
CA ALA Q 167 -16.05 31.36 41.22
C ALA Q 167 -15.68 31.54 42.67
N THR Q 168 -14.40 31.36 42.97
CA THR Q 168 -13.84 31.62 44.27
C THR Q 168 -13.22 33.01 44.11
N HIS Q 169 -13.56 33.89 45.03
CA HIS Q 169 -12.98 35.19 45.02
C HIS Q 169 -11.87 35.16 46.04
N MET Q 170 -10.64 35.39 45.60
CA MET Q 170 -9.48 35.41 46.53
C MET Q 170 -9.58 36.57 47.54
N CYS Q 171 -10.26 37.67 47.25
CA CYS Q 171 -10.45 38.73 48.20
C CYS Q 171 -11.35 38.32 49.36
N MET Q 172 -11.99 37.16 49.24
CA MET Q 172 -12.85 36.65 50.30
C MET Q 172 -12.19 35.48 51.03
N VAL Q 173 -11.11 34.94 50.48
CA VAL Q 173 -10.46 33.80 51.12
C VAL Q 173 -9.09 34.17 51.72
N MET Q 174 -8.24 34.92 51.00
CA MET Q 174 -6.91 35.35 51.44
C MET Q 174 -6.92 36.56 52.36
N ARG Q 175 -8.07 37.22 52.46
CA ARG Q 175 -8.22 38.44 53.22
C ARG Q 175 -9.71 38.72 53.45
N GLY Q 176 -9.99 39.91 53.96
CA GLY Q 176 -11.36 40.30 54.24
C GLY Q 176 -11.99 39.36 55.25
N VAL Q 177 -13.10 38.75 54.84
CA VAL Q 177 -13.86 37.82 55.67
C VAL Q 177 -13.15 36.51 55.91
N GLN Q 178 -12.24 36.18 55.01
CA GLN Q 178 -11.44 34.95 55.12
C GLN Q 178 -12.30 33.67 55.26
N LYS Q 179 -13.25 33.51 54.36
CA LYS Q 179 -14.13 32.35 54.36
C LYS Q 179 -13.61 31.40 53.29
N MET Q 180 -12.68 30.51 53.69
CA MET Q 180 -11.89 29.57 52.86
C MET Q 180 -12.69 28.82 51.80
N ASN Q 181 -13.89 28.35 52.15
CA ASN Q 181 -14.71 27.57 51.21
C ASN Q 181 -15.73 28.36 50.42
N SER Q 182 -15.89 29.66 50.68
CA SER Q 182 -16.95 30.43 50.02
C SER Q 182 -16.85 30.44 48.49
N LYS Q 183 -18.01 30.35 47.81
CA LYS Q 183 -18.05 30.37 46.36
C LYS Q 183 -19.21 31.24 45.93
N THR Q 184 -19.03 32.06 44.89
CA THR Q 184 -20.11 32.85 44.36
C THR Q 184 -20.64 32.20 43.09
N VAL Q 185 -21.96 32.01 43.00
CA VAL Q 185 -22.57 31.45 41.82
C VAL Q 185 -23.53 32.50 41.25
N THR Q 186 -23.35 32.89 39.99
CA THR Q 186 -24.23 33.84 39.33
C THR Q 186 -24.84 33.14 38.12
N SER Q 187 -26.05 33.52 37.78
CA SER Q 187 -26.79 32.89 36.72
C SER Q 187 -27.49 33.93 35.88
N THR Q 188 -27.50 33.78 34.54
CA THR Q 188 -28.25 34.66 33.65
C THR Q 188 -29.02 33.76 32.69
N MET Q 189 -30.33 33.95 32.60
CA MET Q 189 -31.20 33.14 31.73
C MET Q 189 -31.94 34.09 30.81
N LEU Q 190 -31.71 33.96 29.51
CA LEU Q 190 -32.32 34.82 28.51
C LEU Q 190 -33.22 34.04 27.56
N GLY Q 191 -34.20 34.71 26.95
CA GLY Q 191 -35.11 34.08 26.00
C GLY Q 191 -35.84 32.91 26.61
N VAL Q 192 -35.93 31.77 25.87
CA VAL Q 192 -36.60 30.56 26.40
C VAL Q 192 -35.99 30.04 27.68
N PHE Q 193 -34.72 30.36 27.97
CA PHE Q 193 -34.11 29.87 29.24
C PHE Q 193 -34.73 30.58 30.46
N ARG Q 194 -35.29 31.81 30.27
CA ARG Q 194 -36.03 32.51 31.30
C ARG Q 194 -37.51 32.12 31.24
N GLU Q 195 -38.11 32.16 30.04
CA GLU Q 195 -39.56 31.96 29.86
C GLU Q 195 -40.02 30.53 30.06
N ASP Q 196 -39.22 29.54 29.66
CA ASP Q 196 -39.60 28.15 29.81
C ASP Q 196 -38.77 27.49 30.91
N PRO Q 197 -39.39 27.20 32.07
CA PRO Q 197 -38.66 26.52 33.15
C PRO Q 197 -38.16 25.14 32.73
N LYS Q 198 -38.86 24.43 31.82
CA LYS Q 198 -38.43 23.11 31.37
C LYS Q 198 -37.09 23.16 30.64
N THR Q 199 -36.86 24.23 29.87
CA THR Q 199 -35.60 24.43 29.17
C THR Q 199 -34.49 24.69 30.18
N ARG Q 200 -34.76 25.56 31.15
CA ARG Q 200 -33.79 25.87 32.19
C ARG Q 200 -33.44 24.62 33.04
N GLU Q 201 -34.43 23.82 33.39
CA GLU Q 201 -34.23 22.59 34.16
C GLU Q 201 -33.37 21.57 33.40
N GLU Q 202 -33.59 21.43 32.08
CA GLU Q 202 -32.78 20.51 31.29
C GLU Q 202 -31.32 21.00 31.29
N PHE Q 203 -31.11 22.31 31.12
CA PHE Q 203 -29.79 22.94 31.14
C PHE Q 203 -29.09 22.67 32.49
N LEU Q 204 -29.74 22.99 33.63
CA LEU Q 204 -29.15 22.78 34.95
C LEU Q 204 -28.88 21.33 35.28
N THR Q 205 -29.71 20.41 34.76
CA THR Q 205 -29.48 18.98 34.97
C THR Q 205 -28.25 18.53 34.17
N LEU Q 206 -28.13 18.98 32.92
CA LEU Q 206 -27.04 18.56 32.05
C LEU Q 206 -25.68 19.17 32.39
N ILE Q 207 -25.63 20.26 33.18
CA ILE Q 207 -24.33 20.84 33.57
C ILE Q 207 -23.77 20.26 34.86
N ARG Q 208 -24.47 19.32 35.53
CA ARG Q 208 -23.95 18.72 36.76
C ARG Q 208 -22.77 17.79 36.50
N PRO R 17 -25.07 48.34 71.44
CA PRO R 17 -24.08 47.32 71.05
C PRO R 17 -22.90 47.28 72.01
N ARG R 18 -22.36 46.07 72.25
CA ARG R 18 -21.22 45.88 73.16
C ARG R 18 -19.99 46.60 72.61
N SER R 19 -19.24 47.26 73.49
CA SER R 19 -18.08 48.05 73.06
C SER R 19 -16.75 47.42 73.47
N GLU R 20 -15.63 47.91 72.92
CA GLU R 20 -14.32 47.41 73.31
C GLU R 20 -13.97 47.83 74.76
N GLU R 21 -14.57 48.93 75.27
CA GLU R 21 -14.39 49.39 76.65
C GLU R 21 -15.11 48.41 77.58
N ASP R 22 -16.32 47.96 77.20
CA ASP R 22 -17.10 46.96 77.95
C ASP R 22 -16.29 45.66 78.05
N ASN R 23 -15.62 45.27 76.95
CA ASN R 23 -14.80 44.07 76.92
C ASN R 23 -13.65 44.14 77.91
N GLU R 24 -12.95 45.28 77.96
CA GLU R 24 -11.82 45.47 78.87
C GLU R 24 -12.29 45.44 80.32
N LEU R 25 -13.42 46.08 80.61
CA LEU R 25 -13.96 46.16 81.96
C LEU R 25 -14.49 44.82 82.46
N ASN R 26 -15.09 44.03 81.57
CA ASN R 26 -15.67 42.74 81.96
C ASN R 26 -14.71 41.56 81.89
N LEU R 27 -13.54 41.73 81.25
CA LEU R 27 -12.56 40.66 81.14
C LEU R 27 -12.14 40.09 82.52
N PRO R 28 -11.81 40.90 83.55
CA PRO R 28 -11.46 40.31 84.85
C PRO R 28 -12.60 39.52 85.50
N ASN R 29 -13.85 39.95 85.31
CA ASN R 29 -15.02 39.26 85.85
C ASN R 29 -15.22 37.91 85.16
N LEU R 30 -14.99 37.86 83.84
CA LEU R 30 -15.09 36.62 83.06
C LEU R 30 -13.97 35.67 83.53
N ALA R 31 -12.74 36.18 83.70
CA ALA R 31 -11.61 35.36 84.14
C ALA R 31 -11.87 34.79 85.54
N ALA R 32 -12.48 35.58 86.45
CA ALA R 32 -12.79 35.11 87.79
C ALA R 32 -13.82 33.97 87.73
N ALA R 33 -14.81 34.10 86.85
CA ALA R 33 -15.82 33.05 86.66
C ALA R 33 -15.20 31.78 86.07
N TYR R 34 -14.29 31.91 85.08
CA TYR R 34 -13.62 30.74 84.49
C TYR R 34 -12.66 30.06 85.46
N SER R 35 -12.00 30.85 86.31
CA SER R 35 -11.11 30.31 87.32
C SER R 35 -11.92 29.50 88.34
N SER R 36 -13.12 29.99 88.71
CA SER R 36 -14.03 29.34 89.64
C SER R 36 -14.54 28.01 89.04
N ILE R 37 -14.82 28.00 87.72
CA ILE R 37 -15.25 26.79 87.00
C ILE R 37 -14.16 25.73 87.07
N LEU R 38 -12.90 26.12 86.90
CA LEU R 38 -11.77 25.19 86.99
C LEU R 38 -11.75 24.49 88.35
N SER R 39 -11.88 25.26 89.45
CA SER R 39 -11.91 24.72 90.81
C SER R 39 -13.12 23.83 91.01
N SER R 40 -14.30 24.25 90.54
CA SER R 40 -15.54 23.49 90.71
C SER R 40 -15.55 22.18 89.91
N LEU R 41 -14.69 22.05 88.89
CA LEU R 41 -14.59 20.79 88.14
C LEU R 41 -13.62 19.78 88.81
N GLY R 42 -12.95 20.18 89.89
CA GLY R 42 -11.97 19.34 90.56
C GLY R 42 -10.55 19.58 90.07
N GLU R 43 -10.34 20.55 89.16
CA GLU R 43 -9.02 20.85 88.64
C GLU R 43 -8.22 21.79 89.55
N ASN R 44 -6.90 21.91 89.28
CA ASN R 44 -5.99 22.76 90.01
C ASN R 44 -5.72 23.99 89.15
N PRO R 45 -6.27 25.17 89.49
CA PRO R 45 -6.03 26.36 88.64
C PRO R 45 -4.61 26.93 88.67
N GLN R 46 -3.79 26.46 89.62
CA GLN R 46 -2.41 26.93 89.72
C GLN R 46 -1.42 26.02 88.95
N ARG R 47 -1.87 24.84 88.42
CA ARG R 47 -0.98 24.01 87.62
C ARG R 47 -0.61 24.75 86.31
N GLN R 48 0.61 24.52 85.82
CA GLN R 48 1.18 25.19 84.64
C GLN R 48 0.22 25.35 83.47
N GLY R 49 -0.45 24.26 83.08
CA GLY R 49 -1.36 24.25 81.94
C GLY R 49 -2.62 25.08 82.11
N LEU R 50 -3.00 25.39 83.37
CA LEU R 50 -4.22 26.16 83.64
C LEU R 50 -4.03 27.59 84.13
N LEU R 51 -2.77 28.04 84.34
CA LEU R 51 -2.50 29.39 84.88
C LEU R 51 -3.13 30.54 84.07
N LYS R 52 -3.03 30.51 82.74
CA LYS R 52 -3.61 31.56 81.91
C LYS R 52 -5.01 31.27 81.39
N THR R 53 -5.49 30.05 81.61
CA THR R 53 -6.80 29.60 81.12
C THR R 53 -7.96 30.54 81.45
N PRO R 54 -8.10 31.11 82.68
CA PRO R 54 -9.25 32.01 82.93
C PRO R 54 -9.28 33.21 82.01
N TRP R 55 -8.11 33.72 81.60
CA TRP R 55 -8.00 34.87 80.69
C TRP R 55 -8.19 34.48 79.23
N ARG R 56 -7.60 33.36 78.83
CA ARG R 56 -7.73 32.88 77.47
C ARG R 56 -9.17 32.45 77.15
N ALA R 57 -9.80 31.75 78.08
CA ALA R 57 -11.16 31.30 77.89
C ALA R 57 -12.08 32.53 77.83
N ALA R 58 -11.83 33.53 78.69
CA ALA R 58 -12.62 34.78 78.70
C ALA R 58 -12.51 35.50 77.35
N SER R 59 -11.28 35.64 76.80
CA SER R 59 -11.04 36.29 75.50
C SER R 59 -11.69 35.52 74.37
N ALA R 60 -11.58 34.18 74.38
CA ALA R 60 -12.20 33.33 73.35
C ALA R 60 -13.73 33.50 73.38
N MET R 61 -14.34 33.50 74.56
CA MET R 61 -15.79 33.69 74.69
C MET R 61 -16.25 35.07 74.22
N GLN R 62 -15.40 36.10 74.42
CA GLN R 62 -15.68 37.46 73.93
C GLN R 62 -15.60 37.48 72.41
N PHE R 63 -14.68 36.73 71.81
CA PHE R 63 -14.54 36.66 70.36
C PHE R 63 -15.75 35.90 69.77
N PHE R 64 -16.16 34.78 70.41
CA PHE R 64 -17.32 33.99 69.97
C PHE R 64 -18.61 34.82 70.00
N THR R 65 -18.68 35.88 70.83
CA THR R 65 -19.84 36.74 70.95
C THR R 65 -19.60 38.18 70.41
N LYS R 66 -18.60 38.36 69.54
CA LYS R 66 -18.27 39.67 68.97
C LYS R 66 -19.35 40.27 68.09
N GLY R 67 -20.33 39.47 67.67
CA GLY R 67 -21.43 39.98 66.86
C GLY R 67 -22.33 40.92 67.63
N TYR R 68 -22.32 40.85 68.97
CA TYR R 68 -23.10 41.78 69.80
C TYR R 68 -22.48 43.21 69.70
N GLN R 69 -21.20 43.34 69.29
CA GLN R 69 -20.51 44.63 69.10
C GLN R 69 -20.81 45.27 67.72
N GLU R 70 -21.50 44.56 66.82
CA GLU R 70 -21.72 45.03 65.47
C GLU R 70 -23.16 45.39 65.13
N THR R 71 -23.32 46.25 64.14
CA THR R 71 -24.63 46.64 63.60
C THR R 71 -24.61 46.38 62.08
N ILE R 72 -25.77 46.11 61.47
CA ILE R 72 -25.88 45.88 60.04
C ILE R 72 -25.31 47.04 59.21
N SER R 73 -25.64 48.28 59.57
CA SER R 73 -25.17 49.46 58.85
C SER R 73 -23.65 49.54 58.77
N ASP R 74 -22.94 49.31 59.89
CA ASP R 74 -21.48 49.36 59.88
C ASP R 74 -20.89 48.26 59.03
N VAL R 75 -21.45 47.07 59.14
CA VAL R 75 -21.01 45.90 58.41
C VAL R 75 -21.21 46.05 56.90
N LEU R 76 -22.34 46.65 56.47
CA LEU R 76 -22.64 46.87 55.06
C LEU R 76 -21.63 47.80 54.42
N ASN R 77 -21.22 48.82 55.17
CA ASN R 77 -20.24 49.81 54.73
C ASN R 77 -20.49 50.37 53.35
N ASP R 78 -21.75 50.67 53.05
CA ASP R 78 -22.14 51.24 51.76
C ASP R 78 -21.67 50.44 50.54
N ALA R 79 -21.69 49.12 50.65
CA ALA R 79 -21.31 48.24 49.57
C ALA R 79 -22.61 47.79 48.94
N ILE R 80 -23.37 48.77 48.48
CA ILE R 80 -24.64 48.56 47.80
C ILE R 80 -24.53 49.21 46.43
N PHE R 81 -24.27 48.43 45.40
CA PHE R 81 -24.18 48.98 44.05
C PHE R 81 -25.58 49.16 43.45
N ASP R 86 -33.08 41.42 36.82
CA ASP R 86 -31.74 41.05 37.24
C ASP R 86 -31.67 39.55 37.46
N GLU R 87 -30.47 39.02 37.68
CA GLU R 87 -30.30 37.58 37.84
C GLU R 87 -29.92 37.07 39.23
N MET R 88 -30.04 35.77 39.41
CA MET R 88 -29.76 35.15 40.72
C MET R 88 -28.32 35.25 41.18
N VAL R 89 -28.10 35.70 42.44
CA VAL R 89 -26.77 35.81 43.00
C VAL R 89 -26.70 34.90 44.22
N ILE R 90 -25.67 34.05 44.29
CA ILE R 90 -25.52 33.13 45.40
C ILE R 90 -24.12 33.23 45.98
N VAL R 91 -24.01 33.20 47.32
CA VAL R 91 -22.74 33.02 48.00
C VAL R 91 -22.98 31.77 48.86
N LYS R 92 -22.34 30.66 48.50
CA LYS R 92 -22.53 29.40 49.18
C LYS R 92 -21.25 28.94 49.89
N ASP R 93 -21.39 27.91 50.75
CA ASP R 93 -20.29 27.33 51.51
C ASP R 93 -19.60 28.32 52.42
N ILE R 94 -20.36 29.25 53.00
CA ILE R 94 -19.81 30.20 53.95
C ILE R 94 -19.67 29.47 55.28
N ASP R 95 -18.42 29.28 55.76
CA ASP R 95 -18.16 28.65 57.04
C ASP R 95 -18.78 29.47 58.16
N MET R 96 -19.50 28.79 59.04
CA MET R 96 -20.26 29.43 60.10
C MET R 96 -19.90 28.78 61.43
N PHE R 97 -19.64 29.58 62.44
CA PHE R 97 -19.30 29.11 63.78
C PHE R 97 -20.16 29.88 64.77
N SER R 98 -21.08 29.18 65.42
CA SER R 98 -21.96 29.83 66.40
C SER R 98 -21.87 29.14 67.77
N MET R 99 -22.63 29.61 68.75
CA MET R 99 -22.61 29.04 70.09
C MET R 99 -24.03 28.77 70.50
N CYS R 100 -24.32 27.55 70.90
CA CYS R 100 -25.64 27.21 71.37
C CYS R 100 -25.92 28.01 72.64
N GLU R 101 -27.04 28.73 72.68
CA GLU R 101 -27.36 29.52 73.88
C GLU R 101 -27.89 28.66 75.02
N HIS R 102 -28.26 27.41 74.79
CA HIS R 102 -28.77 26.57 75.85
C HIS R 102 -27.69 25.81 76.62
N HIS R 103 -26.56 25.52 75.98
CA HIS R 103 -25.49 24.78 76.62
C HIS R 103 -24.12 25.45 76.58
N LEU R 104 -24.00 26.56 75.84
CA LEU R 104 -22.73 27.30 75.66
C LEU R 104 -21.66 26.42 75.05
N VAL R 105 -22.04 25.66 74.04
CA VAL R 105 -21.17 24.74 73.33
C VAL R 105 -21.33 25.09 71.82
N PRO R 106 -20.25 25.06 71.02
CA PRO R 106 -20.38 25.45 69.60
C PRO R 106 -21.30 24.59 68.72
N PHE R 107 -21.89 25.24 67.72
CA PHE R 107 -22.55 24.59 66.62
C PHE R 107 -21.94 25.21 65.37
N VAL R 108 -21.44 24.38 64.47
CA VAL R 108 -20.67 24.85 63.33
C VAL R 108 -21.14 24.21 62.05
N GLY R 109 -21.01 24.95 60.96
CA GLY R 109 -21.39 24.42 59.66
C GLY R 109 -21.20 25.40 58.55
N LYS R 110 -22.18 25.45 57.68
CA LYS R 110 -22.12 26.27 56.49
C LYS R 110 -23.43 26.97 56.22
N VAL R 111 -23.35 28.14 55.57
CA VAL R 111 -24.50 28.96 55.19
C VAL R 111 -24.46 29.16 53.68
N HIS R 112 -25.62 29.01 53.03
CA HIS R 112 -25.77 29.17 51.60
C HIS R 112 -26.85 30.23 51.40
N ILE R 113 -26.49 31.35 50.76
CA ILE R 113 -27.39 32.47 50.57
C ILE R 113 -27.63 32.75 49.10
N GLY R 114 -28.88 32.98 48.76
CA GLY R 114 -29.25 33.33 47.40
C GLY R 114 -30.22 34.50 47.43
N TYR R 115 -30.19 35.35 46.40
CA TYR R 115 -31.12 36.44 46.32
C TYR R 115 -31.30 36.90 44.89
N LEU R 116 -32.43 37.54 44.62
CA LEU R 116 -32.74 38.08 43.33
C LEU R 116 -32.80 39.60 43.52
N PRO R 117 -31.84 40.34 42.96
CA PRO R 117 -31.82 41.80 43.13
C PRO R 117 -33.05 42.52 42.58
N ASN R 118 -33.41 43.60 43.24
CA ASN R 118 -34.50 44.41 42.78
C ASN R 118 -33.81 45.67 42.30
N LYS R 119 -33.88 46.71 43.10
CA LYS R 119 -33.23 47.95 42.73
C LYS R 119 -31.87 48.10 43.42
N GLN R 120 -31.46 47.08 44.17
CA GLN R 120 -30.19 47.16 44.90
C GLN R 120 -29.39 45.84 44.95
N VAL R 121 -28.12 45.92 44.59
CA VAL R 121 -27.22 44.77 44.59
C VAL R 121 -26.30 44.91 45.81
N LEU R 122 -25.75 43.80 46.30
CA LEU R 122 -24.90 43.87 47.48
C LEU R 122 -23.50 43.32 47.30
N GLY R 123 -22.56 43.93 47.99
CA GLY R 123 -21.19 43.49 47.96
C GLY R 123 -21.09 42.04 48.40
N LEU R 124 -20.53 41.19 47.55
CA LEU R 124 -20.40 39.75 47.83
C LEU R 124 -19.92 39.39 49.21
N SER R 125 -18.87 40.05 49.68
CA SER R 125 -18.34 39.79 51.01
C SER R 125 -19.31 40.17 52.14
N LYS R 126 -20.17 41.14 51.92
CA LYS R 126 -21.10 41.54 52.95
C LYS R 126 -22.08 40.42 53.33
N LEU R 127 -22.41 39.54 52.39
CA LEU R 127 -23.28 38.42 52.68
C LEU R 127 -22.61 37.52 53.76
N ALA R 128 -21.27 37.32 53.65
CA ALA R 128 -20.53 36.56 54.65
C ALA R 128 -20.37 37.39 55.95
N ARG R 129 -20.25 38.70 55.84
CA ARG R 129 -20.16 39.53 57.03
C ARG R 129 -21.48 39.53 57.81
N ILE R 130 -22.60 39.48 57.11
CA ILE R 130 -23.92 39.40 57.73
C ILE R 130 -24.02 38.07 58.50
N VAL R 131 -23.46 36.96 57.94
CA VAL R 131 -23.41 35.68 58.64
C VAL R 131 -22.64 35.85 59.96
N GLU R 132 -21.48 36.55 59.91
CA GLU R 132 -20.67 36.84 61.09
C GLU R 132 -21.36 37.68 62.18
N ILE R 133 -22.17 38.72 61.83
CA ILE R 133 -22.87 39.53 62.84
C ILE R 133 -23.79 38.66 63.71
N TYR R 134 -24.55 37.77 63.07
CA TYR R 134 -25.51 36.97 63.79
C TYR R 134 -24.98 35.67 64.37
N SER R 135 -24.02 35.04 63.70
CA SER R 135 -23.50 33.76 64.18
C SER R 135 -22.61 33.95 65.40
N ARG R 136 -21.89 35.09 65.49
CA ARG R 136 -21.03 35.32 66.64
C ARG R 136 -21.86 35.92 67.80
N ARG R 137 -22.80 35.12 68.32
CA ARG R 137 -23.75 35.43 69.38
C ARG R 137 -24.21 34.09 70.00
N LEU R 138 -24.87 34.15 71.16
CA LEU R 138 -25.47 32.95 71.75
C LEU R 138 -26.75 32.78 70.95
N GLN R 139 -26.88 31.65 70.26
CA GLN R 139 -27.98 31.46 69.33
C GLN R 139 -28.73 30.14 69.30
N VAL R 140 -29.69 30.12 68.39
CA VAL R 140 -30.49 28.96 68.06
C VAL R 140 -30.50 29.01 66.53
N GLN R 141 -30.27 27.87 65.89
CA GLN R 141 -30.19 27.82 64.44
C GLN R 141 -31.34 28.48 63.68
N GLU R 142 -32.56 28.26 64.14
CA GLU R 142 -33.73 28.85 63.50
C GLU R 142 -33.68 30.37 63.51
N ARG R 143 -33.30 30.97 64.63
CA ARG R 143 -33.19 32.41 64.77
C ARG R 143 -32.09 32.95 63.86
N LEU R 144 -30.92 32.29 63.88
CA LEU R 144 -29.76 32.66 63.09
C LEU R 144 -30.12 32.74 61.60
N THR R 145 -30.78 31.70 61.08
CA THR R 145 -31.21 31.56 59.69
C THR R 145 -32.17 32.70 59.29
N LYS R 146 -33.14 33.00 60.14
CA LYS R 146 -34.12 34.04 59.90
C LYS R 146 -33.47 35.42 59.91
N GLN R 147 -32.57 35.68 60.88
CA GLN R 147 -31.90 36.97 61.01
C GLN R 147 -31.06 37.31 59.78
N ILE R 148 -30.33 36.34 59.22
CA ILE R 148 -29.54 36.56 58.01
C ILE R 148 -30.49 36.95 56.84
N ALA R 149 -31.58 36.21 56.63
CA ALA R 149 -32.53 36.49 55.55
C ALA R 149 -33.22 37.84 55.72
N VAL R 150 -33.64 38.19 56.96
CA VAL R 150 -34.28 39.46 57.24
C VAL R 150 -33.31 40.64 57.05
N ALA R 151 -32.04 40.50 57.47
CA ALA R 151 -31.05 41.55 57.30
C ALA R 151 -30.82 41.87 55.83
N ILE R 152 -30.71 40.84 54.96
CA ILE R 152 -30.53 41.04 53.52
C ILE R 152 -31.78 41.67 52.89
N THR R 153 -32.97 41.19 53.31
CA THR R 153 -34.23 41.73 52.83
C THR R 153 -34.38 43.23 53.17
N GLU R 154 -34.07 43.62 54.41
CA GLU R 154 -34.20 45.01 54.83
C GLU R 154 -33.12 45.93 54.25
N ALA R 155 -31.92 45.41 54.02
CA ALA R 155 -30.84 46.21 53.48
C ALA R 155 -30.98 46.46 51.98
N LEU R 156 -31.47 45.47 51.23
CA LEU R 156 -31.52 45.56 49.79
C LEU R 156 -32.87 45.73 49.19
N ARG R 157 -33.93 45.35 49.91
CA ARG R 157 -35.33 45.29 49.40
C ARG R 157 -35.37 44.52 48.05
N PRO R 158 -34.84 43.27 48.01
CA PRO R 158 -34.75 42.56 46.73
C PRO R 158 -36.06 41.88 46.35
N ALA R 159 -36.14 41.20 45.18
CA ALA R 159 -37.37 40.44 44.86
C ALA R 159 -37.55 39.30 45.90
N GLY R 160 -36.45 38.72 46.38
CA GLY R 160 -36.49 37.63 47.35
C GLY R 160 -35.13 37.19 47.84
N VAL R 161 -35.12 36.42 48.95
CA VAL R 161 -33.91 35.89 49.58
C VAL R 161 -34.16 34.46 50.05
N GLY R 162 -33.16 33.62 49.90
CA GLY R 162 -33.19 32.25 50.38
C GLY R 162 -31.94 32.01 51.20
N VAL R 163 -32.10 31.42 52.41
CA VAL R 163 -30.94 31.12 53.27
C VAL R 163 -31.05 29.67 53.74
N VAL R 164 -29.98 28.89 53.60
CA VAL R 164 -29.93 27.53 54.07
C VAL R 164 -28.73 27.44 55.03
N VAL R 165 -28.95 27.01 56.28
CA VAL R 165 -27.87 26.79 57.23
C VAL R 165 -27.83 25.29 57.52
N GLU R 166 -26.66 24.69 57.44
CA GLU R 166 -26.48 23.29 57.83
C GLU R 166 -25.39 23.27 58.89
N ALA R 167 -25.68 22.71 60.07
CA ALA R 167 -24.69 22.71 61.15
C ALA R 167 -24.70 21.44 61.94
N THR R 168 -23.54 21.11 62.51
CA THR R 168 -23.38 20.04 63.45
C THR R 168 -23.43 20.73 64.79
N HIS R 169 -24.29 20.25 65.66
CA HIS R 169 -24.35 20.80 66.98
C HIS R 169 -23.55 19.86 67.84
N MET R 170 -22.48 20.36 68.48
CA MET R 170 -21.64 19.57 69.38
C MET R 170 -22.40 19.08 70.63
N CYS R 171 -23.48 19.75 71.05
CA CYS R 171 -24.34 19.29 72.13
C CYS R 171 -25.11 17.99 71.78
N MET R 172 -25.24 17.65 70.49
CA MET R 172 -25.84 16.41 70.07
C MET R 172 -24.80 15.35 69.71
N VAL R 173 -23.51 15.70 69.68
CA VAL R 173 -22.44 14.79 69.27
C VAL R 173 -21.56 14.36 70.45
N MET R 174 -21.03 15.33 71.21
CA MET R 174 -20.12 15.14 72.34
C MET R 174 -20.83 14.79 73.64
N ARG R 175 -22.16 14.86 73.65
CA ARG R 175 -22.96 14.61 74.85
C ARG R 175 -24.40 14.42 74.45
N GLY R 176 -25.30 14.38 75.44
CA GLY R 176 -26.71 14.20 75.20
C GLY R 176 -27.00 12.92 74.44
N VAL R 177 -27.67 13.05 73.30
CA VAL R 177 -28.02 11.91 72.45
C VAL R 177 -26.82 11.23 71.82
N GLN R 178 -25.73 11.96 71.68
CA GLN R 178 -24.49 11.46 71.09
C GLN R 178 -24.70 10.80 69.72
N LYS R 179 -25.36 11.50 68.81
CA LYS R 179 -25.60 11.02 67.46
C LYS R 179 -24.51 11.70 66.60
N MET R 180 -23.37 11.00 66.43
CA MET R 180 -22.15 11.44 65.75
C MET R 180 -22.37 12.07 64.38
N ASN R 181 -23.29 11.52 63.58
CA ASN R 181 -23.51 12.04 62.22
C ASN R 181 -24.65 13.03 62.08
N SER R 182 -25.40 13.31 63.16
CA SER R 182 -26.58 14.18 63.06
C SER R 182 -26.26 15.59 62.60
N LYS R 183 -27.12 16.16 61.76
CA LYS R 183 -26.92 17.51 61.22
C LYS R 183 -28.26 18.21 61.23
N THR R 184 -28.27 19.50 61.58
CA THR R 184 -29.49 20.29 61.52
C THR R 184 -29.43 21.17 60.29
N VAL R 185 -30.51 21.14 59.48
CA VAL R 185 -30.62 21.96 58.30
C VAL R 185 -31.85 22.85 58.47
N THR R 186 -31.64 24.17 58.40
CA THR R 186 -32.71 25.16 58.49
C THR R 186 -32.72 25.98 57.20
N SER R 187 -33.91 26.37 56.80
CA SER R 187 -34.13 27.05 55.56
C SER R 187 -35.09 28.22 55.77
N THR R 188 -34.81 29.38 55.20
CA THR R 188 -35.72 30.52 55.24
C THR R 188 -35.86 31.03 53.80
N MET R 189 -37.10 31.13 53.30
CA MET R 189 -37.36 31.59 51.93
C MET R 189 -38.31 32.77 51.99
N LEU R 190 -37.86 33.95 51.55
CA LEU R 190 -38.65 35.18 51.60
C LEU R 190 -38.90 35.74 50.21
N GLY R 191 -39.95 36.55 50.05
CA GLY R 191 -40.27 37.15 48.76
C GLY R 191 -40.50 36.14 47.66
N VAL R 192 -39.89 36.32 46.48
CA VAL R 192 -40.05 35.36 45.38
C VAL R 192 -39.49 33.98 45.69
N PHE R 193 -38.55 33.87 46.65
CA PHE R 193 -38.01 32.55 47.02
C PHE R 193 -39.09 31.68 47.69
N ARG R 194 -40.09 32.33 48.35
CA ARG R 194 -41.23 31.62 48.93
C ARG R 194 -42.37 31.49 47.89
N GLU R 195 -42.71 32.60 47.21
CA GLU R 195 -43.85 32.63 46.29
C GLU R 195 -43.65 31.88 44.99
N ASP R 196 -42.45 31.91 44.45
CA ASP R 196 -42.17 31.24 43.19
C ASP R 196 -41.34 30.00 43.43
N PRO R 197 -41.93 28.81 43.31
CA PRO R 197 -41.16 27.57 43.49
C PRO R 197 -40.05 27.43 42.48
N LYS R 198 -40.19 28.00 41.25
CA LYS R 198 -39.15 27.90 40.22
C LYS R 198 -37.87 28.60 40.66
N THR R 199 -37.99 29.76 41.33
CA THR R 199 -36.84 30.52 41.84
C THR R 199 -36.17 29.71 42.95
N ARG R 200 -36.96 29.16 43.89
CA ARG R 200 -36.42 28.37 44.98
C ARG R 200 -35.71 27.10 44.46
N GLU R 201 -36.29 26.44 43.45
CA GLU R 201 -35.68 25.25 42.85
C GLU R 201 -34.35 25.55 42.18
N GLU R 202 -34.26 26.71 41.50
CA GLU R 202 -32.99 27.09 40.87
C GLU R 202 -31.92 27.31 41.94
N PHE R 203 -32.29 27.97 43.04
CA PHE R 203 -31.41 28.23 44.17
C PHE R 203 -30.90 26.90 44.77
N LEU R 204 -31.81 25.97 45.08
CA LEU R 204 -31.40 24.69 45.67
C LEU R 204 -30.57 23.84 44.72
N THR R 205 -30.82 23.91 43.41
CA THR R 205 -30.01 23.17 42.44
C THR R 205 -28.59 23.77 42.37
N LEU R 206 -28.48 25.10 42.39
CA LEU R 206 -27.18 25.76 42.26
C LEU R 206 -26.30 25.71 43.51
N ILE R 207 -26.88 25.43 44.69
CA ILE R 207 -26.06 25.33 45.90
C ILE R 207 -25.52 23.91 46.16
N ARG R 208 -25.85 22.93 45.32
CA ARG R 208 -25.33 21.56 45.51
C ARG R 208 -23.82 21.48 45.28
N SER S 19 -39.59 -0.90 83.76
CA SER S 19 -38.86 -0.20 84.80
C SER S 19 -37.49 -0.82 85.08
N GLU S 20 -36.63 -0.10 85.82
CA GLU S 20 -35.32 -0.62 86.20
C GLU S 20 -35.47 -1.78 87.22
N GLU S 21 -36.58 -1.83 87.99
CA GLU S 21 -36.87 -2.91 88.93
C GLU S 21 -37.21 -4.17 88.13
N ASP S 22 -38.01 -4.02 87.04
CA ASP S 22 -38.37 -5.11 86.13
C ASP S 22 -37.10 -5.70 85.53
N ASN S 23 -36.15 -4.84 85.15
CA ASN S 23 -34.89 -5.26 84.56
C ASN S 23 -34.09 -6.14 85.52
N GLU S 24 -33.99 -5.71 86.80
CA GLU S 24 -33.26 -6.48 87.81
C GLU S 24 -33.91 -7.83 88.08
N LEU S 25 -35.24 -7.85 88.14
CA LEU S 25 -35.99 -9.07 88.40
C LEU S 25 -35.93 -10.08 87.25
N ASN S 26 -35.95 -9.56 86.02
CA ASN S 26 -35.93 -10.43 84.84
C ASN S 26 -34.56 -10.81 84.33
N LEU S 27 -33.50 -10.11 84.78
CA LEU S 27 -32.15 -10.41 84.36
C LEU S 27 -31.75 -11.89 84.57
N PRO S 28 -32.00 -12.52 85.75
CA PRO S 28 -31.64 -13.95 85.89
C PRO S 28 -32.39 -14.88 84.94
N ASN S 29 -33.66 -14.56 84.62
CA ASN S 29 -34.46 -15.35 83.69
C ASN S 29 -33.91 -15.24 82.26
N LEU S 30 -33.46 -14.03 81.87
CA LEU S 30 -32.87 -13.80 80.56
C LEU S 30 -31.55 -14.56 80.48
N ALA S 31 -30.71 -14.48 81.54
CA ALA S 31 -29.43 -15.16 81.57
C ALA S 31 -29.62 -16.69 81.49
N ALA S 32 -30.65 -17.24 82.15
CA ALA S 32 -30.91 -18.67 82.10
C ALA S 32 -31.29 -19.07 80.68
N ALA S 33 -32.09 -18.27 80.00
CA ALA S 33 -32.49 -18.53 78.63
C ALA S 33 -31.28 -18.43 77.66
N TYR S 34 -30.38 -17.45 77.85
CA TYR S 34 -29.18 -17.34 77.01
C TYR S 34 -28.19 -18.48 77.25
N SER S 35 -28.08 -18.96 78.50
CA SER S 35 -27.22 -20.09 78.84
C SER S 35 -27.75 -21.35 78.16
N SER S 36 -29.08 -21.52 78.16
CA SER S 36 -29.75 -22.64 77.51
C SER S 36 -29.51 -22.59 75.97
N ILE S 37 -29.52 -21.39 75.38
CA ILE S 37 -29.24 -21.22 73.94
C ILE S 37 -27.83 -21.70 73.61
N LEU S 38 -26.84 -21.34 74.46
CA LEU S 38 -25.45 -21.77 74.29
C LEU S 38 -25.33 -23.30 74.25
N SER S 39 -26.00 -23.99 75.19
CA SER S 39 -26.01 -25.45 75.24
C SER S 39 -26.74 -26.05 74.03
N SER S 40 -27.89 -25.47 73.63
CA SER S 40 -28.67 -25.98 72.51
C SER S 40 -27.98 -25.80 71.16
N LEU S 41 -27.02 -24.87 71.07
CA LEU S 41 -26.25 -24.67 69.83
C LEU S 41 -25.06 -25.64 69.72
N GLY S 42 -24.80 -26.43 70.76
CA GLY S 42 -23.66 -27.34 70.78
C GLY S 42 -22.43 -26.74 71.45
N GLU S 43 -22.55 -25.51 71.99
CA GLU S 43 -21.44 -24.86 72.67
C GLU S 43 -21.28 -25.29 74.12
N ASN S 44 -20.12 -24.95 74.72
CA ASN S 44 -19.82 -25.27 76.10
C ASN S 44 -19.95 -24.00 76.95
N PRO S 45 -21.05 -23.83 77.71
CA PRO S 45 -21.18 -22.61 78.52
C PRO S 45 -20.12 -22.45 79.62
N GLN S 46 -19.33 -23.51 79.88
CA GLN S 46 -18.31 -23.47 80.91
C GLN S 46 -16.95 -22.99 80.42
N ARG S 47 -16.72 -22.92 79.09
CA ARG S 47 -15.45 -22.44 78.58
C ARG S 47 -15.26 -20.94 78.90
N GLN S 48 -14.02 -20.51 79.12
CA GLN S 48 -13.68 -19.14 79.53
C GLN S 48 -14.41 -18.03 78.76
N GLY S 49 -14.44 -18.14 77.44
CA GLY S 49 -15.08 -17.14 76.60
C GLY S 49 -16.59 -17.03 76.74
N LEU S 50 -17.24 -18.06 77.30
CA LEU S 50 -18.69 -18.07 77.44
C LEU S 50 -19.23 -17.95 78.86
N LEU S 51 -18.36 -17.98 79.89
CA LEU S 51 -18.80 -17.97 81.29
C LEU S 51 -19.75 -16.81 81.66
N LYS S 52 -19.44 -15.60 81.21
CA LYS S 52 -20.27 -14.45 81.52
C LYS S 52 -21.28 -14.08 80.44
N THR S 53 -21.26 -14.79 79.32
CA THR S 53 -22.13 -14.53 78.18
C THR S 53 -23.63 -14.50 78.52
N PRO S 54 -24.20 -15.44 79.31
CA PRO S 54 -25.65 -15.34 79.61
C PRO S 54 -26.07 -13.99 80.21
N TRP S 55 -25.21 -13.38 81.03
CA TRP S 55 -25.46 -12.09 81.69
C TRP S 55 -25.20 -10.92 80.77
N ARG S 56 -24.15 -10.99 79.98
CA ARG S 56 -23.82 -9.90 79.07
C ARG S 56 -24.82 -9.81 77.91
N ALA S 57 -25.21 -10.96 77.38
CA ALA S 57 -26.19 -11.01 76.30
C ALA S 57 -27.53 -10.51 76.84
N ALA S 58 -27.90 -10.89 78.08
CA ALA S 58 -29.14 -10.43 78.71
C ALA S 58 -29.16 -8.92 78.87
N SER S 59 -28.05 -8.32 79.38
CA SER S 59 -27.92 -6.86 79.55
C SER S 59 -27.97 -6.13 78.22
N ALA S 60 -27.29 -6.67 77.19
CA ALA S 60 -27.29 -6.08 75.86
C ALA S 60 -28.71 -6.05 75.30
N MET S 61 -29.48 -7.16 75.44
CA MET S 61 -30.85 -7.25 74.95
C MET S 61 -31.77 -6.28 75.68
N GLN S 62 -31.55 -6.06 76.98
CA GLN S 62 -32.32 -5.07 77.74
C GLN S 62 -32.01 -3.67 77.22
N PHE S 63 -30.72 -3.38 76.86
CA PHE S 63 -30.34 -2.07 76.34
C PHE S 63 -30.97 -1.86 74.96
N PHE S 64 -30.97 -2.91 74.10
CA PHE S 64 -31.59 -2.89 72.76
C PHE S 64 -33.08 -2.64 72.82
N THR S 65 -33.75 -3.00 73.94
CA THR S 65 -35.17 -2.77 74.16
C THR S 65 -35.48 -1.72 75.24
N LYS S 66 -34.52 -0.76 75.50
CA LYS S 66 -34.72 0.29 76.53
C LYS S 66 -35.82 1.31 76.20
N GLY S 67 -36.26 1.38 74.96
CA GLY S 67 -37.34 2.28 74.56
C GLY S 67 -38.68 1.93 75.21
N TYR S 68 -38.85 0.66 75.62
CA TYR S 68 -40.05 0.23 76.36
C TYR S 68 -40.09 0.89 77.78
N GLN S 69 -38.93 1.34 78.29
CA GLN S 69 -38.84 2.00 79.59
C GLN S 69 -39.21 3.50 79.53
N GLU S 70 -39.39 4.07 78.32
CA GLU S 70 -39.60 5.50 78.12
C GLU S 70 -41.01 5.89 77.66
N THR S 71 -41.37 7.14 77.88
CA THR S 71 -42.62 7.73 77.41
C THR S 71 -42.28 9.01 76.63
N ILE S 72 -43.10 9.42 75.64
CA ILE S 72 -42.87 10.65 74.88
C ILE S 72 -42.76 11.87 75.78
N SER S 73 -43.64 11.99 76.78
CA SER S 73 -43.65 13.12 77.70
C SER S 73 -42.31 13.31 78.42
N ASP S 74 -41.73 12.23 78.96
CA ASP S 74 -40.46 12.32 79.68
C ASP S 74 -39.33 12.69 78.73
N VAL S 75 -39.34 12.10 77.54
CA VAL S 75 -38.34 12.34 76.52
C VAL S 75 -38.35 13.79 76.03
N LEU S 76 -39.55 14.37 75.82
CA LEU S 76 -39.69 15.75 75.37
C LEU S 76 -39.12 16.73 76.38
N ASN S 77 -39.35 16.41 77.65
CA ASN S 77 -38.90 17.18 78.80
C ASN S 77 -39.19 18.67 78.72
N ASP S 78 -40.37 19.01 78.21
CA ASP S 78 -40.85 20.38 78.03
C ASP S 78 -39.97 21.25 77.14
N ALA S 79 -39.22 20.67 76.20
CA ALA S 79 -38.35 21.41 75.32
C ALA S 79 -39.09 21.86 74.08
N ILE S 80 -40.17 22.58 74.31
CA ILE S 80 -41.01 23.13 73.26
C ILE S 80 -40.96 24.64 73.43
N PHE S 81 -40.42 25.33 72.43
CA PHE S 81 -40.23 26.78 72.46
C PHE S 81 -41.17 27.58 71.57
N ASP S 82 -41.65 28.71 72.06
CA ASP S 82 -42.58 29.54 71.29
C ASP S 82 -41.76 30.52 70.49
N GLU S 83 -41.77 30.33 69.18
CA GLU S 83 -41.03 31.20 68.29
C GLU S 83 -41.91 31.62 67.11
N ASP S 84 -41.59 32.78 66.53
CA ASP S 84 -42.32 33.27 65.35
C ASP S 84 -41.77 32.54 64.09
N HIS S 85 -41.33 31.27 64.24
CA HIS S 85 -40.74 30.47 63.17
C HIS S 85 -41.77 29.70 62.39
N ASP S 86 -41.79 29.95 61.08
CA ASP S 86 -42.68 29.28 60.15
C ASP S 86 -41.89 28.77 58.93
N GLU S 87 -40.60 28.38 59.14
CA GLU S 87 -39.67 27.87 58.14
C GLU S 87 -39.27 26.39 58.40
N MET S 88 -38.73 25.70 57.39
CA MET S 88 -38.39 24.28 57.51
C MET S 88 -37.23 23.96 58.44
N VAL S 89 -37.45 22.97 59.32
CA VAL S 89 -36.44 22.52 60.27
C VAL S 89 -36.20 21.03 60.00
N ILE S 90 -34.94 20.66 59.84
CA ILE S 90 -34.57 19.28 59.56
C ILE S 90 -33.46 18.82 60.47
N VAL S 91 -33.56 17.59 60.98
CA VAL S 91 -32.47 16.93 61.68
C VAL S 91 -32.28 15.63 60.88
N LYS S 92 -31.17 15.56 60.14
CA LYS S 92 -30.89 14.42 59.30
C LYS S 92 -29.66 13.61 59.81
N ASP S 93 -29.46 12.43 59.21
CA ASP S 93 -28.37 11.50 59.51
C ASP S 93 -28.35 11.08 60.97
N ILE S 94 -29.53 10.86 61.54
CA ILE S 94 -29.62 10.40 62.91
C ILE S 94 -29.37 8.91 62.87
N ASP S 95 -28.27 8.44 63.48
CA ASP S 95 -27.96 7.02 63.54
C ASP S 95 -29.04 6.29 64.30
N MET S 96 -29.52 5.20 63.73
CA MET S 96 -30.63 4.45 64.28
C MET S 96 -30.23 2.98 64.39
N PHE S 97 -30.51 2.35 65.52
CA PHE S 97 -30.21 0.94 65.75
C PHE S 97 -31.47 0.30 66.32
N SER S 98 -32.10 -0.60 65.57
CA SER S 98 -33.30 -1.26 66.01
C SER S 98 -33.16 -2.80 65.97
N MET S 99 -34.20 -3.52 66.34
CA MET S 99 -34.17 -4.97 66.37
C MET S 99 -35.37 -5.48 65.60
N CYS S 100 -35.15 -6.34 64.63
CA CYS S 100 -36.26 -6.89 63.89
C CYS S 100 -37.08 -7.78 64.82
N GLU S 101 -38.40 -7.58 64.87
CA GLU S 101 -39.26 -8.39 65.75
C GLU S 101 -39.50 -9.79 65.24
N HIS S 102 -39.22 -10.06 63.97
CA HIS S 102 -39.45 -11.36 63.42
C HIS S 102 -38.29 -12.32 63.61
N HIS S 103 -37.06 -11.80 63.63
CA HIS S 103 -35.89 -12.65 63.78
C HIS S 103 -35.00 -12.36 64.99
N LEU S 104 -35.26 -11.26 65.71
CA LEU S 104 -34.45 -10.79 66.84
C LEU S 104 -33.00 -10.53 66.39
N VAL S 105 -32.83 -9.91 65.22
CA VAL S 105 -31.53 -9.57 64.64
C VAL S 105 -31.58 -8.05 64.33
N PRO S 106 -30.48 -7.32 64.57
CA PRO S 106 -30.52 -5.85 64.33
C PRO S 106 -30.79 -5.39 62.90
N PHE S 107 -31.41 -4.21 62.80
CA PHE S 107 -31.55 -3.48 61.55
C PHE S 107 -31.09 -2.05 61.91
N VAL S 108 -30.15 -1.52 61.14
CA VAL S 108 -29.48 -0.28 61.49
C VAL S 108 -29.39 0.65 60.30
N GLY S 109 -29.39 1.95 60.57
CA GLY S 109 -29.26 2.92 59.50
C GLY S 109 -29.39 4.35 60.00
N LYS S 110 -30.14 5.18 59.26
CA LYS S 110 -30.28 6.60 59.53
C LYS S 110 -31.73 7.03 59.40
N VAL S 111 -32.10 8.05 60.18
CA VAL S 111 -33.42 8.67 60.14
C VAL S 111 -33.22 10.15 59.78
N HIS S 112 -34.06 10.65 58.86
CA HIS S 112 -34.02 12.05 58.45
C HIS S 112 -35.42 12.60 58.75
N ILE S 113 -35.49 13.64 59.56
CA ILE S 113 -36.76 14.23 59.97
C ILE S 113 -36.86 15.68 59.55
N GLY S 114 -38.01 16.06 59.02
CA GLY S 114 -38.27 17.43 58.65
C GLY S 114 -39.64 17.85 59.14
N TYR S 115 -39.81 19.12 59.48
CA TYR S 115 -41.13 19.62 59.88
C TYR S 115 -41.24 21.10 59.65
N LEU S 116 -42.48 21.56 59.54
CA LEU S 116 -42.77 22.97 59.36
C LEU S 116 -43.51 23.37 60.62
N PRO S 117 -42.89 24.16 61.50
CA PRO S 117 -43.58 24.56 62.75
C PRO S 117 -44.84 25.40 62.55
N ASN S 118 -45.66 25.42 63.61
CA ASN S 118 -46.89 26.18 63.67
C ASN S 118 -46.90 26.82 65.04
N LYS S 119 -46.08 27.86 65.22
CA LYS S 119 -45.96 28.56 66.51
C LYS S 119 -45.02 27.83 67.49
N GLN S 120 -45.09 26.49 67.58
CA GLN S 120 -44.26 25.70 68.49
C GLN S 120 -43.07 25.01 67.80
N VAL S 121 -41.88 25.17 68.35
CA VAL S 121 -40.72 24.50 67.80
C VAL S 121 -40.09 23.58 68.84
N LEU S 122 -39.78 22.37 68.43
CA LEU S 122 -39.20 21.38 69.31
C LEU S 122 -37.70 21.53 69.49
N GLY S 123 -37.21 21.09 70.63
CA GLY S 123 -35.79 21.12 70.88
C GLY S 123 -35.13 20.14 69.92
N LEU S 124 -34.09 20.58 69.21
CA LEU S 124 -33.39 19.77 68.22
C LEU S 124 -33.07 18.34 68.61
N SER S 125 -32.49 18.16 69.79
CA SER S 125 -32.14 16.82 70.27
C SER S 125 -33.33 15.89 70.53
N LYS S 126 -34.48 16.46 70.85
CA LYS S 126 -35.67 15.69 71.10
C LYS S 126 -36.11 14.91 69.87
N LEU S 127 -35.80 15.41 68.68
CA LEU S 127 -36.14 14.68 67.46
C LEU S 127 -35.32 13.38 67.43
N ALA S 128 -34.03 13.42 67.84
CA ALA S 128 -33.21 12.22 67.93
C ALA S 128 -33.64 11.35 69.12
N ARG S 129 -34.10 11.97 70.21
CA ARG S 129 -34.59 11.21 71.37
C ARG S 129 -35.89 10.46 71.03
N ILE S 130 -36.70 11.04 70.16
CA ILE S 130 -37.93 10.40 69.69
C ILE S 130 -37.55 9.17 68.86
N VAL S 131 -36.50 9.26 68.03
CA VAL S 131 -35.99 8.13 67.25
C VAL S 131 -35.58 7.00 68.21
N GLU S 132 -34.89 7.35 69.32
CA GLU S 132 -34.48 6.40 70.36
C GLU S 132 -35.63 5.68 71.07
N ILE S 133 -36.74 6.38 71.43
CA ILE S 133 -37.87 5.70 72.09
C ILE S 133 -38.38 4.52 71.27
N TYR S 134 -38.62 4.75 69.96
CA TYR S 134 -39.24 3.76 69.13
C TYR S 134 -38.27 2.78 68.51
N SER S 135 -37.01 3.18 68.26
CA SER S 135 -36.05 2.27 67.65
C SER S 135 -35.53 1.25 68.64
N ARG S 136 -35.41 1.62 69.92
CA ARG S 136 -34.92 0.71 70.94
C ARG S 136 -36.07 -0.19 71.43
N ARG S 137 -36.67 -0.95 70.52
CA ARG S 137 -37.79 -1.86 70.75
C ARG S 137 -37.70 -2.96 69.67
N LEU S 138 -38.52 -4.00 69.78
CA LEU S 138 -38.60 -5.02 68.74
C LEU S 138 -39.55 -4.39 67.71
N GLN S 139 -39.09 -4.26 66.47
CA GLN S 139 -39.87 -3.53 65.48
C GLN S 139 -39.93 -4.02 64.06
N VAL S 140 -40.63 -3.23 63.27
CA VAL S 140 -40.76 -3.37 61.84
C VAL S 140 -40.53 -1.94 61.35
N GLN S 141 -39.74 -1.78 60.30
CA GLN S 141 -39.39 -0.47 59.81
C GLN S 141 -40.57 0.47 59.55
N GLU S 142 -41.63 -0.04 58.95
CA GLU S 142 -42.81 0.74 58.65
C GLU S 142 -43.48 1.35 59.88
N ARG S 143 -43.61 0.55 60.93
CA ARG S 143 -44.23 1.02 62.16
C ARG S 143 -43.33 2.07 62.80
N LEU S 144 -42.01 1.79 62.87
CA LEU S 144 -41.04 2.71 63.43
C LEU S 144 -41.11 4.11 62.77
N THR S 145 -41.15 4.16 61.41
CA THR S 145 -41.25 5.39 60.62
C THR S 145 -42.54 6.20 60.97
N LYS S 146 -43.67 5.49 61.06
CA LYS S 146 -44.94 6.11 61.38
C LYS S 146 -44.96 6.66 62.82
N GLN S 147 -44.40 5.91 63.79
CA GLN S 147 -44.43 6.30 65.21
C GLN S 147 -43.64 7.58 65.44
N ILE S 148 -42.49 7.74 64.78
CA ILE S 148 -41.69 8.95 64.89
C ILE S 148 -42.49 10.16 64.35
N ALA S 149 -43.09 10.02 63.15
CA ALA S 149 -43.88 11.11 62.54
C ALA S 149 -45.12 11.47 63.39
N VAL S 150 -45.81 10.47 63.93
CA VAL S 150 -47.02 10.70 64.73
C VAL S 150 -46.65 11.36 66.06
N ALA S 151 -45.56 10.93 66.70
CA ALA S 151 -45.12 11.53 67.97
C ALA S 151 -44.78 13.04 67.81
N ILE S 152 -44.11 13.40 66.72
CA ILE S 152 -43.79 14.82 66.46
C ILE S 152 -45.06 15.60 66.15
N THR S 153 -45.97 15.02 65.36
CA THR S 153 -47.23 15.65 65.02
C THR S 153 -48.07 15.94 66.25
N GLU S 154 -48.17 14.97 67.16
CA GLU S 154 -48.99 15.13 68.36
C GLU S 154 -48.36 16.04 69.40
N ALA S 155 -47.02 16.04 69.49
CA ALA S 155 -46.33 16.87 70.47
C ALA S 155 -46.31 18.35 70.07
N LEU S 156 -46.18 18.64 68.76
CA LEU S 156 -46.04 20.01 68.29
C LEU S 156 -47.22 20.59 67.58
N ARG S 157 -48.10 19.76 67.02
CA ARG S 157 -49.21 20.20 66.14
C ARG S 157 -48.68 21.12 65.01
N PRO S 158 -47.65 20.68 64.25
CA PRO S 158 -47.07 21.56 63.24
C PRO S 158 -47.89 21.57 61.96
N ALA S 159 -47.47 22.36 60.95
CA ALA S 159 -48.15 22.35 59.66
C ALA S 159 -47.95 20.98 58.95
N GLY S 160 -46.83 20.31 59.21
CA GLY S 160 -46.55 19.01 58.64
C GLY S 160 -45.25 18.41 59.12
N VAL S 161 -45.07 17.09 58.89
CA VAL S 161 -43.87 16.33 59.28
C VAL S 161 -43.53 15.35 58.15
N GLY S 162 -42.24 15.17 57.89
CA GLY S 162 -41.73 14.19 56.95
C GLY S 162 -40.66 13.37 57.65
N VAL S 163 -40.73 12.02 57.53
CA VAL S 163 -39.75 11.13 58.14
C VAL S 163 -39.28 10.13 57.07
N VAL S 164 -37.97 9.98 56.92
CA VAL S 164 -37.40 9.02 56.00
C VAL S 164 -36.45 8.13 56.83
N VAL S 165 -36.64 6.80 56.78
CA VAL S 165 -35.76 5.86 57.47
C VAL S 165 -35.08 5.00 56.41
N GLU S 166 -33.75 4.91 56.45
CA GLU S 166 -32.99 4.07 55.54
C GLU S 166 -32.23 3.10 56.43
N ALA S 167 -32.37 1.79 56.19
CA ALA S 167 -31.72 0.83 57.04
C ALA S 167 -31.27 -0.41 56.31
N THR S 168 -30.20 -1.01 56.82
CA THR S 168 -29.71 -2.30 56.39
C THR S 168 -30.32 -3.29 57.39
N HIS S 169 -31.01 -4.29 56.88
CA HIS S 169 -31.55 -5.33 57.71
C HIS S 169 -30.58 -6.51 57.68
N MET S 170 -29.93 -6.80 58.81
CA MET S 170 -28.98 -7.92 58.88
C MET S 170 -29.64 -9.27 58.54
N CYS S 171 -30.95 -9.42 58.73
CA CYS S 171 -31.69 -10.60 58.32
C CYS S 171 -31.70 -10.79 56.79
N MET S 172 -31.46 -9.75 56.00
CA MET S 172 -31.37 -9.87 54.56
C MET S 172 -29.93 -9.95 54.05
N VAL S 173 -28.92 -9.74 54.92
CA VAL S 173 -27.51 -9.72 54.52
C VAL S 173 -26.76 -10.93 55.06
N MET S 174 -26.86 -11.22 56.38
CA MET S 174 -26.17 -12.33 57.06
C MET S 174 -26.84 -13.69 56.87
N ARG S 175 -28.06 -13.70 56.35
CA ARG S 175 -28.87 -14.89 56.19
C ARG S 175 -30.00 -14.63 55.19
N GLY S 176 -30.88 -15.62 55.02
CA GLY S 176 -32.00 -15.54 54.10
C GLY S 176 -31.57 -15.34 52.67
N VAL S 177 -32.04 -14.26 52.07
CA VAL S 177 -31.68 -13.90 50.69
C VAL S 177 -30.22 -13.55 50.52
N GLN S 178 -29.54 -13.09 51.60
CA GLN S 178 -28.12 -12.73 51.57
C GLN S 178 -27.78 -11.75 50.45
N LYS S 179 -28.53 -10.63 50.38
CA LYS S 179 -28.29 -9.56 49.41
C LYS S 179 -27.49 -8.50 50.18
N MET S 180 -26.16 -8.60 50.10
CA MET S 180 -25.16 -7.79 50.79
C MET S 180 -25.43 -6.27 50.80
N ASN S 181 -25.82 -5.72 49.66
CA ASN S 181 -26.02 -4.28 49.51
C ASN S 181 -27.45 -3.80 49.71
N SER S 182 -28.42 -4.70 49.91
CA SER S 182 -29.83 -4.29 50.01
C SER S 182 -30.08 -3.31 51.16
N LYS S 183 -30.96 -2.33 50.92
CA LYS S 183 -31.32 -1.32 51.90
C LYS S 183 -32.81 -1.08 51.81
N THR S 184 -33.47 -0.93 52.95
CA THR S 184 -34.89 -0.61 52.97
C THR S 184 -35.03 0.86 53.25
N VAL S 185 -35.87 1.55 52.46
CA VAL S 185 -36.15 2.96 52.67
C VAL S 185 -37.65 3.12 52.86
N THR S 186 -38.06 3.70 54.00
CA THR S 186 -39.48 3.95 54.28
C THR S 186 -39.67 5.45 54.49
N SER S 187 -40.83 5.99 54.05
CA SER S 187 -41.09 7.39 54.25
C SER S 187 -42.54 7.70 54.60
N THR S 188 -42.72 8.54 55.61
CA THR S 188 -44.03 9.01 56.02
C THR S 188 -44.08 10.53 55.84
N MET S 189 -45.11 11.01 55.16
CA MET S 189 -45.30 12.42 54.93
C MET S 189 -46.68 12.79 55.47
N LEU S 190 -46.73 13.69 56.45
CA LEU S 190 -47.98 14.13 57.08
C LEU S 190 -48.22 15.65 56.91
N GLY S 191 -49.49 16.07 57.02
CA GLY S 191 -49.88 17.47 56.90
C GLY S 191 -49.43 18.08 55.59
N VAL S 192 -48.83 19.27 55.62
CA VAL S 192 -48.34 19.89 54.38
C VAL S 192 -47.27 19.08 53.68
N PHE S 193 -46.57 18.17 54.39
CA PHE S 193 -45.56 17.35 53.71
C PHE S 193 -46.25 16.35 52.75
N ARG S 194 -47.49 15.96 53.02
CA ARG S 194 -48.25 15.11 52.11
C ARG S 194 -49.01 15.96 51.09
N GLU S 195 -49.73 16.99 51.55
CA GLU S 195 -50.60 17.81 50.71
C GLU S 195 -49.88 18.73 49.74
N ASP S 196 -48.72 19.26 50.14
CA ASP S 196 -47.97 20.17 49.28
C ASP S 196 -46.71 19.49 48.77
N PRO S 197 -46.68 19.11 47.48
CA PRO S 197 -45.49 18.47 46.92
C PRO S 197 -44.25 19.38 46.98
N LYS S 198 -44.42 20.72 46.96
CA LYS S 198 -43.30 21.65 47.01
C LYS S 198 -42.58 21.59 48.35
N THR S 199 -43.33 21.39 49.44
CA THR S 199 -42.76 21.27 50.77
C THR S 199 -41.98 19.95 50.85
N ARG S 200 -42.58 18.86 50.36
CA ARG S 200 -41.92 17.55 50.37
C ARG S 200 -40.64 17.55 49.51
N GLU S 201 -40.68 18.22 48.34
CA GLU S 201 -39.51 18.30 47.46
C GLU S 201 -38.37 19.07 48.11
N GLU S 202 -38.70 20.15 48.85
CA GLU S 202 -37.66 20.92 49.53
C GLU S 202 -37.00 20.06 50.60
N PHE S 203 -37.83 19.32 51.37
CA PHE S 203 -37.33 18.37 52.37
C PHE S 203 -36.38 17.31 51.74
N LEU S 204 -36.79 16.63 50.68
CA LEU S 204 -35.99 15.60 50.05
C LEU S 204 -34.69 16.13 49.42
N THR S 205 -34.71 17.37 48.92
CA THR S 205 -33.51 17.99 48.37
C THR S 205 -32.55 18.31 49.53
N LEU S 206 -33.06 18.85 50.65
CA LEU S 206 -32.20 19.26 51.75
C LEU S 206 -31.62 18.10 52.58
N ILE S 207 -32.18 16.87 52.48
CA ILE S 207 -31.62 15.73 53.22
C ILE S 207 -30.54 14.97 52.45
N ARG S 208 -30.20 15.36 51.22
CA ARG S 208 -29.14 14.68 50.47
C ARG S 208 -27.75 14.97 51.05
N PRO T 17 -43.51 -25.94 36.68
CA PRO T 17 -42.18 -25.54 37.18
C PRO T 17 -41.17 -26.68 37.10
N ARG T 18 -39.92 -26.37 36.76
CA ARG T 18 -38.85 -27.35 36.65
C ARG T 18 -38.62 -28.02 37.99
N SER T 19 -38.42 -29.34 37.96
CA SER T 19 -38.26 -30.13 39.17
C SER T 19 -36.81 -30.52 39.47
N GLU T 20 -36.56 -30.97 40.70
CA GLU T 20 -35.26 -31.50 41.10
C GLU T 20 -35.02 -32.85 40.37
N GLU T 21 -36.11 -33.61 40.07
CA GLU T 21 -36.06 -34.86 39.33
C GLU T 21 -35.71 -34.56 37.87
N ASP T 22 -36.30 -33.49 37.29
CA ASP T 22 -36.00 -33.03 35.93
C ASP T 22 -34.53 -32.69 35.81
N ASN T 23 -33.97 -32.04 36.85
CA ASN T 23 -32.57 -31.64 36.92
C ASN T 23 -31.65 -32.84 36.91
N GLU T 24 -31.93 -33.87 37.72
CA GLU T 24 -31.07 -35.03 37.74
C GLU T 24 -31.14 -35.81 36.42
N LEU T 25 -32.34 -35.88 35.83
CA LEU T 25 -32.51 -36.57 34.57
C LEU T 25 -31.80 -35.82 33.43
N ASN T 26 -31.81 -34.48 33.47
CA ASN T 26 -31.19 -33.70 32.41
C ASN T 26 -29.70 -33.37 32.61
N LEU T 27 -29.15 -33.63 33.82
CA LEU T 27 -27.74 -33.36 34.11
C LEU T 27 -26.79 -34.10 33.14
N PRO T 28 -26.94 -35.42 32.87
CA PRO T 28 -26.03 -36.07 31.92
C PRO T 28 -26.12 -35.51 30.49
N ASN T 29 -27.32 -35.08 30.07
CA ASN T 29 -27.51 -34.50 28.73
C ASN T 29 -26.81 -33.16 28.62
N LEU T 30 -26.89 -32.34 29.69
CA LEU T 30 -26.21 -31.06 29.75
C LEU T 30 -24.68 -31.29 29.72
N ALA T 31 -24.19 -32.26 30.52
CA ALA T 31 -22.77 -32.57 30.55
C ALA T 31 -22.26 -33.06 29.18
N ALA T 32 -23.05 -33.87 28.46
CA ALA T 32 -22.68 -34.35 27.13
C ALA T 32 -22.58 -33.17 26.16
N ALA T 33 -23.52 -32.21 26.24
CA ALA T 33 -23.50 -31.02 25.40
C ALA T 33 -22.28 -30.13 25.72
N TYR T 34 -21.92 -29.96 27.02
CA TYR T 34 -20.75 -29.16 27.38
C TYR T 34 -19.44 -29.83 26.97
N SER T 35 -19.39 -31.17 27.03
CA SER T 35 -18.22 -31.93 26.59
C SER T 35 -18.04 -31.77 25.07
N SER T 36 -19.15 -31.78 24.32
CA SER T 36 -19.16 -31.58 22.88
C SER T 36 -18.65 -30.17 22.52
N ILE T 37 -19.07 -29.15 23.30
CA ILE T 37 -18.63 -27.77 23.13
C ILE T 37 -17.09 -27.66 23.33
N LEU T 38 -16.55 -28.34 24.36
CA LEU T 38 -15.12 -28.35 24.60
C LEU T 38 -14.33 -28.87 23.39
N SER T 39 -14.81 -29.97 22.78
CA SER T 39 -14.19 -30.55 21.58
C SER T 39 -14.33 -29.61 20.39
N SER T 40 -15.53 -29.05 20.18
CA SER T 40 -15.78 -28.15 19.05
C SER T 40 -15.01 -26.82 19.13
N LEU T 41 -14.56 -26.42 20.32
CA LEU T 41 -13.74 -25.20 20.47
C LEU T 41 -12.23 -25.48 20.21
N GLY T 42 -11.86 -26.73 20.00
CA GLY T 42 -10.46 -27.10 19.79
C GLY T 42 -9.77 -27.53 21.08
N GLU T 43 -10.50 -27.61 22.19
CA GLU T 43 -9.93 -28.02 23.47
C GLU T 43 -9.89 -29.54 23.61
N ASN T 44 -9.17 -30.01 24.63
CA ASN T 44 -9.04 -31.44 24.90
C ASN T 44 -9.84 -31.75 26.16
N PRO T 45 -11.04 -32.34 26.03
CA PRO T 45 -11.84 -32.67 27.23
C PRO T 45 -11.20 -33.68 28.17
N GLN T 46 -10.13 -34.35 27.72
CA GLN T 46 -9.44 -35.35 28.52
C GLN T 46 -8.34 -34.76 29.39
N ARG T 47 -7.90 -33.51 29.14
CA ARG T 47 -6.85 -32.90 29.97
C ARG T 47 -7.36 -32.69 31.39
N GLN T 48 -6.46 -32.82 32.38
CA GLN T 48 -6.80 -32.75 33.81
C GLN T 48 -7.75 -31.62 34.19
N GLY T 49 -7.46 -30.41 33.73
CA GLY T 49 -8.27 -29.23 34.05
C GLY T 49 -9.68 -29.21 33.47
N LEU T 50 -9.96 -30.08 32.49
CA LEU T 50 -11.28 -30.12 31.85
C LEU T 50 -12.10 -31.38 32.14
N LEU T 51 -11.53 -32.39 32.82
CA LEU T 51 -12.23 -33.65 33.09
C LEU T 51 -13.61 -33.50 33.76
N LYS T 52 -13.71 -32.67 34.80
CA LYS T 52 -14.98 -32.46 35.50
C LYS T 52 -15.81 -31.26 34.97
N THR T 53 -15.27 -30.49 34.03
CA THR T 53 -15.91 -29.30 33.46
C THR T 53 -17.31 -29.55 32.88
N PRO T 54 -17.57 -30.61 32.06
CA PRO T 54 -18.94 -30.83 31.58
C PRO T 54 -20.00 -30.87 32.69
N TRP T 55 -19.66 -31.48 33.85
CA TRP T 55 -20.55 -31.61 35.00
C TRP T 55 -20.67 -30.33 35.81
N ARG T 56 -19.56 -29.62 36.02
CA ARG T 56 -19.60 -28.38 36.77
C ARG T 56 -20.30 -27.26 35.98
N ALA T 57 -20.05 -27.21 34.67
CA ALA T 57 -20.70 -26.21 33.82
C ALA T 57 -22.21 -26.51 33.78
N ALA T 58 -22.60 -27.80 33.69
CA ALA T 58 -24.00 -28.20 33.68
C ALA T 58 -24.69 -27.79 34.99
N SER T 59 -24.03 -28.05 36.16
CA SER T 59 -24.60 -27.70 37.47
C SER T 59 -24.71 -26.19 37.64
N ALA T 60 -23.70 -25.44 37.19
CA ALA T 60 -23.71 -23.99 37.27
C ALA T 60 -24.87 -23.43 36.46
N MET T 61 -25.08 -23.96 35.23
CA MET T 61 -26.19 -23.52 34.37
C MET T 61 -27.56 -23.83 34.98
N GLN T 62 -27.69 -24.97 35.66
CA GLN T 62 -28.94 -25.30 36.35
C GLN T 62 -29.16 -24.33 37.51
N PHE T 63 -28.10 -23.95 38.24
CA PHE T 63 -28.21 -22.98 39.33
C PHE T 63 -28.60 -21.58 38.79
N PHE T 64 -27.97 -21.16 37.68
CA PHE T 64 -28.28 -19.87 37.05
C PHE T 64 -29.72 -19.81 36.56
N THR T 65 -30.35 -20.96 36.26
CA THR T 65 -31.73 -21.00 35.80
C THR T 65 -32.67 -21.64 36.81
N LYS T 66 -32.31 -21.58 38.13
CA LYS T 66 -33.14 -22.18 39.19
C LYS T 66 -34.49 -21.48 39.42
N GLY T 67 -34.69 -20.31 38.84
CA GLY T 67 -35.94 -19.58 38.96
C GLY T 67 -37.10 -20.28 38.28
N TYR T 68 -36.80 -21.13 37.27
CA TYR T 68 -37.83 -21.91 36.61
C TYR T 68 -38.44 -22.95 37.57
N GLN T 69 -37.72 -23.34 38.64
CA GLN T 69 -38.19 -24.29 39.64
C GLN T 69 -39.10 -23.66 40.72
N GLU T 70 -39.26 -22.33 40.71
CA GLU T 70 -40.01 -21.63 41.75
C GLU T 70 -41.35 -21.08 41.32
N THR T 71 -42.24 -20.89 42.29
CA THR T 71 -43.53 -20.25 42.04
C THR T 71 -43.67 -19.04 43.00
N ILE T 72 -44.40 -17.99 42.60
CA ILE T 72 -44.62 -16.82 43.45
C ILE T 72 -45.23 -17.19 44.80
N SER T 73 -46.23 -18.06 44.81
CA SER T 73 -46.88 -18.50 46.05
C SER T 73 -45.91 -19.09 47.08
N ASP T 74 -45.01 -20.00 46.65
CA ASP T 74 -44.05 -20.60 47.57
C ASP T 74 -43.04 -19.57 48.07
N VAL T 75 -42.60 -18.71 47.18
CA VAL T 75 -41.63 -17.68 47.51
C VAL T 75 -42.20 -16.65 48.52
N LEU T 76 -43.47 -16.29 48.32
CA LEU T 76 -44.15 -15.35 49.20
C LEU T 76 -44.26 -15.92 50.61
N ASN T 77 -44.52 -17.22 50.68
CA ASN T 77 -44.63 -17.94 51.95
C ASN T 77 -45.54 -17.29 52.98
N ASP T 78 -46.66 -16.72 52.53
CA ASP T 78 -47.69 -16.05 53.33
C ASP T 78 -47.19 -14.83 54.11
N ALA T 79 -46.11 -14.20 53.64
CA ALA T 79 -45.49 -13.06 54.30
C ALA T 79 -46.15 -11.78 53.87
N ILE T 80 -47.45 -11.72 54.09
CA ILE T 80 -48.25 -10.56 53.75
C ILE T 80 -48.94 -10.12 55.04
N PHE T 81 -48.60 -8.95 55.55
CA PHE T 81 -49.16 -8.46 56.80
C PHE T 81 -50.16 -7.32 56.58
N ASP T 82 -51.03 -7.09 57.57
CA ASP T 82 -52.01 -6.00 57.44
C ASP T 82 -51.52 -4.72 58.09
N GLU T 83 -51.66 -3.60 57.36
CA GLU T 83 -51.19 -2.32 57.85
C GLU T 83 -52.17 -1.19 57.59
N ASP T 84 -52.02 -0.11 58.37
CA ASP T 84 -52.85 1.10 58.35
C ASP T 84 -52.07 2.34 57.85
N HIS T 85 -50.73 2.29 57.85
CA HIS T 85 -49.92 3.44 57.43
C HIS T 85 -49.91 3.65 55.90
N ASP T 86 -50.01 4.92 55.50
CA ASP T 86 -49.96 5.34 54.11
C ASP T 86 -48.51 5.79 53.92
N GLU T 87 -47.66 4.87 53.43
CA GLU T 87 -46.26 5.19 53.27
C GLU T 87 -45.60 4.46 52.12
N MET T 88 -44.61 5.09 51.51
CA MET T 88 -43.83 4.45 50.47
C MET T 88 -42.82 3.47 51.10
N VAL T 89 -42.74 2.27 50.54
CA VAL T 89 -41.77 1.27 51.00
C VAL T 89 -40.86 0.96 49.84
N ILE T 90 -39.55 1.01 50.07
CA ILE T 90 -38.54 0.73 49.05
C ILE T 90 -37.52 -0.30 49.53
N VAL T 91 -37.13 -1.23 48.68
CA VAL T 91 -35.99 -2.11 48.94
C VAL T 91 -35.10 -1.86 47.73
N LYS T 92 -33.98 -1.21 47.93
CA LYS T 92 -33.08 -0.83 46.86
C LYS T 92 -31.73 -1.57 46.94
N ASP T 93 -30.93 -1.48 45.88
CA ASP T 93 -29.61 -2.09 45.79
C ASP T 93 -29.63 -3.59 45.96
N ILE T 94 -30.66 -4.23 45.41
CA ILE T 94 -30.76 -5.69 45.45
C ILE T 94 -29.87 -6.23 44.36
N ASP T 95 -28.77 -6.91 44.72
CA ASP T 95 -27.86 -7.51 43.73
C ASP T 95 -28.60 -8.52 42.88
N MET T 96 -28.42 -8.39 41.57
CA MET T 96 -29.15 -9.20 40.61
C MET T 96 -28.13 -9.85 39.66
N PHE T 97 -28.28 -11.16 39.40
CA PHE T 97 -27.43 -11.90 38.48
C PHE T 97 -28.34 -12.71 37.54
N SER T 98 -28.31 -12.37 36.27
CA SER T 98 -29.16 -13.02 35.28
C SER T 98 -28.34 -13.52 34.07
N MET T 99 -29.01 -14.22 33.14
CA MET T 99 -28.38 -14.79 31.96
C MET T 99 -29.11 -14.25 30.77
N CYS T 100 -28.39 -13.63 29.86
CA CYS T 100 -29.00 -13.11 28.65
C CYS T 100 -29.45 -14.30 27.78
N GLU T 101 -30.70 -14.30 27.36
CA GLU T 101 -31.24 -15.41 26.58
C GLU T 101 -30.69 -15.44 25.14
N HIS T 102 -30.24 -14.33 24.61
CA HIS T 102 -29.73 -14.30 23.26
C HIS T 102 -28.33 -14.89 23.11
N HIS T 103 -27.47 -14.70 24.11
CA HIS T 103 -26.11 -15.18 24.04
C HIS T 103 -25.64 -16.13 25.12
N LEU T 104 -26.47 -16.35 26.15
CA LEU T 104 -26.17 -17.23 27.30
C LEU T 104 -24.90 -16.74 28.01
N VAL T 105 -24.85 -15.43 28.24
CA VAL T 105 -23.76 -14.76 28.91
C VAL T 105 -24.41 -13.91 30.05
N PRO T 106 -23.79 -13.84 31.24
CA PRO T 106 -24.41 -13.07 32.34
C PRO T 106 -24.61 -11.58 32.11
N PHE T 107 -25.69 -11.04 32.67
CA PHE T 107 -25.93 -9.62 32.84
C PHE T 107 -26.19 -9.42 34.34
N VAL T 108 -25.45 -8.53 34.98
CA VAL T 108 -25.48 -8.37 36.43
C VAL T 108 -25.64 -6.91 36.82
N GLY T 109 -26.29 -6.69 37.95
CA GLY T 109 -26.51 -5.33 38.42
C GLY T 109 -27.33 -5.25 39.67
N LYS T 110 -28.23 -4.25 39.72
CA LYS T 110 -29.04 -3.97 40.89
C LYS T 110 -30.49 -3.71 40.50
N VAL T 111 -31.39 -4.05 41.42
CA VAL T 111 -32.82 -3.81 41.28
C VAL T 111 -33.26 -2.93 42.44
N HIS T 112 -34.08 -1.90 42.14
CA HIS T 112 -34.61 -0.99 43.14
C HIS T 112 -36.12 -1.07 43.00
N ILE T 113 -36.81 -1.45 44.08
CA ILE T 113 -38.23 -1.61 44.07
C ILE T 113 -38.90 -0.67 45.05
N GLY T 114 -40.01 -0.05 44.63
CA GLY T 114 -40.81 0.80 45.48
C GLY T 114 -42.27 0.46 45.32
N TYR T 115 -43.08 0.65 46.37
CA TYR T 115 -44.52 0.44 46.27
C TYR T 115 -45.28 1.21 47.34
N LEU T 116 -46.53 1.49 47.04
CA LEU T 116 -47.43 2.16 47.95
C LEU T 116 -48.46 1.13 48.37
N PRO T 117 -48.43 0.68 49.63
CA PRO T 117 -49.39 -0.35 50.07
C PRO T 117 -50.85 0.09 50.07
N ASN T 118 -51.73 -0.89 49.99
CA ASN T 118 -53.17 -0.71 50.04
C ASN T 118 -53.70 -1.72 51.06
N LYS T 119 -53.44 -1.50 52.35
CA LYS T 119 -53.91 -2.44 53.41
C LYS T 119 -53.18 -3.83 53.39
N GLN T 120 -52.21 -4.04 52.51
CA GLN T 120 -51.40 -5.27 52.51
C GLN T 120 -49.94 -4.90 52.28
N VAL T 121 -49.09 -5.29 53.22
CA VAL T 121 -47.68 -4.99 53.16
C VAL T 121 -46.91 -6.29 53.05
N LEU T 122 -45.99 -6.35 52.10
CA LEU T 122 -45.21 -7.55 51.90
C LEU T 122 -43.99 -7.62 52.80
N GLY T 123 -43.54 -8.82 53.09
CA GLY T 123 -42.34 -9.00 53.87
C GLY T 123 -41.15 -8.46 53.09
N LEU T 124 -40.32 -7.65 53.75
CA LEU T 124 -39.17 -7.01 53.11
C LEU T 124 -38.28 -7.93 52.26
N SER T 125 -37.95 -9.10 52.79
CA SER T 125 -37.12 -10.04 52.05
C SER T 125 -37.78 -10.65 50.82
N LYS T 126 -39.10 -10.72 50.80
CA LYS T 126 -39.82 -11.27 49.67
C LYS T 126 -39.64 -10.44 48.40
N LEU T 127 -39.40 -9.14 48.54
CA LEU T 127 -39.17 -8.30 47.36
C LEU T 127 -37.86 -8.77 46.67
N ALA T 128 -36.83 -9.13 47.47
CA ALA T 128 -35.58 -9.67 46.93
C ALA T 128 -35.76 -11.12 46.43
N ARG T 129 -36.61 -11.91 47.09
CA ARG T 129 -36.90 -13.27 46.63
C ARG T 129 -37.63 -13.23 45.27
N ILE T 130 -38.51 -12.23 45.08
CA ILE T 130 -39.22 -12.06 43.80
C ILE T 130 -38.20 -11.75 42.70
N VAL T 131 -37.17 -10.95 42.99
CA VAL T 131 -36.08 -10.66 42.05
C VAL T 131 -35.39 -11.99 41.65
N GLU T 132 -35.12 -12.86 42.63
CA GLU T 132 -34.50 -14.16 42.39
C GLU T 132 -35.30 -15.12 41.48
N ILE T 133 -36.64 -15.16 41.60
CA ILE T 133 -37.45 -16.05 40.76
C ILE T 133 -37.20 -15.77 39.25
N TYR T 134 -37.29 -14.50 38.88
CA TYR T 134 -37.24 -14.03 37.51
C TYR T 134 -35.85 -13.80 36.99
N SER T 135 -34.90 -13.36 37.86
CA SER T 135 -33.53 -13.15 37.35
C SER T 135 -32.80 -14.45 37.11
N ARG T 136 -33.10 -15.52 37.89
CA ARG T 136 -32.42 -16.80 37.69
C ARG T 136 -33.11 -17.56 36.55
N ARG T 137 -33.12 -16.97 35.34
CA ARG T 137 -33.72 -17.54 34.12
C ARG T 137 -32.94 -17.02 32.90
N LEU T 138 -33.27 -17.46 31.69
CA LEU T 138 -32.72 -16.91 30.46
C LEU T 138 -33.68 -15.74 30.19
N GLN T 139 -33.13 -14.54 30.15
CA GLN T 139 -33.90 -13.34 30.03
C GLN T 139 -33.38 -12.22 29.15
N VAL T 140 -34.22 -11.20 29.10
CA VAL T 140 -33.94 -9.90 28.53
C VAL T 140 -34.27 -8.96 29.70
N GLN T 141 -33.48 -7.92 29.89
CA GLN T 141 -33.68 -7.00 30.99
C GLN T 141 -35.11 -6.43 31.09
N GLU T 142 -35.69 -6.07 29.96
CA GLU T 142 -37.03 -5.52 29.93
C GLU T 142 -38.09 -6.44 30.53
N ARG T 143 -38.03 -7.73 30.20
CA ARG T 143 -39.04 -8.68 30.70
C ARG T 143 -38.87 -8.87 32.17
N LEU T 144 -37.63 -9.05 32.62
CA LEU T 144 -37.29 -9.21 34.02
C LEU T 144 -37.88 -8.06 34.88
N THR T 145 -37.69 -6.81 34.42
CA THR T 145 -38.20 -5.60 35.07
C THR T 145 -39.74 -5.64 35.20
N LYS T 146 -40.43 -5.97 34.11
CA LYS T 146 -41.88 -6.05 34.09
C LYS T 146 -42.43 -7.20 34.98
N GLN T 147 -41.75 -8.37 34.98
CA GLN T 147 -42.21 -9.52 35.77
C GLN T 147 -42.15 -9.26 37.26
N ILE T 148 -41.11 -8.57 37.72
CA ILE T 148 -40.98 -8.22 39.13
C ILE T 148 -42.14 -7.30 39.54
N ALA T 149 -42.40 -6.24 38.74
CA ALA T 149 -43.48 -5.30 39.03
C ALA T 149 -44.86 -5.96 39.00
N VAL T 150 -45.12 -6.82 38.00
CA VAL T 150 -46.41 -7.48 37.90
C VAL T 150 -46.63 -8.46 39.09
N ALA T 151 -45.58 -9.21 39.47
CA ALA T 151 -45.69 -10.17 40.58
C ALA T 151 -46.07 -9.47 41.89
N ILE T 152 -45.46 -8.31 42.18
CA ILE T 152 -45.77 -7.53 43.39
C ILE T 152 -47.19 -6.98 43.31
N THR T 153 -47.59 -6.46 42.15
CA THR T 153 -48.94 -5.94 41.93
C THR T 153 -50.02 -7.03 42.14
N GLU T 154 -49.79 -8.22 41.61
CA GLU T 154 -50.77 -9.31 41.73
C GLU T 154 -50.83 -9.89 43.13
N ALA T 155 -49.68 -9.95 43.81
CA ALA T 155 -49.63 -10.49 45.17
C ALA T 155 -50.23 -9.56 46.22
N LEU T 156 -49.97 -8.24 46.09
CA LEU T 156 -50.40 -7.29 47.11
C LEU T 156 -51.55 -6.44 46.77
N ARG T 157 -51.88 -6.28 45.47
CA ARG T 157 -52.89 -5.33 44.98
C ARG T 157 -52.65 -3.93 45.58
N PRO T 158 -51.43 -3.37 45.44
CA PRO T 158 -51.15 -2.08 46.08
C PRO T 158 -51.69 -0.91 45.27
N ALA T 159 -51.52 0.33 45.74
CA ALA T 159 -51.92 1.50 44.95
C ALA T 159 -50.99 1.60 43.70
N GLY T 160 -49.72 1.19 43.83
CA GLY T 160 -48.77 1.26 42.72
C GLY T 160 -47.46 0.57 43.03
N VAL T 161 -46.66 0.26 41.97
CA VAL T 161 -45.32 -0.35 42.09
C VAL T 161 -44.40 0.30 41.09
N GLY T 162 -43.15 0.51 41.47
CA GLY T 162 -42.11 1.01 40.59
C GLY T 162 -40.91 0.10 40.70
N VAL T 163 -40.32 -0.28 39.57
CA VAL T 163 -39.13 -1.13 39.53
C VAL T 163 -38.09 -0.51 38.59
N VAL T 164 -36.82 -0.40 39.03
CA VAL T 164 -35.75 0.11 38.21
C VAL T 164 -34.65 -0.96 38.24
N VAL T 165 -34.16 -1.38 37.07
CA VAL T 165 -33.07 -2.35 36.99
C VAL T 165 -31.91 -1.67 36.28
N GLU T 166 -30.72 -1.72 36.86
CA GLU T 166 -29.52 -1.20 36.21
C GLU T 166 -28.55 -2.37 36.11
N ALA T 167 -28.03 -2.67 34.90
CA ALA T 167 -27.18 -3.83 34.73
C ALA T 167 -26.11 -3.65 33.68
N THR T 168 -25.01 -4.35 33.88
CA THR T 168 -23.94 -4.43 32.91
C THR T 168 -24.20 -5.76 32.17
N HIS T 169 -24.27 -5.66 30.86
CA HIS T 169 -24.42 -6.83 30.06
C HIS T 169 -23.02 -7.21 29.61
N MET T 170 -22.54 -8.36 30.06
CA MET T 170 -21.21 -8.85 29.68
C MET T 170 -21.09 -9.18 28.18
N CYS T 171 -22.18 -9.47 27.49
CA CYS T 171 -22.14 -9.73 26.07
C CYS T 171 -21.94 -8.41 25.28
N MET T 172 -21.91 -7.27 25.98
CA MET T 172 -21.69 -5.97 25.36
C MET T 172 -20.33 -5.39 25.74
N VAL T 173 -19.75 -5.94 26.80
CA VAL T 173 -18.47 -5.59 27.40
C VAL T 173 -17.31 -6.52 26.97
N MET T 174 -17.48 -7.85 27.10
CA MET T 174 -16.49 -8.89 26.77
C MET T 174 -16.43 -9.25 25.30
N ARG T 175 -17.39 -8.78 24.53
CA ARG T 175 -17.49 -9.10 23.12
C ARG T 175 -18.40 -8.10 22.44
N GLY T 176 -18.71 -8.38 21.18
CA GLY T 176 -19.56 -7.52 20.39
C GLY T 176 -19.02 -6.12 20.29
N VAL T 177 -19.84 -5.14 20.65
CA VAL T 177 -19.45 -3.74 20.59
C VAL T 177 -18.34 -3.39 21.56
N GLN T 178 -18.15 -4.22 22.60
CA GLN T 178 -17.11 -4.01 23.60
C GLN T 178 -17.11 -2.57 24.14
N LYS T 179 -18.27 -2.12 24.64
CA LYS T 179 -18.41 -0.81 25.25
C LYS T 179 -18.29 -1.03 26.76
N MET T 180 -17.03 -0.94 27.28
CA MET T 180 -16.64 -1.25 28.67
C MET T 180 -17.50 -0.60 29.74
N ASN T 181 -17.90 0.65 29.54
CA ASN T 181 -18.68 1.37 30.55
C ASN T 181 -20.19 1.29 30.38
N SER T 182 -20.69 0.71 29.28
CA SER T 182 -22.13 0.71 29.02
C SER T 182 -22.97 0.07 30.13
N LYS T 183 -24.13 0.69 30.43
CA LYS T 183 -25.04 0.15 31.43
C LYS T 183 -26.44 0.27 30.87
N THR T 184 -27.27 -0.76 31.10
CA THR T 184 -28.65 -0.71 30.67
C THR T 184 -29.53 -0.39 31.86
N VAL T 185 -30.41 0.60 31.73
CA VAL T 185 -31.34 0.96 32.78
C VAL T 185 -32.77 0.77 32.25
N THR T 186 -33.59 -0.03 32.94
CA THR T 186 -34.97 -0.27 32.53
C THR T 186 -35.86 0.11 33.71
N SER T 187 -37.04 0.57 33.40
CA SER T 187 -37.96 1.07 34.40
C SER T 187 -39.36 0.55 34.13
N THR T 188 -40.11 0.18 35.17
CA THR T 188 -41.52 -0.18 35.02
C THR T 188 -42.28 0.54 36.12
N MET T 189 -43.32 1.31 35.76
CA MET T 189 -44.10 2.06 36.73
C MET T 189 -45.56 1.67 36.54
N LEU T 190 -46.18 1.06 37.57
CA LEU T 190 -47.58 0.61 37.50
C LEU T 190 -48.45 1.32 38.53
N GLY T 191 -49.75 1.38 38.29
CA GLY T 191 -50.68 2.03 39.22
C GLY T 191 -50.34 3.49 39.46
N VAL T 192 -50.35 3.95 40.72
CA VAL T 192 -50.00 5.35 41.03
C VAL T 192 -48.57 5.72 40.64
N PHE T 193 -47.66 4.75 40.48
CA PHE T 193 -46.29 5.09 40.07
C PHE T 193 -46.27 5.57 38.60
N ARG T 194 -47.26 5.15 37.79
CA ARG T 194 -47.38 5.61 36.41
C ARG T 194 -48.29 6.87 36.39
N GLU T 195 -49.47 6.81 37.06
CA GLU T 195 -50.46 7.88 37.03
C GLU T 195 -50.07 9.14 37.76
N ASP T 196 -49.35 9.01 38.88
CA ASP T 196 -48.97 10.18 39.66
C ASP T 196 -47.48 10.42 39.53
N PRO T 197 -47.08 11.47 38.78
CA PRO T 197 -45.66 11.78 38.66
C PRO T 197 -45.00 12.10 40.00
N LYS T 198 -45.75 12.63 40.98
CA LYS T 198 -45.19 12.97 42.30
C LYS T 198 -44.75 11.73 43.05
N THR T 199 -45.51 10.64 42.93
CA THR T 199 -45.14 9.37 43.58
C THR T 199 -43.87 8.82 42.91
N ARG T 200 -43.84 8.81 41.56
CA ARG T 200 -42.68 8.33 40.82
C ARG T 200 -41.41 9.15 41.13
N GLU T 201 -41.54 10.49 41.25
CA GLU T 201 -40.41 11.35 41.57
C GLU T 201 -39.89 11.11 42.98
N GLU T 202 -40.80 10.84 43.94
CA GLU T 202 -40.34 10.56 45.31
C GLU T 202 -39.54 9.24 45.31
N PHE T 203 -40.05 8.24 44.61
CA PHE T 203 -39.38 6.95 44.46
C PHE T 203 -37.97 7.13 43.85
N LEU T 204 -37.86 7.84 42.70
CA LEU T 204 -36.56 8.05 42.04
C LEU T 204 -35.59 8.87 42.87
N THR T 205 -36.10 9.79 43.69
CA THR T 205 -35.26 10.58 44.58
C THR T 205 -34.72 9.69 45.71
N LEU T 206 -35.58 8.85 46.28
CA LEU T 206 -35.19 8.01 47.41
C LEU T 206 -34.29 6.81 47.06
N ILE T 207 -34.23 6.41 45.78
CA ILE T 207 -33.33 5.31 45.41
C ILE T 207 -31.93 5.75 45.02
N ARG T 208 -31.63 7.07 45.02
CA ARG T 208 -30.28 7.56 44.70
C ARG T 208 -29.27 7.18 45.78
N MET U 4 -46.98 -11.35 -63.23
CA MET U 4 -45.52 -11.15 -63.12
C MET U 4 -45.11 -9.75 -63.58
N PRO U 5 -45.43 -8.68 -62.81
CA PRO U 5 -45.18 -7.34 -63.31
C PRO U 5 -43.73 -6.85 -63.32
N TYR U 6 -42.87 -7.34 -62.42
CA TYR U 6 -41.49 -6.85 -62.37
C TYR U 6 -40.48 -7.72 -63.12
N LEU U 7 -39.49 -7.06 -63.70
CA LEU U 7 -38.41 -7.72 -64.43
C LEU U 7 -37.09 -7.08 -64.06
N LEU U 8 -36.04 -7.89 -63.91
CA LEU U 8 -34.70 -7.37 -63.62
C LEU U 8 -33.78 -7.84 -64.73
N ILE U 9 -33.09 -6.90 -65.40
CA ILE U 9 -32.10 -7.27 -66.42
C ILE U 9 -30.76 -6.65 -66.07
N SER U 10 -29.65 -7.25 -66.54
CA SER U 10 -28.34 -6.68 -66.22
C SER U 10 -27.25 -7.00 -67.23
N THR U 11 -26.19 -6.21 -67.21
CA THR U 11 -24.98 -6.48 -67.99
C THR U 11 -23.76 -6.11 -67.16
N GLN U 12 -22.61 -6.72 -67.47
CA GLN U 12 -21.38 -6.43 -66.74
C GLN U 12 -20.35 -5.76 -67.61
N ILE U 13 -19.43 -5.02 -66.97
CA ILE U 13 -18.20 -4.42 -67.53
C ILE U 13 -18.41 -3.31 -68.60
N ARG U 14 -19.19 -3.56 -69.66
CA ARG U 14 -19.46 -2.55 -70.68
C ARG U 14 -20.93 -2.64 -71.05
N MET U 15 -21.58 -1.50 -71.26
CA MET U 15 -23.01 -1.47 -71.56
C MET U 15 -23.34 -1.74 -73.04
N GLU U 16 -22.36 -1.63 -73.94
CA GLU U 16 -22.62 -1.77 -75.39
C GLU U 16 -22.62 -3.20 -75.89
N VAL U 17 -22.23 -4.16 -75.05
CA VAL U 17 -22.12 -5.55 -75.49
C VAL U 17 -22.74 -6.47 -74.46
N GLY U 18 -23.28 -7.58 -74.95
CA GLY U 18 -23.81 -8.64 -74.10
C GLY U 18 -22.68 -9.43 -73.45
N PRO U 19 -22.97 -10.51 -72.71
CA PRO U 19 -24.30 -11.05 -72.41
C PRO U 19 -25.16 -10.15 -71.53
N THR U 20 -26.48 -10.28 -71.64
CA THR U 20 -27.42 -9.58 -70.80
C THR U 20 -28.20 -10.64 -70.01
N MET U 21 -28.19 -10.56 -68.66
CA MET U 21 -28.95 -11.48 -67.80
C MET U 21 -30.38 -11.02 -67.85
N VAL U 22 -31.31 -11.92 -68.15
CA VAL U 22 -32.71 -11.56 -68.30
C VAL U 22 -33.67 -12.33 -67.39
N GLY U 23 -33.18 -13.23 -66.56
CA GLY U 23 -34.05 -13.98 -65.66
C GLY U 23 -33.40 -14.95 -64.67
N ASP U 24 -34.24 -15.45 -63.77
CA ASP U 24 -33.89 -16.41 -62.73
C ASP U 24 -34.72 -17.72 -62.95
N GLU U 25 -34.57 -18.73 -62.07
CA GLU U 25 -35.26 -20.02 -62.21
C GLU U 25 -36.77 -19.90 -62.34
N GLN U 26 -37.36 -18.92 -61.64
CA GLN U 26 -38.82 -18.76 -61.66
C GLN U 26 -39.31 -17.72 -62.66
N SER U 27 -38.48 -17.34 -63.64
CA SER U 27 -38.88 -16.40 -64.69
C SER U 27 -39.89 -17.04 -65.64
N ASP U 28 -40.69 -16.21 -66.32
CA ASP U 28 -41.70 -16.61 -67.29
C ASP U 28 -41.00 -17.34 -68.44
N PRO U 29 -41.27 -18.65 -68.61
CA PRO U 29 -40.56 -19.41 -69.65
C PRO U 29 -40.84 -18.93 -71.06
N GLU U 30 -42.05 -18.40 -71.30
CA GLU U 30 -42.42 -17.90 -72.61
C GLU U 30 -41.61 -16.64 -72.95
N LEU U 31 -41.46 -15.75 -71.96
CA LEU U 31 -40.70 -14.51 -72.15
C LEU U 31 -39.22 -14.84 -72.38
N MET U 32 -38.68 -15.84 -71.66
CA MET U 32 -37.29 -16.25 -71.85
C MET U 32 -37.08 -16.84 -73.25
N GLN U 33 -38.05 -17.62 -73.73
CA GLN U 33 -38.00 -18.20 -75.06
C GLN U 33 -38.10 -17.09 -76.12
N HIS U 34 -39.01 -16.11 -75.92
CA HIS U 34 -39.19 -14.96 -76.83
C HIS U 34 -37.89 -14.15 -76.98
N LEU U 35 -37.17 -13.94 -75.88
CA LEU U 35 -35.91 -13.20 -75.93
C LEU U 35 -34.75 -14.01 -76.53
N GLY U 36 -34.94 -15.32 -76.75
CA GLY U 36 -33.89 -16.20 -77.24
C GLY U 36 -32.87 -16.50 -76.15
N ALA U 37 -33.34 -16.58 -74.90
CA ALA U 37 -32.46 -16.79 -73.76
C ALA U 37 -32.06 -18.24 -73.53
N SER U 38 -30.85 -18.44 -73.03
CA SER U 38 -30.33 -19.74 -72.66
C SER U 38 -30.28 -19.80 -71.13
N LYS U 39 -30.39 -21.01 -70.58
CA LYS U 39 -30.36 -21.21 -69.14
C LYS U 39 -29.01 -21.82 -68.75
N ARG U 40 -28.40 -21.33 -67.69
CA ARG U 40 -27.13 -21.85 -67.21
C ARG U 40 -26.97 -21.68 -65.69
N ARG U 41 -26.01 -22.40 -65.12
CA ARG U 41 -25.68 -22.27 -63.71
C ARG U 41 -24.17 -22.10 -63.67
N ALA U 42 -23.69 -20.90 -63.34
CA ALA U 42 -22.26 -20.66 -63.25
C ALA U 42 -21.67 -21.52 -62.09
N LEU U 43 -20.46 -22.08 -62.28
CA LEU U 43 -19.85 -22.97 -61.28
C LEU U 43 -19.81 -22.39 -59.89
N GLY U 44 -20.28 -23.18 -58.93
CA GLY U 44 -20.32 -22.76 -57.54
C GLY U 44 -21.57 -22.00 -57.14
N ASN U 45 -22.39 -21.57 -58.13
CA ASN U 45 -23.61 -20.84 -57.82
C ASN U 45 -24.75 -21.79 -57.44
N ASN U 46 -25.60 -21.33 -56.53
CA ASN U 46 -26.76 -22.06 -56.01
C ASN U 46 -28.05 -21.65 -56.75
N PHE U 47 -27.94 -21.22 -58.02
CA PHE U 47 -29.09 -20.78 -58.79
C PHE U 47 -28.82 -20.82 -60.29
N TYR U 48 -29.89 -20.97 -61.07
CA TYR U 48 -29.87 -20.92 -62.52
C TYR U 48 -30.20 -19.50 -62.96
N GLU U 49 -29.70 -19.12 -64.12
CA GLU U 49 -29.95 -17.80 -64.68
C GLU U 49 -30.23 -17.91 -66.18
N TYR U 50 -30.98 -16.95 -66.71
CA TYR U 50 -31.24 -16.86 -68.13
C TYR U 50 -30.45 -15.69 -68.68
N TYR U 51 -29.89 -15.85 -69.88
CA TYR U 51 -29.08 -14.80 -70.48
C TYR U 51 -29.24 -14.79 -71.98
N VAL U 52 -28.96 -13.66 -72.61
CA VAL U 52 -28.97 -13.50 -74.05
C VAL U 52 -27.63 -12.91 -74.47
N ASP U 53 -27.24 -13.13 -75.74
CA ASP U 53 -25.99 -12.56 -76.25
C ASP U 53 -26.13 -11.07 -76.63
N ASP U 54 -27.35 -10.57 -76.77
CA ASP U 54 -27.64 -9.20 -77.16
C ASP U 54 -27.20 -8.16 -76.12
N PRO U 55 -26.78 -6.98 -76.59
CA PRO U 55 -26.48 -5.90 -75.65
C PRO U 55 -27.80 -5.39 -75.00
N PRO U 56 -27.71 -4.81 -73.80
CA PRO U 56 -28.94 -4.39 -73.10
C PRO U 56 -29.88 -3.44 -73.83
N ARG U 57 -29.38 -2.54 -74.71
CA ARG U 57 -30.22 -1.62 -75.47
C ARG U 57 -31.23 -2.40 -76.34
N ILE U 58 -30.78 -3.51 -76.98
CA ILE U 58 -31.62 -4.37 -77.79
C ILE U 58 -32.68 -5.05 -76.92
N VAL U 59 -32.29 -5.55 -75.75
CA VAL U 59 -33.23 -6.20 -74.83
C VAL U 59 -34.28 -5.21 -74.33
N LEU U 60 -33.90 -3.97 -74.02
CA LEU U 60 -34.84 -2.93 -73.57
C LEU U 60 -35.89 -2.63 -74.64
N ASP U 61 -35.48 -2.58 -75.92
CA ASP U 61 -36.42 -2.33 -77.01
C ASP U 61 -37.37 -3.50 -77.17
N LYS U 62 -36.87 -4.74 -77.03
CA LYS U 62 -37.73 -5.94 -77.13
C LYS U 62 -38.73 -5.94 -75.99
N LEU U 63 -38.30 -5.57 -74.77
CA LEU U 63 -39.17 -5.55 -73.60
C LEU U 63 -40.26 -4.48 -73.67
N GLU U 64 -39.98 -3.34 -74.33
CA GLU U 64 -41.02 -2.31 -74.52
C GLU U 64 -42.16 -2.89 -75.39
N ARG U 65 -41.81 -3.69 -76.43
CA ARG U 65 -42.81 -4.33 -77.29
C ARG U 65 -43.63 -5.40 -76.55
N ARG U 66 -43.21 -5.79 -75.34
CA ARG U 66 -43.94 -6.72 -74.48
C ARG U 66 -44.69 -6.00 -73.33
N GLY U 67 -44.70 -4.67 -73.33
CA GLY U 67 -45.41 -3.90 -72.32
C GLY U 67 -44.60 -3.45 -71.13
N PHE U 68 -43.27 -3.66 -71.15
CA PHE U 68 -42.43 -3.27 -70.03
C PHE U 68 -41.87 -1.87 -70.21
N ARG U 69 -41.70 -1.18 -69.11
CA ARG U 69 -41.14 0.16 -69.09
C ARG U 69 -40.04 0.20 -68.02
N VAL U 70 -38.95 0.90 -68.29
CA VAL U 70 -37.86 1.03 -67.33
C VAL U 70 -38.32 1.95 -66.19
N LEU U 71 -38.25 1.48 -64.95
CA LEU U 71 -38.57 2.29 -63.78
C LEU U 71 -37.28 2.87 -63.19
N SER U 72 -36.21 2.07 -63.19
CA SER U 72 -34.96 2.48 -62.60
C SER U 72 -33.77 1.75 -63.24
N MET U 73 -32.61 2.40 -63.25
CA MET U 73 -31.36 1.83 -63.74
C MET U 73 -30.29 2.16 -62.70
N THR U 74 -29.48 1.16 -62.30
CA THR U 74 -28.44 1.41 -61.32
C THR U 74 -27.18 0.59 -61.54
N GLY U 75 -26.06 1.10 -61.08
CA GLY U 75 -24.81 0.37 -61.10
C GLY U 75 -24.56 -0.23 -59.73
N VAL U 76 -24.01 -1.43 -59.66
CA VAL U 76 -23.65 -2.08 -58.40
C VAL U 76 -22.45 -2.97 -58.72
N GLY U 77 -21.29 -2.65 -58.14
CA GLY U 77 -20.04 -3.32 -58.49
C GLY U 77 -19.71 -3.03 -59.95
N GLN U 78 -19.52 -4.09 -60.74
CA GLN U 78 -19.33 -3.96 -62.18
C GLN U 78 -20.59 -4.38 -62.97
N THR U 79 -21.76 -4.34 -62.33
CA THR U 79 -23.02 -4.74 -62.95
C THR U 79 -23.94 -3.54 -63.12
N LEU U 80 -24.52 -3.38 -64.28
CA LEU U 80 -25.47 -2.34 -64.59
C LEU U 80 -26.82 -3.04 -64.66
N VAL U 81 -27.80 -2.62 -63.82
CA VAL U 81 -29.10 -3.26 -63.65
C VAL U 81 -30.25 -2.36 -64.07
N TRP U 82 -31.25 -2.91 -64.73
CA TRP U 82 -32.49 -2.22 -65.06
C TRP U 82 -33.63 -2.94 -64.37
N CYS U 83 -34.54 -2.17 -63.76
CA CYS U 83 -35.74 -2.69 -63.13
C CYS U 83 -36.88 -2.22 -64.00
N LEU U 84 -37.59 -3.17 -64.63
CA LEU U 84 -38.69 -2.89 -65.53
C LEU U 84 -40.02 -3.33 -64.91
N HIS U 85 -41.11 -2.70 -65.36
CA HIS U 85 -42.43 -2.98 -64.84
C HIS U 85 -43.44 -3.01 -65.99
N LYS U 86 -44.29 -4.04 -66.00
CA LYS U 86 -45.31 -4.24 -67.02
C LYS U 86 -46.48 -3.41 -66.54
N GLU U 87 -46.58 -2.14 -66.98
CA GLU U 87 -47.63 -1.24 -66.48
C GLU U 87 -48.81 -1.07 -67.42
N PRO V 5 -36.58 2.73 -79.43
CA PRO V 5 -36.95 3.75 -78.44
C PRO V 5 -35.90 4.01 -77.36
N TYR V 6 -35.06 3.03 -77.01
CA TYR V 6 -34.07 3.23 -75.95
C TYR V 6 -32.70 3.63 -76.44
N LEU V 7 -32.01 4.46 -75.65
CA LEU V 7 -30.66 4.92 -75.95
C LEU V 7 -29.83 4.89 -74.68
N LEU V 8 -28.57 4.48 -74.76
CA LEU V 8 -27.68 4.50 -73.61
C LEU V 8 -26.49 5.38 -73.97
N ILE V 9 -26.21 6.39 -73.14
CA ILE V 9 -25.05 7.26 -73.33
C ILE V 9 -24.21 7.25 -72.07
N SER V 10 -22.90 7.50 -72.20
CA SER V 10 -22.05 7.47 -71.02
C SER V 10 -20.82 8.32 -71.15
N THR V 11 -20.22 8.66 -70.00
CA THR V 11 -18.95 9.35 -69.94
C THR V 11 -18.14 8.78 -68.78
N GLN V 12 -16.82 8.90 -68.86
CA GLN V 12 -15.96 8.40 -67.79
C GLN V 12 -15.24 9.52 -67.06
N ILE V 13 -14.85 9.24 -65.78
CA ILE V 13 -13.98 10.04 -64.90
C ILE V 13 -14.53 11.44 -64.49
N ARG V 14 -14.95 12.28 -65.43
CA ARG V 14 -15.53 13.60 -65.11
C ARG V 14 -16.72 13.82 -66.03
N MET V 15 -17.77 14.41 -65.49
CA MET V 15 -19.00 14.64 -66.23
C MET V 15 -18.97 15.87 -67.12
N GLU V 16 -18.03 16.80 -66.87
CA GLU V 16 -17.97 18.07 -67.60
C GLU V 16 -17.28 18.00 -68.95
N VAL V 17 -16.62 16.87 -69.26
CA VAL V 17 -15.85 16.77 -70.49
C VAL V 17 -16.11 15.44 -71.19
N GLY V 18 -15.99 15.44 -72.52
CA GLY V 18 -16.11 14.24 -73.30
C GLY V 18 -14.84 13.39 -73.19
N PRO V 19 -14.70 12.29 -73.97
CA PRO V 19 -15.67 11.75 -74.94
C PRO V 19 -16.94 11.24 -74.29
N THR V 20 -18.02 11.20 -75.06
CA THR V 20 -19.29 10.66 -74.62
C THR V 20 -19.60 9.48 -75.55
N MET V 21 -19.82 8.27 -75.00
CA MET V 21 -20.20 7.10 -75.78
C MET V 21 -21.67 7.25 -76.09
N VAL V 22 -22.05 7.15 -77.37
CA VAL V 22 -23.44 7.35 -77.77
C VAL V 22 -24.09 6.18 -78.50
N GLY V 23 -23.35 5.08 -78.71
CA GLY V 23 -23.90 3.93 -79.40
C GLY V 23 -23.04 2.70 -79.53
N ASP V 24 -23.68 1.62 -80.01
CA ASP V 24 -23.09 0.32 -80.26
C ASP V 24 -23.19 -0.03 -81.78
N GLU V 25 -22.73 -1.20 -82.20
CA GLU V 25 -22.74 -1.64 -83.61
C GLU V 25 -24.13 -1.58 -84.26
N GLN V 26 -25.17 -1.86 -83.49
CA GLN V 26 -26.53 -1.86 -84.02
C GLN V 26 -27.29 -0.55 -83.81
N SER V 27 -26.58 0.54 -83.49
CA SER V 27 -27.21 1.84 -83.31
C SER V 27 -27.69 2.42 -84.64
N ASP V 28 -28.72 3.30 -84.58
CA ASP V 28 -29.29 3.97 -85.74
C ASP V 28 -28.21 4.81 -86.40
N PRO V 29 -27.83 4.46 -87.66
CA PRO V 29 -26.73 5.18 -88.33
C PRO V 29 -27.01 6.65 -88.59
N GLU V 30 -28.28 7.00 -88.79
CA GLU V 30 -28.67 8.38 -89.03
C GLU V 30 -28.50 9.20 -87.74
N LEU V 31 -28.90 8.63 -86.59
CA LEU V 31 -28.75 9.33 -85.32
C LEU V 31 -27.27 9.52 -84.99
N MET V 32 -26.43 8.51 -85.28
CA MET V 32 -24.99 8.60 -85.03
C MET V 32 -24.37 9.68 -85.92
N GLN V 33 -24.82 9.78 -87.18
CA GLN V 33 -24.34 10.80 -88.10
C GLN V 33 -24.78 12.18 -87.62
N HIS V 34 -26.03 12.31 -87.16
CA HIS V 34 -26.60 13.56 -86.67
C HIS V 34 -25.80 14.11 -85.49
N LEU V 35 -25.39 13.22 -84.56
CA LEU V 35 -24.59 13.62 -83.40
C LEU V 35 -23.12 13.93 -83.74
N GLY V 36 -22.68 13.57 -84.94
CA GLY V 36 -21.30 13.74 -85.35
C GLY V 36 -20.40 12.68 -84.72
N ALA V 37 -20.96 11.47 -84.53
CA ALA V 37 -20.22 10.40 -83.89
C ALA V 37 -19.26 9.65 -84.81
N SER V 38 -18.16 9.17 -84.23
CA SER V 38 -17.17 8.36 -84.92
C SER V 38 -17.27 6.93 -84.38
N LYS V 39 -16.88 5.94 -85.19
CA LYS V 39 -16.96 4.55 -84.80
C LYS V 39 -15.55 4.02 -84.54
N ARG V 40 -15.36 3.26 -83.46
CA ARG V 40 -14.05 2.68 -83.14
C ARG V 40 -14.19 1.36 -82.36
N ARG V 41 -13.10 0.61 -82.23
CA ARG V 41 -13.09 -0.61 -81.45
C ARG V 41 -11.84 -0.53 -80.58
N ALA V 42 -11.99 -0.38 -79.26
CA ALA V 42 -10.85 -0.31 -78.38
C ALA V 42 -10.09 -1.66 -78.39
N LEU V 43 -8.75 -1.63 -78.34
CA LEU V 43 -7.94 -2.86 -78.40
C LEU V 43 -8.35 -3.94 -77.40
N GLY V 44 -8.52 -5.16 -77.90
CA GLY V 44 -8.94 -6.29 -77.08
C GLY V 44 -10.44 -6.41 -76.90
N ASN V 45 -11.22 -5.39 -77.30
CA ASN V 45 -12.67 -5.45 -77.16
C ASN V 45 -13.31 -6.20 -78.32
N ASN V 46 -14.41 -6.90 -78.00
CA ASN V 46 -15.18 -7.71 -78.95
C ASN V 46 -16.38 -6.90 -79.52
N PHE V 47 -16.29 -5.56 -79.55
CA PHE V 47 -17.41 -4.74 -80.00
C PHE V 47 -16.95 -3.36 -80.47
N TYR V 48 -17.73 -2.77 -81.37
CA TYR V 48 -17.53 -1.41 -81.86
C TYR V 48 -18.41 -0.47 -81.03
N GLU V 49 -17.97 0.77 -80.93
CA GLU V 49 -18.71 1.79 -80.20
C GLU V 49 -18.72 3.10 -80.99
N TYR V 50 -19.74 3.92 -80.75
CA TYR V 50 -19.82 5.25 -81.34
C TYR V 50 -19.57 6.24 -80.22
N TYR V 51 -18.83 7.30 -80.53
CA TYR V 51 -18.50 8.31 -79.53
C TYR V 51 -18.44 9.69 -80.14
N VAL V 52 -18.61 10.72 -79.31
CA VAL V 52 -18.49 12.11 -79.70
C VAL V 52 -17.49 12.79 -78.74
N ASP V 53 -16.87 13.89 -79.17
CA ASP V 53 -15.95 14.63 -78.30
C ASP V 53 -16.66 15.53 -77.30
N ASP V 54 -17.96 15.80 -77.51
CA ASP V 54 -18.77 16.66 -76.68
C ASP V 54 -19.00 16.13 -75.28
N PRO V 55 -19.11 17.04 -74.29
CA PRO V 55 -19.47 16.58 -72.94
C PRO V 55 -20.94 16.11 -72.93
N PRO V 56 -21.30 15.23 -71.98
CA PRO V 56 -22.68 14.68 -71.98
C PRO V 56 -23.82 15.68 -71.93
N ARG V 57 -23.65 16.86 -71.29
CA ARG V 57 -24.72 17.88 -71.22
C ARG V 57 -25.14 18.33 -72.61
N ILE V 58 -24.16 18.50 -73.52
CA ILE V 58 -24.40 18.89 -74.92
C ILE V 58 -25.15 17.79 -75.66
N VAL V 59 -24.74 16.53 -75.45
CA VAL V 59 -25.39 15.38 -76.09
C VAL V 59 -26.84 15.26 -75.62
N LEU V 60 -27.11 15.47 -74.33
CA LEU V 60 -28.46 15.38 -73.79
C LEU V 60 -29.38 16.44 -74.45
N ASP V 61 -28.87 17.66 -74.66
CA ASP V 61 -29.64 18.73 -75.30
C ASP V 61 -29.94 18.38 -76.76
N LYS V 62 -28.95 17.80 -77.47
CA LYS V 62 -29.15 17.38 -78.86
C LYS V 62 -30.20 16.27 -78.95
N LEU V 63 -30.15 15.29 -78.02
CA LEU V 63 -31.10 14.19 -78.01
C LEU V 63 -32.53 14.65 -77.67
N GLU V 64 -32.70 15.69 -76.82
CA GLU V 64 -34.04 16.22 -76.52
C GLU V 64 -34.69 16.75 -77.82
N ARG V 65 -33.89 17.41 -78.68
CA ARG V 65 -34.37 17.88 -79.98
C ARG V 65 -34.76 16.73 -80.94
N ARG V 66 -34.35 15.49 -80.62
CA ARG V 66 -34.73 14.30 -81.37
C ARG V 66 -35.88 13.50 -80.70
N GLY V 67 -36.47 14.02 -79.64
CA GLY V 67 -37.59 13.37 -78.96
C GLY V 67 -37.22 12.49 -77.79
N PHE V 68 -35.93 12.48 -77.39
CA PHE V 68 -35.50 11.64 -76.27
C PHE V 68 -35.60 12.36 -74.95
N ARG V 69 -35.93 11.61 -73.91
CA ARG V 69 -36.02 12.11 -72.56
C ARG V 69 -35.19 11.18 -71.64
N VAL V 70 -34.46 11.75 -70.68
CA VAL V 70 -33.71 10.97 -69.70
C VAL V 70 -34.70 10.27 -68.77
N LEU V 71 -34.61 8.95 -68.68
CA LEU V 71 -35.44 8.18 -67.76
C LEU V 71 -34.65 7.91 -66.47
N SER V 72 -33.34 7.65 -66.59
CA SER V 72 -32.53 7.32 -65.46
C SER V 72 -31.05 7.67 -65.71
N MET V 73 -30.34 8.00 -64.64
CA MET V 73 -28.91 8.29 -64.68
C MET V 73 -28.26 7.50 -63.54
N THR V 74 -27.15 6.77 -63.83
CA THR V 74 -26.50 6.02 -62.77
C THR V 74 -24.97 5.97 -62.92
N GLY V 75 -24.29 5.78 -61.81
CA GLY V 75 -22.85 5.61 -61.81
C GLY V 75 -22.55 4.14 -61.68
N VAL V 76 -21.54 3.65 -62.40
CA VAL V 76 -21.09 2.26 -62.29
C VAL V 76 -19.59 2.28 -62.56
N GLY V 77 -18.80 1.96 -61.54
CA GLY V 77 -17.35 2.06 -61.60
C GLY V 77 -16.99 3.53 -61.74
N GLN V 78 -16.22 3.85 -62.80
CA GLN V 78 -15.91 5.24 -63.14
C GLN V 78 -16.72 5.74 -64.35
N THR V 79 -17.85 5.09 -64.65
CA THR V 79 -18.69 5.44 -65.78
C THR V 79 -20.01 6.02 -65.31
N LEU V 80 -20.41 7.14 -65.89
CA LEU V 80 -21.68 7.77 -65.59
C LEU V 80 -22.57 7.49 -66.81
N VAL V 81 -23.71 6.80 -66.61
CA VAL V 81 -24.59 6.35 -67.69
C VAL V 81 -25.94 7.02 -67.65
N TRP V 82 -26.48 7.37 -68.81
CA TRP V 82 -27.85 7.89 -68.93
C TRP V 82 -28.63 6.93 -69.82
N CYS V 83 -29.84 6.60 -69.41
CA CYS V 83 -30.76 5.78 -70.18
C CYS V 83 -31.87 6.74 -70.67
N LEU V 84 -31.95 6.93 -71.98
CA LEU V 84 -32.95 7.81 -72.60
C LEU V 84 -34.00 7.00 -73.35
N HIS V 85 -35.18 7.60 -73.52
CA HIS V 85 -36.30 6.95 -74.19
C HIS V 85 -37.02 7.95 -75.09
N LYS V 86 -37.30 7.52 -76.32
CA LYS V 86 -37.99 8.35 -77.31
C LYS V 86 -39.45 8.16 -77.00
N GLU V 87 -40.03 9.09 -76.22
CA GLU V 87 -41.40 8.98 -75.72
C GLU V 87 -42.48 9.22 -76.79
N MET W 4 -31.01 25.38 -73.63
CA MET W 4 -30.13 24.54 -72.79
C MET W 4 -30.95 23.86 -71.68
N PRO W 5 -31.72 22.81 -72.01
CA PRO W 5 -32.62 22.22 -71.01
C PRO W 5 -31.96 21.38 -69.90
N TYR W 6 -30.82 20.74 -70.16
CA TYR W 6 -30.20 19.87 -69.15
C TYR W 6 -29.10 20.54 -68.35
N LEU W 7 -29.02 20.16 -67.08
CA LEU W 7 -28.01 20.67 -66.16
C LEU W 7 -27.46 19.53 -65.32
N LEU W 8 -26.14 19.53 -65.07
CA LEU W 8 -25.52 18.53 -64.23
C LEU W 8 -24.86 19.24 -63.08
N ILE W 9 -25.17 18.86 -61.84
CA ILE W 9 -24.52 19.44 -60.67
C ILE W 9 -23.94 18.31 -59.82
N SER W 10 -22.90 18.60 -59.03
CA SER W 10 -22.27 17.54 -58.25
C SER W 10 -21.54 18.03 -57.01
N THR W 11 -21.32 17.12 -56.06
CA THR W 11 -20.53 17.38 -54.88
C THR W 11 -19.71 16.12 -54.56
N GLN W 12 -18.61 16.29 -53.83
CA GLN W 12 -17.77 15.16 -53.46
C GLN W 12 -17.74 14.96 -51.96
N ILE W 13 -17.46 13.73 -51.53
CA ILE W 13 -17.17 13.29 -50.16
C ILE W 13 -18.32 13.42 -49.14
N ARG W 14 -18.93 14.59 -48.98
CA ARG W 14 -20.08 14.76 -48.08
C ARG W 14 -21.13 15.60 -48.78
N MET W 15 -22.40 15.25 -48.62
CA MET W 15 -23.49 15.97 -49.29
C MET W 15 -23.89 17.28 -48.59
N GLU W 16 -23.52 17.45 -47.31
CA GLU W 16 -23.95 18.60 -46.53
C GLU W 16 -23.14 19.86 -46.75
N VAL W 17 -22.00 19.75 -47.45
CA VAL W 17 -21.10 20.88 -47.61
C VAL W 17 -20.64 21.00 -49.05
N GLY W 18 -20.36 22.22 -49.47
CA GLY W 18 -19.80 22.47 -50.78
C GLY W 18 -18.31 22.13 -50.82
N PRO W 19 -17.60 22.42 -51.92
CA PRO W 19 -18.08 23.07 -53.14
C PRO W 19 -19.04 22.20 -53.95
N THR W 20 -19.92 22.85 -54.72
CA THR W 20 -20.83 22.16 -55.62
C THR W 20 -20.45 22.59 -57.06
N MET W 21 -20.16 21.62 -57.94
CA MET W 21 -19.85 21.89 -59.34
C MET W 21 -21.16 22.14 -60.03
N VAL W 22 -21.28 23.27 -60.74
CA VAL W 22 -22.54 23.63 -61.37
C VAL W 22 -22.46 23.87 -62.88
N GLY W 23 -21.30 23.70 -63.48
CA GLY W 23 -21.15 23.89 -64.92
C GLY W 23 -19.82 23.60 -65.55
N ASP W 24 -19.79 23.74 -66.86
CA ASP W 24 -18.63 23.51 -67.70
C ASP W 24 -18.42 24.74 -68.63
N GLU W 25 -17.41 24.69 -69.50
CA GLU W 25 -17.05 25.81 -70.37
C GLU W 25 -18.20 26.35 -71.19
N GLN W 26 -19.10 25.46 -71.62
CA GLN W 26 -20.23 25.86 -72.45
C GLN W 26 -21.53 26.08 -71.66
N SER W 27 -21.43 26.29 -70.35
CA SER W 27 -22.60 26.58 -69.52
C SER W 27 -23.10 28.00 -69.74
N ASP W 28 -24.39 28.23 -69.47
CA ASP W 28 -25.03 29.54 -69.59
C ASP W 28 -24.35 30.53 -68.63
N PRO W 29 -23.68 31.55 -69.15
CA PRO W 29 -22.94 32.48 -68.26
C PRO W 29 -23.82 33.27 -67.30
N GLU W 30 -25.06 33.56 -67.70
CA GLU W 30 -26.00 34.29 -66.85
C GLU W 30 -26.42 33.40 -65.67
N LEU W 31 -26.67 32.11 -65.93
CA LEU W 31 -27.05 31.17 -64.86
C LEU W 31 -25.88 30.98 -63.89
N MET W 32 -24.64 30.91 -64.42
CA MET W 32 -23.47 30.77 -63.56
C MET W 32 -23.29 32.03 -62.68
N GLN W 33 -23.53 33.22 -63.25
CA GLN W 33 -23.45 34.47 -62.51
C GLN W 33 -24.54 34.52 -61.43
N HIS W 34 -25.77 34.10 -61.78
CA HIS W 34 -26.92 34.04 -60.86
C HIS W 34 -26.61 33.16 -59.64
N LEU W 35 -25.96 32.00 -59.84
CA LEU W 35 -25.61 31.11 -58.76
C LEU W 35 -24.40 31.60 -57.92
N GLY W 36 -23.67 32.62 -58.40
CA GLY W 36 -22.48 33.13 -57.77
C GLY W 36 -21.29 32.22 -58.00
N ALA W 37 -21.25 31.57 -59.17
CA ALA W 37 -20.22 30.62 -59.49
C ALA W 37 -18.90 31.23 -59.95
N SER W 38 -17.79 30.55 -59.63
CA SER W 38 -16.46 30.93 -60.07
C SER W 38 -16.00 29.89 -61.09
N LYS W 39 -15.11 30.30 -61.98
CA LYS W 39 -14.59 29.43 -63.01
C LYS W 39 -13.14 29.05 -62.68
N ARG W 40 -12.79 27.77 -62.82
CA ARG W 40 -11.43 27.32 -62.57
C ARG W 40 -11.06 26.11 -63.45
N ARG W 41 -9.77 25.79 -63.52
CA ARG W 41 -9.30 24.61 -64.23
C ARG W 41 -8.36 23.91 -63.27
N ALA W 42 -8.73 22.71 -62.77
CA ALA W 42 -7.87 21.98 -61.87
C ALA W 42 -6.61 21.52 -62.64
N LEU W 43 -5.43 21.56 -61.99
CA LEU W 43 -4.17 21.21 -62.64
C LEU W 43 -4.18 19.85 -63.33
N GLY W 44 -3.72 19.83 -64.58
CA GLY W 44 -3.70 18.63 -65.40
C GLY W 44 -5.00 18.34 -66.13
N ASN W 45 -6.09 19.08 -65.79
CA ASN W 45 -7.38 18.85 -66.47
C ASN W 45 -7.45 19.60 -67.79
N ASN W 46 -8.14 18.99 -68.75
CA ASN W 46 -8.33 19.55 -70.09
C ASN W 46 -9.65 20.34 -70.22
N PHE W 47 -10.18 20.86 -69.10
CA PHE W 47 -11.45 21.56 -69.12
C PHE W 47 -11.61 22.51 -67.95
N TYR W 48 -12.42 23.56 -68.15
CA TYR W 48 -12.80 24.52 -67.11
C TYR W 48 -14.11 24.06 -66.48
N GLU W 49 -14.31 24.44 -65.23
CA GLU W 49 -15.51 24.10 -64.50
C GLU W 49 -16.01 25.30 -63.70
N TYR W 50 -17.31 25.34 -63.44
CA TYR W 50 -17.91 26.35 -62.60
C TYR W 50 -18.27 25.69 -61.28
N TYR W 51 -18.07 26.39 -60.19
CA TYR W 51 -18.37 25.86 -58.87
C TYR W 51 -18.87 26.95 -57.93
N VAL W 52 -19.60 26.56 -56.91
CA VAL W 52 -20.09 27.44 -55.86
C VAL W 52 -19.66 26.87 -54.52
N ASP W 53 -19.59 27.72 -53.49
CA ASP W 53 -19.22 27.27 -52.15
C ASP W 53 -20.40 26.60 -51.41
N ASP W 54 -21.63 26.84 -51.87
CA ASP W 54 -22.84 26.34 -51.27
C ASP W 54 -22.98 24.84 -51.31
N PRO W 55 -23.63 24.26 -50.29
CA PRO W 55 -23.92 22.82 -50.34
C PRO W 55 -24.99 22.55 -51.41
N PRO W 56 -25.04 21.32 -51.95
CA PRO W 56 -25.99 21.04 -53.06
C PRO W 56 -27.47 21.29 -52.78
N ARG W 57 -27.95 21.13 -51.54
CA ARG W 57 -29.37 21.38 -51.22
C ARG W 57 -29.75 22.85 -51.52
N ILE W 58 -28.85 23.80 -51.22
CA ILE W 58 -29.06 25.22 -51.51
C ILE W 58 -29.11 25.45 -53.02
N VAL W 59 -28.19 24.82 -53.78
CA VAL W 59 -28.16 24.95 -55.22
C VAL W 59 -29.43 24.41 -55.86
N LEU W 60 -29.94 23.26 -55.38
CA LEU W 60 -31.18 22.65 -55.87
C LEU W 60 -32.38 23.59 -55.69
N ASP W 61 -32.48 24.27 -54.53
CA ASP W 61 -33.55 25.22 -54.26
C ASP W 61 -33.46 26.42 -55.20
N LYS W 62 -32.25 26.91 -55.45
CA LYS W 62 -32.05 28.05 -56.35
C LYS W 62 -32.43 27.65 -57.78
N LEU W 63 -32.07 26.43 -58.21
CA LEU W 63 -32.37 25.94 -59.55
C LEU W 63 -33.87 25.69 -59.78
N GLU W 64 -34.63 25.35 -58.72
CA GLU W 64 -36.08 25.20 -58.84
C GLU W 64 -36.69 26.58 -59.19
N ARG W 65 -36.17 27.65 -58.58
CA ARG W 65 -36.65 29.02 -58.88
C ARG W 65 -36.28 29.48 -60.30
N ARG W 66 -35.40 28.74 -61.00
CA ARG W 66 -35.06 28.99 -62.39
C ARG W 66 -35.78 28.01 -63.37
N GLY W 67 -36.71 27.20 -62.87
CA GLY W 67 -37.48 26.28 -63.70
C GLY W 67 -36.91 24.88 -63.85
N PHE W 68 -35.86 24.50 -63.09
CA PHE W 68 -35.30 23.16 -63.23
C PHE W 68 -35.86 22.17 -62.20
N ARG W 69 -36.08 20.94 -62.62
CA ARG W 69 -36.49 19.87 -61.70
C ARG W 69 -35.42 18.78 -61.72
N VAL W 70 -35.24 18.09 -60.59
CA VAL W 70 -34.33 16.97 -60.53
C VAL W 70 -34.99 15.78 -61.24
N LEU W 71 -34.32 15.22 -62.23
CA LEU W 71 -34.78 14.04 -62.94
C LEU W 71 -34.15 12.80 -62.31
N SER W 72 -32.86 12.89 -61.95
CA SER W 72 -32.15 11.75 -61.41
C SER W 72 -30.99 12.21 -60.50
N MET W 73 -30.65 11.37 -59.53
CA MET W 73 -29.52 11.59 -58.63
C MET W 73 -28.73 10.28 -58.55
N THR W 74 -27.40 10.33 -58.71
CA THR W 74 -26.59 9.11 -58.64
C THR W 74 -25.23 9.33 -58.01
N GLY W 75 -24.68 8.26 -57.44
CA GLY W 75 -23.33 8.28 -56.91
C GLY W 75 -22.43 7.62 -57.92
N VAL W 76 -21.20 8.14 -58.09
CA VAL W 76 -20.21 7.52 -58.93
C VAL W 76 -18.88 7.86 -58.29
N GLY W 77 -18.18 6.83 -57.82
CA GLY W 77 -16.95 7.03 -57.06
C GLY W 77 -17.27 7.76 -55.76
N GLN W 78 -16.60 8.88 -55.52
CA GLN W 78 -16.92 9.72 -54.37
C GLN W 78 -17.72 10.98 -54.77
N THR W 79 -18.35 10.98 -55.94
CA THR W 79 -19.10 12.10 -56.46
C THR W 79 -20.59 11.80 -56.46
N LEU W 80 -21.37 12.73 -55.95
CA LEU W 80 -22.83 12.64 -55.93
C LEU W 80 -23.32 13.62 -57.00
N VAL W 81 -24.04 13.13 -58.02
CA VAL W 81 -24.46 13.90 -59.18
C VAL W 81 -25.97 14.04 -59.26
N TRP W 82 -26.45 15.22 -59.66
CA TRP W 82 -27.87 15.45 -59.94
C TRP W 82 -27.99 15.87 -61.39
N CYS W 83 -28.97 15.30 -62.09
CA CYS W 83 -29.28 15.65 -63.46
C CYS W 83 -30.61 16.40 -63.39
N LEU W 84 -30.62 17.69 -63.76
CA LEU W 84 -31.80 18.53 -63.75
C LEU W 84 -32.24 18.85 -65.16
N HIS W 85 -33.54 19.19 -65.32
CA HIS W 85 -34.11 19.52 -66.61
C HIS W 85 -35.05 20.71 -66.47
N LYS W 86 -34.93 21.67 -67.39
CA LYS W 86 -35.75 22.87 -67.42
C LYS W 86 -37.05 22.52 -68.10
N GLU W 87 -38.11 22.39 -67.29
CA GLU W 87 -39.45 22.03 -67.72
C GLU W 87 -40.50 22.88 -66.99
N MET X 4 -38.02 26.27 -49.04
CA MET X 4 -36.98 25.23 -48.95
C MET X 4 -37.53 23.89 -49.49
N PRO X 5 -37.69 23.74 -50.81
CA PRO X 5 -38.35 22.53 -51.34
C PRO X 5 -37.55 21.23 -51.28
N TYR X 6 -36.21 21.29 -51.37
CA TYR X 6 -35.41 20.07 -51.40
C TYR X 6 -34.85 19.65 -50.04
N LEU X 7 -34.74 18.34 -49.84
CA LEU X 7 -34.19 17.77 -48.63
C LEU X 7 -33.29 16.60 -48.99
N LEU X 8 -32.15 16.44 -48.30
CA LEU X 8 -31.27 15.31 -48.51
C LEU X 8 -31.15 14.56 -47.20
N ILE X 9 -31.42 13.26 -47.22
CA ILE X 9 -31.26 12.43 -46.02
C ILE X 9 -30.35 11.24 -46.36
N SER X 10 -29.68 10.68 -45.34
CA SER X 10 -28.76 9.57 -45.63
C SER X 10 -28.52 8.65 -44.45
N THR X 11 -28.03 7.46 -44.73
CA THR X 11 -27.60 6.50 -43.73
C THR X 11 -26.35 5.76 -44.25
N GLN X 12 -25.54 5.23 -43.33
CA GLN X 12 -24.35 4.51 -43.72
C GLN X 12 -24.39 3.05 -43.35
N ILE X 13 -23.62 2.22 -44.07
CA ILE X 13 -23.34 0.80 -43.80
C ILE X 13 -24.56 -0.15 -43.88
N ARG X 14 -25.66 0.12 -43.18
CA ARG X 14 -26.87 -0.71 -43.24
C ARG X 14 -28.08 0.19 -43.30
N MET X 15 -29.08 -0.17 -44.12
CA MET X 15 -30.27 0.66 -44.29
C MET X 15 -31.31 0.46 -43.18
N GLU X 16 -31.22 -0.64 -42.41
CA GLU X 16 -32.24 -0.95 -41.40
C GLU X 16 -32.07 -0.24 -40.07
N VAL X 17 -30.93 0.42 -39.86
CA VAL X 17 -30.63 1.05 -38.58
C VAL X 17 -30.08 2.46 -38.78
N GLY X 18 -30.34 3.32 -37.82
CA GLY X 18 -29.79 4.68 -37.83
C GLY X 18 -28.33 4.66 -37.42
N PRO X 19 -27.67 5.83 -37.24
CA PRO X 19 -28.22 7.19 -37.38
C PRO X 19 -28.61 7.55 -38.82
N THR X 20 -29.52 8.49 -38.95
CA THR X 20 -29.93 9.01 -40.26
C THR X 20 -29.60 10.50 -40.26
N MET X 21 -28.81 10.97 -41.22
CA MET X 21 -28.46 12.38 -41.36
C MET X 21 -29.64 13.05 -42.02
N VAL X 22 -30.16 14.13 -41.42
CA VAL X 22 -31.35 14.78 -41.94
C VAL X 22 -31.19 16.27 -42.27
N GLY X 23 -29.99 16.82 -42.10
CA GLY X 23 -29.77 18.22 -42.41
C GLY X 23 -28.36 18.77 -42.26
N ASP X 24 -28.19 19.99 -42.72
CA ASP X 24 -26.95 20.76 -42.69
C ASP X 24 -27.17 22.06 -41.85
N GLU X 25 -26.15 22.91 -41.72
CA GLU X 25 -26.21 24.16 -40.92
C GLU X 25 -27.37 25.06 -41.30
N GLN X 26 -27.71 25.12 -42.59
CA GLN X 26 -28.79 25.98 -43.06
C GLN X 26 -30.14 25.29 -43.18
N SER X 27 -30.32 24.14 -42.53
CA SER X 27 -31.59 23.43 -42.55
C SER X 27 -32.65 24.17 -41.72
N ASP X 28 -33.93 23.92 -42.02
CA ASP X 28 -35.07 24.50 -41.34
C ASP X 28 -35.04 24.01 -39.88
N PRO X 29 -34.85 24.94 -38.92
CA PRO X 29 -34.75 24.53 -37.51
C PRO X 29 -36.01 23.89 -36.95
N GLU X 30 -37.19 24.30 -37.46
CA GLU X 30 -38.44 23.74 -37.01
C GLU X 30 -38.58 22.29 -37.49
N LEU X 31 -38.19 22.01 -38.74
CA LEU X 31 -38.25 20.65 -39.28
C LEU X 31 -37.27 19.74 -38.52
N MET X 32 -36.07 20.26 -38.19
CA MET X 32 -35.09 19.48 -37.43
C MET X 32 -35.64 19.17 -36.01
N GLN X 33 -36.32 20.15 -35.39
CA GLN X 33 -36.92 19.96 -34.07
C GLN X 33 -38.05 18.93 -34.14
N HIS X 34 -38.89 19.01 -35.19
CA HIS X 34 -40.00 18.08 -35.42
C HIS X 34 -39.49 16.63 -35.57
N LEU X 35 -38.37 16.42 -36.27
CA LEU X 35 -37.79 15.09 -36.42
C LEU X 35 -37.07 14.57 -35.16
N GLY X 36 -36.83 15.44 -34.19
CA GLY X 36 -36.11 15.09 -32.98
C GLY X 36 -34.61 15.02 -33.24
N ALA X 37 -34.12 15.85 -34.17
CA ALA X 37 -32.72 15.84 -34.57
C ALA X 37 -31.79 16.58 -33.63
N SER X 38 -30.57 16.09 -33.52
CA SER X 38 -29.50 16.72 -32.76
C SER X 38 -28.46 17.29 -33.73
N LYS X 39 -27.74 18.31 -33.31
CA LYS X 39 -26.74 18.95 -34.14
C LYS X 39 -25.34 18.58 -33.65
N ARG X 40 -24.44 18.24 -34.57
CA ARG X 40 -23.06 17.90 -34.19
C ARG X 40 -22.07 18.23 -35.32
N ARG X 41 -20.78 18.24 -35.00
CA ARG X 41 -19.73 18.47 -35.97
C ARG X 41 -18.70 17.36 -35.73
N ALA X 42 -18.56 16.42 -36.68
CA ALA X 42 -17.59 15.34 -36.53
C ALA X 42 -16.16 15.93 -36.59
N LEU X 43 -15.24 15.39 -35.77
CA LEU X 43 -13.87 15.91 -35.69
C LEU X 43 -13.16 16.05 -37.05
N GLY X 44 -12.58 17.22 -37.29
CA GLY X 44 -11.90 17.51 -38.54
C GLY X 44 -12.80 18.01 -39.65
N ASN X 45 -14.15 17.94 -39.45
CA ASN X 45 -15.10 18.41 -40.47
C ASN X 45 -15.32 19.91 -40.37
N ASN X 46 -15.49 20.54 -41.53
CA ASN X 46 -15.74 21.97 -41.68
C ASN X 46 -17.23 22.30 -41.73
N PHE X 47 -18.10 21.45 -41.15
CA PHE X 47 -19.54 21.66 -41.22
C PHE X 47 -20.28 20.95 -40.09
N TYR X 48 -21.44 21.49 -39.73
CA TYR X 48 -22.36 20.90 -38.77
C TYR X 48 -23.39 20.06 -39.52
N GLU X 49 -23.92 19.05 -38.86
CA GLU X 49 -24.92 18.18 -39.43
C GLU X 49 -26.01 17.90 -38.39
N TYR X 50 -27.22 17.61 -38.89
CA TYR X 50 -28.32 17.20 -38.05
C TYR X 50 -28.54 15.72 -38.27
N TYR X 51 -28.82 14.99 -37.19
CA TYR X 51 -29.03 13.55 -37.30
C TYR X 51 -30.09 13.07 -36.31
N VAL X 52 -30.68 11.92 -36.60
CA VAL X 52 -31.65 11.26 -35.74
C VAL X 52 -31.16 9.81 -35.51
N ASP X 53 -31.59 9.17 -34.42
CA ASP X 53 -31.23 7.77 -34.16
C ASP X 53 -32.09 6.78 -34.97
N ASP X 54 -33.23 7.24 -35.51
CA ASP X 54 -34.16 6.43 -36.26
C ASP X 54 -33.58 5.89 -37.56
N PRO X 55 -34.04 4.69 -37.97
CA PRO X 55 -33.63 4.19 -39.30
C PRO X 55 -34.32 5.03 -40.39
N PRO X 56 -33.73 5.08 -41.60
CA PRO X 56 -34.31 5.92 -42.65
C PRO X 56 -35.78 5.68 -43.03
N ARG X 57 -36.29 4.45 -42.94
CA ARG X 57 -37.68 4.16 -43.26
C ARG X 57 -38.64 4.98 -42.38
N ILE X 58 -38.32 5.13 -41.09
CA ILE X 58 -39.10 5.93 -40.14
C ILE X 58 -39.04 7.41 -40.52
N VAL X 59 -37.85 7.91 -40.88
CA VAL X 59 -37.69 9.31 -41.27
C VAL X 59 -38.49 9.61 -42.55
N LEU X 60 -38.48 8.69 -43.53
CA LEU X 60 -39.24 8.87 -44.76
C LEU X 60 -40.74 8.99 -44.49
N ASP X 61 -41.27 8.19 -43.56
CA ASP X 61 -42.69 8.24 -43.19
C ASP X 61 -43.01 9.58 -42.51
N LYS X 62 -42.11 10.07 -41.64
CA LYS X 62 -42.32 11.35 -40.97
C LYS X 62 -42.32 12.51 -41.99
N LEU X 63 -41.39 12.48 -42.95
CA LEU X 63 -41.28 13.53 -43.96
C LEU X 63 -42.48 13.54 -44.92
N GLU X 64 -43.09 12.36 -45.19
CA GLU X 64 -44.30 12.32 -46.05
C GLU X 64 -45.43 13.11 -45.35
N ARG X 65 -45.55 12.98 -44.02
CA ARG X 65 -46.56 13.74 -43.26
C ARG X 65 -46.30 15.26 -43.27
N ARG X 66 -45.10 15.69 -43.70
CA ARG X 66 -44.75 17.10 -43.84
C ARG X 66 -44.81 17.58 -45.33
N GLY X 67 -45.28 16.73 -46.24
CA GLY X 67 -45.41 17.10 -47.63
C GLY X 67 -44.27 16.70 -48.54
N PHE X 68 -43.28 15.95 -48.02
CA PHE X 68 -42.14 15.55 -48.83
C PHE X 68 -42.35 14.23 -49.51
N ARG X 69 -41.86 14.11 -50.74
CA ARG X 69 -41.91 12.88 -51.51
C ARG X 69 -40.49 12.54 -51.97
N VAL X 70 -40.16 11.24 -52.00
CA VAL X 70 -38.86 10.80 -52.48
C VAL X 70 -38.83 10.97 -54.00
N LEU X 71 -37.87 11.73 -54.52
CA LEU X 71 -37.65 11.88 -55.96
C LEU X 71 -36.62 10.86 -56.43
N SER X 72 -35.58 10.63 -55.64
CA SER X 72 -34.50 9.73 -56.03
C SER X 72 -33.79 9.13 -54.81
N MET X 73 -33.22 7.94 -54.98
CA MET X 73 -32.44 7.26 -53.95
C MET X 73 -31.15 6.75 -54.61
N THR X 74 -29.98 7.00 -54.01
CA THR X 74 -28.73 6.52 -54.61
C THR X 74 -27.70 6.08 -53.58
N GLY X 75 -26.82 5.19 -53.99
CA GLY X 75 -25.71 4.78 -53.16
C GLY X 75 -24.45 5.50 -53.62
N VAL X 76 -23.61 5.91 -52.70
CA VAL X 76 -22.32 6.53 -53.02
C VAL X 76 -21.39 6.12 -51.88
N GLY X 77 -20.34 5.35 -52.22
CA GLY X 77 -19.44 4.76 -51.23
C GLY X 77 -20.23 3.83 -50.33
N GLN X 78 -20.19 4.08 -49.02
CA GLN X 78 -20.99 3.31 -48.06
C GLN X 78 -22.20 4.13 -47.55
N THR X 79 -22.63 5.14 -48.31
CA THR X 79 -23.73 6.02 -47.91
C THR X 79 -24.92 5.82 -48.85
N LEU X 80 -26.11 5.69 -48.28
CA LEU X 80 -27.33 5.55 -49.03
C LEU X 80 -28.07 6.88 -48.84
N VAL X 81 -28.35 7.60 -49.94
CA VAL X 81 -28.92 8.94 -49.93
C VAL X 81 -30.30 9.00 -50.55
N TRP X 82 -31.22 9.79 -49.98
CA TRP X 82 -32.54 10.03 -50.54
C TRP X 82 -32.64 11.54 -50.78
N CYS X 83 -33.16 11.90 -51.95
CA CYS X 83 -33.41 13.28 -52.30
C CYS X 83 -34.93 13.44 -52.30
N LEU X 84 -35.46 14.25 -51.38
CA LEU X 84 -36.88 14.51 -51.23
C LEU X 84 -37.25 15.90 -51.70
N HIS X 85 -38.53 16.09 -52.08
CA HIS X 85 -39.02 17.36 -52.57
C HIS X 85 -40.46 17.61 -52.07
N LYS X 86 -40.83 18.86 -51.76
CA LYS X 86 -42.20 19.17 -51.33
C LYS X 86 -42.86 20.20 -52.25
N MET Y 4 -47.72 3.44 -42.62
CA MET Y 4 -46.33 3.11 -42.98
C MET Y 4 -46.21 3.03 -44.52
N PRO Y 5 -46.12 4.19 -45.20
CA PRO Y 5 -46.10 4.18 -46.67
C PRO Y 5 -44.79 3.71 -47.32
N TYR Y 6 -43.63 3.88 -46.67
CA TYR Y 6 -42.36 3.51 -47.30
C TYR Y 6 -41.86 2.12 -46.91
N LEU Y 7 -41.19 1.47 -47.86
CA LEU Y 7 -40.61 0.14 -47.65
C LEU Y 7 -39.24 0.09 -48.29
N LEU Y 8 -38.29 -0.57 -47.65
CA LEU Y 8 -36.95 -0.73 -48.21
C LEU Y 8 -36.68 -2.22 -48.30
N ILE Y 9 -36.35 -2.73 -49.48
CA ILE Y 9 -35.96 -4.13 -49.64
C ILE Y 9 -34.57 -4.21 -50.28
N SER Y 10 -33.83 -5.32 -50.03
CA SER Y 10 -32.49 -5.42 -50.60
C SER Y 10 -32.01 -6.85 -50.80
N THR Y 11 -31.02 -7.02 -51.66
CA THR Y 11 -30.35 -8.29 -51.87
C THR Y 11 -28.85 -8.03 -52.07
N GLN Y 12 -28.02 -9.02 -51.77
CA GLN Y 12 -26.58 -8.88 -51.93
C GLN Y 12 -26.04 -9.78 -53.02
N ILE Y 13 -24.89 -9.38 -53.60
CA ILE Y 13 -24.04 -10.12 -54.54
C ILE Y 13 -24.66 -10.47 -55.91
N ARG Y 14 -25.86 -11.05 -55.97
CA ARG Y 14 -26.52 -11.38 -57.24
C ARG Y 14 -28.01 -11.06 -57.08
N MET Y 15 -28.61 -10.51 -58.14
CA MET Y 15 -30.04 -10.14 -58.08
C MET Y 15 -30.99 -11.29 -58.31
N GLU Y 16 -30.51 -12.43 -58.87
CA GLU Y 16 -31.39 -13.56 -59.22
C GLU Y 16 -31.68 -14.51 -58.09
N VAL Y 17 -31.03 -14.35 -56.95
CA VAL Y 17 -31.22 -15.28 -55.85
C VAL Y 17 -31.36 -14.53 -54.54
N GLY Y 18 -32.11 -15.11 -53.62
CA GLY Y 18 -32.25 -14.58 -52.27
C GLY Y 18 -30.99 -14.87 -51.45
N PRO Y 19 -30.98 -14.57 -50.13
CA PRO Y 19 -32.08 -13.95 -49.35
C PRO Y 19 -32.37 -12.51 -49.75
N THR Y 20 -33.59 -12.05 -49.50
CA THR Y 20 -34.00 -10.68 -49.74
C THR Y 20 -34.38 -10.09 -48.38
N MET Y 21 -33.76 -8.98 -47.97
CA MET Y 21 -34.08 -8.31 -46.71
C MET Y 21 -35.32 -7.51 -46.97
N VAL Y 22 -36.35 -7.67 -46.14
CA VAL Y 22 -37.63 -7.00 -46.35
C VAL Y 22 -38.09 -6.13 -45.19
N GLY Y 23 -37.30 -6.01 -44.13
CA GLY Y 23 -37.69 -5.19 -42.99
C GLY Y 23 -36.73 -5.05 -41.83
N ASP Y 24 -37.08 -4.13 -40.94
CA ASP Y 24 -36.33 -3.82 -39.72
C ASP Y 24 -37.21 -4.13 -38.47
N GLU Y 25 -36.71 -3.87 -37.25
CA GLU Y 25 -37.43 -4.15 -36.01
C GLU Y 25 -38.83 -3.55 -35.95
N GLN Y 26 -39.01 -2.36 -36.52
CA GLN Y 26 -40.27 -1.66 -36.48
C GLN Y 26 -41.15 -1.87 -37.71
N SER Y 27 -40.86 -2.87 -38.53
CA SER Y 27 -41.66 -3.19 -39.71
C SER Y 27 -43.04 -3.76 -39.33
N ASP Y 28 -44.03 -3.59 -40.25
CA ASP Y 28 -45.40 -4.08 -40.09
C ASP Y 28 -45.37 -5.60 -39.94
N PRO Y 29 -45.75 -6.13 -38.77
CA PRO Y 29 -45.69 -7.59 -38.56
C PRO Y 29 -46.57 -8.43 -39.47
N GLU Y 30 -47.73 -7.86 -39.86
CA GLU Y 30 -48.65 -8.56 -40.75
C GLU Y 30 -48.04 -8.68 -42.15
N LEU Y 31 -47.41 -7.60 -42.63
CA LEU Y 31 -46.75 -7.62 -43.94
C LEU Y 31 -45.59 -8.62 -43.94
N MET Y 32 -44.82 -8.67 -42.83
CA MET Y 32 -43.69 -9.60 -42.71
C MET Y 32 -44.20 -11.05 -42.72
N GLN Y 33 -45.33 -11.30 -42.05
CA GLN Y 33 -45.94 -12.63 -42.03
C GLN Y 33 -46.45 -13.00 -43.44
N HIS Y 34 -47.08 -12.04 -44.13
CA HIS Y 34 -47.61 -12.25 -45.48
C HIS Y 34 -46.50 -12.63 -46.46
N LEU Y 35 -45.31 -12.00 -46.33
CA LEU Y 35 -44.18 -12.32 -47.20
C LEU Y 35 -43.49 -13.65 -46.84
N GLY Y 36 -43.81 -14.21 -45.69
CA GLY Y 36 -43.17 -15.43 -45.20
C GLY Y 36 -41.79 -15.12 -44.65
N ALA Y 37 -41.60 -13.93 -44.06
CA ALA Y 37 -40.32 -13.49 -43.54
C ALA Y 37 -39.97 -14.02 -42.18
N SER Y 38 -38.68 -14.24 -41.95
CA SER Y 38 -38.12 -14.66 -40.67
C SER Y 38 -37.33 -13.49 -40.08
N LYS Y 39 -37.19 -13.45 -38.77
CA LYS Y 39 -36.48 -12.39 -38.10
C LYS Y 39 -35.15 -12.92 -37.57
N ARG Y 40 -34.07 -12.15 -37.72
CA ARG Y 40 -32.77 -12.56 -37.21
C ARG Y 40 -31.88 -11.35 -36.88
N ARG Y 41 -30.75 -11.61 -36.25
CA ARG Y 41 -29.77 -10.60 -35.93
C ARG Y 41 -28.42 -11.20 -36.29
N ALA Y 42 -27.76 -10.62 -37.29
CA ALA Y 42 -26.44 -11.11 -37.68
C ALA Y 42 -25.45 -10.76 -36.54
N LEU Y 43 -24.52 -11.68 -36.25
CA LEU Y 43 -23.57 -11.50 -35.13
C LEU Y 43 -22.83 -10.16 -35.18
N GLY Y 44 -22.80 -9.48 -34.04
CA GLY Y 44 -22.15 -8.18 -33.92
C GLY Y 44 -23.02 -7.00 -34.31
N ASN Y 45 -24.21 -7.27 -34.94
CA ASN Y 45 -25.09 -6.19 -35.34
C ASN Y 45 -25.95 -5.70 -34.20
N ASN Y 46 -26.24 -4.40 -34.21
CA ASN Y 46 -27.05 -3.73 -33.21
C ASN Y 46 -28.51 -3.60 -33.66
N PHE Y 47 -29.00 -4.52 -34.52
CA PHE Y 47 -30.37 -4.43 -35.03
C PHE Y 47 -30.87 -5.77 -35.54
N TYR Y 48 -32.21 -5.91 -35.59
CA TYR Y 48 -32.90 -7.07 -36.13
C TYR Y 48 -33.35 -6.79 -37.55
N GLU Y 49 -33.39 -7.84 -38.35
CA GLU Y 49 -33.81 -7.72 -39.73
C GLU Y 49 -34.80 -8.83 -40.10
N TYR Y 50 -35.67 -8.55 -41.06
CA TYR Y 50 -36.57 -9.53 -41.61
C TYR Y 50 -36.07 -9.91 -42.98
N TYR Y 51 -36.14 -11.19 -43.33
CA TYR Y 51 -35.65 -11.67 -44.62
C TYR Y 51 -36.51 -12.80 -45.15
N VAL Y 52 -36.48 -12.99 -46.47
CA VAL Y 52 -37.16 -14.09 -47.14
C VAL Y 52 -36.12 -14.82 -48.01
N ASP Y 53 -36.37 -16.10 -48.31
CA ASP Y 53 -35.46 -16.88 -49.16
C ASP Y 53 -35.63 -16.54 -50.66
N ASP Y 54 -36.77 -15.92 -51.02
CA ASP Y 54 -37.11 -15.58 -52.39
C ASP Y 54 -36.17 -14.54 -53.02
N PRO Y 55 -35.95 -14.65 -54.33
CA PRO Y 55 -35.19 -13.60 -55.02
C PRO Y 55 -36.04 -12.31 -55.07
N PRO Y 56 -35.38 -11.15 -55.18
CA PRO Y 56 -36.13 -9.87 -55.13
C PRO Y 56 -37.26 -9.68 -56.14
N ARG Y 57 -37.15 -10.25 -57.35
CA ARG Y 57 -38.22 -10.13 -58.37
C ARG Y 57 -39.55 -10.69 -57.83
N ILE Y 58 -39.51 -11.82 -57.10
CA ILE Y 58 -40.69 -12.45 -56.49
C ILE Y 58 -41.27 -11.53 -55.42
N VAL Y 59 -40.41 -10.94 -54.58
CA VAL Y 59 -40.85 -10.03 -53.52
C VAL Y 59 -41.52 -8.78 -54.10
N LEU Y 60 -40.96 -8.23 -55.18
CA LEU Y 60 -41.51 -7.05 -55.84
C LEU Y 60 -42.93 -7.32 -56.36
N ASP Y 61 -43.17 -8.51 -56.94
CA ASP Y 61 -44.49 -8.90 -57.44
C ASP Y 61 -45.47 -9.04 -56.28
N LYS Y 62 -45.04 -9.63 -55.15
CA LYS Y 62 -45.89 -9.78 -53.98
C LYS Y 62 -46.27 -8.41 -53.41
N LEU Y 63 -45.30 -7.48 -53.38
CA LEU Y 63 -45.53 -6.14 -52.85
C LEU Y 63 -46.47 -5.29 -53.73
N GLU Y 64 -46.48 -5.53 -55.05
CA GLU Y 64 -47.41 -4.82 -55.93
C GLU Y 64 -48.86 -5.22 -55.56
N ARG Y 65 -49.08 -6.52 -55.26
CA ARG Y 65 -50.39 -7.00 -54.82
C ARG Y 65 -50.83 -6.45 -53.46
N ARG Y 66 -49.91 -5.80 -52.72
CA ARG Y 66 -50.19 -5.12 -51.46
C ARG Y 66 -50.27 -3.58 -51.62
N GLY Y 67 -50.21 -3.07 -52.84
CA GLY Y 67 -50.32 -1.64 -53.09
C GLY Y 67 -49.04 -0.87 -53.17
N PHE Y 68 -47.87 -1.58 -53.18
CA PHE Y 68 -46.59 -0.91 -53.24
C PHE Y 68 -46.11 -0.78 -54.68
N ARG Y 69 -45.39 0.31 -54.94
CA ARG Y 69 -44.78 0.58 -56.24
C ARG Y 69 -43.31 0.97 -56.01
N VAL Y 70 -42.42 0.50 -56.88
CA VAL Y 70 -41.01 0.86 -56.81
C VAL Y 70 -40.84 2.32 -57.20
N LEU Y 71 -40.25 3.12 -56.32
CA LEU Y 71 -39.95 4.53 -56.60
C LEU Y 71 -38.51 4.65 -57.10
N SER Y 72 -37.59 3.88 -56.51
CA SER Y 72 -36.19 3.96 -56.87
C SER Y 72 -35.48 2.63 -56.60
N MET Y 73 -34.44 2.34 -57.36
CA MET Y 73 -33.58 1.16 -57.17
C MET Y 73 -32.15 1.67 -57.24
N THR Y 74 -31.29 1.26 -56.28
CA THR Y 74 -29.90 1.69 -56.31
C THR Y 74 -28.93 0.63 -55.80
N GLY Y 75 -27.70 0.72 -56.24
CA GLY Y 75 -26.64 -0.15 -55.76
C GLY Y 75 -25.82 0.62 -54.75
N VAL Y 76 -25.38 -0.03 -53.70
CA VAL Y 76 -24.47 0.57 -52.72
C VAL Y 76 -23.62 -0.57 -52.20
N GLY Y 77 -22.31 -0.50 -52.47
CA GLY Y 77 -21.40 -1.58 -52.14
C GLY Y 77 -21.77 -2.82 -52.96
N GLN Y 78 -22.03 -3.94 -52.26
CA GLN Y 78 -22.51 -5.14 -52.91
C GLN Y 78 -24.00 -5.39 -52.61
N THR Y 79 -24.75 -4.32 -52.28
CA THR Y 79 -26.16 -4.41 -51.95
C THR Y 79 -26.99 -3.69 -53.00
N LEU Y 80 -28.03 -4.33 -53.47
CA LEU Y 80 -28.96 -3.75 -54.42
C LEU Y 80 -30.23 -3.45 -53.61
N VAL Y 81 -30.66 -2.17 -53.55
CA VAL Y 81 -31.76 -1.73 -52.72
C VAL Y 81 -32.93 -1.18 -53.55
N TRP Y 82 -34.17 -1.48 -53.14
CA TRP Y 82 -35.37 -0.92 -53.75
C TRP Y 82 -36.09 -0.13 -52.68
N CYS Y 83 -36.53 1.08 -53.04
CA CYS Y 83 -37.35 1.91 -52.17
C CYS Y 83 -38.77 1.87 -52.76
N LEU Y 84 -39.73 1.31 -52.03
CA LEU Y 84 -41.13 1.19 -52.45
C LEU Y 84 -42.03 2.13 -51.66
N HIS Y 85 -43.18 2.48 -52.24
CA HIS Y 85 -44.14 3.37 -51.61
C HIS Y 85 -45.56 2.89 -51.88
N LYS Y 86 -46.37 2.86 -50.81
CA LYS Y 86 -47.75 2.41 -50.84
C LYS Y 86 -48.58 3.56 -51.34
N GLU Y 87 -48.99 3.44 -52.61
CA GLU Y 87 -49.78 4.43 -53.34
C GLU Y 87 -50.83 3.75 -54.24
N MET Z 4 63.20 -49.80 -29.87
CA MET Z 4 62.14 -48.77 -29.95
C MET Z 4 62.64 -47.46 -29.32
N PRO Z 5 63.59 -46.75 -29.96
CA PRO Z 5 64.17 -45.57 -29.32
C PRO Z 5 63.28 -44.32 -29.27
N TYR Z 6 62.35 -44.13 -30.21
CA TYR Z 6 61.55 -42.90 -30.22
C TYR Z 6 60.18 -43.02 -29.55
N LEU Z 7 59.77 -41.94 -28.90
CA LEU Z 7 58.49 -41.84 -28.22
C LEU Z 7 57.85 -40.50 -28.55
N LEU Z 8 56.55 -40.46 -28.79
CA LEU Z 8 55.82 -39.22 -29.00
C LEU Z 8 54.77 -39.11 -27.93
N ILE Z 9 54.75 -38.00 -27.19
CA ILE Z 9 53.70 -37.75 -26.20
C ILE Z 9 53.04 -36.42 -26.49
N SER Z 10 51.76 -36.23 -26.10
CA SER Z 10 51.08 -34.98 -26.37
C SER Z 10 49.99 -34.64 -25.39
N THR Z 11 49.64 -33.36 -25.35
CA THR Z 11 48.51 -32.86 -24.57
C THR Z 11 47.82 -31.75 -25.37
N GLN Z 12 46.55 -31.52 -25.09
CA GLN Z 12 45.80 -30.50 -25.77
C GLN Z 12 45.39 -29.37 -24.87
N ILE Z 13 45.14 -28.18 -25.45
CA ILE Z 13 44.55 -26.98 -24.85
C ILE Z 13 45.37 -26.30 -23.72
N ARG Z 14 45.79 -27.03 -22.69
CA ARG Z 14 46.59 -26.47 -21.59
C ARG Z 14 47.66 -27.48 -21.24
N MET Z 15 48.87 -27.01 -20.97
CA MET Z 15 49.99 -27.88 -20.65
C MET Z 15 50.02 -28.39 -19.21
N GLU Z 16 49.30 -27.74 -18.30
CA GLU Z 16 49.33 -28.08 -16.86
C GLU Z 16 48.41 -29.23 -16.47
N VAL Z 17 47.55 -29.71 -17.38
CA VAL Z 17 46.60 -30.76 -17.03
C VAL Z 17 46.54 -31.83 -18.12
N GLY Z 18 46.24 -33.05 -17.73
CA GLY Z 18 46.02 -34.15 -18.66
C GLY Z 18 44.67 -34.06 -19.35
N PRO Z 19 44.24 -35.07 -20.16
CA PRO Z 19 44.96 -36.32 -20.48
C PRO Z 19 46.21 -36.08 -21.31
N THR Z 20 47.16 -37.02 -21.21
CA THR Z 20 48.38 -36.98 -21.99
C THR Z 20 48.38 -38.26 -22.86
N MET Z 21 48.49 -38.13 -24.19
CA MET Z 21 48.59 -39.27 -25.09
C MET Z 21 50.01 -39.77 -25.02
N VAL Z 22 50.22 -41.06 -24.77
CA VAL Z 22 51.55 -41.62 -24.60
C VAL Z 22 51.90 -42.76 -25.55
N GLY Z 23 51.00 -43.13 -26.46
CA GLY Z 23 51.28 -44.21 -27.40
C GLY Z 23 50.25 -44.52 -28.45
N ASP Z 24 50.65 -45.38 -29.39
CA ASP Z 24 49.84 -45.86 -30.50
C ASP Z 24 49.70 -47.41 -30.40
N GLU Z 25 49.02 -48.05 -31.37
CA GLU Z 25 48.78 -49.50 -31.38
C GLU Z 25 50.04 -50.33 -31.25
N GLN Z 26 51.14 -49.86 -31.84
CA GLN Z 26 52.40 -50.60 -31.81
C GLN Z 26 53.36 -50.16 -30.71
N SER Z 27 52.86 -49.45 -29.69
CA SER Z 27 53.68 -49.04 -28.54
C SER Z 27 54.04 -50.24 -27.65
N ASP Z 28 55.14 -50.13 -26.89
CA ASP Z 28 55.62 -51.15 -25.96
C ASP Z 28 54.57 -51.34 -24.87
N PRO Z 29 53.94 -52.53 -24.79
CA PRO Z 29 52.89 -52.75 -23.78
C PRO Z 29 53.35 -52.65 -22.33
N GLU Z 30 54.60 -53.02 -22.06
CA GLU Z 30 55.14 -52.94 -20.71
C GLU Z 30 55.31 -51.48 -20.30
N LEU Z 31 55.80 -50.62 -21.22
CA LEU Z 31 55.96 -49.19 -20.95
C LEU Z 31 54.59 -48.55 -20.73
N MET Z 32 53.58 -48.94 -21.51
CA MET Z 32 52.23 -48.41 -21.34
C MET Z 32 51.65 -48.82 -19.99
N GLN Z 33 51.89 -50.07 -19.55
CA GLN Z 33 51.44 -50.54 -18.24
C GLN Z 33 52.17 -49.78 -17.12
N HIS Z 34 53.49 -49.55 -17.27
CA HIS Z 34 54.32 -48.81 -16.30
C HIS Z 34 53.80 -47.38 -16.11
N LEU Z 35 53.39 -46.72 -17.21
CA LEU Z 35 52.84 -45.36 -17.12
C LEU Z 35 51.40 -45.30 -16.57
N GLY Z 36 50.74 -46.44 -16.43
CA GLY Z 36 49.35 -46.52 -16.01
C GLY Z 36 48.41 -46.11 -17.12
N ALA Z 37 48.79 -46.37 -18.38
CA ALA Z 37 48.00 -45.98 -19.54
C ALA Z 37 46.85 -46.89 -19.87
N SER Z 38 45.78 -46.31 -20.39
CA SER Z 38 44.61 -47.05 -20.85
C SER Z 38 44.59 -46.97 -22.38
N LYS Z 39 43.99 -47.97 -23.02
CA LYS Z 39 43.89 -48.03 -24.47
C LYS Z 39 42.48 -47.71 -24.89
N ARG Z 40 42.32 -46.87 -25.92
CA ARG Z 40 41.00 -46.51 -26.42
C ARG Z 40 41.05 -46.16 -27.92
N ARG Z 41 39.88 -46.09 -28.54
CA ARG Z 41 39.78 -45.67 -29.92
C ARG Z 41 38.70 -44.62 -29.93
N ALA Z 42 39.06 -43.33 -30.15
CA ALA Z 42 38.10 -42.24 -30.15
C ALA Z 42 37.15 -42.45 -31.31
N LEU Z 43 35.86 -42.13 -31.10
CA LEU Z 43 34.82 -42.35 -32.10
C LEU Z 43 35.15 -41.81 -33.48
N GLY Z 44 35.08 -42.67 -34.47
CA GLY Z 44 35.37 -42.28 -35.85
C GLY Z 44 36.82 -42.37 -36.26
N ASN Z 45 37.72 -42.60 -35.29
CA ASN Z 45 39.14 -42.72 -35.59
C ASN Z 45 39.49 -44.12 -36.09
N ASN Z 46 40.46 -44.20 -37.00
CA ASN Z 46 40.93 -45.45 -37.60
C ASN Z 46 42.16 -45.99 -36.85
N PHE Z 47 42.33 -45.64 -35.56
CA PHE Z 47 43.50 -46.07 -34.80
C PHE Z 47 43.22 -46.07 -33.30
N TYR Z 48 43.98 -46.89 -32.57
CA TYR Z 48 43.94 -46.96 -31.11
C TYR Z 48 45.04 -46.08 -30.55
N GLU Z 49 44.83 -45.61 -29.32
CA GLU Z 49 45.79 -44.76 -28.66
C GLU Z 49 45.89 -45.13 -27.17
N TYR Z 50 47.03 -44.82 -26.56
CA TYR Z 50 47.24 -45.00 -25.14
C TYR Z 50 47.27 -43.62 -24.52
N TYR Z 51 46.65 -43.47 -23.35
CA TYR Z 51 46.61 -42.18 -22.66
C TYR Z 51 46.67 -42.34 -21.16
N VAL Z 52 47.07 -41.28 -20.46
CA VAL Z 52 47.11 -41.23 -19.00
C VAL Z 52 46.38 -39.96 -18.55
N ASP Z 53 45.89 -39.95 -17.31
CA ASP Z 53 45.23 -38.76 -16.76
C ASP Z 53 46.23 -37.68 -16.29
N ASP Z 54 47.50 -38.05 -16.10
CA ASP Z 54 48.54 -37.16 -15.62
C ASP Z 54 48.86 -36.03 -16.57
N PRO Z 55 49.27 -34.87 -16.02
CA PRO Z 55 49.76 -33.79 -16.89
C PRO Z 55 51.11 -34.19 -17.51
N PRO Z 56 51.45 -33.62 -18.67
CA PRO Z 56 52.68 -34.02 -19.35
C PRO Z 56 53.98 -33.90 -18.54
N ARG Z 57 54.12 -32.93 -17.64
CA ARG Z 57 55.34 -32.78 -16.85
C ARG Z 57 55.62 -34.03 -15.99
N ILE Z 58 54.57 -34.63 -15.43
CA ILE Z 58 54.67 -35.87 -14.64
C ILE Z 58 55.12 -37.04 -15.55
N VAL Z 59 54.55 -37.13 -16.77
CA VAL Z 59 54.92 -38.18 -17.73
C VAL Z 59 56.40 -38.01 -18.16
N LEU Z 60 56.86 -36.77 -18.33
CA LEU Z 60 58.25 -36.53 -18.72
C LEU Z 60 59.21 -37.03 -17.63
N ASP Z 61 58.88 -36.79 -16.37
CA ASP Z 61 59.71 -37.24 -15.24
C ASP Z 61 59.74 -38.77 -15.19
N LYS Z 62 58.61 -39.43 -15.41
CA LYS Z 62 58.54 -40.89 -15.42
C LYS Z 62 59.39 -41.45 -16.56
N LEU Z 63 59.33 -40.82 -17.74
CA LEU Z 63 60.07 -41.27 -18.93
C LEU Z 63 61.58 -41.07 -18.79
N GLU Z 64 62.02 -40.03 -18.04
CA GLU Z 64 63.45 -39.84 -17.81
C GLU Z 64 63.98 -41.05 -16.97
N ARG Z 65 63.19 -41.52 -15.99
CA ARG Z 65 63.58 -42.68 -15.19
C ARG Z 65 63.65 -43.99 -16.01
N ARG Z 66 63.10 -44.00 -17.23
CA ARG Z 66 63.17 -45.12 -18.16
C ARG Z 66 64.26 -44.92 -19.25
N GLY Z 67 65.06 -43.87 -19.16
CA GLY Z 67 66.13 -43.61 -20.12
C GLY Z 67 65.78 -42.68 -21.27
N PHE Z 68 64.59 -42.09 -21.26
CA PHE Z 68 64.19 -41.18 -22.33
C PHE Z 68 64.57 -39.74 -22.05
N ARG Z 69 64.93 -39.02 -23.10
CA ARG Z 69 65.26 -37.60 -23.02
C ARG Z 69 64.44 -36.85 -24.05
N VAL Z 70 63.96 -35.64 -23.71
CA VAL Z 70 63.22 -34.82 -24.66
C VAL Z 70 64.20 -34.30 -25.72
N LEU Z 71 63.93 -34.56 -27.00
CA LEU Z 71 64.75 -34.03 -28.08
C LEU Z 71 64.11 -32.74 -28.61
N SER Z 72 62.76 -32.72 -28.70
CA SER Z 72 62.08 -31.58 -29.27
C SER Z 72 60.66 -31.47 -28.72
N MET Z 73 60.15 -30.25 -28.67
CA MET Z 73 58.79 -29.96 -28.24
C MET Z 73 58.20 -29.00 -29.27
N THR Z 74 56.96 -29.27 -29.75
CA THR Z 74 56.33 -28.41 -30.72
C THR Z 74 54.83 -28.31 -30.57
N GLY Z 75 54.27 -27.20 -31.01
CA GLY Z 75 52.85 -26.99 -31.02
C GLY Z 75 52.33 -27.20 -32.43
N VAL Z 76 51.16 -27.82 -32.56
CA VAL Z 76 50.52 -28.00 -33.86
C VAL Z 76 49.01 -27.99 -33.59
N GLY Z 77 48.32 -27.01 -34.13
CA GLY Z 77 46.92 -26.79 -33.82
C GLY Z 77 46.77 -26.43 -32.35
N GLN Z 78 45.96 -27.20 -31.62
CA GLN Z 78 45.84 -27.03 -30.16
C GLN Z 78 46.56 -28.17 -29.42
N THR Z 79 47.54 -28.83 -30.06
CA THR Z 79 48.25 -29.96 -29.48
C THR Z 79 49.68 -29.59 -29.22
N LEU Z 80 50.19 -29.92 -28.04
CA LEU Z 80 51.56 -29.70 -27.67
C LEU Z 80 52.21 -31.09 -27.65
N VAL Z 81 53.22 -31.30 -28.50
CA VAL Z 81 53.87 -32.60 -28.69
C VAL Z 81 55.32 -32.61 -28.22
N TRP Z 82 55.75 -33.69 -27.58
CA TRP Z 82 57.13 -33.90 -27.20
C TRP Z 82 57.64 -35.14 -27.93
N CYS Z 83 58.84 -35.04 -28.48
CA CYS Z 83 59.48 -36.16 -29.14
C CYS Z 83 60.64 -36.56 -28.20
N LEU Z 84 60.59 -37.77 -27.66
CA LEU Z 84 61.60 -38.30 -26.74
C LEU Z 84 62.43 -39.40 -27.41
N HIS Z 85 63.64 -39.61 -26.91
CA HIS Z 85 64.56 -40.59 -27.46
C HIS Z 85 65.35 -41.28 -26.32
N LYS Z 86 65.47 -42.62 -26.37
CA LYS Z 86 66.13 -43.42 -25.35
C LYS Z 86 67.58 -43.70 -25.73
N MET AA 4 62.28 -33.99 -9.75
CA MET AA 4 61.44 -33.21 -10.68
C MET AA 4 62.33 -32.48 -11.71
N PRO AA 5 62.87 -33.20 -12.70
CA PRO AA 5 63.81 -32.57 -13.65
C PRO AA 5 63.19 -31.66 -14.70
N TYR AA 6 61.92 -31.90 -15.10
CA TYR AA 6 61.32 -31.09 -16.16
C TYR AA 6 60.46 -29.94 -15.67
N LEU AA 7 60.50 -28.83 -16.40
CA LEU AA 7 59.74 -27.63 -16.07
C LEU AA 7 59.11 -27.09 -17.34
N LEU AA 8 57.86 -26.61 -17.25
CA LEU AA 8 57.22 -26.00 -18.38
C LEU AA 8 56.85 -24.57 -17.98
N ILE AA 9 57.27 -23.58 -18.76
CA ILE AA 9 56.88 -22.20 -18.51
C ILE AA 9 56.23 -21.61 -19.77
N SER AA 10 55.33 -20.63 -19.61
CA SER AA 10 54.67 -20.06 -20.77
C SER AA 10 54.21 -18.62 -20.62
N THR AA 11 53.97 -17.95 -21.73
CA THR AA 11 53.39 -16.61 -21.76
C THR AA 11 52.44 -16.52 -22.95
N GLN AA 12 51.48 -15.61 -22.90
CA GLN AA 12 50.52 -15.43 -23.99
C GLN AA 12 50.66 -14.08 -24.65
N ILE AA 13 50.23 -14.00 -25.93
CA ILE AA 13 50.06 -12.79 -26.76
C ILE AA 13 51.36 -12.00 -27.08
N ARG AA 14 52.16 -11.62 -26.08
CA ARG AA 14 53.42 -10.90 -26.30
C ARG AA 14 54.48 -11.51 -25.43
N MET AA 15 55.71 -11.68 -25.97
CA MET AA 15 56.81 -12.30 -25.23
C MET AA 15 57.50 -11.34 -24.26
N GLU AA 16 57.35 -10.01 -24.44
CA GLU AA 16 58.06 -9.01 -23.64
C GLU AA 16 57.44 -8.70 -22.29
N VAL AA 17 56.20 -9.17 -22.05
CA VAL AA 17 55.51 -8.84 -20.83
C VAL AA 17 54.89 -10.10 -20.20
N GLY AA 18 54.77 -10.09 -18.87
CA GLY AA 18 54.10 -11.16 -18.17
C GLY AA 18 52.58 -11.03 -18.29
N PRO AA 19 51.78 -11.84 -17.57
CA PRO AA 19 52.19 -12.90 -16.63
C PRO AA 19 52.89 -14.08 -17.32
N THR AA 20 53.72 -14.79 -16.56
CA THR AA 20 54.38 -15.99 -17.05
C THR AA 20 53.90 -17.14 -16.16
N MET AA 21 53.33 -18.21 -16.77
CA MET AA 21 52.92 -19.41 -16.03
C MET AA 21 54.17 -20.22 -15.73
N VAL AA 22 54.40 -20.55 -14.46
CA VAL AA 22 55.61 -21.28 -14.08
C VAL AA 22 55.36 -22.62 -13.38
N GLY AA 23 54.11 -23.03 -13.22
CA GLY AA 23 53.82 -24.30 -12.58
C GLY AA 23 52.39 -24.76 -12.52
N ASP AA 24 52.22 -26.02 -12.11
CA ASP AA 24 50.94 -26.69 -11.93
C ASP AA 24 50.77 -27.11 -10.44
N GLU AA 25 49.67 -27.79 -10.08
CA GLU AA 25 49.41 -28.22 -8.70
C GLU AA 25 50.53 -29.05 -8.09
N GLN AA 26 51.18 -29.87 -8.91
CA GLN AA 26 52.26 -30.73 -8.44
C GLN AA 26 53.66 -30.14 -8.61
N SER AA 27 53.77 -28.83 -8.80
CA SER AA 27 55.07 -28.17 -8.90
C SER AA 27 55.75 -28.07 -7.53
N ASP AA 28 57.08 -27.99 -7.52
CA ASP AA 28 57.90 -27.86 -6.31
C ASP AA 28 57.53 -26.56 -5.61
N PRO AA 29 56.95 -26.64 -4.39
CA PRO AA 29 56.53 -25.41 -3.69
C PRO AA 29 57.65 -24.45 -3.33
N GLU AA 30 58.84 -24.98 -3.11
CA GLU AA 30 60.01 -24.15 -2.78
C GLU AA 30 60.43 -23.36 -4.00
N LEU AA 31 60.43 -23.98 -5.19
CA LEU AA 31 60.79 -23.31 -6.44
C LEU AA 31 59.74 -22.22 -6.76
N MET AA 32 58.45 -22.50 -6.51
CA MET AA 32 57.40 -21.53 -6.74
C MET AA 32 57.56 -20.32 -5.81
N GLN AA 33 57.92 -20.57 -4.54
CA GLN AA 33 58.14 -19.51 -3.58
C GLN AA 33 59.38 -18.69 -3.99
N HIS AA 34 60.44 -19.35 -4.48
CA HIS AA 34 61.65 -18.65 -4.85
C HIS AA 34 61.50 -17.80 -6.12
N LEU AA 35 60.56 -18.15 -6.99
CA LEU AA 35 60.23 -17.33 -8.17
C LEU AA 35 59.24 -16.18 -7.83
N GLY AA 36 58.67 -16.18 -6.63
CA GLY AA 36 57.67 -15.21 -6.20
C GLY AA 36 56.33 -15.47 -6.86
N ALA AA 37 56.01 -16.75 -7.09
CA ALA AA 37 54.78 -17.13 -7.77
C ALA AA 37 53.55 -17.16 -6.89
N SER AA 38 52.40 -16.86 -7.50
CA SER AA 38 51.10 -16.92 -6.84
C SER AA 38 50.33 -18.09 -7.44
N LYS AA 39 49.44 -18.67 -6.65
CA LYS AA 39 48.63 -19.79 -7.10
C LYS AA 39 47.19 -19.32 -7.39
N ARG AA 40 46.60 -19.77 -8.49
CA ARG AA 40 45.22 -19.41 -8.84
C ARG AA 40 44.55 -20.51 -9.68
N ARG AA 41 43.23 -20.45 -9.81
CA ARG AA 41 42.49 -21.36 -10.66
C ARG AA 41 41.60 -20.50 -11.52
N ALA AA 42 41.86 -20.45 -12.84
CA ALA AA 42 41.03 -19.66 -13.73
C ALA AA 42 39.61 -20.26 -13.78
N LEU AA 43 38.57 -19.40 -13.85
CA LEU AA 43 37.18 -19.87 -13.82
C LEU AA 43 36.87 -20.93 -14.85
N GLY AA 44 36.24 -22.02 -14.41
CA GLY AA 44 35.88 -23.13 -15.27
C GLY AA 44 36.99 -24.16 -15.45
N ASN AA 45 38.23 -23.84 -14.99
CA ASN AA 45 39.34 -24.77 -15.13
C ASN AA 45 39.34 -25.81 -14.02
N ASN AA 46 39.77 -27.02 -14.37
CA ASN AA 46 39.85 -28.16 -13.47
C ASN AA 46 41.26 -28.29 -12.88
N PHE AA 47 42.03 -27.20 -12.78
CA PHE AA 47 43.40 -27.24 -12.27
C PHE AA 47 43.86 -25.89 -11.77
N TYR AA 48 44.79 -25.91 -10.83
CA TYR AA 48 45.46 -24.73 -10.28
C TYR AA 48 46.75 -24.49 -11.07
N GLU AA 49 47.18 -23.24 -11.10
CA GLU AA 49 48.40 -22.86 -11.81
C GLU AA 49 49.19 -21.86 -10.97
N TYR AA 50 50.50 -21.82 -11.20
CA TYR AA 50 51.37 -20.85 -10.57
C TYR AA 50 51.80 -19.87 -11.63
N TYR AA 51 51.87 -18.60 -11.28
CA TYR AA 51 52.24 -17.56 -12.24
C TYR AA 51 53.06 -16.45 -11.55
N VAL AA 52 53.81 -15.71 -12.35
CA VAL AA 52 54.57 -14.56 -11.88
C VAL AA 52 54.24 -13.38 -12.81
N ASP AA 53 54.40 -12.14 -12.31
CA ASP AA 53 54.15 -10.95 -13.15
C ASP AA 53 55.30 -10.66 -14.13
N ASP AA 54 56.47 -11.26 -13.90
CA ASP AA 54 57.66 -11.03 -14.70
C ASP AA 54 57.52 -11.54 -16.14
N PRO AA 55 58.19 -10.87 -17.08
CA PRO AA 55 58.23 -11.39 -18.46
C PRO AA 55 59.08 -12.67 -18.50
N PRO AA 56 58.83 -13.54 -19.49
CA PRO AA 56 59.57 -14.82 -19.54
C PRO AA 56 61.09 -14.76 -19.56
N ARG AA 57 61.71 -13.73 -20.16
CA ARG AA 57 63.17 -13.61 -20.20
C ARG AA 57 63.75 -13.54 -18.77
N ILE AA 58 63.07 -12.80 -17.84
CA ILE AA 58 63.49 -12.70 -16.44
C ILE AA 58 63.38 -14.07 -15.76
N VAL AA 59 62.27 -14.82 -15.99
CA VAL AA 59 62.06 -16.13 -15.41
C VAL AA 59 63.14 -17.12 -15.90
N LEU AA 60 63.47 -17.09 -17.20
CA LEU AA 60 64.50 -17.95 -17.76
C LEU AA 60 65.84 -17.72 -17.09
N ASP AA 61 66.20 -16.46 -16.82
CA ASP AA 61 67.49 -16.14 -16.17
C ASP AA 61 67.49 -16.67 -14.74
N LYS AA 62 66.36 -16.51 -14.02
CA LYS AA 62 66.26 -17.01 -12.65
C LYS AA 62 66.35 -18.55 -12.64
N LEU AA 63 65.72 -19.23 -13.61
CA LEU AA 63 65.76 -20.70 -13.70
C LEU AA 63 67.12 -21.27 -14.04
N GLU AA 64 67.93 -20.52 -14.81
CA GLU AA 64 69.31 -20.96 -15.09
C GLU AA 64 70.11 -20.98 -13.75
N ARG AA 65 69.89 -19.98 -12.88
CA ARG AA 65 70.57 -19.93 -11.57
C ARG AA 65 70.11 -21.06 -10.62
N ARG AA 66 69.05 -21.78 -10.97
CA ARG AA 66 68.57 -22.95 -10.24
C ARG AA 66 68.97 -24.28 -10.92
N GLY AA 67 69.80 -24.24 -11.97
CA GLY AA 67 70.27 -25.44 -12.64
C GLY AA 67 69.47 -25.88 -13.85
N PHE AA 68 68.48 -25.07 -14.27
CA PHE AA 68 67.66 -25.43 -15.43
C PHE AA 68 68.23 -24.87 -16.72
N ARG AA 69 68.05 -25.62 -17.80
CA ARG AA 69 68.47 -25.20 -19.14
C ARG AA 69 67.27 -25.36 -20.09
N VAL AA 70 67.10 -24.43 -21.03
CA VAL AA 70 66.04 -24.52 -22.03
C VAL AA 70 66.39 -25.64 -23.01
N LEU AA 71 65.53 -26.62 -23.16
CA LEU AA 71 65.70 -27.69 -24.13
C LEU AA 71 64.95 -27.35 -25.42
N SER AA 72 63.77 -26.74 -25.29
CA SER AA 72 62.96 -26.41 -26.45
C SER AA 72 62.03 -25.24 -26.17
N MET AA 73 61.70 -24.49 -27.23
CA MET AA 73 60.75 -23.37 -27.16
C MET AA 73 59.77 -23.56 -28.32
N THR AA 74 58.46 -23.44 -28.07
CA THR AA 74 57.49 -23.57 -29.13
C THR AA 74 56.28 -22.68 -28.95
N GLY AA 75 55.65 -22.35 -30.07
CA GLY AA 75 54.40 -21.61 -30.05
C GLY AA 75 53.26 -22.57 -30.30
N VAL AA 76 52.14 -22.36 -29.63
CA VAL AA 76 50.95 -23.18 -29.81
C VAL AA 76 49.77 -22.25 -29.53
N GLY AA 77 48.95 -22.01 -30.55
CA GLY AA 77 47.89 -21.01 -30.47
C GLY AA 77 48.49 -19.64 -30.24
N GLN AA 78 48.08 -18.98 -29.16
CA GLN AA 78 48.67 -17.70 -28.78
C GLN AA 78 49.57 -17.83 -27.54
N THR AA 79 50.08 -19.05 -27.27
CA THR AA 79 50.91 -19.34 -26.11
C THR AA 79 52.32 -19.69 -26.58
N LEU AA 80 53.33 -19.09 -25.94
CA LEU AA 80 54.72 -19.37 -26.20
C LEU AA 80 55.20 -20.18 -24.99
N VAL AA 81 55.68 -21.41 -25.22
CA VAL AA 81 56.07 -22.36 -24.18
C VAL AA 81 57.56 -22.69 -24.22
N TRP AA 82 58.18 -22.82 -23.05
CA TRP AA 82 59.56 -23.24 -22.91
C TRP AA 82 59.56 -24.53 -22.07
N CYS AA 83 60.36 -25.51 -22.51
CA CYS AA 83 60.52 -26.78 -21.79
C CYS AA 83 61.95 -26.75 -21.26
N LEU AA 84 62.09 -26.75 -19.94
CA LEU AA 84 63.39 -26.69 -19.27
C LEU AA 84 63.70 -28.00 -18.57
N HIS AA 85 64.99 -28.27 -18.37
CA HIS AA 85 65.43 -29.50 -17.75
C HIS AA 85 66.59 -29.21 -16.81
N LYS AA 86 66.51 -29.76 -15.60
CA LYS AA 86 67.52 -29.58 -14.58
C LYS AA 86 68.65 -30.53 -14.88
N GLU AA 87 69.77 -29.95 -15.36
CA GLU AA 87 70.98 -30.69 -15.76
C GLU AA 87 72.26 -29.93 -15.38
N MET BA 4 72.85 -11.91 -17.33
CA MET BA 4 71.68 -11.87 -18.23
C MET BA 4 71.88 -12.88 -19.37
N PRO BA 5 71.77 -14.19 -19.11
CA PRO BA 5 72.11 -15.16 -20.17
C PRO BA 5 71.10 -15.32 -21.31
N TYR BA 6 69.80 -15.09 -21.07
CA TYR BA 6 68.81 -15.29 -22.13
C TYR BA 6 68.40 -14.03 -22.86
N LEU BA 7 68.09 -14.19 -24.14
CA LEU BA 7 67.64 -13.11 -25.00
C LEU BA 7 66.50 -13.61 -25.87
N LEU BA 8 65.49 -12.78 -26.09
CA LEU BA 8 64.39 -13.12 -26.98
C LEU BA 8 64.34 -12.05 -28.06
N ILE BA 9 64.34 -12.49 -29.33
CA ILE BA 9 64.20 -11.57 -30.46
C ILE BA 9 63.06 -12.06 -31.35
N SER BA 10 62.43 -11.16 -32.11
CA SER BA 10 61.32 -11.57 -32.97
C SER BA 10 61.10 -10.70 -34.18
N THR BA 11 60.38 -11.22 -35.16
CA THR BA 11 59.94 -10.46 -36.34
C THR BA 11 58.52 -10.94 -36.72
N GLN BA 12 57.77 -10.10 -37.40
CA GLN BA 12 56.42 -10.47 -37.85
C GLN BA 12 56.30 -10.55 -39.35
N ILE BA 13 55.32 -11.32 -39.83
CA ILE BA 13 54.85 -11.45 -41.24
C ILE BA 13 55.88 -12.00 -42.25
N ARG BA 14 57.09 -11.44 -42.34
CA ARG BA 14 58.12 -11.94 -43.25
C ARG BA 14 59.45 -11.95 -42.51
N MET BA 15 60.26 -12.99 -42.73
CA MET BA 15 61.54 -13.11 -42.04
C MET BA 15 62.66 -12.28 -42.67
N GLU BA 16 62.50 -11.84 -43.93
CA GLU BA 16 63.56 -11.13 -44.66
C GLU BA 16 63.63 -9.64 -44.38
N VAL BA 17 62.66 -9.08 -43.66
CA VAL BA 17 62.62 -7.65 -43.42
C VAL BA 17 62.30 -7.35 -41.96
N GLY BA 18 62.82 -6.24 -41.48
CA GLY BA 18 62.52 -5.77 -40.13
C GLY BA 18 61.13 -5.15 -40.06
N PRO BA 19 60.73 -4.53 -38.94
CA PRO BA 19 61.50 -4.38 -37.71
C PRO BA 19 61.75 -5.70 -36.98
N THR BA 20 62.81 -5.74 -36.18
CA THR BA 20 63.10 -6.90 -35.34
C THR BA 20 63.02 -6.40 -33.89
N MET BA 21 62.19 -7.04 -33.05
CA MET BA 21 62.07 -6.70 -31.63
C MET BA 21 63.24 -7.34 -30.93
N VAL BA 22 63.99 -6.56 -30.16
CA VAL BA 22 65.21 -7.06 -29.53
C VAL BA 22 65.26 -6.90 -28.01
N GLY BA 23 64.19 -6.36 -27.40
CA GLY BA 23 64.18 -6.20 -25.96
C GLY BA 23 62.91 -5.66 -25.31
N ASP BA 24 62.90 -5.71 -23.99
CA ASP BA 24 61.83 -5.23 -23.12
C ASP BA 24 62.40 -4.10 -22.21
N GLU BA 25 61.56 -3.51 -21.34
CA GLU BA 25 61.96 -2.42 -20.44
C GLU BA 25 63.20 -2.73 -19.59
N GLN BA 26 63.36 -3.98 -19.16
CA GLN BA 26 64.47 -4.38 -18.33
C GLN BA 26 65.67 -4.96 -19.09
N SER BA 27 65.73 -4.74 -20.42
CA SER BA 27 66.86 -5.22 -21.23
C SER BA 27 68.13 -4.43 -20.93
N ASP BA 28 69.29 -5.03 -21.22
CA ASP BA 28 70.61 -4.41 -21.05
C ASP BA 28 70.69 -3.16 -21.94
N PRO BA 29 70.79 -1.97 -21.33
CA PRO BA 29 70.81 -0.72 -22.15
C PRO BA 29 72.00 -0.59 -23.08
N GLU BA 30 73.14 -1.18 -22.70
CA GLU BA 30 74.34 -1.12 -23.53
C GLU BA 30 74.15 -2.00 -24.76
N LEU BA 31 73.56 -3.18 -24.60
CA LEU BA 31 73.29 -4.08 -25.73
C LEU BA 31 72.27 -3.45 -26.68
N MET BA 32 71.25 -2.77 -26.14
CA MET BA 32 70.25 -2.09 -26.96
C MET BA 32 70.89 -0.96 -27.76
N GLN BA 33 71.82 -0.22 -27.14
CA GLN BA 33 72.53 0.85 -27.81
C GLN BA 33 73.44 0.28 -28.91
N HIS BA 34 74.16 -0.80 -28.61
CA HIS BA 34 75.05 -1.49 -29.56
C HIS BA 34 74.29 -1.93 -30.82
N LEU BA 35 73.08 -2.47 -30.65
CA LEU BA 35 72.26 -2.90 -31.79
C LEU BA 35 71.64 -1.74 -32.57
N GLY BA 36 71.68 -0.52 -32.04
CA GLY BA 36 71.06 0.64 -32.66
C GLY BA 36 69.55 0.63 -32.45
N ALA BA 37 69.10 0.07 -31.32
CA ALA BA 37 67.68 -0.06 -31.02
C ALA BA 37 67.03 1.21 -30.50
N SER BA 38 65.76 1.38 -30.85
CA SER BA 38 64.93 2.48 -30.38
C SER BA 38 63.89 1.91 -29.41
N LYS BA 39 63.42 2.72 -28.50
CA LYS BA 39 62.45 2.31 -27.51
C LYS BA 39 61.09 2.93 -27.85
N ARG BA 40 60.01 2.13 -27.77
CA ARG BA 40 58.67 2.62 -28.04
C ARG BA 40 57.62 1.84 -27.24
N ARG BA 41 56.39 2.36 -27.20
CA ARG BA 41 55.28 1.66 -26.56
C ARG BA 41 54.14 1.72 -27.55
N ALA BA 42 53.75 0.57 -28.13
CA ALA BA 42 52.66 0.57 -29.09
C ALA BA 42 51.34 0.96 -28.39
N LEU BA 43 50.47 1.70 -29.08
CA LEU BA 43 49.22 2.20 -28.49
C LEU BA 43 48.37 1.11 -27.86
N GLY BA 44 47.94 1.35 -26.62
CA GLY BA 44 47.16 0.39 -25.86
C GLY BA 44 47.98 -0.66 -25.12
N ASN BA 45 49.30 -0.75 -25.39
CA ASN BA 45 50.14 -1.74 -24.71
C ASN BA 45 50.61 -1.25 -23.35
N ASN BA 46 50.74 -2.18 -22.42
CA ASN BA 46 51.19 -1.89 -21.04
C ASN BA 46 52.69 -2.13 -20.87
N PHE BA 47 53.48 -2.03 -21.96
CA PHE BA 47 54.92 -2.28 -21.87
C PHE BA 47 55.67 -1.57 -22.99
N TYR BA 48 56.94 -1.27 -22.73
CA TYR BA 48 57.88 -0.69 -23.69
C TYR BA 48 58.66 -1.82 -24.36
N GLU BA 49 59.09 -1.57 -25.58
CA GLU BA 49 59.85 -2.55 -26.34
C GLU BA 49 61.00 -1.86 -27.07
N TYR BA 50 62.05 -2.61 -27.33
CA TYR BA 50 63.18 -2.15 -28.11
C TYR BA 50 63.09 -2.83 -29.47
N TYR BA 51 63.40 -2.08 -30.52
CA TYR BA 51 63.35 -2.63 -31.87
C TYR BA 51 64.43 -2.03 -32.76
N VAL BA 52 64.78 -2.74 -33.82
CA VAL BA 52 65.72 -2.26 -34.83
C VAL BA 52 65.05 -2.38 -36.19
N ASP BA 53 65.50 -1.61 -37.18
CA ASP BA 53 64.96 -1.68 -38.54
C ASP BA 53 65.51 -2.88 -39.33
N ASP BA 54 66.62 -3.46 -38.89
CA ASP BA 54 67.28 -4.57 -39.54
C ASP BA 54 66.47 -5.84 -39.56
N PRO BA 55 66.64 -6.66 -40.62
CA PRO BA 55 66.00 -7.98 -40.63
C PRO BA 55 66.68 -8.89 -39.58
N PRO BA 56 65.97 -9.91 -39.09
CA PRO BA 56 66.52 -10.78 -38.04
C PRO BA 56 67.86 -11.45 -38.31
N ARG BA 57 68.18 -11.80 -39.58
CA ARG BA 57 69.46 -12.45 -39.89
C ARG BA 57 70.64 -11.54 -39.50
N ILE BA 58 70.50 -10.23 -39.73
CA ILE BA 58 71.54 -9.25 -39.38
C ILE BA 58 71.69 -9.17 -37.86
N VAL BA 59 70.55 -9.16 -37.12
CA VAL BA 59 70.58 -9.12 -35.67
C VAL BA 59 71.25 -10.38 -35.09
N LEU BA 60 70.95 -11.55 -35.65
CA LEU BA 60 71.54 -12.81 -35.19
C LEU BA 60 73.08 -12.78 -35.34
N ASP BA 61 73.59 -12.24 -36.45
CA ASP BA 61 75.05 -12.14 -36.68
C ASP BA 61 75.69 -11.18 -35.67
N LYS BA 62 75.02 -10.06 -35.38
CA LYS BA 62 75.51 -9.10 -34.40
C LYS BA 62 75.55 -9.72 -33.00
N LEU BA 63 74.52 -10.51 -32.65
CA LEU BA 63 74.43 -11.16 -31.34
C LEU BA 63 75.46 -12.27 -31.17
N GLU BA 64 75.86 -12.96 -32.26
CA GLU BA 64 76.92 -13.96 -32.17
C GLU BA 64 78.24 -13.27 -31.73
N ARG BA 65 78.52 -12.06 -32.29
CA ARG BA 65 79.71 -11.30 -31.91
C ARG BA 65 79.68 -10.82 -30.44
N ARG BA 66 78.54 -10.93 -29.77
CA ARG BA 66 78.38 -10.61 -28.35
C ARG BA 66 78.33 -11.88 -27.46
N GLY BA 67 78.55 -13.06 -28.04
CA GLY BA 67 78.56 -14.31 -27.30
C GLY BA 67 77.26 -15.08 -27.25
N PHE BA 68 76.23 -14.62 -28.01
CA PHE BA 68 74.95 -15.31 -28.01
C PHE BA 68 74.88 -16.37 -29.09
N ARG BA 69 74.18 -17.44 -28.80
CA ARG BA 69 73.93 -18.53 -29.73
C ARG BA 69 72.43 -18.84 -29.71
N VAL BA 70 71.85 -19.13 -30.88
CA VAL BA 70 70.44 -19.49 -30.99
C VAL BA 70 70.25 -20.87 -30.37
N LEU BA 71 69.35 -20.98 -29.40
CA LEU BA 71 69.01 -22.26 -28.78
C LEU BA 71 67.76 -22.82 -29.45
N SER BA 72 66.80 -21.95 -29.77
CA SER BA 72 65.54 -22.37 -30.35
C SER BA 72 64.91 -21.26 -31.19
N MET BA 73 64.14 -21.64 -32.19
CA MET BA 73 63.40 -20.72 -33.05
C MET BA 73 61.98 -21.26 -33.18
N THR BA 74 60.96 -20.42 -32.99
CA THR BA 74 59.58 -20.88 -33.12
C THR BA 74 58.65 -19.85 -33.71
N GLY BA 75 57.59 -20.33 -34.34
CA GLY BA 75 56.54 -19.48 -34.87
C GLY BA 75 55.38 -19.49 -33.92
N VAL BA 76 54.75 -18.35 -33.73
CA VAL BA 76 53.56 -18.24 -32.88
C VAL BA 76 52.71 -17.14 -33.48
N GLY BA 77 51.50 -17.50 -33.97
CA GLY BA 77 50.66 -16.57 -34.72
C GLY BA 77 51.38 -16.13 -35.99
N GLN BA 78 51.57 -14.81 -36.16
CA GLN BA 78 52.36 -14.30 -37.27
C GLN BA 78 53.76 -13.81 -36.80
N THR BA 79 54.24 -14.27 -35.64
CA THR BA 79 55.50 -13.86 -35.07
C THR BA 79 56.51 -15.00 -35.13
N LEU BA 80 57.73 -14.70 -35.53
CA LEU BA 80 58.82 -15.65 -35.57
C LEU BA 80 59.78 -15.22 -34.45
N VAL BA 81 60.02 -16.09 -33.46
CA VAL BA 81 60.80 -15.81 -32.27
C VAL BA 81 62.07 -16.64 -32.20
N TRP BA 82 63.18 -16.03 -31.74
CA TRP BA 82 64.43 -16.73 -31.50
C TRP BA 82 64.75 -16.56 -30.02
N CYS BA 83 65.18 -17.66 -29.39
CA CYS BA 83 65.59 -17.66 -28.01
C CYS BA 83 67.10 -17.91 -28.04
N LEU BA 84 67.88 -16.90 -27.64
CA LEU BA 84 69.33 -16.95 -27.62
C LEU BA 84 69.85 -17.08 -26.22
N HIS BA 85 71.05 -17.65 -26.08
CA HIS BA 85 71.68 -17.87 -24.79
C HIS BA 85 73.17 -17.53 -24.88
N LYS BA 86 73.65 -16.72 -23.92
CA LYS BA 86 75.04 -16.27 -23.84
C LYS BA 86 75.87 -17.35 -23.18
N GLU BA 87 76.73 -17.98 -23.98
CA GLU BA 87 77.66 -19.02 -23.58
C GLU BA 87 79.06 -18.69 -24.15
N MET CA 4 79.34 -13.86 -41.67
CA MET CA 4 77.88 -14.03 -41.79
C MET CA 4 77.48 -15.46 -41.36
N PRO CA 5 77.47 -15.76 -40.05
CA PRO CA 5 77.24 -17.14 -39.62
C PRO CA 5 75.81 -17.67 -39.71
N TYR CA 6 74.79 -16.80 -39.60
CA TYR CA 6 73.40 -17.28 -39.61
C TYR CA 6 72.70 -17.18 -40.96
N LEU CA 7 71.84 -18.15 -41.23
CA LEU CA 7 71.07 -18.22 -42.48
C LEU CA 7 69.64 -18.60 -42.18
N LEU CA 8 68.67 -17.99 -42.87
CA LEU CA 8 67.27 -18.36 -42.74
C LEU CA 8 66.76 -18.80 -44.11
N ILE CA 9 66.22 -20.00 -44.21
CA ILE CA 9 65.61 -20.48 -45.45
C ILE CA 9 64.16 -20.87 -45.19
N SER CA 10 63.29 -20.83 -46.22
CA SER CA 10 61.90 -21.18 -46.00
C SER CA 10 61.17 -21.70 -47.23
N THR CA 11 60.07 -22.39 -47.01
CA THR CA 11 59.18 -22.84 -48.08
C THR CA 11 57.72 -22.68 -47.61
N GLN CA 12 56.80 -22.57 -48.55
CA GLN CA 12 55.39 -22.41 -48.22
C GLN CA 12 54.55 -23.58 -48.69
N ILE CA 13 53.41 -23.81 -48.01
CA ILE CA 13 52.34 -24.76 -48.35
C ILE CA 13 52.71 -26.25 -48.33
N ARG CA 14 53.77 -26.68 -49.06
CA ARG CA 14 54.22 -28.07 -49.03
C ARG CA 14 55.73 -28.09 -48.94
N MET CA 15 56.28 -29.01 -48.14
CA MET CA 15 57.72 -29.11 -47.94
C MET CA 15 58.47 -29.83 -49.06
N GLU CA 16 57.78 -30.59 -49.90
CA GLU CA 16 58.42 -31.40 -50.94
C GLU CA 16 58.72 -30.65 -52.24
N VAL CA 17 58.23 -29.42 -52.38
CA VAL CA 17 58.42 -28.69 -53.62
C VAL CA 17 58.85 -27.25 -53.33
N GLY CA 18 59.62 -26.68 -54.24
CA GLY CA 18 60.00 -25.29 -54.14
C GLY CA 18 58.85 -24.36 -54.49
N PRO CA 19 59.05 -23.04 -54.59
CA PRO CA 19 60.33 -22.32 -54.39
C PRO CA 19 60.79 -22.34 -52.93
N THR CA 20 62.11 -22.17 -52.73
CA THR CA 20 62.67 -22.08 -51.40
C THR CA 20 63.30 -20.68 -51.29
N MET CA 21 62.89 -19.89 -50.30
CA MET CA 21 63.47 -18.56 -50.08
C MET CA 21 64.79 -18.78 -49.38
N VAL CA 22 65.86 -18.17 -49.88
CA VAL CA 22 67.18 -18.40 -49.32
C VAL CA 22 67.91 -17.12 -48.88
N GLY CA 23 67.28 -15.95 -49.01
CA GLY CA 23 67.94 -14.72 -48.63
C GLY CA 23 67.19 -13.41 -48.75
N ASP CA 24 67.78 -12.37 -48.18
CA ASP CA 24 67.27 -10.99 -48.20
C ASP CA 24 68.26 -10.09 -49.00
N GLU CA 25 67.97 -8.78 -49.13
CA GLU CA 25 68.81 -7.83 -49.88
C GLU CA 25 70.29 -7.84 -49.47
N GLN CA 26 70.55 -8.02 -48.18
CA GLN CA 26 71.91 -7.97 -47.66
C GLN CA 26 72.56 -9.36 -47.51
N SER CA 27 72.01 -10.38 -48.14
CA SER CA 27 72.58 -11.74 -48.11
C SER CA 27 73.90 -11.81 -48.86
N ASP CA 28 74.74 -12.80 -48.52
CA ASP CA 28 76.05 -13.04 -49.14
C ASP CA 28 75.82 -13.34 -50.62
N PRO CA 29 76.25 -12.45 -51.53
CA PRO CA 29 76.00 -12.67 -52.97
C PRO CA 29 76.68 -13.92 -53.51
N GLU CA 30 77.84 -14.29 -52.96
CA GLU CA 30 78.55 -15.47 -53.41
C GLU CA 30 77.75 -16.73 -53.06
N LEU CA 31 77.19 -16.78 -51.84
CA LEU CA 31 76.39 -17.93 -51.43
C LEU CA 31 75.10 -18.02 -52.25
N MET CA 32 74.49 -16.87 -52.57
CA MET CA 32 73.28 -16.85 -53.40
C MET CA 32 73.62 -17.34 -54.82
N GLN CA 33 74.76 -16.93 -55.37
CA GLN CA 33 75.20 -17.37 -56.69
C GLN CA 33 75.44 -18.87 -56.68
N HIS CA 34 76.08 -19.38 -55.61
CA HIS CA 34 76.37 -20.79 -55.45
C HIS CA 34 75.09 -21.65 -55.44
N LEU CA 35 74.06 -21.17 -54.78
CA LEU CA 35 72.77 -21.86 -54.73
C LEU CA 35 71.96 -21.75 -56.04
N GLY CA 36 72.36 -20.86 -56.95
CA GLY CA 36 71.64 -20.60 -58.19
C GLY CA 36 70.39 -19.77 -57.93
N ALA CA 37 70.45 -18.86 -56.94
CA ALA CA 37 69.29 -18.06 -56.56
C ALA CA 37 69.02 -16.87 -57.45
N SER CA 38 67.75 -16.52 -57.60
CA SER CA 38 67.30 -15.35 -58.35
C SER CA 38 66.76 -14.33 -57.35
N LYS CA 39 66.81 -13.06 -57.71
CA LYS CA 39 66.36 -11.99 -56.85
C LYS CA 39 65.06 -11.42 -57.39
N ARG CA 40 64.07 -11.20 -56.53
CA ARG CA 40 62.80 -10.61 -56.95
C ARG CA 40 62.16 -9.79 -55.82
N ARG CA 41 61.14 -9.00 -56.16
CA ARG CA 41 60.39 -8.22 -55.18
C ARG CA 41 58.93 -8.45 -55.51
N ALA CA 42 58.20 -9.16 -54.65
CA ALA CA 42 56.77 -9.42 -54.87
C ALA CA 42 56.00 -8.08 -54.81
N LEU CA 43 54.98 -7.91 -55.67
CA LEU CA 43 54.20 -6.66 -55.72
C LEU CA 43 53.68 -6.20 -54.36
N GLY CA 44 53.93 -4.93 -54.06
CA GLY CA 44 53.52 -4.32 -52.80
C GLY CA 44 54.51 -4.50 -51.68
N ASN CA 45 55.53 -5.38 -51.84
CA ASN CA 45 56.52 -5.59 -50.80
C ASN CA 45 57.60 -4.51 -50.80
N ASN CA 46 58.08 -4.16 -49.61
CA ASN CA 46 59.12 -3.17 -49.38
C ASN CA 46 60.51 -3.82 -49.28
N PHE CA 47 60.71 -5.01 -49.88
CA PHE CA 47 61.98 -5.71 -49.79
C PHE CA 47 62.17 -6.69 -50.93
N TYR CA 48 63.44 -6.98 -51.26
CA TYR CA 48 63.83 -7.97 -52.24
C TYR CA 48 64.11 -9.28 -51.51
N GLU CA 49 63.95 -10.38 -52.21
CA GLU CA 49 64.21 -11.70 -51.67
C GLU CA 49 64.96 -12.55 -52.70
N TYR CA 50 65.74 -13.51 -52.21
CA TYR CA 50 66.41 -14.47 -53.06
C TYR CA 50 65.66 -15.80 -52.94
N TYR CA 51 65.50 -16.51 -54.05
CA TYR CA 51 64.81 -17.78 -54.04
C TYR CA 51 65.41 -18.75 -55.05
N VAL CA 52 65.18 -20.04 -54.84
CA VAL CA 52 65.59 -21.10 -55.78
C VAL CA 52 64.34 -21.94 -56.09
N ASP CA 53 64.33 -22.64 -57.22
CA ASP CA 53 63.18 -23.51 -57.57
C ASP CA 53 63.23 -24.86 -56.83
N ASP CA 54 64.38 -25.22 -56.28
CA ASP CA 54 64.59 -26.48 -55.60
C ASP CA 54 63.76 -26.62 -54.33
N PRO CA 55 63.36 -27.86 -54.00
CA PRO CA 55 62.69 -28.10 -52.72
C PRO CA 55 63.72 -27.92 -51.57
N PRO CA 56 63.24 -27.58 -50.35
CA PRO CA 56 64.15 -27.33 -49.24
C PRO CA 56 65.15 -28.44 -48.89
N ARG CA 57 64.82 -29.73 -49.08
CA ARG CA 57 65.76 -30.81 -48.76
C ARG CA 57 67.05 -30.69 -49.58
N ILE CA 58 66.92 -30.32 -50.87
CA ILE CA 58 68.05 -30.11 -51.78
C ILE CA 58 68.89 -28.93 -51.30
N VAL CA 59 68.25 -27.84 -50.89
CA VAL CA 59 68.95 -26.66 -50.39
C VAL CA 59 69.71 -26.98 -49.10
N LEU CA 60 69.11 -27.76 -48.19
CA LEU CA 60 69.77 -28.15 -46.94
C LEU CA 60 71.06 -28.96 -47.21
N ASP CA 61 71.04 -29.85 -48.21
CA ASP CA 61 72.22 -30.65 -48.58
C ASP CA 61 73.30 -29.76 -49.19
N LYS CA 62 72.90 -28.77 -50.01
CA LYS CA 62 73.86 -27.84 -50.61
C LYS CA 62 74.51 -26.99 -49.51
N LEU CA 63 73.72 -26.55 -48.52
CA LEU CA 63 74.20 -25.73 -47.42
C LEU CA 63 75.17 -26.47 -46.50
N GLU CA 64 74.97 -27.80 -46.33
CA GLU CA 64 75.90 -28.61 -45.53
C GLU CA 64 77.29 -28.58 -46.19
N ARG CA 65 77.33 -28.68 -47.55
CA ARG CA 65 78.61 -28.62 -48.28
C ARG CA 65 79.33 -27.25 -48.14
N ARG CA 66 78.62 -26.23 -47.64
CA ARG CA 66 79.16 -24.91 -47.38
C ARG CA 66 79.46 -24.66 -45.89
N GLY CA 67 79.35 -25.68 -45.04
CA GLY CA 67 79.62 -25.54 -43.62
C GLY CA 67 78.42 -25.20 -42.74
N PHE CA 68 77.20 -25.19 -43.31
CA PHE CA 68 76.01 -24.88 -42.52
C PHE CA 68 75.37 -26.11 -41.93
N ARG CA 69 74.85 -25.94 -40.73
CA ARG CA 69 74.12 -26.97 -40.01
C ARG CA 69 72.78 -26.38 -39.55
N VAL CA 70 71.72 -27.18 -39.58
CA VAL CA 70 70.42 -26.76 -39.12
C VAL CA 70 70.45 -26.69 -37.59
N LEU CA 71 70.09 -25.54 -37.02
CA LEU CA 71 69.98 -25.36 -35.58
C LEU CA 71 68.53 -25.54 -35.14
N SER CA 72 67.58 -25.06 -35.96
CA SER CA 72 66.17 -25.12 -35.61
C SER CA 72 65.30 -25.08 -36.86
N MET CA 73 64.12 -25.68 -36.77
CA MET CA 73 63.12 -25.69 -37.83
C MET CA 73 61.77 -25.35 -37.21
N THR CA 74 61.01 -24.41 -37.79
CA THR CA 74 59.71 -24.06 -37.24
C THR CA 74 58.67 -23.73 -38.29
N GLY CA 75 57.42 -23.87 -37.93
CA GLY CA 75 56.32 -23.47 -38.80
C GLY CA 75 55.77 -22.16 -38.29
N VAL CA 76 55.37 -21.30 -39.20
CA VAL CA 76 54.73 -20.02 -38.84
C VAL CA 76 53.77 -19.71 -39.99
N GLY CA 77 52.47 -19.69 -39.69
CA GLY CA 77 51.43 -19.56 -40.71
C GLY CA 77 51.50 -20.76 -41.65
N GLN CA 78 51.67 -20.49 -42.95
CA GLN CA 78 51.87 -21.53 -43.95
C GLN CA 78 53.30 -21.58 -44.43
N THR CA 79 54.26 -21.10 -43.61
CA THR CA 79 55.68 -21.08 -43.96
C THR CA 79 56.45 -22.01 -43.03
N LEU CA 80 57.35 -22.79 -43.60
CA LEU CA 80 58.20 -23.70 -42.87
C LEU CA 80 59.61 -23.07 -42.97
N VAL CA 81 60.22 -22.72 -41.83
CA VAL CA 81 61.49 -22.00 -41.76
C VAL CA 81 62.59 -22.83 -41.13
N TRP CA 82 63.81 -22.73 -41.66
CA TRP CA 82 64.99 -23.36 -41.08
C TRP CA 82 65.97 -22.27 -40.73
N CYS CA 83 66.56 -22.38 -39.54
CA CYS CA 83 67.61 -21.47 -39.11
C CYS CA 83 68.90 -22.27 -39.12
N LEU CA 84 69.85 -21.91 -39.99
CA LEU CA 84 71.14 -22.58 -40.12
C LEU CA 84 72.26 -21.71 -39.59
N HIS CA 85 73.39 -22.35 -39.28
CA HIS CA 85 74.53 -21.66 -38.71
C HIS CA 85 75.82 -22.30 -39.18
N LYS CA 86 76.84 -21.50 -39.55
CA LYS CA 86 78.12 -22.06 -39.98
C LYS CA 86 79.20 -21.77 -38.96
N MET DA 4 73.68 -37.23 -49.35
CA MET DA 4 72.31 -36.82 -49.03
C MET DA 4 72.06 -36.82 -47.51
N PRO DA 5 72.62 -35.84 -46.78
CA PRO DA 5 72.50 -35.88 -45.31
C PRO DA 5 71.14 -35.53 -44.72
N TYR DA 6 70.35 -34.65 -45.36
CA TYR DA 6 69.07 -34.25 -44.77
C TYR DA 6 67.86 -35.02 -45.26
N LEU DA 7 66.88 -35.12 -44.40
CA LEU DA 7 65.61 -35.76 -44.73
C LEU DA 7 64.50 -35.01 -44.05
N LEU DA 8 63.34 -34.94 -44.68
CA LEU DA 8 62.15 -34.33 -44.10
C LEU DA 8 61.04 -35.35 -44.12
N ILE DA 9 60.41 -35.62 -42.98
CA ILE DA 9 59.28 -36.53 -42.91
C ILE DA 9 58.10 -35.81 -42.23
N SER DA 10 56.88 -36.23 -42.54
CA SER DA 10 55.71 -35.55 -41.98
C SER DA 10 54.46 -36.40 -41.87
N THR DA 11 53.53 -35.97 -41.01
CA THR DA 11 52.24 -36.60 -40.88
C THR DA 11 51.18 -35.50 -40.64
N GLN DA 12 49.92 -35.78 -40.98
CA GLN DA 12 48.87 -34.80 -40.80
C GLN DA 12 47.84 -35.25 -39.78
N ILE DA 13 47.15 -34.26 -39.16
CA ILE DA 13 45.98 -34.40 -38.27
C ILE DA 13 46.25 -35.13 -36.92
N ARG DA 14 46.81 -36.34 -36.93
CA ARG DA 14 47.11 -37.09 -35.71
C ARG DA 14 48.49 -37.71 -35.87
N MET DA 15 49.27 -37.69 -34.79
CA MET DA 15 50.64 -38.20 -34.82
C MET DA 15 50.73 -39.73 -34.68
N GLU DA 16 49.67 -40.38 -34.18
CA GLU DA 16 49.70 -41.81 -33.91
C GLU DA 16 49.44 -42.69 -35.12
N VAL DA 17 49.01 -42.12 -36.24
CA VAL DA 17 48.63 -42.90 -37.40
C VAL DA 17 49.22 -42.31 -38.68
N GLY DA 18 49.49 -43.17 -39.64
CA GLY DA 18 49.95 -42.75 -40.95
C GLY DA 18 48.81 -42.17 -41.78
N PRO DA 19 49.01 -41.85 -43.08
CA PRO DA 19 50.28 -41.96 -43.83
C PRO DA 19 51.37 -41.01 -43.33
N THR DA 20 52.63 -41.37 -43.57
CA THR DA 20 53.76 -40.53 -43.26
C THR DA 20 54.47 -40.22 -44.60
N MET DA 21 54.66 -38.94 -44.90
CA MET DA 21 55.37 -38.51 -46.11
C MET DA 21 56.84 -38.65 -45.82
N VAL DA 22 57.57 -39.33 -46.71
CA VAL DA 22 58.98 -39.59 -46.47
C VAL DA 22 59.92 -39.10 -47.57
N GLY DA 23 59.41 -38.49 -48.63
CA GLY DA 23 60.24 -38.00 -49.71
C GLY DA 23 59.60 -37.25 -50.86
N ASP DA 24 60.45 -36.69 -51.71
CA ASP DA 24 60.09 -35.92 -52.88
C ASP DA 24 60.64 -36.63 -54.15
N GLU DA 25 60.40 -36.07 -55.35
CA GLU DA 25 60.84 -36.67 -56.62
C GLU DA 25 62.32 -37.01 -56.65
N GLN DA 26 63.16 -36.18 -56.02
CA GLN DA 26 64.62 -36.40 -56.04
C GLN DA 26 65.15 -37.16 -54.84
N SER DA 27 64.29 -37.82 -54.06
CA SER DA 27 64.71 -38.60 -52.90
C SER DA 27 65.50 -39.84 -53.30
N ASP DA 28 66.35 -40.35 -52.39
CA ASP DA 28 67.19 -41.54 -52.58
C ASP DA 28 66.27 -42.72 -52.82
N PRO DA 29 66.29 -43.31 -54.03
CA PRO DA 29 65.37 -44.44 -54.34
C PRO DA 29 65.59 -45.67 -53.47
N GLU DA 30 66.84 -45.92 -53.04
CA GLU DA 30 67.13 -47.06 -52.20
C GLU DA 30 66.51 -46.87 -50.80
N LEU DA 31 66.60 -45.64 -50.24
CA LEU DA 31 66.03 -45.33 -48.94
C LEU DA 31 64.51 -45.42 -49.01
N MET DA 32 63.90 -44.97 -50.12
CA MET DA 32 62.44 -45.04 -50.30
C MET DA 32 62.00 -46.50 -50.37
N GLN DA 33 62.77 -47.34 -51.08
CA GLN DA 33 62.47 -48.77 -51.19
C GLN DA 33 62.62 -49.44 -49.82
N HIS DA 34 63.67 -49.10 -49.06
CA HIS DA 34 63.92 -49.62 -47.71
C HIS DA 34 62.75 -49.33 -46.76
N LEU DA 35 62.17 -48.12 -46.85
CA LEU DA 35 61.05 -47.74 -46.01
C LEU DA 35 59.71 -48.36 -46.46
N GLY DA 36 59.67 -48.96 -47.64
CA GLY DA 36 58.45 -49.52 -48.21
C GLY DA 36 57.54 -48.43 -48.75
N ALA DA 37 58.13 -47.33 -49.23
CA ALA DA 37 57.37 -46.20 -49.72
C ALA DA 37 56.81 -46.35 -51.13
N SER DA 38 55.65 -45.74 -51.35
CA SER DA 38 54.98 -45.68 -52.64
C SER DA 38 55.05 -44.24 -53.16
N LYS DA 39 55.02 -44.08 -54.48
CA LYS DA 39 55.10 -42.76 -55.08
C LYS DA 39 53.74 -42.37 -55.64
N ARG DA 40 53.32 -41.12 -55.40
CA ARG DA 40 52.04 -40.63 -55.92
C ARG DA 40 52.07 -39.12 -56.17
N ARG DA 41 51.07 -38.60 -56.87
CA ARG DA 41 50.93 -37.18 -57.13
C ARG DA 41 49.49 -36.86 -56.83
N ALA DA 42 49.23 -36.10 -55.75
CA ALA DA 42 47.85 -35.74 -55.39
C ALA DA 42 47.27 -34.83 -56.49
N LEU DA 43 45.96 -34.97 -56.78
CA LEU DA 43 45.31 -34.19 -57.85
C LEU DA 43 45.52 -32.69 -57.73
N GLY DA 44 45.92 -32.08 -58.82
CA GLY DA 44 46.21 -30.66 -58.87
C GLY DA 44 47.60 -30.27 -58.44
N ASN DA 45 48.38 -31.20 -57.85
CA ASN DA 45 49.74 -30.88 -57.39
C ASN DA 45 50.74 -30.96 -58.52
N ASN DA 46 51.76 -30.10 -58.47
CA ASN DA 46 52.85 -30.00 -59.43
C ASN DA 46 54.07 -30.82 -58.98
N PHE DA 47 53.89 -31.86 -58.16
CA PHE DA 47 55.01 -32.64 -57.64
C PHE DA 47 54.60 -34.02 -57.19
N TYR DA 48 55.54 -34.95 -57.21
CA TYR DA 48 55.37 -36.31 -56.72
C TYR DA 48 55.88 -36.38 -55.28
N GLU DA 49 55.32 -37.30 -54.51
CA GLU DA 49 55.72 -37.51 -53.13
C GLU DA 49 55.83 -39.01 -52.83
N TYR DA 50 56.68 -39.34 -51.86
CA TYR DA 50 56.79 -40.71 -51.39
C TYR DA 50 56.10 -40.76 -50.02
N TYR DA 51 55.39 -41.85 -49.75
CA TYR DA 51 54.68 -42.00 -48.49
C TYR DA 51 54.66 -43.46 -48.04
N VAL DA 52 54.45 -43.67 -46.75
CA VAL DA 52 54.30 -45.00 -46.16
C VAL DA 52 53.02 -44.99 -45.33
N ASP DA 53 52.41 -46.15 -45.11
CA ASP DA 53 51.20 -46.25 -44.28
C ASP DA 53 51.51 -46.22 -42.78
N ASP DA 54 52.78 -46.46 -42.40
CA ASP DA 54 53.21 -46.49 -41.01
C ASP DA 54 53.07 -45.14 -40.31
N PRO DA 55 52.79 -45.17 -38.99
CA PRO DA 55 52.81 -43.92 -38.22
C PRO DA 55 54.26 -43.41 -38.11
N PRO DA 56 54.44 -42.09 -37.90
CA PRO DA 56 55.79 -41.52 -37.86
C PRO DA 56 56.78 -42.12 -36.85
N ARG DA 57 56.31 -42.59 -35.68
CA ARG DA 57 57.19 -43.19 -34.67
C ARG DA 57 57.94 -44.42 -35.25
N ILE DA 58 57.25 -45.24 -36.06
CA ILE DA 58 57.84 -46.40 -36.74
C ILE DA 58 58.89 -45.95 -37.75
N VAL DA 59 58.59 -44.91 -38.53
CA VAL DA 59 59.52 -44.39 -39.52
C VAL DA 59 60.79 -43.81 -38.84
N LEU DA 60 60.63 -43.13 -37.71
CA LEU DA 60 61.77 -42.57 -36.96
C LEU DA 60 62.71 -43.69 -36.47
N ASP DA 61 62.17 -44.81 -36.00
CA ASP DA 61 62.97 -45.94 -35.54
C ASP DA 61 63.72 -46.57 -36.72
N LYS DA 62 63.07 -46.70 -37.87
CA LYS DA 62 63.73 -47.26 -39.06
C LYS DA 62 64.87 -46.33 -39.51
N LEU DA 63 64.63 -45.01 -39.48
CA LEU DA 63 65.64 -44.02 -39.89
C LEU DA 63 66.84 -43.96 -38.96
N GLU DA 64 66.65 -44.24 -37.65
CA GLU DA 64 67.77 -44.30 -36.71
C GLU DA 64 68.72 -45.44 -37.11
N ARG DA 65 68.15 -46.60 -37.54
CA ARG DA 65 68.97 -47.72 -37.99
C ARG DA 65 69.79 -47.43 -39.27
N ARG DA 66 69.42 -46.37 -39.98
CA ARG DA 66 70.13 -45.91 -41.18
C ARG DA 66 71.09 -44.74 -40.89
N GLY DA 67 71.28 -44.37 -39.62
CA GLY DA 67 72.18 -43.29 -39.24
C GLY DA 67 71.55 -41.92 -39.08
N PHE DA 68 70.21 -41.83 -39.21
CA PHE DA 68 69.54 -40.54 -39.09
C PHE DA 68 69.16 -40.21 -37.66
N ARG DA 69 69.30 -38.95 -37.32
CA ARG DA 69 68.92 -38.45 -36.01
C ARG DA 69 67.99 -37.26 -36.20
N VAL DA 70 66.97 -37.14 -35.35
CA VAL DA 70 66.06 -36.01 -35.41
C VAL DA 70 66.81 -34.77 -34.92
N LEU DA 71 66.84 -33.72 -35.74
CA LEU DA 71 67.44 -32.45 -35.36
C LEU DA 71 66.35 -31.52 -34.85
N SER DA 72 65.17 -31.55 -35.47
CA SER DA 72 64.09 -30.65 -35.11
C SER DA 72 62.73 -31.23 -35.50
N MET DA 73 61.70 -30.87 -34.74
CA MET DA 73 60.33 -31.29 -34.98
C MET DA 73 59.45 -30.04 -34.87
N THR DA 74 58.55 -29.82 -35.84
CA THR DA 74 57.68 -28.66 -35.77
C THR DA 74 56.29 -28.89 -36.35
N GLY DA 75 55.34 -28.10 -35.91
CA GLY DA 75 54.01 -28.11 -36.47
C GLY DA 75 53.87 -26.93 -37.43
N VAL DA 76 53.13 -27.12 -38.51
CA VAL DA 76 52.83 -26.05 -39.46
C VAL DA 76 51.48 -26.40 -40.07
N GLY DA 77 50.47 -25.57 -39.80
CA GLY DA 77 49.09 -25.86 -40.16
C GLY DA 77 48.62 -27.12 -39.42
N GLN DA 78 48.17 -28.12 -40.16
CA GLN DA 78 47.82 -29.42 -39.59
C GLN DA 78 48.88 -30.49 -39.89
N THR DA 79 50.12 -30.09 -40.16
CA THR DA 79 51.20 -31.00 -40.50
C THR DA 79 52.26 -30.98 -39.40
N LEU DA 80 52.70 -32.16 -38.98
CA LEU DA 80 53.78 -32.32 -38.01
C LEU DA 80 55.00 -32.81 -38.83
N VAL DA 81 56.11 -32.04 -38.80
CA VAL DA 81 57.30 -32.29 -39.59
C VAL DA 81 58.52 -32.60 -38.74
N TRP DA 82 59.34 -33.56 -39.17
CA TRP DA 82 60.61 -33.87 -38.55
C TRP DA 82 61.71 -33.62 -39.58
N CYS DA 83 62.80 -32.97 -39.12
CA CYS DA 83 63.96 -32.74 -39.95
C CYS DA 83 65.06 -33.63 -39.38
N LEU DA 84 65.52 -34.62 -40.18
CA LEU DA 84 66.52 -35.58 -39.75
C LEU DA 84 67.82 -35.35 -40.49
N HIS DA 85 68.93 -35.77 -39.87
CA HIS DA 85 70.24 -35.60 -40.44
C HIS DA 85 71.07 -36.83 -40.20
N LYS DA 86 71.75 -37.26 -41.25
CA LYS DA 86 72.59 -38.45 -41.23
C LYS DA 86 73.95 -38.06 -40.76
N GLU DA 87 74.40 -38.71 -39.70
CA GLU DA 87 75.76 -38.55 -39.23
C GLU DA 87 76.28 -39.89 -38.65
N MET EA 4 41.38 -20.92 42.35
CA MET EA 4 40.07 -20.36 42.74
C MET EA 4 40.00 -20.16 44.27
N PRO EA 5 40.68 -19.15 44.82
CA PRO EA 5 40.71 -18.98 46.28
C PRO EA 5 39.43 -18.44 46.94
N TYR EA 6 38.65 -17.61 46.24
CA TYR EA 6 37.47 -17.02 46.87
C TYR EA 6 36.16 -17.77 46.61
N LEU EA 7 35.26 -17.68 47.57
CA LEU EA 7 33.97 -18.34 47.52
C LEU EA 7 32.91 -17.46 48.16
N LEU EA 8 31.72 -17.41 47.57
CA LEU EA 8 30.61 -16.64 48.12
C LEU EA 8 29.44 -17.59 48.31
N ILE EA 9 28.89 -17.64 49.53
CA ILE EA 9 27.72 -18.47 49.81
C ILE EA 9 26.64 -17.58 50.46
N SER EA 10 25.36 -17.97 50.29
CA SER EA 10 24.29 -17.15 50.85
C SER EA 10 23.03 -17.90 51.18
N THR EA 11 22.20 -17.32 52.05
CA THR EA 11 20.87 -17.82 52.36
C THR EA 11 19.91 -16.65 52.50
N GLN EA 12 18.63 -16.89 52.31
CA GLN EA 12 17.62 -15.83 52.41
C GLN EA 12 16.68 -16.08 53.56
N ILE EA 13 16.09 -14.99 54.10
CA ILE EA 13 15.01 -14.94 55.08
C ILE EA 13 15.32 -15.52 56.49
N ARG EA 14 15.79 -16.76 56.59
CA ARG EA 14 16.16 -17.34 57.88
C ARG EA 14 17.50 -18.07 57.73
N MET EA 15 18.36 -17.95 58.73
CA MET EA 15 19.70 -18.55 58.67
C MET EA 15 19.71 -20.04 59.03
N GLU EA 16 18.65 -20.55 59.68
CA GLU EA 16 18.62 -21.94 60.16
C GLU EA 16 18.21 -22.95 59.11
N VAL EA 17 17.74 -22.50 57.95
CA VAL EA 17 17.24 -23.41 56.93
C VAL EA 17 17.77 -23.02 55.55
N GLY EA 18 17.92 -24.03 54.69
CA GLY EA 18 18.29 -23.79 53.30
C GLY EA 18 17.11 -23.26 52.49
N PRO EA 19 17.22 -23.13 51.16
CA PRO EA 19 18.42 -23.41 50.33
C PRO EA 19 19.58 -22.47 50.61
N THR EA 20 20.80 -22.94 50.32
CA THR EA 20 21.99 -22.14 50.43
C THR EA 20 22.58 -22.04 49.03
N MET EA 21 22.81 -20.83 48.52
CA MET EA 21 23.44 -20.61 47.22
C MET EA 21 24.92 -20.82 47.42
N VAL EA 22 25.53 -21.66 46.60
CA VAL EA 22 26.95 -21.97 46.75
C VAL EA 22 27.80 -21.71 45.51
N GLY EA 23 27.22 -21.19 44.44
CA GLY EA 23 27.98 -20.92 43.23
C GLY EA 23 27.28 -20.26 42.06
N ASP EA 24 28.08 -19.85 41.08
CA ASP EA 24 27.66 -19.23 39.82
C ASP EA 24 28.09 -20.14 38.64
N GLU EA 25 27.81 -19.73 37.39
CA GLU EA 25 28.15 -20.52 36.20
C GLU EA 25 29.62 -20.92 36.11
N GLN EA 26 30.52 -20.06 36.57
CA GLN EA 26 31.95 -20.34 36.50
C GLN EA 26 32.52 -20.96 37.77
N SER EA 27 31.68 -21.53 38.63
CA SER EA 27 32.16 -22.18 39.85
C SER EA 27 32.84 -23.53 39.54
N ASP EA 28 33.69 -24.00 40.46
CA ASP EA 28 34.39 -25.28 40.37
C ASP EA 28 33.36 -26.40 40.33
N PRO EA 29 33.30 -27.15 39.23
CA PRO EA 29 32.28 -28.21 39.13
C PRO EA 29 32.44 -29.36 40.12
N GLU EA 30 33.68 -29.69 40.48
CA GLU EA 30 33.91 -30.76 41.44
C GLU EA 30 33.44 -30.35 42.84
N LEU EA 31 33.71 -29.09 43.23
CA LEU EA 31 33.26 -28.57 44.53
C LEU EA 31 31.74 -28.54 44.60
N MET EA 32 31.08 -28.14 43.49
CA MET EA 32 29.62 -28.12 43.44
C MET EA 32 29.07 -29.54 43.55
N GLN EA 33 29.70 -30.51 42.89
CA GLN EA 33 29.28 -31.90 42.96
C GLN EA 33 29.47 -32.47 44.36
N HIS EA 34 30.60 -32.16 45.01
CA HIS EA 34 30.88 -32.63 46.37
C HIS EA 34 29.83 -32.13 47.34
N LEU EA 35 29.51 -30.82 47.24
CA LEU EA 35 28.52 -30.21 48.11
C LEU EA 35 27.10 -30.71 47.87
N GLY EA 36 26.87 -31.46 46.79
CA GLY EA 36 25.57 -31.99 46.43
C GLY EA 36 24.69 -30.93 45.81
N ALA EA 37 25.31 -29.95 45.12
CA ALA EA 37 24.60 -28.83 44.54
C ALA EA 37 23.91 -29.11 43.22
N SER EA 38 22.79 -28.46 43.01
CA SER EA 38 22.03 -28.54 41.78
C SER EA 38 22.17 -27.19 41.06
N LYS EA 39 22.05 -27.21 39.75
CA LYS EA 39 22.18 -26.01 38.94
C LYS EA 39 20.80 -25.59 38.43
N ARG EA 40 20.50 -24.30 38.52
CA ARG EA 40 19.21 -23.80 38.04
C ARG EA 40 19.32 -22.35 37.56
N ARG EA 41 18.30 -21.89 36.83
CA ARG EA 41 18.24 -20.51 36.40
C ARG EA 41 16.83 -20.04 36.77
N ALA EA 42 16.71 -19.14 37.75
CA ALA EA 42 15.41 -18.64 38.15
C ALA EA 42 14.82 -17.81 36.99
N LEU EA 43 13.48 -17.90 36.78
CA LEU EA 43 12.83 -17.21 35.67
C LEU EA 43 13.14 -15.72 35.58
N GLY EA 44 13.51 -15.29 34.38
CA GLY EA 44 13.86 -13.90 34.14
C GLY EA 44 15.31 -13.56 34.45
N ASN EA 45 16.06 -14.47 35.09
CA ASN EA 45 17.47 -14.21 35.39
C ASN EA 45 18.37 -14.52 34.22
N ASN EA 46 19.39 -13.70 34.04
CA ASN EA 46 20.40 -13.82 32.99
C ASN EA 46 21.60 -14.65 33.48
N PHE EA 47 21.42 -15.54 34.46
CA PHE EA 47 22.53 -16.31 35.00
C PHE EA 47 22.06 -17.60 35.67
N TYR EA 48 22.95 -18.60 35.69
CA TYR EA 48 22.73 -19.86 36.39
C TYR EA 48 23.33 -19.77 37.78
N GLU EA 49 22.79 -20.55 38.70
CA GLU EA 49 23.26 -20.59 40.08
C GLU EA 49 23.30 -22.03 40.58
N TYR EA 50 24.18 -22.29 41.56
CA TYR EA 50 24.26 -23.59 42.21
C TYR EA 50 23.71 -23.42 43.62
N TYR EA 51 22.93 -24.38 44.07
CA TYR EA 51 22.33 -24.32 45.40
C TYR EA 51 22.28 -25.70 46.06
N VAL EA 52 22.19 -25.73 47.37
CA VAL EA 52 22.04 -26.95 48.15
C VAL EA 52 20.84 -26.77 49.07
N ASP EA 53 20.22 -27.87 49.50
CA ASP EA 53 19.09 -27.79 50.43
C ASP EA 53 19.53 -27.56 51.88
N ASP EA 54 20.81 -27.79 52.19
CA ASP EA 54 21.36 -27.66 53.54
C ASP EA 54 21.35 -26.24 54.06
N PRO EA 55 21.19 -26.08 55.39
CA PRO EA 55 21.32 -24.74 55.98
C PRO EA 55 22.79 -24.29 55.92
N PRO EA 56 23.04 -22.97 55.93
CA PRO EA 56 24.42 -22.48 55.79
C PRO EA 56 25.45 -22.99 56.80
N ARG EA 57 25.07 -23.28 58.06
CA ARG EA 57 26.00 -23.78 59.08
C ARG EA 57 26.65 -25.10 58.60
N ILE EA 58 25.85 -25.98 57.97
CA ILE EA 58 26.31 -27.26 57.43
C ILE EA 58 27.31 -27.01 56.29
N VAL EA 59 26.98 -26.07 55.40
CA VAL EA 59 27.85 -25.73 54.28
C VAL EA 59 29.19 -25.15 54.76
N LEU EA 60 29.16 -24.30 55.78
CA LEU EA 60 30.39 -23.71 56.33
C LEU EA 60 31.33 -24.81 56.90
N ASP EA 61 30.77 -25.82 57.57
CA ASP EA 61 31.55 -26.92 58.12
C ASP EA 61 32.14 -27.76 56.99
N LYS EA 62 31.37 -28.00 55.92
CA LYS EA 62 31.86 -28.76 54.77
C LYS EA 62 32.99 -28.00 54.08
N LEU EA 63 32.84 -26.66 53.91
CA LEU EA 63 33.86 -25.84 53.26
C LEU EA 63 35.17 -25.70 54.10
N GLU EA 64 35.10 -25.82 55.45
CA GLU EA 64 36.31 -25.81 56.27
C GLU EA 64 37.13 -27.12 55.95
N ARG EA 65 36.43 -28.25 55.77
CA ARG EA 65 37.08 -29.52 55.41
C ARG EA 65 37.73 -29.50 54.01
N ARG EA 66 37.39 -28.49 53.18
CA ARG EA 66 38.01 -28.29 51.88
C ARG EA 66 39.11 -27.19 51.90
N GLY EA 67 39.42 -26.62 53.06
CA GLY EA 67 40.44 -25.60 53.18
C GLY EA 67 39.97 -24.16 53.19
N PHE EA 68 38.65 -23.94 53.21
CA PHE EA 68 38.11 -22.57 53.21
C PHE EA 68 37.86 -22.07 54.62
N ARG EA 69 38.03 -20.78 54.81
CA ARG EA 69 37.80 -20.10 56.08
C ARG EA 69 36.91 -18.85 55.82
N VAL EA 70 36.00 -18.56 56.75
CA VAL EA 70 35.14 -17.39 56.63
C VAL EA 70 35.97 -16.15 56.88
N LEU EA 71 36.00 -15.22 55.92
CA LEU EA 71 36.68 -13.94 56.08
C LEU EA 71 35.68 -12.88 56.54
N SER EA 72 34.46 -12.92 56.00
CA SER EA 72 33.46 -11.93 56.32
C SER EA 72 32.05 -12.49 56.15
N MET EA 73 31.10 -11.96 56.93
CA MET EA 73 29.69 -12.32 56.83
C MET EA 73 28.91 -11.01 56.83
N THR EA 74 27.96 -10.85 55.90
CA THR EA 74 27.17 -9.62 55.85
C THR EA 74 25.73 -9.85 55.42
N GLY EA 75 24.86 -8.95 55.83
CA GLY EA 75 23.48 -8.95 55.43
C GLY EA 75 23.30 -7.93 54.33
N VAL EA 76 22.50 -8.23 53.32
CA VAL EA 76 22.17 -7.27 52.26
C VAL EA 76 20.75 -7.60 51.83
N GLY EA 77 19.82 -6.68 52.08
CA GLY EA 77 18.40 -6.94 51.85
C GLY EA 77 17.92 -8.06 52.78
N GLN EA 78 17.34 -9.10 52.20
CA GLN EA 78 16.96 -10.30 52.95
C GLN EA 78 17.94 -11.47 52.71
N THR EA 79 19.16 -11.17 52.28
CA THR EA 79 20.18 -12.19 52.01
C THR EA 79 21.32 -12.08 53.01
N LEU EA 80 21.73 -13.22 53.55
CA LEU EA 80 22.86 -13.30 54.46
C LEU EA 80 23.99 -13.97 53.64
N VAL EA 81 25.12 -13.28 53.47
CA VAL EA 81 26.24 -13.69 52.63
C VAL EA 81 27.51 -13.97 53.44
N TRP EA 82 28.24 -15.02 53.07
CA TRP EA 82 29.54 -15.34 53.65
C TRP EA 82 30.56 -15.30 52.52
N CYS EA 83 31.72 -14.68 52.79
CA CYS EA 83 32.83 -14.63 51.85
C CYS EA 83 33.92 -15.51 52.47
N LEU EA 84 34.30 -16.58 51.76
CA LEU EA 84 35.27 -17.56 52.18
C LEU EA 84 36.51 -17.52 51.32
N HIS EA 85 37.63 -17.88 51.92
CA HIS EA 85 38.91 -17.89 51.24
C HIS EA 85 39.69 -19.16 51.56
N LYS EA 86 40.28 -19.79 50.52
CA LYS EA 86 41.07 -21.01 50.65
C LYS EA 86 42.47 -20.53 51.00
N GLU EA 87 42.87 -20.64 52.28
CA GLU EA 87 44.16 -20.08 52.71
C GLU EA 87 45.31 -21.09 52.77
N MET FA 4 32.14 -30.04 64.26
CA MET FA 4 31.16 -28.94 64.07
C MET FA 4 31.80 -27.59 64.44
N PRO FA 5 32.69 -27.05 63.58
CA PRO FA 5 33.40 -25.82 63.96
C PRO FA 5 32.61 -24.52 63.93
N TYR FA 6 31.61 -24.39 63.05
CA TYR FA 6 30.85 -23.13 62.94
C TYR FA 6 29.55 -23.10 63.72
N LEU FA 7 29.22 -21.93 64.22
CA LEU FA 7 27.99 -21.68 64.97
C LEU FA 7 27.38 -20.36 64.55
N LEU FA 8 26.05 -20.30 64.42
CA LEU FA 8 25.37 -19.07 64.09
C LEU FA 8 24.39 -18.75 65.23
N ILE FA 9 24.50 -17.57 65.82
CA ILE FA 9 23.56 -17.14 66.85
C ILE FA 9 22.94 -15.81 66.43
N SER FA 10 21.73 -15.51 66.93
CA SER FA 10 21.07 -14.28 66.53
C SER FA 10 20.07 -13.74 67.54
N THR FA 11 19.74 -12.47 67.42
CA THR FA 11 18.71 -11.83 68.22
C THR FA 11 17.97 -10.81 67.32
N GLN FA 12 16.75 -10.48 67.68
CA GLN FA 12 15.96 -9.52 66.92
C GLN FA 12 15.68 -8.27 67.71
N ILE FA 13 15.45 -7.15 66.98
CA ILE FA 13 14.95 -5.85 67.46
C ILE FA 13 15.88 -5.08 68.42
N ARG FA 14 16.32 -5.69 69.54
CA ARG FA 14 17.23 -5.04 70.47
C ARG FA 14 18.30 -6.05 70.87
N MET FA 15 19.55 -5.60 70.96
CA MET FA 15 20.67 -6.49 71.29
C MET FA 15 20.78 -6.79 72.78
N GLU FA 16 20.17 -5.98 73.65
CA GLU FA 16 20.33 -6.13 75.10
C GLU FA 16 19.42 -7.16 75.73
N VAL FA 17 18.45 -7.71 74.99
CA VAL FA 17 17.51 -8.65 75.55
C VAL FA 17 17.32 -9.86 74.63
N GLY FA 18 17.00 -11.00 75.22
CA GLY FA 18 16.69 -12.20 74.46
C GLY FA 18 15.28 -12.13 73.90
N PRO FA 19 14.77 -13.21 73.27
CA PRO FA 19 15.43 -14.52 73.04
C PRO FA 19 16.61 -14.45 72.10
N THR FA 20 17.52 -15.40 72.23
CA THR FA 20 18.66 -15.53 71.34
C THR FA 20 18.53 -16.91 70.66
N MET FA 21 18.52 -16.93 69.32
CA MET FA 21 18.48 -18.18 68.56
C MET FA 21 19.89 -18.76 68.58
N VAL FA 22 20.03 -20.02 68.99
CA VAL FA 22 21.35 -20.62 69.11
C VAL FA 22 21.56 -21.88 68.28
N GLY FA 23 20.56 -22.29 67.51
CA GLY FA 23 20.70 -23.49 66.69
C GLY FA 23 19.55 -23.88 65.79
N ASP FA 24 19.83 -24.87 64.93
CA ASP FA 24 18.90 -25.45 63.99
C ASP FA 24 18.69 -26.95 64.32
N GLU FA 25 17.87 -27.68 63.54
CA GLU FA 25 17.57 -29.10 63.78
C GLU FA 25 18.81 -29.97 63.91
N GLN FA 26 19.85 -29.67 63.13
CA GLN FA 26 21.07 -30.48 63.13
C GLN FA 26 22.17 -29.96 64.05
N SER FA 27 21.82 -29.07 65.00
CA SER FA 27 22.79 -28.55 65.96
C SER FA 27 23.21 -29.63 66.97
N ASP FA 28 24.39 -29.47 67.58
CA ASP FA 28 24.92 -30.36 68.60
C ASP FA 28 23.96 -30.39 69.79
N PRO FA 29 23.34 -31.55 70.06
CA PRO FA 29 22.35 -31.62 71.17
C PRO FA 29 22.93 -31.34 72.55
N GLU FA 30 24.19 -31.70 72.74
CA GLU FA 30 24.87 -31.48 74.02
C GLU FA 30 25.09 -29.99 74.24
N LEU FA 31 25.52 -29.28 73.20
CA LEU FA 31 25.74 -27.83 73.29
C LEU FA 31 24.42 -27.11 73.55
N MET FA 32 23.33 -27.56 72.90
CA MET FA 32 22.01 -26.96 73.11
C MET FA 32 21.54 -27.18 74.55
N GLN FA 33 21.78 -28.38 75.09
CA GLN FA 33 21.43 -28.68 76.48
C GLN FA 33 22.27 -27.84 77.45
N HIS FA 34 23.58 -27.68 77.18
CA HIS FA 34 24.50 -26.88 77.98
C HIS FA 34 24.04 -25.41 78.06
N LEU FA 35 23.58 -24.85 76.94
CA LEU FA 35 23.09 -23.47 76.92
C LEU FA 35 21.72 -23.29 77.58
N GLY FA 36 21.02 -24.38 77.85
CA GLY FA 36 19.66 -24.34 78.40
C GLY FA 36 18.65 -23.99 77.32
N ALA FA 37 18.91 -24.43 76.09
CA ALA FA 37 18.05 -24.12 74.97
C ALA FA 37 16.81 -24.99 74.84
N SER FA 38 15.74 -24.39 74.36
CA SER FA 38 14.49 -25.08 74.08
C SER FA 38 14.32 -25.19 72.57
N LYS FA 39 13.61 -26.20 72.10
CA LYS FA 39 13.40 -26.42 70.69
C LYS FA 39 11.95 -26.06 70.35
N ARG FA 40 11.75 -25.33 69.25
CA ARG FA 40 10.40 -24.95 68.82
C ARG FA 40 10.33 -24.81 67.28
N ARG FA 41 9.11 -24.72 66.75
CA ARG FA 41 8.89 -24.49 65.33
C ARG FA 41 7.85 -23.39 65.25
N ALA FA 42 8.23 -22.20 64.80
CA ALA FA 42 7.28 -21.09 64.68
C ALA FA 42 6.20 -21.46 63.60
N LEU FA 43 4.94 -21.08 63.83
CA LEU FA 43 3.84 -21.40 62.92
C LEU FA 43 4.12 -21.03 61.46
N GLY FA 44 3.90 -21.99 60.56
CA GLY FA 44 4.13 -21.83 59.14
C GLY FA 44 5.56 -22.09 58.70
N ASN FA 45 6.51 -22.23 59.66
CA ASN FA 45 7.89 -22.50 59.31
C ASN FA 45 8.14 -23.98 59.02
N ASN FA 46 9.05 -24.24 58.07
CA ASN FA 46 9.43 -25.59 57.64
C ASN FA 46 10.69 -26.08 58.38
N PHE FA 47 10.96 -25.56 59.59
CA PHE FA 47 12.16 -25.93 60.33
C PHE FA 47 12.02 -25.68 61.82
N TYR FA 48 12.78 -26.45 62.61
CA TYR FA 48 12.87 -26.29 64.06
C TYR FA 48 14.08 -25.41 64.39
N GLU FA 49 14.00 -24.71 65.52
CA GLU FA 49 15.06 -23.83 65.99
C GLU FA 49 15.29 -24.01 67.49
N TYR FA 50 16.51 -23.72 67.95
CA TYR FA 50 16.84 -23.74 69.36
C TYR FA 50 16.99 -22.31 69.80
N TYR FA 51 16.49 -21.99 70.99
CA TYR FA 51 16.58 -20.63 71.51
C TYR FA 51 16.77 -20.61 73.01
N VAL FA 52 17.29 -19.51 73.53
CA VAL FA 52 17.47 -19.29 74.96
C VAL FA 52 16.84 -17.94 75.31
N ASP FA 53 16.45 -17.74 76.57
CA ASP FA 53 15.89 -16.46 77.01
C ASP FA 53 16.97 -15.39 77.27
N ASP FA 54 18.23 -15.80 77.38
CA ASP FA 54 19.34 -14.91 77.66
C ASP FA 54 19.64 -13.92 76.53
N PRO FA 55 20.12 -12.72 76.88
CA PRO FA 55 20.56 -11.79 75.83
C PRO FA 55 21.84 -12.33 75.18
N PRO FA 56 22.12 -11.94 73.93
CA PRO FA 56 23.29 -12.49 73.21
C PRO FA 56 24.64 -12.34 73.90
N ARG FA 57 24.88 -11.26 74.67
CA ARG FA 57 26.18 -11.06 75.35
C ARG FA 57 26.47 -12.22 76.32
N ILE FA 58 25.45 -12.71 77.03
CA ILE FA 58 25.55 -13.84 77.94
C ILE FA 58 25.89 -15.12 77.17
N VAL FA 59 25.21 -15.34 76.04
CA VAL FA 59 25.44 -16.52 75.20
C VAL FA 59 26.87 -16.50 74.65
N LEU FA 60 27.38 -15.32 74.27
CA LEU FA 60 28.72 -15.16 73.75
C LEU FA 60 29.78 -15.57 74.81
N ASP FA 61 29.57 -15.15 76.07
CA ASP FA 61 30.47 -15.50 77.16
C ASP FA 61 30.45 -17.01 77.38
N LYS FA 62 29.26 -17.63 77.35
CA LYS FA 62 29.12 -19.08 77.53
C LYS FA 62 29.84 -19.84 76.41
N LEU FA 63 29.73 -19.34 75.16
CA LEU FA 63 30.36 -19.96 74.01
C LEU FA 63 31.87 -19.86 74.03
N GLU FA 64 32.41 -18.77 74.60
CA GLU FA 64 33.86 -18.63 74.74
C GLU FA 64 34.40 -19.75 75.67
N ARG FA 65 33.65 -20.07 76.75
CA ARG FA 65 34.01 -21.16 77.65
C ARG FA 65 33.96 -22.55 76.99
N ARG FA 66 33.36 -22.66 75.80
CA ARG FA 66 33.32 -23.89 75.03
C ARG FA 66 34.35 -23.90 73.86
N GLY FA 67 35.17 -22.84 73.75
CA GLY FA 67 36.20 -22.72 72.72
C GLY FA 67 35.80 -21.94 71.48
N PHE FA 68 34.62 -21.26 71.51
CA PHE FA 68 34.14 -20.50 70.37
C PHE FA 68 34.56 -19.06 70.39
N ARG FA 69 34.89 -18.52 69.21
CA ARG FA 69 35.30 -17.14 69.06
C ARG FA 69 34.46 -16.46 67.97
N VAL FA 70 34.07 -15.20 68.17
CA VAL FA 70 33.32 -14.46 67.17
C VAL FA 70 34.22 -14.14 65.99
N LEU FA 71 33.82 -14.57 64.78
CA LEU FA 71 34.56 -14.24 63.55
C LEU FA 71 33.93 -13.01 62.90
N SER FA 72 32.59 -12.94 62.90
CA SER FA 72 31.89 -11.87 62.24
C SER FA 72 30.52 -11.62 62.89
N MET FA 73 30.07 -10.38 62.82
CA MET FA 73 28.78 -9.97 63.35
C MET FA 73 28.13 -9.10 62.26
N THR FA 74 26.86 -9.37 61.93
CA THR FA 74 26.18 -8.58 60.91
C THR FA 74 24.70 -8.37 61.20
N GLY FA 75 24.15 -7.31 60.65
CA GLY FA 75 22.73 -7.06 60.73
C GLY FA 75 22.09 -7.45 59.40
N VAL FA 76 20.90 -8.03 59.44
CA VAL FA 76 20.16 -8.36 58.23
C VAL FA 76 18.68 -8.21 58.61
N GLY FA 77 18.01 -7.24 58.00
CA GLY FA 77 16.65 -6.87 58.37
C GLY FA 77 16.64 -6.36 59.80
N GLN FA 78 15.85 -7.00 60.68
CA GLN FA 78 15.84 -6.67 62.09
C GLN FA 78 16.54 -7.76 62.94
N THR FA 79 17.43 -8.55 62.33
CA THR FA 79 18.13 -9.63 63.01
C THR FA 79 19.60 -9.31 63.07
N LEU FA 80 20.19 -9.45 64.25
CA LEU FA 80 21.62 -9.24 64.48
C LEU FA 80 22.20 -10.64 64.62
N VAL FA 81 23.15 -11.02 63.75
CA VAL FA 81 23.72 -12.36 63.68
C VAL FA 81 25.20 -12.38 64.03
N TRP FA 82 25.64 -13.41 64.74
CA TRP FA 82 27.05 -13.64 65.05
C TRP FA 82 27.44 -14.98 64.46
N CYS FA 83 28.60 -15.02 63.81
CA CYS FA 83 29.15 -16.24 63.26
C CYS FA 83 30.37 -16.54 64.13
N LEU FA 84 30.32 -17.64 64.88
CA LEU FA 84 31.40 -18.05 65.77
C LEU FA 84 32.11 -19.26 65.20
N HIS FA 85 33.37 -19.45 65.58
CA HIS FA 85 34.16 -20.58 65.11
C HIS FA 85 34.92 -21.18 66.29
N LYS FA 86 35.00 -22.51 66.33
CA LYS FA 86 35.68 -23.24 67.39
C LYS FA 86 37.17 -23.27 67.06
N MET GA 4 33.53 -11.70 82.12
CA MET GA 4 32.68 -11.03 81.12
C MET GA 4 33.51 -10.53 79.93
N PRO GA 5 33.97 -11.42 79.04
CA PRO GA 5 34.83 -10.97 77.93
C PRO GA 5 34.17 -10.19 76.80
N TYR GA 6 32.87 -10.41 76.52
CA TYR GA 6 32.21 -9.71 75.42
C TYR GA 6 31.43 -8.48 75.82
N LEU GA 7 31.50 -7.44 74.97
CA LEU GA 7 30.78 -6.19 75.19
C LEU GA 7 30.11 -5.76 73.91
N LEU GA 8 28.89 -5.21 74.02
CA LEU GA 8 28.17 -4.72 72.84
C LEU GA 8 27.87 -3.25 73.07
N ILE GA 9 28.28 -2.39 72.15
CA ILE GA 9 27.95 -0.97 72.25
C ILE GA 9 27.24 -0.53 70.96
N SER GA 10 26.40 0.52 71.05
CA SER GA 10 25.67 0.95 69.87
C SER GA 10 25.29 2.42 69.86
N THR GA 11 25.01 2.94 68.67
CA THR GA 11 24.52 4.30 68.50
C THR GA 11 23.48 4.28 67.37
N GLN GA 12 22.56 5.24 67.40
CA GLN GA 12 21.55 5.33 66.35
C GLN GA 12 21.68 6.58 65.53
N ILE GA 13 21.18 6.53 64.28
CA ILE GA 13 21.01 7.63 63.33
C ILE GA 13 22.32 8.30 62.83
N ARG GA 14 23.22 8.74 63.71
CA ARG GA 14 24.48 9.36 63.29
C ARG GA 14 25.59 8.80 64.16
N MET GA 15 26.75 8.51 63.57
CA MET GA 15 27.87 7.93 64.31
C MET GA 15 28.69 8.96 65.09
N GLU GA 16 28.59 10.26 64.75
CA GLU GA 16 29.41 11.30 65.37
C GLU GA 16 28.87 11.81 66.69
N VAL GA 17 27.65 11.45 67.08
CA VAL GA 17 27.04 11.98 68.28
C VAL GA 17 26.41 10.86 69.11
N GLY GA 18 26.37 11.06 70.41
CA GLY GA 18 25.69 10.13 71.31
C GLY GA 18 24.18 10.33 71.26
N PRO GA 19 23.39 9.63 72.12
CA PRO GA 19 23.83 8.68 73.16
C PRO GA 19 24.42 7.40 72.60
N THR GA 20 25.26 6.75 73.39
CA THR GA 20 25.84 5.47 73.03
C THR GA 20 25.35 4.46 74.09
N MET GA 21 24.71 3.36 73.67
CA MET GA 21 24.28 2.31 74.57
C MET GA 21 25.50 1.49 74.90
N VAL GA 22 25.79 1.29 76.19
CA VAL GA 22 27.00 0.57 76.59
C VAL GA 22 26.75 -0.65 77.47
N GLY GA 23 25.49 -1.00 77.75
CA GLY GA 23 25.21 -2.16 78.59
C GLY GA 23 23.75 -2.50 78.86
N ASP GA 24 23.55 -3.59 79.61
CA ASP GA 24 22.22 -4.09 79.97
C ASP GA 24 22.16 -4.42 81.48
N GLU GA 25 21.02 -4.95 82.00
CA GLU GA 25 20.93 -5.24 83.43
C GLU GA 25 22.02 -6.19 83.97
N GLN GA 26 22.67 -6.98 83.10
CA GLN GA 26 23.72 -7.88 83.55
C GLN GA 26 25.13 -7.38 83.24
N SER GA 27 25.29 -6.08 83.00
CA SER GA 27 26.60 -5.51 82.74
C SER GA 27 27.38 -5.28 84.03
N ASP GA 28 28.72 -5.18 83.92
CA ASP GA 28 29.64 -4.92 85.03
C ASP GA 28 29.35 -3.54 85.61
N PRO GA 29 28.86 -3.47 86.86
CA PRO GA 29 28.51 -2.15 87.43
C PRO GA 29 29.68 -1.19 87.54
N GLU GA 30 30.88 -1.72 87.78
CA GLU GA 30 32.07 -0.90 87.89
C GLU GA 30 32.44 -0.30 86.53
N LEU GA 31 32.34 -1.10 85.46
CA LEU GA 31 32.62 -0.61 84.11
C LEU GA 31 31.61 0.45 83.71
N MET GA 32 30.33 0.25 84.07
CA MET GA 32 29.29 1.23 83.75
C MET GA 32 29.55 2.54 84.50
N GLN GA 33 29.98 2.45 85.76
CA GLN GA 33 30.32 3.63 86.56
C GLN GA 33 31.54 4.35 85.97
N HIS GA 34 32.55 3.58 85.57
CA HIS GA 34 33.76 4.13 84.97
C HIS GA 34 33.44 4.97 83.71
N LEU GA 35 32.59 4.45 82.82
CA LEU GA 35 32.20 5.16 81.60
C LEU GA 35 31.28 6.38 81.85
N GLY GA 36 30.72 6.47 83.05
CA GLY GA 36 29.80 7.54 83.40
C GLY GA 36 28.40 7.25 82.89
N ALA GA 37 28.03 5.96 82.84
CA ALA GA 37 26.76 5.53 82.30
C ALA GA 37 25.59 5.67 83.25
N SER GA 38 24.41 5.97 82.70
CA SER GA 38 23.17 6.06 83.44
C SER GA 38 22.30 4.86 83.06
N LYS GA 39 21.42 4.45 83.95
CA LYS GA 39 20.56 3.31 83.72
C LYS GA 39 19.13 3.79 83.48
N ARG GA 40 18.47 3.25 82.46
CA ARG GA 40 17.09 3.61 82.16
C ARG GA 40 16.31 2.44 81.55
N ARG GA 41 14.98 2.56 81.51
CA ARG GA 41 14.13 1.59 80.86
C ARG GA 41 13.20 2.39 79.96
N ALA GA 42 13.36 2.28 78.64
CA ALA GA 42 12.51 3.01 77.71
C ALA GA 42 11.06 2.47 77.84
N LEU GA 43 10.05 3.36 77.75
CA LEU GA 43 8.65 2.95 77.92
C LEU GA 43 8.22 1.80 77.04
N GLY GA 44 7.59 0.81 77.64
CA GLY GA 44 7.13 -0.38 76.93
C GLY GA 44 8.18 -1.48 76.80
N ASN GA 45 9.46 -1.17 77.16
CA ASN GA 45 10.51 -2.17 77.07
C ASN GA 45 10.55 -3.05 78.31
N ASN GA 46 10.91 -4.32 78.10
CA ASN GA 46 11.01 -5.33 79.16
C ASN GA 46 12.46 -5.47 79.69
N PHE GA 47 13.27 -4.41 79.57
CA PHE GA 47 14.67 -4.48 80.00
C PHE GA 47 15.24 -3.11 80.29
N TYR GA 48 16.28 -3.08 81.15
CA TYR GA 48 17.02 -1.87 81.48
C TYR GA 48 18.25 -1.81 80.59
N GLU GA 49 18.72 -0.59 80.35
CA GLU GA 49 19.90 -0.36 79.53
C GLU GA 49 20.78 0.69 80.18
N TYR GA 50 22.07 0.68 79.83
CA TYR GA 50 23.04 1.66 80.28
C TYR GA 50 23.45 2.48 79.05
N TYR GA 51 23.57 3.78 79.22
CA TYR GA 51 23.94 4.67 78.12
C TYR GA 51 24.82 5.81 78.59
N VAL GA 52 25.57 6.37 77.66
CA VAL GA 52 26.42 7.53 77.91
C VAL GA 52 26.07 8.61 76.88
N ASP GA 53 26.35 9.87 77.19
CA ASP GA 53 26.09 10.97 76.26
C ASP GA 53 27.17 11.08 75.17
N ASP GA 54 28.34 10.47 75.40
CA ASP GA 54 29.48 10.52 74.50
C ASP GA 54 29.23 9.84 73.16
N PRO GA 55 29.86 10.35 72.08
CA PRO GA 55 29.78 9.65 70.79
C PRO GA 55 30.58 8.34 70.87
N PRO GA 56 30.24 7.36 70.02
CA PRO GA 56 30.91 6.05 70.11
C PRO GA 56 32.44 6.04 69.98
N ARG GA 57 33.05 6.96 69.21
CA ARG GA 57 34.50 6.99 69.07
C ARG GA 57 35.19 7.20 70.43
N ILE GA 58 34.61 8.07 71.29
CA ILE GA 58 35.12 8.34 72.63
C ILE GA 58 34.99 7.09 73.49
N VAL GA 59 33.85 6.38 73.41
CA VAL GA 59 33.61 5.15 74.16
C VAL GA 59 34.59 4.06 73.76
N LEU GA 60 34.88 3.94 72.47
CA LEU GA 60 35.83 2.94 71.96
C LEU GA 60 37.23 3.18 72.52
N ASP GA 61 37.67 4.44 72.60
CA ASP GA 61 38.97 4.77 73.15
C ASP GA 61 39.02 4.43 74.65
N LYS GA 62 37.94 4.72 75.39
CA LYS GA 62 37.88 4.42 76.81
C LYS GA 62 37.94 2.91 77.04
N LEU GA 63 37.23 2.13 76.19
CA LEU GA 63 37.21 0.68 76.27
C LEU GA 63 38.55 0.02 75.95
N GLU GA 64 39.34 0.61 75.05
CA GLU GA 64 40.66 0.09 74.75
C GLU GA 64 41.55 0.18 76.01
N ARG GA 65 41.44 1.30 76.77
CA ARG GA 65 42.19 1.48 78.01
C ARG GA 65 41.76 0.50 79.12
N ARG GA 66 40.64 -0.21 78.93
CA ARG GA 66 40.20 -1.27 79.85
C ARG GA 66 40.51 -2.69 79.30
N GLY GA 67 41.22 -2.79 78.16
CA GLY GA 67 41.60 -4.05 77.54
C GLY GA 67 40.65 -4.64 76.53
N PHE GA 68 39.76 -3.82 75.93
CA PHE GA 68 38.82 -4.31 74.93
C PHE GA 68 39.26 -3.95 73.52
N ARG GA 69 39.09 -4.87 72.59
CA ARG GA 69 39.38 -4.59 71.18
C ARG GA 69 38.09 -4.79 70.36
N VAL GA 70 37.95 -4.01 69.29
CA VAL GA 70 36.79 -4.16 68.43
C VAL GA 70 37.01 -5.41 67.58
N LEU GA 71 36.07 -6.37 67.64
CA LEU GA 71 36.13 -7.57 66.81
C LEU GA 71 35.31 -7.34 65.53
N SER GA 72 34.15 -6.69 65.67
CA SER GA 72 33.27 -6.49 64.56
C SER GA 72 32.41 -5.24 64.74
N MET GA 73 32.02 -4.62 63.63
CA MET GA 73 31.13 -3.47 63.62
C MET GA 73 30.09 -3.73 62.53
N THR GA 74 28.80 -3.52 62.85
CA THR GA 74 27.75 -3.74 61.87
C THR GA 74 26.59 -2.77 62.00
N GLY GA 75 25.90 -2.57 60.90
CA GLY GA 75 24.69 -1.78 60.90
C GLY GA 75 23.50 -2.71 60.88
N VAL GA 76 22.43 -2.35 61.61
CA VAL GA 76 21.18 -3.11 61.61
C VAL GA 76 20.08 -2.09 61.84
N GLY GA 77 19.20 -1.92 60.85
CA GLY GA 77 18.18 -0.88 60.87
C GLY GA 77 18.86 0.48 60.86
N GLN GA 78 18.58 1.31 61.86
CA GLN GA 78 19.25 2.59 62.06
C GLN GA 78 20.24 2.54 63.24
N THR GA 79 20.70 1.35 63.62
CA THR GA 79 21.62 1.16 64.73
C THR GA 79 22.97 0.69 64.23
N LEU GA 80 24.03 1.32 64.72
CA LEU GA 80 25.40 0.93 64.41
C LEU GA 80 25.93 0.26 65.68
N VAL GA 81 26.34 -1.01 65.58
CA VAL GA 81 26.75 -1.83 66.71
C VAL GA 81 28.23 -2.22 66.63
N TRP GA 82 28.92 -2.22 67.75
CA TRP GA 82 30.29 -2.70 67.87
C TRP GA 82 30.29 -3.86 68.86
N CYS GA 83 31.01 -4.92 68.50
CA CYS GA 83 31.18 -6.07 69.36
C CYS GA 83 32.64 -6.04 69.78
N LEU GA 84 32.89 -5.81 71.08
CA LEU GA 84 34.20 -5.73 71.68
C LEU GA 84 34.51 -6.99 72.49
N HIS GA 85 35.80 -7.33 72.60
CA HIS GA 85 36.23 -8.50 73.35
C HIS GA 85 37.46 -8.14 74.20
N LYS GA 86 37.48 -8.61 75.44
CA LYS GA 86 38.62 -8.36 76.32
C LYS GA 86 39.59 -9.51 76.22
N GLU GA 87 40.84 -9.23 75.84
CA GLU GA 87 41.89 -10.25 75.74
C GLU GA 87 43.25 -9.70 76.23
N MET HA 4 44.44 8.57 71.08
CA MET HA 4 43.22 8.48 70.26
C MET HA 4 43.36 7.35 69.20
N PRO HA 5 43.25 6.07 69.61
CA PRO HA 5 43.49 4.99 68.66
C PRO HA 5 42.38 4.72 67.63
N TYR HA 6 41.10 5.01 67.94
CA TYR HA 6 40.00 4.71 67.02
C TYR HA 6 39.56 5.88 66.17
N LEU HA 7 39.13 5.56 64.97
CA LEU HA 7 38.62 6.54 64.02
C LEU HA 7 37.39 5.98 63.27
N LEU HA 8 36.45 6.85 62.92
CA LEU HA 8 35.28 6.46 62.15
C LEU HA 8 35.21 7.37 60.92
N ILE HA 9 35.12 6.78 59.73
CA ILE HA 9 34.94 7.55 58.50
C ILE HA 9 33.72 7.00 57.76
N SER HA 10 33.06 7.85 56.95
CA SER HA 10 31.88 7.40 56.23
C SER HA 10 31.60 8.12 54.94
N THR HA 11 30.79 7.51 54.08
CA THR HA 11 30.30 8.13 52.85
C THR HA 11 28.86 7.69 52.63
N GLN HA 12 28.10 8.49 51.89
CA GLN HA 12 26.69 8.17 51.61
C GLN HA 12 26.45 7.94 50.13
N ILE HA 13 25.43 7.11 49.82
CA ILE HA 13 24.83 6.82 48.53
C ILE HA 13 25.74 6.08 47.54
N ARG HA 14 26.96 6.56 47.28
CA ARG HA 14 27.90 5.87 46.39
C ARG HA 14 29.27 5.88 47.03
N MET HA 15 30.01 4.78 46.90
CA MET HA 15 31.34 4.67 47.48
C MET HA 15 32.44 5.34 46.68
N GLU HA 16 32.21 5.62 45.38
CA GLU HA 16 33.25 6.16 44.51
C GLU HA 16 33.45 7.65 44.58
N VAL HA 17 32.55 8.36 45.27
CA VAL HA 17 32.61 9.81 45.31
C VAL HA 17 32.42 10.30 46.74
N GLY HA 18 33.05 11.44 47.03
CA GLY HA 18 32.86 12.12 48.31
C GLY HA 18 31.52 12.83 48.36
N PRO HA 19 31.23 13.60 49.42
CA PRO HA 19 32.08 13.88 50.59
C PRO HA 19 32.30 12.66 51.48
N THR HA 20 33.41 12.66 52.22
CA THR HA 20 33.70 11.61 53.18
C THR HA 20 33.75 12.29 54.55
N MET HA 21 32.93 11.83 55.52
CA MET HA 21 32.94 12.34 56.88
C MET HA 21 34.14 11.73 57.56
N VAL HA 22 34.99 12.55 58.16
CA VAL HA 22 36.22 12.07 58.79
C VAL HA 22 36.37 12.41 60.26
N GLY HA 23 35.38 13.05 60.86
CA GLY HA 23 35.47 13.40 62.27
C GLY HA 23 34.29 14.09 62.92
N ASP HA 24 34.38 14.20 64.24
CA ASP HA 24 33.39 14.85 65.10
C ASP HA 24 34.07 16.04 65.84
N GLU HA 25 33.34 16.77 66.71
CA GLU HA 25 33.86 17.94 67.43
C GLU HA 25 35.14 17.66 68.21
N GLN HA 26 35.27 16.46 68.76
CA GLN HA 26 36.44 16.11 69.56
C GLN HA 26 37.54 15.37 68.79
N SER HA 27 37.52 15.45 67.45
CA SER HA 27 38.54 14.81 66.63
C SER HA 27 39.88 15.55 66.72
N ASP HA 28 40.99 14.86 66.39
CA ASP HA 28 42.37 15.39 66.36
C ASP HA 28 42.44 16.55 65.37
N PRO HA 29 42.64 17.79 65.85
CA PRO HA 29 42.66 18.95 64.93
C PRO HA 29 43.80 18.88 63.91
N GLU HA 30 44.94 18.28 64.30
CA GLU HA 30 46.08 18.15 63.40
C GLU HA 30 45.75 17.13 62.30
N LEU HA 31 45.10 16.02 62.66
CA LEU HA 31 44.72 15.00 61.67
C LEU HA 31 43.66 15.57 60.72
N MET HA 32 42.71 16.37 61.24
CA MET HA 32 41.69 17.00 60.41
C MET HA 32 42.34 17.98 59.42
N GLN HA 33 43.35 18.74 59.87
CA GLN HA 33 44.08 19.68 59.03
C GLN HA 33 44.88 18.93 57.97
N HIS HA 34 45.55 17.83 58.35
CA HIS HA 34 46.33 16.98 57.46
C HIS HA 34 45.49 16.42 56.32
N LEU HA 35 44.25 16.00 56.62
CA LEU HA 35 43.32 15.48 55.61
C LEU HA 35 42.72 16.56 54.71
N GLY HA 36 42.84 17.82 55.10
CA GLY HA 36 42.24 18.95 54.39
C GLY HA 36 40.75 19.04 54.69
N ALA HA 37 40.35 18.66 55.91
CA ALA HA 37 38.94 18.65 56.29
C ALA HA 37 38.39 20.01 56.70
N SER HA 38 37.11 20.22 56.41
CA SER HA 38 36.37 21.42 56.79
C SER HA 38 35.36 21.02 57.88
N LYS HA 39 34.99 21.98 58.70
CA LYS HA 39 34.06 21.75 59.80
C LYS HA 39 32.71 22.39 59.47
N ARG HA 40 31.63 21.66 59.69
CA ARG HA 40 30.29 22.20 59.45
C ARG HA 40 29.26 21.56 60.41
N ARG HA 41 28.07 22.17 60.48
CA ARG HA 41 26.97 21.64 61.27
C ARG HA 41 25.77 21.66 60.36
N ALA HA 42 25.26 20.48 59.96
CA ALA HA 42 24.09 20.42 59.11
C ALA HA 42 22.85 20.96 59.88
N LEU HA 43 21.96 21.70 59.20
CA LEU HA 43 20.79 22.30 59.85
C LEU HA 43 19.96 21.33 60.66
N GLY HA 44 19.65 21.72 61.89
CA GLY HA 44 18.88 20.90 62.80
C GLY HA 44 19.68 19.90 63.60
N ASN HA 45 20.98 19.71 63.24
CA ASN HA 45 21.84 18.78 63.97
C ASN HA 45 22.43 19.44 65.20
N ASN HA 46 22.60 18.64 66.25
CA ASN HA 46 23.16 19.07 67.53
C ASN HA 46 24.66 18.79 67.62
N PHE HA 47 25.36 18.70 66.47
CA PHE HA 47 26.79 18.38 66.48
C PHE HA 47 27.49 18.87 65.23
N TYR HA 48 28.80 19.12 65.37
CA TYR HA 48 29.67 19.51 64.25
C TYR HA 48 30.32 18.26 63.70
N GLU HA 49 30.68 18.30 62.43
CA GLU HA 49 31.32 17.20 61.75
C GLU HA 49 32.46 17.74 60.89
N TYR HA 50 33.44 16.89 60.61
CA TYR HA 50 34.52 17.22 59.71
C TYR HA 50 34.33 16.38 58.46
N TYR HA 51 34.60 16.96 57.30
CA TYR HA 51 34.42 16.26 56.04
C TYR HA 51 35.47 16.68 55.02
N VAL HA 52 35.71 15.82 54.03
CA VAL HA 52 36.61 16.09 52.92
C VAL HA 52 35.84 15.83 51.62
N ASP HA 53 36.24 16.44 50.52
CA ASP HA 53 35.59 16.21 49.22
C ASP HA 53 36.04 14.90 48.55
N ASP HA 54 37.16 14.32 49.01
CA ASP HA 54 37.72 13.10 48.46
C ASP HA 54 36.83 11.88 48.65
N PRO HA 55 36.87 10.94 47.69
CA PRO HA 55 36.16 9.66 47.90
C PRO HA 55 36.87 8.85 49.01
N PRO HA 56 36.14 7.95 49.68
CA PRO HA 56 36.73 7.20 50.79
C PRO HA 56 38.02 6.41 50.50
N ARG HA 57 38.21 5.89 49.28
CA ARG HA 57 39.43 5.14 48.94
C ARG HA 57 40.70 6.01 49.12
N ILE HA 58 40.61 7.29 48.74
CA ILE HA 58 41.70 8.26 48.90
C ILE HA 58 41.97 8.51 50.39
N VAL HA 59 40.91 8.67 51.20
CA VAL HA 59 41.05 8.90 52.63
C VAL HA 59 41.68 7.68 53.32
N LEU HA 60 41.32 6.47 52.92
CA LEU HA 60 41.88 5.24 53.48
C LEU HA 60 43.39 5.16 53.22
N ASP HA 61 43.84 5.56 52.01
CA ASP HA 61 45.27 5.55 51.68
C ASP HA 61 46.02 6.58 52.52
N LYS HA 62 45.43 7.77 52.71
CA LYS HA 62 46.04 8.82 53.52
C LYS HA 62 46.16 8.37 54.98
N LEU HA 63 45.12 7.69 55.50
CA LEU HA 63 45.10 7.22 56.87
C LEU HA 63 46.10 6.11 57.13
N GLU HA 64 46.39 5.26 56.12
CA GLU HA 64 47.39 4.21 56.27
C GLU HA 64 48.78 4.87 56.50
N ARG HA 65 49.07 5.98 55.78
CA ARG HA 65 50.33 6.70 55.95
C ARG HA 65 50.44 7.39 57.34
N ARG HA 66 49.35 7.43 58.11
CA ARG HA 66 49.33 7.95 59.47
C ARG HA 66 49.25 6.82 60.55
N GLY HA 67 49.30 5.56 60.13
CA GLY HA 67 49.32 4.42 61.05
C GLY HA 67 48.02 3.67 61.19
N PHE HA 68 46.92 4.19 60.61
CA PHE HA 68 45.62 3.55 60.74
C PHE HA 68 45.43 2.32 59.85
N ARG HA 69 44.77 1.30 60.41
CA ARG HA 69 44.37 0.07 59.72
C ARG HA 69 42.84 -0.06 59.76
N VAL HA 70 42.21 -0.51 58.67
CA VAL HA 70 40.77 -0.74 58.68
C VAL HA 70 40.52 -2.00 59.51
N LEU HA 71 39.71 -1.90 60.57
CA LEU HA 71 39.33 -3.05 61.37
C LEU HA 71 38.02 -3.63 60.86
N SER HA 72 37.08 -2.75 60.46
CA SER HA 72 35.76 -3.19 60.03
C SER HA 72 35.12 -2.17 59.08
N MET HA 73 34.29 -2.65 58.16
CA MET HA 73 33.54 -1.82 57.23
C MET HA 73 32.08 -2.30 57.25
N THR HA 74 31.12 -1.38 57.40
CA THR HA 74 29.72 -1.78 57.42
C THR HA 74 28.78 -0.78 56.75
N GLY HA 75 27.65 -1.28 56.28
CA GLY HA 75 26.60 -0.44 55.73
C GLY HA 75 25.54 -0.25 56.79
N VAL HA 76 24.98 0.94 56.87
CA VAL HA 76 23.85 1.22 57.77
C VAL HA 76 23.03 2.30 57.10
N GLY HA 77 21.80 1.97 56.72
CA GLY HA 77 20.96 2.85 55.93
C GLY HA 77 21.60 3.06 54.57
N GLN HA 78 21.86 4.31 54.21
CA GLN HA 78 22.57 4.64 52.97
C GLN HA 78 23.99 5.15 53.28
N THR HA 79 24.55 4.82 54.45
CA THR HA 79 25.87 5.23 54.85
C THR HA 79 26.79 4.01 54.88
N LEU HA 80 27.99 4.16 54.35
CA LEU HA 80 29.01 3.13 54.36
C LEU HA 80 30.08 3.64 55.34
N VAL HA 81 30.34 2.88 56.42
CA VAL HA 81 31.22 3.29 57.51
C VAL HA 81 32.45 2.41 57.61
N TRP HA 82 33.60 3.00 57.93
CA TRP HA 82 34.84 2.28 58.19
C TRP HA 82 35.27 2.63 59.61
N CYS HA 83 35.65 1.60 60.38
CA CYS HA 83 36.19 1.77 61.72
C CYS HA 83 37.68 1.45 61.60
N LEU HA 84 38.55 2.43 61.87
CA LEU HA 84 39.98 2.28 61.77
C LEU HA 84 40.64 2.42 63.12
N HIS HA 85 41.80 1.79 63.29
CA HIS HA 85 42.55 1.76 64.52
C HIS HA 85 44.04 1.96 64.23
N LYS HA 86 44.74 2.74 65.07
CA LYS HA 86 46.17 2.97 64.85
C LYS HA 86 47.07 2.22 65.85
N MET IA 4 49.00 3.06 46.38
CA MET IA 4 47.54 2.97 46.50
C MET IA 4 47.13 1.60 47.11
N PRO IA 5 47.26 1.44 48.44
CA PRO IA 5 46.97 0.12 49.04
C PRO IA 5 45.50 -0.29 49.19
N TYR IA 6 44.53 0.63 49.19
CA TYR IA 6 43.13 0.23 49.36
C TYR IA 6 42.36 0.14 48.06
N LEU IA 7 41.38 -0.76 48.03
CA LEU IA 7 40.56 -0.95 46.84
C LEU IA 7 39.15 -1.26 47.22
N LEU IA 8 38.16 -0.66 46.53
CA LEU IA 8 36.75 -0.94 46.82
C LEU IA 8 36.11 -1.54 45.58
N ILE IA 9 35.48 -2.70 45.71
CA ILE IA 9 34.74 -3.31 44.60
C ILE IA 9 33.29 -3.57 45.04
N SER IA 10 32.36 -3.62 44.09
CA SER IA 10 30.95 -3.83 44.46
C SER IA 10 30.10 -4.45 43.36
N THR IA 11 28.97 -5.02 43.77
CA THR IA 11 27.97 -5.53 42.84
C THR IA 11 26.57 -5.23 43.40
N GLN IA 12 25.57 -5.16 42.54
CA GLN IA 12 24.20 -4.91 42.97
C GLN IA 12 23.30 -6.10 42.74
N ILE IA 13 22.22 -6.19 43.55
CA ILE IA 13 21.07 -7.10 43.42
C ILE IA 13 21.39 -8.62 43.57
N ARG IA 14 22.35 -9.18 42.83
CA ARG IA 14 22.72 -10.59 42.97
C ARG IA 14 24.25 -10.69 42.97
N MET IA 15 24.80 -11.55 43.82
CA MET IA 15 26.25 -11.70 43.92
C MET IA 15 26.87 -12.59 42.84
N GLU IA 16 26.05 -13.41 42.16
CA GLU IA 16 26.55 -14.37 41.18
C GLU IA 16 26.79 -13.81 39.80
N VAL IA 17 26.36 -12.58 39.54
CA VAL IA 17 26.48 -12.00 38.21
C VAL IA 17 26.98 -10.57 38.30
N GLY IA 18 27.70 -10.15 37.25
CA GLY IA 18 28.15 -8.78 37.14
C GLY IA 18 27.01 -7.86 36.72
N PRO IA 19 27.27 -6.57 36.43
CA PRO IA 19 28.59 -5.91 36.43
C PRO IA 19 29.17 -5.76 37.85
N THR IA 20 30.49 -5.67 37.93
CA THR IA 20 31.18 -5.43 39.19
C THR IA 20 31.89 -4.10 39.04
N MET IA 21 31.64 -3.14 39.96
CA MET IA 21 32.31 -1.84 39.96
C MET IA 21 33.67 -2.07 40.57
N VAL IA 22 34.74 -1.66 39.88
CA VAL IA 22 36.10 -1.90 40.34
C VAL IA 22 36.95 -0.65 40.53
N GLY IA 23 36.38 0.54 40.34
CA GLY IA 23 37.15 1.76 40.51
C GLY IA 23 36.45 3.08 40.30
N ASP IA 24 37.14 4.15 40.66
CA ASP IA 24 36.72 5.53 40.52
C ASP IA 24 37.69 6.29 39.58
N GLU IA 25 37.47 7.58 39.34
CA GLU IA 25 38.28 8.42 38.45
C GLU IA 25 39.78 8.36 38.76
N GLN IA 26 40.13 8.27 40.05
CA GLN IA 26 41.52 8.26 40.46
C GLN IA 26 42.09 6.85 40.70
N SER IA 27 41.47 5.83 40.12
CA SER IA 27 41.97 4.46 40.24
C SER IA 27 43.22 4.24 39.35
N ASP IA 28 44.03 3.20 39.67
CA ASP IA 28 45.21 2.77 38.92
C ASP IA 28 44.82 2.36 37.52
N PRO IA 29 45.27 3.12 36.50
CA PRO IA 29 44.87 2.79 35.12
C PRO IA 29 45.35 1.43 34.62
N GLU IA 30 46.55 1.01 35.07
CA GLU IA 30 47.09 -0.27 34.67
C GLU IA 30 46.27 -1.41 35.27
N LEU IA 31 45.90 -1.29 36.55
CA LEU IA 31 45.06 -2.30 37.21
C LEU IA 31 43.68 -2.37 36.54
N MET IA 32 43.13 -1.23 36.14
CA MET IA 32 41.84 -1.19 35.45
C MET IA 32 41.95 -1.89 34.11
N GLN IA 33 43.03 -1.63 33.37
CA GLN IA 33 43.26 -2.29 32.08
C GLN IA 33 43.42 -3.81 32.28
N HIS IA 34 44.16 -4.22 33.32
CA HIS IA 34 44.41 -5.63 33.64
C HIS IA 34 43.10 -6.36 33.93
N LEU IA 35 42.16 -5.70 34.62
CA LEU IA 35 40.86 -6.32 34.90
C LEU IA 35 39.91 -6.35 33.68
N GLY IA 36 40.23 -5.59 32.64
CA GLY IA 36 39.39 -5.46 31.45
C GLY IA 36 38.25 -4.49 31.68
N ALA IA 37 38.48 -3.48 32.53
CA ALA IA 37 37.45 -2.52 32.92
C ALA IA 37 37.18 -1.42 31.91
N SER IA 38 35.93 -1.00 31.85
CA SER IA 38 35.49 0.11 31.01
C SER IA 38 35.13 1.27 31.94
N LYS IA 39 35.22 2.49 31.44
CA LYS IA 39 34.93 3.69 32.23
C LYS IA 39 33.61 4.27 31.73
N ARG IA 40 32.73 4.69 32.65
CA ARG IA 40 31.47 5.30 32.29
C ARG IA 40 30.99 6.28 33.37
N ARG IA 41 29.98 7.07 33.05
CA ARG IA 41 29.37 7.98 34.00
C ARG IA 41 27.88 7.76 33.87
N ALA IA 42 27.23 7.21 34.91
CA ALA IA 42 25.78 6.98 34.84
C ALA IA 42 25.06 8.34 34.81
N LEU IA 43 23.98 8.45 34.04
CA LEU IA 43 23.26 9.73 33.87
C LEU IA 43 22.89 10.40 35.19
N GLY IA 44 23.22 11.68 35.30
CA GLY IA 44 22.95 12.46 36.50
C GLY IA 44 24.03 12.38 37.57
N ASN IA 45 24.99 11.43 37.43
CA ASN IA 45 26.06 11.29 38.41
C ASN IA 45 27.18 12.27 38.16
N ASN IA 46 27.81 12.73 39.23
CA ASN IA 46 28.92 13.69 39.19
C ASN IA 46 30.27 12.97 39.25
N PHE IA 47 30.35 11.70 38.82
CA PHE IA 47 31.60 10.95 38.91
C PHE IA 47 31.63 9.83 37.88
N TYR IA 48 32.85 9.45 37.49
CA TYR IA 48 33.11 8.33 36.59
C TYR IA 48 33.39 7.08 37.43
N GLU IA 49 33.10 5.93 36.84
CA GLU IA 49 33.31 4.65 37.50
C GLU IA 49 33.89 3.66 36.52
N TYR IA 50 34.67 2.71 37.03
CA TYR IA 50 35.19 1.61 36.23
C TYR IA 50 34.40 0.37 36.58
N TYR IA 51 34.09 -0.44 35.58
CA TYR IA 51 33.30 -1.65 35.80
C TYR IA 51 33.75 -2.78 34.88
N VAL IA 52 33.46 -4.01 35.28
CA VAL IA 52 33.71 -5.20 34.49
C VAL IA 52 32.42 -6.00 34.39
N ASP IA 53 32.29 -6.84 33.36
CA ASP IA 53 31.09 -7.68 33.21
C ASP IA 53 31.14 -8.93 34.12
N ASP IA 54 32.32 -9.27 34.64
CA ASP IA 54 32.53 -10.44 35.47
C ASP IA 54 31.82 -10.37 36.82
N PRO IA 55 31.38 -11.54 37.33
CA PRO IA 55 30.82 -11.55 38.69
C PRO IA 55 31.94 -11.28 39.71
N PRO IA 56 31.58 -10.77 40.90
CA PRO IA 56 32.63 -10.41 41.88
C PRO IA 56 33.60 -11.51 42.29
N ARG IA 57 33.18 -12.80 42.33
CA ARG IA 57 34.08 -13.89 42.71
C ARG IA 57 35.30 -13.96 41.76
N ILE IA 58 35.08 -13.73 40.44
CA ILE IA 58 36.14 -13.71 39.43
C ILE IA 58 37.08 -12.55 39.68
N VAL IA 59 36.53 -11.37 39.99
CA VAL IA 59 37.34 -10.18 40.25
C VAL IA 59 38.19 -10.36 41.49
N LEU IA 60 37.64 -10.98 42.54
CA LEU IA 60 38.38 -11.23 43.78
C LEU IA 60 39.59 -12.15 43.53
N ASP IA 61 39.42 -13.18 42.68
CA ASP IA 61 40.53 -14.10 42.33
C ASP IA 61 41.60 -13.36 41.54
N LYS IA 62 41.19 -12.49 40.59
CA LYS IA 62 42.15 -11.71 39.82
C LYS IA 62 42.95 -10.77 40.72
N LEU IA 63 42.27 -10.10 41.67
CA LEU IA 63 42.91 -9.16 42.61
C LEU IA 63 43.87 -9.84 43.56
N GLU IA 64 43.60 -11.12 43.95
CA GLU IA 64 44.53 -11.87 44.81
C GLU IA 64 45.88 -12.06 44.05
N ARG IA 65 45.81 -12.35 42.74
CA ARG IA 65 47.02 -12.50 41.91
C ARG IA 65 47.80 -11.18 41.77
N ARG IA 66 47.20 -10.04 42.13
CA ARG IA 66 47.85 -8.74 42.14
C ARG IA 66 48.29 -8.29 43.55
N GLY IA 67 48.13 -9.14 44.56
CA GLY IA 67 48.55 -8.83 45.91
C GLY IA 67 47.49 -8.29 46.84
N PHE IA 68 46.21 -8.26 46.40
CA PHE IA 68 45.15 -7.77 47.26
C PHE IA 68 44.52 -8.90 48.04
N ARG IA 69 44.14 -8.61 49.28
CA ARG IA 69 43.43 -9.51 50.18
C ARG IA 69 42.14 -8.77 50.63
N VAL IA 70 41.03 -9.50 50.79
CA VAL IA 70 39.79 -8.92 51.29
C VAL IA 70 39.92 -8.67 52.79
N LEU IA 71 39.68 -7.43 53.22
CA LEU IA 71 39.69 -7.07 54.63
C LEU IA 71 38.27 -7.14 55.19
N SER IA 72 37.29 -6.67 54.40
CA SER IA 72 35.92 -6.61 54.86
C SER IA 72 34.93 -6.71 53.69
N MET IA 73 33.75 -7.25 53.96
CA MET IA 73 32.67 -7.32 52.99
C MET IA 73 31.42 -6.82 53.70
N THR IA 74 30.65 -5.92 53.06
CA THR IA 74 29.41 -5.45 53.67
C THR IA 74 28.30 -5.20 52.66
N GLY IA 75 27.07 -5.29 53.15
CA GLY IA 75 25.90 -4.96 52.36
C GLY IA 75 25.45 -3.57 52.74
N VAL IA 76 25.03 -2.77 51.77
CA VAL IA 76 24.48 -1.44 52.03
C VAL IA 76 23.44 -1.21 50.95
N GLY IA 77 22.17 -1.09 51.34
CA GLY IA 77 21.06 -0.99 50.40
C GLY IA 77 20.97 -2.28 49.60
N GLN IA 78 21.05 -2.18 48.27
CA GLN IA 78 21.11 -3.35 47.41
C GLN IA 78 22.52 -3.55 46.81
N THR IA 79 23.55 -3.01 47.47
CA THR IA 79 24.93 -3.09 47.01
C THR IA 79 25.75 -3.95 47.96
N LEU IA 80 26.51 -4.86 47.42
CA LEU IA 80 27.43 -5.69 48.17
C LEU IA 80 28.84 -5.15 47.88
N VAL IA 81 29.57 -4.69 48.91
CA VAL IA 81 30.87 -4.06 48.77
C VAL IA 81 31.99 -4.89 49.42
N TRP IA 82 33.15 -4.93 48.79
CA TRP IA 82 34.36 -5.57 49.33
C TRP IA 82 35.44 -4.48 49.45
N CYS IA 83 36.11 -4.45 50.58
CA CYS IA 83 37.22 -3.54 50.81
C CYS IA 83 38.47 -4.41 50.80
N LEU IA 84 39.33 -4.21 49.82
CA LEU IA 84 40.56 -4.97 49.64
C LEU IA 84 41.78 -4.14 50.01
N HIS IA 85 42.87 -4.81 50.39
CA HIS IA 85 44.10 -4.13 50.78
C HIS IA 85 45.29 -4.87 50.17
N LYS IA 86 46.22 -4.13 49.59
CA LYS IA 86 47.39 -4.71 48.94
C LYS IA 86 48.43 -5.07 49.98
N GLU IA 87 48.47 -6.36 50.33
CA GLU IA 87 49.40 -6.88 51.33
C GLU IA 87 49.98 -8.24 50.91
N MET JA 4 -68.56 20.35 11.71
CA MET JA 4 -67.31 20.54 12.46
C MET JA 4 -67.40 21.75 13.43
N PRO JA 5 -68.20 21.65 14.49
CA PRO JA 5 -68.39 22.80 15.37
C PRO JA 5 -67.24 23.15 16.31
N TYR JA 6 -66.42 22.18 16.73
CA TYR JA 6 -65.34 22.45 17.68
C TYR JA 6 -63.98 22.68 17.06
N LEU JA 7 -63.21 23.57 17.67
CA LEU JA 7 -61.86 23.94 17.23
C LEU JA 7 -60.94 24.03 18.43
N LEU JA 8 -59.72 23.52 18.32
CA LEU JA 8 -58.72 23.62 19.39
C LEU JA 8 -57.52 24.37 18.85
N ILE JA 9 -57.13 25.46 19.52
CA ILE JA 9 -55.93 26.21 19.13
C ILE JA 9 -55.00 26.33 20.33
N SER JA 10 -53.69 26.47 20.09
CA SER JA 10 -52.75 26.53 21.20
C SER JA 10 -51.46 27.28 20.91
N THR JA 11 -50.78 27.70 21.95
CA THR JA 11 -49.47 28.33 21.86
C THR JA 11 -48.62 27.87 23.06
N GLN JA 12 -47.30 27.90 22.91
CA GLN JA 12 -46.42 27.50 24.00
C GLN JA 12 -45.61 28.65 24.55
N ILE JA 13 -45.17 28.52 25.82
CA ILE JA 13 -44.22 29.38 26.54
C ILE JA 13 -44.65 30.85 26.76
N ARG JA 14 -45.07 31.58 25.73
CA ARG JA 14 -45.54 32.98 25.88
C ARG JA 14 -46.77 33.16 25.02
N MET JA 15 -47.78 33.87 25.54
CA MET JA 15 -49.03 34.08 24.80
C MET JA 15 -48.95 35.19 23.75
N GLU JA 16 -47.96 36.07 23.82
CA GLU JA 16 -47.86 37.22 22.91
C GLU JA 16 -47.24 36.92 21.56
N VAL JA 17 -46.68 35.72 21.37
CA VAL JA 17 -46.00 35.40 20.14
C VAL JA 17 -46.38 34.01 19.65
N GLY JA 18 -46.33 33.83 18.35
CA GLY JA 18 -46.57 32.53 17.73
C GLY JA 18 -45.35 31.64 17.88
N PRO JA 19 -45.33 30.45 17.24
CA PRO JA 19 -46.40 29.86 16.41
C PRO JA 19 -47.65 29.49 17.21
N THR JA 20 -48.79 29.45 16.53
CA THR JA 20 -50.06 29.05 17.11
C THR JA 20 -50.51 27.79 16.35
N MET JA 21 -50.77 26.69 17.06
CA MET JA 21 -51.26 25.46 16.44
C MET JA 21 -52.75 25.65 16.22
N VAL JA 22 -53.20 25.44 14.97
CA VAL JA 22 -54.61 25.67 14.64
C VAL JA 22 -55.34 24.46 14.09
N GLY JA 23 -54.69 23.30 14.02
CA GLY JA 23 -55.35 22.11 13.52
C GLY JA 23 -54.58 20.81 13.52
N ASP JA 24 -55.31 19.74 13.26
CA ASP JA 24 -54.82 18.38 13.17
C ASP JA 24 -55.04 17.84 11.72
N GLU JA 25 -54.69 16.57 11.45
CA GLU JA 25 -54.83 15.97 10.12
C GLU JA 25 -56.23 16.05 9.55
N GLN JA 26 -57.25 15.95 10.40
CA GLN JA 26 -58.64 15.98 9.96
C GLN JA 26 -59.30 17.36 10.03
N SER JA 27 -58.51 18.42 10.15
CA SER JA 27 -59.03 19.79 10.17
C SER JA 27 -59.56 20.22 8.78
N ASP JA 28 -60.44 21.24 8.77
CA ASP JA 28 -61.04 21.81 7.56
C ASP JA 28 -59.96 22.47 6.72
N PRO JA 29 -59.68 21.92 5.52
CA PRO JA 29 -58.60 22.47 4.68
C PRO JA 29 -58.82 23.90 4.22
N GLU JA 30 -60.09 24.30 4.02
CA GLU JA 30 -60.39 25.66 3.60
C GLU JA 30 -60.11 26.63 4.76
N LEU JA 31 -60.49 26.25 5.99
CA LEU JA 31 -60.23 27.08 7.16
C LEU JA 31 -58.71 27.19 7.40
N MET JA 32 -57.96 26.11 7.17
CA MET JA 32 -56.50 26.12 7.31
C MET JA 32 -55.87 27.06 6.27
N GLN JA 33 -56.38 27.02 5.04
CA GLN JA 33 -55.88 27.89 3.97
C GLN JA 33 -56.20 29.34 4.29
N HIS JA 34 -57.42 29.61 4.80
CA HIS JA 34 -57.87 30.96 5.17
C HIS JA 34 -56.97 31.58 6.24
N LEU JA 35 -56.61 30.79 7.26
CA LEU JA 35 -55.75 31.27 8.33
C LEU JA 35 -54.28 31.46 7.91
N GLY JA 36 -53.90 30.91 6.75
CA GLY JA 36 -52.53 30.96 6.25
C GLY JA 36 -51.64 29.91 6.92
N ALA JA 37 -52.25 28.79 7.35
CA ALA JA 37 -51.57 27.71 8.04
C ALA JA 37 -50.71 26.88 7.13
N SER JA 38 -49.67 26.29 7.70
CA SER JA 38 -48.78 25.33 7.06
C SER JA 38 -48.93 24.00 7.79
N LYS JA 39 -48.65 22.89 7.09
CA LYS JA 39 -48.78 21.57 7.67
C LYS JA 39 -47.40 20.98 7.93
N ARG JA 40 -47.18 20.38 9.10
CA ARG JA 40 -45.90 19.76 9.43
C ARG JA 40 -46.06 18.57 10.39
N ARG JA 41 -45.02 17.78 10.54
CA ARG JA 41 -45.02 16.67 11.50
C ARG JA 41 -43.70 16.80 12.24
N ALA JA 42 -43.74 17.14 13.53
CA ALA JA 42 -42.54 17.29 14.32
C ALA JA 42 -41.84 15.91 14.44
N LEU JA 43 -40.51 15.89 14.42
CA LEU JA 43 -39.75 14.63 14.46
C LEU JA 43 -40.14 13.71 15.61
N GLY JA 44 -40.39 12.45 15.27
CA GLY JA 44 -40.80 11.44 16.24
C GLY JA 44 -42.29 11.41 16.55
N ASN JA 45 -43.06 12.41 16.05
CA ASN JA 45 -44.51 12.46 16.31
C ASN JA 45 -45.28 11.58 15.34
N ASN JA 46 -46.35 10.99 15.84
CA ASN JA 46 -47.24 10.11 15.09
C ASN JA 46 -48.44 10.86 14.50
N PHE JA 47 -48.30 12.19 14.25
CA PHE JA 47 -49.42 12.99 13.74
C PHE JA 47 -48.93 14.27 13.08
N TYR JA 48 -49.76 14.79 12.19
CA TYR JA 48 -49.55 16.03 11.48
C TYR JA 48 -50.30 17.18 12.18
N GLU JA 49 -49.77 18.39 12.09
CA GLU JA 49 -50.37 19.55 12.70
C GLU JA 49 -50.34 20.75 11.76
N TYR JA 50 -51.30 21.65 11.93
CA TYR JA 50 -51.35 22.90 11.18
C TYR JA 50 -50.96 24.00 12.14
N TYR JA 51 -50.17 24.94 11.66
CA TYR JA 51 -49.72 26.06 12.51
C TYR JA 51 -49.62 27.34 11.72
N VAL JA 52 -49.69 28.47 12.41
CA VAL JA 52 -49.51 29.79 11.83
C VAL JA 52 -48.43 30.52 12.64
N ASP JA 53 -47.77 31.51 12.04
CA ASP JA 53 -46.76 32.30 12.74
C ASP JA 53 -47.37 33.37 13.66
N ASP JA 54 -48.64 33.69 13.47
CA ASP JA 54 -49.34 34.70 14.23
C ASP JA 54 -49.50 34.36 15.70
N PRO JA 55 -49.49 35.39 16.57
CA PRO JA 55 -49.80 35.15 17.97
C PRO JA 55 -51.29 34.77 18.12
N PRO JA 56 -51.64 34.03 19.19
CA PRO JA 56 -53.03 33.58 19.34
C PRO JA 56 -54.11 34.65 19.33
N ARG JA 57 -53.85 35.87 19.82
CA ARG JA 57 -54.85 36.94 19.83
C ARG JA 57 -55.33 37.27 18.40
N ILE JA 58 -54.40 37.28 17.43
CA ILE JA 58 -54.70 37.51 16.02
C ILE JA 58 -55.57 36.38 15.47
N VAL JA 59 -55.22 35.12 15.80
CA VAL JA 59 -55.98 33.94 15.37
C VAL JA 59 -57.41 33.96 15.93
N LEU JA 60 -57.57 34.35 17.20
CA LEU JA 60 -58.88 34.45 17.82
C LEU JA 60 -59.78 35.48 17.09
N ASP JA 61 -59.22 36.62 16.69
CA ASP JA 61 -59.97 37.66 15.97
C ASP JA 61 -60.38 37.14 14.59
N LYS JA 62 -59.49 36.42 13.90
CA LYS JA 62 -59.80 35.85 12.59
C LYS JA 62 -60.90 34.81 12.72
N LEU JA 63 -60.86 33.97 13.78
CA LEU JA 63 -61.84 32.93 14.00
C LEU JA 63 -63.22 33.48 14.36
N GLU JA 64 -63.29 34.64 15.05
CA GLU JA 64 -64.58 35.26 15.35
C GLU JA 64 -65.27 35.65 14.01
N ARG JA 65 -64.49 36.17 13.04
CA ARG JA 65 -65.03 36.52 11.72
C ARG JA 65 -65.52 35.29 10.92
N ARG JA 66 -65.19 34.07 11.37
CA ARG JA 66 -65.66 32.83 10.77
C ARG JA 66 -66.79 32.16 11.59
N GLY JA 67 -67.30 32.83 12.62
CA GLY JA 67 -68.39 32.30 13.44
C GLY JA 67 -68.00 31.59 14.71
N PHE JA 68 -66.69 31.62 15.07
CA PHE JA 68 -66.22 30.92 16.27
C PHE JA 68 -66.23 31.77 17.55
N ARG JA 69 -66.61 31.16 18.66
CA ARG JA 69 -66.58 31.83 19.96
C ARG JA 69 -65.74 30.99 20.94
N VAL JA 70 -64.94 31.64 21.78
CA VAL JA 70 -64.14 30.93 22.77
C VAL JA 70 -65.06 30.41 23.85
N LEU JA 71 -65.04 29.10 24.10
CA LEU JA 71 -65.83 28.52 25.19
C LEU JA 71 -64.97 28.40 26.44
N SER JA 72 -63.70 28.00 26.26
CA SER JA 72 -62.81 27.76 27.37
C SER JA 72 -61.35 27.99 26.98
N MET JA 73 -60.55 28.40 27.95
CA MET JA 73 -59.11 28.61 27.76
C MET JA 73 -58.43 27.93 28.96
N THR JA 74 -57.38 27.13 28.71
CA THR JA 74 -56.70 26.45 29.80
C THR JA 74 -55.21 26.30 29.58
N GLY JA 75 -54.48 26.21 30.66
CA GLY JA 75 -53.06 25.93 30.62
C GLY JA 75 -52.84 24.45 30.92
N VAL JA 76 -51.88 23.83 30.24
CA VAL JA 76 -51.52 22.45 30.49
C VAL JA 76 -50.06 22.33 30.14
N GLY JA 77 -49.22 22.05 31.16
CA GLY JA 77 -47.77 22.07 30.99
C GLY JA 77 -47.33 23.49 30.63
N GLN JA 78 -46.65 23.64 29.51
CA GLN JA 78 -46.27 24.95 28.99
C GLN JA 78 -47.11 25.32 27.75
N THR JA 79 -48.30 24.74 27.59
CA THR JA 79 -49.18 24.99 26.47
C THR JA 79 -50.44 25.72 26.96
N LEU JA 80 -50.82 26.76 26.23
CA LEU JA 80 -52.03 27.53 26.52
C LEU JA 80 -52.99 27.16 25.39
N VAL JA 81 -54.15 26.58 25.75
CA VAL JA 81 -55.13 26.04 24.80
C VAL JA 81 -56.44 26.80 24.83
N TRP JA 82 -57.05 27.03 23.66
CA TRP JA 82 -58.38 27.61 23.55
C TRP JA 82 -59.28 26.59 22.86
N CYS JA 83 -60.49 26.40 23.40
CA CYS JA 83 -61.48 25.53 22.80
C CYS JA 83 -62.57 26.48 22.26
N LEU JA 84 -62.71 26.53 20.95
CA LEU JA 84 -63.71 27.39 20.31
C LEU JA 84 -64.84 26.55 19.73
N HIS JA 85 -66.01 27.18 19.57
CA HIS JA 85 -67.20 26.51 19.06
C HIS JA 85 -67.93 27.44 18.08
N LYS JA 86 -68.37 26.87 16.94
CA LYS JA 86 -69.06 27.60 15.89
C LYS JA 86 -70.55 27.65 16.24
N MET KA 4 -60.86 44.32 16.73
CA MET KA 4 -60.03 43.63 17.72
C MET KA 4 -60.89 43.21 18.94
N PRO KA 5 -61.72 42.17 18.81
CA PRO KA 5 -62.58 41.77 19.93
C PRO KA 5 -61.90 41.05 21.09
N TYR KA 6 -60.80 40.31 20.84
CA TYR KA 6 -60.16 39.55 21.92
C TYR KA 6 -58.95 40.25 22.56
N LEU KA 7 -58.82 40.07 23.87
CA LEU KA 7 -57.71 40.64 24.65
C LEU KA 7 -57.15 39.57 25.57
N LEU KA 8 -55.82 39.52 25.73
CA LEU KA 8 -55.19 38.58 26.65
C LEU KA 8 -54.39 39.40 27.64
N ILE KA 9 -54.65 39.20 28.94
CA ILE KA 9 -53.88 39.86 30.00
C ILE KA 9 -53.32 38.83 30.95
N SER KA 10 -52.19 39.13 31.61
CA SER KA 10 -51.58 38.15 32.50
C SER KA 10 -50.78 38.77 33.64
N THR KA 11 -50.52 37.98 34.67
CA THR KA 11 -49.64 38.36 35.77
C THR KA 11 -48.87 37.10 36.22
N GLN KA 12 -47.70 37.30 36.82
CA GLN KA 12 -46.92 36.19 37.31
C GLN KA 12 -46.80 36.17 38.82
N ILE KA 13 -46.56 34.95 39.40
CA ILE KA 13 -46.23 34.66 40.79
C ILE KA 13 -47.32 35.00 41.84
N ARG KA 14 -47.87 36.23 41.87
CA ARG KA 14 -48.91 36.59 42.81
C ARG KA 14 -49.95 37.40 42.05
N MET KA 15 -51.24 37.16 42.33
CA MET KA 15 -52.31 37.85 41.63
C MET KA 15 -52.60 39.25 42.19
N GLU KA 16 -52.13 39.58 43.41
CA GLU KA 16 -52.43 40.85 44.06
C GLU KA 16 -51.55 42.02 43.64
N VAL KA 17 -50.47 41.75 42.91
CA VAL KA 17 -49.53 42.79 42.54
C VAL KA 17 -49.17 42.68 41.06
N GLY KA 18 -48.86 43.83 40.46
CA GLY KA 18 -48.40 43.87 39.09
C GLY KA 18 -46.93 43.41 39.01
N PRO KA 19 -46.27 43.52 37.83
CA PRO KA 19 -46.81 44.05 36.57
C PRO KA 19 -47.88 43.14 35.96
N THR KA 20 -48.73 43.73 35.12
CA THR KA 20 -49.75 43.00 34.39
C THR KA 20 -49.44 43.20 32.90
N MET KA 21 -49.25 42.11 32.15
CA MET KA 21 -49.01 42.18 30.70
C MET KA 21 -50.37 42.43 30.05
N VAL KA 22 -50.48 43.44 29.21
CA VAL KA 22 -51.75 43.81 28.59
C VAL KA 22 -51.74 43.83 27.06
N GLY KA 23 -50.62 43.49 26.43
CA GLY KA 23 -50.57 43.50 24.97
C GLY KA 23 -49.30 43.02 24.31
N ASP KA 24 -49.39 42.85 22.99
CA ASP KA 24 -48.30 42.43 22.12
C ASP KA 24 -48.00 43.55 21.09
N GLU KA 25 -47.05 43.35 20.16
CA GLU KA 25 -46.66 44.37 19.17
C GLU KA 25 -47.81 44.87 18.34
N GLN KA 26 -48.77 44.00 18.04
CA GLN KA 26 -49.91 44.36 17.20
C GLN KA 26 -51.15 44.82 18.00
N SER KA 27 -51.00 45.10 19.30
CA SER KA 27 -52.10 45.58 20.13
C SER KA 27 -52.51 47.00 19.74
N ASP KA 28 -53.74 47.38 20.03
CA ASP KA 28 -54.28 48.69 19.72
C ASP KA 28 -53.50 49.74 20.53
N PRO KA 29 -52.76 50.64 19.84
CA PRO KA 29 -51.95 51.63 20.57
C PRO KA 29 -52.74 52.60 21.45
N GLU KA 30 -53.97 52.91 21.04
CA GLU KA 30 -54.81 53.81 21.80
C GLU KA 30 -55.26 53.13 23.10
N LEU KA 31 -55.62 51.83 23.03
CA LEU KA 31 -56.02 51.08 24.23
C LEU KA 31 -54.83 50.96 25.21
N MET KA 32 -53.62 50.73 24.67
CA MET KA 32 -52.42 50.64 25.50
C MET KA 32 -52.15 51.98 26.19
N GLN KA 33 -52.32 53.08 25.47
CA GLN KA 33 -52.17 54.42 26.05
C GLN KA 33 -53.24 54.69 27.13
N HIS KA 34 -54.50 54.26 26.90
CA HIS KA 34 -55.58 54.41 27.89
C HIS KA 34 -55.29 53.66 29.19
N LEU KA 35 -54.67 52.47 29.10
CA LEU KA 35 -54.30 51.70 30.29
C LEU KA 35 -53.04 52.23 31.00
N GLY KA 36 -52.32 53.16 30.36
CA GLY KA 36 -51.07 53.68 30.89
C GLY KA 36 -49.94 52.70 30.72
N ALA KA 37 -49.98 51.89 29.64
CA ALA KA 37 -49.00 50.84 29.40
C ALA KA 37 -47.70 51.31 28.80
N SER KA 38 -46.61 50.63 29.15
CA SER KA 38 -45.28 50.87 28.60
C SER KA 38 -44.91 49.69 27.71
N LYS KA 39 -44.06 49.93 26.73
CA LYS KA 39 -43.64 48.90 25.79
C LYS KA 39 -42.21 48.49 26.10
N ARG KA 40 -41.94 47.18 26.10
CA ARG KA 40 -40.57 46.71 26.35
C ARG KA 40 -40.32 45.37 25.65
N ARG KA 41 -39.05 44.97 25.56
CA ARG KA 41 -38.69 43.68 25.01
C ARG KA 41 -37.75 43.05 26.00
N ALA KA 42 -38.19 41.96 26.67
CA ALA KA 42 -37.34 41.30 27.65
C ALA KA 42 -36.12 40.69 26.92
N LEU KA 43 -34.92 40.75 27.52
CA LEU KA 43 -33.69 40.24 26.89
C LEU KA 43 -33.83 38.83 26.36
N GLY KA 44 -33.42 38.63 25.11
CA GLY KA 44 -33.49 37.34 24.45
C GLY KA 44 -34.83 37.02 23.80
N ASN KA 45 -35.87 37.85 24.07
CA ASN KA 45 -37.18 37.61 23.48
C ASN KA 45 -37.26 38.19 22.07
N ASN KA 46 -37.99 37.50 21.20
CA ASN KA 46 -38.23 37.86 19.81
C ASN KA 46 -39.54 38.65 19.67
N PHE KA 47 -39.99 39.35 20.72
CA PHE KA 47 -41.22 40.11 20.65
C PHE KA 47 -41.26 41.23 21.70
N TYR KA 48 -42.02 42.27 21.40
CA TYR KA 48 -42.30 43.37 22.31
C TYR KA 48 -43.61 43.07 23.05
N GLU KA 49 -43.74 43.64 24.24
CA GLU KA 49 -44.91 43.46 25.07
C GLU KA 49 -45.31 44.79 25.72
N TYR KA 50 -46.58 44.91 26.05
CA TYR KA 50 -47.07 46.07 26.77
C TYR KA 50 -47.40 45.62 28.19
N TYR KA 51 -47.08 46.44 29.17
CA TYR KA 51 -47.34 46.10 30.56
C TYR KA 51 -47.75 47.34 31.37
N VAL KA 52 -48.41 47.11 32.48
CA VAL KA 52 -48.77 48.17 33.43
C VAL KA 52 -48.28 47.74 34.82
N ASP KA 53 -48.06 48.69 35.72
CA ASP KA 53 -47.66 48.37 37.09
C ASP KA 53 -48.83 47.90 37.96
N ASP KA 54 -50.06 48.16 37.54
CA ASP KA 54 -51.27 47.82 38.27
C ASP KA 54 -51.48 46.34 38.43
N PRO KA 55 -52.08 45.93 39.57
CA PRO KA 55 -52.44 44.52 39.72
C PRO KA 55 -53.60 44.18 38.75
N PRO KA 56 -53.74 42.91 38.36
CA PRO KA 56 -54.78 42.54 37.39
C PRO KA 56 -56.22 42.93 37.72
N ARG KA 57 -56.62 42.98 39.00
CA ARG KA 57 -57.99 43.36 39.38
C ARG KA 57 -58.33 44.78 38.88
N ILE KA 58 -57.35 45.71 38.97
CA ILE KA 58 -57.50 47.09 38.51
C ILE KA 58 -57.64 47.11 36.98
N VAL KA 59 -56.82 46.32 36.28
CA VAL KA 59 -56.88 46.25 34.81
C VAL KA 59 -58.23 45.69 34.35
N LEU KA 60 -58.75 44.66 35.03
CA LEU KA 60 -60.06 44.08 34.69
C LEU KA 60 -61.19 45.13 34.84
N ASP KA 61 -61.17 45.95 35.89
CA ASP KA 61 -62.17 47.02 36.08
C ASP KA 61 -62.05 48.07 34.96
N LYS KA 62 -60.81 48.43 34.58
CA LYS KA 62 -60.60 49.40 33.49
C LYS KA 62 -61.12 48.85 32.19
N LEU KA 63 -60.87 47.55 31.92
CA LEU KA 63 -61.30 46.91 30.68
C LEU KA 63 -62.81 46.76 30.57
N GLU KA 64 -63.53 46.61 31.70
CA GLU KA 64 -64.99 46.58 31.66
C GLU KA 64 -65.52 47.96 31.17
N ARG KA 65 -64.87 49.06 31.61
CA ARG KA 65 -65.26 50.40 31.16
C ARG KA 65 -64.96 50.64 29.66
N ARG KA 66 -64.21 49.76 29.00
CA ARG KA 66 -63.95 49.81 27.58
C ARG KA 66 -64.78 48.77 26.80
N GLY KA 67 -65.76 48.11 27.45
CA GLY KA 67 -66.64 47.15 26.79
C GLY KA 67 -66.21 45.71 26.82
N PHE KA 68 -65.12 45.38 27.55
CA PHE KA 68 -64.65 44.00 27.61
C PHE KA 68 -65.23 43.24 28.79
N ARG KA 69 -65.36 41.93 28.63
CA ARG KA 69 -65.82 41.00 29.66
C ARG KA 69 -64.89 39.77 29.71
N VAL KA 70 -64.59 39.27 30.91
CA VAL KA 70 -63.79 38.07 31.08
C VAL KA 70 -64.56 36.85 30.59
N LEU KA 71 -64.00 36.12 29.63
CA LEU KA 71 -64.59 34.88 29.14
C LEU KA 71 -63.97 33.69 29.89
N SER KA 72 -62.66 33.75 30.13
CA SER KA 72 -61.97 32.64 30.77
C SER KA 72 -60.72 33.13 31.51
N MET KA 73 -60.36 32.42 32.56
CA MET KA 73 -59.16 32.70 33.35
C MET KA 73 -58.45 31.36 33.55
N THR KA 74 -57.13 31.31 33.30
CA THR KA 74 -56.39 30.07 33.50
C THR KA 74 -54.98 30.28 34.03
N GLY KA 75 -54.46 29.25 34.69
CA GLY KA 75 -53.09 29.27 35.13
C GLY KA 75 -52.26 28.41 34.20
N VAL KA 76 -51.02 28.83 33.94
CA VAL KA 76 -50.10 28.05 33.12
C VAL KA 76 -48.71 28.38 33.65
N GLY KA 77 -48.03 27.37 34.20
CA GLY KA 77 -46.75 27.60 34.85
C GLY KA 77 -46.94 28.49 36.06
N GLN KA 78 -46.21 29.60 36.11
CA GLN KA 78 -46.39 30.62 37.14
C GLN KA 78 -47.12 31.85 36.60
N THR KA 79 -47.87 31.71 35.50
CA THR KA 79 -48.60 32.81 34.86
C THR KA 79 -50.09 32.62 35.02
N LEU KA 80 -50.79 33.67 35.39
CA LEU KA 80 -52.24 33.66 35.50
C LEU KA 80 -52.74 34.53 34.34
N VAL KA 81 -53.56 33.95 33.43
CA VAL KA 81 -54.01 34.59 32.20
C VAL KA 81 -55.51 34.81 32.18
N TRP KA 82 -55.96 35.96 31.67
CA TRP KA 82 -57.37 36.25 31.45
C TRP KA 82 -57.57 36.46 29.98
N CYS KA 83 -58.66 35.88 29.44
CA CYS KA 83 -59.04 36.08 28.04
C CYS KA 83 -60.33 36.90 28.10
N LEU KA 84 -60.28 38.10 27.54
CA LEU KA 84 -61.41 39.02 27.53
C LEU KA 84 -61.94 39.19 26.12
N HIS KA 85 -63.24 39.57 26.02
CA HIS KA 85 -63.89 39.75 24.75
C HIS KA 85 -64.80 41.00 24.79
N LYS KA 86 -64.74 41.80 23.73
CA LYS KA 86 -65.52 43.02 23.63
C LYS KA 86 -66.93 42.67 23.24
N GLU KA 87 -67.84 42.72 24.22
CA GLU KA 87 -69.26 42.39 24.02
C GLU KA 87 -70.16 43.26 24.90
N MET LA 4 -66.45 48.93 41.25
CA MET LA 4 -65.33 47.95 41.32
C MET LA 4 -65.90 46.54 41.08
N PRO LA 5 -66.16 46.21 39.80
CA PRO LA 5 -66.88 44.97 39.51
C PRO LA 5 -66.13 43.65 39.68
N TYR LA 6 -64.81 43.63 39.51
CA TYR LA 6 -64.06 42.38 39.61
C TYR LA 6 -63.42 42.11 40.96
N LEU LA 7 -63.38 40.84 41.32
CA LEU LA 7 -62.80 40.38 42.58
C LEU LA 7 -61.99 39.13 42.33
N LEU LA 8 -60.82 39.02 42.96
CA LEU LA 8 -60.00 37.83 42.86
C LEU LA 8 -59.82 37.27 44.27
N ILE LA 9 -60.15 35.99 44.46
CA ILE LA 9 -59.96 35.33 45.74
C ILE LA 9 -59.14 34.06 45.51
N SER LA 10 -58.44 33.59 46.55
CA SER LA 10 -57.60 32.40 46.39
C SER LA 10 -57.34 31.63 47.68
N THR LA 11 -56.95 30.37 47.54
CA THR LA 11 -56.53 29.54 48.65
C THR LA 11 -55.36 28.66 48.18
N GLN LA 12 -54.52 28.20 49.12
CA GLN LA 12 -53.41 27.35 48.76
C GLN LA 12 -53.53 25.96 49.34
N ILE LA 13 -52.87 24.97 48.70
CA ILE LA 13 -52.67 23.57 49.11
C ILE LA 13 -53.96 22.72 49.23
N ARG LA 14 -54.98 23.15 49.97
CA ARG LA 14 -56.23 22.40 50.09
C ARG LA 14 -57.40 23.38 49.97
N MET LA 15 -58.47 22.98 49.27
CA MET LA 15 -59.63 23.86 49.07
C MET LA 15 -60.60 23.90 50.27
N GLU LA 16 -60.55 22.92 51.18
CA GLU LA 16 -61.45 22.81 52.30
C GLU LA 16 -61.11 23.68 53.49
N VAL LA 17 -59.93 24.30 53.51
CA VAL LA 17 -59.52 25.08 54.67
C VAL LA 17 -58.91 26.41 54.24
N GLY LA 18 -59.05 27.42 55.08
CA GLY LA 18 -58.43 28.71 54.85
C GLY LA 18 -56.93 28.65 55.14
N PRO LA 19 -56.21 29.80 55.14
CA PRO LA 19 -56.71 31.15 54.84
C PRO LA 19 -57.15 31.33 53.39
N THR LA 20 -58.04 32.28 53.15
CA THR LA 20 -58.49 32.65 51.83
C THR LA 20 -58.07 34.11 51.60
N MET LA 21 -57.31 34.38 50.54
CA MET LA 21 -56.90 35.73 50.19
C MET LA 21 -58.08 36.39 49.51
N VAL LA 22 -58.48 37.57 49.97
CA VAL LA 22 -59.66 38.23 49.43
C VAL LA 22 -59.43 39.65 48.90
N GLY LA 23 -58.18 40.13 48.92
CA GLY LA 23 -57.90 41.47 48.41
C GLY LA 23 -56.46 41.93 48.40
N ASP LA 24 -56.24 43.07 47.76
CA ASP LA 24 -54.94 43.75 47.64
C ASP LA 24 -55.04 45.14 48.33
N GLU LA 25 -53.95 45.92 48.32
CA GLU LA 25 -53.90 47.24 48.95
C GLU LA 25 -55.03 48.18 48.52
N GLN LA 26 -55.42 48.12 47.26
CA GLN LA 26 -56.46 49.02 46.73
C GLN LA 26 -57.87 48.43 46.77
N SER LA 27 -58.08 47.33 47.51
CA SER LA 27 -59.42 46.72 47.63
C SER LA 27 -60.37 47.61 48.42
N ASP LA 28 -61.68 47.41 48.21
CA ASP LA 28 -62.74 48.14 48.87
C ASP LA 28 -62.67 47.86 50.38
N PRO LA 29 -62.37 48.90 51.20
CA PRO LA 29 -62.23 48.66 52.65
C PRO LA 29 -63.50 48.20 53.34
N GLU LA 30 -64.66 48.61 52.82
CA GLU LA 30 -65.93 48.20 53.40
C GLU LA 30 -66.17 46.71 53.15
N LEU LA 31 -65.86 46.23 51.93
CA LEU LA 31 -66.02 44.83 51.60
C LEU LA 31 -65.06 43.98 52.44
N MET LA 32 -63.82 44.45 52.64
CA MET LA 32 -62.83 43.74 53.46
C MET LA 32 -63.31 43.67 54.91
N GLN LA 33 -63.89 44.76 55.43
CA GLN LA 33 -64.43 44.79 56.79
C GLN LA 33 -65.62 43.82 56.91
N HIS LA 34 -66.51 43.82 55.90
CA HIS LA 34 -67.68 42.94 55.87
C HIS LA 34 -67.27 41.46 55.91
N LEU LA 35 -66.22 41.08 55.18
CA LEU LA 35 -65.74 39.70 55.20
C LEU LA 35 -64.97 39.32 56.48
N GLY LA 36 -64.64 40.29 57.32
CA GLY LA 36 -63.85 40.06 58.52
C GLY LA 36 -62.38 39.85 58.18
N ALA LA 37 -61.90 40.52 57.12
CA ALA LA 37 -60.54 40.35 56.65
C ALA LA 37 -59.52 41.16 57.41
N SER LA 38 -58.31 40.61 57.52
CA SER LA 38 -57.17 41.25 58.15
C SER LA 38 -56.17 41.61 57.05
N LYS LA 39 -55.36 42.63 57.29
CA LYS LA 39 -54.38 43.08 56.32
C LYS LA 39 -52.99 42.69 56.82
N ARG LA 40 -52.16 42.15 55.92
CA ARG LA 40 -50.78 41.77 56.28
C ARG LA 40 -49.83 41.87 55.09
N ARG LA 41 -48.53 41.81 55.34
CA ARG LA 41 -47.53 41.81 54.29
C ARG LA 41 -46.58 40.67 54.63
N ALA LA 42 -46.58 39.59 53.82
CA ALA LA 42 -45.71 38.44 54.07
C ALA LA 42 -44.24 38.89 53.90
N LEU LA 43 -43.33 38.35 54.73
CA LEU LA 43 -41.92 38.75 54.69
C LEU LA 43 -41.29 38.69 53.31
N GLY LA 44 -40.64 39.77 52.92
CA GLY LA 44 -40.00 39.89 51.62
C GLY LA 44 -40.91 40.33 50.49
N ASN LA 45 -42.23 40.37 50.72
CA ASN LA 45 -43.16 40.80 49.67
C ASN LA 45 -43.25 42.30 49.58
N ASN LA 46 -43.44 42.80 48.36
CA ASN LA 46 -43.57 44.23 48.05
C ASN LA 46 -45.04 44.67 48.01
N PHE LA 47 -45.94 43.98 48.72
CA PHE LA 47 -47.37 44.29 48.68
C PHE LA 47 -48.11 43.77 49.90
N TYR LA 48 -49.21 44.42 50.22
CA TYR LA 48 -50.12 44.04 51.30
C TYR LA 48 -51.24 43.19 50.71
N GLU LA 49 -51.82 42.33 51.54
CA GLU LA 49 -52.91 41.48 51.14
C GLU LA 49 -53.95 41.41 52.23
N TYR LA 50 -55.20 41.15 51.85
CA TYR LA 50 -56.27 40.94 52.80
C TYR LA 50 -56.58 39.46 52.79
N TYR LA 51 -56.86 38.89 53.97
CA TYR LA 51 -57.14 37.48 54.08
C TYR LA 51 -58.17 37.21 55.18
N VAL LA 52 -58.83 36.06 55.09
CA VAL LA 52 -59.77 35.61 56.09
C VAL LA 52 -59.37 34.16 56.47
N ASP LA 53 -59.74 33.71 57.67
CA ASP LA 53 -59.46 32.35 58.12
C ASP LA 53 -60.43 31.32 57.50
N ASP LA 54 -61.58 31.77 56.98
CA ASP LA 54 -62.60 30.93 56.41
C ASP LA 54 -62.14 30.19 55.15
N PRO LA 55 -62.67 28.98 54.94
CA PRO LA 55 -62.39 28.27 53.67
C PRO LA 55 -63.09 29.00 52.52
N PRO LA 56 -62.59 28.82 51.29
CA PRO LA 56 -63.16 29.56 50.15
C PRO LA 56 -64.66 29.38 49.88
N ARG LA 57 -65.22 28.18 50.17
CA ARG LA 57 -66.66 27.97 49.96
C ARG LA 57 -67.52 28.97 50.77
N ILE LA 58 -67.10 29.27 52.02
CA ILE LA 58 -67.77 30.23 52.90
C ILE LA 58 -67.66 31.64 52.31
N VAL LA 59 -66.47 32.01 51.80
CA VAL LA 59 -66.27 33.32 51.20
C VAL LA 59 -67.13 33.49 49.94
N LEU LA 60 -67.23 32.44 49.11
CA LEU LA 60 -68.06 32.47 47.90
C LEU LA 60 -69.54 32.73 48.24
N ASP LA 61 -70.05 32.11 49.31
CA ASP LA 61 -71.44 32.33 49.74
C ASP LA 61 -71.65 33.75 50.22
N LYS LA 62 -70.68 34.29 50.98
CA LYS LA 62 -70.77 35.67 51.48
C LYS LA 62 -70.76 36.65 50.30
N LEU LA 63 -69.92 36.39 49.29
CA LEU LA 63 -69.80 37.25 48.11
C LEU LA 63 -71.04 37.22 47.24
N GLU LA 64 -71.77 36.10 47.18
CA GLU LA 64 -73.03 36.03 46.42
C GLU LA 64 -74.04 37.02 47.06
N ARG LA 65 -74.09 37.09 48.41
CA ARG LA 65 -74.98 38.02 49.12
C ARG LA 65 -74.62 39.51 48.86
N ARG LA 66 -73.45 39.78 48.30
CA ARG LA 66 -73.01 41.11 47.91
C ARG LA 66 -73.14 41.36 46.37
N GLY LA 67 -73.74 40.42 45.63
CA GLY LA 67 -73.96 40.59 44.21
C GLY LA 67 -72.91 39.97 43.31
N PHE LA 68 -71.90 39.29 43.88
CA PHE LA 68 -70.84 38.67 43.08
C PHE LA 68 -71.20 37.26 42.62
N ARG LA 69 -70.74 36.92 41.43
CA ARG LA 69 -70.92 35.60 40.83
C ARG LA 69 -69.57 35.11 40.32
N VAL LA 70 -69.29 33.81 40.49
CA VAL LA 70 -68.04 33.23 40.00
C VAL LA 70 -68.10 33.18 38.47
N LEU LA 71 -67.12 33.79 37.81
CA LEU LA 71 -67.00 33.74 36.36
C LEU LA 71 -66.06 32.62 35.96
N SER LA 72 -64.98 32.43 36.73
CA SER LA 72 -63.97 31.44 36.39
C SER LA 72 -63.20 31.01 37.64
N MET LA 73 -62.73 29.78 37.65
CA MET LA 73 -61.93 29.20 38.72
C MET LA 73 -60.75 28.52 38.07
N THR LA 74 -59.53 28.79 38.54
CA THR LA 74 -58.35 28.14 37.96
C THR LA 74 -57.27 27.78 38.98
N GLY LA 75 -56.46 26.81 38.64
CA GLY LA 75 -55.33 26.44 39.46
C GLY LA 75 -54.06 26.99 38.83
N VAL LA 76 -53.15 27.42 39.66
CA VAL LA 76 -51.86 27.95 39.21
C VAL LA 76 -50.88 27.64 40.33
N GLY LA 77 -49.91 26.76 40.05
CA GLY LA 77 -48.99 26.27 41.07
C GLY LA 77 -49.77 25.49 42.11
N GLN LA 78 -49.65 25.90 43.38
CA GLN LA 78 -50.44 25.31 44.45
C GLN LA 78 -51.53 26.28 44.92
N THR LA 79 -51.93 27.24 44.06
CA THR LA 79 -52.96 28.22 44.39
C THR LA 79 -54.21 27.96 43.55
N LEU LA 80 -55.35 27.99 44.19
CA LEU LA 80 -56.64 27.84 43.53
C LEU LA 80 -57.26 29.24 43.57
N VAL LA 81 -57.56 29.84 42.40
CA VAL LA 81 -58.06 31.20 42.25
C VAL LA 81 -59.49 31.25 41.70
N TRP LA 82 -60.32 32.15 42.23
CA TRP LA 82 -61.65 32.42 41.70
C TRP LA 82 -61.70 33.87 41.24
N CYS LA 83 -62.30 34.10 40.07
CA CYS LA 83 -62.49 35.43 39.52
C CYS LA 83 -64.01 35.66 39.60
N LEU LA 84 -64.43 36.63 40.41
CA LEU LA 84 -65.83 36.96 40.61
C LEU LA 84 -66.15 38.30 39.99
N HIS LA 85 -67.43 38.49 39.65
CA HIS LA 85 -67.88 39.71 39.02
C HIS LA 85 -69.26 40.12 39.56
N LYS LA 86 -69.44 41.42 39.71
CA LYS LA 86 -70.65 42.06 40.20
C LYS LA 86 -71.42 42.61 39.00
N GLU LA 87 -72.73 42.47 39.05
CA GLU LA 87 -73.69 42.89 38.01
C GLU LA 87 -73.38 42.49 36.58
N MET MA 4 -76.83 28.14 50.99
CA MET MA 4 -75.45 27.73 50.67
C MET MA 4 -75.33 27.42 49.19
N PRO MA 5 -75.21 28.47 48.34
CA PRO MA 5 -75.25 28.25 46.89
C PRO MA 5 -74.01 27.61 46.25
N TYR MA 6 -72.81 27.81 46.81
CA TYR MA 6 -71.61 27.25 46.18
C TYR MA 6 -71.14 25.91 46.74
N LEU MA 7 -70.60 25.08 45.86
CA LEU MA 7 -70.08 23.77 46.21
C LEU MA 7 -68.76 23.52 45.53
N LEU MA 8 -67.80 22.90 46.23
CA LEU MA 8 -66.52 22.54 45.64
C LEU MA 8 -66.36 21.03 45.76
N ILE MA 9 -66.12 20.35 44.65
CA ILE MA 9 -65.87 18.90 44.67
C ILE MA 9 -64.54 18.61 43.98
N SER MA 10 -63.86 17.51 44.32
CA SER MA 10 -62.57 17.22 43.72
C SER MA 10 -62.21 15.74 43.70
N THR MA 11 -61.25 15.40 42.85
CA THR MA 11 -60.69 14.05 42.78
C THR MA 11 -59.18 14.17 42.46
N GLN MA 12 -58.41 13.17 42.86
CA GLN MA 12 -56.97 13.20 42.59
C GLN MA 12 -56.55 12.11 41.61
N ILE MA 13 -55.40 12.34 40.92
CA ILE MA 13 -54.65 11.41 40.06
C ILE MA 13 -55.38 10.93 38.78
N ARG MA 14 -56.62 10.42 38.88
CA ARG MA 14 -57.38 9.96 37.72
C ARG MA 14 -58.82 10.41 37.91
N MET MA 15 -59.45 10.86 36.83
CA MET MA 15 -60.83 11.36 36.91
C MET MA 15 -61.89 10.25 36.88
N GLU MA 16 -61.54 9.04 36.46
CA GLU MA 16 -62.50 7.94 36.32
C GLU MA 16 -62.79 7.18 37.60
N VAL MA 17 -62.06 7.45 38.67
CA VAL MA 17 -62.22 6.69 39.89
C VAL MA 17 -62.25 7.63 41.11
N GLY MA 18 -63.00 7.22 42.13
CA GLY MA 18 -63.03 7.94 43.39
C GLY MA 18 -61.77 7.66 44.19
N PRO MA 19 -61.66 8.16 45.44
CA PRO MA 19 -62.68 8.96 46.17
C PRO MA 19 -62.88 10.35 45.59
N THR MA 20 -64.06 10.91 45.81
CA THR MA 20 -64.38 12.28 45.41
C THR MA 20 -64.63 13.07 46.71
N MET MA 21 -63.89 14.17 46.92
CA MET MA 21 -64.07 15.04 48.07
C MET MA 21 -65.27 15.92 47.78
N VAL MA 22 -66.24 15.95 48.69
CA VAL MA 22 -67.47 16.68 48.45
C VAL MA 22 -67.77 17.75 49.52
N GLY MA 23 -66.89 17.97 50.48
CA GLY MA 23 -67.10 18.98 51.50
C GLY MA 23 -66.04 19.19 52.56
N ASP MA 24 -66.23 20.25 53.34
CA ASP MA 24 -65.41 20.65 54.49
C ASP MA 24 -66.29 20.56 55.79
N GLU MA 25 -65.72 20.88 56.96
CA GLU MA 25 -66.40 20.82 58.27
C GLU MA 25 -67.74 21.58 58.31
N GLN MA 26 -67.83 22.70 57.61
CA GLN MA 26 -69.04 23.52 57.64
C GLN MA 26 -70.00 23.25 56.47
N SER MA 27 -69.82 22.14 55.74
CA SER MA 27 -70.69 21.78 54.63
C SER MA 27 -72.10 21.46 55.09
N ASP MA 28 -73.09 21.60 54.18
CA ASP MA 28 -74.50 21.31 54.42
C ASP MA 28 -74.64 19.84 54.78
N PRO MA 29 -75.02 19.55 56.05
CA PRO MA 29 -75.11 18.15 56.48
C PRO MA 29 -76.13 17.33 55.71
N GLU MA 30 -77.23 17.95 55.28
CA GLU MA 30 -78.25 17.26 54.52
C GLU MA 30 -77.71 16.83 53.16
N LEU MA 31 -76.98 17.71 52.48
CA LEU MA 31 -76.39 17.40 51.18
C LEU MA 31 -75.35 16.29 51.30
N MET MA 32 -74.56 16.31 52.38
CA MET MA 32 -73.55 15.29 52.62
C MET MA 32 -74.21 13.94 52.85
N GLN MA 33 -75.30 13.94 53.62
CA GLN MA 33 -76.07 12.72 53.89
C GLN MA 33 -76.65 12.17 52.58
N HIS MA 34 -77.20 13.06 51.76
CA HIS MA 34 -77.79 12.69 50.49
C HIS MA 34 -76.78 12.03 49.54
N LEU MA 35 -75.55 12.56 49.50
CA LEU MA 35 -74.49 11.98 48.66
C LEU MA 35 -73.90 10.68 49.24
N GLY MA 36 -74.22 10.35 50.49
CA GLY MA 36 -73.69 9.18 51.18
C GLY MA 36 -72.24 9.41 51.58
N ALA MA 37 -71.89 10.65 51.94
CA ALA MA 37 -70.52 11.00 52.29
C ALA MA 37 -70.13 10.62 53.70
N SER MA 38 -68.84 10.29 53.88
CA SER MA 38 -68.24 9.99 55.17
C SER MA 38 -67.31 11.14 55.55
N LYS MA 39 -67.08 11.33 56.82
CA LYS MA 39 -66.24 12.40 57.32
C LYS MA 39 -64.93 11.81 57.85
N ARG MA 40 -63.78 12.42 57.51
CA ARG MA 40 -62.50 11.95 57.99
C ARG MA 40 -61.48 13.09 58.12
N ARG MA 41 -60.36 12.85 58.80
CA ARG MA 41 -59.30 13.81 58.95
C ARG MA 41 -58.01 13.07 58.65
N ALA MA 42 -57.35 13.40 57.52
CA ALA MA 42 -56.09 12.75 57.17
C ALA MA 42 -55.00 13.16 58.20
N LEU MA 43 -54.10 12.22 58.55
CA LEU MA 43 -53.07 12.45 59.55
C LEU MA 43 -52.23 13.72 59.30
N GLY MA 44 -52.08 14.53 60.34
CA GLY MA 44 -51.35 15.77 60.26
C GLY MA 44 -52.16 16.97 59.76
N ASN MA 45 -53.40 16.72 59.26
CA ASN MA 45 -54.24 17.80 58.77
C ASN MA 45 -55.02 18.48 59.90
N ASN MA 46 -55.23 19.80 59.76
CA ASN MA 46 -55.95 20.64 60.71
C ASN MA 46 -57.43 20.80 60.28
N PHE MA 47 -57.99 19.84 59.53
CA PHE MA 47 -59.36 19.97 59.04
C PHE MA 47 -59.96 18.62 58.70
N TYR MA 48 -61.29 18.57 58.78
CA TYR MA 48 -62.07 17.41 58.41
C TYR MA 48 -62.56 17.60 56.97
N GLU MA 49 -62.77 16.50 56.27
CA GLU MA 49 -63.26 16.52 54.91
C GLU MA 49 -64.35 15.47 54.73
N TYR MA 50 -65.26 15.72 53.80
CA TYR MA 50 -66.30 14.76 53.45
C TYR MA 50 -65.91 14.15 52.11
N TYR MA 51 -66.13 12.86 51.95
CA TYR MA 51 -65.79 12.16 50.71
C TYR MA 51 -66.77 11.04 50.40
N VAL MA 52 -66.84 10.65 49.14
CA VAL MA 52 -67.63 9.52 48.67
C VAL MA 52 -66.69 8.60 47.86
N ASP MA 53 -67.02 7.31 47.75
CA ASP MA 53 -66.20 6.38 46.96
C ASP MA 53 -66.45 6.51 45.44
N ASP MA 54 -67.55 7.16 45.06
CA ASP MA 54 -67.94 7.31 43.67
C ASP MA 54 -66.99 8.16 42.86
N PRO MA 55 -66.86 7.85 41.56
CA PRO MA 55 -66.07 8.73 40.69
C PRO MA 55 -66.82 10.06 40.48
N PRO MA 56 -66.09 11.15 40.15
CA PRO MA 56 -66.74 12.46 40.02
C PRO MA 56 -67.90 12.57 39.04
N ARG MA 57 -67.92 11.80 37.94
CA ARG MA 57 -69.04 11.87 36.98
C ARG MA 57 -70.37 11.49 37.66
N ILE MA 58 -70.36 10.47 38.54
CA ILE MA 58 -71.54 10.03 39.30
C ILE MA 58 -71.98 11.14 40.26
N VAL MA 59 -71.03 11.78 40.95
CA VAL MA 59 -71.33 12.86 41.88
C VAL MA 59 -71.95 14.05 41.15
N LEU MA 60 -71.42 14.41 39.98
CA LEU MA 60 -71.95 15.51 39.17
C LEU MA 60 -73.42 15.27 38.75
N ASP MA 61 -73.77 14.02 38.38
CA ASP MA 61 -75.15 13.66 38.04
C ASP MA 61 -76.07 13.76 39.26
N LYS MA 62 -75.59 13.33 40.42
CA LYS MA 62 -76.37 13.41 41.66
C LYS MA 62 -76.60 14.88 42.03
N LEU MA 63 -75.57 15.73 41.87
CA LEU MA 63 -75.65 17.14 42.17
C LEU MA 63 -76.58 17.90 41.25
N GLU MA 64 -76.72 17.50 39.98
CA GLU MA 64 -77.67 18.14 39.06
C GLU MA 64 -79.11 17.91 39.59
N ARG MA 65 -79.39 16.68 40.10
CA ARG MA 65 -80.71 16.37 40.68
C ARG MA 65 -81.01 17.20 41.94
N ARG MA 66 -80.01 17.86 42.51
CA ARG MA 66 -80.14 18.74 43.65
C ARG MA 66 -80.16 20.24 43.29
N GLY MA 67 -80.17 20.56 41.99
CA GLY MA 67 -80.21 21.93 41.53
C GLY MA 67 -78.87 22.57 41.27
N PHE MA 68 -77.77 21.79 41.36
CA PHE MA 68 -76.44 22.34 41.10
C PHE MA 68 -76.06 22.25 39.64
N ARG MA 69 -75.29 23.25 39.20
CA ARG MA 69 -74.75 23.30 37.86
C ARG MA 69 -73.24 23.59 37.95
N VAL MA 70 -72.44 22.95 37.08
CA VAL MA 70 -71.01 23.21 37.06
C VAL MA 70 -70.78 24.61 36.47
N LEU MA 71 -70.08 25.47 37.20
CA LEU MA 71 -69.69 26.78 36.71
C LEU MA 71 -68.28 26.72 36.13
N SER MA 72 -67.39 25.97 36.79
CA SER MA 72 -66.01 25.90 36.36
C SER MA 72 -65.36 24.59 36.80
N MET MA 73 -64.37 24.14 36.05
CA MET MA 73 -63.58 22.95 36.36
C MET MA 73 -62.12 23.32 36.16
N THR MA 74 -61.24 22.97 37.12
CA THR MA 74 -59.83 23.29 36.98
C THR MA 74 -58.92 22.24 37.59
N GLY MA 75 -57.71 22.15 37.07
CA GLY MA 75 -56.69 21.29 37.62
C GLY MA 75 -55.76 22.14 38.46
N VAL MA 76 -55.31 21.60 39.59
CA VAL MA 76 -54.33 22.27 40.42
C VAL MA 76 -53.49 21.15 41.04
N GLY MA 77 -52.21 21.11 40.71
CA GLY MA 77 -51.34 20.00 41.11
C GLY MA 77 -51.85 18.71 40.50
N GLN MA 78 -52.14 17.71 41.35
CA GLN MA 78 -52.73 16.46 40.88
C GLN MA 78 -54.21 16.35 41.29
N THR MA 79 -54.86 17.48 41.54
CA THR MA 79 -56.25 17.55 41.94
C THR MA 79 -57.10 18.19 40.84
N LEU MA 80 -58.22 17.57 40.52
CA LEU MA 80 -59.17 18.08 39.54
C LEU MA 80 -60.37 18.56 40.36
N VAL MA 81 -60.71 19.87 40.27
CA VAL MA 81 -61.73 20.52 41.07
C VAL MA 81 -62.89 21.02 40.22
N TRP MA 82 -64.11 20.90 40.72
CA TRP MA 82 -65.32 21.45 40.10
C TRP MA 82 -65.94 22.44 41.08
N CYS MA 83 -66.33 23.61 40.57
CA CYS MA 83 -67.02 24.62 41.33
C CYS MA 83 -68.47 24.61 40.82
N LEU MA 84 -69.42 24.24 41.68
CA LEU MA 84 -70.82 24.16 41.33
C LEU MA 84 -71.61 25.25 42.02
N HIS MA 85 -72.78 25.58 41.47
CA HIS MA 85 -73.65 26.62 42.01
C HIS MA 85 -75.13 26.22 41.84
N LYS MA 86 -76.01 26.55 42.81
CA LYS MA 86 -77.44 26.25 42.65
C LYS MA 86 -78.28 27.50 42.48
N MET NA 4 -78.26 10.69 32.91
CA MET NA 4 -76.81 10.80 32.89
C MET NA 4 -76.38 12.12 32.19
N PRO NA 5 -76.58 13.30 32.81
CA PRO NA 5 -76.28 14.55 32.11
C PRO NA 5 -74.80 14.90 31.95
N TYR NA 6 -73.92 14.49 32.89
CA TYR NA 6 -72.51 14.90 32.79
C TYR NA 6 -71.59 13.87 32.15
N LEU NA 7 -70.54 14.38 31.49
CA LEU NA 7 -69.53 13.55 30.85
C LEU NA 7 -68.16 14.15 31.00
N LEU NA 8 -67.16 13.30 31.19
CA LEU NA 8 -65.78 13.74 31.29
C LEU NA 8 -64.99 13.02 30.21
N ILE NA 9 -64.27 13.78 29.39
CA ILE NA 9 -63.39 13.21 28.38
C ILE NA 9 -61.98 13.79 28.53
N SER NA 10 -60.94 13.05 28.12
CA SER NA 10 -59.58 13.56 28.26
C SER NA 10 -58.59 13.03 27.26
N THR NA 11 -57.46 13.71 27.10
CA THR NA 11 -56.34 13.28 26.29
C THR NA 11 -55.02 13.67 26.99
N GLN NA 12 -53.94 12.95 26.70
CA GLN NA 12 -52.64 13.25 27.30
C GLN NA 12 -51.63 13.72 26.28
N ILE NA 13 -50.64 14.50 26.75
CA ILE NA 13 -49.43 14.97 26.05
C ILE NA 13 -49.66 15.91 24.88
N ARG NA 14 -50.48 15.56 23.89
CA ARG NA 14 -50.78 16.44 22.75
C ARG NA 14 -52.28 16.42 22.49
N MET NA 15 -52.87 17.55 22.16
CA MET NA 15 -54.33 17.63 21.94
C MET NA 15 -54.77 17.19 20.56
N GLU NA 16 -53.86 17.12 19.58
CA GLU NA 16 -54.18 16.79 18.21
C GLU NA 16 -54.31 15.30 17.92
N VAL NA 17 -53.94 14.45 18.86
CA VAL NA 17 -53.95 13.01 18.62
C VAL NA 17 -54.58 12.28 19.80
N GLY NA 18 -55.19 11.14 19.50
CA GLY NA 18 -55.74 10.27 20.52
C GLY NA 18 -54.63 9.47 21.21
N PRO NA 19 -54.94 8.50 22.08
CA PRO NA 19 -56.29 8.08 22.49
C PRO NA 19 -57.01 9.16 23.31
N THR NA 20 -58.35 9.10 23.31
CA THR NA 20 -59.17 9.98 24.10
C THR NA 20 -59.95 9.09 25.07
N MET NA 21 -59.85 9.36 26.38
CA MET NA 21 -60.61 8.63 27.41
C MET NA 21 -62.00 9.20 27.40
N VAL NA 22 -63.02 8.32 27.29
CA VAL NA 22 -64.39 8.76 27.19
C VAL NA 22 -65.33 8.19 28.26
N GLY NA 23 -64.83 7.39 29.18
CA GLY NA 23 -65.67 6.82 30.24
C GLY NA 23 -65.02 5.96 31.30
N ASP NA 24 -65.81 5.64 32.32
CA ASP NA 24 -65.43 4.80 33.45
C ASP NA 24 -66.34 3.53 33.47
N GLU NA 25 -66.15 2.64 34.44
CA GLU NA 25 -66.92 1.38 34.57
C GLU NA 25 -68.43 1.57 34.53
N GLN NA 26 -68.93 2.66 35.12
CA GLN NA 26 -70.37 2.90 35.18
C GLN NA 26 -70.92 3.81 34.08
N SER NA 27 -70.13 4.02 33.01
CA SER NA 27 -70.57 4.84 31.88
C SER NA 27 -71.69 4.17 31.10
N ASP NA 28 -72.50 4.96 30.38
CA ASP NA 28 -73.62 4.50 29.56
C ASP NA 28 -73.06 3.60 28.47
N PRO NA 29 -73.41 2.29 28.50
CA PRO NA 29 -72.85 1.36 27.50
C PRO NA 29 -73.23 1.69 26.06
N GLU NA 30 -74.42 2.25 25.86
CA GLU NA 30 -74.88 2.62 24.53
C GLU NA 30 -74.04 3.78 23.99
N LEU NA 31 -73.76 4.78 24.83
CA LEU NA 31 -72.94 5.94 24.42
C LEU NA 31 -71.52 5.47 24.10
N MET NA 32 -70.97 4.55 24.91
CA MET NA 32 -69.63 4.02 24.67
C MET NA 32 -69.58 3.25 23.36
N GLN NA 33 -70.64 2.46 23.07
CA GLN NA 33 -70.74 1.72 21.80
C GLN NA 33 -70.85 2.69 20.62
N HIS NA 34 -71.66 3.76 20.77
CA HIS NA 34 -71.84 4.78 19.75
C HIS NA 34 -70.53 5.47 19.39
N LEU NA 35 -69.68 5.76 20.39
CA LEU NA 35 -68.38 6.39 20.14
C LEU NA 35 -67.33 5.43 19.56
N GLY NA 36 -67.60 4.12 19.58
CA GLY NA 36 -66.67 3.11 19.12
C GLY NA 36 -65.59 2.87 20.17
N ALA NA 37 -65.95 3.01 21.45
CA ALA NA 37 -65.00 2.86 22.53
C ALA NA 37 -64.71 1.43 22.93
N SER NA 38 -63.47 1.19 23.36
CA SER NA 38 -63.02 -0.09 23.86
C SER NA 38 -62.81 0.04 25.38
N LYS NA 39 -62.93 -1.05 26.10
CA LYS NA 39 -62.76 -1.06 27.54
C LYS NA 39 -61.42 -1.72 27.89
N ARG NA 40 -60.66 -1.12 28.83
CA ARG NA 40 -59.40 -1.68 29.26
C ARG NA 40 -59.08 -1.32 30.71
N ARG NA 41 -58.09 -1.97 31.30
CA ARG NA 41 -57.64 -1.66 32.64
C ARG NA 41 -56.13 -1.57 32.56
N ALA NA 42 -55.55 -0.37 32.72
CA ALA NA 42 -54.09 -0.22 32.67
C ALA NA 42 -53.46 -0.96 33.86
N LEU NA 43 -52.30 -1.59 33.65
CA LEU NA 43 -51.63 -2.38 34.69
C LEU NA 43 -51.44 -1.64 35.99
N GLY NA 44 -51.85 -2.28 37.08
CA GLY NA 44 -51.77 -1.73 38.42
C GLY NA 44 -52.94 -0.84 38.80
N ASN NA 45 -53.82 -0.49 37.85
CA ASN NA 45 -54.97 0.35 38.14
C ASN NA 45 -56.12 -0.45 38.72
N ASN NA 46 -56.87 0.18 39.63
CA ASN NA 46 -58.00 -0.42 40.31
C ASN NA 46 -59.33 -0.07 39.61
N PHE NA 47 -59.30 0.24 38.29
CA PHE NA 47 -60.50 0.65 37.58
C PHE NA 47 -60.36 0.41 36.09
N TYR NA 48 -61.52 0.23 35.43
CA TYR NA 48 -61.61 0.09 33.98
C TYR NA 48 -61.91 1.47 33.37
N GLU NA 49 -61.48 1.65 32.13
CA GLU NA 49 -61.71 2.88 31.41
C GLU NA 49 -62.15 2.60 29.98
N TYR NA 50 -62.91 3.53 29.39
CA TYR NA 50 -63.29 3.44 27.99
C TYR NA 50 -62.46 4.46 27.23
N TYR NA 51 -62.01 4.08 26.04
CA TYR NA 51 -61.19 4.98 25.23
C TYR NA 51 -61.48 4.80 23.76
N VAL NA 52 -61.16 5.82 22.96
CA VAL NA 52 -61.26 5.78 21.50
C VAL NA 52 -59.88 6.20 20.93
N ASP NA 53 -59.59 5.80 19.70
CA ASP NA 53 -58.32 6.19 19.04
C ASP NA 53 -58.37 7.63 18.48
N ASP NA 54 -59.58 8.19 18.33
CA ASP NA 54 -59.79 9.51 17.76
C ASP NA 54 -59.22 10.64 18.61
N PRO NA 55 -58.76 11.72 17.96
CA PRO NA 55 -58.33 12.90 18.73
C PRO NA 55 -59.58 13.56 19.38
N PRO NA 56 -59.38 14.30 20.47
CA PRO NA 56 -60.53 14.89 21.18
C PRO NA 56 -61.48 15.78 20.36
N ARG NA 57 -60.99 16.51 19.36
CA ARG NA 57 -61.82 17.38 18.53
C ARG NA 57 -62.93 16.56 17.82
N ILE NA 58 -62.61 15.35 17.32
CA ILE NA 58 -63.56 14.45 16.69
C ILE NA 58 -64.61 13.97 17.69
N VAL NA 59 -64.17 13.60 18.91
CA VAL NA 59 -65.07 13.16 19.97
C VAL NA 59 -66.03 14.29 20.37
N LEU NA 60 -65.53 15.53 20.46
CA LEU NA 60 -66.36 16.67 20.83
C LEU NA 60 -67.50 16.89 19.78
N ASP NA 61 -67.17 16.73 18.49
CA ASP NA 61 -68.17 16.89 17.42
C ASP NA 61 -69.22 15.77 17.50
N LYS NA 62 -68.79 14.54 17.79
CA LYS NA 62 -69.71 13.41 17.91
C LYS NA 62 -70.64 13.64 19.12
N LEU NA 63 -70.08 14.13 20.24
CA LEU NA 63 -70.86 14.39 21.45
C LEU NA 63 -71.88 15.52 21.28
N GLU NA 64 -71.60 16.52 20.44
CA GLU NA 64 -72.56 17.59 20.15
C GLU NA 64 -73.80 16.99 19.45
N ARG NA 65 -73.58 16.03 18.53
CA ARG NA 65 -74.68 15.35 17.85
C ARG NA 65 -75.55 14.48 18.80
N ARG NA 66 -75.05 14.21 20.01
CA ARG NA 66 -75.79 13.51 21.05
C ARG NA 66 -76.40 14.46 22.11
N GLY NA 67 -76.31 15.77 21.90
CA GLY NA 67 -76.87 16.75 22.82
C GLY NA 67 -75.91 17.29 23.87
N PHE NA 68 -74.62 16.94 23.81
CA PHE NA 68 -73.66 17.42 24.81
C PHE NA 68 -73.03 18.73 24.40
N ARG NA 69 -72.75 19.59 25.38
CA ARG NA 69 -72.07 20.86 25.18
C ARG NA 69 -70.91 20.96 26.16
N VAL NA 70 -69.77 21.52 25.72
CA VAL NA 70 -68.61 21.70 26.59
C VAL NA 70 -68.94 22.82 27.59
N LEU NA 71 -68.86 22.51 28.89
CA LEU NA 71 -69.05 23.50 29.95
C LEU NA 71 -67.71 24.05 30.39
N SER NA 72 -66.69 23.19 30.46
CA SER NA 72 -65.38 23.60 30.94
C SER NA 72 -64.28 22.70 30.38
N MET NA 73 -63.09 23.27 30.19
CA MET NA 73 -61.91 22.53 29.72
C MET NA 73 -60.76 22.91 30.65
N THR NA 74 -59.98 21.93 31.13
CA THR NA 74 -58.85 22.23 31.99
C THR NA 74 -57.67 21.31 31.80
N GLY NA 75 -56.49 21.80 32.15
CA GLY NA 75 -55.29 20.99 32.16
C GLY NA 75 -55.00 20.56 33.58
N VAL NA 76 -54.50 19.34 33.76
CA VAL NA 76 -54.07 18.86 35.07
C VAL NA 76 -52.95 17.89 34.79
N GLY NA 77 -51.73 18.23 35.22
CA GLY NA 77 -50.53 17.46 34.90
C GLY NA 77 -50.31 17.49 33.39
N GLN NA 78 -50.27 16.31 32.78
CA GLN NA 78 -50.16 16.20 31.33
C GLN NA 78 -51.48 15.75 30.69
N THR NA 79 -52.61 15.95 31.39
CA THR NA 79 -53.92 15.56 30.92
C THR NA 79 -54.77 16.81 30.61
N LEU NA 80 -55.43 16.81 29.48
CA LEU NA 80 -56.34 17.87 29.08
C LEU NA 80 -57.73 17.26 29.21
N VAL NA 81 -58.60 17.85 30.04
CA VAL NA 81 -59.93 17.34 30.36
C VAL NA 81 -61.05 18.26 29.90
N TRP NA 82 -62.14 17.68 29.37
CA TRP NA 82 -63.34 18.44 29.03
C TRP NA 82 -64.49 17.90 29.86
N CYS NA 83 -65.29 18.81 30.42
CA CYS NA 83 -66.49 18.48 31.16
C CYS NA 83 -67.66 18.90 30.28
N LEU NA 84 -68.47 17.93 29.84
CA LEU NA 84 -69.61 18.15 28.98
C LEU NA 84 -70.91 17.91 29.72
N HIS NA 85 -71.98 18.54 29.24
CA HIS NA 85 -73.29 18.42 29.86
C HIS NA 85 -74.36 18.29 28.78
N LYS NA 86 -75.28 17.36 28.98
CA LYS NA 86 -76.37 17.09 28.04
C LYS NA 86 -77.44 18.09 28.35
N GLU NA 87 -77.52 19.07 27.45
CA GLU NA 87 -78.41 20.23 27.38
C GLU NA 87 -77.80 21.21 26.33
ZN ZN OA . 6.47 -29.32 -70.19
O3 QBQ PA . -9.76 -38.87 -41.84
C4 QBQ PA . -8.06 -31.47 -37.43
C5 QBQ PA . -9.10 -32.49 -39.51
O4 QBQ PA . -8.39 -38.48 -39.75
C6 QBQ PA . -9.85 -34.55 -40.03
N1 QBQ PA . -10.40 -29.87 -39.50
C7 QBQ PA . -10.03 -35.90 -39.40
C8 QBQ PA . -8.52 -34.34 -40.78
N2 QBQ PA . -8.93 -31.45 -38.51
C9 QBQ PA . -7.86 -33.19 -40.00
O5 QBQ PA . -6.06 -38.77 -39.11
C10 QBQ PA . -9.41 -28.08 -37.50
O6 QBQ PA . -6.89 -39.98 -41.10
N3 QBQ PA . -10.37 -27.76 -38.43
O7 QBQ PA . -6.58 -37.51 -41.16
O8 QBQ PA . -4.36 -38.21 -42.00
N QBQ PA . -11.80 -28.19 -40.17
C QBQ PA . -10.84 -28.63 -39.37
O QBQ PA . -9.92 -33.51 -39.02
C1 QBQ PA . -9.49 -30.22 -38.59
C2 QBQ PA . -8.96 -29.43 -37.58
C3 QBQ PA . -8.05 -30.24 -36.85
O1 QBQ PA . -10.08 -36.84 -40.48
O10 QBQ PA . -5.61 -36.58 -43.19
O11 QBQ PA . -8.77 -33.96 -42.13
O12 QBQ PA . -7.11 -32.30 -40.81
O13 QBQ PA . -8.97 -27.22 -36.74
O2 QBQ PA . -10.78 -39.00 -39.62
O9 QBQ PA . -4.71 -36.02 -41.08
P QBQ PA . -9.79 -38.35 -40.49
P1 QBQ PA . -6.93 -38.79 -40.28
P2 QBQ PA . -5.24 -37.11 -41.91
H7 QBQ PA . -7.50 -32.35 -37.15
H QBQ PA . -9.67 -32.01 -40.30
H1 QBQ PA . -10.70 -34.35 -40.69
H9 QBQ PA . -9.22 -36.19 -38.72
H8 QBQ PA . -10.96 -35.98 -38.84
H2 QBQ PA . -7.88 -35.22 -40.76
H3 QBQ PA . -7.25 -33.58 -39.19
H11 QBQ PA . -5.84 -39.49 -38.46
H16 QBQ PA . -10.74 -26.81 -38.38
H12 QBQ PA . -6.40 -36.87 -43.71
H5 QBQ PA . -12.15 -28.81 -40.90
H4 QBQ PA . -12.25 -27.28 -40.15
H6 QBQ PA . -7.46 -29.92 -35.99
H14 QBQ PA . -9.74 -34.14 -42.28
H15 QBQ PA . -6.69 -31.67 -40.18
H10 QBQ PA . -11.16 -39.91 -39.63
H13 QBQ PA . -5.13 -35.11 -41.02
ZN ZN QA . 19.35 4.47 -74.38
O3 QBQ RA . 5.60 -26.56 -79.54
C4 QBQ RA . 3.20 -27.63 -71.06
C5 QBQ RA . 3.00 -26.14 -73.11
O4 QBQ RA . 6.36 -28.09 -77.71
C6 QBQ RA . 3.31 -26.42 -75.32
N1 QBQ RA . 0.69 -25.24 -71.60
C7 QBQ RA . 3.72 -27.49 -76.30
C8 QBQ RA . 4.45 -25.52 -74.80
N2 QBQ RA . 2.57 -26.68 -71.84
C9 QBQ RA . 4.47 -25.82 -73.29
O5 QBQ RA . 8.52 -28.72 -76.70
C10 QBQ RA . 0.53 -26.30 -68.93
O6 QBQ RA . 8.49 -27.29 -78.77
N3 QBQ RA . -0.33 -25.37 -69.46
O7 QBQ RA . 7.75 -26.39 -76.59
O8 QBQ RA . 10.13 -25.71 -76.35
N QBQ RA . -1.15 -23.97 -71.10
C QBQ RA . -0.25 -24.87 -70.73
O QBQ RA . 2.70 -27.02 -74.16
C1 QBQ RA . 1.54 -26.17 -71.12
C2 QBQ RA . 1.53 -26.74 -69.86
C3 QBQ RA . 2.59 -27.69 -69.84
O1 QBQ RA . 4.27 -26.84 -77.47
O10 QBQ RA . 8.41 -24.09 -76.12
O11 QBQ RA . 4.13 -24.16 -75.07
O12 QBQ RA . 4.83 -24.71 -72.50
O13 QBQ RA . 0.43 -26.63 -67.76
O2 QBQ RA . 4.39 -28.63 -79.05
O9 QBQ RA . 8.65 -25.78 -74.47
P QBQ RA . 5.16 -27.50 -78.55
P1 QBQ RA . 7.88 -27.67 -77.51
P2 QBQ RA . 8.82 -25.46 -75.88
H7 QBQ RA . 4.05 -28.22 -71.42
H QBQ RA . 2.35 -25.28 -73.28
H1 QBQ RA . 2.52 -25.82 -75.78
H9 QBQ RA . 4.50 -28.15 -75.91
H8 QBQ RA . 2.91 -28.13 -76.63
H2 QBQ RA . 5.41 -25.76 -75.25
H3 QBQ RA . 5.11 -26.68 -73.08
H11 QBQ RA . 9.46 -29.02 -76.68
H16 QBQ RA . -1.07 -25.04 -68.84
H12 QBQ RA . 7.95 -23.77 -76.95
H5 QBQ RA . -1.10 -23.60 -72.04
H4 QBQ RA . -1.91 -23.60 -70.55
H6 QBQ RA . 2.86 -28.33 -68.99
H14 QBQ RA . 3.41 -24.18 -75.74
H15 QBQ RA . 4.83 -25.04 -71.56
H10 QBQ RA . 4.34 -29.06 -79.93
H13 QBQ RA . 7.88 -25.50 -73.92
ZN ZN SA . 16.06 21.48 -42.33
O3 QBQ TA . 18.48 13.92 -75.72
C4 QBQ TA . 15.80 5.60 -74.71
C5 QBQ TA . 15.21 8.05 -74.44
O4 QBQ TA . 19.76 11.79 -76.09
C6 QBQ TA . 15.96 10.00 -75.33
N1 QBQ TA . 12.55 6.88 -74.32
C7 QBQ TA . 16.98 10.47 -76.32
C8 QBQ TA . 16.43 9.93 -73.88
N2 QBQ TA . 14.91 6.64 -74.61
C9 QBQ TA . 16.37 8.43 -73.56
O5 QBQ TA . 21.74 10.70 -75.22
C10 QBQ TA . 12.55 4.02 -74.13
O6 QBQ TA . 21.53 13.10 -74.84
N3 QBQ TA . 11.44 4.82 -73.96
O7 QBQ TA . 20.01 11.49 -73.68
O8 QBQ TA . 21.60 11.75 -71.78
N QBQ TA . 10.32 6.82 -73.79
C QBQ TA . 11.46 6.18 -74.06
O QBQ TA . 15.49 8.67 -75.67
C1 QBQ TA . 13.66 6.13 -74.46
C2 QBQ TA . 13.76 4.74 -74.40
C3 QBQ TA . 15.13 4.41 -74.57
O1 QBQ TA . 17.31 11.81 -75.93
O10 QBQ TA . 19.23 11.70 -71.36
O11 QBQ TA . 15.58 10.71 -73.06
O12 QBQ TA . 16.03 8.14 -72.21
O13 QBQ TA . 12.44 2.80 -73.98
O2 QBQ TA . 18.38 12.72 -77.89
O9 QBQ TA . 20.31 9.74 -72.04
P QBQ TA . 18.49 12.66 -76.42
P1 QBQ TA . 20.88 11.82 -74.97
P2 QBQ TA . 20.35 11.19 -72.15
H7 QBQ TA . 16.87 5.74 -74.86
H QBQ TA . 14.26 8.50 -74.13
H1 QBQ TA . 15.07 10.63 -75.41
H9 QBQ TA . 17.89 9.87 -76.31
H8 QBQ TA . 16.63 10.50 -77.36
H2 QBQ TA . 17.46 10.29 -73.76
H3 QBQ TA . 17.29 7.93 -73.83
H11 QBQ TA . 22.52 10.62 -75.83
H16 QBQ TA . 10.58 4.32 -73.75
H12 QBQ TA . 18.86 12.62 -71.39
H5 QBQ TA . 10.31 7.84 -73.88
H4 QBQ TA . 9.45 6.41 -73.51
H6 QBQ TA . 15.54 3.40 -74.59
H14 QBQ TA . 15.13 11.36 -73.68
H15 QBQ TA . 16.11 7.15 -72.13
H10 QBQ TA . 18.73 13.34 -78.56
H13 QBQ TA . 19.49 9.22 -71.86
ZN ZN UA . 0.88 -1.37 -18.64
O3 QBQ VA . 11.36 26.30 -35.60
C4 QBQ VA . 12.51 22.16 -43.30
C5 QBQ VA . 10.87 22.77 -41.45
O4 QBQ VA . 13.45 25.91 -36.92
C6 QBQ VA . 10.82 24.33 -39.82
N1 QBQ VA . 9.02 22.08 -43.57
C7 QBQ VA . 11.64 25.48 -39.31
C8 QBQ VA . 11.10 22.97 -39.15
N2 QBQ VA . 11.25 22.39 -42.81
C9 QBQ VA . 11.61 22.10 -40.31
O5 QBQ VA . 15.58 24.79 -36.50
C10 QBQ VA . 10.24 20.82 -45.84
O6 QBQ VA . 14.20 25.38 -34.59
N3 QBQ VA . 8.89 20.92 -45.63
O7 QBQ VA . 13.51 23.57 -36.14
O8 QBQ VA . 14.73 22.03 -34.65
N QBQ VA . 6.99 21.51 -44.47
C QBQ VA . 8.32 21.52 -44.56
O QBQ VA . 11.06 24.14 -41.24
C1 QBQ VA . 10.35 21.99 -43.73
C2 QBQ VA . 11.04 21.42 -44.80
C3 QBQ VA . 12.43 21.56 -44.52
O1 QBQ VA . 11.25 25.68 -37.94
O10 QBQ VA . 12.49 21.70 -35.12
O11 QBQ VA . 9.90 22.44 -38.59
O12 QBQ VA . 11.24 20.74 -40.21
O13 QBQ VA . 10.67 20.18 -46.79
O2 QBQ VA . 12.04 27.85 -37.38
O9 QBQ VA . 14.07 21.33 -36.83
P QBQ VA . 11.98 26.49 -36.89
P1 QBQ VA . 14.27 24.95 -35.94
P2 QBQ VA . 13.75 22.09 -35.63
H7 QBQ VA . 13.41 22.43 -42.75
H QBQ VA . 9.80 22.63 -41.41
H1 QBQ VA . 9.76 24.58 -39.75
H9 QBQ VA . 12.71 25.28 -39.32
H8 QBQ VA . 11.47 26.41 -39.84
H2 QBQ VA . 11.85 23.04 -38.37
H3 QBQ VA . 12.69 22.20 -40.41
H11 QBQ VA . 16.36 25.41 -36.51
H16 QBQ VA . 8.31 20.51 -46.36
H12 QBQ VA . 12.07 22.20 -34.37
H5 QBQ VA . 6.55 21.97 -43.68
H4 QBQ VA . 6.36 21.09 -45.14
H6 QBQ VA . 13.24 21.23 -45.17
H14 QBQ VA . 9.27 23.21 -38.54
H15 QBQ VA . 11.76 20.28 -40.92
H10 QBQ VA . 12.22 28.72 -36.92
H13 QBQ VA . 13.40 21.09 -37.53
ZN ZN WA . -4.99 -33.00 -35.92
O3 QBQ XA . -6.38 -6.34 -14.85
C4 QBQ XA . -2.53 -0.68 -20.12
C5 QBQ XA . -4.48 -2.30 -19.86
O4 QBQ XA . -4.29 -4.99 -14.52
C6 QBQ XA . -5.51 -3.22 -18.06
N1 QBQ XA . -5.46 -0.66 -22.04
C7 QBQ XA . -5.36 -3.15 -16.56
C8 QBQ XA . -4.67 -4.32 -18.75
N2 QBQ XA . -3.80 -1.13 -20.42
C9 QBQ XA . -3.65 -3.51 -19.56
O5 QBQ XA . -1.95 -5.59 -14.25
C10 QBQ XA . -3.53 1.18 -23.11
O6 QBQ XA . -3.66 -7.32 -13.77
N3 QBQ XA . -4.79 0.96 -23.64
O7 QBQ XA . -3.24 -6.56 -16.10
O8 QBQ XA . -1.74 -8.52 -16.20
N QBQ XA . -6.85 -0.05 -23.75
C QBQ XA . -5.69 0.08 -23.12
O QBQ XA . -5.11 -1.97 -18.66
C1 QBQ XA . -4.27 -0.46 -21.50
C2 QBQ XA . -3.26 0.41 -21.93
C3 QBQ XA . -2.17 0.27 -21.04
O1 QBQ XA . -6.10 -4.26 -16.04
O10 QBQ XA . -3.25 -8.14 -17.98
O11 QBQ XA . -5.52 -5.12 -19.57
O12 QBQ XA . -3.26 -4.10 -20.79
O13 QBQ XA . -2.75 1.93 -23.67
O2 QBQ XA . -6.41 -4.13 -13.67
O9 QBQ XA . -1.41 -6.65 -17.65
P QBQ XA . -5.85 -4.99 -14.73
P1 QBQ XA . -3.23 -6.18 -14.56
P2 QBQ XA . -2.37 -7.55 -16.98
H7 QBQ XA . -1.95 -1.05 -19.28
H QBQ XA . -5.28 -2.50 -20.57
H1 QBQ XA . -6.56 -3.31 -18.30
H9 QBQ XA . -4.32 -3.24 -16.23
H8 QBQ XA . -5.76 -2.24 -16.12
H2 QBQ XA . -4.17 -4.96 -18.03
H3 QBQ XA . -2.78 -3.29 -18.95
H11 QBQ XA . -1.60 -5.22 -13.40
H16 QBQ XA . -5.02 1.50 -24.47
H12 QBQ XA . -4.13 -8.55 -17.80
H5 QBQ XA . -7.54 -0.70 -23.38
H4 QBQ XA . -7.15 0.44 -24.58
H6 QBQ XA . -1.22 0.81 -21.09
H14 QBQ XA . -6.45 -4.92 -19.27
H15 QBQ XA . -2.57 -3.50 -21.16
H10 QBQ XA . -6.71 -4.33 -12.75
H13 QBQ XA . -1.62 -6.17 -18.50
ZN ZN YA . 9.92 -31.56 -22.97
O3 QBQ ZA . 17.45 -47.83 -52.30
C4 QBQ ZA . 20.67 -40.71 -56.30
C5 QBQ ZA . 20.86 -42.26 -54.30
O4 QBQ ZA . 16.70 -46.42 -54.23
C6 QBQ ZA . 20.30 -44.40 -53.85
N1 QBQ ZA . 23.47 -40.96 -54.21
C7 QBQ ZA . 19.69 -45.60 -54.52
C8 QBQ ZA . 19.29 -43.48 -53.13
N2 QBQ ZA . 21.36 -41.28 -55.25
C9 QBQ ZA . 19.42 -42.14 -53.87
O5 QBQ ZA . 14.58 -45.38 -54.88
C10 QBQ ZA . 23.77 -38.77 -56.03
O6 QBQ ZA . 14.58 -46.88 -52.91
N3 QBQ ZA . 24.70 -39.15 -55.08
O7 QBQ ZA . 15.72 -44.64 -52.82
O8 QBQ ZA . 13.53 -43.92 -51.89
N QBQ ZA . 25.54 -40.45 -53.38
C QBQ ZA . 24.54 -40.19 -54.23
O QBQ ZA . 20.98 -43.56 -54.81
C1 QBQ ZA . 22.55 -40.65 -55.11
C2 QBQ ZA . 22.60 -39.63 -56.05
C3 QBQ ZA . 21.40 -39.68 -56.81
O1 QBQ ZA . 19.08 -46.39 -53.50
O10 QBQ ZA . 15.53 -43.57 -50.62
O11 QBQ ZA . 19.65 -43.37 -51.76
O12 QBQ ZA . 19.30 -40.99 -53.05
O13 QBQ ZA . 23.92 -37.75 -56.68
O2 QBQ ZA . 18.18 -48.32 -54.64
O9 QBQ ZA . 15.17 -42.30 -52.64
P QBQ ZA . 17.85 -47.32 -53.60
P1 QBQ ZA . 15.30 -45.89 -53.71
P2 QBQ ZA . 14.92 -43.58 -51.95
H7 QBQ ZA . 19.72 -41.12 -56.63
H QBQ ZA . 21.56 -42.21 -53.47
H1 QBQ ZA . 21.07 -44.73 -53.17
H9 QBQ ZA . 18.92 -45.33 -55.26
H8 QBQ ZA . 20.42 -46.23 -55.04
H2 QBQ ZA . 18.26 -43.85 -53.19
H3 QBQ ZA . 18.73 -42.10 -54.71
H11 QBQ ZA . 14.10 -45.87 -55.59
H16 QBQ ZA . 25.54 -38.58 -55.07
H12 QBQ ZA . 16.51 -43.53 -50.45
H5 QBQ ZA . 25.43 -41.23 -52.74
H4 QBQ ZA . 26.42 -39.97 -53.30
H6 QBQ ZA . 21.14 -39.02 -57.64
H14 QBQ ZA . 20.29 -44.11 -51.59
H15 QBQ ZA . 19.50 -40.23 -53.66
H10 QBQ ZA . 17.99 -49.29 -54.70
H13 QBQ ZA . 16.08 -41.93 -52.80
ZN ZN AB . 20.15 2.85 -17.38
O3 QBQ BB . 12.13 -30.27 -13.70
C4 QBQ BB . 13.49 -32.25 -22.20
C5 QBQ BB . 14.52 -31.30 -20.07
O4 QBQ BB . 10.47 -31.02 -15.48
C6 QBQ BB . 13.94 -31.37 -17.89
N1 QBQ BB . 16.94 -31.96 -21.54
C7 QBQ BB . 12.86 -31.98 -17.02
C8 QBQ BB . 13.65 -29.95 -18.40
N2 QBQ BB . 14.55 -31.96 -21.37
C9 QBQ BB . 13.58 -30.13 -19.91
O5 QBQ BB . 8.38 -30.13 -16.47
C10 QBQ BB . 16.47 -32.65 -24.29
O6 QBQ BB . 9.26 -29.10 -14.39
N3 QBQ BB . 17.71 -32.45 -23.73
O7 QBQ BB . 10.48 -28.82 -16.54
O8 QBQ BB . 9.20 -26.72 -16.67
N QBQ BB . 19.17 -31.95 -22.01
C QBQ BB . 17.92 -32.13 -22.42
O QBQ BB . 14.16 -32.20 -19.06
C1 QBQ BB . 15.71 -32.14 -22.06
C2 QBQ BB . 15.38 -32.51 -23.36
C3 QBQ BB . 13.96 -32.58 -23.43
O1 QBQ BB . 12.90 -31.30 -15.76
O10 QBQ BB . 11.54 -26.62 -16.94
O11 QBQ BB . 14.71 -29.09 -18.01
O12 QBQ BB . 14.08 -29.04 -20.65
O13 QBQ BB . 16.38 -32.85 -25.49
O2 QBQ BB . 11.76 -32.63 -14.18
O9 QBQ BB . 10.20 -27.67 -18.64
P QBQ BB . 11.82 -31.28 -14.69
P1 QBQ BB . 9.54 -29.75 -15.65
P2 QBQ BB . 10.32 -27.39 -17.19
H7 QBQ BB . 12.45 -32.21 -21.87
H QBQ BB . 15.56 -31.06 -19.87
H1 QBQ BB . 14.88 -31.41 -17.34
H9 QBQ BB . 11.86 -31.85 -17.43
H8 QBQ BB . 12.99 -33.04 -16.82
H2 QBQ BB . 12.71 -29.55 -18.01
H3 QBQ BB . 12.56 -30.36 -20.22
H11 QBQ BB . 7.62 -30.74 -16.27
H16 QBQ BB . 18.48 -32.57 -24.37
H12 QBQ BB . 12.20 -26.78 -16.24
H5 QBQ BB . 19.33 -31.73 -21.04
H4 QBQ BB . 20.00 -32.00 -22.58
H6 QBQ BB . 13.38 -32.86 -24.31
H14 QBQ BB . 15.28 -29.62 -17.39
H15 QBQ BB . 13.80 -29.20 -21.60
H10 QBQ BB . 11.83 -33.01 -13.26
H13 QBQ BB . 10.97 -27.84 -19.23
ZN ZN CB . 33.90 15.87 -48.35
O3 QBQ DB . 26.36 9.76 -15.61
C4 QBQ DB . 23.70 1.47 -16.98
C5 QBQ DB . 25.61 3.11 -17.23
O4 QBQ DB . 24.10 8.78 -15.28
C6 QBQ DB . 26.16 5.08 -16.26
N1 QBQ DB . 27.06 0.61 -17.49
C7 QBQ DB . 25.61 6.01 -15.22
C8 QBQ DB . 25.71 5.37 -17.70
N2 QBQ DB . 25.03 1.79 -17.10
C9 QBQ DB . 24.88 4.14 -18.06
O5 QBQ DB . 21.94 9.34 -16.29
C10 QBQ DB . 25.36 -1.70 -17.77
O6 QBQ DB . 23.82 10.93 -16.47
N3 QBQ DB . 26.72 -1.71 -17.89
O7 QBQ DB . 23.82 8.76 -17.72
O8 QBQ DB . 22.66 9.97 -19.53
N QBQ DB . 28.83 -0.79 -17.87
C QBQ DB . 27.52 -0.61 -17.74
O QBQ DB . 25.77 3.72 -15.97
C1 QBQ DB . 25.72 0.65 -17.34
C2 QBQ DB . 24.82 -0.40 -17.44
C3 QBQ DB . 23.53 0.14 -17.19
O1 QBQ DB . 26.06 7.33 -15.55
O10 QBQ DB . 24.66 8.78 -19.99
O11 QBQ DB . 26.85 5.53 -18.54
O12 QBQ DB . 24.93 3.76 -19.43
O13 QBQ DB . 24.70 -2.70 -17.99
O2 QBQ DB . 25.81 8.61 -13.54
O9 QBQ DB . 22.65 7.55 -19.47
P QBQ DB . 25.65 8.68 -14.99
P1 QBQ DB . 23.37 9.57 -16.44
P2 QBQ DB . 23.41 8.80 -19.24
H7 QBQ DB . 22.93 2.21 -16.75
H QBQ DB . 26.62 2.91 -17.57
H1 QBQ DB . 27.24 5.08 -16.18
H9 QBQ DB . 24.51 6.02 -15.17
H8 QBQ DB . 25.96 5.79 -14.21
H2 QBQ DB . 25.10 6.27 -17.76
H3 QBQ DB . 23.85 4.28 -17.74
H11 QBQ DB . 21.29 9.70 -15.64
H16 QBQ DB . 27.13 -2.62 -18.10
H12 QBQ DB . 25.41 8.14 -19.83
H5 QBQ DB . 29.44 0.02 -17.77
H4 QBQ DB . 29.32 -1.65 -18.05
H6 QBQ DB . 22.60 -0.43 -17.18
H14 QBQ DB . 27.63 5.61 -17.93
H15 QBQ DB . 24.78 2.77 -19.43
H10 QBQ DB . 26.28 9.21 -12.90
H13 QBQ DB . 23.07 6.66 -19.50
ZN ZN EB . 32.05 -10.60 -73.39
O3 QBQ FB . 40.64 17.06 -55.17
C4 QBQ FB . 37.22 14.12 -47.60
C5 QBQ FB . 38.89 13.58 -49.46
O4 QBQ FB . 38.71 17.87 -53.77
C6 QBQ FB . 40.03 14.76 -51.01
N1 QBQ FB . 39.85 11.79 -47.36
C7 QBQ FB . 40.25 16.17 -51.44
C8 QBQ FB . 38.89 14.03 -51.74
N2 QBQ FB . 38.35 13.49 -48.10
C9 QBQ FB . 37.91 13.67 -50.61
O5 QBQ FB . 36.32 18.30 -54.12
C10 QBQ FB . 38.09 11.60 -45.10
O6 QBQ FB . 37.78 18.04 -56.11
N3 QBQ FB . 39.20 10.81 -45.29
O7 QBQ FB . 37.26 16.09 -54.65
O8 QBQ FB . 35.42 15.77 -56.27
N QBQ FB . 41.03 10.05 -46.47
C QBQ FB . 40.03 10.91 -46.38
O QBQ FB . 39.72 14.70 -49.60
C1 QBQ FB . 38.77 12.58 -47.19
C2 QBQ FB . 37.88 12.58 -46.13
C3 QBQ FB . 36.90 13.58 -46.40
O1 QBQ FB . 40.32 16.20 -52.88
O10 QBQ FB . 36.96 13.98 -55.80
O11 QBQ FB . 39.39 12.89 -52.41
O12 QBQ FB . 37.30 12.40 -50.74
O13 QBQ FB . 37.36 11.39 -44.15
O2 QBQ FB . 40.99 18.49 -53.18
O9 QBQ FB . 35.37 14.72 -54.11
P QBQ FB . 40.23 17.43 -53.82
P1 QBQ FB . 37.49 17.65 -54.74
P2 QBQ FB . 36.18 15.13 -55.27
H7 QBQ FB . 36.71 14.92 -48.13
H QBQ FB . 39.55 12.72 -49.53
H1 QBQ FB . 40.96 14.21 -51.11
H9 QBQ FB . 39.45 16.84 -51.14
H8 QBQ FB . 41.18 16.61 -51.06
H2 QBQ FB . 38.39 14.67 -52.46
H3 QBQ FB . 37.16 14.45 -50.46
H11 QBQ FB . 35.89 19.17 -54.31
H16 QBQ FB . 39.40 10.12 -44.58
H12 QBQ FB . 37.45 13.33 -55.24
H5 QBQ FB . 41.66 10.10 -47.25
H4 QBQ FB . 41.24 9.30 -45.82
H6 QBQ FB . 36.07 13.84 -45.75
H14 QBQ FB . 40.38 12.95 -52.34
H15 QBQ FB . 36.65 12.34 -49.99
H10 QBQ FB . 41.48 19.27 -53.54
H13 QBQ FB . 35.72 14.14 -53.39
ZN ZN GB . 17.46 -39.88 -57.66
O3 QBQ HB . 34.89 -18.71 -77.59
C4 QBQ HB . 35.31 -12.06 -71.96
C5 QBQ HB . 35.86 -14.51 -72.34
O4 QBQ HB . 33.96 -16.37 -77.73
C6 QBQ HB . 36.16 -15.81 -74.18
N1 QBQ HB . 37.59 -13.95 -70.08
C7 QBQ HB . 36.16 -15.67 -75.67
C8 QBQ HB . 34.80 -16.17 -73.56
N2 QBQ HB . 36.02 -13.21 -71.71
C9 QBQ HB . 34.46 -14.94 -72.72
O5 QBQ HB . 31.70 -15.42 -77.93
C10 QBQ HB . 37.11 -11.41 -68.85
O6 QBQ HB . 32.00 -17.82 -78.47
N3 QBQ HB . 37.95 -12.38 -68.34
O7 QBQ HB . 32.23 -17.00 -76.13
O8 QBQ HB . 29.87 -17.64 -76.20
N QBQ HB . 39.00 -14.42 -68.33
C QBQ HB . 38.17 -13.58 -68.94
O QBQ HB . 36.58 -14.58 -73.56
C1 QBQ HB . 36.77 -13.03 -70.59
C2 QBQ HB . 36.49 -11.76 -70.08
C3 QBQ HB . 35.56 -11.15 -70.97
O1 QBQ HB . 35.87 -16.97 -76.20
O10 QBQ HB . 31.32 -18.64 -74.61
O11 QBQ HB . 34.93 -17.34 -72.78
O12 QBQ HB . 33.76 -15.27 -71.53
O13 QBQ HB . 36.94 -10.36 -68.22
O2 QBQ HB . 36.21 -16.87 -78.58
O9 QBQ HB . 30.73 -16.30 -74.46
P QBQ HB . 35.23 -17.31 -77.56
P1 QBQ HB . 32.40 -16.67 -77.67
P2 QBQ HB . 30.92 -17.44 -75.34
H7 QBQ HB . 34.66 -11.95 -72.83
H QBQ HB . 36.35 -15.20 -71.68
H1 QBQ HB . 36.92 -16.53 -73.90
H9 QBQ HB . 35.39 -14.98 -76.04
H8 QBQ HB . 37.10 -15.33 -76.10
H2 QBQ HB . 34.03 -16.33 -74.33
H3 QBQ HB . 33.92 -14.20 -73.30
H11 QBQ HB . 31.35 -15.03 -78.77
H16 QBQ HB . 38.41 -12.14 -67.47
H12 QBQ HB . 32.05 -18.68 -73.93
H5 QBQ HB . 39.18 -15.32 -68.76
H4 QBQ HB . 39.48 -14.26 -67.45
H6 QBQ HB . 35.15 -10.15 -70.87
H14 QBQ HB . 35.82 -17.73 -73.03
H15 QBQ HB . 33.59 -14.40 -71.08
H10 QBQ HB . 36.39 -17.17 -79.51
H13 QBQ HB . 31.38 -16.04 -73.75
ZN ZN IB . -15.24 -21.36 37.96
O3 QBQ JB . 2.14 -3.63 14.83
C4 QBQ JB . 3.11 3.61 19.78
C5 QBQ JB . 3.53 1.11 19.63
O4 QBQ JB . 1.33 -1.26 14.51
C6 QBQ JB . 3.64 -0.38 17.95
N1 QBQ JB . 5.47 1.85 21.69
C7 QBQ JB . 3.55 -0.43 16.45
C8 QBQ JB . 2.30 -0.60 18.68
N2 QBQ JB . 3.78 2.46 20.12
C9 QBQ JB . 2.08 0.73 19.41
O5 QBQ JB . -0.88 -0.18 14.28
C10 QBQ JB . 5.21 4.55 22.63
O6 QBQ JB . -0.65 -2.65 13.90
N3 QBQ JB . 6.09 3.62 23.15
O7 QBQ JB . -0.41 -1.66 16.19
O8 QBQ JB . -1.92 -0.63 17.83
N QBQ JB . 7.13 1.57 23.24
C QBQ JB . 6.20 2.34 22.68
O QBQ JB . 4.15 0.89 18.40
C1 QBQ JB . 4.63 2.73 21.15
C2 QBQ JB . 4.45 4.06 21.51
C3 QBQ JB . 3.49 4.62 20.62
O1 QBQ JB . 3.11 -1.75 16.10
O10 QBQ JB . -2.81 -2.20 16.23
O11 QBQ JB . 2.43 -1.71 19.57
O12 QBQ JB . 1.48 0.65 20.69
O13 QBQ JB . 5.07 5.64 23.17
O2 QBQ JB . 3.54 -1.96 13.75
O9 QBQ JB . -1.40 -2.97 18.00
P QBQ JB . 2.53 -2.25 14.77
P1 QBQ JB . -0.25 -1.46 14.63
P2 QBQ JB . -1.69 -1.81 17.14
H7 QBQ JB . 2.40 3.66 18.96
H QBQ JB . 4.04 0.46 20.35
H1 QBQ JB . 4.39 -1.12 18.28
H9 QBQ JB . 2.84 0.28 16.04
H8 QBQ JB . 4.50 -0.26 15.94
H2 QBQ JB . 1.48 -0.79 17.99
H3 QBQ JB . 1.56 1.43 18.77
H11 QBQ JB . -1.18 0.15 13.40
H16 QBQ JB . 6.67 3.94 23.91
H12 QBQ JB . -2.81 -2.99 15.64
H5 QBQ JB . 7.77 1.93 23.94
H4 QBQ JB . 7.29 0.60 22.98
H6 QBQ JB . 3.14 5.65 20.63
H14 QBQ JB . 3.05 -2.34 19.11
H15 QBQ JB . 1.32 1.59 20.97
H10 QBQ JB . 3.70 -2.35 12.85
H13 QBQ JB . -0.68 -2.97 18.69
O3 QBQ KB . -14.64 -29.31 42.55
C4 QBQ KB . -11.79 -22.32 39.52
C5 QBQ KB . -11.60 -23.45 41.79
O4 QBQ KB . -16.05 -27.31 42.60
C6 QBQ KB . -12.31 -25.43 42.63
N1 QBQ KB . -8.93 -22.29 41.58
C7 QBQ KB . -13.05 -26.66 42.21
C8 QBQ KB . -13.16 -24.32 43.27
N2 QBQ KB . -11.09 -22.70 40.66
C9 QBQ KB . -12.97 -23.12 42.34
O5 QBQ KB . -18.02 -26.06 41.82
C10 QBQ KB . -8.58 -20.54 39.34
O6 QBQ KB . -18.21 -27.32 43.93
N3 QBQ KB . -7.64 -20.77 40.31
O7 QBQ KB . -16.76 -25.30 43.81
O8 QBQ KB . -18.79 -24.28 44.80
N QBQ KB . -6.84 -21.68 42.27
C QBQ KB . -7.82 -21.60 41.38
O QBQ KB . -11.66 -24.82 41.50
C1 QBQ KB . -9.87 -22.11 40.64
C2 QBQ KB . -9.79 -21.30 39.52
C3 QBQ KB . -11.01 -21.45 38.80
O1 QBQ KB . -13.70 -27.19 43.38
O10 QBQ KB . -16.66 -23.72 45.58
O11 QBQ KB . -12.65 -24.02 44.57
O12 QBQ KB . -12.91 -21.90 43.03
O13 QBQ KB . -8.37 -19.69 38.47
O2 QBQ KB . -15.27 -28.31 44.68
O9 QBQ KB . -17.27 -23.00 43.46
P QBQ KB . -14.91 -28.13 43.33
P1 QBQ KB . -17.36 -26.54 43.04
P2 QBQ KB . -17.46 -24.03 44.46
H7 QBQ KB . -12.79 -22.67 39.29
H QBQ KB . -10.81 -23.37 42.54
H1 QBQ KB . -11.49 -25.71 43.30
H9 QBQ KB . -13.81 -26.46 41.47
H8 QBQ KB . -12.42 -27.44 41.80
H2 QBQ KB . -14.21 -24.59 43.35
H3 QBQ KB . -13.74 -23.10 41.57
H11 QBQ KB . -18.95 -26.15 41.50
H16 QBQ KB . -6.77 -20.26 40.20
H12 QBQ KB . -16.52 -24.32 46.36
H5 QBQ KB . -6.00 -21.14 42.18
H4 QBQ KB . -6.87 -22.28 43.09
H6 QBQ KB . -11.26 -20.97 37.86
H14 QBQ KB . -12.14 -24.84 44.85
H15 QBQ KB . -12.78 -21.20 42.33
H10 QBQ KB . -14.70 -28.57 45.45
H13 QBQ KB . -16.41 -22.53 43.31
ZN ZN LB . -19.74 -8.18 71.98
O3 QBQ MB . -16.85 -5.93 80.81
C4 QBQ MB . -16.09 -8.98 72.61
C5 QBQ MB . -14.90 -7.84 74.53
O4 QBQ MB . -18.66 -6.78 79.28
C6 QBQ MB . -15.24 -7.73 76.76
N1 QBQ MB . -12.59 -8.80 72.96
C7 QBQ MB . -16.16 -8.25 77.83
C8 QBQ MB . -15.68 -6.39 76.15
N2 QBQ MB . -14.96 -8.63 73.31
C9 QBQ MB . -15.90 -6.73 74.68
O5 QBQ MB . -20.75 -5.90 78.36
C10 QBQ MB . -13.32 -9.88 70.40
O6 QBQ MB . -19.74 -4.73 80.28
N3 QBQ MB . -12.03 -9.74 70.87
O7 QBQ MB . -18.64 -4.69 78.03
O8 QBQ MB . -17.54 -2.63 77.40
N QBQ MB . -10.41 -9.20 72.42
C QBQ MB . -11.69 -9.23 72.08
O QBQ MB . -15.12 -8.66 75.66
C1 QBQ MB . -13.87 -8.96 72.57
C2 QBQ MB . -14.31 -9.49 71.36
C3 QBQ MB . -15.73 -9.50 71.41
O1 QBQ MB . -16.22 -7.22 78.82
O10 QBQ MB . -19.90 -2.54 77.77
O11 QBQ MB . -14.64 -5.43 76.34
O12 QBQ MB . -15.55 -5.68 73.79
O13 QBQ MB . -13.53 -10.23 69.26
O2 QBQ MB . -17.33 -8.31 80.63
O9 QBQ MB . -19.04 -3.70 75.88
P QBQ MB . -17.25 -7.03 79.96
P1 QBQ MB . -19.53 -5.48 79.07
P2 QBQ MB . -18.75 -3.30 77.26
H7 QBQ MB . -17.09 -8.85 73.01
H QBQ MB . -13.87 -7.52 74.61
H1 QBQ MB . -14.24 -7.65 77.17
H9 QBQ MB . -15.79 -9.16 78.31
H8 QBQ MB . -17.18 -8.46 77.50
H2 QBQ MB . -16.59 -6.01 76.59
H3 QBQ MB . -16.92 -7.05 74.50
H11 QBQ MB . -21.67 -5.53 78.37
H16 QBQ MB . -11.30 -10.05 70.23
H12 QBQ MB . -20.13 -2.43 78.73
H5 QBQ MB . -10.14 -8.81 73.30
H4 QBQ MB . -9.64 -9.55 71.85
H6 QBQ MB . -16.38 -9.86 70.61
H14 QBQ MB . -13.99 -5.84 76.97
H15 QBQ MB . -15.78 -6.02 72.87
H10 QBQ MB . -17.55 -8.57 81.56
H13 QBQ MB . -18.37 -4.14 75.28
ZN ZN NB . -7.36 25.97 72.80
O3 QBQ OB . -0.75 32.78 73.04
C4 QBQ OB . -3.83 24.62 73.03
C5 QBQ OB . -1.87 26.10 72.42
O4 QBQ OB . -3.00 31.92 73.71
C6 QBQ OB . -1.19 28.15 73.11
N1 QBQ OB . -0.57 23.44 72.49
C7 QBQ OB . -1.62 29.17 74.12
C8 QBQ OB . -1.84 28.30 71.73
N2 QBQ OB . -2.49 24.83 72.79
C9 QBQ OB . -2.72 27.06 71.63
O5 QBQ OB . -3.47 33.93 72.38
C10 QBQ OB . -2.43 21.26 72.70
O6 QBQ OB . -5.33 32.38 72.85
N3 QBQ OB . -1.08 21.13 72.50
O7 QBQ OB . -3.45 31.71 71.32
O8 QBQ OB . -2.79 31.43 69.02
N QBQ OB . 1.09 21.86 72.24
C QBQ OB . -0.20 22.17 72.40
O QBQ OB . -1.52 26.81 73.57
C1 QBQ OB . -1.87 23.61 72.70
C2 QBQ OB . -2.85 22.63 72.83
C3 QBQ OB . -4.08 23.28 73.06
O1 QBQ OB . -0.98 30.39 73.72
O10 QBQ OB . -4.88 30.50 69.73
O11 QBQ OB . -0.84 28.30 70.72
O12 QBQ OB . -2.90 26.59 70.31
O13 QBQ OB . -3.17 20.29 72.65
O2 QBQ OB . -1.20 32.05 75.41
O9 QBQ OB . -4.63 32.88 69.50
P QBQ OB . -1.43 31.85 73.94
P1 QBQ OB . -3.91 32.55 72.58
P2 QBQ OB . -3.93 31.62 69.81
H7 QBQ OB . -4.53 25.43 73.17
H QBQ OB . -0.94 25.85 71.93
H1 QBQ OB . -0.11 28.16 73.04
H9 QBQ OB . -2.69 29.34 74.15
H8 QBQ OB . -1.31 28.97 75.15
H2 QBQ OB . -2.44 29.20 71.64
H3 QBQ OB . -3.70 27.25 72.10
H11 QBQ OB . -2.56 34.32 72.27
H16 QBQ OB . -0.75 20.17 72.43
H12 QBQ OB . -5.12 30.02 68.91
H5 QBQ OB . 1.76 22.63 72.16
H4 QBQ OB . 1.46 20.93 72.18
H6 QBQ OB . -5.04 22.78 73.22
H14 QBQ OB . 0.03 28.36 71.19
H15 QBQ OB . -3.42 25.75 70.39
H10 QBQ OB . -1.03 32.87 75.94
H13 QBQ OB . -4.35 33.76 69.86
ZN ZN PB . 4.85 34.15 39.63
ZN ZN QB . 0.02 5.05 18.30
O3 QBQ RB . 11.93 35.87 33.95
C4 QBQ RB . 8.02 32.30 40.39
C5 QBQ RB . 9.57 31.57 38.53
O4 QBQ RB . 9.48 35.22 33.73
C6 QBQ RB . 10.65 32.51 36.75
N1 QBQ RB . 10.63 29.95 40.81
C7 QBQ RB . 10.79 33.89 36.18
C8 QBQ RB . 9.45 31.70 36.19
N2 QBQ RB . 9.13 31.60 39.92
C9 QBQ RB . 8.54 31.55 37.42
O5 QBQ RB . 7.05 35.85 33.42
C10 QBQ RB . 8.97 30.11 43.17
O6 QBQ RB . 8.45 35.14 31.39
N3 QBQ RB . 10.07 29.30 43.04
O7 QBQ RB . 7.89 33.46 33.20
O8 QBQ RB . 5.84 32.24 34.04
N QBQ RB . 11.83 28.31 41.91
C QBQ RB . 10.85 29.22 41.91
O QBQ RB . 10.52 32.55 38.19
C1 QBQ RB . 9.56 30.77 40.92
C2 QBQ RB . 8.71 30.91 42.02
C3 QBQ RB . 7.74 31.90 41.67
O1 QBQ RB . 11.09 33.71 34.79
O10 QBQ RB . 5.93 33.01 31.67
O11 QBQ RB . 9.87 30.47 35.62
O12 QBQ RB . 7.86 30.29 37.48
O13 QBQ RB . 8.25 30.04 44.16
O2 QBQ RB . 11.19 34.02 32.31
O9 QBQ RB . 7.45 31.16 32.40
P QBQ RB . 11.00 34.74 33.64
P1 QBQ RB . 8.19 34.98 32.83
P2 QBQ RB . 6.72 32.43 32.84
H7 QBQ RB . 7.50 33.03 39.78
H QBQ RB . 9.48 32.59 38.88
H1 QBQ RB . 11.61 32.02 36.64
H9 QBQ RB . 11.60 34.46 36.63
H8 QBQ RB . 9.90 34.52 36.27
H2 QBQ RB . 8.91 32.24 35.41
H3 QBQ RB . 7.77 32.32 37.43
H11 QBQ RB . 6.61 36.67 33.05
H16 QBQ RB . 10.29 28.73 43.85
H12 QBQ RB . 6.31 33.23 30.78
H5 QBQ RB . 12.43 28.22 41.10
H4 QBQ RB . 12.04 27.69 42.68
H6 QBQ RB . 6.93 32.26 42.30
H14 QBQ RB . 9.04 30.03 35.29
H15 QBQ RB . 7.27 30.34 38.28
H10 QBQ RB . 11.89 34.09 31.61
H13 QBQ RB . 8.05 30.63 33.00
ZN ZN SB . -11.93 20.78 15.82
O3 QBQ TB . -28.73 -11.65 16.28
C4 QBQ TB . -29.34 -9.44 24.45
C5 QBQ TB . -29.49 -8.27 22.25
O4 QBQ TB . -26.65 -11.17 17.62
C6 QBQ TB . -29.28 -9.01 20.13
N1 QBQ TB . -31.68 -6.95 23.76
C7 QBQ TB . -28.99 -10.27 19.36
C8 QBQ TB . -28.05 -8.14 20.45
N2 QBQ TB . -29.89 -8.53 23.62
C9 QBQ TB . -28.01 -8.14 21.98
O5 QBQ TB . -24.40 -11.76 18.44
C10 QBQ TB . -31.69 -7.62 26.55
O6 QBQ TB . -24.57 -10.49 16.31
N3 QBQ TB . -32.59 -6.78 25.94
O7 QBQ TB . -25.15 -9.40 18.50
O8 QBQ TB . -22.75 -8.79 18.26
N QBQ TB . -33.63 -5.82 24.12
C QBQ TB . -32.59 -6.48 24.61
O QBQ TB . -29.92 -9.30 21.39
C1 QBQ TB . -30.81 -7.81 24.32
C2 QBQ TB . -30.76 -8.21 25.64
C3 QBQ TB . -29.80 -9.25 25.72
O1 QBQ TB . -28.80 -9.89 17.98
O10 QBQ TB . -24.40 -7.02 18.36
O11 QBQ TB . -28.26 -6.84 19.92
O12 QBQ TB . -27.56 -6.92 22.54
O13 QBQ TB . -31.68 -7.76 27.77
O2 QBQ TB . -27.43 -9.55 15.97
O9 QBQ TB . -23.95 -8.38 20.33
P QBQ TB . -27.93 -10.60 16.88
P1 QBQ TB . -25.12 -10.74 17.65
P2 QBQ TB . -23.99 -8.37 18.85
H7 QBQ TB . -28.88 -10.30 23.97
H QBQ TB . -30.07 -7.41 21.96
H1 QBQ TB . -30.02 -8.43 19.58
H9 QBQ TB . -28.10 -10.79 19.71
H8 QBQ TB . -29.81 -11.00 19.40
H2 QBQ TB . -27.13 -8.55 20.04
H3 QBQ TB . -27.43 -8.99 22.36
H11 QBQ TB . -23.72 -12.43 18.16
H16 QBQ TB . -33.29 -6.38 26.56
H12 QBQ TB . -25.11 -6.46 18.77
H5 QBQ TB . -33.61 -5.53 23.15
H4 QBQ TB . -34.46 -5.54 24.63
H6 QBQ TB . -29.51 -9.77 26.63
H14 QBQ TB . -27.39 -6.37 20.00
H15 QBQ TB . -27.45 -7.10 23.52
H10 QBQ TB . -27.59 -9.37 15.01
H13 QBQ TB . -23.56 -7.65 20.87
ZN ZN UB . -12.21 42.03 45.52
O3 QBQ VB . -12.29 30.16 13.58
C4 QBQ VB . -15.38 22.17 15.52
C5 QBQ VB . -15.80 24.67 15.62
O4 QBQ VB . -11.28 27.84 13.28
C6 QBQ VB . -15.03 26.44 14.48
N1 QBQ VB . -18.49 23.67 16.15
C7 QBQ VB . -14.12 26.81 13.34
C8 QBQ VB . -14.39 26.48 15.88
N2 QBQ VB . -16.20 23.28 15.62
C9 QBQ VB . -14.56 25.04 16.38
O5 QBQ VB . -9.32 26.66 14.17
C10 QBQ VB . -18.63 20.83 16.54
O6 QBQ VB . -9.30 29.09 14.19
N3 QBQ VB . -19.68 21.70 16.70
O7 QBQ VB . -10.84 27.82 15.70
O8 QBQ VB . -11.25 28.66 17.99
N QBQ VB . -20.71 23.77 16.68
C QBQ VB . -19.61 23.05 16.50
O QBQ VB . -15.55 25.11 14.30
C1 QBQ VB . -17.44 22.85 15.98
C2 QBQ VB . -17.41 21.48 16.13
C3 QBQ VB . -16.08 21.05 15.83
O1 QBQ VB . -13.69 28.16 13.57
O10 QBQ VB . -8.99 28.09 17.36
O11 QBQ VB . -15.08 27.42 16.70
O12 QBQ VB . -14.82 24.91 17.76
O13 QBQ VB . -18.76 19.64 16.77
O2 QBQ VB . -12.62 28.87 11.50
O9 QBQ VB . -10.60 26.35 17.58
P QBQ VB . -12.44 28.86 12.96
P1 QBQ VB . -10.07 27.88 14.31
P2 QBQ VB . -10.44 27.78 17.24
H7 QBQ VB . -14.33 22.24 15.22
H QBQ VB . -16.69 25.22 15.91
H1 QBQ VB . -15.92 27.08 14.44
H9 QBQ VB . -13.24 26.18 13.29
H8 QBQ VB . -14.59 26.77 12.36
H2 QBQ VB . -13.34 26.73 15.84
H3 QBQ VB . -13.71 24.43 16.10
H11 QBQ VB . -8.34 26.54 14.08
H16 QBQ VB . -20.56 21.28 16.98
H12 QBQ VB . -8.56 28.90 17.01
H5 QBQ VB . -20.66 24.77 16.54
H4 QBQ VB . -21.62 23.42 16.95
H6 QBQ VB . -15.73 20.02 15.85
H14 QBQ VB . -15.49 28.08 16.07
H15 QBQ VB . -14.81 23.93 17.95
H10 QBQ VB . -12.70 29.60 10.85
H13 QBQ VB . -10.74 26.03 18.51
ZN ZN WB . -26.88 22.82 73.01
O3 QBQ XB . -15.57 49.14 50.21
C4 QBQ XB . -15.95 42.82 44.96
C5 QBQ XB . -17.47 43.59 46.85
O4 QBQ XB . -14.43 46.97 50.62
C6 QBQ XB . -17.47 45.39 48.26
N1 QBQ XB . -19.46 42.69 44.93
C7 QBQ XB . -16.62 46.60 48.47
C8 QBQ XB . -17.03 44.14 49.05
N2 QBQ XB . -17.18 43.09 45.51
C9 QBQ XB . -16.55 43.17 47.97
O5 QBQ XB . -12.31 45.84 51.03
C10 QBQ XB . -18.37 41.26 42.69
O6 QBQ XB . -13.54 46.75 52.96
N3 QBQ XB . -19.71 41.40 42.95
O7 QBQ XB . -14.42 44.78 51.67
O8 QBQ XB . -13.90 42.40 51.49
N QBQ XB . -21.54 42.13 44.14
C QBQ XB . -20.22 42.08 44.02
O QBQ XB . -17.47 45.00 46.87
C1 QBQ XB . -18.14 42.58 44.70
C2 QBQ XB . -17.51 41.94 43.65
C3 QBQ XB . -16.12 42.10 43.81
O1 QBQ XB . -16.82 47.04 49.83
O10 QBQ XB . -13.28 43.54 53.48
O11 QBQ XB . -18.15 43.63 49.77
O12 QBQ XB . -16.83 41.82 48.25
O13 QBQ XB . -18.00 40.56 41.77
O2 QBQ XB . -16.26 47.74 52.08
O9 QBQ XB . -15.58 43.18 53.06
P QBQ XB . -15.77 47.80 50.71
P1 QBQ XB . -13.59 46.13 51.66
P2 QBQ XB . -14.27 43.38 52.42
H7 QBQ XB . -15.02 43.15 45.42
H QBQ XB . -18.49 43.28 47.02
H1 QBQ XB . -18.51 45.64 48.47
H9 QBQ XB . -16.89 47.42 47.81
H8 QBQ XB . -15.55 46.43 48.33
H2 QBQ XB . -16.22 44.36 49.76
H3 QBQ XB . -15.50 43.33 47.74
H11 QBQ XB . -11.39 46.14 51.26
H16 QBQ XB . -20.34 40.95 42.30
H12 QBQ XB . -12.58 42.87 53.70
H5 QBQ XB . -21.93 42.65 44.93
H4 QBQ XB . -22.21 41.71 43.52
H6 QBQ XB . -15.35 41.72 43.15
H14 QBQ XB . -17.79 43.20 50.58
H15 QBQ XB . -16.54 41.31 47.45
H10 QBQ XB . -17.11 48.01 52.50
H13 QBQ XB . -16.41 42.98 52.55
ZN ZN YB . -35.63 -10.19 60.42
O3 QBQ ZB . -33.93 21.32 78.75
C4 QBQ ZB . -30.29 23.63 71.67
C5 QBQ ZB . -32.29 22.20 72.31
O4 QBQ ZB . -31.83 20.13 78.02
C6 QBQ ZB . -33.23 21.58 74.28
N1 QBQ ZB . -33.37 23.62 69.99
C7 QBQ ZB . -33.06 21.83 75.74
C8 QBQ ZB . -32.48 20.36 73.72
N2 QBQ ZB . -31.60 23.23 71.54
C9 QBQ ZB . -31.51 20.97 72.71
O5 QBQ ZB . -29.49 19.39 78.13
C10 QBQ ZB . -31.42 25.17 68.56
O6 QBQ ZB . -31.27 17.84 78.87
N3 QBQ ZB . -32.73 24.96 68.15
O7 QBQ ZB . -30.98 18.40 76.47
O8 QBQ ZB . -31.42 16.44 75.02
N QBQ ZB . -34.85 24.09 68.30
C QBQ ZB . -33.64 24.22 68.83
O QBQ ZB . -32.77 22.73 73.52
C1 QBQ ZB . -32.12 23.80 70.42
C2 QBQ ZB . -31.11 24.55 69.82
C3 QBQ ZB . -29.96 24.44 70.63
O1 QBQ ZB . -33.66 20.72 76.43
O10 QBQ ZB . -29.67 16.28 76.60
O11 QBQ ZB . -33.39 19.46 73.09
O12 QBQ ZB . -31.35 20.18 71.54
O13 QBQ ZB . -30.63 25.75 67.84
O2 QBQ ZB . -33.99 18.95 78.07
O9 QBQ ZB . -29.40 17.74 74.81
P QBQ ZB . -33.40 20.28 77.88
P1 QBQ ZB . -30.84 18.88 77.97
P2 QBQ ZB . -30.40 17.14 75.68
H7 QBQ ZB . -29.66 23.31 72.50
H QBQ ZB . -33.18 21.98 71.73
H1 QBQ ZB . -34.30 21.53 74.05
H9 QBQ ZB . -33.57 22.74 76.09
H8 QBQ ZB . -32.02 21.91 76.07
H2 QBQ ZB . -31.93 19.84 74.49
H3 QBQ ZB . -30.55 21.20 73.16
H11 QBQ ZB . -28.85 19.30 78.90
H16 QBQ ZB . -32.98 25.40 67.27
H12 QBQ ZB . -28.92 15.69 76.34
H5 QBQ ZB . -35.55 23.54 68.78
H4 QBQ ZB . -35.15 24.49 67.42
H6 QBQ ZB . -29.00 24.93 70.45
H14 QBQ ZB . -32.95 18.57 73.13
H15 QBQ ZB . -30.65 20.63 71.00
H10 QBQ ZB . -34.89 18.60 77.84
H13 QBQ ZB . -29.62 18.12 73.91
ZN ZN AC . -26.42 -10.91 25.05
O3 QBQ BC . -42.13 -16.18 57.59
C4 QBQ BC . -38.86 -8.74 58.87
C5 QBQ BC . -40.05 -9.87 56.93
O4 QBQ BC . -39.66 -15.91 57.34
C6 QBQ BC . -41.00 -11.91 56.62
N1 QBQ BC . -41.21 -7.22 56.76
C7 QBQ BC . -41.20 -13.18 57.41
C8 QBQ BC . -39.69 -11.85 55.80
N2 QBQ BC . -39.78 -8.78 57.85
C9 QBQ BC . -38.90 -10.74 56.50
O5 QBQ BC . -38.25 -17.55 56.16
C10 QBQ BC . -39.97 -5.27 58.46
O6 QBQ BC . -37.25 -16.19 57.99
N3 QBQ BC . -40.93 -5.00 57.51
O7 QBQ BC . -37.90 -15.16 55.79
O8 QBQ BC . -35.98 -13.78 55.36
N QBQ BC . -42.39 -5.50 55.82
C QBQ BC . -41.51 -5.93 56.71
O QBQ BC . -40.98 -10.77 57.50
C1 QBQ BC . -40.28 -7.54 57.67
C2 QBQ BC . -39.64 -6.68 58.55
C3 QBQ BC . -38.74 -7.47 59.32
O1 QBQ BC . -41.31 -14.23 56.44
O10 QBQ BC . -35.82 -16.06 54.80
O11 QBQ BC . -40.00 -11.51 54.45
O12 QBQ BC . -38.06 -10.00 55.63
O13 QBQ BC . -39.43 -4.37 59.08
O2 QBQ BC . -41.08 -16.38 55.37
O9 QBQ BC . -37.24 -14.67 53.54
P QBQ BC . -41.09 -15.73 56.68
P1 QBQ BC . -38.19 -16.28 56.87
P2 QBQ BC . -36.65 -14.87 54.86
H7 QBQ BC . -38.34 -9.63 59.22
H QBQ BC . -40.57 -9.41 56.10
H1 QBQ BC . -41.86 -11.75 55.98
H9 QBQ BC . -42.11 -13.16 58.00
H8 QBQ BC . -40.38 -13.42 58.08
H2 QBQ BC . -39.14 -12.79 55.83
H3 QBQ BC . -38.33 -11.14 57.34
H11 QBQ BC . -37.82 -18.42 56.37
H16 QBQ BC . -41.19 -4.01 57.44
H12 QBQ BC . -36.15 -16.98 54.61
H5 QBQ BC . -42.84 -6.18 55.20
H4 QBQ BC . -42.68 -4.54 55.67
H6 QBQ BC . -38.11 -7.09 60.12
H14 QBQ BC . -39.23 -11.83 53.92
H15 QBQ BC . -37.68 -9.26 56.19
H10 QBQ BC . -41.81 -16.50 54.71
H13 QBQ BC . -37.63 -13.81 53.23
N PHE CC . -16.39 -1.06 -66.39
CA PHE CC . -17.03 0.20 -66.02
C PHE CC . -16.07 1.01 -65.15
O PHE CC . -16.10 2.26 -65.22
CB PHE CC . -18.33 -0.09 -65.24
CG PHE CC . -19.49 -0.58 -66.09
CD1 PHE CC . -19.96 0.16 -67.15
CD2 PHE CC . -20.13 -1.77 -65.79
CE1 PHE CC . -21.07 -0.26 -67.89
CE2 PHE CC . -21.26 -2.18 -66.50
CZ PHE CC . -21.70 -1.45 -67.57
OXT PHE CC . -15.27 0.39 -64.40
N PHE DC . -14.09 10.37 -60.88
CA PHE DC . -15.26 10.43 -60.02
C PHE DC . -14.89 9.98 -58.59
O PHE DC . -15.49 10.50 -57.63
CB PHE DC . -16.40 9.56 -60.56
CG PHE DC . -17.07 10.08 -61.83
CD1 PHE DC . -17.74 11.30 -61.83
CD2 PHE DC . -17.09 9.32 -62.99
CE1 PHE DC . -18.41 11.73 -62.96
CE2 PHE DC . -17.75 9.77 -64.13
CZ PHE DC . -18.39 10.98 -64.11
OXT PHE DC . -13.95 9.16 -58.43
N PHE EC . -17.86 9.71 -48.56
CA PHE EC . -19.08 8.89 -48.72
C PHE EC . -18.78 7.43 -48.37
O PHE EC . -19.70 6.73 -47.92
CB PHE EC . -19.62 8.99 -50.14
CG PHE EC . -20.29 10.30 -50.47
CD1 PHE EC . -21.42 10.70 -49.78
CD2 PHE EC . -19.83 11.09 -51.50
CE1 PHE EC . -22.05 11.89 -50.10
CE2 PHE EC . -20.49 12.26 -51.84
CZ PHE EC . -21.59 12.64 -51.13
OXT PHE EC . -17.62 6.98 -48.57
N PHE FC . -22.62 -2.16 -46.48
CA PHE FC . -23.24 -2.35 -47.76
C PHE FC . -22.34 -3.17 -48.67
O PHE FC . -22.88 -3.89 -49.51
CB PHE FC . -23.58 -0.99 -48.41
CG PHE FC . -24.72 -0.23 -47.77
CD1 PHE FC . -26.00 -0.77 -47.73
CD2 PHE FC . -24.54 1.04 -47.27
CE1 PHE FC . -27.08 -0.03 -47.24
CE2 PHE FC . -25.61 1.77 -46.75
CZ PHE FC . -26.87 1.23 -46.73
OXT PHE FC . -21.09 -3.10 -48.56
N PHE GC . -21.69 -8.78 -57.45
CA PHE GC . -21.97 -7.72 -58.40
C PHE GC . -20.68 -7.17 -59.00
O PHE GC . -20.69 -6.69 -60.15
CB PHE GC . -22.78 -6.59 -57.73
CG PHE GC . -24.23 -6.93 -57.43
CD1 PHE GC . -25.10 -7.25 -58.45
CD2 PHE GC . -24.72 -6.88 -56.13
CE1 PHE GC . -26.46 -7.50 -58.18
CE2 PHE GC . -26.07 -7.14 -55.86
CZ PHE GC . -26.92 -7.46 -56.90
OXT PHE GC . -19.62 -7.20 -58.33
N PHE HC . 44.89 -32.03 -35.10
CA PHE HC . 45.78 -31.41 -34.11
C PHE HC . 45.09 -30.20 -33.52
O PHE HC . 44.33 -29.53 -34.23
CB PHE HC . 47.07 -30.99 -34.77
CG PHE HC . 48.00 -32.12 -35.13
CD1 PHE HC . 48.56 -32.93 -34.15
CD2 PHE HC . 48.37 -32.35 -36.45
CE1 PHE HC . 49.47 -33.93 -34.48
CE2 PHE HC . 49.29 -33.34 -36.77
CZ PHE HC . 49.82 -34.13 -35.79
OXT PHE HC . 45.30 -29.92 -32.33
N PHE IC . 45.15 -23.12 -25.78
CA PHE IC . 46.41 -22.50 -26.14
C PHE IC . 46.15 -21.26 -26.97
O PHE IC . 45.15 -21.24 -27.74
CB PHE IC . 47.31 -23.46 -26.93
CG PHE IC . 47.86 -24.61 -26.13
CD1 PHE IC . 48.72 -24.38 -25.06
CD2 PHE IC . 47.60 -25.93 -26.49
CE1 PHE IC . 49.29 -25.45 -24.38
CE2 PHE IC . 48.17 -26.98 -25.79
CZ PHE IC . 48.99 -26.74 -24.72
OXT PHE IC . 46.95 -20.32 -26.86
N PHE JC . 50.40 -12.37 -30.70
CA PHE JC . 51.39 -13.00 -31.57
C PHE JC . 50.88 -13.03 -33.00
O PHE JC . 49.65 -13.16 -33.22
CB PHE JC . 51.73 -14.41 -31.07
CG PHE JC . 52.55 -14.47 -29.81
CD1 PHE JC . 53.81 -13.89 -29.74
CD2 PHE JC . 52.08 -15.15 -28.69
CE1 PHE JC . 54.58 -13.98 -28.60
CE2 PHE JC . 52.87 -15.26 -27.55
CZ PHE JC . 54.11 -14.67 -27.52
OXT PHE JC . 51.71 -12.98 -33.92
N PHE KC . 53.29 -14.59 -43.10
CA PHE KC . 53.72 -15.99 -42.97
C PHE KC . 52.59 -16.91 -43.36
O PHE KC . 51.42 -16.53 -43.16
CB PHE KC . 54.20 -16.27 -41.54
CG PHE KC . 55.54 -15.68 -41.17
CD1 PHE KC . 56.70 -16.03 -41.84
CD2 PHE KC . 55.66 -14.81 -40.10
CE1 PHE KC . 57.93 -15.52 -41.47
CE2 PHE KC . 56.90 -14.31 -39.73
CZ PHE KC . 58.02 -14.67 -40.41
OXT PHE KC . 52.86 -18.02 -43.86
N PHE LC . 49.84 -26.78 -45.83
CA PHE LC . 50.24 -27.44 -44.58
C PHE LC . 48.99 -27.58 -43.70
O PHE LC . 48.13 -26.69 -43.76
CB PHE LC . 51.30 -26.62 -43.85
CG PHE LC . 52.70 -26.68 -44.43
CD1 PHE LC . 53.41 -27.87 -44.48
CD2 PHE LC . 53.32 -25.53 -44.89
CE1 PHE LC . 54.69 -27.92 -44.98
CE2 PHE LC . 54.63 -25.58 -45.39
CZ PHE LC . 55.31 -26.78 -45.43
OXT PHE LC . 48.88 -28.58 -42.95
N PHE MC . 14.24 -12.18 57.87
CA PHE MC . 15.20 -11.48 58.72
C PHE MC . 14.60 -10.14 59.17
O PHE MC . 13.81 -9.52 58.40
CB PHE MC . 16.51 -11.24 57.95
CG PHE MC . 17.37 -12.46 57.71
CD1 PHE MC . 17.86 -13.21 58.76
CD2 PHE MC . 17.71 -12.84 56.42
CE1 PHE MC . 18.71 -14.29 58.53
CE2 PHE MC . 18.57 -13.92 56.20
CZ PHE MC . 19.04 -14.64 57.26
OXT PHE MC . 14.94 -9.71 60.28
N PHE NC . 15.73 -2.20 65.97
CA PHE NC . 16.99 -1.68 65.45
C PHE NC . 16.72 -0.53 64.47
O PHE NC . 15.68 -0.56 63.77
CB PHE NC . 17.79 -2.79 64.76
CG PHE NC . 18.36 -3.87 65.65
CD1 PHE NC . 19.28 -3.56 66.63
CD2 PHE NC . 18.00 -5.20 65.47
CE1 PHE NC . 19.84 -4.54 67.41
CE2 PHE NC . 18.57 -6.19 66.27
CZ PHE NC . 19.45 -5.85 67.25
OXT PHE NC . 17.55 0.38 64.40
N PHE OC . 21.12 7.53 59.33
CA PHE OC . 22.04 6.75 58.49
C PHE OC . 21.40 6.54 57.13
O PHE OC . 20.16 6.47 57.04
CB PHE OC . 22.33 5.39 59.15
CG PHE OC . 23.24 5.45 60.36
CD1 PHE OC . 24.52 5.96 60.25
CD2 PHE OC . 22.81 4.96 61.57
CE1 PHE OC . 25.36 5.97 61.34
CE2 PHE OC . 23.65 4.99 62.68
CZ PHE OC . 24.91 5.52 62.56
OXT PHE OC . 22.16 6.44 56.15
N PHE PC . 22.99 3.51 47.22
CA PHE PC . 23.33 2.12 47.52
C PHE PC . 22.08 1.25 47.35
O PHE PC . 20.94 1.73 47.57
CB PHE PC . 23.89 1.97 48.94
CG PHE PC . 25.26 2.57 49.18
CD1 PHE PC . 26.37 2.10 48.48
CD2 PHE PC . 25.44 3.55 50.13
CE1 PHE PC . 27.64 2.60 48.76
CE2 PHE PC . 26.71 4.06 50.38
CZ PHE PC . 27.80 3.60 49.68
OXT PHE PC . 22.26 0.07 46.96
N PHE QC . 18.75 -8.67 46.25
CA PHE QC . 19.16 -9.11 47.58
C PHE QC . 17.97 -9.04 48.54
O PHE QC . 17.10 -8.16 48.38
CB PHE QC . 20.32 -8.27 48.12
CG PHE QC . 21.66 -8.47 47.45
CD1 PHE QC . 22.26 -9.71 47.43
CD2 PHE QC . 22.32 -7.41 46.86
CE1 PHE QC . 23.51 -9.89 46.85
CE2 PHE QC . 23.58 -7.57 46.31
CZ PHE QC . 24.16 -8.81 46.28
OXT PHE QC . 17.91 -9.86 49.46
N PHE RC . -43.95 30.19 30.46
CA PHE RC . -45.07 30.46 31.36
C PHE RC . -44.63 30.17 32.81
O PHE RC . -45.15 30.86 33.71
CB PHE RC . -46.28 29.59 31.00
CG PHE RC . -47.01 29.98 29.74
CD1 PHE RC . -47.61 31.22 29.62
CD2 PHE RC . -47.13 29.09 28.68
CE1 PHE RC . -48.32 31.56 28.48
CE2 PHE RC . -47.85 29.44 27.54
CZ PHE RC . -48.41 30.68 27.42
OXT PHE RC . -43.79 29.26 33.04
N PHE SC . -47.05 31.49 42.99
CA PHE SC . -48.23 30.65 42.99
C PHE SC . -47.92 29.25 43.49
O PHE SC . -48.73 28.64 44.17
CB PHE SC . -48.82 30.58 41.59
CG PHE SC . -49.43 31.85 41.13
CD1 PHE SC . -50.46 32.43 41.83
CD2 PHE SC . -48.98 32.48 39.99
CE1 PHE SC . -51.02 33.61 41.40
CE2 PHE SC . -49.54 33.65 39.55
CZ PHE SC . -50.56 34.22 40.26
OXT PHE SC . -46.86 28.72 43.23
N PHE TC . -52.24 20.23 46.89
CA PHE TC . -52.94 19.92 45.64
C PHE TC . -52.16 18.92 44.83
O PHE TC . -52.78 18.11 44.13
CB PHE TC . -53.23 21.19 44.83
CG PHE TC . -54.26 22.12 45.40
CD1 PHE TC . -55.57 21.70 45.57
CD2 PHE TC . -53.96 23.43 45.71
CE1 PHE TC . -56.53 22.56 46.07
CE2 PHE TC . -54.92 24.30 46.20
CZ PHE TC . -56.19 23.86 46.40
OXT PHE TC . -50.91 18.96 44.86
N PHE UC . -52.37 12.26 36.84
CA PHE UC . -52.67 13.22 35.78
C PHE UC . -51.40 13.61 35.05
O PHE UC . -51.50 13.92 33.83
CB PHE UC . -53.40 14.45 36.32
CG PHE UC . -54.82 14.23 36.78
CD1 PHE UC . -55.80 13.83 35.87
CD2 PHE UC . -55.19 14.47 38.09
CE1 PHE UC . -57.13 13.71 36.29
CE2 PHE UC . -56.52 14.35 38.48
CZ PHE UC . -57.48 13.94 37.58
OXT PHE UC . -50.32 13.64 35.68
N PHE VC . -47.31 18.36 26.58
CA PHE VC . -47.84 19.70 26.83
C PHE VC . -46.77 20.55 27.52
O PHE VC . -46.75 21.77 27.29
CB PHE VC . -49.11 19.62 27.70
CG PHE VC . -50.33 19.08 26.99
CD1 PHE VC . -50.85 19.73 25.88
CD2 PHE VC . -51.01 17.97 27.47
CE1 PHE VC . -52.03 19.29 25.29
CE2 PHE VC . -52.18 17.52 26.87
CZ PHE VC . -52.68 18.18 25.77
OXT PHE VC . -45.98 20.02 28.33
#